data_2RSV
#
_entry.id   2RSV
#
_entity_poly.entity_id   1
_entity_poly.type   'polypeptide(L)'
_entity_poly.pdbx_seq_one_letter_code
;GSSGSSGMPRVKAAQAGRQSSAKRHLAEQFAVGEIITDMAKKEWKVGLPIGQGGFGCIYLADMNSSESVGSDAPCVVKVE
PSDNGPLFTELKFYQRAAKPEQIQKWIRTRKLKYLGVPKYWGSGLHDKNGKSYRFMIMDRFGSDLQKIYEANAKRFSRKT
VLQLSLRILDILEYIHEHEYVHGDIKASNLLLNYKNPDQVYLVDYGLAYRYCPEGVHKEYKEDPKRCHDGTIEFTSIDAH
NGVAPSRRGDLEILGYCMIQWLTGHLPWEDNLKDPKYVRDSKIRYRENIASLMDKCFPEKNKPGEIAKYMETVKLLDYTE
KPLYENLRDILLQGLKAIGSKDDGKLDLSVVENGGLKAKTITKKRKKEIEESKEPGVEDTEWSNTQTEEAIQTRSRTRKR
VQK
;
_entity_poly.pdbx_strand_id   A
#
# COMPACT_ATOMS: atom_id res chain seq x y z
N GLY A 1 -3.54 16.38 45.18
CA GLY A 1 -2.63 17.23 44.34
C GLY A 1 -2.93 17.10 42.87
N SER A 2 -2.05 16.41 42.15
CA SER A 2 -2.22 16.22 40.71
C SER A 2 -3.52 15.47 40.41
N SER A 3 -3.89 15.44 39.13
CA SER A 3 -5.11 14.77 38.72
C SER A 3 -5.03 14.36 37.25
N GLY A 4 -5.71 13.27 36.90
CA GLY A 4 -5.70 12.80 35.53
C GLY A 4 -6.52 13.68 34.61
N SER A 5 -5.99 13.91 33.41
CA SER A 5 -6.67 14.75 32.43
C SER A 5 -6.89 16.16 32.96
N SER A 6 -7.55 17.00 32.18
CA SER A 6 -7.81 18.37 32.57
C SER A 6 -8.93 18.44 33.61
N GLY A 7 -9.86 17.49 33.52
CA GLY A 7 -10.97 17.46 34.46
C GLY A 7 -12.30 17.26 33.78
N MET A 8 -12.51 16.07 33.22
CA MET A 8 -13.75 15.74 32.53
C MET A 8 -14.48 14.60 33.23
N PRO A 9 -15.37 14.91 34.18
CA PRO A 9 -16.12 13.89 34.92
C PRO A 9 -16.80 12.89 34.00
N ARG A 10 -17.12 11.72 34.53
CA ARG A 10 -17.76 10.67 33.76
C ARG A 10 -19.25 10.95 33.59
N VAL A 11 -19.99 10.95 34.70
CA VAL A 11 -21.42 11.22 34.68
C VAL A 11 -22.18 10.08 34.01
N LYS A 12 -21.97 9.91 32.71
CA LYS A 12 -22.64 8.87 31.95
C LYS A 12 -21.75 8.37 30.82
N ALA A 13 -22.00 7.14 30.36
CA ALA A 13 -21.22 6.55 29.28
C ALA A 13 -22.07 6.36 28.03
N ALA A 14 -23.34 5.98 28.24
CA ALA A 14 -24.25 5.76 27.13
C ALA A 14 -25.62 6.38 27.42
N GLN A 15 -26.22 6.97 26.40
CA GLN A 15 -27.53 7.61 26.54
C GLN A 15 -28.63 6.71 25.99
N ALA A 16 -28.35 6.05 24.88
CA ALA A 16 -29.31 5.16 24.24
C ALA A 16 -28.64 3.88 23.75
N GLY A 17 -27.59 3.46 24.45
CA GLY A 17 -26.88 2.26 24.07
C GLY A 17 -26.55 1.37 25.26
N ARG A 18 -26.26 0.11 25.00
CA ARG A 18 -25.93 -0.84 26.06
C ARG A 18 -25.48 -2.17 25.48
N GLN A 19 -24.18 -2.28 25.21
CA GLN A 19 -23.62 -3.51 24.65
C GLN A 19 -22.22 -3.78 25.20
N SER A 20 -21.28 -2.88 24.88
CA SER A 20 -19.90 -3.02 25.35
C SER A 20 -19.22 -4.21 24.69
N SER A 21 -19.66 -5.41 25.05
CA SER A 21 -19.09 -6.63 24.48
C SER A 21 -17.60 -6.72 24.80
N ALA A 22 -17.00 -7.87 24.47
CA ALA A 22 -15.58 -8.09 24.72
C ALA A 22 -15.07 -9.29 23.94
N LYS A 23 -15.78 -10.41 24.04
CA LYS A 23 -15.39 -11.63 23.35
C LYS A 23 -15.83 -11.58 21.88
N ARG A 24 -14.86 -11.46 20.98
CA ARG A 24 -15.15 -11.40 19.55
C ARG A 24 -14.18 -12.28 18.76
N HIS A 25 -12.90 -12.20 19.10
CA HIS A 25 -11.88 -12.99 18.42
C HIS A 25 -10.55 -12.91 19.16
N LEU A 26 -10.21 -13.98 19.88
CA LEU A 26 -8.97 -14.02 20.63
C LEU A 26 -7.77 -14.11 19.69
N ALA A 27 -6.57 -14.18 20.26
CA ALA A 27 -5.35 -14.27 19.48
C ALA A 27 -4.18 -14.73 20.34
N GLU A 28 -3.08 -15.11 19.68
CA GLU A 28 -1.90 -15.58 20.39
C GLU A 28 -0.77 -14.56 20.28
N GLN A 29 -0.71 -13.85 19.16
CA GLN A 29 0.32 -12.84 18.94
C GLN A 29 -0.13 -11.48 19.48
N PHE A 30 -0.97 -10.80 18.72
CA PHE A 30 -1.47 -9.48 19.13
C PHE A 30 -3.00 -9.49 19.22
N ALA A 31 -3.51 -9.64 20.44
CA ALA A 31 -4.95 -9.66 20.67
C ALA A 31 -5.48 -8.28 20.96
N VAL A 32 -6.73 -8.20 21.41
CA VAL A 32 -7.36 -6.92 21.73
C VAL A 32 -7.37 -6.68 23.23
N GLY A 33 -6.54 -5.74 23.68
CA GLY A 33 -6.47 -5.43 25.10
C GLY A 33 -5.05 -5.41 25.63
N GLU A 34 -4.22 -6.31 25.10
CA GLU A 34 -2.82 -6.39 25.52
C GLU A 34 -2.08 -5.10 25.21
N ILE A 35 -1.07 -4.79 26.01
CA ILE A 35 -0.28 -3.58 25.82
C ILE A 35 1.07 -3.91 25.20
N ILE A 36 1.53 -3.04 24.30
CA ILE A 36 2.81 -3.23 23.63
C ILE A 36 3.79 -2.12 23.99
N THR A 37 5.06 -2.48 24.12
CA THR A 37 6.11 -1.52 24.46
C THR A 37 6.91 -1.13 23.23
N ASP A 38 7.29 0.15 23.15
CA ASP A 38 8.08 0.64 22.03
C ASP A 38 9.55 0.35 22.28
N MET A 39 10.44 1.24 21.87
CA MET A 39 11.86 1.04 22.09
C MET A 39 12.21 1.34 23.55
N ALA A 40 11.52 0.64 24.46
CA ALA A 40 11.73 0.83 25.88
C ALA A 40 11.48 2.28 26.27
N LYS A 41 10.51 2.92 25.61
CA LYS A 41 10.20 4.32 25.90
C LYS A 41 8.70 4.60 25.92
N LYS A 42 7.88 3.63 25.51
CA LYS A 42 6.44 3.82 25.49
C LYS A 42 5.69 2.52 25.78
N GLU A 43 4.36 2.63 25.82
CA GLU A 43 3.50 1.48 26.07
C GLU A 43 2.12 1.73 25.49
N TRP A 44 1.92 1.29 24.25
CA TRP A 44 0.64 1.48 23.57
C TRP A 44 -0.25 0.25 23.69
N LYS A 45 -1.54 0.48 23.79
CA LYS A 45 -2.51 -0.61 23.91
C LYS A 45 -2.98 -1.08 22.54
N VAL A 46 -2.85 -2.37 22.28
CA VAL A 46 -3.27 -2.94 21.00
C VAL A 46 -4.77 -3.17 20.97
N GLY A 47 -5.40 -2.73 19.88
CA GLY A 47 -6.84 -2.90 19.74
C GLY A 47 -7.20 -3.97 18.74
N LEU A 48 -7.95 -3.60 17.71
CA LEU A 48 -8.36 -4.53 16.67
C LEU A 48 -7.70 -4.21 15.34
N PRO A 49 -7.55 -5.22 14.46
CA PRO A 49 -6.92 -5.03 13.14
C PRO A 49 -7.78 -4.18 12.21
N ILE A 50 -7.23 -3.87 11.04
CA ILE A 50 -7.95 -3.06 10.06
C ILE A 50 -7.71 -3.57 8.64
N GLY A 51 -7.50 -4.88 8.52
CA GLY A 51 -7.25 -5.47 7.21
C GLY A 51 -5.98 -6.29 7.18
N GLN A 52 -6.13 -7.60 6.96
CA GLN A 52 -4.98 -8.49 6.91
C GLN A 52 -4.76 -9.01 5.48
N GLY A 53 -3.55 -9.46 5.20
CA GLY A 53 -3.23 -9.98 3.88
C GLY A 53 -1.97 -10.82 3.87
N GLY A 54 -0.84 -10.18 3.55
CA GLY A 54 0.41 -10.90 3.51
C GLY A 54 1.59 -10.03 3.92
N PHE A 55 1.47 -9.40 5.08
CA PHE A 55 2.53 -8.53 5.59
C PHE A 55 3.03 -9.01 6.95
N GLY A 56 2.18 -8.88 7.96
CA GLY A 56 2.54 -9.31 9.30
C GLY A 56 1.36 -9.33 10.25
N CYS A 57 1.15 -8.23 10.95
CA CYS A 57 0.05 -8.11 11.91
C CYS A 57 -0.30 -6.66 12.16
N ILE A 58 -1.24 -6.14 11.38
CA ILE A 58 -1.67 -4.75 11.52
C ILE A 58 -2.75 -4.62 12.60
N TYR A 59 -2.50 -3.76 13.59
CA TYR A 59 -3.45 -3.53 14.67
C TYR A 59 -3.40 -2.09 15.15
N LEU A 60 -4.51 -1.62 15.70
CA LEU A 60 -4.59 -0.25 16.19
C LEU A 60 -3.94 -0.13 17.56
N ALA A 61 -3.15 0.92 17.75
CA ALA A 61 -2.46 1.15 19.02
C ALA A 61 -2.86 2.48 19.63
N ASP A 62 -3.08 2.48 20.95
CA ASP A 62 -3.46 3.69 21.66
C ASP A 62 -2.50 3.98 22.81
N MET A 63 -2.34 5.24 23.15
CA MET A 63 -1.45 5.65 24.23
C MET A 63 -2.18 5.67 25.56
N ASN A 64 -2.85 4.57 25.88
CA ASN A 64 -3.60 4.47 27.13
C ASN A 64 -3.62 3.02 27.64
N SER A 65 -3.65 2.86 28.96
CA SER A 65 -3.68 1.54 29.57
C SER A 65 -5.07 1.21 30.11
N SER A 66 -6.09 1.69 29.40
CA SER A 66 -7.47 1.44 29.81
C SER A 66 -7.98 0.11 29.26
N GLU A 67 -9.20 -0.25 29.63
CA GLU A 67 -9.80 -1.50 29.17
C GLU A 67 -10.49 -1.31 27.82
N SER A 68 -10.27 -2.24 26.90
CA SER A 68 -10.88 -2.17 25.57
C SER A 68 -10.39 -0.94 24.82
N VAL A 69 -9.86 -1.15 23.61
CA VAL A 69 -9.36 -0.06 22.79
C VAL A 69 -10.44 0.45 21.85
N GLY A 70 -11.04 -0.46 21.09
CA GLY A 70 -12.08 -0.09 20.16
C GLY A 70 -11.61 0.92 19.12
N SER A 71 -12.40 1.96 18.90
CA SER A 71 -12.05 2.99 17.93
C SER A 71 -11.44 4.21 18.62
N ASP A 72 -10.77 3.97 19.75
CA ASP A 72 -10.14 5.05 20.50
C ASP A 72 -8.62 5.01 20.33
N ALA A 73 -8.19 4.58 19.14
CA ALA A 73 -6.76 4.51 18.85
C ALA A 73 -6.47 5.00 17.43
N PRO A 74 -6.02 6.26 17.30
CA PRO A 74 -5.71 6.85 15.99
C PRO A 74 -4.30 6.48 15.51
N CYS A 75 -3.90 5.23 15.69
CA CYS A 75 -2.59 4.77 15.27
C CYS A 75 -2.63 3.29 14.88
N VAL A 76 -1.76 2.90 13.95
CA VAL A 76 -1.70 1.51 13.51
C VAL A 76 -0.31 0.94 13.73
N VAL A 77 -0.25 -0.35 14.03
CA VAL A 77 1.03 -1.01 14.27
C VAL A 77 1.13 -2.33 13.50
N LYS A 78 2.25 -2.51 12.80
CA LYS A 78 2.49 -3.72 12.03
C LYS A 78 3.50 -4.61 12.74
N VAL A 79 3.09 -5.83 13.06
CA VAL A 79 3.96 -6.77 13.75
C VAL A 79 4.32 -7.96 12.87
N GLU A 80 5.49 -8.54 13.12
CA GLU A 80 5.95 -9.69 12.36
C GLU A 80 6.64 -10.71 13.27
N PRO A 81 6.35 -12.00 13.09
CA PRO A 81 6.95 -13.07 13.91
C PRO A 81 8.44 -13.24 13.62
N SER A 82 9.26 -12.40 14.24
CA SER A 82 10.71 -12.47 14.05
C SER A 82 11.09 -12.21 12.60
N ASP A 83 11.93 -11.20 12.37
CA ASP A 83 12.36 -10.85 11.03
C ASP A 83 13.47 -9.80 11.07
N ASN A 84 14.23 -9.70 9.98
CA ASN A 84 15.32 -8.75 9.89
C ASN A 84 15.62 -8.39 8.44
N GLY A 85 14.75 -7.57 7.86
CA GLY A 85 14.93 -7.17 6.47
C GLY A 85 13.84 -6.23 5.99
N PRO A 86 12.63 -6.77 5.72
CA PRO A 86 11.49 -5.96 5.24
C PRO A 86 11.22 -4.77 6.15
N LEU A 87 10.88 -5.05 7.40
CA LEU A 87 10.60 -4.00 8.38
C LEU A 87 11.80 -3.09 8.57
N PHE A 88 12.99 -3.66 8.47
CA PHE A 88 14.23 -2.91 8.63
C PHE A 88 14.35 -1.82 7.57
N THR A 89 13.80 -2.08 6.39
CA THR A 89 13.84 -1.13 5.30
C THR A 89 12.85 0.01 5.52
N GLU A 90 11.66 -0.34 6.01
CA GLU A 90 10.62 0.65 6.27
C GLU A 90 10.94 1.46 7.52
N LEU A 91 11.49 0.79 8.53
CA LEU A 91 11.85 1.44 9.79
C LEU A 91 12.94 2.47 9.57
N LYS A 92 14.03 2.06 8.92
CA LYS A 92 15.15 2.95 8.64
C LYS A 92 14.70 4.18 7.87
N PHE A 93 13.99 3.95 6.76
CA PHE A 93 13.51 5.04 5.92
C PHE A 93 12.50 5.90 6.68
N TYR A 94 11.78 5.28 7.60
CA TYR A 94 10.77 5.99 8.38
C TYR A 94 11.42 6.98 9.36
N GLN A 95 12.38 6.50 10.12
CA GLN A 95 13.07 7.35 11.09
C GLN A 95 13.93 8.39 10.40
N ARG A 96 14.36 8.10 9.18
CA ARG A 96 15.20 9.02 8.43
C ARG A 96 14.38 10.03 7.63
N ALA A 97 13.37 9.55 6.91
CA ALA A 97 12.53 10.43 6.09
C ALA A 97 11.16 10.66 6.72
N ALA A 98 10.63 9.66 7.41
CA ALA A 98 9.31 9.78 8.03
C ALA A 98 9.41 10.34 9.45
N LYS A 99 10.53 10.99 9.77
CA LYS A 99 10.71 11.58 11.10
C LYS A 99 9.93 12.89 11.23
N PRO A 100 8.91 12.92 12.10
CA PRO A 100 8.09 14.12 12.31
C PRO A 100 8.93 15.37 12.51
N GLU A 101 10.16 15.19 13.00
CA GLU A 101 11.06 16.31 13.23
C GLU A 101 11.64 16.83 11.93
N GLN A 102 11.98 15.91 11.03
CA GLN A 102 12.54 16.28 9.74
C GLN A 102 11.45 16.71 8.76
N ILE A 103 10.35 15.97 8.75
CA ILE A 103 9.23 16.28 7.86
C ILE A 103 8.65 17.66 8.17
N GLN A 104 8.32 17.89 9.45
CA GLN A 104 7.75 19.17 9.86
C GLN A 104 8.64 20.33 9.43
N LYS A 105 9.95 20.16 9.57
CA LYS A 105 10.91 21.19 9.19
C LYS A 105 10.99 21.32 7.67
N TRP A 106 11.03 20.19 6.99
CA TRP A 106 11.11 20.18 5.53
C TRP A 106 9.85 20.76 4.91
N ILE A 107 8.70 20.23 5.29
CA ILE A 107 7.41 20.70 4.77
C ILE A 107 7.25 22.20 5.04
N ARG A 108 7.77 22.66 6.16
CA ARG A 108 7.68 24.07 6.52
C ARG A 108 8.65 24.91 5.70
N THR A 109 9.74 24.29 5.26
CA THR A 109 10.74 24.99 4.46
C THR A 109 10.23 25.27 3.06
N ARG A 110 9.48 24.33 2.49
CA ARG A 110 8.93 24.48 1.16
C ARG A 110 7.43 24.78 1.22
N LYS A 111 6.86 24.71 2.43
CA LYS A 111 5.44 24.97 2.60
C LYS A 111 4.60 23.95 1.84
N LEU A 112 5.16 22.76 1.63
CA LEU A 112 4.46 21.71 0.91
C LEU A 112 3.07 21.47 1.50
N LYS A 113 2.95 21.67 2.80
CA LYS A 113 1.67 21.49 3.49
C LYS A 113 0.99 20.19 3.09
N TYR A 114 1.77 19.12 2.96
CA TYR A 114 1.23 17.82 2.59
C TYR A 114 2.31 16.75 2.59
N LEU A 115 3.17 16.79 1.58
CA LEU A 115 4.25 15.81 1.45
C LEU A 115 3.68 14.39 1.34
N GLY A 116 4.47 13.49 0.78
CA GLY A 116 4.03 12.12 0.62
C GLY A 116 4.77 11.15 1.53
N VAL A 117 5.15 11.63 2.71
CA VAL A 117 5.86 10.81 3.67
C VAL A 117 4.99 10.53 4.90
N PRO A 118 4.82 9.24 5.27
CA PRO A 118 4.02 8.87 6.44
C PRO A 118 4.58 9.43 7.74
N LYS A 119 3.75 9.48 8.77
CA LYS A 119 4.17 10.01 10.06
C LYS A 119 4.66 8.89 10.98
N TYR A 120 5.94 8.93 11.32
CA TYR A 120 6.53 7.92 12.20
C TYR A 120 6.58 8.42 13.64
N TRP A 121 6.12 7.59 14.56
CA TRP A 121 6.11 7.96 15.98
C TRP A 121 7.15 7.16 16.76
N GLY A 122 7.26 5.87 16.46
CA GLY A 122 8.22 5.04 17.15
C GLY A 122 8.10 3.57 16.76
N SER A 123 8.88 2.73 17.43
CA SER A 123 8.85 1.29 17.17
C SER A 123 8.84 0.52 18.49
N GLY A 124 8.45 -0.76 18.43
CA GLY A 124 8.40 -1.55 19.64
C GLY A 124 8.81 -3.00 19.42
N LEU A 125 8.89 -3.75 20.51
CA LEU A 125 9.27 -5.15 20.45
C LEU A 125 8.57 -5.96 21.55
N HIS A 126 8.33 -7.24 21.27
CA HIS A 126 7.68 -8.11 22.24
C HIS A 126 8.23 -9.54 22.13
N ASP A 127 8.76 -10.04 23.24
CA ASP A 127 9.31 -11.39 23.27
C ASP A 127 8.29 -12.38 23.82
N LYS A 128 8.08 -13.47 23.07
CA LYS A 128 7.12 -14.49 23.47
C LYS A 128 7.69 -15.89 23.19
N ASN A 129 7.69 -16.72 24.22
CA ASN A 129 8.21 -18.09 24.09
C ASN A 129 9.64 -18.10 23.57
N GLY A 130 10.33 -16.97 23.71
CA GLY A 130 11.71 -16.89 23.24
C GLY A 130 11.82 -16.23 21.88
N LYS A 131 10.68 -15.94 21.25
CA LYS A 131 10.67 -15.31 19.94
C LYS A 131 10.50 -13.80 20.06
N SER A 132 11.37 -13.06 19.39
CA SER A 132 11.32 -11.61 19.43
C SER A 132 10.46 -11.05 18.29
N TYR A 133 9.40 -10.35 18.65
CA TYR A 133 8.49 -9.77 17.67
C TYR A 133 8.76 -8.28 17.50
N ARG A 134 9.06 -7.86 16.27
CA ARG A 134 9.34 -6.47 15.98
C ARG A 134 8.19 -5.82 15.23
N PHE A 135 7.75 -4.66 15.71
CA PHE A 135 6.65 -3.94 15.08
C PHE A 135 6.91 -2.44 15.05
N MET A 136 6.09 -1.71 14.30
CA MET A 136 6.23 -0.26 14.20
C MET A 136 4.87 0.42 14.14
N ILE A 137 4.75 1.54 14.84
CA ILE A 137 3.49 2.29 14.86
C ILE A 137 3.50 3.40 13.80
N MET A 138 2.35 3.60 13.17
CA MET A 138 2.21 4.63 12.14
C MET A 138 1.12 5.62 12.51
N ASP A 139 1.11 6.77 11.84
CA ASP A 139 0.13 7.80 12.09
C ASP A 139 -1.30 7.24 12.10
N ARG A 140 -1.78 6.84 10.92
CA ARG A 140 -3.11 6.28 10.80
C ARG A 140 -3.18 5.24 9.69
N PHE A 141 -3.25 5.70 8.44
CA PHE A 141 -3.31 4.80 7.30
C PHE A 141 -4.59 3.99 7.31
N GLY A 142 -5.35 4.05 6.23
CA GLY A 142 -6.60 3.32 6.14
C GLY A 142 -6.59 2.28 5.03
N SER A 143 -7.24 2.62 3.92
CA SER A 143 -7.31 1.71 2.78
C SER A 143 -6.33 2.13 1.69
N ASP A 144 -6.09 1.23 0.73
CA ASP A 144 -5.17 1.51 -0.36
C ASP A 144 -5.93 1.97 -1.61
N LEU A 145 -5.21 2.60 -2.53
CA LEU A 145 -5.82 3.10 -3.76
C LEU A 145 -6.45 1.94 -4.53
N GLN A 146 -5.95 0.72 -4.30
CA GLN A 146 -6.49 -0.46 -4.97
C GLN A 146 -7.99 -0.57 -4.71
N LYS A 147 -8.39 -0.22 -3.50
CA LYS A 147 -9.80 -0.27 -3.12
C LYS A 147 -10.59 0.80 -3.86
N ILE A 148 -9.93 1.91 -4.13
CA ILE A 148 -10.55 3.03 -4.84
C ILE A 148 -10.67 2.72 -6.34
N TYR A 149 -9.77 1.89 -6.84
CA TYR A 149 -9.77 1.51 -8.24
C TYR A 149 -11.11 0.92 -8.65
N GLU A 150 -11.64 0.03 -7.81
CA GLU A 150 -12.93 -0.60 -8.09
C GLU A 150 -14.07 0.38 -7.88
N ALA A 151 -13.87 1.32 -6.97
CA ALA A 151 -14.89 2.32 -6.67
C ALA A 151 -15.02 3.33 -7.82
N ASN A 152 -14.06 3.33 -8.73
CA ASN A 152 -14.09 4.24 -9.87
C ASN A 152 -14.71 3.58 -11.09
N ALA A 153 -15.10 2.31 -10.95
CA ALA A 153 -15.70 1.54 -12.03
C ALA A 153 -14.64 0.76 -12.80
N LYS A 154 -13.73 0.14 -12.05
CA LYS A 154 -12.64 -0.62 -12.64
C LYS A 154 -11.77 0.27 -13.52
N ARG A 155 -11.85 1.59 -13.29
CA ARG A 155 -11.06 2.54 -14.06
C ARG A 155 -11.15 3.95 -13.47
N PHE A 156 -10.01 4.49 -13.11
CA PHE A 156 -9.95 5.84 -12.52
C PHE A 156 -10.49 6.87 -13.50
N SER A 157 -10.53 8.13 -13.05
CA SER A 157 -11.02 9.22 -13.89
C SER A 157 -9.90 10.19 -14.22
N ARG A 158 -10.10 10.99 -15.26
CA ARG A 158 -9.09 11.96 -15.68
C ARG A 158 -8.77 12.94 -14.56
N LYS A 159 -9.79 13.31 -13.79
CA LYS A 159 -9.60 14.24 -12.68
C LYS A 159 -8.82 13.59 -11.54
N THR A 160 -9.24 12.39 -11.15
CA THR A 160 -8.58 11.66 -10.07
C THR A 160 -7.11 11.42 -10.39
N VAL A 161 -6.84 10.78 -11.52
CA VAL A 161 -5.48 10.49 -11.94
C VAL A 161 -4.62 11.75 -11.96
N LEU A 162 -5.09 12.77 -12.67
CA LEU A 162 -4.36 14.03 -12.77
C LEU A 162 -4.12 14.64 -11.40
N GLN A 163 -5.15 14.65 -10.57
CA GLN A 163 -5.04 15.19 -9.21
C GLN A 163 -4.10 14.35 -8.36
N LEU A 164 -4.34 13.05 -8.32
CA LEU A 164 -3.51 12.14 -7.54
C LEU A 164 -2.08 12.13 -8.08
N SER A 165 -1.93 12.29 -9.39
CA SER A 165 -0.63 12.31 -10.02
C SER A 165 0.23 13.43 -9.45
N LEU A 166 -0.34 14.61 -9.33
CA LEU A 166 0.37 15.76 -8.79
C LEU A 166 0.79 15.50 -7.35
N ARG A 167 -0.13 14.94 -6.57
CA ARG A 167 0.15 14.64 -5.17
C ARG A 167 1.34 13.70 -5.04
N ILE A 168 1.48 12.79 -6.01
CA ILE A 168 2.58 11.83 -6.01
C ILE A 168 3.88 12.48 -6.49
N LEU A 169 3.76 13.37 -7.47
CA LEU A 169 4.92 14.06 -8.02
C LEU A 169 5.71 14.77 -6.91
N ASP A 170 5.00 15.44 -6.01
CA ASP A 170 5.63 16.15 -4.91
C ASP A 170 6.39 15.18 -4.00
N ILE A 171 5.94 13.92 -3.99
CA ILE A 171 6.57 12.90 -3.17
C ILE A 171 7.92 12.49 -3.76
N LEU A 172 7.93 12.26 -5.06
CA LEU A 172 9.16 11.86 -5.74
C LEU A 172 10.25 12.93 -5.59
N GLU A 173 9.82 14.17 -5.41
CA GLU A 173 10.75 15.28 -5.25
C GLU A 173 11.37 15.27 -3.85
N TYR A 174 10.63 14.77 -2.88
CA TYR A 174 11.10 14.71 -1.50
C TYR A 174 12.08 13.55 -1.32
N ILE A 175 11.63 12.35 -1.65
CA ILE A 175 12.47 11.16 -1.52
C ILE A 175 13.79 11.31 -2.27
N HIS A 176 13.75 12.11 -3.34
CA HIS A 176 14.95 12.35 -4.14
C HIS A 176 15.99 13.11 -3.33
N GLU A 177 15.52 14.11 -2.59
CA GLU A 177 16.42 14.92 -1.75
C GLU A 177 16.89 14.12 -0.53
N HIS A 178 16.20 13.03 -0.24
CA HIS A 178 16.55 12.19 0.90
C HIS A 178 17.38 10.98 0.46
N GLU A 179 17.68 10.91 -0.84
CA GLU A 179 18.46 9.81 -1.39
C GLU A 179 17.62 8.54 -1.48
N TYR A 180 16.37 8.68 -1.87
CA TYR A 180 15.46 7.55 -2.01
C TYR A 180 14.62 7.67 -3.28
N VAL A 181 14.63 6.62 -4.09
CA VAL A 181 13.88 6.62 -5.34
C VAL A 181 13.27 5.24 -5.62
N HIS A 182 12.39 5.19 -6.60
CA HIS A 182 11.72 3.94 -6.97
C HIS A 182 10.78 3.47 -5.87
N GLY A 183 10.03 4.41 -5.30
CA GLY A 183 9.09 4.08 -4.24
C GLY A 183 8.02 3.10 -4.70
N ASP A 184 7.86 2.96 -6.01
CA ASP A 184 6.85 2.06 -6.56
C ASP A 184 5.44 2.60 -6.37
N ILE A 185 5.04 3.50 -7.27
CA ILE A 185 3.71 4.11 -7.19
C ILE A 185 2.67 3.19 -7.81
N LYS A 186 1.82 2.61 -6.97
CA LYS A 186 0.77 1.71 -7.43
C LYS A 186 -0.45 1.77 -6.51
N ALA A 187 -1.43 0.93 -6.80
CA ALA A 187 -2.65 0.88 -6.00
C ALA A 187 -2.49 -0.03 -4.79
N SER A 188 -1.30 -0.62 -4.65
CA SER A 188 -1.00 -1.50 -3.52
C SER A 188 0.14 -0.92 -2.68
N ASN A 189 0.56 0.29 -3.04
CA ASN A 189 1.63 0.98 -2.35
C ASN A 189 1.16 2.36 -1.88
N LEU A 190 -0.01 2.78 -2.36
CA LEU A 190 -0.58 4.06 -1.99
C LEU A 190 -1.78 3.86 -1.08
N LEU A 191 -1.75 4.50 0.08
CA LEU A 191 -2.84 4.36 1.05
C LEU A 191 -3.33 5.73 1.53
N LEU A 192 -4.59 5.77 1.96
CA LEU A 192 -5.19 7.01 2.44
C LEU A 192 -5.20 7.08 3.96
N ASN A 193 -5.10 8.29 4.49
CA ASN A 193 -5.10 8.49 5.94
C ASN A 193 -6.41 8.00 6.54
N TYR A 194 -6.31 7.24 7.63
CA TYR A 194 -7.49 6.71 8.29
C TYR A 194 -8.20 7.80 9.09
N LYS A 195 -7.54 8.29 10.14
CA LYS A 195 -8.10 9.33 10.98
C LYS A 195 -8.45 10.57 10.15
N ASN A 196 -7.81 10.70 8.99
CA ASN A 196 -8.06 11.83 8.10
C ASN A 196 -8.17 11.37 6.65
N PRO A 197 -9.35 10.85 6.26
CA PRO A 197 -9.59 10.38 4.90
C PRO A 197 -9.67 11.52 3.89
N ASP A 198 -8.57 11.73 3.15
CA ASP A 198 -8.52 12.80 2.15
C ASP A 198 -7.19 12.77 1.40
N GLN A 199 -6.12 12.45 2.11
CA GLN A 199 -4.79 12.40 1.50
C GLN A 199 -4.31 10.96 1.37
N VAL A 200 -3.28 10.77 0.54
CA VAL A 200 -2.72 9.44 0.32
C VAL A 200 -1.19 9.48 0.44
N TYR A 201 -0.63 8.36 0.91
CA TYR A 201 0.82 8.25 1.07
C TYR A 201 1.35 7.05 0.29
N LEU A 202 2.64 7.10 -0.05
CA LEU A 202 3.27 6.02 -0.78
C LEU A 202 4.21 5.22 0.13
N VAL A 203 3.87 3.95 0.33
CA VAL A 203 4.68 3.07 1.18
C VAL A 203 5.81 2.43 0.39
N ASP A 204 6.61 1.63 1.08
CA ASP A 204 7.74 0.94 0.45
C ASP A 204 8.75 1.94 -0.11
N TYR A 205 9.93 1.98 0.51
CA TYR A 205 10.98 2.89 0.09
C TYR A 205 12.36 2.26 0.26
N GLY A 206 12.66 1.86 1.50
CA GLY A 206 13.95 1.24 1.79
C GLY A 206 14.19 -0.01 0.97
N LEU A 207 13.11 -0.63 0.51
CA LEU A 207 13.22 -1.85 -0.30
C LEU A 207 13.15 -1.54 -1.79
N ALA A 208 13.68 -0.38 -2.16
CA ALA A 208 13.68 0.04 -3.57
C ALA A 208 15.07 0.50 -4.01
N TYR A 209 15.35 1.79 -3.86
CA TYR A 209 16.64 2.33 -4.24
C TYR A 209 17.05 3.46 -3.30
N ARG A 210 18.17 3.28 -2.61
CA ARG A 210 18.67 4.29 -1.68
C ARG A 210 19.69 5.21 -2.36
N TYR A 211 19.35 5.68 -3.55
CA TYR A 211 20.23 6.57 -4.30
C TYR A 211 21.58 5.90 -4.56
N CYS A 212 21.70 5.27 -5.73
CA CYS A 212 22.95 4.60 -6.11
C CYS A 212 23.31 3.51 -5.10
N PRO A 213 24.22 2.60 -5.48
CA PRO A 213 24.66 1.51 -4.60
C PRO A 213 25.48 2.02 -3.41
N GLU A 214 26.13 1.09 -2.71
CA GLU A 214 26.95 1.44 -1.55
C GLU A 214 28.43 1.33 -1.88
N GLY A 215 28.81 0.23 -2.53
CA GLY A 215 30.19 0.03 -2.90
C GLY A 215 30.36 -0.40 -4.35
N VAL A 216 30.24 0.56 -5.26
CA VAL A 216 30.39 0.29 -6.68
C VAL A 216 30.94 1.49 -7.42
N HIS A 217 32.03 1.29 -8.15
CA HIS A 217 32.67 2.35 -8.91
C HIS A 217 32.13 2.41 -10.33
N LYS A 218 31.87 1.24 -10.91
CA LYS A 218 31.36 1.14 -12.26
C LYS A 218 29.87 1.47 -12.30
N GLU A 219 29.49 2.41 -13.15
CA GLU A 219 28.10 2.82 -13.29
C GLU A 219 27.26 1.69 -13.88
N TYR A 220 27.68 1.20 -15.04
CA TYR A 220 26.97 0.12 -15.72
C TYR A 220 27.08 -1.17 -14.92
N LYS A 221 26.09 -2.05 -15.11
CA LYS A 221 26.06 -3.33 -14.41
C LYS A 221 25.47 -4.42 -15.28
N GLU A 222 24.25 -4.20 -15.76
CA GLU A 222 23.56 -5.16 -16.61
C GLU A 222 23.38 -6.49 -15.89
N ASP A 223 22.77 -6.43 -14.70
CA ASP A 223 22.53 -7.63 -13.91
C ASP A 223 21.35 -7.42 -12.95
N PRO A 224 20.18 -7.98 -13.28
CA PRO A 224 18.99 -7.84 -12.43
C PRO A 224 19.13 -8.58 -11.10
N LYS A 225 19.97 -8.04 -10.23
CA LYS A 225 20.21 -8.64 -8.92
C LYS A 225 20.56 -7.58 -7.88
N ARG A 226 21.45 -6.67 -8.25
CA ARG A 226 21.86 -5.60 -7.35
C ARG A 226 20.67 -4.76 -6.90
N CYS A 227 19.67 -4.66 -7.77
CA CYS A 227 18.47 -3.90 -7.46
C CYS A 227 17.31 -4.81 -7.08
N HIS A 228 16.83 -5.58 -8.05
CA HIS A 228 15.73 -6.51 -7.81
C HIS A 228 14.51 -5.78 -7.25
N ASP A 229 14.29 -4.56 -7.73
CA ASP A 229 13.15 -3.75 -7.28
C ASP A 229 11.84 -4.34 -7.76
N GLY A 230 11.04 -4.86 -6.83
CA GLY A 230 9.77 -5.44 -7.19
C GLY A 230 9.91 -6.61 -8.17
N THR A 231 8.90 -6.79 -9.01
CA THR A 231 8.92 -7.87 -9.99
C THR A 231 8.64 -7.34 -11.39
N ILE A 232 7.54 -6.60 -11.53
CA ILE A 232 7.15 -6.03 -12.81
C ILE A 232 5.87 -5.21 -12.68
N GLU A 233 5.74 -4.50 -11.57
CA GLU A 233 4.57 -3.68 -11.31
C GLU A 233 4.82 -2.23 -11.74
N PHE A 234 5.05 -2.04 -13.04
CA PHE A 234 5.32 -0.72 -13.60
C PHE A 234 6.74 -0.27 -13.28
N THR A 235 7.64 -1.24 -13.15
CA THR A 235 9.04 -0.95 -12.85
C THR A 235 9.81 -0.62 -14.13
N SER A 236 10.77 0.29 -14.01
CA SER A 236 11.58 0.70 -15.15
C SER A 236 12.32 -0.50 -15.75
N ILE A 237 12.41 -0.53 -17.08
CA ILE A 237 13.10 -1.62 -17.76
C ILE A 237 14.56 -1.69 -17.36
N ASP A 238 15.18 -0.52 -17.18
CA ASP A 238 16.58 -0.44 -16.79
C ASP A 238 16.75 -0.73 -15.30
N ALA A 239 15.88 -0.15 -14.49
CA ALA A 239 15.94 -0.34 -13.04
C ALA A 239 15.79 -1.81 -12.67
N HIS A 240 15.06 -2.56 -13.50
CA HIS A 240 14.85 -3.98 -13.27
C HIS A 240 16.11 -4.78 -13.56
N ASN A 241 16.89 -4.30 -14.53
CA ASN A 241 18.12 -4.97 -14.91
C ASN A 241 19.34 -4.36 -14.20
N GLY A 242 19.08 -3.52 -13.19
CA GLY A 242 20.16 -2.88 -12.46
C GLY A 242 21.09 -2.10 -13.36
N VAL A 243 20.56 -1.60 -14.47
CA VAL A 243 21.36 -0.83 -15.41
C VAL A 243 21.32 0.66 -15.08
N ALA A 244 22.44 1.19 -14.61
CA ALA A 244 22.53 2.60 -14.27
C ALA A 244 21.56 2.95 -13.14
N PRO A 245 21.88 3.98 -12.33
CA PRO A 245 21.03 4.41 -11.22
C PRO A 245 19.59 4.66 -11.66
N SER A 246 18.66 4.54 -10.72
CA SER A 246 17.25 4.76 -11.01
C SER A 246 16.80 6.16 -10.57
N ARG A 247 16.26 6.92 -11.50
CA ARG A 247 15.80 8.27 -11.20
C ARG A 247 14.55 8.61 -12.02
N ARG A 248 14.64 8.39 -13.33
CA ARG A 248 13.51 8.67 -14.23
C ARG A 248 12.42 7.62 -14.09
N GLY A 249 12.77 6.48 -13.50
CA GLY A 249 11.80 5.41 -13.33
C GLY A 249 10.58 5.85 -12.54
N ASP A 250 10.80 6.76 -11.59
CA ASP A 250 9.71 7.27 -10.76
C ASP A 250 8.65 7.96 -11.62
N LEU A 251 9.10 8.59 -12.70
CA LEU A 251 8.19 9.28 -13.61
C LEU A 251 7.52 8.31 -14.56
N GLU A 252 8.24 7.23 -14.90
CA GLU A 252 7.70 6.22 -15.80
C GLU A 252 6.52 5.50 -15.18
N ILE A 253 6.62 5.20 -13.89
CA ILE A 253 5.55 4.52 -13.18
C ILE A 253 4.27 5.34 -13.19
N LEU A 254 4.41 6.65 -12.99
CA LEU A 254 3.26 7.55 -12.99
C LEU A 254 2.67 7.69 -14.39
N GLY A 255 3.54 7.77 -15.38
CA GLY A 255 3.09 7.90 -16.76
C GLY A 255 2.20 6.76 -17.19
N TYR A 256 2.62 5.53 -16.89
CA TYR A 256 1.86 4.35 -17.26
C TYR A 256 0.69 4.11 -16.31
N CYS A 257 0.81 4.62 -15.08
CA CYS A 257 -0.24 4.46 -14.09
C CYS A 257 -1.57 5.03 -14.57
N MET A 258 -1.51 6.19 -15.22
CA MET A 258 -2.71 6.83 -15.73
C MET A 258 -3.42 5.96 -16.77
N ILE A 259 -2.66 5.45 -17.72
CA ILE A 259 -3.22 4.61 -18.78
C ILE A 259 -3.74 3.30 -18.21
N GLN A 260 -3.11 2.81 -17.15
CA GLN A 260 -3.52 1.56 -16.52
C GLN A 260 -4.86 1.73 -15.80
N TRP A 261 -5.00 2.83 -15.07
CA TRP A 261 -6.22 3.11 -14.33
C TRP A 261 -7.29 3.71 -15.24
N LEU A 262 -6.89 4.65 -16.09
CA LEU A 262 -7.82 5.31 -17.01
C LEU A 262 -8.35 4.32 -18.05
N THR A 263 -7.49 3.41 -18.50
CA THR A 263 -7.88 2.42 -19.49
C THR A 263 -8.28 1.11 -18.83
N GLY A 264 -7.82 0.90 -17.60
CA GLY A 264 -8.15 -0.32 -16.89
C GLY A 264 -7.34 -1.51 -17.37
N HIS A 265 -6.18 -1.72 -16.78
CA HIS A 265 -5.30 -2.83 -17.16
C HIS A 265 -4.85 -2.70 -18.61
N LEU A 266 -3.62 -3.13 -18.88
CA LEU A 266 -3.07 -3.06 -20.22
C LEU A 266 -2.33 -4.36 -20.56
N PRO A 267 -2.01 -4.58 -21.85
CA PRO A 267 -1.31 -5.79 -22.29
C PRO A 267 0.13 -5.84 -21.78
N TRP A 268 0.29 -5.93 -20.47
CA TRP A 268 1.61 -6.00 -19.85
C TRP A 268 1.46 -6.11 -18.34
N GLU A 269 0.52 -5.36 -17.79
CA GLU A 269 0.27 -5.38 -16.36
C GLU A 269 -1.12 -5.97 -16.07
N ASP A 270 -1.59 -6.80 -17.00
CA ASP A 270 -2.90 -7.44 -16.85
C ASP A 270 -2.92 -8.36 -15.63
N ASN A 271 -2.03 -9.34 -15.61
CA ASN A 271 -1.96 -10.28 -14.50
C ASN A 271 -0.54 -10.39 -13.95
N LEU A 272 0.44 -10.12 -14.80
CA LEU A 272 1.84 -10.23 -14.41
C LEU A 272 2.25 -11.69 -14.32
N LYS A 273 1.38 -12.56 -14.82
CA LYS A 273 1.63 -14.00 -14.81
C LYS A 273 2.47 -14.40 -16.03
N ASP A 274 2.53 -13.51 -17.02
CA ASP A 274 3.29 -13.78 -18.23
C ASP A 274 4.15 -12.58 -18.61
N PRO A 275 5.26 -12.35 -17.88
CA PRO A 275 6.16 -11.23 -18.14
C PRO A 275 6.71 -11.21 -19.57
N LYS A 276 6.57 -12.34 -20.27
CA LYS A 276 7.05 -12.45 -21.64
C LYS A 276 6.57 -11.29 -22.50
N TYR A 277 5.27 -11.03 -22.46
CA TYR A 277 4.69 -9.93 -23.24
C TYR A 277 4.83 -8.61 -22.49
N VAL A 278 4.88 -8.68 -21.17
CA VAL A 278 5.01 -7.50 -20.34
C VAL A 278 6.30 -6.74 -20.65
N ARG A 279 7.35 -7.48 -20.96
CA ARG A 279 8.64 -6.88 -21.26
C ARG A 279 8.64 -6.28 -22.66
N ASP A 280 8.09 -7.01 -23.63
CA ASP A 280 8.03 -6.55 -25.01
C ASP A 280 7.16 -5.30 -25.13
N SER A 281 5.97 -5.35 -24.53
CA SER A 281 5.05 -4.22 -24.58
C SER A 281 5.63 -3.00 -23.86
N LYS A 282 6.42 -3.25 -22.83
CA LYS A 282 7.04 -2.17 -22.07
C LYS A 282 8.02 -1.39 -22.91
N ILE A 283 8.88 -2.11 -23.63
CA ILE A 283 9.89 -1.48 -24.48
C ILE A 283 9.24 -0.79 -25.68
N ARG A 284 8.16 -1.37 -26.18
CA ARG A 284 7.45 -0.80 -27.33
C ARG A 284 6.63 0.42 -26.91
N TYR A 285 5.83 0.27 -25.86
CA TYR A 285 5.01 1.37 -25.37
C TYR A 285 5.87 2.53 -24.92
N ARG A 286 7.01 2.22 -24.31
CA ARG A 286 7.93 3.25 -23.82
C ARG A 286 8.30 4.22 -24.94
N GLU A 287 8.29 3.71 -26.17
CA GLU A 287 8.62 4.54 -27.33
C GLU A 287 7.42 4.66 -28.28
N ASN A 288 6.22 4.44 -27.74
CA ASN A 288 5.00 4.52 -28.54
C ASN A 288 3.92 5.28 -27.78
N ILE A 289 4.31 6.34 -27.10
CA ILE A 289 3.37 7.17 -26.33
C ILE A 289 2.15 7.52 -27.18
N ALA A 290 2.39 7.84 -28.45
CA ALA A 290 1.32 8.20 -29.35
C ALA A 290 0.49 6.98 -29.76
N SER A 291 1.17 5.85 -29.90
CA SER A 291 0.51 4.60 -30.28
C SER A 291 -0.30 4.05 -29.12
N LEU A 292 0.21 4.21 -27.91
CA LEU A 292 -0.48 3.72 -26.71
C LEU A 292 -1.59 4.67 -26.30
N MET A 293 -1.31 5.97 -26.36
CA MET A 293 -2.29 6.98 -25.99
C MET A 293 -3.51 6.92 -26.91
N ASP A 294 -3.27 6.57 -28.17
CA ASP A 294 -4.34 6.47 -29.15
C ASP A 294 -5.08 5.14 -29.02
N LYS A 295 -4.35 4.10 -28.64
CA LYS A 295 -4.94 2.78 -28.48
C LYS A 295 -5.62 2.63 -27.12
N CYS A 296 -5.15 3.38 -26.13
CA CYS A 296 -5.71 3.32 -24.79
C CYS A 296 -6.79 4.39 -24.59
N PHE A 297 -6.54 5.59 -25.11
CA PHE A 297 -7.49 6.69 -24.98
C PHE A 297 -8.16 6.98 -26.32
N PRO A 298 -9.32 7.66 -26.30
CA PRO A 298 -10.06 8.00 -27.51
C PRO A 298 -9.19 8.70 -28.54
N GLU A 299 -9.69 8.82 -29.77
CA GLU A 299 -8.96 9.47 -30.84
C GLU A 299 -9.71 10.70 -31.35
N LYS A 300 -10.34 11.42 -30.43
CA LYS A 300 -11.10 12.62 -30.79
C LYS A 300 -10.44 13.88 -30.22
N ASN A 301 -9.11 13.85 -30.15
CA ASN A 301 -8.35 14.99 -29.64
C ASN A 301 -8.73 15.28 -28.19
N LYS A 302 -9.11 14.25 -27.46
CA LYS A 302 -9.50 14.40 -26.07
C LYS A 302 -8.27 14.49 -25.16
N PRO A 303 -7.34 13.52 -25.29
CA PRO A 303 -6.11 13.49 -24.48
C PRO A 303 -5.31 14.79 -24.61
N GLY A 304 -4.04 14.73 -24.21
CA GLY A 304 -3.18 15.90 -24.28
C GLY A 304 -2.47 16.18 -22.98
N GLU A 305 -3.22 16.13 -21.88
CA GLU A 305 -2.65 16.38 -20.56
C GLU A 305 -1.56 15.36 -20.24
N ILE A 306 -1.83 14.10 -20.53
CA ILE A 306 -0.87 13.03 -20.28
C ILE A 306 0.23 13.02 -21.34
N ALA A 307 -0.18 13.11 -22.60
CA ALA A 307 0.75 13.11 -23.72
C ALA A 307 1.95 14.02 -23.45
N LYS A 308 1.66 15.25 -23.04
CA LYS A 308 2.71 16.22 -22.74
C LYS A 308 3.64 15.68 -21.64
N TYR A 309 3.04 15.05 -20.64
CA TYR A 309 3.81 14.49 -19.53
C TYR A 309 4.63 13.29 -19.99
N MET A 310 4.02 12.44 -20.81
CA MET A 310 4.70 11.25 -21.32
C MET A 310 5.86 11.65 -22.22
N GLU A 311 5.67 12.73 -22.97
CA GLU A 311 6.70 13.23 -23.87
C GLU A 311 7.95 13.61 -23.10
N THR A 312 7.76 14.41 -22.04
CA THR A 312 8.88 14.84 -21.21
C THR A 312 9.63 13.63 -20.64
N VAL A 313 8.87 12.59 -20.29
CA VAL A 313 9.46 11.38 -19.74
C VAL A 313 10.20 10.58 -20.81
N LYS A 314 9.79 10.78 -22.06
CA LYS A 314 10.40 10.08 -23.19
C LYS A 314 11.71 10.76 -23.58
N LEU A 315 11.76 12.07 -23.40
CA LEU A 315 12.95 12.85 -23.72
C LEU A 315 13.80 13.06 -22.47
N LEU A 316 13.22 12.77 -21.30
CA LEU A 316 13.92 12.92 -20.04
C LEU A 316 15.20 12.10 -20.02
N ASP A 317 16.29 12.67 -20.51
CA ASP A 317 17.58 11.99 -20.55
C ASP A 317 18.70 12.95 -20.94
N TYR A 318 18.42 13.78 -21.95
CA TYR A 318 19.41 14.75 -22.43
C TYR A 318 19.15 16.12 -21.81
N THR A 319 18.49 16.14 -20.66
CA THR A 319 18.18 17.39 -19.98
C THR A 319 18.86 17.46 -18.61
N GLU A 320 19.45 16.34 -18.18
CA GLU A 320 20.14 16.29 -16.89
C GLU A 320 19.16 16.43 -15.74
N LYS A 321 18.63 17.65 -15.56
CA LYS A 321 17.68 17.92 -14.49
C LYS A 321 16.46 17.01 -14.60
N PRO A 322 15.97 16.48 -13.46
CA PRO A 322 14.80 15.59 -13.43
C PRO A 322 13.59 16.21 -14.12
N LEU A 323 13.56 17.54 -14.18
CA LEU A 323 12.44 18.25 -14.81
C LEU A 323 11.15 17.99 -14.05
N TYR A 324 11.25 17.81 -12.74
CA TYR A 324 10.09 17.56 -11.90
C TYR A 324 9.16 18.77 -11.86
N GLU A 325 9.77 19.96 -11.75
CA GLU A 325 9.00 21.19 -11.70
C GLU A 325 8.14 21.36 -12.94
N ASN A 326 8.64 20.86 -14.07
CA ASN A 326 7.92 20.96 -15.34
C ASN A 326 6.80 19.93 -15.41
N LEU A 327 7.13 18.69 -15.06
CA LEU A 327 6.15 17.60 -15.09
C LEU A 327 4.92 17.95 -14.25
N ARG A 328 5.16 18.52 -13.08
CA ARG A 328 4.07 18.89 -12.18
C ARG A 328 3.12 19.88 -12.86
N ASP A 329 3.69 20.79 -13.65
CA ASP A 329 2.89 21.78 -14.35
C ASP A 329 2.05 21.13 -15.45
N ILE A 330 2.60 20.08 -16.05
CA ILE A 330 1.90 19.36 -17.12
C ILE A 330 0.59 18.77 -16.61
N LEU A 331 0.66 18.07 -15.48
CA LEU A 331 -0.52 17.44 -14.89
C LEU A 331 -1.34 18.46 -14.10
N LEU A 332 -0.70 19.53 -13.66
CA LEU A 332 -1.38 20.56 -12.90
C LEU A 332 -2.12 21.54 -13.82
N GLN A 333 -1.52 21.81 -14.98
CA GLN A 333 -2.11 22.72 -15.95
C GLN A 333 -3.38 22.11 -16.55
N GLY A 334 -3.31 20.82 -16.88
CA GLY A 334 -4.46 20.15 -17.46
C GLY A 334 -5.69 20.23 -16.59
N LEU A 335 -5.49 20.38 -15.28
CA LEU A 335 -6.59 20.47 -14.33
C LEU A 335 -7.56 21.58 -14.73
N LYS A 336 -7.04 22.60 -15.39
CA LYS A 336 -7.86 23.73 -15.83
C LYS A 336 -8.78 23.31 -16.98
N ALA A 337 -8.33 22.35 -17.77
CA ALA A 337 -9.12 21.86 -18.89
C ALA A 337 -10.35 21.10 -18.42
N ILE A 338 -10.23 20.41 -17.30
CA ILE A 338 -11.34 19.64 -16.75
C ILE A 338 -12.05 20.43 -15.65
N GLY A 339 -11.94 21.75 -15.70
CA GLY A 339 -12.59 22.59 -14.70
C GLY A 339 -12.19 22.22 -13.29
N SER A 340 -11.00 21.65 -13.14
CA SER A 340 -10.51 21.24 -11.83
C SER A 340 -9.73 22.38 -11.17
N LYS A 341 -9.26 22.13 -9.95
CA LYS A 341 -8.50 23.14 -9.22
C LYS A 341 -7.55 22.47 -8.22
N ASP A 342 -6.44 23.15 -7.92
CA ASP A 342 -5.46 22.62 -6.99
C ASP A 342 -5.61 23.28 -5.61
N ASP A 343 -6.45 22.68 -4.77
CA ASP A 343 -6.68 23.19 -3.43
C ASP A 343 -6.20 22.21 -2.37
N GLY A 344 -6.85 21.05 -2.30
CA GLY A 344 -6.47 20.04 -1.33
C GLY A 344 -7.40 18.87 -1.31
N LYS A 345 -7.83 18.43 -2.50
CA LYS A 345 -8.74 17.30 -2.62
C LYS A 345 -8.12 16.19 -3.46
N LEU A 346 -8.44 14.95 -3.12
CA LEU A 346 -7.92 13.80 -3.84
C LEU A 346 -9.02 13.09 -4.63
N ASP A 347 -10.28 13.45 -4.35
CA ASP A 347 -11.41 12.83 -5.02
C ASP A 347 -11.49 11.34 -4.69
N LEU A 348 -10.84 10.95 -3.60
CA LEU A 348 -10.84 9.55 -3.17
C LEU A 348 -11.88 9.32 -2.09
N SER A 349 -12.95 10.11 -2.11
CA SER A 349 -14.02 9.99 -1.12
C SER A 349 -14.72 8.64 -1.24
N VAL A 350 -15.02 8.24 -2.48
CA VAL A 350 -15.70 6.98 -2.76
C VAL A 350 -16.83 6.72 -1.77
N VAL A 351 -17.82 7.61 -1.77
CA VAL A 351 -18.97 7.49 -0.88
C VAL A 351 -18.55 7.66 0.58
N GLU A 352 -18.61 8.89 1.06
CA GLU A 352 -18.23 9.19 2.45
C GLU A 352 -19.46 9.53 3.28
N ASN A 353 -20.57 8.87 2.99
CA ASN A 353 -21.82 9.11 3.71
C ASN A 353 -22.17 7.91 4.59
N GLY A 354 -22.24 8.13 5.89
CA GLY A 354 -22.56 7.07 6.82
C GLY A 354 -21.78 7.17 8.12
N GLY A 355 -20.69 6.42 8.21
CA GLY A 355 -19.87 6.45 9.41
C GLY A 355 -19.90 5.13 10.16
N LEU A 356 -20.10 4.04 9.42
CA LEU A 356 -20.15 2.71 10.02
C LEU A 356 -20.19 1.63 8.94
N LYS A 357 -19.00 1.24 8.47
CA LYS A 357 -18.90 0.21 7.43
C LYS A 357 -18.40 -1.11 8.03
N ALA A 358 -19.01 -2.20 7.60
CA ALA A 358 -18.63 -3.52 8.09
C ALA A 358 -18.95 -4.60 7.06
N LYS A 359 -20.24 -4.73 6.72
CA LYS A 359 -20.67 -5.73 5.74
C LYS A 359 -20.32 -7.14 6.21
N THR A 360 -21.01 -8.13 5.66
CA THR A 360 -20.78 -9.52 6.02
C THR A 360 -19.43 -10.00 5.46
N ILE A 361 -18.44 -10.11 6.34
CA ILE A 361 -17.11 -10.56 5.93
C ILE A 361 -16.31 -11.05 7.14
N THR A 362 -16.89 -11.98 7.88
CA THR A 362 -16.24 -12.54 9.06
C THR A 362 -16.25 -14.06 9.03
N LYS A 363 -15.26 -14.65 8.36
CA LYS A 363 -15.15 -16.10 8.25
C LYS A 363 -13.93 -16.62 9.01
N LYS A 364 -13.90 -17.93 9.24
CA LYS A 364 -12.78 -18.55 9.95
C LYS A 364 -11.56 -18.67 9.04
N ARG A 365 -10.53 -17.88 9.34
CA ARG A 365 -9.30 -17.90 8.56
C ARG A 365 -8.26 -18.81 9.19
N LYS A 366 -7.16 -19.04 8.48
CA LYS A 366 -6.09 -19.90 8.98
C LYS A 366 -5.07 -19.09 9.78
N LYS A 367 -4.08 -19.78 10.32
CA LYS A 367 -3.04 -19.14 11.11
C LYS A 367 -1.73 -19.91 11.03
N GLU A 368 -1.72 -21.09 11.64
CA GLU A 368 -0.52 -21.94 11.64
C GLU A 368 -0.90 -23.40 11.48
N ILE A 369 0.10 -24.28 11.56
CA ILE A 369 -0.13 -25.71 11.43
C ILE A 369 0.76 -26.50 12.39
N GLU A 370 0.14 -27.43 13.12
CA GLU A 370 0.87 -28.26 14.07
C GLU A 370 0.44 -29.72 13.97
N GLU A 371 1.39 -30.59 13.67
CA GLU A 371 1.11 -32.02 13.54
C GLU A 371 1.35 -32.74 14.86
N SER A 372 1.10 -34.05 14.87
CA SER A 372 1.28 -34.86 16.08
C SER A 372 2.69 -35.44 16.12
N LYS A 373 3.24 -35.74 14.95
CA LYS A 373 4.58 -36.31 14.85
C LYS A 373 5.49 -35.39 14.06
N GLU A 374 6.79 -35.50 14.31
CA GLU A 374 7.79 -34.68 13.62
C GLU A 374 9.11 -35.43 13.47
N PRO A 375 9.69 -35.45 12.26
CA PRO A 375 10.96 -36.13 12.00
C PRO A 375 12.16 -35.27 12.35
N GLY A 376 12.17 -34.74 13.57
CA GLY A 376 13.28 -33.90 14.00
C GLY A 376 14.19 -34.61 14.97
N VAL A 377 13.64 -35.55 15.73
CA VAL A 377 14.41 -36.31 16.70
C VAL A 377 13.59 -37.47 17.26
N GLU A 378 14.28 -38.58 17.54
CA GLU A 378 13.61 -39.77 18.08
C GLU A 378 14.63 -40.84 18.46
N ASP A 379 15.56 -41.11 17.54
CA ASP A 379 16.60 -42.11 17.78
C ASP A 379 17.72 -42.00 16.75
N THR A 380 18.93 -41.75 17.23
CA THR A 380 20.09 -41.61 16.36
C THR A 380 21.15 -42.66 16.70
N GLU A 381 21.04 -43.83 16.09
CA GLU A 381 21.99 -44.91 16.33
C GLU A 381 23.31 -44.64 15.61
N TRP A 382 24.27 -45.55 15.79
CA TRP A 382 25.58 -45.42 15.16
C TRP A 382 25.77 -46.48 14.09
N SER A 383 25.97 -46.04 12.85
CA SER A 383 26.17 -46.96 11.73
C SER A 383 27.65 -47.22 11.50
N ASN A 384 28.43 -46.15 11.40
CA ASN A 384 29.87 -46.25 11.17
C ASN A 384 30.63 -46.21 12.50
N THR A 385 31.88 -46.66 12.47
CA THR A 385 32.71 -46.68 13.67
C THR A 385 34.18 -46.54 13.30
N GLN A 386 34.86 -45.61 13.97
CA GLN A 386 36.28 -45.37 13.72
C GLN A 386 37.14 -46.01 14.81
N THR A 387 38.01 -46.93 14.41
CA THR A 387 38.88 -47.61 15.35
C THR A 387 40.08 -48.22 14.62
N GLU A 388 41.24 -47.60 14.78
CA GLU A 388 42.46 -48.07 14.15
C GLU A 388 43.26 -48.96 15.09
N GLU A 389 43.09 -50.27 14.96
CA GLU A 389 43.81 -51.22 15.81
C GLU A 389 43.82 -52.60 15.17
N ALA A 390 44.46 -53.56 15.84
CA ALA A 390 44.55 -54.92 15.35
C ALA A 390 44.63 -55.92 16.49
N ILE A 391 43.99 -55.58 17.61
CA ILE A 391 43.99 -56.46 18.78
C ILE A 391 42.66 -56.37 19.52
N GLN A 392 42.20 -57.51 20.03
CA GLN A 392 40.93 -57.56 20.76
C GLN A 392 40.82 -58.88 21.54
N THR A 393 41.06 -59.99 20.85
CA THR A 393 40.97 -61.30 21.47
C THR A 393 42.17 -61.55 22.39
N ARG A 394 41.94 -62.26 23.49
CA ARG A 394 42.99 -62.57 24.44
C ARG A 394 43.64 -63.91 24.13
N SER A 395 43.99 -64.12 22.86
CA SER A 395 44.61 -65.36 22.42
C SER A 395 45.72 -65.10 21.41
N ARG A 396 45.33 -64.60 20.24
CA ARG A 396 46.29 -64.31 19.18
C ARG A 396 47.06 -65.56 18.78
N THR A 397 46.71 -66.10 17.61
CA THR A 397 47.37 -67.30 17.11
C THR A 397 48.63 -66.94 16.32
N ARG A 398 49.30 -67.96 15.78
CA ARG A 398 50.52 -67.76 15.02
C ARG A 398 50.62 -68.75 13.87
N LYS A 399 50.50 -68.26 12.65
CA LYS A 399 50.58 -69.10 11.46
C LYS A 399 51.35 -68.41 10.34
N ARG A 400 51.80 -69.18 9.36
CA ARG A 400 52.55 -68.65 8.24
C ARG A 400 53.83 -67.98 8.72
N VAL A 401 54.57 -67.40 7.78
CA VAL A 401 55.82 -66.72 8.10
C VAL A 401 55.93 -65.38 7.38
N GLN A 402 55.97 -64.30 8.16
CA GLN A 402 56.06 -62.96 7.61
C GLN A 402 57.47 -62.68 7.11
N LYS A 403 57.69 -62.90 5.81
CA LYS A 403 59.00 -62.67 5.20
C LYS A 403 58.85 -62.19 3.76
N GLY A 1 20.52 -57.58 21.67
CA GLY A 1 20.02 -56.47 20.82
C GLY A 1 18.54 -56.57 20.52
N SER A 2 17.80 -55.50 20.79
CA SER A 2 16.37 -55.48 20.54
C SER A 2 16.02 -54.59 19.34
N SER A 3 14.90 -54.88 18.70
CA SER A 3 14.46 -54.11 17.54
C SER A 3 15.49 -54.18 16.42
N GLY A 4 15.20 -53.51 15.31
CA GLY A 4 16.12 -53.52 14.18
C GLY A 4 16.42 -52.12 13.67
N SER A 5 17.44 -52.01 12.82
CA SER A 5 17.83 -50.73 12.26
C SER A 5 18.33 -50.88 10.83
N SER A 6 19.31 -51.75 10.64
CA SER A 6 19.88 -52.00 9.32
C SER A 6 20.48 -50.72 8.75
N GLY A 7 21.69 -50.40 9.17
CA GLY A 7 22.36 -49.21 8.69
C GLY A 7 22.70 -48.24 9.82
N MET A 8 23.82 -47.55 9.69
CA MET A 8 24.26 -46.59 10.70
C MET A 8 23.25 -45.45 10.82
N PRO A 9 22.88 -45.07 12.05
CA PRO A 9 21.92 -43.98 12.28
C PRO A 9 22.32 -42.69 11.57
N ARG A 10 21.39 -41.75 11.48
CA ARG A 10 21.64 -40.47 10.84
C ARG A 10 20.70 -39.40 11.35
N VAL A 11 21.04 -38.14 11.08
CA VAL A 11 20.22 -37.02 11.52
C VAL A 11 19.35 -36.49 10.40
N LYS A 12 18.10 -36.17 10.72
CA LYS A 12 17.16 -35.65 9.72
C LYS A 12 17.65 -34.33 9.16
N ALA A 13 18.07 -34.35 7.89
CA ALA A 13 18.56 -33.15 7.23
C ALA A 13 18.63 -33.35 5.73
N ALA A 14 17.71 -34.14 5.19
CA ALA A 14 17.68 -34.41 3.76
C ALA A 14 16.59 -33.61 3.06
N GLN A 15 15.43 -33.51 3.71
CA GLN A 15 14.30 -32.76 3.16
C GLN A 15 14.09 -31.46 3.92
N ALA A 16 14.75 -30.40 3.47
CA ALA A 16 14.62 -29.10 4.10
C ALA A 16 15.18 -28.00 3.22
N GLY A 17 15.25 -26.78 3.75
CA GLY A 17 15.77 -25.66 2.99
C GLY A 17 14.70 -24.64 2.68
N ARG A 18 13.69 -24.55 3.53
CA ARG A 18 12.59 -23.60 3.33
C ARG A 18 11.88 -23.87 2.01
N GLN A 19 10.80 -24.65 2.08
CA GLN A 19 10.02 -24.97 0.89
C GLN A 19 8.68 -24.27 0.90
N SER A 20 8.14 -24.06 2.10
CA SER A 20 6.84 -23.39 2.26
C SER A 20 7.04 -21.91 2.55
N SER A 21 5.93 -21.16 2.52
CA SER A 21 5.97 -19.73 2.78
C SER A 21 5.41 -19.41 4.16
N ALA A 22 4.41 -20.19 4.58
CA ALA A 22 3.78 -19.99 5.88
C ALA A 22 3.39 -21.32 6.50
N LYS A 23 3.47 -21.40 7.83
CA LYS A 23 3.12 -22.62 8.55
C LYS A 23 2.40 -22.29 9.85
N ARG A 24 1.68 -23.27 10.39
CA ARG A 24 0.94 -23.08 11.63
C ARG A 24 1.79 -23.50 12.83
N HIS A 25 2.60 -22.56 13.33
CA HIS A 25 3.45 -22.83 14.48
C HIS A 25 3.86 -21.53 15.17
N LEU A 26 3.39 -21.35 16.40
CA LEU A 26 3.70 -20.14 17.16
C LEU A 26 3.19 -18.90 16.45
N ALA A 27 2.16 -18.28 17.01
CA ALA A 27 1.58 -17.07 16.42
C ALA A 27 1.06 -16.13 17.50
N GLU A 28 1.61 -14.93 17.55
CA GLU A 28 1.20 -13.94 18.54
C GLU A 28 -0.28 -13.60 18.39
N GLN A 29 -0.69 -13.30 17.16
CA GLN A 29 -2.09 -12.96 16.88
C GLN A 29 -2.52 -11.73 17.68
N PHE A 30 -2.15 -10.55 17.19
CA PHE A 30 -2.50 -9.30 17.85
C PHE A 30 -4.01 -9.16 17.98
N ALA A 31 -4.54 -9.52 19.14
CA ALA A 31 -5.98 -9.44 19.38
C ALA A 31 -6.32 -8.21 20.22
N VAL A 32 -7.56 -8.14 20.68
CA VAL A 32 -8.02 -7.02 21.49
C VAL A 32 -7.74 -7.26 22.97
N GLY A 33 -6.85 -6.45 23.55
CA GLY A 33 -6.51 -6.60 24.95
C GLY A 33 -5.02 -6.73 25.19
N GLU A 34 -4.30 -7.23 24.18
CA GLU A 34 -2.87 -7.40 24.29
C GLU A 34 -2.14 -6.06 24.13
N ILE A 35 -1.18 -5.82 25.02
CA ILE A 35 -0.40 -4.58 24.99
C ILE A 35 1.00 -4.82 24.43
N ILE A 36 1.51 -3.83 23.71
CA ILE A 36 2.84 -3.94 23.12
C ILE A 36 3.76 -2.84 23.64
N THR A 37 5.06 -3.12 23.62
CA THR A 37 6.06 -2.16 24.08
C THR A 37 6.67 -1.38 22.92
N ASP A 38 6.91 -0.09 23.14
CA ASP A 38 7.49 0.77 22.10
C ASP A 38 9.00 0.88 22.27
N MET A 39 9.59 1.89 21.64
CA MET A 39 11.02 2.12 21.73
C MET A 39 11.36 2.77 23.06
N ALA A 40 10.53 3.73 23.46
CA ALA A 40 10.71 4.42 24.72
C ALA A 40 10.24 3.56 25.88
N LYS A 41 9.72 2.37 25.56
CA LYS A 41 9.22 1.43 26.56
C LYS A 41 7.76 1.72 26.90
N LYS A 42 7.04 2.29 25.95
CA LYS A 42 5.63 2.61 26.14
C LYS A 42 4.80 1.34 26.13
N GLU A 43 3.50 1.48 26.36
CA GLU A 43 2.60 0.34 26.37
C GLU A 43 1.40 0.58 25.45
N TRP A 44 1.62 0.39 24.16
CA TRP A 44 0.56 0.61 23.17
C TRP A 44 -0.47 -0.53 23.23
N LYS A 45 -1.73 -0.16 23.33
CA LYS A 45 -2.82 -1.14 23.39
C LYS A 45 -3.35 -1.44 22.01
N VAL A 46 -3.26 -2.70 21.60
CA VAL A 46 -3.73 -3.12 20.29
C VAL A 46 -5.26 -3.18 20.25
N GLY A 47 -5.82 -2.95 19.07
CA GLY A 47 -7.27 -2.98 18.92
C GLY A 47 -7.73 -4.06 17.98
N LEU A 48 -8.34 -3.66 16.87
CA LEU A 48 -8.84 -4.60 15.88
C LEU A 48 -7.93 -4.63 14.64
N PRO A 49 -7.99 -5.72 13.86
CA PRO A 49 -7.17 -5.86 12.65
C PRO A 49 -7.63 -4.92 11.53
N ILE A 50 -6.70 -4.60 10.63
CA ILE A 50 -7.00 -3.71 9.51
C ILE A 50 -6.22 -4.11 8.27
N GLY A 51 -5.95 -5.40 8.15
CA GLY A 51 -5.21 -5.90 7.00
C GLY A 51 -5.61 -7.30 6.60
N GLN A 52 -5.80 -8.17 7.59
CA GLN A 52 -6.19 -9.55 7.34
C GLN A 52 -5.13 -10.29 6.53
N GLY A 53 -5.27 -11.61 6.43
CA GLY A 53 -4.31 -12.40 5.68
C GLY A 53 -3.13 -12.82 6.53
N GLY A 54 -2.36 -13.78 6.03
CA GLY A 54 -1.19 -14.25 6.76
C GLY A 54 0.09 -13.58 6.32
N PHE A 55 -0.01 -12.30 5.96
CA PHE A 55 1.15 -11.54 5.51
C PHE A 55 1.03 -10.07 5.93
N GLY A 56 1.40 -9.78 7.18
CA GLY A 56 1.32 -8.42 7.68
C GLY A 56 0.46 -8.31 8.92
N CYS A 57 1.09 -8.00 10.04
CA CYS A 57 0.37 -7.85 11.31
C CYS A 57 -0.07 -6.41 11.51
N ILE A 58 -0.88 -5.91 10.59
CA ILE A 58 -1.37 -4.53 10.67
C ILE A 58 -2.62 -4.45 11.53
N TYR A 59 -2.48 -3.89 12.73
CA TYR A 59 -3.60 -3.75 13.65
C TYR A 59 -3.66 -2.34 14.22
N LEU A 60 -4.74 -2.04 14.93
CA LEU A 60 -4.93 -0.72 15.52
C LEU A 60 -4.26 -0.65 16.89
N ALA A 61 -3.84 0.56 17.27
CA ALA A 61 -3.18 0.76 18.56
C ALA A 61 -3.74 1.99 19.27
N ASP A 62 -3.66 1.99 20.60
CA ASP A 62 -4.15 3.09 21.40
C ASP A 62 -3.30 3.28 22.65
N MET A 63 -3.04 4.53 23.01
CA MET A 63 -2.24 4.84 24.19
C MET A 63 -3.10 4.84 25.45
N ASN A 64 -3.76 3.72 25.71
CA ASN A 64 -4.61 3.59 26.89
C ASN A 64 -3.78 3.26 28.13
N SER A 65 -3.08 2.14 28.08
CA SER A 65 -2.24 1.72 29.20
C SER A 65 -3.08 1.53 30.46
N SER A 66 -4.33 1.12 30.28
CA SER A 66 -5.24 0.90 31.41
C SER A 66 -6.09 -0.35 31.19
N GLU A 67 -6.97 -0.29 30.19
CA GLU A 67 -7.84 -1.42 29.88
C GLU A 67 -8.68 -1.12 28.65
N SER A 68 -8.76 -2.10 27.74
CA SER A 68 -9.53 -1.93 26.51
C SER A 68 -9.00 -0.78 25.67
N VAL A 69 -9.45 -0.71 24.42
CA VAL A 69 -9.02 0.35 23.52
C VAL A 69 -10.12 1.39 23.32
N GLY A 70 -11.36 0.95 23.39
CA GLY A 70 -12.48 1.85 23.22
C GLY A 70 -13.29 1.55 21.96
N SER A 71 -13.30 2.50 21.02
CA SER A 71 -14.03 2.34 19.78
C SER A 71 -13.53 3.31 18.72
N ASP A 72 -12.24 3.64 18.79
CA ASP A 72 -11.63 4.56 17.84
C ASP A 72 -10.24 4.08 17.42
N ALA A 73 -9.26 4.27 18.29
CA ALA A 73 -7.90 3.86 18.01
C ALA A 73 -7.37 4.51 16.73
N PRO A 74 -6.98 5.79 16.80
CA PRO A 74 -6.46 6.53 15.65
C PRO A 74 -4.98 6.27 15.41
N CYS A 75 -4.60 4.99 15.39
CA CYS A 75 -3.21 4.61 15.15
C CYS A 75 -3.13 3.26 14.47
N VAL A 76 -1.93 2.90 14.03
CA VAL A 76 -1.71 1.63 13.35
C VAL A 76 -0.36 1.03 13.72
N VAL A 77 -0.31 -0.29 13.79
CA VAL A 77 0.93 -0.99 14.15
C VAL A 77 1.14 -2.23 13.29
N LYS A 78 2.22 -2.26 12.53
CA LYS A 78 2.54 -3.39 11.67
C LYS A 78 3.66 -4.21 12.25
N VAL A 79 3.40 -5.50 12.49
CA VAL A 79 4.41 -6.39 13.06
C VAL A 79 4.83 -7.46 12.06
N GLU A 80 6.06 -7.93 12.20
CA GLU A 80 6.59 -8.95 11.31
C GLU A 80 7.45 -9.95 12.09
N PRO A 81 7.10 -11.25 12.03
CA PRO A 81 7.86 -12.29 12.74
C PRO A 81 9.35 -12.22 12.46
N SER A 82 10.08 -11.55 13.35
CA SER A 82 11.52 -11.41 13.20
C SER A 82 11.87 -10.66 11.91
N ASP A 83 13.15 -10.44 11.69
CA ASP A 83 13.61 -9.73 10.49
C ASP A 83 13.44 -10.60 9.25
N ASN A 84 12.22 -10.67 8.75
CA ASN A 84 11.93 -11.47 7.56
C ASN A 84 11.02 -10.70 6.60
N GLY A 85 11.18 -9.39 6.57
CA GLY A 85 10.37 -8.56 5.69
C GLY A 85 11.06 -7.25 5.33
N PRO A 86 10.39 -6.40 4.54
CA PRO A 86 10.95 -5.11 4.13
C PRO A 86 10.75 -4.01 5.18
N LEU A 87 10.33 -4.39 6.37
CA LEU A 87 10.12 -3.43 7.45
C LEU A 87 11.40 -2.71 7.81
N PHE A 88 12.53 -3.41 7.68
CA PHE A 88 13.83 -2.83 7.99
C PHE A 88 14.14 -1.64 7.06
N THR A 89 13.77 -1.79 5.79
CA THR A 89 13.99 -0.73 4.81
C THR A 89 13.10 0.46 5.09
N GLU A 90 11.91 0.21 5.62
CA GLU A 90 10.96 1.27 5.93
C GLU A 90 11.38 2.01 7.20
N LEU A 91 11.85 1.26 8.19
CA LEU A 91 12.28 1.86 9.45
C LEU A 91 13.50 2.74 9.24
N LYS A 92 14.44 2.27 8.44
CA LYS A 92 15.66 3.02 8.15
C LYS A 92 15.34 4.34 7.47
N PHE A 93 14.56 4.26 6.39
CA PHE A 93 14.17 5.45 5.64
C PHE A 93 13.42 6.44 6.53
N TYR A 94 12.55 5.92 7.39
CA TYR A 94 11.77 6.75 8.30
C TYR A 94 12.67 7.63 9.15
N GLN A 95 13.53 7.01 9.94
CA GLN A 95 14.44 7.74 10.81
C GLN A 95 15.52 8.47 10.00
N ARG A 96 15.70 8.07 8.76
CA ARG A 96 16.71 8.69 7.89
C ARG A 96 16.25 10.06 7.39
N ALA A 97 15.02 10.13 6.89
CA ALA A 97 14.50 11.40 6.37
C ALA A 97 13.04 11.63 6.77
N ALA A 98 12.31 10.56 7.04
CA ALA A 98 10.90 10.69 7.42
C ALA A 98 10.72 10.86 8.92
N LYS A 99 11.76 11.34 9.60
CA LYS A 99 11.71 11.55 11.04
C LYS A 99 10.89 12.81 11.36
N PRO A 100 10.05 12.75 12.41
CA PRO A 100 9.21 13.89 12.81
C PRO A 100 10.05 15.14 13.08
N GLU A 101 11.30 14.93 13.48
CA GLU A 101 12.20 16.05 13.78
C GLU A 101 12.77 16.64 12.50
N GLN A 102 13.26 15.77 11.61
CA GLN A 102 13.84 16.21 10.35
C GLN A 102 12.79 16.86 9.46
N ILE A 103 11.69 16.17 9.24
CA ILE A 103 10.61 16.68 8.40
C ILE A 103 10.12 18.03 8.89
N GLN A 104 9.91 18.15 10.20
CA GLN A 104 9.45 19.39 10.81
C GLN A 104 10.27 20.58 10.31
N LYS A 105 11.57 20.37 10.16
CA LYS A 105 12.47 21.42 9.69
C LYS A 105 12.29 21.67 8.20
N TRP A 106 12.00 20.60 7.46
CA TRP A 106 11.81 20.70 6.01
C TRP A 106 10.45 21.32 5.69
N ILE A 107 9.45 20.98 6.49
CA ILE A 107 8.10 21.50 6.29
C ILE A 107 8.04 23.00 6.54
N ARG A 108 8.73 23.46 7.59
CA ARG A 108 8.74 24.88 7.94
C ARG A 108 9.62 25.68 6.98
N THR A 109 10.63 25.02 6.42
CA THR A 109 11.55 25.68 5.49
C THR A 109 10.99 25.72 4.07
N ARG A 110 10.17 24.73 3.74
CA ARG A 110 9.56 24.65 2.42
C ARG A 110 8.08 25.02 2.47
N LYS A 111 7.56 25.18 3.68
CA LYS A 111 6.15 25.52 3.87
C LYS A 111 5.25 24.46 3.24
N LEU A 112 5.80 23.25 3.05
CA LEU A 112 5.04 22.15 2.46
C LEU A 112 3.73 21.93 3.23
N LYS A 113 3.82 21.99 4.55
CA LYS A 113 2.66 21.79 5.42
C LYS A 113 1.94 20.49 5.08
N TYR A 114 2.66 19.52 4.55
CA TYR A 114 2.06 18.23 4.21
C TYR A 114 3.10 17.26 3.67
N LEU A 115 3.73 17.62 2.55
CA LEU A 115 4.75 16.79 1.93
C LEU A 115 4.11 15.55 1.31
N GLY A 116 3.56 14.67 2.16
CA GLY A 116 2.92 13.46 1.68
C GLY A 116 3.54 12.20 2.25
N VAL A 117 4.53 12.37 3.13
CA VAL A 117 5.19 11.23 3.76
C VAL A 117 4.49 10.82 5.05
N PRO A 118 4.33 9.51 5.29
CA PRO A 118 3.67 9.00 6.51
C PRO A 118 4.24 9.62 7.78
N LYS A 119 3.42 9.67 8.83
CA LYS A 119 3.86 10.24 10.09
C LYS A 119 4.40 9.16 11.02
N TYR A 120 5.69 9.26 11.33
CA TYR A 120 6.34 8.28 12.20
C TYR A 120 6.34 8.77 13.64
N TRP A 121 5.75 7.97 14.53
CA TRP A 121 5.68 8.33 15.95
C TRP A 121 6.69 7.52 16.76
N GLY A 122 6.82 6.24 16.42
CA GLY A 122 7.75 5.38 17.14
C GLY A 122 7.65 3.93 16.70
N SER A 123 8.43 3.07 17.36
CA SER A 123 8.43 1.65 17.06
C SER A 123 8.33 0.82 18.33
N GLY A 124 8.29 -0.50 18.19
CA GLY A 124 8.20 -1.36 19.34
C GLY A 124 8.56 -2.79 19.03
N LEU A 125 8.64 -3.62 20.07
CA LEU A 125 8.98 -5.03 19.93
C LEU A 125 8.08 -5.90 20.80
N HIS A 126 8.00 -7.18 20.46
CA HIS A 126 7.18 -8.12 21.22
C HIS A 126 7.83 -9.50 21.28
N ASP A 127 8.12 -9.96 22.50
CA ASP A 127 8.74 -11.26 22.70
C ASP A 127 7.73 -12.26 23.24
N LYS A 128 7.59 -13.38 22.53
CA LYS A 128 6.66 -14.43 22.93
C LYS A 128 7.27 -15.81 22.76
N ASN A 129 7.27 -16.60 23.84
CA ASN A 129 7.83 -17.94 23.80
C ASN A 129 9.28 -17.93 23.35
N GLY A 130 9.93 -16.78 23.46
CA GLY A 130 11.32 -16.67 23.05
C GLY A 130 11.48 -16.09 21.66
N LYS A 131 10.37 -15.84 20.97
CA LYS A 131 10.40 -15.28 19.63
C LYS A 131 10.24 -13.77 19.66
N SER A 132 11.14 -13.06 18.99
CA SER A 132 11.10 -11.61 18.95
C SER A 132 10.24 -11.13 17.78
N TYR A 133 9.47 -10.06 18.02
CA TYR A 133 8.61 -9.49 16.99
C TYR A 133 8.90 -8.00 16.83
N ARG A 134 9.23 -7.59 15.61
CA ARG A 134 9.53 -6.19 15.32
C ARG A 134 8.36 -5.51 14.63
N PHE A 135 7.89 -4.41 15.21
CA PHE A 135 6.77 -3.67 14.63
C PHE A 135 6.99 -2.17 14.76
N MET A 136 6.24 -1.39 13.98
CA MET A 136 6.36 0.06 14.00
C MET A 136 5.00 0.72 14.10
N ILE A 137 4.95 1.86 14.78
CA ILE A 137 3.70 2.61 14.96
C ILE A 137 3.59 3.73 13.94
N MET A 138 2.55 3.69 13.11
CA MET A 138 2.34 4.71 12.09
C MET A 138 0.99 5.40 12.27
N ASP A 139 0.76 6.45 11.50
CA ASP A 139 -0.50 7.19 11.59
C ASP A 139 -1.65 6.38 11.00
N ARG A 140 -2.83 6.53 11.58
CA ARG A 140 -4.01 5.81 11.11
C ARG A 140 -4.38 6.24 9.69
N PHE A 141 -4.66 5.25 8.84
CA PHE A 141 -5.03 5.53 7.45
C PHE A 141 -6.50 5.20 7.22
N GLY A 142 -7.10 5.85 6.22
CA GLY A 142 -8.50 5.62 5.92
C GLY A 142 -8.69 4.43 5.00
N SER A 143 -9.05 4.70 3.75
CA SER A 143 -9.27 3.65 2.77
C SER A 143 -8.18 3.67 1.70
N ASP A 144 -7.44 2.57 1.60
CA ASP A 144 -6.35 2.46 0.62
C ASP A 144 -6.86 2.82 -0.77
N LEU A 145 -5.92 3.15 -1.67
CA LEU A 145 -6.27 3.50 -3.02
C LEU A 145 -6.85 2.29 -3.77
N GLN A 146 -6.55 1.09 -3.28
CA GLN A 146 -7.07 -0.13 -3.89
C GLN A 146 -8.59 -0.18 -3.73
N LYS A 147 -9.06 0.15 -2.53
CA LYS A 147 -10.49 0.16 -2.25
C LYS A 147 -11.20 1.14 -3.17
N ILE A 148 -10.46 2.16 -3.62
CA ILE A 148 -10.99 3.17 -4.51
C ILE A 148 -11.14 2.62 -5.92
N TYR A 149 -10.33 1.61 -6.24
CA TYR A 149 -10.37 0.99 -7.56
C TYR A 149 -11.72 0.33 -7.80
N GLU A 150 -12.17 -0.45 -6.82
CA GLU A 150 -13.46 -1.13 -6.92
C GLU A 150 -14.61 -0.12 -6.89
N ALA A 151 -14.39 0.98 -6.18
CA ALA A 151 -15.41 2.02 -6.08
C ALA A 151 -15.74 2.62 -7.44
N ASN A 152 -14.78 2.54 -8.36
CA ASN A 152 -14.97 3.07 -9.71
C ASN A 152 -15.10 1.94 -10.74
N ALA A 153 -15.24 0.71 -10.25
CA ALA A 153 -15.38 -0.47 -11.12
C ALA A 153 -14.01 -0.92 -11.61
N LYS A 154 -13.09 -1.11 -10.67
CA LYS A 154 -11.74 -1.54 -11.00
C LYS A 154 -11.05 -0.49 -11.88
N ARG A 155 -11.57 0.73 -11.86
CA ARG A 155 -11.01 1.81 -12.66
C ARG A 155 -10.91 3.10 -11.85
N PHE A 156 -10.50 4.17 -12.51
CA PHE A 156 -10.37 5.47 -11.85
C PHE A 156 -10.90 6.59 -12.74
N SER A 157 -10.70 7.83 -12.30
CA SER A 157 -11.16 8.99 -13.05
C SER A 157 -9.98 9.88 -13.47
N ARG A 158 -10.13 10.56 -14.59
CA ARG A 158 -9.07 11.44 -15.10
C ARG A 158 -8.73 12.51 -14.07
N LYS A 159 -9.73 12.91 -13.27
CA LYS A 159 -9.52 13.93 -12.25
C LYS A 159 -8.75 13.36 -11.06
N THR A 160 -8.98 12.10 -10.75
CA THR A 160 -8.31 11.45 -9.63
C THR A 160 -6.85 11.16 -9.97
N VAL A 161 -6.63 10.57 -11.14
CA VAL A 161 -5.28 10.24 -11.58
C VAL A 161 -4.40 11.48 -11.68
N LEU A 162 -4.89 12.47 -12.43
CA LEU A 162 -4.15 13.72 -12.61
C LEU A 162 -3.89 14.40 -11.27
N GLN A 163 -4.95 14.54 -10.47
CA GLN A 163 -4.84 15.18 -9.16
C GLN A 163 -3.86 14.41 -8.28
N LEU A 164 -4.06 13.11 -8.17
CA LEU A 164 -3.19 12.26 -7.38
C LEU A 164 -1.75 12.33 -7.88
N SER A 165 -1.61 12.50 -9.19
CA SER A 165 -0.29 12.58 -9.81
C SER A 165 0.50 13.76 -9.23
N LEU A 166 -0.16 14.90 -9.11
CA LEU A 166 0.47 16.10 -8.57
C LEU A 166 0.91 15.87 -7.13
N ARG A 167 0.02 15.28 -6.34
CA ARG A 167 0.32 15.00 -4.93
C ARG A 167 1.49 14.05 -4.81
N ILE A 168 1.44 12.95 -5.57
CA ILE A 168 2.51 11.96 -5.54
C ILE A 168 3.82 12.53 -6.08
N LEU A 169 3.71 13.34 -7.13
CA LEU A 169 4.88 13.95 -7.73
C LEU A 169 5.64 14.80 -6.70
N ASP A 170 4.89 15.41 -5.79
CA ASP A 170 5.49 16.24 -4.75
C ASP A 170 6.27 15.40 -3.76
N ILE A 171 5.81 14.17 -3.54
CA ILE A 171 6.47 13.26 -2.61
C ILE A 171 7.69 12.61 -3.26
N LEU A 172 7.54 12.18 -4.51
CA LEU A 172 8.63 11.55 -5.24
C LEU A 172 9.86 12.45 -5.28
N GLU A 173 9.62 13.75 -5.49
CA GLU A 173 10.70 14.72 -5.55
C GLU A 173 11.44 14.82 -4.22
N TYR A 174 10.68 14.75 -3.12
CA TYR A 174 11.27 14.84 -1.79
C TYR A 174 12.15 13.63 -1.50
N ILE A 175 11.60 12.44 -1.70
CA ILE A 175 12.34 11.21 -1.46
C ILE A 175 13.56 11.09 -2.37
N HIS A 176 13.47 11.73 -3.53
CA HIS A 176 14.58 11.71 -4.50
C HIS A 176 15.64 12.73 -4.11
N GLU A 177 15.19 13.85 -3.55
CA GLU A 177 16.10 14.90 -3.12
C GLU A 177 16.88 14.47 -1.87
N HIS A 178 16.38 13.44 -1.21
CA HIS A 178 17.03 12.91 -0.01
C HIS A 178 17.90 11.71 -0.34
N GLU A 179 17.97 11.37 -1.63
CA GLU A 179 18.77 10.23 -2.09
C GLU A 179 18.05 8.91 -1.81
N TYR A 180 16.75 8.88 -2.09
CA TYR A 180 15.96 7.68 -1.88
C TYR A 180 14.95 7.48 -3.01
N VAL A 181 15.04 6.33 -3.67
CA VAL A 181 14.15 6.02 -4.78
C VAL A 181 13.37 4.73 -4.52
N HIS A 182 12.11 4.71 -4.93
CA HIS A 182 11.25 3.55 -4.74
C HIS A 182 9.85 3.80 -5.26
N GLY A 183 9.66 3.65 -6.57
CA GLY A 183 8.36 3.87 -7.17
C GLY A 183 7.34 2.83 -6.73
N ASP A 184 6.79 3.01 -5.53
CA ASP A 184 5.80 2.08 -5.00
C ASP A 184 4.39 2.66 -5.11
N ILE A 185 4.21 3.61 -6.03
CA ILE A 185 2.91 4.25 -6.22
C ILE A 185 1.88 3.23 -6.71
N LYS A 186 1.17 2.62 -5.77
CA LYS A 186 0.15 1.63 -6.11
C LYS A 186 -1.07 1.78 -5.22
N ALA A 187 -2.13 1.05 -5.54
CA ALA A 187 -3.36 1.10 -4.77
C ALA A 187 -3.24 0.31 -3.46
N SER A 188 -2.12 -0.40 -3.30
CA SER A 188 -1.88 -1.20 -2.10
C SER A 188 -0.77 -0.58 -1.26
N ASN A 189 -0.25 0.55 -1.72
CA ASN A 189 0.81 1.25 -1.01
C ASN A 189 0.38 2.69 -0.71
N LEU A 190 -0.74 3.09 -1.31
CA LEU A 190 -1.26 4.43 -1.11
C LEU A 190 -2.52 4.40 -0.25
N LEU A 191 -2.54 5.22 0.79
CA LEU A 191 -3.68 5.27 1.70
C LEU A 191 -4.06 6.71 2.02
N LEU A 192 -5.34 6.97 2.27
CA LEU A 192 -5.80 8.32 2.57
C LEU A 192 -5.68 8.63 4.05
N ASN A 193 -5.43 9.90 4.37
CA ASN A 193 -5.28 10.32 5.76
C ASN A 193 -6.61 10.17 6.51
N TYR A 194 -6.57 9.45 7.63
CA TYR A 194 -7.77 9.25 8.44
C TYR A 194 -7.85 10.28 9.56
N LYS A 195 -6.71 10.53 10.20
CA LYS A 195 -6.66 11.50 11.29
C LYS A 195 -6.84 12.92 10.76
N ASN A 196 -6.38 13.13 9.52
CA ASN A 196 -6.48 14.43 8.87
C ASN A 196 -6.82 14.27 7.39
N PRO A 197 -8.05 13.82 7.10
CA PRO A 197 -8.50 13.61 5.72
C PRO A 197 -8.20 14.82 4.82
N ASP A 198 -7.23 14.65 3.93
CA ASP A 198 -6.85 15.72 3.01
C ASP A 198 -6.28 15.16 1.72
N GLN A 199 -5.38 14.19 1.84
CA GLN A 199 -4.77 13.58 0.67
C GLN A 199 -4.41 12.12 0.93
N VAL A 200 -3.60 11.56 0.05
CA VAL A 200 -3.16 10.17 0.16
C VAL A 200 -1.69 10.09 0.53
N TYR A 201 -1.34 9.05 1.27
CA TYR A 201 0.05 8.84 1.71
C TYR A 201 0.62 7.55 1.13
N LEU A 202 1.95 7.49 1.06
CA LEU A 202 2.63 6.31 0.55
C LEU A 202 3.34 5.57 1.68
N VAL A 203 2.90 4.34 1.94
CA VAL A 203 3.49 3.55 3.02
C VAL A 203 4.11 2.26 2.48
N ASP A 204 5.20 1.83 3.11
CA ASP A 204 5.90 0.62 2.70
C ASP A 204 6.24 0.65 1.22
N TYR A 205 7.49 0.96 0.90
CA TYR A 205 7.94 1.02 -0.48
C TYR A 205 8.39 -0.36 -0.97
N GLY A 206 8.71 -1.25 -0.03
CA GLY A 206 9.15 -2.57 -0.39
C GLY A 206 10.47 -2.57 -1.12
N LEU A 207 11.17 -1.45 -1.08
CA LEU A 207 12.46 -1.32 -1.75
C LEU A 207 13.40 -0.41 -0.95
N ALA A 208 13.04 0.87 -0.88
CA ALA A 208 13.84 1.86 -0.16
C ALA A 208 15.33 1.70 -0.47
N TYR A 209 15.78 2.36 -1.53
CA TYR A 209 17.18 2.27 -1.93
C TYR A 209 17.76 3.66 -2.17
N ARG A 210 19.05 3.80 -1.91
CA ARG A 210 19.75 5.08 -2.10
C ARG A 210 20.43 5.12 -3.47
N TYR A 211 19.66 5.45 -4.50
CA TYR A 211 20.18 5.53 -5.86
C TYR A 211 21.53 6.25 -5.91
N CYS A 212 21.73 7.18 -4.98
CA CYS A 212 22.97 7.93 -4.92
C CYS A 212 23.87 7.42 -3.80
N PRO A 213 24.74 6.43 -4.10
CA PRO A 213 25.66 5.86 -3.11
C PRO A 213 26.75 6.84 -2.70
N GLU A 214 27.77 6.33 -2.03
CA GLU A 214 28.88 7.16 -1.58
C GLU A 214 30.16 6.82 -2.34
N GLY A 215 30.01 6.37 -3.58
CA GLY A 215 31.16 6.01 -4.39
C GLY A 215 30.77 5.57 -5.79
N VAL A 216 30.90 6.49 -6.75
CA VAL A 216 30.56 6.19 -8.13
C VAL A 216 31.59 6.77 -9.09
N HIS A 217 31.95 6.01 -10.12
CA HIS A 217 32.93 6.46 -11.10
C HIS A 217 32.37 6.32 -12.52
N LYS A 218 31.05 6.39 -12.65
CA LYS A 218 30.40 6.28 -13.95
C LYS A 218 30.79 4.97 -14.64
N GLU A 219 30.16 3.88 -14.21
CA GLU A 219 30.44 2.56 -14.79
C GLU A 219 29.27 1.61 -14.53
N TYR A 220 28.26 1.67 -15.38
CA TYR A 220 27.09 0.81 -15.24
C TYR A 220 26.51 0.45 -16.62
N LYS A 221 26.27 -0.83 -16.84
CA LYS A 221 25.71 -1.30 -18.10
C LYS A 221 25.45 -2.80 -18.07
N GLU A 222 24.24 -3.18 -17.68
CA GLU A 222 23.87 -4.58 -17.60
C GLU A 222 24.76 -5.33 -16.61
N ASP A 223 24.47 -5.18 -15.32
CA ASP A 223 25.25 -5.83 -14.28
C ASP A 223 24.36 -6.77 -13.45
N PRO A 224 24.51 -8.10 -13.62
CA PRO A 224 23.71 -9.08 -12.89
C PRO A 224 23.70 -8.81 -11.38
N LYS A 225 22.64 -8.16 -10.93
CA LYS A 225 22.49 -7.84 -9.51
C LYS A 225 21.14 -8.33 -8.98
N ARG A 226 20.65 -9.42 -9.56
CA ARG A 226 19.37 -9.99 -9.13
C ARG A 226 18.24 -9.00 -9.33
N CYS A 227 18.33 -8.20 -10.39
CA CYS A 227 17.31 -7.20 -10.70
C CYS A 227 17.22 -6.15 -9.59
N HIS A 228 17.43 -4.89 -9.96
CA HIS A 228 17.38 -3.80 -9.00
C HIS A 228 15.99 -3.69 -8.38
N ASP A 229 14.96 -3.77 -9.22
CA ASP A 229 13.58 -3.68 -8.76
C ASP A 229 12.81 -4.96 -9.07
N GLY A 230 12.61 -5.79 -8.05
CA GLY A 230 11.89 -7.04 -8.23
C GLY A 230 10.47 -6.82 -8.71
N THR A 231 9.66 -7.88 -8.68
CA THR A 231 8.28 -7.80 -9.10
C THR A 231 8.18 -7.40 -10.57
N ILE A 232 7.01 -7.65 -11.17
CA ILE A 232 6.78 -7.30 -12.57
C ILE A 232 5.48 -6.52 -12.74
N GLU A 233 4.96 -5.99 -11.65
CA GLU A 233 3.72 -5.23 -11.69
C GLU A 233 3.95 -3.84 -12.28
N PHE A 234 5.12 -3.27 -12.01
CA PHE A 234 5.45 -1.94 -12.52
C PHE A 234 6.96 -1.74 -12.55
N THR A 235 7.70 -2.82 -12.77
CA THR A 235 9.16 -2.75 -12.82
C THR A 235 9.62 -2.18 -14.15
N SER A 236 10.55 -1.22 -14.09
CA SER A 236 11.08 -0.59 -15.29
C SER A 236 11.98 -1.54 -16.07
N ILE A 237 12.39 -1.13 -17.25
CA ILE A 237 13.26 -1.94 -18.09
C ILE A 237 14.66 -2.05 -17.48
N ASP A 238 15.26 -0.91 -17.18
CA ASP A 238 16.59 -0.89 -16.58
C ASP A 238 16.61 -1.63 -15.26
N ALA A 239 15.58 -1.43 -14.45
CA ALA A 239 15.48 -2.08 -13.16
C ALA A 239 15.38 -3.59 -13.31
N HIS A 240 14.76 -4.04 -14.38
CA HIS A 240 14.60 -5.47 -14.65
C HIS A 240 15.95 -6.13 -14.89
N ASN A 241 16.85 -5.41 -15.56
CA ASN A 241 18.17 -5.93 -15.86
C ASN A 241 19.22 -5.36 -14.91
N GLY A 242 18.77 -4.74 -13.83
CA GLY A 242 19.69 -4.16 -12.86
C GLY A 242 20.65 -3.17 -13.48
N VAL A 243 20.21 -2.49 -14.52
CA VAL A 243 21.05 -1.50 -15.20
C VAL A 243 20.88 -0.12 -14.59
N ALA A 244 21.94 0.38 -13.96
CA ALA A 244 21.91 1.69 -13.34
C ALA A 244 20.86 1.76 -12.23
N PRO A 245 21.04 2.66 -11.25
CA PRO A 245 20.11 2.82 -10.13
C PRO A 245 18.77 3.40 -10.58
N SER A 246 17.73 3.19 -9.78
CA SER A 246 16.41 3.70 -10.09
C SER A 246 16.38 5.22 -10.03
N ARG A 247 16.19 5.85 -11.17
CA ARG A 247 16.14 7.32 -11.24
C ARG A 247 14.96 7.78 -12.10
N ARG A 248 14.94 7.33 -13.34
CA ARG A 248 13.88 7.70 -14.28
C ARG A 248 12.69 6.74 -14.16
N GLY A 249 12.97 5.53 -13.70
CA GLY A 249 11.91 4.53 -13.56
C GLY A 249 10.79 5.02 -12.65
N ASP A 250 11.13 5.83 -11.66
CA ASP A 250 10.15 6.35 -10.72
C ASP A 250 9.05 7.12 -11.45
N LEU A 251 9.44 7.85 -12.48
CA LEU A 251 8.49 8.64 -13.28
C LEU A 251 7.77 7.75 -14.29
N GLU A 252 8.49 6.74 -14.79
CA GLU A 252 7.91 5.82 -15.76
C GLU A 252 6.69 5.11 -15.20
N ILE A 253 6.76 4.77 -13.91
CA ILE A 253 5.67 4.09 -13.24
C ILE A 253 4.42 4.97 -13.19
N LEU A 254 4.63 6.26 -12.93
CA LEU A 254 3.52 7.21 -12.86
C LEU A 254 2.83 7.33 -14.21
N GLY A 255 3.62 7.45 -15.27
CA GLY A 255 3.06 7.57 -16.61
C GLY A 255 2.18 6.39 -16.96
N TYR A 256 2.60 5.20 -16.57
CA TYR A 256 1.85 3.98 -16.84
C TYR A 256 0.69 3.82 -15.87
N CYS A 257 0.83 4.40 -14.69
CA CYS A 257 -0.21 4.32 -13.67
C CYS A 257 -1.54 4.85 -14.17
N MET A 258 -1.50 5.98 -14.87
CA MET A 258 -2.71 6.60 -15.42
C MET A 258 -3.40 5.66 -16.41
N ILE A 259 -2.63 5.13 -17.34
CA ILE A 259 -3.17 4.22 -18.35
C ILE A 259 -3.70 2.94 -17.70
N GLN A 260 -3.11 2.55 -16.58
CA GLN A 260 -3.52 1.35 -15.87
C GLN A 260 -4.78 1.59 -15.04
N TRP A 261 -4.83 2.75 -14.40
CA TRP A 261 -5.96 3.13 -13.57
C TRP A 261 -7.12 3.68 -14.41
N LEU A 262 -6.78 4.32 -15.52
CA LEU A 262 -7.78 4.91 -16.41
C LEU A 262 -8.41 3.86 -17.31
N THR A 263 -7.57 2.98 -17.87
CA THR A 263 -8.05 1.93 -18.75
C THR A 263 -8.24 0.62 -18.00
N GLY A 264 -7.98 0.62 -16.70
CA GLY A 264 -8.14 -0.58 -15.90
C GLY A 264 -7.25 -1.71 -16.37
N HIS A 265 -6.11 -1.87 -15.72
CA HIS A 265 -5.16 -2.92 -16.07
C HIS A 265 -4.62 -2.71 -17.49
N LEU A 266 -3.43 -3.24 -17.74
CA LEU A 266 -2.79 -3.10 -19.04
C LEU A 266 -2.15 -4.43 -19.47
N PRO A 267 -1.68 -4.51 -20.73
CA PRO A 267 -1.05 -5.74 -21.25
C PRO A 267 0.29 -6.04 -20.60
N TRP A 268 0.27 -6.25 -19.29
CA TRP A 268 1.48 -6.56 -18.53
C TRP A 268 1.15 -6.70 -17.04
N GLU A 269 0.24 -5.87 -16.57
CA GLU A 269 -0.18 -5.91 -15.17
C GLU A 269 -1.48 -6.70 -15.03
N ASP A 270 -1.75 -7.56 -16.00
CA ASP A 270 -2.97 -8.37 -15.99
C ASP A 270 -2.87 -9.47 -14.94
N ASN A 271 -1.83 -10.30 -15.04
CA ASN A 271 -1.65 -11.38 -14.09
C ASN A 271 -0.22 -11.42 -13.56
N LEU A 272 0.73 -10.91 -14.34
CA LEU A 272 2.13 -10.93 -13.95
C LEU A 272 2.68 -12.35 -14.03
N LYS A 273 1.90 -13.23 -14.66
CA LYS A 273 2.30 -14.61 -14.83
C LYS A 273 3.19 -14.76 -16.06
N ASP A 274 3.19 -13.73 -16.90
CA ASP A 274 3.99 -13.75 -18.12
C ASP A 274 4.74 -12.43 -18.30
N PRO A 275 6.04 -12.39 -17.96
CA PRO A 275 6.85 -11.18 -18.09
C PRO A 275 7.41 -10.99 -19.50
N LYS A 276 6.79 -11.65 -20.48
CA LYS A 276 7.22 -11.54 -21.87
C LYS A 276 6.68 -10.26 -22.51
N TYR A 277 5.40 -9.98 -22.29
CA TYR A 277 4.78 -8.80 -22.84
C TYR A 277 5.08 -7.57 -21.98
N VAL A 278 5.32 -7.79 -20.69
CA VAL A 278 5.62 -6.70 -19.78
C VAL A 278 6.89 -5.97 -20.19
N ARG A 279 7.92 -6.72 -20.54
CA ARG A 279 9.19 -6.14 -20.96
C ARG A 279 9.08 -5.48 -22.33
N ASP A 280 8.43 -6.17 -23.25
CA ASP A 280 8.24 -5.65 -24.61
C ASP A 280 7.35 -4.42 -24.61
N SER A 281 6.28 -4.47 -23.81
CA SER A 281 5.35 -3.36 -23.72
C SER A 281 6.03 -2.10 -23.17
N LYS A 282 6.89 -2.29 -22.18
CA LYS A 282 7.60 -1.19 -21.56
C LYS A 282 8.50 -0.48 -22.58
N ILE A 283 9.24 -1.27 -23.35
CA ILE A 283 10.14 -0.73 -24.36
C ILE A 283 9.36 -0.13 -25.53
N ARG A 284 8.36 -0.87 -26.01
CA ARG A 284 7.54 -0.41 -27.13
C ARG A 284 6.85 0.90 -26.78
N TYR A 285 6.17 0.92 -25.64
CA TYR A 285 5.46 2.12 -25.20
C TYR A 285 6.43 3.28 -25.02
N ARG A 286 7.66 2.96 -24.63
CA ARG A 286 8.68 3.99 -24.44
C ARG A 286 8.92 4.76 -25.73
N GLU A 287 8.78 4.07 -26.85
CA GLU A 287 8.97 4.69 -28.15
C GLU A 287 7.65 4.74 -28.92
N ASN A 288 6.54 4.69 -28.20
CA ASN A 288 5.22 4.74 -28.81
C ASN A 288 4.27 5.62 -28.01
N ILE A 289 4.81 6.73 -27.48
CA ILE A 289 4.02 7.65 -26.69
C ILE A 289 2.70 7.99 -27.38
N ALA A 290 2.76 8.23 -28.67
CA ALA A 290 1.57 8.56 -29.45
C ALA A 290 0.70 7.33 -29.67
N SER A 291 1.32 6.24 -30.09
CA SER A 291 0.60 4.99 -30.33
C SER A 291 -0.08 4.50 -29.05
N LEU A 292 0.57 4.75 -27.92
CA LEU A 292 0.04 4.33 -26.63
C LEU A 292 -1.28 5.04 -26.32
N MET A 293 -1.31 6.35 -26.59
CA MET A 293 -2.50 7.15 -26.33
C MET A 293 -3.66 6.71 -27.24
N ASP A 294 -3.31 6.26 -28.45
CA ASP A 294 -4.32 5.82 -29.40
C ASP A 294 -4.74 4.38 -29.14
N LYS A 295 -3.84 3.60 -28.54
CA LYS A 295 -4.12 2.20 -28.24
C LYS A 295 -4.90 2.06 -26.94
N CYS A 296 -4.35 2.63 -25.86
CA CYS A 296 -4.99 2.55 -24.55
C CYS A 296 -6.17 3.51 -24.45
N PHE A 297 -6.01 4.72 -24.98
CA PHE A 297 -7.07 5.71 -24.94
C PHE A 297 -7.65 5.94 -26.33
N PRO A 298 -8.88 6.48 -26.40
CA PRO A 298 -9.55 6.75 -27.69
C PRO A 298 -8.67 7.54 -28.65
N GLU A 299 -9.19 7.78 -29.85
CA GLU A 299 -8.44 8.52 -30.86
C GLU A 299 -9.04 9.91 -31.06
N LYS A 300 -10.27 9.95 -31.59
CA LYS A 300 -10.94 11.21 -31.83
C LYS A 300 -11.10 12.01 -30.54
N ASN A 301 -11.33 11.28 -29.43
CA ASN A 301 -11.50 11.92 -28.13
C ASN A 301 -10.26 12.72 -27.75
N LYS A 302 -10.47 13.86 -27.09
CA LYS A 302 -9.37 14.71 -26.67
C LYS A 302 -8.49 14.00 -25.65
N PRO A 303 -7.18 14.31 -25.64
CA PRO A 303 -6.22 13.69 -24.71
C PRO A 303 -6.44 14.15 -23.27
N GLY A 304 -5.96 13.35 -22.33
CA GLY A 304 -6.11 13.68 -20.92
C GLY A 304 -4.91 14.43 -20.37
N GLU A 305 -4.13 15.04 -21.25
CA GLU A 305 -2.94 15.78 -20.85
C GLU A 305 -1.81 14.86 -20.40
N ILE A 306 -2.00 13.55 -20.61
CA ILE A 306 -0.99 12.57 -20.21
C ILE A 306 0.13 12.51 -21.25
N ALA A 307 -0.23 12.58 -22.52
CA ALA A 307 0.75 12.54 -23.61
C ALA A 307 1.90 13.50 -23.36
N LYS A 308 1.57 14.72 -22.95
CA LYS A 308 2.58 15.73 -22.66
C LYS A 308 3.52 15.26 -21.55
N TYR A 309 2.94 14.61 -20.55
CA TYR A 309 3.73 14.09 -19.43
C TYR A 309 4.52 12.86 -19.84
N MET A 310 3.89 11.99 -20.63
CA MET A 310 4.54 10.78 -21.10
C MET A 310 5.72 11.11 -22.00
N GLU A 311 5.51 12.04 -22.93
CA GLU A 311 6.56 12.46 -23.86
C GLU A 311 7.77 12.98 -23.10
N THR A 312 7.53 13.92 -22.19
CA THR A 312 8.60 14.51 -21.39
C THR A 312 9.34 13.43 -20.61
N VAL A 313 8.59 12.63 -19.84
CA VAL A 313 9.17 11.56 -19.04
C VAL A 313 9.98 10.60 -19.92
N LYS A 314 9.63 10.54 -21.20
CA LYS A 314 10.33 9.66 -22.14
C LYS A 314 11.59 10.34 -22.64
N LEU A 315 11.48 11.62 -22.97
CA LEU A 315 12.63 12.38 -23.45
C LEU A 315 13.61 12.67 -22.32
N LEU A 316 13.17 12.42 -21.09
CA LEU A 316 14.01 12.65 -19.92
C LEU A 316 15.40 12.04 -20.10
N ASP A 317 16.43 12.82 -19.81
CA ASP A 317 17.80 12.35 -19.94
C ASP A 317 18.20 11.48 -18.75
N TYR A 318 19.31 10.76 -18.88
CA TYR A 318 19.78 9.89 -17.82
C TYR A 318 20.89 10.57 -17.01
N THR A 319 20.82 11.90 -16.92
CA THR A 319 21.82 12.66 -16.18
C THR A 319 21.16 13.60 -15.18
N GLU A 320 20.12 14.28 -15.62
CA GLU A 320 19.40 15.22 -14.77
C GLU A 320 18.12 15.70 -15.44
N LYS A 321 18.26 16.59 -16.42
CA LYS A 321 17.12 17.12 -17.14
C LYS A 321 16.15 17.82 -16.20
N PRO A 322 16.58 18.92 -15.56
CA PRO A 322 15.75 19.68 -14.62
C PRO A 322 14.42 20.10 -15.24
N LEU A 323 13.41 19.23 -15.14
CA LEU A 323 12.09 19.52 -15.69
C LEU A 323 10.99 19.04 -14.76
N TYR A 324 11.34 18.81 -13.50
CA TYR A 324 10.37 18.34 -12.51
C TYR A 324 9.23 19.35 -12.34
N GLU A 325 9.55 20.63 -12.51
CA GLU A 325 8.57 21.69 -12.38
C GLU A 325 7.57 21.65 -13.54
N ASN A 326 8.08 21.51 -14.75
CA ASN A 326 7.24 21.45 -15.94
C ASN A 326 6.28 20.27 -15.87
N LEU A 327 6.79 19.14 -15.38
CA LEU A 327 5.97 17.94 -15.25
C LEU A 327 4.71 18.20 -14.42
N ARG A 328 4.91 18.84 -13.28
CA ARG A 328 3.79 19.17 -12.40
C ARG A 328 2.74 20.01 -13.12
N ASP A 329 3.21 20.87 -14.02
CA ASP A 329 2.31 21.73 -14.79
C ASP A 329 1.54 20.92 -15.82
N ILE A 330 2.20 19.94 -16.43
CA ILE A 330 1.55 19.11 -17.44
C ILE A 330 0.32 18.41 -16.87
N LEU A 331 0.45 17.82 -15.70
CA LEU A 331 -0.65 17.12 -15.05
C LEU A 331 -1.60 18.10 -14.36
N LEU A 332 -1.10 19.29 -14.03
CA LEU A 332 -1.91 20.30 -13.37
C LEU A 332 -2.77 21.08 -14.37
N GLN A 333 -2.18 21.40 -15.52
CA GLN A 333 -2.89 22.13 -16.56
C GLN A 333 -4.04 21.31 -17.12
N GLY A 334 -3.80 20.01 -17.30
CA GLY A 334 -4.83 19.13 -17.83
C GLY A 334 -6.07 19.10 -16.97
N LEU A 335 -5.90 19.37 -15.68
CA LEU A 335 -7.02 19.36 -14.74
C LEU A 335 -8.20 20.17 -15.28
N LYS A 336 -7.90 21.16 -16.11
CA LYS A 336 -8.94 22.00 -16.70
C LYS A 336 -9.58 21.31 -17.91
N ALA A 337 -8.80 20.50 -18.61
CA ALA A 337 -9.29 19.78 -19.78
C ALA A 337 -10.45 18.87 -19.42
N ILE A 338 -10.50 18.43 -18.17
CA ILE A 338 -11.57 17.55 -17.70
C ILE A 338 -12.54 18.29 -16.79
N GLY A 339 -12.60 19.61 -16.93
CA GLY A 339 -13.50 20.40 -16.13
C GLY A 339 -13.35 20.14 -14.64
N SER A 340 -12.10 20.10 -14.17
CA SER A 340 -11.82 19.86 -12.77
C SER A 340 -11.10 21.05 -12.14
N LYS A 341 -9.85 21.26 -12.55
CA LYS A 341 -9.04 22.36 -12.04
C LYS A 341 -8.79 22.20 -10.54
N ASP A 342 -7.66 22.72 -10.08
CA ASP A 342 -7.30 22.64 -8.67
C ASP A 342 -8.27 23.45 -7.81
N ASP A 343 -8.73 22.85 -6.72
CA ASP A 343 -9.65 23.52 -5.81
C ASP A 343 -9.73 22.79 -4.48
N GLY A 344 -10.13 21.52 -4.52
CA GLY A 344 -10.23 20.74 -3.30
C GLY A 344 -10.64 19.31 -3.57
N LYS A 345 -10.17 18.75 -4.69
CA LYS A 345 -10.48 17.39 -5.05
C LYS A 345 -9.40 16.42 -4.57
N LEU A 346 -9.84 15.30 -4.00
CA LEU A 346 -8.91 14.29 -3.49
C LEU A 346 -9.64 13.09 -2.90
N ASP A 347 -10.88 13.31 -2.45
CA ASP A 347 -11.67 12.24 -1.85
C ASP A 347 -11.72 10.99 -2.74
N LEU A 348 -11.50 11.19 -4.04
CA LEU A 348 -11.52 10.08 -5.00
C LEU A 348 -12.94 9.56 -5.20
N SER A 349 -13.93 10.29 -4.70
CA SER A 349 -15.33 9.89 -4.84
C SER A 349 -15.55 8.49 -4.26
N VAL A 350 -15.81 8.43 -2.96
CA VAL A 350 -16.03 7.15 -2.28
C VAL A 350 -16.94 7.33 -1.07
N VAL A 351 -18.25 7.24 -1.29
CA VAL A 351 -19.23 7.38 -0.22
C VAL A 351 -18.90 8.55 0.70
N GLU A 352 -18.27 9.59 0.13
CA GLU A 352 -17.90 10.77 0.90
C GLU A 352 -18.43 12.04 0.24
N ASN A 353 -18.28 12.12 -1.07
CA ASN A 353 -18.74 13.29 -1.82
C ASN A 353 -20.24 13.47 -1.67
N GLY A 354 -20.95 12.34 -1.52
CA GLY A 354 -22.40 12.40 -1.37
C GLY A 354 -23.12 12.52 -2.70
N GLY A 355 -22.71 11.69 -3.66
CA GLY A 355 -23.33 11.73 -4.97
C GLY A 355 -24.61 10.92 -5.03
N LEU A 356 -25.57 11.28 -4.17
CA LEU A 356 -26.85 10.58 -4.13
C LEU A 356 -27.96 11.43 -4.75
N LYS A 357 -27.85 12.75 -4.58
CA LYS A 357 -28.84 13.66 -5.13
C LYS A 357 -28.90 13.56 -6.65
N ALA A 358 -30.03 13.98 -7.22
CA ALA A 358 -30.21 13.94 -8.67
C ALA A 358 -30.09 12.51 -9.19
N LYS A 359 -31.15 11.72 -9.02
CA LYS A 359 -31.16 10.34 -9.48
C LYS A 359 -32.57 9.90 -9.85
N THR A 360 -32.69 8.65 -10.27
CA THR A 360 -33.99 8.10 -10.66
C THR A 360 -34.47 7.05 -9.66
N ILE A 361 -35.48 7.41 -8.88
CA ILE A 361 -36.03 6.50 -7.89
C ILE A 361 -37.55 6.60 -7.81
N THR A 362 -38.23 5.46 -7.78
CA THR A 362 -39.68 5.43 -7.72
C THR A 362 -40.15 4.55 -6.56
N LYS A 363 -39.55 3.37 -6.45
CA LYS A 363 -39.91 2.43 -5.38
C LYS A 363 -38.69 2.05 -4.55
N LYS A 364 -38.92 1.51 -3.37
CA LYS A 364 -37.84 1.11 -2.49
C LYS A 364 -37.71 -0.41 -2.42
N ARG A 365 -38.26 -1.10 -3.42
CA ARG A 365 -38.20 -2.55 -3.48
C ARG A 365 -39.00 -3.18 -2.33
N LYS A 366 -38.44 -3.11 -1.13
CA LYS A 366 -39.10 -3.67 0.05
C LYS A 366 -39.85 -2.59 0.81
N LYS A 367 -40.51 -2.98 1.89
CA LYS A 367 -41.27 -2.05 2.71
C LYS A 367 -42.38 -1.38 1.90
N GLU A 368 -43.48 -2.11 1.68
CA GLU A 368 -44.60 -1.59 0.92
C GLU A 368 -45.88 -1.57 1.76
N ILE A 369 -46.99 -1.24 1.13
CA ILE A 369 -48.28 -1.19 1.81
C ILE A 369 -49.08 -2.47 1.59
N GLU A 370 -48.38 -3.57 1.42
CA GLU A 370 -49.02 -4.87 1.19
C GLU A 370 -48.70 -5.84 2.32
N GLU A 371 -48.52 -5.30 3.53
CA GLU A 371 -48.20 -6.12 4.69
C GLU A 371 -48.82 -5.54 5.95
N SER A 372 -49.24 -6.40 6.86
CA SER A 372 -49.85 -5.97 8.11
C SER A 372 -49.02 -6.43 9.31
N LYS A 373 -49.00 -7.74 9.53
CA LYS A 373 -48.24 -8.32 10.64
C LYS A 373 -47.14 -9.24 10.13
N GLU A 374 -46.43 -9.88 11.05
CA GLU A 374 -45.37 -10.81 10.70
C GLU A 374 -45.54 -12.14 11.40
N PRO A 375 -46.32 -13.06 10.80
CA PRO A 375 -46.57 -14.39 11.37
C PRO A 375 -45.32 -15.27 11.34
N GLY A 376 -44.57 -15.19 10.25
CA GLY A 376 -43.36 -15.98 10.12
C GLY A 376 -43.66 -17.45 9.91
N VAL A 377 -42.93 -18.08 9.00
CA VAL A 377 -43.11 -19.50 8.71
C VAL A 377 -41.79 -20.25 8.74
N GLU A 378 -41.56 -21.00 9.81
CA GLU A 378 -40.33 -21.76 9.96
C GLU A 378 -40.53 -22.95 10.92
N ASP A 379 -40.35 -24.15 10.40
CA ASP A 379 -40.51 -25.36 11.20
C ASP A 379 -39.16 -25.85 11.72
N THR A 380 -38.33 -26.35 10.81
CA THR A 380 -37.02 -26.86 11.18
C THR A 380 -35.95 -25.76 11.03
N GLU A 381 -34.94 -25.82 11.89
CA GLU A 381 -33.86 -24.83 11.86
C GLU A 381 -32.52 -25.52 11.58
N TRP A 382 -32.07 -26.33 12.52
CA TRP A 382 -30.80 -27.05 12.38
C TRP A 382 -30.70 -28.19 13.38
N SER A 383 -29.86 -29.17 13.07
CA SER A 383 -29.67 -30.32 13.94
C SER A 383 -28.86 -29.94 15.17
N ASN A 384 -27.64 -29.45 14.94
CA ASN A 384 -26.77 -29.05 16.03
C ASN A 384 -26.74 -27.53 16.17
N THR A 385 -26.81 -27.05 17.41
CA THR A 385 -26.79 -25.62 17.69
C THR A 385 -25.38 -25.14 17.98
N GLN A 386 -24.78 -25.66 19.05
CA GLN A 386 -23.43 -25.29 19.43
C GLN A 386 -23.35 -23.79 19.74
N THR A 387 -23.58 -23.43 21.00
CA THR A 387 -23.52 -22.03 21.42
C THR A 387 -22.14 -21.68 21.94
N GLU A 388 -21.58 -22.55 22.78
CA GLU A 388 -20.27 -22.33 23.35
C GLU A 388 -19.17 -22.74 22.38
N GLU A 389 -17.92 -22.51 22.77
CA GLU A 389 -16.78 -22.86 21.93
C GLU A 389 -16.59 -24.37 21.87
N ALA A 390 -16.81 -25.04 23.00
CA ALA A 390 -16.66 -26.49 23.08
C ALA A 390 -15.25 -26.91 22.68
N ILE A 391 -15.05 -28.22 22.55
CA ILE A 391 -13.75 -28.76 22.16
C ILE A 391 -12.74 -28.60 23.29
N GLN A 392 -12.40 -27.35 23.60
CA GLN A 392 -11.44 -27.05 24.66
C GLN A 392 -12.15 -26.78 25.99
N THR A 393 -13.18 -27.58 26.28
CA THR A 393 -13.95 -27.43 27.51
C THR A 393 -13.84 -28.69 28.36
N ARG A 394 -13.88 -29.84 27.72
CA ARG A 394 -13.79 -31.12 28.41
C ARG A 394 -12.36 -31.39 28.86
N SER A 395 -12.02 -30.95 30.06
CA SER A 395 -10.68 -31.15 30.61
C SER A 395 -10.73 -31.32 32.12
N ARG A 396 -11.81 -31.90 32.62
CA ARG A 396 -11.98 -32.12 34.05
C ARG A 396 -12.84 -33.36 34.31
N THR A 397 -12.42 -34.16 35.29
CA THR A 397 -13.15 -35.37 35.64
C THR A 397 -14.06 -35.13 36.84
N ARG A 398 -14.73 -36.19 37.29
CA ARG A 398 -15.64 -36.10 38.43
C ARG A 398 -16.03 -37.49 38.92
N LYS A 399 -16.24 -37.60 40.24
CA LYS A 399 -16.62 -38.86 40.84
C LYS A 399 -17.80 -38.69 41.78
N ARG A 400 -17.66 -37.80 42.75
CA ARG A 400 -18.72 -37.53 43.71
C ARG A 400 -18.51 -36.18 44.40
N VAL A 401 -19.25 -35.17 43.98
CA VAL A 401 -19.14 -33.85 44.55
C VAL A 401 -20.51 -33.24 44.81
N GLN A 402 -20.66 -32.56 45.95
CA GLN A 402 -21.92 -31.95 46.31
C GLN A 402 -21.79 -30.43 46.35
N LYS A 403 -22.68 -29.74 45.64
CA LYS A 403 -22.66 -28.29 45.59
C LYS A 403 -23.39 -27.69 46.79
N GLY A 1 -51.26 -54.61 21.26
CA GLY A 1 -51.27 -53.18 21.67
C GLY A 1 -49.93 -52.50 21.41
N SER A 2 -49.89 -51.64 20.39
CA SER A 2 -48.68 -50.91 20.05
C SER A 2 -48.24 -50.01 21.19
N SER A 3 -46.95 -50.06 21.54
CA SER A 3 -46.42 -49.24 22.61
C SER A 3 -44.98 -48.83 22.30
N GLY A 4 -44.69 -47.54 22.49
CA GLY A 4 -43.36 -47.04 22.22
C GLY A 4 -42.62 -46.65 23.49
N SER A 5 -41.46 -47.26 23.70
CA SER A 5 -40.66 -46.98 24.89
C SER A 5 -39.87 -45.67 24.72
N SER A 6 -40.43 -44.58 25.24
CA SER A 6 -39.79 -43.27 25.14
C SER A 6 -38.56 -43.21 26.04
N GLY A 7 -38.76 -43.51 27.33
CA GLY A 7 -37.67 -43.47 28.28
C GLY A 7 -37.54 -42.12 28.96
N MET A 8 -37.27 -41.08 28.18
CA MET A 8 -37.12 -39.74 28.72
C MET A 8 -38.24 -38.83 28.22
N PRO A 9 -38.66 -37.84 29.04
CA PRO A 9 -39.72 -36.91 28.67
C PRO A 9 -39.26 -35.91 27.61
N ARG A 10 -39.90 -35.96 26.45
CA ARG A 10 -39.56 -35.06 25.35
C ARG A 10 -40.10 -33.65 25.62
N VAL A 11 -39.21 -32.67 25.59
CA VAL A 11 -39.59 -31.29 25.83
C VAL A 11 -39.44 -30.46 24.56
N LYS A 12 -39.79 -29.18 24.66
CA LYS A 12 -39.69 -28.27 23.52
C LYS A 12 -38.49 -27.33 23.66
N ALA A 13 -37.35 -27.78 23.19
CA ALA A 13 -36.12 -26.98 23.26
C ALA A 13 -35.98 -26.08 22.04
N ALA A 14 -36.56 -24.88 22.14
CA ALA A 14 -36.49 -23.91 21.05
C ALA A 14 -35.06 -23.47 20.78
N GLN A 15 -34.37 -23.08 21.84
CA GLN A 15 -32.98 -22.63 21.73
C GLN A 15 -32.03 -23.65 22.35
N ALA A 16 -31.03 -24.07 21.57
CA ALA A 16 -30.05 -25.05 22.05
C ALA A 16 -28.86 -24.34 22.71
N GLY A 17 -28.59 -24.72 23.96
CA GLY A 17 -27.48 -24.12 24.68
C GLY A 17 -26.16 -24.35 23.99
N ARG A 18 -25.38 -23.28 23.82
CA ARG A 18 -24.08 -23.36 23.17
C ARG A 18 -22.98 -23.63 24.20
N GLN A 19 -22.86 -24.89 24.62
CA GLN A 19 -21.85 -25.27 25.60
C GLN A 19 -20.45 -25.07 25.03
N SER A 20 -19.61 -24.34 25.78
CA SER A 20 -18.25 -24.08 25.36
C SER A 20 -17.27 -25.05 26.02
N SER A 21 -16.74 -25.98 25.24
CA SER A 21 -15.80 -26.98 25.76
C SER A 21 -14.38 -26.62 25.36
N ALA A 22 -13.53 -26.42 26.37
CA ALA A 22 -12.13 -26.07 26.13
C ALA A 22 -12.02 -24.75 25.37
N LYS A 23 -11.89 -23.66 26.11
CA LYS A 23 -11.77 -22.34 25.51
C LYS A 23 -10.35 -21.78 25.69
N ARG A 24 -10.00 -20.80 24.87
CA ARG A 24 -8.69 -20.19 24.93
C ARG A 24 -8.80 -18.67 25.06
N HIS A 25 -8.39 -18.14 26.22
CA HIS A 25 -8.45 -16.71 26.47
C HIS A 25 -7.06 -16.08 26.37
N LEU A 26 -6.23 -16.64 25.50
CA LEU A 26 -4.88 -16.14 25.31
C LEU A 26 -4.73 -15.50 23.93
N ALA A 27 -3.52 -15.07 23.61
CA ALA A 27 -3.24 -14.44 22.33
C ALA A 27 -2.00 -15.04 21.66
N GLU A 28 -2.17 -15.55 20.44
CA GLU A 28 -1.08 -16.16 19.71
C GLU A 28 -0.02 -15.11 19.35
N GLN A 29 -0.48 -13.93 18.95
CA GLN A 29 0.42 -12.85 18.58
C GLN A 29 -0.08 -11.51 19.11
N PHE A 30 -1.05 -10.92 18.41
CA PHE A 30 -1.61 -9.64 18.82
C PHE A 30 -3.13 -9.73 18.93
N ALA A 31 -3.68 -9.19 20.02
CA ALA A 31 -5.12 -9.22 20.25
C ALA A 31 -5.60 -7.87 20.76
N VAL A 32 -6.91 -7.79 21.03
CA VAL A 32 -7.51 -6.56 21.53
C VAL A 32 -7.28 -6.41 23.03
N GLY A 33 -6.74 -5.26 23.44
CA GLY A 33 -6.48 -5.02 24.84
C GLY A 33 -5.05 -5.34 25.24
N GLU A 34 -4.44 -6.26 24.49
CA GLU A 34 -3.06 -6.66 24.77
C GLU A 34 -2.12 -5.47 24.70
N ILE A 35 -1.16 -5.42 25.62
CA ILE A 35 -0.20 -4.33 25.68
C ILE A 35 1.14 -4.75 25.05
N ILE A 36 1.71 -3.87 24.24
CA ILE A 36 2.98 -4.16 23.59
C ILE A 36 4.06 -3.18 24.02
N THR A 37 5.31 -3.60 23.95
CA THR A 37 6.44 -2.77 24.34
C THR A 37 7.12 -2.18 23.11
N ASP A 38 7.47 -0.90 23.19
CA ASP A 38 8.14 -0.23 22.08
C ASP A 38 9.66 -0.26 22.24
N MET A 39 10.35 0.57 21.48
CA MET A 39 11.80 0.64 21.54
C MET A 39 12.23 1.41 22.77
N ALA A 40 11.51 2.50 23.05
CA ALA A 40 11.78 3.32 24.22
C ALA A 40 11.27 2.63 25.49
N LYS A 41 10.57 1.50 25.30
CA LYS A 41 10.01 0.73 26.42
C LYS A 41 8.62 1.21 26.77
N LYS A 42 7.92 1.76 25.79
CA LYS A 42 6.55 2.25 26.00
C LYS A 42 5.59 1.07 26.09
N GLU A 43 4.32 1.37 26.31
CA GLU A 43 3.29 0.34 26.41
C GLU A 43 2.13 0.65 25.48
N TRP A 44 2.31 0.34 24.20
CA TRP A 44 1.28 0.59 23.21
C TRP A 44 0.17 -0.46 23.29
N LYS A 45 -1.07 -0.01 23.20
CA LYS A 45 -2.23 -0.89 23.28
C LYS A 45 -2.72 -1.27 21.88
N VAL A 46 -2.88 -2.56 21.64
CA VAL A 46 -3.35 -3.05 20.35
C VAL A 46 -4.88 -3.05 20.28
N GLY A 47 -5.42 -2.44 19.23
CA GLY A 47 -6.86 -2.39 19.07
C GLY A 47 -7.40 -3.57 18.30
N LEU A 48 -8.10 -3.30 17.19
CA LEU A 48 -8.67 -4.35 16.37
C LEU A 48 -7.80 -4.61 15.15
N PRO A 49 -7.87 -5.84 14.59
CA PRO A 49 -7.09 -6.21 13.41
C PRO A 49 -7.61 -5.57 12.13
N ILE A 50 -6.89 -4.56 11.64
CA ILE A 50 -7.28 -3.86 10.43
C ILE A 50 -6.51 -4.39 9.22
N GLY A 51 -5.30 -4.87 9.46
CA GLY A 51 -4.48 -5.39 8.38
C GLY A 51 -5.10 -6.61 7.72
N GLN A 52 -4.60 -7.79 8.09
CA GLN A 52 -5.11 -9.03 7.53
C GLN A 52 -4.91 -9.07 6.02
N GLY A 53 -3.67 -9.36 5.60
CA GLY A 53 -3.38 -9.43 4.18
C GLY A 53 -2.60 -8.22 3.70
N GLY A 54 -1.82 -7.63 4.59
CA GLY A 54 -1.03 -6.46 4.23
C GLY A 54 0.46 -6.74 4.24
N PHE A 55 0.92 -7.45 5.27
CA PHE A 55 2.33 -7.80 5.40
C PHE A 55 2.51 -9.09 6.19
N GLY A 56 1.97 -9.12 7.40
CA GLY A 56 2.09 -10.31 8.23
C GLY A 56 1.16 -10.26 9.43
N CYS A 57 1.22 -9.17 10.18
CA CYS A 57 0.38 -9.00 11.36
C CYS A 57 0.28 -7.53 11.75
N ILE A 58 -0.73 -6.85 11.22
CA ILE A 58 -0.95 -5.44 11.51
C ILE A 58 -2.22 -5.23 12.33
N TYR A 59 -2.13 -4.37 13.34
CA TYR A 59 -3.27 -4.07 14.19
C TYR A 59 -3.29 -2.60 14.59
N LEU A 60 -4.37 -2.17 15.24
CA LEU A 60 -4.50 -0.79 15.68
C LEU A 60 -3.53 -0.48 16.81
N ALA A 61 -3.23 0.80 17.00
CA ALA A 61 -2.31 1.22 18.05
C ALA A 61 -2.96 2.25 18.96
N ASP A 62 -2.50 2.29 20.21
CA ASP A 62 -3.03 3.22 21.20
C ASP A 62 -1.95 3.67 22.16
N MET A 63 -2.15 4.84 22.77
CA MET A 63 -1.18 5.38 23.72
C MET A 63 -1.58 5.07 25.15
N ASN A 64 -2.33 3.98 25.34
CA ASN A 64 -2.78 3.57 26.66
C ASN A 64 -3.53 4.70 27.35
N SER A 65 -4.86 4.61 27.35
CA SER A 65 -5.69 5.63 27.98
C SER A 65 -6.79 4.99 28.82
N SER A 66 -6.47 3.86 29.44
CA SER A 66 -7.43 3.15 30.28
C SER A 66 -8.65 2.73 29.47
N GLU A 67 -8.44 2.46 28.18
CA GLU A 67 -9.52 2.04 27.30
C GLU A 67 -9.11 0.81 26.49
N SER A 68 -10.04 0.33 25.66
CA SER A 68 -9.79 -0.85 24.84
C SER A 68 -9.40 -0.44 23.42
N VAL A 69 -8.78 0.73 23.29
CA VAL A 69 -8.35 1.23 21.98
C VAL A 69 -9.56 1.59 21.11
N GLY A 70 -10.31 0.58 20.70
CA GLY A 70 -11.48 0.83 19.87
C GLY A 70 -11.28 0.37 18.45
N SER A 71 -12.31 0.54 17.62
CA SER A 71 -12.25 0.14 16.22
C SER A 71 -11.81 1.31 15.35
N ASP A 72 -10.73 1.97 15.76
CA ASP A 72 -10.20 3.11 15.01
C ASP A 72 -8.74 3.35 15.36
N ALA A 73 -8.50 3.82 16.59
CA ALA A 73 -7.14 4.09 17.04
C ALA A 73 -6.49 5.20 16.22
N PRO A 74 -5.75 6.12 16.87
CA PRO A 74 -5.09 7.22 16.20
C PRO A 74 -3.79 6.82 15.52
N CYS A 75 -3.38 5.57 15.71
CA CYS A 75 -2.15 5.06 15.12
C CYS A 75 -2.25 3.56 14.84
N VAL A 76 -1.43 3.09 13.90
CA VAL A 76 -1.42 1.68 13.54
C VAL A 76 -0.06 1.05 13.78
N VAL A 77 -0.06 -0.22 14.19
CA VAL A 77 1.19 -0.93 14.45
C VAL A 77 1.32 -2.15 13.55
N LYS A 78 2.40 -2.18 12.77
CA LYS A 78 2.65 -3.29 11.86
C LYS A 78 3.63 -4.28 12.47
N VAL A 79 3.17 -5.49 12.71
CA VAL A 79 4.01 -6.53 13.30
C VAL A 79 4.27 -7.66 12.32
N GLU A 80 5.51 -8.15 12.31
CA GLU A 80 5.90 -9.23 11.41
C GLU A 80 6.85 -10.21 12.13
N PRO A 81 6.63 -11.52 11.95
CA PRO A 81 7.47 -12.55 12.58
C PRO A 81 8.86 -12.62 11.96
N SER A 82 9.82 -11.95 12.58
CA SER A 82 11.19 -11.93 12.09
C SER A 82 12.09 -11.09 12.98
N ASP A 83 13.38 -11.05 12.67
CA ASP A 83 14.34 -10.28 13.44
C ASP A 83 15.04 -9.24 12.55
N ASN A 84 15.41 -9.65 11.35
CA ASN A 84 16.09 -8.77 10.42
C ASN A 84 15.58 -9.00 8.99
N GLY A 85 14.61 -8.19 8.58
CA GLY A 85 14.06 -8.31 7.24
C GLY A 85 13.93 -6.97 6.53
N PRO A 86 12.92 -6.81 5.66
CA PRO A 86 12.72 -5.56 4.92
C PRO A 86 12.31 -4.41 5.83
N LEU A 87 11.74 -4.74 6.99
CA LEU A 87 11.30 -3.73 7.94
C LEU A 87 12.47 -2.86 8.39
N PHE A 88 13.64 -3.46 8.47
CA PHE A 88 14.85 -2.74 8.89
C PHE A 88 15.10 -1.54 8.00
N THR A 89 14.92 -1.71 6.70
CA THR A 89 15.13 -0.64 5.75
C THR A 89 14.03 0.41 5.87
N GLU A 90 12.84 -0.02 6.26
CA GLU A 90 11.71 0.88 6.42
C GLU A 90 11.86 1.72 7.69
N LEU A 91 12.28 1.08 8.76
CA LEU A 91 12.47 1.76 10.04
C LEU A 91 13.48 2.91 9.90
N LYS A 92 14.64 2.60 9.35
CA LYS A 92 15.69 3.60 9.16
C LYS A 92 15.20 4.74 8.28
N PHE A 93 14.54 4.39 7.17
CA PHE A 93 14.02 5.39 6.24
C PHE A 93 13.11 6.38 6.96
N TYR A 94 12.15 5.86 7.72
CA TYR A 94 11.21 6.70 8.44
C TYR A 94 11.92 7.61 9.43
N GLN A 95 12.92 7.07 10.12
CA GLN A 95 13.68 7.85 11.10
C GLN A 95 14.74 8.73 10.42
N ARG A 96 15.05 8.41 9.17
CA ARG A 96 16.06 9.17 8.43
C ARG A 96 15.57 10.59 8.12
N ALA A 97 14.34 10.70 7.63
CA ALA A 97 13.78 12.01 7.30
C ALA A 97 12.27 12.07 7.58
N ALA A 98 11.58 10.95 7.42
CA ALA A 98 10.15 10.90 7.65
C ALA A 98 9.78 11.43 9.04
N LYS A 99 10.73 11.42 9.96
CA LYS A 99 10.49 11.90 11.32
C LYS A 99 9.86 13.29 11.29
N PRO A 100 8.71 13.47 11.96
CA PRO A 100 8.01 14.76 12.01
C PRO A 100 8.94 15.90 12.42
N GLU A 101 10.00 15.58 13.16
CA GLU A 101 10.95 16.57 13.62
C GLU A 101 11.68 17.22 12.44
N GLN A 102 12.10 16.41 11.49
CA GLN A 102 12.81 16.91 10.31
C GLN A 102 11.84 17.50 9.29
N ILE A 103 10.72 16.81 9.07
CA ILE A 103 9.72 17.26 8.10
C ILE A 103 9.19 18.65 8.48
N GLN A 104 8.83 18.82 9.75
CA GLN A 104 8.32 20.10 10.23
C GLN A 104 9.26 21.25 9.86
N LYS A 105 10.57 20.99 9.97
CA LYS A 105 11.57 22.00 9.65
C LYS A 105 11.70 22.18 8.14
N TRP A 106 11.43 21.11 7.40
CA TRP A 106 11.53 21.15 5.94
C TRP A 106 10.32 21.86 5.33
N ILE A 107 9.13 21.56 5.84
CA ILE A 107 7.91 22.18 5.35
C ILE A 107 7.88 23.66 5.65
N ARG A 108 8.40 24.03 6.83
CA ARG A 108 8.43 25.43 7.24
C ARG A 108 9.52 26.19 6.49
N THR A 109 10.57 25.49 6.09
CA THR A 109 11.68 26.11 5.38
C THR A 109 11.37 26.26 3.90
N ARG A 110 10.68 25.27 3.33
CA ARG A 110 10.32 25.32 1.91
C ARG A 110 8.85 25.67 1.71
N LYS A 111 8.12 25.83 2.82
CA LYS A 111 6.70 26.15 2.75
C LYS A 111 5.94 25.08 2.00
N LEU A 112 6.41 23.84 2.09
CA LEU A 112 5.77 22.72 1.41
C LEU A 112 4.27 22.69 1.68
N LYS A 113 3.87 23.17 2.85
CA LYS A 113 2.45 23.21 3.25
C LYS A 113 1.97 21.83 3.69
N TYR A 114 2.13 20.84 2.81
CA TYR A 114 1.71 19.49 3.11
C TYR A 114 2.58 18.47 2.38
N LEU A 115 2.91 17.38 3.06
CA LEU A 115 3.74 16.33 2.48
C LEU A 115 2.99 15.00 2.46
N GLY A 116 3.47 14.07 1.64
CA GLY A 116 2.83 12.77 1.53
C GLY A 116 3.60 11.68 2.25
N VAL A 117 4.48 12.07 3.17
CA VAL A 117 5.28 11.12 3.92
C VAL A 117 4.62 10.80 5.25
N PRO A 118 4.39 9.50 5.55
CA PRO A 118 3.76 9.07 6.80
C PRO A 118 4.50 9.61 8.02
N LYS A 119 3.75 9.85 9.10
CA LYS A 119 4.33 10.37 10.33
C LYS A 119 4.84 9.23 11.21
N TYR A 120 6.14 9.19 11.43
CA TYR A 120 6.75 8.16 12.27
C TYR A 120 6.74 8.57 13.73
N TRP A 121 6.26 7.68 14.60
CA TRP A 121 6.20 7.96 16.03
C TRP A 121 7.24 7.15 16.78
N GLY A 122 7.42 5.89 16.40
CA GLY A 122 8.39 5.04 17.05
C GLY A 122 8.34 3.61 16.58
N SER A 123 9.12 2.75 17.21
CA SER A 123 9.17 1.33 16.85
C SER A 123 9.08 0.47 18.11
N GLY A 124 8.87 -0.84 17.91
CA GLY A 124 8.78 -1.74 19.06
C GLY A 124 9.06 -3.18 18.70
N LEU A 125 9.06 -4.04 19.71
CA LEU A 125 9.32 -5.46 19.50
C LEU A 125 8.51 -6.30 20.48
N HIS A 126 8.16 -7.51 20.07
CA HIS A 126 7.39 -8.42 20.91
C HIS A 126 7.88 -9.86 20.77
N ASP A 127 7.89 -10.59 21.87
CA ASP A 127 8.34 -11.97 21.87
C ASP A 127 7.22 -12.90 22.34
N LYS A 128 7.05 -14.02 21.64
CA LYS A 128 6.02 -14.99 21.99
C LYS A 128 6.54 -16.41 21.88
N ASN A 129 6.40 -17.17 22.95
CA ASN A 129 6.85 -18.56 22.97
C ASN A 129 8.36 -18.65 22.68
N GLY A 130 9.07 -17.54 22.85
CA GLY A 130 10.49 -17.54 22.60
C GLY A 130 10.85 -17.04 21.21
N LYS A 131 9.87 -16.48 20.50
CA LYS A 131 10.10 -15.95 19.16
C LYS A 131 10.36 -14.45 19.20
N SER A 132 10.99 -13.94 18.15
CA SER A 132 11.30 -12.51 18.07
C SER A 132 10.46 -11.83 16.99
N TYR A 133 9.71 -10.80 17.39
CA TYR A 133 8.87 -10.06 16.45
C TYR A 133 9.24 -8.59 16.45
N ARG A 134 9.31 -8.00 15.25
CA ARG A 134 9.66 -6.60 15.11
C ARG A 134 8.51 -5.82 14.47
N PHE A 135 8.06 -4.76 15.13
CA PHE A 135 6.97 -3.95 14.62
C PHE A 135 7.30 -2.47 14.72
N MET A 136 6.52 -1.64 14.03
CA MET A 136 6.75 -0.20 14.04
C MET A 136 5.44 0.56 14.23
N ILE A 137 5.51 1.68 14.94
CA ILE A 137 4.34 2.51 15.19
C ILE A 137 4.32 3.72 14.27
N MET A 138 3.37 3.74 13.33
CA MET A 138 3.25 4.85 12.40
C MET A 138 1.83 5.41 12.38
N ASP A 139 1.65 6.52 11.66
CA ASP A 139 0.34 7.15 11.55
C ASP A 139 -0.66 6.22 10.88
N ARG A 140 -1.80 6.01 11.52
CA ARG A 140 -2.85 5.15 10.98
C ARG A 140 -3.26 5.60 9.58
N PHE A 141 -4.17 4.85 8.97
CA PHE A 141 -4.66 5.16 7.63
C PHE A 141 -6.11 4.73 7.48
N GLY A 142 -6.69 5.05 6.32
CA GLY A 142 -8.08 4.69 6.08
C GLY A 142 -8.21 3.46 5.19
N SER A 143 -8.09 3.67 3.88
CA SER A 143 -8.19 2.58 2.93
C SER A 143 -7.34 2.86 1.70
N ASP A 144 -6.52 1.88 1.31
CA ASP A 144 -5.66 2.04 0.15
C ASP A 144 -6.46 2.43 -1.08
N LEU A 145 -5.78 2.90 -2.12
CA LEU A 145 -6.45 3.30 -3.34
C LEU A 145 -6.85 2.08 -4.17
N GLN A 146 -6.30 0.92 -3.82
CA GLN A 146 -6.63 -0.32 -4.51
C GLN A 146 -8.14 -0.50 -4.58
N LYS A 147 -8.82 -0.03 -3.54
CA LYS A 147 -10.27 -0.11 -3.48
C LYS A 147 -10.88 0.94 -4.40
N ILE A 148 -10.18 2.07 -4.54
CA ILE A 148 -10.64 3.16 -5.39
C ILE A 148 -10.58 2.76 -6.86
N TYR A 149 -9.68 1.83 -7.17
CA TYR A 149 -9.52 1.36 -8.54
C TYR A 149 -10.71 0.50 -8.95
N GLU A 150 -11.13 -0.38 -8.06
CA GLU A 150 -12.27 -1.25 -8.32
C GLU A 150 -13.58 -0.49 -8.20
N ALA A 151 -13.59 0.55 -7.35
CA ALA A 151 -14.77 1.36 -7.15
C ALA A 151 -15.20 2.04 -8.44
N ASN A 152 -14.25 2.26 -9.34
CA ASN A 152 -14.52 2.91 -10.62
C ASN A 152 -14.74 1.87 -11.72
N ALA A 153 -15.06 0.64 -11.32
CA ALA A 153 -15.28 -0.45 -12.25
C ALA A 153 -13.95 -1.02 -12.72
N LYS A 154 -13.07 -1.28 -11.76
CA LYS A 154 -11.75 -1.81 -12.06
C LYS A 154 -10.95 -0.78 -12.86
N ARG A 155 -11.38 0.47 -12.82
CA ARG A 155 -10.70 1.55 -13.54
C ARG A 155 -10.61 2.81 -12.70
N PHE A 156 -10.19 3.91 -13.32
CA PHE A 156 -10.05 5.18 -12.62
C PHE A 156 -10.57 6.32 -13.49
N SER A 157 -10.26 7.55 -13.09
CA SER A 157 -10.70 8.73 -13.84
C SER A 157 -9.53 9.67 -14.12
N ARG A 158 -9.63 10.41 -15.21
CA ARG A 158 -8.58 11.35 -15.60
C ARG A 158 -8.39 12.42 -14.54
N LYS A 159 -9.49 12.77 -13.85
CA LYS A 159 -9.44 13.78 -12.81
C LYS A 159 -8.75 13.25 -11.56
N THR A 160 -8.87 11.95 -11.32
CA THR A 160 -8.26 11.32 -10.16
C THR A 160 -6.75 11.15 -10.37
N VAL A 161 -6.38 10.56 -11.49
CA VAL A 161 -4.97 10.34 -11.81
C VAL A 161 -4.21 11.66 -11.88
N LEU A 162 -4.75 12.62 -12.62
CA LEU A 162 -4.13 13.92 -12.76
C LEU A 162 -3.96 14.60 -11.39
N GLN A 163 -5.01 14.53 -10.58
CA GLN A 163 -4.98 15.12 -9.26
C GLN A 163 -4.01 14.38 -8.35
N LEU A 164 -4.20 13.07 -8.23
CA LEU A 164 -3.35 12.24 -7.40
C LEU A 164 -1.89 12.31 -7.87
N SER A 165 -1.71 12.26 -9.19
CA SER A 165 -0.37 12.33 -9.77
C SER A 165 0.36 13.59 -9.30
N LEU A 166 -0.35 14.70 -9.28
CA LEU A 166 0.24 15.97 -8.84
C LEU A 166 0.75 15.86 -7.41
N ARG A 167 -0.11 15.36 -6.52
CA ARG A 167 0.25 15.20 -5.12
C ARG A 167 1.44 14.26 -4.97
N ILE A 168 1.44 13.17 -5.74
CA ILE A 168 2.52 12.20 -5.69
C ILE A 168 3.82 12.82 -6.19
N LEU A 169 3.70 13.68 -7.19
CA LEU A 169 4.87 14.35 -7.76
C LEU A 169 5.58 15.18 -6.70
N ASP A 170 4.80 15.83 -5.85
CA ASP A 170 5.34 16.66 -4.78
C ASP A 170 6.15 15.81 -3.81
N ILE A 171 5.68 14.58 -3.60
CA ILE A 171 6.36 13.65 -2.70
C ILE A 171 7.64 13.12 -3.32
N LEU A 172 7.55 12.76 -4.61
CA LEU A 172 8.70 12.23 -5.33
C LEU A 172 9.89 13.18 -5.24
N GLU A 173 9.60 14.47 -5.16
CA GLU A 173 10.65 15.49 -5.05
C GLU A 173 11.25 15.48 -3.65
N TYR A 174 10.43 15.16 -2.66
CA TYR A 174 10.89 15.12 -1.28
C TYR A 174 11.80 13.92 -1.04
N ILE A 175 11.35 12.75 -1.48
CA ILE A 175 12.13 11.52 -1.33
C ILE A 175 13.44 11.60 -2.11
N HIS A 176 13.43 12.38 -3.19
CA HIS A 176 14.62 12.55 -4.02
C HIS A 176 15.67 13.39 -3.31
N GLU A 177 15.20 14.44 -2.64
CA GLU A 177 16.11 15.33 -1.92
C GLU A 177 16.66 14.64 -0.67
N HIS A 178 16.03 13.54 -0.27
CA HIS A 178 16.47 12.79 0.91
C HIS A 178 17.27 11.56 0.51
N GLU A 179 17.51 11.40 -0.79
CA GLU A 179 18.28 10.26 -1.29
C GLU A 179 17.44 8.98 -1.28
N TYR A 180 16.18 9.10 -1.71
CA TYR A 180 15.28 7.95 -1.76
C TYR A 180 14.36 8.05 -2.97
N VAL A 181 14.30 6.96 -3.74
CA VAL A 181 13.46 6.92 -4.93
C VAL A 181 12.81 5.54 -5.10
N HIS A 182 11.87 5.46 -6.03
CA HIS A 182 11.16 4.21 -6.31
C HIS A 182 10.32 3.78 -5.11
N GLY A 183 9.55 4.72 -4.56
CA GLY A 183 8.71 4.41 -3.42
C GLY A 183 7.60 3.43 -3.74
N ASP A 184 7.40 3.15 -5.03
CA ASP A 184 6.38 2.21 -5.47
C ASP A 184 4.99 2.85 -5.40
N ILE A 185 4.75 3.82 -6.28
CA ILE A 185 3.46 4.50 -6.32
C ILE A 185 2.39 3.62 -6.93
N LYS A 186 1.59 2.97 -6.07
CA LYS A 186 0.52 2.09 -6.53
C LYS A 186 -0.69 2.18 -5.61
N ALA A 187 -1.73 1.41 -5.94
CA ALA A 187 -2.95 1.41 -5.15
C ALA A 187 -2.81 0.49 -3.93
N SER A 188 -1.65 -0.14 -3.78
CA SER A 188 -1.40 -1.03 -2.66
C SER A 188 -0.41 -0.40 -1.67
N ASN A 189 0.09 0.77 -2.03
CA ASN A 189 1.03 1.50 -1.19
C ASN A 189 0.53 2.92 -0.92
N LEU A 190 -0.61 3.26 -1.51
CA LEU A 190 -1.19 4.58 -1.34
C LEU A 190 -2.45 4.49 -0.47
N LEU A 191 -2.38 5.08 0.72
CA LEU A 191 -3.50 5.03 1.66
C LEU A 191 -3.95 6.43 2.06
N LEU A 192 -5.25 6.59 2.25
CA LEU A 192 -5.83 7.89 2.63
C LEU A 192 -5.88 8.05 4.14
N ASN A 193 -5.76 9.29 4.59
CA ASN A 193 -5.80 9.59 6.03
C ASN A 193 -7.21 9.33 6.58
N TYR A 194 -7.28 8.51 7.63
CA TYR A 194 -8.55 8.19 8.25
C TYR A 194 -8.93 9.22 9.32
N LYS A 195 -8.09 9.35 10.33
CA LYS A 195 -8.34 10.29 11.42
C LYS A 195 -8.33 11.73 10.89
N ASN A 196 -7.54 11.98 9.86
CA ASN A 196 -7.44 13.31 9.27
C ASN A 196 -7.61 13.25 7.76
N PRO A 197 -8.84 12.99 7.28
CA PRO A 197 -9.12 12.90 5.85
C PRO A 197 -8.68 14.15 5.10
N ASP A 198 -7.50 14.08 4.48
CA ASP A 198 -6.97 15.20 3.74
C ASP A 198 -6.33 14.75 2.43
N GLN A 199 -5.41 13.79 2.52
CA GLN A 199 -4.73 13.27 1.35
C GLN A 199 -4.33 11.82 1.55
N VAL A 200 -3.64 11.27 0.55
CA VAL A 200 -3.18 9.89 0.60
C VAL A 200 -1.66 9.84 0.73
N TYR A 201 -1.18 8.89 1.53
CA TYR A 201 0.25 8.73 1.76
C TYR A 201 0.80 7.50 1.03
N LEU A 202 2.08 7.53 0.71
CA LEU A 202 2.72 6.42 0.03
C LEU A 202 3.62 5.64 0.98
N VAL A 203 3.28 4.38 1.21
CA VAL A 203 4.06 3.53 2.11
C VAL A 203 5.18 2.82 1.36
N ASP A 204 5.96 2.03 2.09
CA ASP A 204 7.07 1.28 1.49
C ASP A 204 8.12 2.23 0.91
N TYR A 205 9.38 2.01 1.28
CA TYR A 205 10.47 2.85 0.79
C TYR A 205 11.82 2.15 0.99
N GLY A 206 12.00 1.56 2.16
CA GLY A 206 13.25 0.87 2.46
C GLY A 206 13.58 -0.20 1.44
N LEU A 207 12.55 -0.74 0.79
CA LEU A 207 12.75 -1.78 -0.21
C LEU A 207 12.77 -1.20 -1.61
N ALA A 208 13.29 0.03 -1.74
CA ALA A 208 13.37 0.69 -3.03
C ALA A 208 14.82 1.05 -3.38
N TYR A 209 15.15 2.35 -3.37
CA TYR A 209 16.51 2.78 -3.68
C TYR A 209 16.88 4.01 -2.86
N ARG A 210 17.93 3.89 -2.05
CA ARG A 210 18.39 4.99 -1.22
C ARG A 210 19.48 5.79 -1.93
N TYR A 211 19.21 6.16 -3.19
CA TYR A 211 20.16 6.93 -3.98
C TYR A 211 21.52 6.23 -4.03
N CYS A 212 21.65 5.27 -4.96
CA CYS A 212 22.89 4.53 -5.12
C CYS A 212 23.20 3.70 -3.86
N PRO A 213 23.55 2.41 -4.04
CA PRO A 213 23.86 1.53 -2.92
C PRO A 213 25.20 1.87 -2.25
N GLU A 214 26.14 2.36 -3.06
CA GLU A 214 27.46 2.73 -2.55
C GLU A 214 27.76 4.19 -2.83
N GLY A 215 27.87 4.55 -4.10
CA GLY A 215 28.16 5.92 -4.48
C GLY A 215 29.44 6.05 -5.28
N VAL A 216 30.47 5.32 -4.85
CA VAL A 216 31.76 5.36 -5.53
C VAL A 216 31.63 4.89 -6.98
N HIS A 217 30.88 3.82 -7.18
CA HIS A 217 30.68 3.27 -8.52
C HIS A 217 29.40 3.80 -9.13
N LYS A 218 29.37 3.87 -10.46
CA LYS A 218 28.20 4.36 -11.18
C LYS A 218 27.49 3.22 -11.92
N GLU A 219 28.26 2.19 -12.27
CA GLU A 219 27.70 1.05 -12.98
C GLU A 219 26.53 0.44 -12.22
N TYR A 220 25.87 -0.55 -12.84
CA TYR A 220 24.74 -1.22 -12.22
C TYR A 220 25.18 -2.04 -11.01
N LYS A 221 24.24 -2.76 -10.42
CA LYS A 221 24.53 -3.59 -9.26
C LYS A 221 23.79 -4.93 -9.34
N GLU A 222 22.51 -4.88 -9.67
CA GLU A 222 21.70 -6.09 -9.79
C GLU A 222 21.71 -6.61 -11.22
N ASP A 223 21.10 -7.77 -11.42
CA ASP A 223 21.03 -8.38 -12.75
C ASP A 223 19.79 -9.27 -12.87
N PRO A 224 19.44 -9.67 -14.11
CA PRO A 224 18.28 -10.54 -14.36
C PRO A 224 18.46 -11.93 -13.78
N LYS A 225 18.41 -12.03 -12.45
CA LYS A 225 18.57 -13.31 -11.77
C LYS A 225 18.35 -13.16 -10.27
N ARG A 226 18.86 -12.07 -9.70
CA ARG A 226 18.72 -11.81 -8.27
C ARG A 226 17.37 -11.17 -7.98
N CYS A 227 17.12 -10.00 -8.57
CA CYS A 227 15.86 -9.29 -8.37
C CYS A 227 15.71 -8.86 -6.91
N HIS A 228 15.28 -7.63 -6.71
CA HIS A 228 15.08 -7.10 -5.36
C HIS A 228 14.06 -7.93 -4.59
N ASP A 229 12.84 -7.99 -5.11
CA ASP A 229 11.77 -8.75 -4.47
C ASP A 229 10.74 -9.20 -5.50
N GLY A 230 10.14 -8.23 -6.18
CA GLY A 230 9.14 -8.54 -7.19
C GLY A 230 9.72 -9.24 -8.40
N THR A 231 9.01 -9.20 -9.51
CA THR A 231 9.45 -9.83 -10.75
C THR A 231 8.83 -9.14 -11.96
N ILE A 232 7.54 -8.89 -11.91
CA ILE A 232 6.82 -8.24 -13.00
C ILE A 232 5.38 -7.97 -12.61
N GLU A 233 5.18 -7.61 -11.34
CA GLU A 233 3.84 -7.32 -10.84
C GLU A 233 3.57 -5.82 -10.87
N PHE A 234 3.56 -5.26 -12.07
CA PHE A 234 3.31 -3.83 -12.26
C PHE A 234 4.50 -3.01 -11.77
N THR A 235 5.70 -3.57 -11.88
CA THR A 235 6.91 -2.88 -11.45
C THR A 235 7.64 -2.26 -12.63
N SER A 236 8.76 -1.60 -12.36
CA SER A 236 9.54 -0.96 -13.41
C SER A 236 10.25 -2.00 -14.27
N ILE A 237 10.66 -1.60 -15.47
CA ILE A 237 11.34 -2.49 -16.39
C ILE A 237 12.64 -3.01 -15.78
N ASP A 238 13.36 -2.12 -15.09
CA ASP A 238 14.62 -2.47 -14.46
C ASP A 238 14.38 -3.23 -13.16
N ALA A 239 13.25 -2.95 -12.52
CA ALA A 239 12.90 -3.61 -11.25
C ALA A 239 12.86 -5.12 -11.42
N HIS A 240 12.53 -5.58 -12.62
CA HIS A 240 12.45 -7.01 -12.92
C HIS A 240 13.78 -7.70 -12.62
N ASN A 241 14.88 -7.02 -12.97
CA ASN A 241 16.21 -7.57 -12.74
C ASN A 241 16.82 -7.04 -11.45
N GLY A 242 16.14 -6.09 -10.81
CA GLY A 242 16.64 -5.52 -9.58
C GLY A 242 17.64 -4.39 -9.81
N VAL A 243 17.95 -4.13 -11.08
CA VAL A 243 18.89 -3.07 -11.43
C VAL A 243 18.23 -1.70 -11.35
N ALA A 244 19.05 -0.66 -11.19
CA ALA A 244 18.54 0.70 -11.10
C ALA A 244 19.68 1.71 -11.30
N PRO A 245 20.09 1.94 -12.56
CA PRO A 245 21.16 2.88 -12.87
C PRO A 245 20.67 4.32 -13.03
N SER A 246 19.42 4.56 -12.66
CA SER A 246 18.84 5.90 -12.77
C SER A 246 17.73 6.10 -11.74
N ARG A 247 17.37 7.37 -11.52
CA ARG A 247 16.32 7.70 -10.55
C ARG A 247 15.11 8.31 -11.25
N ARG A 248 15.27 8.66 -12.53
CA ARG A 248 14.18 9.25 -13.30
C ARG A 248 13.06 8.25 -13.54
N GLY A 249 13.32 6.97 -13.26
CA GLY A 249 12.31 5.94 -13.45
C GLY A 249 11.06 6.21 -12.65
N ASP A 250 11.20 6.95 -11.54
CA ASP A 250 10.06 7.28 -10.70
C ASP A 250 8.97 7.97 -11.50
N LEU A 251 9.37 8.72 -12.51
CA LEU A 251 8.43 9.43 -13.36
C LEU A 251 7.82 8.50 -14.41
N GLU A 252 8.59 7.50 -14.82
CA GLU A 252 8.13 6.54 -15.82
C GLU A 252 7.02 5.65 -15.26
N ILE A 253 7.09 5.38 -13.96
CA ILE A 253 6.08 4.54 -13.30
C ILE A 253 4.75 5.26 -13.22
N LEU A 254 4.79 6.57 -12.98
CA LEU A 254 3.57 7.38 -12.87
C LEU A 254 2.85 7.45 -14.22
N GLY A 255 3.62 7.67 -15.28
CA GLY A 255 3.04 7.77 -16.61
C GLY A 255 2.29 6.51 -17.00
N TYR A 256 2.86 5.35 -16.68
CA TYR A 256 2.23 4.07 -17.00
C TYR A 256 1.00 3.83 -16.12
N CYS A 257 1.03 4.40 -14.91
CA CYS A 257 -0.09 4.25 -13.98
C CYS A 257 -1.38 4.78 -14.58
N MET A 258 -1.28 5.86 -15.34
CA MET A 258 -2.43 6.47 -15.97
C MET A 258 -2.99 5.57 -17.07
N ILE A 259 -2.09 4.94 -17.83
CA ILE A 259 -2.47 4.05 -18.90
C ILE A 259 -3.27 2.87 -18.38
N GLN A 260 -2.85 2.34 -17.23
CA GLN A 260 -3.52 1.20 -16.62
C GLN A 260 -4.77 1.63 -15.87
N TRP A 261 -4.71 2.81 -15.26
CA TRP A 261 -5.85 3.33 -14.50
C TRP A 261 -6.94 3.87 -15.42
N LEU A 262 -6.55 4.68 -16.40
CA LEU A 262 -7.49 5.26 -17.34
C LEU A 262 -8.01 4.23 -18.34
N THR A 263 -7.14 3.31 -18.74
CA THR A 263 -7.51 2.27 -19.70
C THR A 263 -7.90 0.98 -19.00
N GLY A 264 -7.58 0.87 -17.71
CA GLY A 264 -7.91 -0.33 -16.97
C GLY A 264 -7.17 -1.55 -17.47
N HIS A 265 -6.03 -1.84 -16.84
CA HIS A 265 -5.21 -2.98 -17.24
C HIS A 265 -4.64 -2.78 -18.65
N LEU A 266 -3.43 -3.29 -18.87
CA LEU A 266 -2.77 -3.15 -20.16
C LEU A 266 -2.12 -4.46 -20.61
N PRO A 267 -1.73 -4.56 -21.88
CA PRO A 267 -1.09 -5.75 -22.44
C PRO A 267 0.30 -5.99 -21.86
N TRP A 268 0.38 -6.20 -20.56
CA TRP A 268 1.65 -6.45 -19.88
C TRP A 268 1.41 -6.71 -18.40
N GLU A 269 0.50 -5.95 -17.81
CA GLU A 269 0.16 -6.11 -16.40
C GLU A 269 -1.23 -6.72 -16.27
N ASP A 270 -1.71 -7.33 -17.35
CA ASP A 270 -3.03 -7.95 -17.36
C ASP A 270 -3.15 -9.02 -16.29
N ASN A 271 -2.39 -10.11 -16.44
CA ASN A 271 -2.44 -11.20 -15.48
C ASN A 271 -1.04 -11.55 -14.96
N LEU A 272 -0.02 -11.29 -15.79
CA LEU A 272 1.35 -11.61 -15.43
C LEU A 272 1.59 -13.09 -15.58
N LYS A 273 0.61 -13.79 -16.16
CA LYS A 273 0.73 -15.22 -16.38
C LYS A 273 1.71 -15.50 -17.52
N ASP A 274 2.01 -14.47 -18.30
CA ASP A 274 2.95 -14.61 -19.41
C ASP A 274 3.77 -13.33 -19.59
N PRO A 275 4.94 -13.26 -18.94
CA PRO A 275 5.83 -12.09 -19.02
C PRO A 275 6.42 -11.90 -20.42
N LYS A 276 6.19 -12.87 -21.30
CA LYS A 276 6.71 -12.79 -22.67
C LYS A 276 6.27 -11.49 -23.34
N TYR A 277 4.98 -11.20 -23.28
CA TYR A 277 4.44 -9.99 -23.90
C TYR A 277 4.59 -8.79 -22.96
N VAL A 278 4.65 -9.06 -21.65
CA VAL A 278 4.79 -8.01 -20.67
C VAL A 278 6.08 -7.23 -20.87
N ARG A 279 7.15 -7.94 -21.19
CA ARG A 279 8.46 -7.32 -21.41
C ARG A 279 8.50 -6.61 -22.76
N ASP A 280 8.07 -7.31 -23.81
CA ASP A 280 8.05 -6.75 -25.15
C ASP A 280 7.15 -5.53 -25.23
N SER A 281 6.05 -5.56 -24.48
CA SER A 281 5.10 -4.46 -24.47
C SER A 281 5.67 -3.25 -23.74
N LYS A 282 6.47 -3.51 -22.71
CA LYS A 282 7.07 -2.44 -21.92
C LYS A 282 8.13 -1.71 -22.72
N ILE A 283 9.05 -2.46 -23.33
CA ILE A 283 10.12 -1.88 -24.13
C ILE A 283 9.56 -1.08 -25.30
N ARG A 284 8.47 -1.57 -25.88
CA ARG A 284 7.84 -0.90 -27.02
C ARG A 284 7.06 0.32 -26.56
N TYR A 285 6.18 0.13 -25.58
CA TYR A 285 5.38 1.22 -25.05
C TYR A 285 6.26 2.38 -24.58
N ARG A 286 7.43 2.04 -24.05
CA ARG A 286 8.36 3.06 -23.58
C ARG A 286 8.74 4.01 -24.70
N GLU A 287 8.72 3.50 -25.93
CA GLU A 287 9.05 4.31 -27.10
C GLU A 287 7.84 4.45 -28.03
N ASN A 288 6.65 4.26 -27.47
CA ASN A 288 5.42 4.36 -28.25
C ASN A 288 4.34 5.12 -27.47
N ILE A 289 4.74 6.21 -26.84
CA ILE A 289 3.81 7.02 -26.07
C ILE A 289 2.62 7.47 -26.92
N ALA A 290 2.88 7.77 -28.18
CA ALA A 290 1.84 8.20 -29.09
C ALA A 290 0.96 7.03 -29.52
N SER A 291 1.57 5.87 -29.68
CA SER A 291 0.85 4.66 -30.09
C SER A 291 -0.04 4.15 -28.97
N LEU A 292 0.49 4.15 -27.75
CA LEU A 292 -0.27 3.68 -26.59
C LEU A 292 -1.47 4.59 -26.33
N MET A 293 -1.31 5.88 -26.65
CA MET A 293 -2.37 6.86 -26.44
C MET A 293 -3.54 6.57 -27.37
N ASP A 294 -3.24 6.38 -28.65
CA ASP A 294 -4.27 6.11 -29.65
C ASP A 294 -4.90 4.73 -29.44
N LYS A 295 -4.09 3.79 -28.93
CA LYS A 295 -4.57 2.44 -28.69
C LYS A 295 -5.31 2.35 -27.36
N CYS A 296 -4.66 2.78 -26.28
CA CYS A 296 -5.25 2.74 -24.96
C CYS A 296 -6.44 3.68 -24.85
N PHE A 297 -6.30 4.87 -25.44
CA PHE A 297 -7.38 5.85 -25.42
C PHE A 297 -8.09 5.93 -26.77
N PRO A 298 -9.41 6.19 -26.77
CA PRO A 298 -10.19 6.30 -28.00
C PRO A 298 -9.87 7.57 -28.79
N GLU A 299 -10.71 7.88 -29.76
CA GLU A 299 -10.52 9.07 -30.59
C GLU A 299 -11.31 10.25 -30.05
N LYS A 300 -11.25 10.43 -28.73
CA LYS A 300 -11.97 11.53 -28.08
C LYS A 300 -11.21 12.85 -28.26
N ASN A 301 -9.91 12.82 -28.04
CA ASN A 301 -9.08 14.01 -28.17
C ASN A 301 -7.66 13.64 -28.59
N LYS A 302 -6.89 14.65 -29.00
CA LYS A 302 -5.51 14.43 -29.43
C LYS A 302 -4.55 14.47 -28.25
N PRO A 303 -3.38 13.83 -28.39
CA PRO A 303 -2.38 13.79 -27.32
C PRO A 303 -1.90 15.19 -26.93
N GLY A 304 -2.13 15.55 -25.67
CA GLY A 304 -1.73 16.86 -25.18
C GLY A 304 -1.57 16.90 -23.67
N GLU A 305 -2.58 16.41 -22.96
CA GLU A 305 -2.55 16.38 -21.51
C GLU A 305 -1.43 15.49 -20.99
N ILE A 306 -1.59 14.18 -21.19
CA ILE A 306 -0.60 13.21 -20.75
C ILE A 306 0.59 13.15 -21.72
N ALA A 307 0.30 13.19 -23.01
CA ALA A 307 1.33 13.13 -24.04
C ALA A 307 2.50 14.05 -23.71
N LYS A 308 2.21 15.25 -23.24
CA LYS A 308 3.25 16.21 -22.89
C LYS A 308 4.04 15.72 -21.68
N TYR A 309 3.34 15.11 -20.73
CA TYR A 309 3.97 14.61 -19.52
C TYR A 309 4.83 13.38 -19.84
N MET A 310 4.29 12.47 -20.64
CA MET A 310 5.00 11.26 -21.01
C MET A 310 6.19 11.59 -21.91
N GLU A 311 6.04 12.63 -22.72
CA GLU A 311 7.10 13.05 -23.62
C GLU A 311 8.31 13.53 -22.84
N THR A 312 8.06 14.30 -21.78
CA THR A 312 9.13 14.82 -20.94
C THR A 312 9.74 13.70 -20.10
N VAL A 313 8.94 12.69 -19.78
CA VAL A 313 9.40 11.56 -19.00
C VAL A 313 10.19 10.57 -19.86
N LYS A 314 9.91 10.58 -21.16
CA LYS A 314 10.58 9.67 -22.09
C LYS A 314 11.94 10.22 -22.53
N LEU A 315 12.02 11.53 -22.71
CA LEU A 315 13.27 12.15 -23.14
C LEU A 315 13.89 12.99 -22.03
N LEU A 316 13.06 13.51 -21.14
CA LEU A 316 13.55 14.34 -20.03
C LEU A 316 14.52 15.41 -20.53
N ASP A 317 15.23 16.04 -19.60
CA ASP A 317 16.19 17.08 -19.95
C ASP A 317 17.62 16.58 -19.78
N TYR A 318 17.93 15.46 -20.45
CA TYR A 318 19.26 14.89 -20.37
C TYR A 318 19.66 14.59 -18.93
N THR A 319 18.67 14.37 -18.08
CA THR A 319 18.91 14.09 -16.67
C THR A 319 19.75 15.17 -16.02
N GLU A 320 19.69 16.39 -16.56
CA GLU A 320 20.44 17.51 -16.04
C GLU A 320 19.77 18.06 -14.78
N LYS A 321 18.49 18.40 -14.89
CA LYS A 321 17.73 18.93 -13.76
C LYS A 321 16.36 18.28 -13.69
N PRO A 322 15.74 18.26 -12.49
CA PRO A 322 14.41 17.67 -12.29
C PRO A 322 13.33 18.44 -13.04
N LEU A 323 12.48 17.70 -13.76
CA LEU A 323 11.39 18.32 -14.52
C LEU A 323 10.09 18.27 -13.73
N TYR A 324 10.20 18.28 -12.41
CA TYR A 324 9.03 18.23 -11.55
C TYR A 324 8.20 19.50 -11.69
N GLU A 325 8.86 20.61 -12.01
CA GLU A 325 8.19 21.89 -12.17
C GLU A 325 7.37 21.91 -13.46
N ASN A 326 7.94 21.34 -14.52
CA ASN A 326 7.28 21.30 -15.82
C ASN A 326 6.18 20.23 -15.82
N LEU A 327 6.49 19.07 -15.26
CA LEU A 327 5.54 17.97 -15.19
C LEU A 327 4.26 18.39 -14.46
N ARG A 328 4.43 19.15 -13.38
CA ARG A 328 3.31 19.62 -12.59
C ARG A 328 2.35 20.43 -13.46
N ASP A 329 2.90 21.36 -14.23
CA ASP A 329 2.09 22.21 -15.10
C ASP A 329 1.30 21.37 -16.10
N ILE A 330 1.92 20.30 -16.61
CA ILE A 330 1.27 19.42 -17.57
C ILE A 330 -0.01 18.84 -16.99
N LEU A 331 0.05 18.36 -15.75
CA LEU A 331 -1.11 17.78 -15.10
C LEU A 331 -2.08 18.87 -14.63
N LEU A 332 -1.55 19.86 -13.92
CA LEU A 332 -2.36 20.95 -13.41
C LEU A 332 -3.17 21.62 -14.53
N GLN A 333 -2.49 21.96 -15.62
CA GLN A 333 -3.15 22.61 -16.75
C GLN A 333 -4.31 21.76 -17.26
N GLY A 334 -4.08 20.45 -17.35
CA GLY A 334 -5.11 19.54 -17.83
C GLY A 334 -6.38 19.61 -16.99
N LEU A 335 -6.21 19.93 -15.70
CA LEU A 335 -7.35 20.02 -14.79
C LEU A 335 -8.28 21.16 -15.20
N LYS A 336 -7.69 22.25 -15.70
CA LYS A 336 -8.47 23.41 -16.12
C LYS A 336 -9.46 23.02 -17.22
N ALA A 337 -9.11 22.02 -18.01
CA ALA A 337 -9.97 21.56 -19.09
C ALA A 337 -11.24 20.90 -18.55
N ILE A 338 -11.14 20.31 -17.37
CA ILE A 338 -12.28 19.65 -16.74
C ILE A 338 -12.96 20.56 -15.73
N GLY A 339 -12.94 21.86 -15.99
CA GLY A 339 -13.56 22.82 -15.09
C GLY A 339 -12.59 23.41 -14.09
N SER A 340 -11.36 22.91 -14.09
CA SER A 340 -10.33 23.40 -13.17
C SER A 340 -10.71 23.11 -11.72
N LYS A 341 -10.10 22.08 -11.15
CA LYS A 341 -10.36 21.70 -9.77
C LYS A 341 -9.06 21.59 -8.98
N ASP A 342 -8.15 22.52 -9.23
CA ASP A 342 -6.87 22.54 -8.53
C ASP A 342 -6.95 23.39 -7.26
N ASP A 343 -7.68 22.89 -6.27
CA ASP A 343 -7.84 23.60 -5.01
C ASP A 343 -7.51 22.68 -3.83
N GLY A 344 -8.02 21.46 -3.88
CA GLY A 344 -7.78 20.50 -2.81
C GLY A 344 -8.54 19.21 -3.00
N LYS A 345 -8.64 18.76 -4.24
CA LYS A 345 -9.35 17.52 -4.56
C LYS A 345 -8.50 16.30 -4.25
N LEU A 346 -9.00 15.44 -3.37
CA LEU A 346 -8.28 14.23 -2.99
C LEU A 346 -9.20 13.20 -2.33
N ASP A 347 -10.43 13.60 -2.01
CA ASP A 347 -11.38 12.68 -1.37
C ASP A 347 -11.64 11.47 -2.26
N LEU A 348 -11.55 11.68 -3.58
CA LEU A 348 -11.78 10.62 -4.55
C LEU A 348 -13.26 10.22 -4.61
N SER A 349 -13.84 9.92 -3.45
CA SER A 349 -15.24 9.53 -3.37
C SER A 349 -15.48 8.20 -4.08
N VAL A 350 -15.59 7.13 -3.30
CA VAL A 350 -15.81 5.80 -3.85
C VAL A 350 -16.97 5.10 -3.14
N VAL A 351 -16.98 5.18 -1.81
CA VAL A 351 -18.04 4.56 -1.02
C VAL A 351 -18.92 5.61 -0.35
N GLU A 352 -18.29 6.61 0.25
CA GLU A 352 -19.02 7.68 0.93
C GLU A 352 -18.18 8.95 0.99
N ASN A 353 -18.86 10.09 1.00
CA ASN A 353 -18.18 11.38 1.06
C ASN A 353 -19.11 12.46 1.62
N GLY A 354 -20.26 12.62 0.99
CA GLY A 354 -21.22 13.62 1.44
C GLY A 354 -22.47 13.01 2.04
N GLY A 355 -22.29 12.27 3.14
CA GLY A 355 -23.42 11.64 3.79
C GLY A 355 -23.42 11.87 5.29
N LEU A 356 -23.35 13.13 5.69
CA LEU A 356 -23.34 13.48 7.10
C LEU A 356 -24.36 14.59 7.40
N LYS A 357 -25.61 14.19 7.58
CA LYS A 357 -26.68 15.15 7.86
C LYS A 357 -27.88 14.46 8.49
N ALA A 358 -28.59 13.67 7.68
CA ALA A 358 -29.76 12.95 8.16
C ALA A 358 -29.98 11.66 7.36
N LYS A 359 -30.65 10.70 7.98
CA LYS A 359 -30.92 9.42 7.33
C LYS A 359 -31.92 9.59 6.19
N THR A 360 -31.41 9.94 5.01
CA THR A 360 -32.26 10.14 3.84
C THR A 360 -31.88 9.16 2.73
N ILE A 361 -32.85 8.38 2.28
CA ILE A 361 -32.63 7.40 1.22
C ILE A 361 -31.64 6.33 1.67
N THR A 362 -31.68 5.18 1.00
CA THR A 362 -30.78 4.07 1.33
C THR A 362 -31.01 3.59 2.76
N LYS A 363 -30.52 2.41 3.06
CA LYS A 363 -30.66 1.82 4.39
C LYS A 363 -29.30 1.43 4.96
N LYS A 364 -29.08 1.79 6.22
CA LYS A 364 -27.82 1.47 6.90
C LYS A 364 -28.04 0.49 8.04
N ARG A 365 -28.74 -0.61 7.75
CA ARG A 365 -29.03 -1.62 8.76
C ARG A 365 -28.20 -2.88 8.52
N LYS A 366 -27.05 -2.95 9.17
CA LYS A 366 -26.16 -4.11 9.02
C LYS A 366 -25.47 -4.43 10.34
N LYS A 367 -25.05 -5.68 10.49
CA LYS A 367 -24.37 -6.11 11.70
C LYS A 367 -23.11 -6.90 11.37
N GLU A 368 -21.97 -6.20 11.32
CA GLU A 368 -20.70 -6.83 11.01
C GLU A 368 -19.54 -5.96 11.48
N ILE A 369 -18.41 -6.60 11.75
CA ILE A 369 -17.21 -5.88 12.21
C ILE A 369 -16.16 -5.81 11.12
N GLU A 370 -15.79 -6.97 10.59
CA GLU A 370 -14.77 -7.04 9.54
C GLU A 370 -14.76 -8.43 8.90
N GLU A 371 -15.28 -8.53 7.69
CA GLU A 371 -15.32 -9.80 6.97
C GLU A 371 -15.13 -9.59 5.48
N SER A 372 -14.20 -10.35 4.89
CA SER A 372 -13.91 -10.25 3.47
C SER A 372 -14.09 -11.59 2.77
N LYS A 373 -14.47 -11.55 1.51
CA LYS A 373 -14.69 -12.76 0.72
C LYS A 373 -13.40 -13.22 0.07
N GLU A 374 -13.13 -14.52 0.13
CA GLU A 374 -11.92 -15.09 -0.46
C GLU A 374 -10.68 -14.48 0.17
N PRO A 375 -10.20 -15.05 1.29
CA PRO A 375 -9.00 -14.55 1.98
C PRO A 375 -7.72 -14.84 1.20
N GLY A 376 -7.11 -13.78 0.68
CA GLY A 376 -5.88 -13.94 -0.07
C GLY A 376 -4.72 -13.18 0.53
N VAL A 377 -3.56 -13.28 -0.10
CA VAL A 377 -2.37 -12.60 0.39
C VAL A 377 -1.23 -12.68 -0.63
N GLU A 378 -1.03 -13.87 -1.19
CA GLU A 378 0.02 -14.10 -2.17
C GLU A 378 -0.57 -14.31 -3.57
N ASP A 379 -1.50 -15.24 -3.67
CA ASP A 379 -2.15 -15.55 -4.94
C ASP A 379 -1.12 -15.99 -5.98
N THR A 380 -0.07 -16.67 -5.52
CA THR A 380 0.98 -17.15 -6.41
C THR A 380 1.42 -18.56 -6.01
N GLU A 381 2.01 -18.68 -4.83
CA GLU A 381 2.48 -19.97 -4.34
C GLU A 381 1.53 -20.52 -3.28
N TRP A 382 1.24 -21.82 -3.37
CA TRP A 382 0.35 -22.47 -2.42
C TRP A 382 1.01 -22.61 -1.06
N SER A 383 0.30 -23.23 -0.12
CA SER A 383 0.82 -23.43 1.23
C SER A 383 1.11 -22.09 1.90
N ASN A 384 1.41 -22.14 3.20
CA ASN A 384 1.71 -20.93 3.96
C ASN A 384 3.16 -20.51 3.76
N THR A 385 4.08 -21.35 4.23
CA THR A 385 5.51 -21.07 4.10
C THR A 385 6.18 -22.02 3.11
N GLN A 386 6.22 -23.30 3.48
CA GLN A 386 6.82 -24.30 2.62
C GLN A 386 6.05 -25.62 2.68
N THR A 387 5.93 -26.16 3.90
CA THR A 387 5.22 -27.42 4.09
C THR A 387 3.80 -27.17 4.59
N GLU A 388 3.69 -26.54 5.76
CA GLU A 388 2.39 -26.23 6.35
C GLU A 388 2.48 -25.00 7.26
N GLU A 389 3.34 -25.09 8.27
CA GLU A 389 3.52 -23.99 9.20
C GLU A 389 4.95 -23.94 9.72
N ALA A 390 5.58 -22.77 9.60
CA ALA A 390 6.96 -22.60 10.05
C ALA A 390 7.21 -21.15 10.49
N ILE A 391 7.40 -20.96 11.79
CA ILE A 391 7.64 -19.64 12.34
C ILE A 391 9.10 -19.48 12.76
N GLN A 392 9.99 -20.17 12.06
CA GLN A 392 11.42 -20.10 12.37
C GLN A 392 12.21 -19.65 11.14
N THR A 393 13.49 -19.33 11.36
CA THR A 393 14.35 -18.89 10.27
C THR A 393 14.82 -20.06 9.42
N ARG A 394 15.61 -20.95 10.03
CA ARG A 394 16.12 -22.12 9.32
C ARG A 394 15.81 -23.39 10.10
N SER A 395 16.20 -23.43 11.36
CA SER A 395 15.96 -24.59 12.21
C SER A 395 16.64 -25.83 11.64
N ARG A 396 16.63 -26.91 12.41
CA ARG A 396 17.25 -28.17 11.98
C ARG A 396 16.57 -29.36 12.64
N THR A 397 16.75 -30.54 12.05
CA THR A 397 16.17 -31.75 12.58
C THR A 397 17.11 -32.44 13.56
N ARG A 398 16.61 -33.44 14.28
CA ARG A 398 17.40 -34.17 15.25
C ARG A 398 17.83 -33.25 16.40
N LYS A 399 16.94 -32.38 16.82
CA LYS A 399 17.22 -31.45 17.90
C LYS A 399 16.58 -31.92 19.21
N ARG A 400 15.42 -32.56 19.10
CA ARG A 400 14.71 -33.05 20.27
C ARG A 400 14.75 -34.58 20.30
N VAL A 401 14.54 -35.14 21.49
CA VAL A 401 14.55 -36.59 21.66
C VAL A 401 13.40 -37.05 22.56
N GLN A 402 13.23 -36.36 23.68
CA GLN A 402 12.16 -36.69 24.62
C GLN A 402 10.92 -35.85 24.37
N LYS A 403 9.76 -36.50 24.31
CA LYS A 403 8.50 -35.81 24.07
C LYS A 403 7.52 -36.07 25.19
N GLY A 1 -50.33 8.10 29.39
CA GLY A 1 -49.11 7.26 29.56
C GLY A 1 -47.84 8.04 29.31
N SER A 2 -47.81 8.80 28.21
CA SER A 2 -46.65 9.59 27.85
C SER A 2 -45.42 8.70 27.65
N SER A 3 -44.29 9.33 27.33
CA SER A 3 -43.05 8.59 27.11
C SER A 3 -41.87 9.54 27.01
N GLY A 4 -40.79 9.22 27.73
CA GLY A 4 -39.61 10.06 27.71
C GLY A 4 -38.32 9.25 27.65
N SER A 5 -38.25 8.20 28.46
CA SER A 5 -37.07 7.34 28.51
C SER A 5 -36.96 6.52 27.22
N SER A 6 -38.09 6.02 26.74
CA SER A 6 -38.12 5.22 25.52
C SER A 6 -39.44 5.39 24.79
N GLY A 7 -39.36 5.73 23.50
CA GLY A 7 -40.56 5.92 22.71
C GLY A 7 -40.26 6.35 21.29
N MET A 8 -40.26 5.40 20.36
CA MET A 8 -39.97 5.69 18.97
C MET A 8 -40.07 4.42 18.11
N PRO A 9 -39.22 3.42 18.39
CA PRO A 9 -39.22 2.16 17.64
C PRO A 9 -40.48 1.33 17.91
N ARG A 10 -41.26 1.10 16.85
CA ARG A 10 -42.49 0.33 16.96
C ARG A 10 -42.99 -0.10 15.58
N VAL A 11 -43.65 -1.25 15.54
CA VAL A 11 -44.17 -1.78 14.27
C VAL A 11 -43.05 -2.10 13.29
N LYS A 12 -43.27 -3.10 12.45
CA LYS A 12 -42.27 -3.50 11.47
C LYS A 12 -42.13 -2.46 10.37
N ALA A 13 -41.06 -2.55 9.60
CA ALA A 13 -40.81 -1.61 8.52
C ALA A 13 -39.57 -2.01 7.72
N ALA A 14 -38.52 -2.42 8.43
CA ALA A 14 -37.27 -2.82 7.79
C ALA A 14 -37.45 -4.13 7.02
N GLN A 15 -37.18 -4.09 5.72
CA GLN A 15 -37.30 -5.27 4.88
C GLN A 15 -36.15 -6.23 5.12
N ALA A 16 -36.37 -7.51 4.80
CA ALA A 16 -35.36 -8.53 4.98
C ALA A 16 -34.93 -8.64 6.44
N GLY A 17 -33.94 -9.47 6.70
CA GLY A 17 -33.46 -9.65 8.07
C GLY A 17 -32.03 -10.16 8.11
N ARG A 18 -31.25 -9.62 9.04
CA ARG A 18 -29.85 -10.01 9.19
C ARG A 18 -29.41 -9.90 10.65
N GLN A 19 -30.35 -10.10 11.56
CA GLN A 19 -30.06 -10.02 12.99
C GLN A 19 -29.03 -11.08 13.39
N SER A 20 -27.86 -10.62 13.82
CA SER A 20 -26.79 -11.52 14.23
C SER A 20 -26.02 -10.95 15.42
N SER A 21 -26.44 -11.32 16.63
CA SER A 21 -25.79 -10.84 17.84
C SER A 21 -24.59 -11.72 18.18
N ALA A 22 -23.39 -11.19 17.95
CA ALA A 22 -22.16 -11.91 18.24
C ALA A 22 -20.94 -11.03 18.05
N LYS A 23 -19.78 -11.51 18.50
CA LYS A 23 -18.54 -10.76 18.37
C LYS A 23 -17.64 -11.37 17.29
N ARG A 24 -16.47 -10.78 17.10
CA ARG A 24 -15.52 -11.26 16.11
C ARG A 24 -14.10 -11.25 16.66
N HIS A 25 -13.73 -12.33 17.34
CA HIS A 25 -12.39 -12.45 17.91
C HIS A 25 -11.49 -13.31 17.03
N LEU A 26 -10.24 -12.89 16.90
CA LEU A 26 -9.27 -13.62 16.07
C LEU A 26 -7.87 -13.03 16.25
N ALA A 27 -7.08 -13.67 17.11
CA ALA A 27 -5.72 -13.22 17.37
C ALA A 27 -4.80 -14.40 17.73
N GLU A 28 -3.51 -14.21 17.53
CA GLU A 28 -2.53 -15.24 17.83
C GLU A 28 -1.45 -14.72 18.76
N GLN A 29 -0.76 -13.67 18.34
CA GLN A 29 0.30 -13.07 19.13
C GLN A 29 -0.23 -11.88 19.92
N PHE A 30 -0.72 -10.87 19.21
CA PHE A 30 -1.25 -9.68 19.84
C PHE A 30 -2.07 -8.85 18.84
N ALA A 31 -3.38 -8.87 19.01
CA ALA A 31 -4.27 -8.12 18.13
C ALA A 31 -5.32 -7.36 18.92
N VAL A 32 -6.05 -8.08 19.78
CA VAL A 32 -7.09 -7.47 20.60
C VAL A 32 -6.93 -7.84 22.06
N GLY A 33 -6.68 -6.85 22.91
CA GLY A 33 -6.51 -7.09 24.33
C GLY A 33 -5.08 -7.48 24.67
N GLU A 34 -4.12 -6.97 23.91
CA GLU A 34 -2.72 -7.27 24.14
C GLU A 34 -1.88 -6.00 24.10
N ILE A 35 -0.93 -5.90 25.02
CA ILE A 35 -0.05 -4.74 25.10
C ILE A 35 1.33 -5.04 24.51
N ILE A 36 1.88 -4.08 23.78
CA ILE A 36 3.20 -4.24 23.19
C ILE A 36 4.17 -3.19 23.70
N THR A 37 5.46 -3.52 23.65
CA THR A 37 6.49 -2.60 24.11
C THR A 37 7.07 -1.82 22.95
N ASP A 38 7.28 -0.52 23.15
CA ASP A 38 7.83 0.34 22.11
C ASP A 38 9.35 0.47 22.24
N MET A 39 9.89 1.63 21.86
CA MET A 39 11.33 1.87 21.93
C MET A 39 11.69 2.37 23.32
N ALA A 40 10.83 3.21 23.87
CA ALA A 40 11.04 3.76 25.20
C ALA A 40 10.59 2.78 26.28
N LYS A 41 10.13 1.60 25.85
CA LYS A 41 9.66 0.55 26.76
C LYS A 41 8.20 0.78 27.16
N LYS A 42 7.52 1.65 26.43
CA LYS A 42 6.12 1.94 26.71
C LYS A 42 5.28 0.68 26.52
N GLU A 43 4.02 0.74 26.94
CA GLU A 43 3.12 -0.40 26.82
C GLU A 43 1.93 -0.06 25.93
N TRP A 44 2.19 -0.03 24.63
CA TRP A 44 1.13 0.29 23.66
C TRP A 44 0.07 -0.80 23.63
N LYS A 45 -1.19 -0.39 23.47
CA LYS A 45 -2.29 -1.34 23.43
C LYS A 45 -2.81 -1.51 22.01
N VAL A 46 -2.99 -2.76 21.59
CA VAL A 46 -3.48 -3.06 20.25
C VAL A 46 -5.01 -3.14 20.22
N GLY A 47 -5.61 -2.42 19.27
CA GLY A 47 -7.05 -2.41 19.16
C GLY A 47 -7.60 -3.66 18.51
N LEU A 48 -8.03 -3.54 17.26
CA LEU A 48 -8.59 -4.67 16.51
C LEU A 48 -7.81 -4.91 15.23
N PRO A 49 -7.96 -6.11 14.63
CA PRO A 49 -7.27 -6.47 13.39
C PRO A 49 -7.74 -5.64 12.20
N ILE A 50 -6.79 -5.25 11.35
CA ILE A 50 -7.12 -4.46 10.17
C ILE A 50 -6.26 -4.87 8.98
N GLY A 51 -5.90 -6.14 8.93
CA GLY A 51 -5.08 -6.65 7.85
C GLY A 51 -4.67 -8.09 8.05
N GLN A 52 -4.65 -8.85 6.96
CA GLN A 52 -4.27 -10.27 7.02
C GLN A 52 -3.00 -10.52 6.22
N GLY A 53 -2.16 -11.43 6.72
CA GLY A 53 -0.93 -11.75 6.04
C GLY A 53 0.04 -12.51 6.93
N GLY A 54 -0.01 -13.84 6.87
CA GLY A 54 0.87 -14.65 7.67
C GLY A 54 0.42 -14.72 9.13
N PHE A 55 0.49 -13.58 9.82
CA PHE A 55 0.09 -13.51 11.21
C PHE A 55 -0.63 -12.20 11.51
N GLY A 56 0.14 -11.12 11.62
CA GLY A 56 -0.43 -9.82 11.90
C GLY A 56 -0.36 -8.88 10.71
N CYS A 57 0.81 -8.30 10.49
CA CYS A 57 1.02 -7.36 9.39
C CYS A 57 0.44 -5.99 9.71
N ILE A 58 -0.84 -5.96 10.03
CA ILE A 58 -1.51 -4.69 10.35
C ILE A 58 -2.40 -4.84 11.59
N TYR A 59 -2.19 -3.94 12.55
CA TYR A 59 -2.97 -3.95 13.78
C TYR A 59 -3.19 -2.53 14.30
N LEU A 60 -4.35 -2.29 14.92
CA LEU A 60 -4.65 -0.97 15.45
C LEU A 60 -3.81 -0.69 16.70
N ALA A 61 -3.26 0.51 16.79
CA ALA A 61 -2.43 0.88 17.94
C ALA A 61 -3.09 1.98 18.76
N ASP A 62 -2.69 2.07 20.03
CA ASP A 62 -3.22 3.08 20.94
C ASP A 62 -2.17 3.48 21.97
N MET A 63 -2.20 4.75 22.37
CA MET A 63 -1.25 5.25 23.36
C MET A 63 -1.87 5.28 24.75
N ASN A 64 -2.64 4.24 25.07
CA ASN A 64 -3.29 4.15 26.38
C ASN A 64 -4.22 5.34 26.60
N SER A 65 -4.86 5.80 25.53
CA SER A 65 -5.77 6.93 25.62
C SER A 65 -6.99 6.59 26.47
N SER A 66 -7.82 5.69 25.96
CA SER A 66 -9.03 5.27 26.67
C SER A 66 -8.79 3.97 27.43
N GLU A 67 -9.87 3.38 27.95
CA GLU A 67 -9.77 2.14 28.70
C GLU A 67 -9.58 0.95 27.76
N SER A 68 -10.27 0.99 26.62
CA SER A 68 -10.19 -0.09 25.65
C SER A 68 -9.88 0.46 24.26
N VAL A 69 -8.91 -0.13 23.58
CA VAL A 69 -8.52 0.29 22.25
C VAL A 69 -9.55 -0.14 21.21
N GLY A 70 -10.23 -1.26 21.48
CA GLY A 70 -11.23 -1.75 20.57
C GLY A 70 -12.46 -0.88 20.51
N SER A 71 -12.30 0.35 20.03
CA SER A 71 -13.41 1.29 19.93
C SER A 71 -12.95 2.60 19.32
N ASP A 72 -11.83 3.13 19.83
CA ASP A 72 -11.29 4.39 19.34
C ASP A 72 -9.77 4.30 19.21
N ALA A 73 -9.31 3.62 18.16
CA ALA A 73 -7.88 3.46 17.92
C ALA A 73 -7.46 4.16 16.63
N PRO A 74 -7.07 5.45 16.73
CA PRO A 74 -6.64 6.23 15.57
C PRO A 74 -5.16 6.04 15.24
N CYS A 75 -4.70 4.80 15.30
CA CYS A 75 -3.31 4.48 14.99
C CYS A 75 -3.18 3.07 14.41
N VAL A 76 -2.10 2.84 13.68
CA VAL A 76 -1.86 1.54 13.07
C VAL A 76 -0.43 1.06 13.33
N VAL A 77 -0.28 -0.24 13.50
CA VAL A 77 1.03 -0.82 13.76
C VAL A 77 1.34 -1.95 12.78
N LYS A 78 2.52 -1.88 12.17
CA LYS A 78 2.94 -2.91 11.23
C LYS A 78 3.79 -3.96 11.93
N VAL A 79 3.32 -5.19 11.94
CA VAL A 79 4.03 -6.28 12.61
C VAL A 79 4.53 -7.31 11.60
N GLU A 80 5.84 -7.58 11.63
CA GLU A 80 6.45 -8.55 10.72
C GLU A 80 7.52 -9.36 11.45
N PRO A 81 7.69 -10.64 11.07
CA PRO A 81 8.68 -11.52 11.69
C PRO A 81 10.11 -11.12 11.34
N SER A 82 10.87 -10.70 12.34
CA SER A 82 12.25 -10.29 12.13
C SER A 82 13.08 -11.44 11.58
N ASP A 83 13.72 -11.20 10.43
CA ASP A 83 14.55 -12.21 9.79
C ASP A 83 15.23 -11.64 8.55
N ASN A 84 14.45 -11.45 7.49
CA ASN A 84 14.99 -10.90 6.24
C ASN A 84 15.15 -9.39 6.33
N GLY A 85 14.26 -8.75 7.08
CA GLY A 85 14.32 -7.31 7.24
C GLY A 85 13.51 -6.57 6.19
N PRO A 86 12.25 -6.97 5.94
CA PRO A 86 11.39 -6.32 4.96
C PRO A 86 11.02 -4.90 5.38
N LEU A 87 10.52 -4.77 6.61
CA LEU A 87 10.14 -3.47 7.14
C LEU A 87 11.37 -2.69 7.59
N PHE A 88 12.46 -3.39 7.86
CA PHE A 88 13.70 -2.77 8.29
C PHE A 88 14.12 -1.64 7.34
N THR A 89 13.83 -1.81 6.06
CA THR A 89 14.19 -0.81 5.06
C THR A 89 13.25 0.39 5.14
N GLU A 90 11.98 0.12 5.45
CA GLU A 90 10.99 1.18 5.56
C GLU A 90 11.21 1.98 6.84
N LEU A 91 11.64 1.31 7.90
CA LEU A 91 11.89 1.96 9.17
C LEU A 91 13.16 2.81 9.10
N LYS A 92 14.15 2.31 8.37
CA LYS A 92 15.41 3.04 8.22
C LYS A 92 15.20 4.37 7.50
N PHE A 93 14.47 4.33 6.39
CA PHE A 93 14.19 5.53 5.62
C PHE A 93 13.20 6.43 6.35
N TYR A 94 12.25 5.81 7.05
CA TYR A 94 11.23 6.56 7.79
C TYR A 94 11.88 7.51 8.79
N GLN A 95 12.80 6.97 9.60
CA GLN A 95 13.48 7.77 10.61
C GLN A 95 14.53 8.68 9.99
N ARG A 96 14.93 8.38 8.75
CA ARG A 96 15.94 9.17 8.05
C ARG A 96 15.35 10.45 7.47
N ALA A 97 14.22 10.33 6.77
CA ALA A 97 13.58 11.49 6.15
C ALA A 97 12.11 11.64 6.56
N ALA A 98 11.51 10.55 7.06
CA ALA A 98 10.12 10.59 7.47
C ALA A 98 9.97 10.92 8.95
N LYS A 99 11.00 11.52 9.53
CA LYS A 99 10.98 11.88 10.94
C LYS A 99 10.17 13.17 11.15
N PRO A 100 9.01 13.07 11.85
CA PRO A 100 8.16 14.23 12.11
C PRO A 100 8.94 15.45 12.57
N GLU A 101 10.07 15.21 13.24
CA GLU A 101 10.90 16.29 13.73
C GLU A 101 11.63 16.99 12.57
N GLN A 102 12.08 16.20 11.61
CA GLN A 102 12.79 16.74 10.45
C GLN A 102 11.81 17.32 9.43
N ILE A 103 10.66 16.68 9.28
CA ILE A 103 9.64 17.13 8.34
C ILE A 103 9.04 18.46 8.78
N GLN A 104 8.62 18.53 10.04
CA GLN A 104 8.03 19.74 10.58
C GLN A 104 8.97 20.94 10.41
N LYS A 105 10.27 20.66 10.42
CA LYS A 105 11.27 21.70 10.27
C LYS A 105 11.42 22.12 8.81
N TRP A 106 11.34 21.13 7.91
CA TRP A 106 11.47 21.39 6.48
C TRP A 106 10.24 22.12 5.95
N ILE A 107 9.06 21.69 6.38
CA ILE A 107 7.81 22.30 5.95
C ILE A 107 7.66 23.70 6.52
N ARG A 108 8.11 23.89 7.76
CA ARG A 108 8.02 25.19 8.42
C ARG A 108 9.05 26.16 7.87
N THR A 109 10.16 25.63 7.38
CA THR A 109 11.24 26.46 6.83
C THR A 109 10.98 26.82 5.38
N ARG A 110 10.28 25.93 4.66
CA ARG A 110 9.97 26.16 3.25
C ARG A 110 8.48 26.46 3.07
N LYS A 111 7.71 26.38 4.16
CA LYS A 111 6.28 26.64 4.10
C LYS A 111 5.61 25.72 3.08
N LEU A 112 6.17 24.53 2.92
CA LEU A 112 5.64 23.55 1.97
C LEU A 112 4.12 23.43 2.08
N LYS A 113 3.64 22.62 3.01
CA LYS A 113 2.21 22.43 3.21
C LYS A 113 1.94 21.35 4.26
N TYR A 114 2.36 20.13 3.97
CA TYR A 114 2.16 19.01 4.89
C TYR A 114 2.96 17.79 4.44
N LEU A 115 3.03 17.57 3.13
CA LEU A 115 3.77 16.43 2.59
C LEU A 115 2.99 15.13 2.77
N GLY A 116 3.12 14.23 1.82
CA GLY A 116 2.43 12.96 1.88
C GLY A 116 3.19 11.90 2.66
N VAL A 117 4.26 12.31 3.33
CA VAL A 117 5.08 11.39 4.12
C VAL A 117 4.36 11.00 5.42
N PRO A 118 4.00 9.72 5.58
CA PRO A 118 3.31 9.24 6.78
C PRO A 118 3.95 9.76 8.07
N LYS A 119 3.12 10.10 9.04
CA LYS A 119 3.60 10.62 10.32
C LYS A 119 4.07 9.50 11.24
N TYR A 120 5.33 9.59 11.66
CA TYR A 120 5.91 8.59 12.54
C TYR A 120 5.55 8.89 14.00
N TRP A 121 5.08 7.86 14.72
CA TRP A 121 4.69 8.04 16.12
C TRP A 121 5.62 7.28 17.05
N GLY A 122 6.01 6.07 16.66
CA GLY A 122 6.90 5.28 17.49
C GLY A 122 7.10 3.87 16.96
N SER A 123 8.04 3.15 17.57
CA SER A 123 8.33 1.78 17.15
C SER A 123 8.40 0.86 18.37
N GLY A 124 8.34 -0.45 18.13
CA GLY A 124 8.39 -1.40 19.22
C GLY A 124 8.74 -2.81 18.76
N LEU A 125 8.82 -3.74 19.71
CA LEU A 125 9.15 -5.12 19.41
C LEU A 125 8.40 -6.06 20.35
N HIS A 126 8.28 -7.32 19.93
CA HIS A 126 7.57 -8.32 20.73
C HIS A 126 8.23 -9.69 20.60
N ASP A 127 8.28 -10.42 21.71
CA ASP A 127 8.87 -11.75 21.72
C ASP A 127 7.80 -12.83 21.84
N LYS A 128 7.85 -13.82 20.94
CA LYS A 128 6.88 -14.90 20.95
C LYS A 128 7.57 -16.24 20.70
N ASN A 129 7.33 -17.19 21.60
CA ASN A 129 7.91 -18.53 21.48
C ASN A 129 9.43 -18.46 21.38
N GLY A 130 10.01 -17.35 21.83
CA GLY A 130 11.45 -17.19 21.77
C GLY A 130 11.92 -16.45 20.53
N LYS A 131 10.97 -16.07 19.68
CA LYS A 131 11.31 -15.35 18.46
C LYS A 131 11.16 -13.83 18.66
N SER A 132 11.95 -13.07 17.92
CA SER A 132 11.91 -11.61 18.02
C SER A 132 11.11 -11.00 16.88
N TYR A 133 10.14 -10.16 17.23
CA TYR A 133 9.30 -9.49 16.25
C TYR A 133 9.55 -7.99 16.26
N ARG A 134 9.43 -7.36 15.09
CA ARG A 134 9.64 -5.92 14.97
C ARG A 134 8.42 -5.23 14.38
N PHE A 135 7.90 -4.24 15.09
CA PHE A 135 6.73 -3.51 14.62
C PHE A 135 6.91 -2.01 14.79
N MET A 136 6.09 -1.23 14.08
CA MET A 136 6.16 0.22 14.15
C MET A 136 4.77 0.83 14.04
N ILE A 137 4.52 1.88 14.82
CA ILE A 137 3.23 2.57 14.80
C ILE A 137 3.31 3.83 13.95
N MET A 138 2.36 3.98 13.03
CA MET A 138 2.32 5.15 12.16
C MET A 138 0.90 5.73 12.09
N ASP A 139 0.78 6.87 11.45
CA ASP A 139 -0.52 7.54 11.31
C ASP A 139 -1.55 6.61 10.68
N ARG A 140 -2.76 6.63 11.21
CA ARG A 140 -3.84 5.78 10.70
C ARG A 140 -4.17 6.14 9.26
N PHE A 141 -5.00 5.31 8.62
CA PHE A 141 -5.39 5.55 7.24
C PHE A 141 -6.83 5.09 7.00
N GLY A 142 -7.45 5.65 5.96
CA GLY A 142 -8.82 5.28 5.65
C GLY A 142 -8.91 4.04 4.79
N SER A 143 -8.58 4.18 3.51
CA SER A 143 -8.62 3.06 2.58
C SER A 143 -7.55 3.21 1.50
N ASP A 144 -6.84 2.12 1.22
CA ASP A 144 -5.78 2.14 0.21
C ASP A 144 -6.34 2.58 -1.15
N LEU A 145 -5.46 3.17 -1.97
CA LEU A 145 -5.87 3.64 -3.29
C LEU A 145 -6.44 2.50 -4.11
N GLN A 146 -6.08 1.27 -3.76
CA GLN A 146 -6.58 0.09 -4.47
C GLN A 146 -8.10 -0.02 -4.30
N LYS A 147 -8.57 0.30 -3.10
CA LYS A 147 -9.99 0.25 -2.80
C LYS A 147 -10.73 1.32 -3.59
N ILE A 148 -10.10 2.48 -3.76
CA ILE A 148 -10.70 3.57 -4.51
C ILE A 148 -10.67 3.29 -6.00
N TYR A 149 -9.72 2.46 -6.42
CA TYR A 149 -9.57 2.10 -7.82
C TYR A 149 -10.64 1.07 -8.22
N GLU A 150 -10.74 0.00 -7.44
CA GLU A 150 -11.72 -1.05 -7.70
C GLU A 150 -13.13 -0.52 -7.51
N ALA A 151 -13.28 0.45 -6.60
CA ALA A 151 -14.57 1.04 -6.31
C ALA A 151 -15.18 1.66 -7.57
N ASN A 152 -14.33 2.04 -8.52
CA ASN A 152 -14.79 2.64 -9.76
C ASN A 152 -14.92 1.61 -10.87
N ALA A 153 -15.01 0.33 -10.48
CA ALA A 153 -15.12 -0.77 -11.42
C ALA A 153 -13.76 -1.13 -11.98
N LYS A 154 -12.80 -1.27 -11.08
CA LYS A 154 -11.43 -1.61 -11.46
C LYS A 154 -10.84 -0.49 -12.32
N ARG A 155 -11.44 0.70 -12.24
CA ARG A 155 -10.98 1.85 -13.01
C ARG A 155 -10.85 3.08 -12.13
N PHE A 156 -10.46 4.19 -12.74
CA PHE A 156 -10.29 5.45 -12.02
C PHE A 156 -10.83 6.62 -12.84
N SER A 157 -10.52 7.83 -12.41
CA SER A 157 -10.97 9.04 -13.10
C SER A 157 -9.78 9.86 -13.57
N ARG A 158 -9.92 10.49 -14.73
CA ARG A 158 -8.86 11.33 -15.29
C ARG A 158 -8.46 12.42 -14.30
N LYS A 159 -9.42 12.89 -13.51
CA LYS A 159 -9.16 13.93 -12.52
C LYS A 159 -8.40 13.36 -11.33
N THR A 160 -8.81 12.20 -10.86
CA THR A 160 -8.16 11.55 -9.72
C THR A 160 -6.68 11.31 -10.00
N VAL A 161 -6.40 10.67 -11.13
CA VAL A 161 -5.01 10.38 -11.52
C VAL A 161 -4.19 11.67 -11.61
N LEU A 162 -4.75 12.68 -12.26
CA LEU A 162 -4.07 13.96 -12.41
C LEU A 162 -3.86 14.63 -11.07
N GLN A 163 -4.93 14.71 -10.27
CA GLN A 163 -4.86 15.32 -8.96
C GLN A 163 -3.93 14.54 -8.04
N LEU A 164 -4.03 13.22 -8.10
CA LEU A 164 -3.19 12.35 -7.28
C LEU A 164 -1.74 12.39 -7.76
N SER A 165 -1.55 12.44 -9.07
CA SER A 165 -0.21 12.49 -9.65
C SER A 165 0.54 13.72 -9.16
N LEU A 166 -0.20 14.82 -8.96
CA LEU A 166 0.38 16.06 -8.49
C LEU A 166 0.81 15.93 -7.03
N ARG A 167 -0.10 15.39 -6.21
CA ARG A 167 0.18 15.20 -4.79
C ARG A 167 1.37 14.27 -4.59
N ILE A 168 1.40 13.17 -5.35
CA ILE A 168 2.49 12.21 -5.26
C ILE A 168 3.79 12.83 -5.73
N LEU A 169 3.73 13.60 -6.80
CA LEU A 169 4.91 14.26 -7.34
C LEU A 169 5.58 15.12 -6.29
N ASP A 170 4.77 15.73 -5.43
CA ASP A 170 5.28 16.59 -4.37
C ASP A 170 6.18 15.79 -3.43
N ILE A 171 5.80 14.53 -3.19
CA ILE A 171 6.57 13.66 -2.32
C ILE A 171 7.78 13.09 -3.06
N LEU A 172 7.59 12.76 -4.33
CA LEU A 172 8.66 12.21 -5.15
C LEU A 172 9.84 13.17 -5.21
N GLU A 173 9.56 14.43 -5.49
CA GLU A 173 10.60 15.46 -5.57
C GLU A 173 11.29 15.65 -4.23
N TYR A 174 10.54 15.43 -3.15
CA TYR A 174 11.08 15.58 -1.80
C TYR A 174 12.03 14.44 -1.47
N ILE A 175 11.59 13.22 -1.74
CA ILE A 175 12.40 12.03 -1.48
C ILE A 175 13.61 11.98 -2.41
N HIS A 176 13.48 12.57 -3.58
CA HIS A 176 14.57 12.59 -4.55
C HIS A 176 15.62 13.61 -4.15
N GLU A 177 15.17 14.69 -3.54
CA GLU A 177 16.08 15.74 -3.09
C GLU A 177 16.88 15.28 -1.88
N HIS A 178 16.44 14.20 -1.25
CA HIS A 178 17.13 13.65 -0.09
C HIS A 178 17.94 12.42 -0.48
N GLU A 179 17.95 12.10 -1.77
CA GLU A 179 18.70 10.94 -2.27
C GLU A 179 17.99 9.64 -1.91
N TYR A 180 16.68 9.61 -2.10
CA TYR A 180 15.89 8.41 -1.79
C TYR A 180 14.94 8.07 -2.93
N VAL A 181 15.03 6.83 -3.42
CA VAL A 181 14.18 6.38 -4.51
C VAL A 181 13.57 5.01 -4.20
N HIS A 182 12.55 4.64 -4.97
CA HIS A 182 11.89 3.35 -4.76
C HIS A 182 11.32 2.81 -6.07
N GLY A 183 10.56 3.64 -6.77
CA GLY A 183 9.97 3.22 -8.03
C GLY A 183 8.83 2.24 -7.85
N ASP A 184 7.92 2.56 -6.93
CA ASP A 184 6.77 1.69 -6.66
C ASP A 184 5.47 2.39 -7.04
N ILE A 185 4.99 3.27 -6.17
CA ILE A 185 3.74 4.01 -6.41
C ILE A 185 2.64 3.11 -6.96
N LYS A 186 1.80 2.61 -6.06
CA LYS A 186 0.70 1.73 -6.47
C LYS A 186 -0.51 1.91 -5.56
N ALA A 187 -1.60 1.24 -5.90
CA ALA A 187 -2.84 1.32 -5.12
C ALA A 187 -2.75 0.48 -3.84
N SER A 188 -1.61 -0.19 -3.65
CA SER A 188 -1.40 -1.03 -2.47
C SER A 188 -0.32 -0.41 -1.57
N ASN A 189 0.18 0.74 -1.98
CA ASN A 189 1.21 1.45 -1.23
C ASN A 189 0.74 2.86 -0.91
N LEU A 190 -0.34 3.28 -1.55
CA LEU A 190 -0.91 4.61 -1.31
C LEU A 190 -2.21 4.49 -0.52
N LEU A 191 -2.30 5.19 0.60
CA LEU A 191 -3.50 5.13 1.44
C LEU A 191 -3.98 6.54 1.81
N LEU A 192 -5.27 6.64 2.14
CA LEU A 192 -5.86 7.92 2.51
C LEU A 192 -5.77 8.16 4.02
N ASN A 193 -5.67 9.42 4.41
CA ASN A 193 -5.58 9.78 5.83
C ASN A 193 -6.89 9.50 6.54
N TYR A 194 -6.82 8.79 7.66
CA TYR A 194 -8.00 8.47 8.44
C TYR A 194 -8.51 9.70 9.18
N LYS A 195 -7.66 10.27 10.04
CA LYS A 195 -8.02 11.45 10.80
C LYS A 195 -8.31 12.62 9.85
N ASN A 196 -7.82 12.52 8.62
CA ASN A 196 -8.04 13.57 7.63
C ASN A 196 -8.38 12.96 6.27
N PRO A 197 -9.63 12.51 6.09
CA PRO A 197 -10.08 11.91 4.83
C PRO A 197 -10.09 12.92 3.69
N ASP A 198 -8.93 13.16 3.10
CA ASP A 198 -8.80 14.11 2.00
C ASP A 198 -7.34 14.25 1.56
N GLN A 199 -6.62 13.14 1.58
CA GLN A 199 -5.22 13.12 1.20
C GLN A 199 -4.66 11.71 1.24
N VAL A 200 -3.78 11.39 0.31
CA VAL A 200 -3.19 10.06 0.24
C VAL A 200 -1.72 10.09 0.61
N TYR A 201 -1.25 9.01 1.22
CA TYR A 201 0.14 8.90 1.65
C TYR A 201 0.78 7.63 1.09
N LEU A 202 2.10 7.63 0.98
CA LEU A 202 2.82 6.47 0.46
C LEU A 202 3.48 5.70 1.60
N VAL A 203 3.04 4.46 1.80
CA VAL A 203 3.59 3.62 2.85
C VAL A 203 4.33 2.42 2.27
N ASP A 204 5.44 2.06 2.90
CA ASP A 204 6.25 0.92 2.43
C ASP A 204 6.65 1.12 0.98
N TYR A 205 7.75 1.85 0.77
CA TYR A 205 8.25 2.10 -0.58
C TYR A 205 8.57 0.80 -1.30
N GLY A 206 8.78 -0.27 -0.53
CA GLY A 206 9.09 -1.55 -1.12
C GLY A 206 10.48 -1.61 -1.72
N LEU A 207 11.28 -0.57 -1.47
CA LEU A 207 12.64 -0.51 -1.99
C LEU A 207 13.52 0.36 -1.09
N ALA A 208 13.13 1.62 -0.93
CA ALA A 208 13.89 2.56 -0.09
C ALA A 208 15.39 2.45 -0.35
N TYR A 209 15.84 3.01 -1.47
CA TYR A 209 17.25 2.97 -1.82
C TYR A 209 17.84 4.37 -1.87
N ARG A 210 19.13 4.47 -1.55
CA ARG A 210 19.82 5.75 -1.55
C ARG A 210 20.70 5.88 -2.79
N TYR A 211 20.05 6.01 -3.95
CA TYR A 211 20.78 6.14 -5.23
C TYR A 211 21.86 7.23 -5.14
N CYS A 212 21.51 8.35 -4.53
CA CYS A 212 22.45 9.46 -4.38
C CYS A 212 22.89 9.98 -5.75
N PRO A 213 22.34 11.13 -6.19
CA PRO A 213 22.70 11.72 -7.49
C PRO A 213 24.21 11.85 -7.67
N GLU A 214 24.91 12.13 -6.58
CA GLU A 214 26.36 12.28 -6.62
C GLU A 214 27.03 11.38 -5.58
N GLY A 215 26.45 10.21 -5.36
CA GLY A 215 27.00 9.27 -4.40
C GLY A 215 27.88 8.22 -5.05
N VAL A 216 27.27 7.11 -5.44
CA VAL A 216 28.01 6.02 -6.07
C VAL A 216 28.54 6.45 -7.44
N HIS A 217 27.83 7.37 -8.09
CA HIS A 217 28.24 7.87 -9.40
C HIS A 217 28.22 6.75 -10.43
N LYS A 218 27.26 5.83 -10.29
CA LYS A 218 27.13 4.71 -11.21
C LYS A 218 26.48 5.16 -12.52
N GLU A 219 26.56 4.31 -13.54
CA GLU A 219 25.98 4.61 -14.84
C GLU A 219 25.06 3.49 -15.30
N TYR A 220 25.64 2.33 -15.56
CA TYR A 220 24.87 1.16 -16.02
C TYR A 220 25.42 -0.12 -15.43
N LYS A 221 24.53 -1.06 -15.13
CA LYS A 221 24.94 -2.35 -14.56
C LYS A 221 24.62 -3.48 -15.51
N GLU A 222 23.33 -3.67 -15.80
CA GLU A 222 22.90 -4.73 -16.71
C GLU A 222 23.32 -6.10 -16.17
N ASP A 223 22.39 -6.77 -15.48
CA ASP A 223 22.67 -8.09 -14.93
C ASP A 223 21.37 -8.80 -14.55
N PRO A 224 20.60 -9.26 -15.55
CA PRO A 224 19.34 -9.96 -15.31
C PRO A 224 19.55 -11.35 -14.71
N LYS A 225 19.35 -11.46 -13.41
CA LYS A 225 19.52 -12.73 -12.72
C LYS A 225 18.56 -12.83 -11.53
N ARG A 226 18.84 -12.05 -10.48
CA ARG A 226 18.02 -12.06 -9.28
C ARG A 226 16.62 -11.50 -9.59
N CYS A 227 16.57 -10.28 -10.11
CA CYS A 227 15.30 -9.64 -10.43
C CYS A 227 14.44 -9.48 -9.19
N HIS A 228 14.51 -8.31 -8.56
CA HIS A 228 13.74 -8.03 -7.36
C HIS A 228 13.44 -6.55 -7.22
N ASP A 229 13.02 -5.93 -8.33
CA ASP A 229 12.71 -4.51 -8.34
C ASP A 229 11.26 -4.27 -8.75
N GLY A 230 10.37 -4.20 -7.76
CA GLY A 230 8.96 -3.99 -8.04
C GLY A 230 8.20 -5.29 -8.20
N THR A 231 7.38 -5.36 -9.24
CA THR A 231 6.58 -6.56 -9.50
C THR A 231 7.21 -7.39 -10.62
N ILE A 232 7.19 -6.84 -11.82
CA ILE A 232 7.76 -7.53 -12.98
C ILE A 232 8.08 -6.54 -14.09
N GLU A 233 7.15 -5.64 -14.37
CA GLU A 233 7.33 -4.63 -15.41
C GLU A 233 6.40 -3.44 -15.20
N PHE A 234 6.01 -3.22 -13.96
CA PHE A 234 5.12 -2.11 -13.61
C PHE A 234 5.92 -0.89 -13.17
N THR A 235 7.17 -0.82 -13.61
CA THR A 235 8.06 0.29 -13.25
C THR A 235 8.95 0.68 -14.42
N SER A 236 9.99 -0.11 -14.67
CA SER A 236 10.92 0.16 -15.76
C SER A 236 11.66 -1.11 -16.18
N ILE A 237 12.26 -1.07 -17.36
CA ILE A 237 13.01 -2.20 -17.88
C ILE A 237 14.38 -2.32 -17.21
N ASP A 238 14.93 -1.18 -16.82
CA ASP A 238 16.24 -1.15 -16.17
C ASP A 238 16.19 -1.87 -14.83
N ALA A 239 15.10 -1.68 -14.10
CA ALA A 239 14.93 -2.31 -12.79
C ALA A 239 14.78 -3.82 -12.92
N HIS A 240 14.24 -4.26 -14.05
CA HIS A 240 14.05 -5.69 -14.30
C HIS A 240 15.38 -6.38 -14.58
N ASN A 241 16.35 -5.61 -15.08
CA ASN A 241 17.66 -6.15 -15.39
C ASN A 241 18.60 -6.09 -14.19
N GLY A 242 18.04 -5.83 -13.02
CA GLY A 242 18.85 -5.75 -11.81
C GLY A 242 19.75 -4.53 -11.78
N VAL A 243 19.32 -3.47 -12.46
CA VAL A 243 20.10 -2.24 -12.52
C VAL A 243 19.75 -1.32 -11.34
N ALA A 244 20.78 -0.85 -10.65
CA ALA A 244 20.57 0.04 -9.51
C ALA A 244 20.25 1.46 -9.96
N PRO A 245 21.11 2.05 -10.80
CA PRO A 245 20.91 3.40 -11.32
C PRO A 245 19.54 3.58 -11.97
N SER A 246 18.55 3.93 -11.17
CA SER A 246 17.19 4.12 -11.67
C SER A 246 16.48 5.24 -10.92
N ARG A 247 16.77 6.48 -11.31
CA ARG A 247 16.16 7.65 -10.67
C ARG A 247 15.03 8.21 -11.54
N ARG A 248 15.11 7.96 -12.83
CA ARG A 248 14.10 8.43 -13.77
C ARG A 248 12.89 7.50 -13.82
N GLY A 249 13.08 6.27 -13.34
CA GLY A 249 11.99 5.31 -13.32
C GLY A 249 10.81 5.76 -12.49
N ASP A 250 11.10 6.55 -11.45
CA ASP A 250 10.06 7.06 -10.55
C ASP A 250 8.96 7.76 -11.35
N LEU A 251 9.36 8.45 -12.40
CA LEU A 251 8.41 9.17 -13.25
C LEU A 251 7.74 8.22 -14.24
N GLU A 252 8.50 7.23 -14.71
CA GLU A 252 7.99 6.26 -15.67
C GLU A 252 6.76 5.55 -15.11
N ILE A 253 6.83 5.16 -13.85
CA ILE A 253 5.72 4.47 -13.20
C ILE A 253 4.46 5.33 -13.20
N LEU A 254 4.63 6.61 -12.92
CA LEU A 254 3.50 7.54 -12.89
C LEU A 254 2.83 7.61 -14.26
N GLY A 255 3.61 7.41 -15.32
CA GLY A 255 3.07 7.45 -16.65
C GLY A 255 2.20 6.25 -16.96
N TYR A 256 2.60 5.10 -16.45
CA TYR A 256 1.85 3.86 -16.68
C TYR A 256 0.62 3.78 -15.76
N CYS A 257 0.70 4.46 -14.62
CA CYS A 257 -0.39 4.46 -13.66
C CYS A 257 -1.68 5.01 -14.28
N MET A 258 -1.55 6.11 -15.02
CA MET A 258 -2.69 6.74 -15.66
C MET A 258 -3.31 5.81 -16.71
N ILE A 259 -2.49 5.30 -17.60
CA ILE A 259 -2.95 4.41 -18.67
C ILE A 259 -3.52 3.12 -18.08
N GLN A 260 -2.95 2.66 -16.97
CA GLN A 260 -3.41 1.43 -16.33
C GLN A 260 -4.66 1.68 -15.50
N TRP A 261 -4.73 2.88 -14.90
CA TRP A 261 -5.88 3.24 -14.07
C TRP A 261 -7.06 3.72 -14.92
N LEU A 262 -6.78 4.63 -15.84
CA LEU A 262 -7.82 5.17 -16.70
C LEU A 262 -8.32 4.16 -17.72
N THR A 263 -7.40 3.33 -18.22
CA THR A 263 -7.76 2.31 -19.21
C THR A 263 -8.00 0.95 -18.55
N GLY A 264 -7.88 0.89 -17.23
CA GLY A 264 -8.10 -0.36 -16.53
C GLY A 264 -7.19 -1.48 -17.02
N HIS A 265 -6.06 -1.65 -16.35
CA HIS A 265 -5.10 -2.68 -16.71
C HIS A 265 -4.52 -2.41 -18.09
N LEU A 266 -3.33 -2.96 -18.35
CA LEU A 266 -2.67 -2.78 -19.64
C LEU A 266 -2.15 -4.11 -20.17
N PRO A 267 -1.74 -4.15 -21.46
CA PRO A 267 -1.22 -5.37 -22.08
C PRO A 267 0.17 -5.75 -21.56
N TRP A 268 0.27 -5.98 -20.25
CA TRP A 268 1.52 -6.36 -19.62
C TRP A 268 1.34 -6.50 -18.11
N GLU A 269 0.54 -5.59 -17.54
CA GLU A 269 0.25 -5.62 -16.12
C GLU A 269 -1.18 -6.07 -15.87
N ASP A 270 -1.76 -6.74 -16.87
CA ASP A 270 -3.12 -7.24 -16.77
C ASP A 270 -3.27 -8.20 -15.60
N ASN A 271 -2.56 -9.32 -15.67
CA ASN A 271 -2.61 -10.32 -14.61
C ASN A 271 -1.22 -10.70 -14.13
N LEU A 272 -0.22 -10.54 -15.00
CA LEU A 272 1.16 -10.88 -14.66
C LEU A 272 1.33 -12.39 -14.68
N LYS A 273 0.30 -13.09 -15.19
CA LYS A 273 0.33 -14.53 -15.29
C LYS A 273 1.13 -14.97 -16.51
N ASP A 274 1.35 -14.04 -17.43
CA ASP A 274 2.10 -14.34 -18.65
C ASP A 274 3.10 -13.24 -18.97
N PRO A 275 4.28 -13.25 -18.30
CA PRO A 275 5.32 -12.25 -18.52
C PRO A 275 5.82 -12.21 -19.96
N LYS A 276 5.48 -13.24 -20.73
CA LYS A 276 5.90 -13.33 -22.13
C LYS A 276 5.58 -12.03 -22.88
N TYR A 277 4.33 -11.58 -22.76
CA TYR A 277 3.91 -10.35 -23.42
C TYR A 277 4.28 -9.13 -22.59
N VAL A 278 4.37 -9.32 -21.28
CA VAL A 278 4.72 -8.23 -20.38
C VAL A 278 6.09 -7.66 -20.70
N ARG A 279 7.03 -8.53 -21.06
CA ARG A 279 8.39 -8.11 -21.39
C ARG A 279 8.43 -7.42 -22.75
N ASP A 280 7.76 -8.02 -23.73
CA ASP A 280 7.74 -7.45 -25.08
C ASP A 280 6.92 -6.17 -25.13
N SER A 281 5.78 -6.18 -24.46
CA SER A 281 4.90 -5.01 -24.42
C SER A 281 5.61 -3.81 -23.81
N LYS A 282 6.27 -4.04 -22.69
CA LYS A 282 6.98 -2.96 -22.00
C LYS A 282 8.05 -2.33 -22.90
N ILE A 283 8.89 -3.17 -23.49
CA ILE A 283 9.95 -2.69 -24.37
C ILE A 283 9.40 -1.80 -25.48
N ARG A 284 8.22 -2.13 -25.99
CA ARG A 284 7.59 -1.36 -27.05
C ARG A 284 6.87 -0.14 -26.49
N TYR A 285 6.02 -0.36 -25.50
CA TYR A 285 5.25 0.73 -24.88
C TYR A 285 6.18 1.80 -24.31
N ARG A 286 7.31 1.37 -23.76
CA ARG A 286 8.28 2.30 -23.18
C ARG A 286 8.70 3.35 -24.21
N GLU A 287 8.70 2.95 -25.48
CA GLU A 287 9.08 3.85 -26.56
C GLU A 287 7.95 3.97 -27.59
N ASN A 288 6.72 3.79 -27.13
CA ASN A 288 5.56 3.87 -28.00
C ASN A 288 4.44 4.68 -27.35
N ILE A 289 4.80 5.81 -26.74
CA ILE A 289 3.83 6.67 -26.08
C ILE A 289 2.64 6.97 -26.98
N ALA A 290 2.91 7.11 -28.27
CA ALA A 290 1.86 7.41 -29.24
C ALA A 290 1.01 6.17 -29.52
N SER A 291 1.62 5.00 -29.40
CA SER A 291 0.91 3.74 -29.64
C SER A 291 0.06 3.36 -28.44
N LEU A 292 0.60 3.54 -27.24
CA LEU A 292 -0.13 3.21 -26.01
C LEU A 292 -1.28 4.18 -25.80
N MET A 293 -1.13 5.40 -26.31
CA MET A 293 -2.17 6.41 -26.18
C MET A 293 -3.35 6.09 -27.09
N ASP A 294 -3.06 5.86 -28.36
CA ASP A 294 -4.08 5.54 -29.34
C ASP A 294 -4.68 4.16 -29.10
N LYS A 295 -3.92 3.29 -28.45
CA LYS A 295 -4.38 1.93 -28.17
C LYS A 295 -5.24 1.90 -26.91
N CYS A 296 -4.75 2.53 -25.84
CA CYS A 296 -5.48 2.56 -24.57
C CYS A 296 -6.53 3.68 -24.58
N PHE A 297 -6.15 4.83 -25.12
CA PHE A 297 -7.06 5.97 -25.17
C PHE A 297 -7.60 6.16 -26.60
N PRO A 298 -8.79 6.76 -26.72
CA PRO A 298 -9.43 7.01 -28.01
C PRO A 298 -8.67 8.04 -28.85
N GLU A 299 -9.29 8.47 -29.94
CA GLU A 299 -8.67 9.45 -30.83
C GLU A 299 -9.50 10.73 -30.88
N LYS A 300 -10.81 10.57 -30.98
CA LYS A 300 -11.73 11.71 -31.04
C LYS A 300 -11.61 12.57 -29.79
N ASN A 301 -11.53 11.90 -28.64
CA ASN A 301 -11.41 12.61 -27.36
C ASN A 301 -9.99 12.51 -26.82
N LYS A 302 -9.06 13.18 -27.49
CA LYS A 302 -7.66 13.17 -27.07
C LYS A 302 -7.30 14.44 -26.31
N PRO A 303 -7.34 14.39 -24.96
CA PRO A 303 -7.01 15.55 -24.12
C PRO A 303 -5.54 15.93 -24.22
N GLY A 304 -4.67 14.93 -24.36
CA GLY A 304 -3.25 15.19 -24.46
C GLY A 304 -2.62 15.53 -23.12
N GLU A 305 -3.40 15.43 -22.05
CA GLU A 305 -2.90 15.75 -20.71
C GLU A 305 -1.75 14.81 -20.34
N ILE A 306 -2.01 13.51 -20.37
CA ILE A 306 -1.00 12.52 -20.03
C ILE A 306 0.10 12.48 -21.10
N ALA A 307 -0.29 12.69 -22.35
CA ALA A 307 0.65 12.68 -23.46
C ALA A 307 1.82 13.61 -23.20
N LYS A 308 1.52 14.82 -22.73
CA LYS A 308 2.55 15.81 -22.43
C LYS A 308 3.48 15.29 -21.34
N TYR A 309 2.92 14.58 -20.37
CA TYR A 309 3.71 14.04 -19.27
C TYR A 309 4.58 12.88 -19.74
N MET A 310 4.06 12.09 -20.67
CA MET A 310 4.81 10.96 -21.20
C MET A 310 5.97 11.43 -22.06
N GLU A 311 5.74 12.50 -22.81
CA GLU A 311 6.79 13.06 -23.68
C GLU A 311 7.97 13.53 -22.84
N THR A 312 7.69 14.30 -21.80
CA THR A 312 8.74 14.80 -20.93
C THR A 312 9.53 13.65 -20.30
N VAL A 313 8.81 12.60 -19.92
CA VAL A 313 9.42 11.43 -19.30
C VAL A 313 10.19 10.60 -20.34
N LYS A 314 9.78 10.73 -21.59
CA LYS A 314 10.43 9.99 -22.67
C LYS A 314 11.73 10.68 -23.08
N LEU A 315 11.67 12.00 -23.18
CA LEU A 315 12.84 12.79 -23.54
C LEU A 315 13.83 12.83 -22.38
N LEU A 316 13.37 12.43 -21.19
CA LEU A 316 14.23 12.41 -20.01
C LEU A 316 15.52 11.64 -20.27
N ASP A 317 16.57 12.36 -20.66
CA ASP A 317 17.85 11.75 -20.96
C ASP A 317 19.00 12.70 -20.64
N TYR A 318 20.21 12.32 -21.04
CA TYR A 318 21.39 13.14 -20.79
C TYR A 318 21.62 13.33 -19.29
N THR A 319 22.21 12.32 -18.66
CA THR A 319 22.48 12.37 -17.23
C THR A 319 21.20 12.60 -16.43
N GLU A 320 20.06 12.27 -17.02
CA GLU A 320 18.77 12.44 -16.37
C GLU A 320 18.60 13.86 -15.86
N LYS A 321 17.91 14.69 -16.64
CA LYS A 321 17.67 16.08 -16.27
C LYS A 321 16.43 16.20 -15.38
N PRO A 322 16.56 16.85 -14.21
CA PRO A 322 15.44 17.02 -13.28
C PRO A 322 14.40 18.02 -13.80
N LEU A 323 13.37 17.49 -14.45
CA LEU A 323 12.31 18.33 -15.00
C LEU A 323 11.02 18.17 -14.20
N TYR A 324 11.16 17.91 -12.91
CA TYR A 324 10.01 17.72 -12.03
C TYR A 324 9.17 19.00 -11.98
N GLU A 325 9.83 20.14 -12.11
CA GLU A 325 9.14 21.43 -12.08
C GLU A 325 8.19 21.57 -13.25
N ASN A 326 8.59 21.07 -14.42
CA ASN A 326 7.77 21.14 -15.61
C ASN A 326 6.67 20.09 -15.57
N LEU A 327 7.02 18.87 -15.18
CA LEU A 327 6.06 17.78 -15.09
C LEU A 327 4.87 18.17 -14.22
N ARG A 328 5.15 18.82 -13.10
CA ARG A 328 4.10 19.25 -12.18
C ARG A 328 3.10 20.16 -12.88
N ASP A 329 3.59 20.95 -13.83
CA ASP A 329 2.73 21.87 -14.57
C ASP A 329 1.90 21.13 -15.62
N ILE A 330 2.48 20.07 -16.18
CA ILE A 330 1.79 19.28 -17.19
C ILE A 330 0.50 18.67 -16.64
N LEU A 331 0.60 18.07 -15.46
CA LEU A 331 -0.56 17.45 -14.83
C LEU A 331 -1.44 18.48 -14.12
N LEU A 332 -0.85 19.62 -13.75
CA LEU A 332 -1.58 20.67 -13.07
C LEU A 332 -2.34 21.55 -14.07
N GLN A 333 -1.68 21.91 -15.15
CA GLN A 333 -2.29 22.75 -16.17
C GLN A 333 -3.51 22.08 -16.79
N GLY A 334 -3.50 20.75 -16.81
CA GLY A 334 -4.63 20.01 -17.37
C GLY A 334 -5.84 20.00 -16.47
N LEU A 335 -5.61 20.14 -15.17
CA LEU A 335 -6.70 20.14 -14.19
C LEU A 335 -7.79 21.14 -14.57
N LYS A 336 -7.38 22.27 -15.15
CA LYS A 336 -8.32 23.30 -15.56
C LYS A 336 -8.98 22.95 -16.88
N ALA A 337 -8.24 22.23 -17.73
CA ALA A 337 -8.75 21.83 -19.03
C ALA A 337 -9.95 20.89 -18.90
N ILE A 338 -9.96 20.11 -17.82
CA ILE A 338 -11.05 19.17 -17.57
C ILE A 338 -12.07 19.75 -16.60
N GLY A 339 -12.19 21.08 -16.59
CA GLY A 339 -13.14 21.73 -15.70
C GLY A 339 -12.90 21.37 -14.25
N SER A 340 -11.65 21.37 -13.83
CA SER A 340 -11.30 21.04 -12.45
C SER A 340 -10.22 21.98 -11.93
N LYS A 341 -10.04 21.99 -10.61
CA LYS A 341 -9.04 22.85 -9.98
C LYS A 341 -8.60 22.28 -8.64
N ASP A 342 -7.37 22.61 -8.23
CA ASP A 342 -6.83 22.13 -6.97
C ASP A 342 -7.46 22.87 -5.79
N ASP A 343 -8.55 22.31 -5.27
CA ASP A 343 -9.24 22.93 -4.13
C ASP A 343 -9.25 21.99 -2.93
N GLY A 344 -8.17 21.25 -2.76
CA GLY A 344 -8.06 20.31 -1.65
C GLY A 344 -8.92 19.09 -1.84
N LYS A 345 -8.84 18.49 -3.03
CA LYS A 345 -9.62 17.29 -3.34
C LYS A 345 -8.93 16.48 -4.44
N LEU A 346 -8.70 15.21 -4.16
CA LEU A 346 -8.06 14.32 -5.13
C LEU A 346 -9.09 13.50 -5.90
N ASP A 347 -10.35 13.92 -5.84
CA ASP A 347 -11.43 13.20 -6.53
C ASP A 347 -11.49 11.75 -6.10
N LEU A 348 -11.16 11.50 -4.84
CA LEU A 348 -11.18 10.14 -4.31
C LEU A 348 -12.50 9.86 -3.58
N SER A 349 -13.61 9.92 -4.33
CA SER A 349 -14.93 9.69 -3.76
C SER A 349 -15.01 8.30 -3.14
N VAL A 350 -14.64 7.28 -3.91
CA VAL A 350 -14.67 5.89 -3.45
C VAL A 350 -15.96 5.59 -2.66
N VAL A 351 -17.08 5.59 -3.38
CA VAL A 351 -18.38 5.32 -2.77
C VAL A 351 -18.56 6.05 -1.44
N GLU A 352 -18.11 7.31 -1.41
CA GLU A 352 -18.22 8.12 -0.20
C GLU A 352 -17.45 7.47 0.96
N ASN A 353 -17.53 8.09 2.13
CA ASN A 353 -16.85 7.57 3.32
C ASN A 353 -17.80 6.76 4.19
N GLY A 354 -18.83 7.42 4.70
CA GLY A 354 -19.80 6.74 5.54
C GLY A 354 -20.73 7.72 6.26
N GLY A 355 -21.85 8.05 5.62
CA GLY A 355 -22.80 8.97 6.21
C GLY A 355 -24.18 8.37 6.34
N LEU A 356 -24.60 7.64 5.31
CA LEU A 356 -25.91 7.01 5.31
C LEU A 356 -25.79 5.49 5.48
N LYS A 357 -24.82 4.90 4.81
CA LYS A 357 -24.59 3.46 4.88
C LYS A 357 -23.11 3.14 4.84
N ALA A 358 -22.78 1.87 5.05
CA ALA A 358 -21.39 1.43 5.03
C ALA A 358 -21.29 -0.09 5.07
N LYS A 359 -20.95 -0.69 3.93
CA LYS A 359 -20.82 -2.14 3.84
C LYS A 359 -19.37 -2.57 3.99
N THR A 360 -19.16 -3.87 4.20
CA THR A 360 -17.81 -4.41 4.35
C THR A 360 -17.61 -5.63 3.46
N ILE A 361 -16.37 -5.86 3.05
CA ILE A 361 -16.04 -6.99 2.19
C ILE A 361 -15.99 -8.28 2.99
N THR A 362 -16.07 -9.41 2.29
CA THR A 362 -16.02 -10.72 2.94
C THR A 362 -15.76 -11.82 1.92
N LYS A 363 -14.53 -11.89 1.44
CA LYS A 363 -14.14 -12.90 0.46
C LYS A 363 -13.10 -13.86 1.04
N LYS A 364 -12.18 -13.31 1.82
CA LYS A 364 -11.13 -14.12 2.43
C LYS A 364 -11.55 -14.58 3.82
N ARG A 365 -12.17 -15.76 3.88
CA ARG A 365 -12.62 -16.34 5.15
C ARG A 365 -11.56 -17.26 5.73
N LYS A 366 -11.31 -17.11 7.03
CA LYS A 366 -10.32 -17.94 7.72
C LYS A 366 -10.99 -18.84 8.75
N LYS A 367 -10.62 -20.13 8.72
CA LYS A 367 -11.19 -21.10 9.64
C LYS A 367 -10.12 -21.70 10.53
N GLU A 368 -10.15 -21.35 11.81
CA GLU A 368 -9.17 -21.84 12.77
C GLU A 368 -9.79 -22.89 13.69
N ILE A 369 -8.95 -23.65 14.38
CA ILE A 369 -9.41 -24.69 15.29
C ILE A 369 -10.30 -24.10 16.38
N GLU A 370 -11.61 -24.15 16.16
CA GLU A 370 -12.56 -23.62 17.12
C GLU A 370 -13.32 -24.74 17.82
N GLU A 371 -13.60 -25.81 17.07
CA GLU A 371 -14.31 -26.96 17.61
C GLU A 371 -13.56 -28.25 17.33
N SER A 372 -12.89 -28.78 18.36
CA SER A 372 -12.13 -30.02 18.22
C SER A 372 -12.68 -31.10 19.14
N LYS A 373 -12.71 -30.80 20.44
CA LYS A 373 -13.21 -31.75 21.42
C LYS A 373 -13.71 -31.02 22.66
N GLU A 374 -12.86 -30.18 23.24
CA GLU A 374 -13.22 -29.43 24.43
C GLU A 374 -13.58 -30.36 25.59
N PRO A 375 -12.64 -30.56 26.54
CA PRO A 375 -12.86 -31.43 27.69
C PRO A 375 -13.91 -30.87 28.65
N GLY A 376 -14.05 -29.56 28.66
CA GLY A 376 -15.01 -28.91 29.53
C GLY A 376 -16.27 -28.48 28.79
N VAL A 377 -17.12 -29.45 28.47
CA VAL A 377 -18.36 -29.17 27.76
C VAL A 377 -19.48 -28.80 28.73
N GLU A 378 -20.35 -27.90 28.30
CA GLU A 378 -21.47 -27.45 29.13
C GLU A 378 -22.36 -26.47 28.36
N ASP A 379 -21.73 -25.59 27.60
CA ASP A 379 -22.47 -24.59 26.82
C ASP A 379 -22.58 -25.03 25.36
N THR A 380 -22.70 -26.33 25.14
CA THR A 380 -22.81 -26.88 23.80
C THR A 380 -23.90 -27.95 23.74
N GLU A 381 -24.93 -27.79 24.56
CA GLU A 381 -26.03 -28.75 24.60
C GLU A 381 -27.35 -28.05 24.30
N TRP A 382 -28.41 -28.85 24.19
CA TRP A 382 -29.74 -28.31 23.90
C TRP A 382 -30.52 -28.07 25.18
N SER A 383 -30.87 -29.16 25.87
CA SER A 383 -31.62 -29.07 27.12
C SER A 383 -32.97 -28.40 26.89
N ASN A 384 -33.95 -29.19 26.47
CA ASN A 384 -35.30 -28.67 26.21
C ASN A 384 -36.35 -29.68 26.65
N THR A 385 -37.57 -29.18 26.89
CA THR A 385 -38.66 -30.04 27.31
C THR A 385 -39.63 -30.30 26.16
N GLN A 386 -39.56 -31.50 25.60
CA GLN A 386 -40.43 -31.88 24.49
C GLN A 386 -41.83 -32.23 25.00
N THR A 387 -41.92 -33.17 25.92
CA THR A 387 -43.19 -33.60 26.47
C THR A 387 -43.62 -32.67 27.62
N GLU A 388 -44.92 -32.63 27.87
CA GLU A 388 -45.47 -31.78 28.93
C GLU A 388 -44.99 -32.25 30.30
N GLU A 389 -44.51 -31.30 31.10
CA GLU A 389 -44.01 -31.63 32.44
C GLU A 389 -44.41 -30.54 33.44
N ALA A 390 -44.81 -30.97 34.63
CA ALA A 390 -45.22 -30.03 35.68
C ALA A 390 -46.40 -29.18 35.22
N ILE A 391 -47.61 -29.70 35.44
CA ILE A 391 -48.82 -28.99 35.06
C ILE A 391 -49.61 -28.54 36.28
N GLN A 392 -49.58 -29.37 37.33
CA GLN A 392 -50.30 -29.05 38.56
C GLN A 392 -49.43 -28.19 39.49
N THR A 393 -49.91 -26.98 39.78
CA THR A 393 -49.19 -26.06 40.65
C THR A 393 -50.06 -25.63 41.83
N ARG A 394 -49.58 -25.90 43.04
CA ARG A 394 -50.31 -25.53 44.24
C ARG A 394 -49.51 -24.54 45.09
N SER A 395 -49.92 -23.28 45.06
CA SER A 395 -49.24 -22.23 45.81
C SER A 395 -50.21 -21.11 46.17
N ARG A 396 -50.97 -20.66 45.18
CA ARG A 396 -51.94 -19.59 45.39
C ARG A 396 -53.34 -20.01 44.94
N THR A 397 -54.32 -19.14 45.17
CA THR A 397 -55.69 -19.43 44.79
C THR A 397 -56.19 -18.43 43.75
N ARG A 398 -57.23 -18.81 43.02
CA ARG A 398 -57.79 -17.95 41.99
C ARG A 398 -59.32 -17.85 42.13
N LYS A 399 -59.87 -16.69 41.78
CA LYS A 399 -61.30 -16.48 41.87
C LYS A 399 -62.00 -16.96 40.60
N ARG A 400 -63.33 -16.83 40.59
CA ARG A 400 -64.12 -17.25 39.43
C ARG A 400 -65.21 -16.22 39.11
N VAL A 401 -65.57 -16.13 37.83
CA VAL A 401 -66.60 -15.19 37.40
C VAL A 401 -67.95 -15.53 38.00
N GLN A 402 -68.51 -14.59 38.76
CA GLN A 402 -69.81 -14.79 39.39
C GLN A 402 -69.73 -15.91 40.43
N LYS A 403 -69.73 -17.15 39.97
CA LYS A 403 -69.67 -18.31 40.85
C LYS A 403 -68.38 -19.09 40.63
N GLY A 1 -39.62 -36.94 6.87
CA GLY A 1 -39.61 -36.36 8.25
C GLY A 1 -40.79 -36.81 9.07
N SER A 2 -40.60 -37.90 9.83
CA SER A 2 -41.66 -38.44 10.68
C SER A 2 -41.07 -39.07 11.94
N SER A 3 -41.95 -39.40 12.88
CA SER A 3 -41.52 -40.01 14.13
C SER A 3 -42.62 -40.90 14.70
N GLY A 4 -42.22 -42.03 15.28
CA GLY A 4 -43.19 -42.95 15.85
C GLY A 4 -42.53 -44.05 16.66
N SER A 5 -43.23 -44.55 17.67
CA SER A 5 -42.71 -45.61 18.53
C SER A 5 -42.78 -46.96 17.82
N SER A 6 -41.66 -47.69 17.84
CA SER A 6 -41.60 -49.00 17.21
C SER A 6 -40.50 -49.85 17.83
N GLY A 7 -40.47 -51.13 17.49
CA GLY A 7 -39.47 -52.03 18.02
C GLY A 7 -38.18 -52.00 17.22
N MET A 8 -37.16 -52.70 17.71
CA MET A 8 -35.87 -52.75 17.03
C MET A 8 -35.23 -51.36 16.98
N PRO A 9 -33.89 -51.29 17.00
CA PRO A 9 -33.17 -50.02 16.95
C PRO A 9 -33.59 -49.15 15.76
N ARG A 10 -33.48 -47.84 15.93
CA ARG A 10 -33.86 -46.91 14.87
C ARG A 10 -32.62 -46.34 14.18
N VAL A 11 -32.62 -46.38 12.85
CA VAL A 11 -31.51 -45.86 12.07
C VAL A 11 -31.92 -44.65 11.24
N LYS A 12 -31.06 -43.64 11.21
CA LYS A 12 -31.34 -42.43 10.45
C LYS A 12 -30.34 -42.26 9.30
N ALA A 13 -29.10 -42.68 9.52
CA ALA A 13 -28.06 -42.58 8.51
C ALA A 13 -26.75 -43.17 9.01
N ALA A 14 -26.05 -43.88 8.14
CA ALA A 14 -24.78 -44.49 8.50
C ALA A 14 -23.61 -43.60 8.08
N GLN A 15 -23.37 -43.52 6.78
CA GLN A 15 -22.29 -42.70 6.25
C GLN A 15 -22.67 -41.23 6.26
N ALA A 16 -22.27 -40.52 7.31
CA ALA A 16 -22.57 -39.10 7.45
C ALA A 16 -21.75 -38.48 8.57
N GLY A 17 -21.70 -39.16 9.71
CA GLY A 17 -20.95 -38.67 10.84
C GLY A 17 -19.56 -39.24 10.92
N ARG A 18 -18.71 -38.88 9.96
CA ARG A 18 -17.33 -39.37 9.92
C ARG A 18 -16.46 -38.62 10.92
N GLN A 19 -16.66 -37.30 11.00
CA GLN A 19 -15.90 -36.47 11.91
C GLN A 19 -14.41 -36.51 11.57
N SER A 20 -13.69 -35.45 11.92
CA SER A 20 -12.26 -35.37 11.65
C SER A 20 -11.60 -34.31 12.55
N SER A 21 -10.31 -34.51 12.82
CA SER A 21 -9.57 -33.58 13.66
C SER A 21 -8.99 -32.44 12.82
N ALA A 22 -9.56 -31.25 12.97
CA ALA A 22 -9.11 -30.09 12.23
C ALA A 22 -9.46 -28.79 12.96
N LYS A 23 -8.48 -27.89 13.07
CA LYS A 23 -8.68 -26.62 13.75
C LYS A 23 -8.04 -25.48 12.97
N ARG A 24 -8.86 -24.53 12.52
CA ARG A 24 -8.37 -23.39 11.76
C ARG A 24 -9.32 -22.21 11.87
N HIS A 25 -8.75 -21.01 12.02
CA HIS A 25 -9.55 -19.80 12.14
C HIS A 25 -8.69 -18.56 11.93
N LEU A 26 -7.77 -18.32 12.84
CA LEU A 26 -6.87 -17.16 12.75
C LEU A 26 -5.57 -17.43 13.50
N ALA A 27 -4.59 -16.56 13.28
CA ALA A 27 -3.30 -16.69 13.94
C ALA A 27 -2.68 -15.31 14.22
N GLU A 28 -3.04 -14.74 15.35
CA GLU A 28 -2.52 -13.43 15.74
C GLU A 28 -1.79 -13.50 17.08
N GLN A 29 -0.55 -13.00 17.10
CA GLN A 29 0.25 -13.02 18.32
C GLN A 29 -0.39 -12.16 19.40
N PHE A 30 -0.44 -10.86 19.18
CA PHE A 30 -1.03 -9.93 20.14
C PHE A 30 -2.02 -8.99 19.44
N ALA A 31 -3.27 -9.05 19.89
CA ALA A 31 -4.31 -8.20 19.31
C ALA A 31 -5.47 -8.00 20.29
N VAL A 32 -5.72 -6.75 20.66
CA VAL A 32 -6.80 -6.43 21.58
C VAL A 32 -6.56 -7.03 22.96
N GLY A 33 -6.28 -6.17 23.93
CA GLY A 33 -6.04 -6.64 25.28
C GLY A 33 -4.57 -6.82 25.59
N GLU A 34 -3.75 -6.97 24.54
CA GLU A 34 -2.32 -7.15 24.72
C GLU A 34 -1.58 -5.83 24.59
N ILE A 35 -0.48 -5.70 25.33
CA ILE A 35 0.33 -4.49 25.31
C ILE A 35 1.70 -4.75 24.72
N ILE A 36 2.21 -3.80 23.95
CA ILE A 36 3.52 -3.95 23.33
C ILE A 36 4.50 -2.88 23.81
N THR A 37 5.79 -3.20 23.74
CA THR A 37 6.83 -2.27 24.17
C THR A 37 7.40 -1.50 22.99
N ASP A 38 7.68 -0.22 23.20
CA ASP A 38 8.23 0.63 22.16
C ASP A 38 9.75 0.72 22.25
N MET A 39 10.33 1.73 21.60
CA MET A 39 11.77 1.93 21.62
C MET A 39 12.17 2.63 22.91
N ALA A 40 11.36 3.59 23.33
CA ALA A 40 11.61 4.33 24.56
C ALA A 40 11.18 3.50 25.77
N LYS A 41 10.62 2.32 25.52
CA LYS A 41 10.15 1.43 26.58
C LYS A 41 8.72 1.74 26.96
N LYS A 42 7.95 2.24 26.00
CA LYS A 42 6.55 2.56 26.23
C LYS A 42 5.70 1.30 26.26
N GLU A 43 4.41 1.45 26.54
CA GLU A 43 3.50 0.33 26.58
C GLU A 43 2.28 0.60 25.69
N TRP A 44 2.46 0.40 24.40
CA TRP A 44 1.38 0.64 23.44
C TRP A 44 0.35 -0.49 23.50
N LYS A 45 -0.93 -0.11 23.51
CA LYS A 45 -2.01 -1.08 23.57
C LYS A 45 -2.65 -1.26 22.19
N VAL A 46 -2.74 -2.50 21.74
CA VAL A 46 -3.32 -2.82 20.45
C VAL A 46 -4.84 -2.76 20.51
N GLY A 47 -5.43 -1.84 19.74
CA GLY A 47 -6.88 -1.70 19.72
C GLY A 47 -7.57 -2.94 19.19
N LEU A 48 -8.06 -2.86 17.96
CA LEU A 48 -8.75 -3.99 17.34
C LEU A 48 -8.07 -4.39 16.03
N PRO A 49 -8.31 -5.64 15.57
CA PRO A 49 -7.71 -6.14 14.33
C PRO A 49 -8.29 -5.46 13.09
N ILE A 50 -7.50 -5.39 12.03
CA ILE A 50 -7.93 -4.77 10.78
C ILE A 50 -7.33 -5.47 9.58
N GLY A 51 -7.09 -6.78 9.71
CA GLY A 51 -6.52 -7.55 8.62
C GLY A 51 -6.42 -9.02 8.94
N GLN A 52 -6.24 -9.83 7.91
CA GLN A 52 -6.12 -11.28 8.09
C GLN A 52 -5.74 -11.97 6.79
N GLY A 53 -4.43 -11.98 6.51
CA GLY A 53 -3.95 -12.61 5.29
C GLY A 53 -3.56 -11.59 4.24
N GLY A 54 -2.75 -10.61 4.63
CA GLY A 54 -2.31 -9.59 3.70
C GLY A 54 -0.79 -9.43 3.69
N PHE A 55 -0.24 -9.01 4.82
CA PHE A 55 1.20 -8.82 4.94
C PHE A 55 1.75 -9.53 6.16
N GLY A 56 1.21 -9.19 7.33
CA GLY A 56 1.65 -9.80 8.57
C GLY A 56 0.63 -9.65 9.68
N CYS A 57 0.87 -8.71 10.58
CA CYS A 57 -0.04 -8.47 11.69
C CYS A 57 -0.30 -6.97 11.86
N ILE A 58 -1.22 -6.45 11.04
CA ILE A 58 -1.57 -5.03 11.09
C ILE A 58 -2.78 -4.81 11.99
N TYR A 59 -2.56 -4.11 13.11
CA TYR A 59 -3.63 -3.82 14.05
C TYR A 59 -3.57 -2.37 14.52
N LEU A 60 -4.58 -1.94 15.26
CA LEU A 60 -4.64 -0.58 15.76
C LEU A 60 -3.73 -0.42 16.98
N ALA A 61 -3.35 0.82 17.27
CA ALA A 61 -2.48 1.11 18.41
C ALA A 61 -2.93 2.36 19.14
N ASP A 62 -2.91 2.30 20.47
CA ASP A 62 -3.32 3.45 21.29
C ASP A 62 -2.45 3.55 22.54
N MET A 63 -2.40 4.75 23.11
CA MET A 63 -1.60 4.99 24.32
C MET A 63 -2.48 4.90 25.56
N ASN A 64 -3.30 3.85 25.65
CA ASN A 64 -4.18 3.65 26.78
C ASN A 64 -3.44 2.98 27.93
N SER A 65 -3.52 3.58 29.12
CA SER A 65 -2.86 3.05 30.30
C SER A 65 -3.88 2.61 31.36
N SER A 66 -4.95 3.41 31.50
CA SER A 66 -5.99 3.11 32.47
C SER A 66 -7.12 2.31 31.82
N GLU A 67 -7.83 2.94 30.90
CA GLU A 67 -8.94 2.28 30.21
C GLU A 67 -8.42 1.36 29.09
N SER A 68 -9.32 0.60 28.50
CA SER A 68 -8.95 -0.31 27.42
C SER A 68 -9.39 0.23 26.06
N VAL A 69 -8.58 -0.03 25.04
CA VAL A 69 -8.89 0.43 23.69
C VAL A 69 -10.13 -0.26 23.14
N GLY A 70 -10.79 0.40 22.19
CA GLY A 70 -11.98 -0.18 21.60
C GLY A 70 -12.53 0.67 20.46
N SER A 71 -11.96 0.50 19.27
CA SER A 71 -12.39 1.26 18.10
C SER A 71 -12.22 2.76 18.32
N ASP A 72 -11.21 3.11 19.11
CA ASP A 72 -10.93 4.51 19.40
C ASP A 72 -9.43 4.78 19.38
N ALA A 73 -8.71 4.03 18.53
CA ALA A 73 -7.27 4.20 18.40
C ALA A 73 -6.89 4.67 17.00
N PRO A 74 -6.50 5.95 16.86
CA PRO A 74 -6.11 6.52 15.56
C PRO A 74 -4.66 6.21 15.20
N CYS A 75 -4.25 4.96 15.37
CA CYS A 75 -2.90 4.54 15.04
C CYS A 75 -2.87 3.08 14.62
N VAL A 76 -1.94 2.75 13.72
CA VAL A 76 -1.80 1.37 13.24
C VAL A 76 -0.41 0.84 13.50
N VAL A 77 -0.31 -0.45 13.79
CA VAL A 77 0.97 -1.08 14.06
C VAL A 77 1.19 -2.30 13.16
N LYS A 78 2.26 -2.25 12.36
CA LYS A 78 2.58 -3.35 11.46
C LYS A 78 3.68 -4.21 12.06
N VAL A 79 3.37 -5.49 12.30
CA VAL A 79 4.32 -6.41 12.88
C VAL A 79 4.72 -7.49 11.88
N GLU A 80 6.02 -7.78 11.80
CA GLU A 80 6.52 -8.80 10.90
C GLU A 80 7.65 -9.60 11.56
N PRO A 81 7.72 -10.92 11.30
CA PRO A 81 8.76 -11.77 11.88
C PRO A 81 10.16 -11.23 11.64
N SER A 82 10.86 -10.91 12.72
CA SER A 82 12.22 -10.37 12.63
C SER A 82 13.21 -11.45 12.20
N ASP A 83 13.71 -11.32 10.97
CA ASP A 83 14.66 -12.29 10.43
C ASP A 83 15.47 -11.66 9.31
N ASN A 84 14.86 -11.52 8.14
CA ASN A 84 15.53 -10.93 6.98
C ASN A 84 15.63 -9.42 7.12
N GLY A 85 14.69 -8.82 7.85
CA GLY A 85 14.69 -7.38 8.04
C GLY A 85 13.89 -6.65 6.99
N PRO A 86 12.68 -7.11 6.66
CA PRO A 86 11.84 -6.46 5.65
C PRO A 86 11.31 -5.12 6.14
N LEU A 87 10.68 -5.13 7.31
CA LEU A 87 10.13 -3.92 7.90
C LEU A 87 11.25 -3.02 8.40
N PHE A 88 12.41 -3.60 8.69
CA PHE A 88 13.56 -2.85 9.17
C PHE A 88 13.93 -1.74 8.19
N THR A 89 13.65 -1.97 6.91
CA THR A 89 13.95 -0.99 5.87
C THR A 89 13.02 0.22 5.98
N GLU A 90 11.76 -0.04 6.28
CA GLU A 90 10.77 1.02 6.41
C GLU A 90 11.11 1.92 7.60
N LEU A 91 11.70 1.33 8.63
CA LEU A 91 12.08 2.08 9.82
C LEU A 91 13.23 3.04 9.52
N LYS A 92 14.23 2.53 8.82
CA LYS A 92 15.39 3.34 8.46
C LYS A 92 14.97 4.57 7.66
N PHE A 93 14.02 4.39 6.76
CA PHE A 93 13.51 5.49 5.94
C PHE A 93 12.68 6.46 6.77
N TYR A 94 11.91 5.91 7.72
CA TYR A 94 11.07 6.73 8.58
C TYR A 94 11.91 7.54 9.56
N GLN A 95 12.94 6.92 10.11
CA GLN A 95 13.82 7.58 11.06
C GLN A 95 14.59 8.71 10.39
N ARG A 96 14.97 8.49 9.14
CA ARG A 96 15.74 9.49 8.39
C ARG A 96 14.82 10.48 7.67
N ALA A 97 13.73 9.98 7.11
CA ALA A 97 12.79 10.82 6.37
C ALA A 97 11.57 11.20 7.21
N ALA A 98 10.95 10.20 7.83
CA ALA A 98 9.76 10.44 8.66
C ALA A 98 10.11 11.05 10.01
N LYS A 99 11.40 11.32 10.24
CA LYS A 99 11.83 11.90 11.51
C LYS A 99 11.08 13.20 11.79
N PRO A 100 10.36 13.27 12.93
CA PRO A 100 9.62 14.48 13.31
C PRO A 100 10.47 15.74 13.25
N GLU A 101 11.77 15.57 13.44
CA GLU A 101 12.70 16.71 13.40
C GLU A 101 13.02 17.11 11.97
N GLN A 102 13.26 16.12 11.12
CA GLN A 102 13.58 16.37 9.71
C GLN A 102 12.39 16.96 8.98
N ILE A 103 11.23 16.31 9.09
CA ILE A 103 10.02 16.77 8.43
C ILE A 103 9.68 18.19 8.85
N GLN A 104 9.61 18.42 10.17
CA GLN A 104 9.28 19.74 10.69
C GLN A 104 10.13 20.82 10.03
N LYS A 105 11.36 20.46 9.65
CA LYS A 105 12.26 21.40 9.00
C LYS A 105 11.81 21.68 7.57
N TRP A 106 11.39 20.63 6.87
CA TRP A 106 10.92 20.77 5.49
C TRP A 106 9.52 21.36 5.45
N ILE A 107 8.63 20.84 6.28
CA ILE A 107 7.27 21.32 6.35
C ILE A 107 7.22 22.83 6.62
N ARG A 108 8.15 23.30 7.46
CA ARG A 108 8.22 24.71 7.80
C ARG A 108 8.81 25.53 6.65
N THR A 109 9.65 24.89 5.84
CA THR A 109 10.29 25.56 4.71
C THR A 109 9.31 25.79 3.57
N ARG A 110 8.45 24.81 3.32
CA ARG A 110 7.46 24.92 2.26
C ARG A 110 6.06 25.14 2.82
N LYS A 111 5.94 25.14 4.15
CA LYS A 111 4.66 25.35 4.79
C LYS A 111 3.63 24.33 4.29
N LEU A 112 4.11 23.19 3.81
CA LEU A 112 3.23 22.15 3.30
C LEU A 112 2.15 21.79 4.32
N LYS A 113 2.54 21.76 5.59
CA LYS A 113 1.62 21.43 6.68
C LYS A 113 0.84 20.16 6.39
N TYR A 114 1.52 19.15 5.84
CA TYR A 114 0.86 17.88 5.54
C TYR A 114 1.87 16.88 4.98
N LEU A 115 2.29 17.08 3.75
CA LEU A 115 3.23 16.18 3.09
C LEU A 115 2.65 14.77 2.99
N GLY A 116 3.14 14.00 2.03
CA GLY A 116 2.65 12.65 1.84
C GLY A 116 3.32 11.63 2.75
N VAL A 117 4.31 12.09 3.52
CA VAL A 117 5.03 11.21 4.43
C VAL A 117 4.21 10.94 5.69
N PRO A 118 3.78 9.68 5.91
CA PRO A 118 2.98 9.30 7.08
C PRO A 118 3.59 9.83 8.37
N LYS A 119 2.73 10.07 9.36
CA LYS A 119 3.19 10.57 10.66
C LYS A 119 3.74 9.43 11.51
N TYR A 120 5.04 9.50 11.81
CA TYR A 120 5.69 8.47 12.62
C TYR A 120 5.70 8.88 14.09
N TRP A 121 5.19 7.98 14.94
CA TRP A 121 5.13 8.24 16.37
C TRP A 121 6.22 7.47 17.11
N GLY A 122 6.44 6.23 16.69
CA GLY A 122 7.46 5.41 17.32
C GLY A 122 7.45 3.98 16.82
N SER A 123 8.33 3.15 17.38
CA SER A 123 8.43 1.76 16.99
C SER A 123 8.55 0.88 18.22
N GLY A 124 8.22 -0.41 18.08
CA GLY A 124 8.31 -1.32 19.20
C GLY A 124 8.72 -2.72 18.79
N LEU A 125 8.78 -3.62 19.77
CA LEU A 125 9.17 -5.00 19.51
C LEU A 125 8.36 -5.96 20.38
N HIS A 126 8.30 -7.22 19.98
CA HIS A 126 7.56 -8.23 20.73
C HIS A 126 8.37 -9.53 20.83
N ASP A 127 8.36 -10.13 22.02
CA ASP A 127 9.09 -11.37 22.24
C ASP A 127 8.14 -12.50 22.62
N LYS A 128 8.21 -13.61 21.88
CA LYS A 128 7.34 -14.75 22.14
C LYS A 128 8.12 -16.06 22.02
N ASN A 129 8.06 -16.88 23.07
CA ASN A 129 8.75 -18.17 23.08
C ASN A 129 10.24 -18.00 22.78
N GLY A 130 10.75 -16.79 22.98
CA GLY A 130 12.17 -16.54 22.72
C GLY A 130 12.42 -15.98 21.33
N LYS A 131 11.36 -15.57 20.65
CA LYS A 131 11.48 -15.02 19.31
C LYS A 131 11.51 -13.49 19.36
N SER A 132 12.04 -12.87 18.31
CA SER A 132 12.12 -11.42 18.25
C SER A 132 11.23 -10.87 17.13
N TYR A 133 10.33 -9.97 17.49
CA TYR A 133 9.43 -9.36 16.53
C TYR A 133 9.66 -7.85 16.42
N ARG A 134 9.59 -7.33 15.21
CA ARG A 134 9.80 -5.90 14.97
C ARG A 134 8.57 -5.29 14.30
N PHE A 135 8.05 -4.21 14.88
CA PHE A 135 6.88 -3.54 14.33
C PHE A 135 7.01 -2.03 14.42
N MET A 136 6.22 -1.33 13.61
CA MET A 136 6.23 0.12 13.59
C MET A 136 4.81 0.67 13.77
N ILE A 137 4.70 1.78 14.50
CA ILE A 137 3.39 2.38 14.74
C ILE A 137 3.33 3.81 14.19
N MET A 138 2.53 3.99 13.15
CA MET A 138 2.38 5.29 12.51
C MET A 138 0.91 5.70 12.45
N ASP A 139 0.66 6.93 12.02
CA ASP A 139 -0.70 7.46 11.93
C ASP A 139 -1.61 6.46 11.20
N ARG A 140 -2.78 6.22 11.77
CA ARG A 140 -3.75 5.29 11.18
C ARG A 140 -4.32 5.86 9.88
N PHE A 141 -4.55 4.98 8.90
CA PHE A 141 -5.10 5.40 7.62
C PHE A 141 -6.51 4.87 7.43
N GLY A 142 -7.12 5.20 6.29
CA GLY A 142 -8.47 4.75 6.02
C GLY A 142 -8.51 3.54 5.10
N SER A 143 -8.75 3.80 3.81
CA SER A 143 -8.81 2.73 2.82
C SER A 143 -7.86 3.00 1.67
N ASP A 144 -7.02 2.03 1.34
CA ASP A 144 -6.06 2.17 0.26
C ASP A 144 -6.76 2.51 -1.04
N LEU A 145 -6.00 2.98 -2.03
CA LEU A 145 -6.56 3.34 -3.32
C LEU A 145 -7.03 2.09 -4.07
N GLN A 146 -6.49 0.93 -3.69
CA GLN A 146 -6.87 -0.33 -4.32
C GLN A 146 -8.38 -0.51 -4.32
N LYS A 147 -9.02 -0.02 -3.26
CA LYS A 147 -10.47 -0.10 -3.13
C LYS A 147 -11.13 0.96 -4.00
N ILE A 148 -10.41 2.05 -4.25
CA ILE A 148 -10.90 3.15 -5.07
C ILE A 148 -10.93 2.76 -6.55
N TYR A 149 -10.04 1.85 -6.93
CA TYR A 149 -9.96 1.38 -8.31
C TYR A 149 -11.30 0.82 -8.77
N GLU A 150 -11.91 0.00 -7.93
CA GLU A 150 -13.20 -0.60 -8.25
C GLU A 150 -14.32 0.42 -8.11
N ALA A 151 -14.11 1.41 -7.23
CA ALA A 151 -15.09 2.45 -7.01
C ALA A 151 -15.30 3.30 -8.26
N ASN A 152 -14.28 3.35 -9.11
CA ASN A 152 -14.37 4.13 -10.35
C ASN A 152 -14.84 3.27 -11.51
N ALA A 153 -15.21 2.01 -11.22
CA ALA A 153 -15.68 1.06 -12.22
C ALA A 153 -14.51 0.28 -12.81
N LYS A 154 -13.62 -0.17 -11.93
CA LYS A 154 -12.44 -0.93 -12.34
C LYS A 154 -11.51 -0.06 -13.18
N ARG A 155 -11.70 1.25 -13.12
CA ARG A 155 -10.86 2.18 -13.87
C ARG A 155 -10.96 3.59 -13.30
N PHE A 156 -9.84 4.10 -12.81
CA PHE A 156 -9.80 5.44 -12.22
C PHE A 156 -10.25 6.48 -13.25
N SER A 157 -10.36 7.73 -12.80
CA SER A 157 -10.78 8.83 -13.67
C SER A 157 -9.61 9.73 -14.01
N ARG A 158 -9.74 10.47 -15.11
CA ARG A 158 -8.69 11.38 -15.54
C ARG A 158 -8.40 12.43 -14.47
N LYS A 159 -9.42 12.80 -13.71
CA LYS A 159 -9.27 13.79 -12.66
C LYS A 159 -8.49 13.21 -11.48
N THR A 160 -8.88 12.02 -11.05
CA THR A 160 -8.22 11.36 -9.92
C THR A 160 -6.73 11.16 -10.19
N VAL A 161 -6.41 10.50 -11.30
CA VAL A 161 -5.03 10.25 -11.68
C VAL A 161 -4.21 11.53 -11.72
N LEU A 162 -4.70 12.52 -12.46
CA LEU A 162 -4.02 13.80 -12.59
C LEU A 162 -3.78 14.44 -11.22
N GLN A 163 -4.82 14.46 -10.39
CA GLN A 163 -4.71 15.04 -9.06
C GLN A 163 -3.79 14.21 -8.17
N LEU A 164 -4.05 12.91 -8.10
CA LEU A 164 -3.26 12.01 -7.29
C LEU A 164 -1.80 12.02 -7.73
N SER A 165 -1.58 11.97 -9.04
CA SER A 165 -0.23 11.98 -9.60
C SER A 165 0.56 13.17 -9.09
N LEU A 166 -0.08 14.34 -9.10
CA LEU A 166 0.56 15.57 -8.63
C LEU A 166 0.89 15.45 -7.15
N ARG A 167 -0.05 14.92 -6.37
CA ARG A 167 0.15 14.76 -4.94
C ARG A 167 1.32 13.82 -4.68
N ILE A 168 1.37 12.72 -5.41
CA ILE A 168 2.45 11.74 -5.27
C ILE A 168 3.77 12.34 -5.71
N LEU A 169 3.72 13.20 -6.71
CA LEU A 169 4.92 13.85 -7.23
C LEU A 169 5.60 14.68 -6.15
N ASP A 170 4.79 15.33 -5.32
CA ASP A 170 5.31 16.15 -4.22
C ASP A 170 6.12 15.29 -3.27
N ILE A 171 5.71 14.03 -3.12
CA ILE A 171 6.41 13.10 -2.24
C ILE A 171 7.67 12.59 -2.93
N LEU A 172 7.59 12.40 -4.24
CA LEU A 172 8.73 11.92 -5.02
C LEU A 172 9.91 12.85 -4.86
N GLU A 173 9.67 14.14 -5.02
CA GLU A 173 10.73 15.15 -4.88
C GLU A 173 11.21 15.24 -3.45
N TYR A 174 10.32 15.00 -2.51
CA TYR A 174 10.66 15.07 -1.09
C TYR A 174 11.69 14.01 -0.73
N ILE A 175 11.49 12.80 -1.24
CA ILE A 175 12.40 11.69 -0.97
C ILE A 175 13.63 11.76 -1.86
N HIS A 176 13.49 12.36 -3.04
CA HIS A 176 14.59 12.49 -3.97
C HIS A 176 15.54 13.61 -3.52
N GLU A 177 14.98 14.59 -2.83
CA GLU A 177 15.78 15.71 -2.33
C GLU A 177 16.65 15.26 -1.17
N HIS A 178 16.32 14.11 -0.59
CA HIS A 178 17.08 13.55 0.52
C HIS A 178 17.90 12.35 0.05
N GLU A 179 17.93 12.12 -1.26
CA GLU A 179 18.67 11.00 -1.83
C GLU A 179 18.03 9.67 -1.46
N TYR A 180 16.71 9.58 -1.66
CA TYR A 180 15.97 8.36 -1.35
C TYR A 180 15.03 7.99 -2.49
N VAL A 181 14.97 6.70 -2.80
CA VAL A 181 14.12 6.20 -3.87
C VAL A 181 13.26 5.02 -3.39
N HIS A 182 12.30 4.63 -4.21
CA HIS A 182 11.41 3.52 -3.85
C HIS A 182 10.84 2.83 -5.10
N GLY A 183 10.39 3.64 -6.04
CA GLY A 183 9.83 3.10 -7.27
C GLY A 183 8.66 2.16 -7.01
N ASP A 184 7.68 2.63 -6.25
CA ASP A 184 6.50 1.83 -5.94
C ASP A 184 5.23 2.49 -6.45
N ILE A 185 4.66 3.40 -5.66
CA ILE A 185 3.45 4.10 -6.04
C ILE A 185 2.40 3.14 -6.60
N LYS A 186 1.53 2.64 -5.73
CA LYS A 186 0.49 1.70 -6.15
C LYS A 186 -0.77 1.89 -5.30
N ALA A 187 -1.86 1.23 -5.70
CA ALA A 187 -3.11 1.32 -4.97
C ALA A 187 -3.08 0.49 -3.69
N SER A 188 -1.98 -0.21 -3.46
CA SER A 188 -1.82 -1.05 -2.26
C SER A 188 -0.79 -0.43 -1.32
N ASN A 189 -0.22 0.70 -1.74
CA ASN A 189 0.77 1.40 -0.94
C ASN A 189 0.30 2.83 -0.65
N LEU A 190 -0.80 3.22 -1.29
CA LEU A 190 -1.36 4.55 -1.10
C LEU A 190 -2.65 4.48 -0.30
N LEU A 191 -2.64 5.06 0.90
CA LEU A 191 -3.82 5.04 1.76
C LEU A 191 -4.27 6.45 2.13
N LEU A 192 -5.58 6.62 2.28
CA LEU A 192 -6.14 7.93 2.61
C LEU A 192 -6.15 8.16 4.12
N ASN A 193 -6.02 9.43 4.52
CA ASN A 193 -6.02 9.78 5.93
C ASN A 193 -7.39 9.54 6.55
N TYR A 194 -7.42 8.74 7.61
CA TYR A 194 -8.68 8.41 8.29
C TYR A 194 -8.93 9.38 9.45
N LYS A 195 -7.96 9.51 10.34
CA LYS A 195 -8.09 10.41 11.48
C LYS A 195 -8.30 11.84 11.02
N ASN A 196 -7.75 12.17 9.86
CA ASN A 196 -7.87 13.52 9.30
C ASN A 196 -8.00 13.45 7.79
N PRO A 197 -9.21 13.14 7.28
CA PRO A 197 -9.46 13.04 5.83
C PRO A 197 -9.00 14.29 5.09
N ASP A 198 -7.92 14.15 4.33
CA ASP A 198 -7.38 15.28 3.57
C ASP A 198 -6.81 14.80 2.24
N GLN A 199 -5.86 13.86 2.31
CA GLN A 199 -5.22 13.33 1.12
C GLN A 199 -4.79 11.89 1.35
N VAL A 200 -3.98 11.37 0.42
CA VAL A 200 -3.50 10.00 0.51
C VAL A 200 -2.00 9.97 0.84
N TYR A 201 -1.58 8.95 1.57
CA TYR A 201 -0.18 8.80 1.95
C TYR A 201 0.45 7.58 1.29
N LEU A 202 1.77 7.60 1.17
CA LEU A 202 2.49 6.49 0.56
C LEU A 202 3.18 5.65 1.63
N VAL A 203 2.76 4.39 1.75
CA VAL A 203 3.33 3.47 2.73
C VAL A 203 3.90 2.23 2.05
N ASP A 204 4.70 1.47 2.78
CA ASP A 204 5.31 0.26 2.25
C ASP A 204 6.07 0.56 0.97
N TYR A 205 7.36 0.86 1.11
CA TYR A 205 8.20 1.17 -0.05
C TYR A 205 9.01 -0.04 -0.47
N GLY A 206 9.70 -0.66 0.48
CA GLY A 206 10.52 -1.82 0.17
C GLY A 206 11.94 -1.45 -0.17
N LEU A 207 12.09 -0.45 -1.05
CA LEU A 207 13.40 0.01 -1.46
C LEU A 207 13.59 1.47 -1.07
N ALA A 208 13.03 1.86 0.07
CA ALA A 208 13.13 3.21 0.58
C ALA A 208 14.50 3.45 1.21
N TYR A 209 15.54 3.28 0.41
CA TYR A 209 16.90 3.48 0.89
C TYR A 209 17.73 4.25 -0.14
N ARG A 210 18.70 5.02 0.35
CA ARG A 210 19.57 5.80 -0.51
C ARG A 210 20.33 4.90 -1.49
N TYR A 211 19.86 4.85 -2.73
CA TYR A 211 20.50 4.01 -3.75
C TYR A 211 21.95 4.45 -3.95
N CYS A 212 22.23 5.73 -3.70
CA CYS A 212 23.58 6.26 -3.85
C CYS A 212 24.05 6.14 -5.30
N PRO A 213 23.90 7.21 -6.11
CA PRO A 213 24.32 7.22 -7.51
C PRO A 213 25.76 6.78 -7.68
N GLU A 214 26.24 6.79 -8.92
CA GLU A 214 27.61 6.39 -9.23
C GLU A 214 28.45 7.60 -9.66
N GLY A 215 27.80 8.55 -10.32
CA GLY A 215 28.50 9.74 -10.78
C GLY A 215 28.62 9.78 -12.29
N VAL A 216 28.99 8.66 -12.88
CA VAL A 216 29.15 8.57 -14.33
C VAL A 216 27.79 8.59 -15.03
N HIS A 217 27.82 8.66 -16.36
CA HIS A 217 26.59 8.68 -17.15
C HIS A 217 26.48 7.43 -18.01
N LYS A 218 27.02 6.33 -17.51
CA LYS A 218 26.98 5.06 -18.24
C LYS A 218 25.55 4.51 -18.29
N GLU A 219 25.30 3.63 -19.26
CA GLU A 219 23.98 3.03 -19.41
C GLU A 219 24.06 1.51 -19.34
N TYR A 220 25.01 1.01 -18.55
CA TYR A 220 25.19 -0.43 -18.39
C TYR A 220 25.75 -0.77 -17.02
N LYS A 221 24.91 -1.35 -16.17
CA LYS A 221 25.32 -1.72 -14.82
C LYS A 221 24.83 -3.13 -14.47
N GLU A 222 23.52 -3.27 -14.33
CA GLU A 222 22.93 -4.56 -14.00
C GLU A 222 23.47 -5.10 -12.68
N ASP A 223 22.75 -6.05 -12.10
CA ASP A 223 23.16 -6.65 -10.83
C ASP A 223 22.40 -7.95 -10.57
N PRO A 224 21.06 -7.87 -10.39
CA PRO A 224 20.22 -9.04 -10.13
C PRO A 224 20.02 -9.89 -11.38
N LYS A 225 19.09 -10.83 -11.31
CA LYS A 225 18.79 -11.71 -12.43
C LYS A 225 17.53 -11.24 -13.16
N ARG A 226 16.53 -10.82 -12.40
CA ARG A 226 15.27 -10.35 -12.97
C ARG A 226 14.40 -9.72 -11.90
N CYS A 227 15.00 -8.91 -11.04
CA CYS A 227 14.28 -8.24 -9.97
C CYS A 227 15.18 -7.26 -9.23
N HIS A 228 14.67 -6.06 -8.98
CA HIS A 228 15.43 -5.04 -8.26
C HIS A 228 14.52 -3.92 -7.78
N ASP A 229 13.70 -3.39 -8.69
CA ASP A 229 12.78 -2.31 -8.34
C ASP A 229 11.39 -2.85 -8.05
N GLY A 230 11.32 -4.06 -7.51
CA GLY A 230 10.05 -4.67 -7.19
C GLY A 230 9.63 -5.73 -8.19
N THR A 231 8.66 -5.39 -9.04
CA THR A 231 8.17 -6.32 -10.04
C THR A 231 8.01 -5.63 -11.39
N ILE A 232 7.63 -6.41 -12.41
CA ILE A 232 7.44 -5.88 -13.75
C ILE A 232 5.99 -5.48 -13.98
N GLU A 233 5.22 -5.40 -12.90
CA GLU A 233 3.81 -5.01 -13.00
C GLU A 233 3.64 -3.50 -12.82
N PHE A 234 4.70 -2.76 -13.13
CA PHE A 234 4.67 -1.31 -13.00
C PHE A 234 6.05 -0.71 -13.31
N THR A 235 7.11 -1.47 -13.05
CA THR A 235 8.47 -1.00 -13.30
C THR A 235 8.83 -1.14 -14.78
N SER A 236 9.86 -0.41 -15.19
CA SER A 236 10.31 -0.46 -16.58
C SER A 236 11.18 -1.69 -16.84
N ILE A 237 11.85 -1.71 -17.98
CA ILE A 237 12.71 -2.82 -18.35
C ILE A 237 14.00 -2.83 -17.53
N ASP A 238 14.72 -1.71 -17.59
CA ASP A 238 15.97 -1.57 -16.85
C ASP A 238 15.76 -1.80 -15.36
N ALA A 239 14.57 -1.45 -14.88
CA ALA A 239 14.26 -1.61 -13.47
C ALA A 239 14.01 -3.09 -13.13
N HIS A 240 13.55 -3.84 -14.13
CA HIS A 240 13.27 -5.26 -13.93
C HIS A 240 14.54 -6.02 -13.54
N ASN A 241 15.59 -5.84 -14.33
CA ASN A 241 16.86 -6.51 -14.07
C ASN A 241 17.78 -5.64 -13.19
N GLY A 242 17.22 -4.59 -12.60
CA GLY A 242 18.01 -3.72 -11.75
C GLY A 242 19.09 -2.99 -12.50
N VAL A 243 19.00 -2.99 -13.83
CA VAL A 243 20.00 -2.31 -14.66
C VAL A 243 19.99 -0.81 -14.41
N ALA A 244 21.18 -0.20 -14.41
CA ALA A 244 21.31 1.23 -14.19
C ALA A 244 20.76 1.63 -12.82
N PRO A 245 21.12 2.83 -12.33
CA PRO A 245 20.66 3.32 -11.03
C PRO A 245 19.13 3.36 -10.93
N SER A 246 18.63 4.09 -9.94
CA SER A 246 17.19 4.21 -9.74
C SER A 246 16.81 5.64 -9.36
N ARG A 247 16.24 6.37 -10.32
CA ARG A 247 15.83 7.74 -10.09
C ARG A 247 14.77 8.17 -11.10
N ARG A 248 15.07 7.99 -12.39
CA ARG A 248 14.14 8.35 -13.45
C ARG A 248 12.97 7.36 -13.51
N GLY A 249 13.23 6.12 -13.09
CA GLY A 249 12.20 5.10 -13.12
C GLY A 249 10.98 5.50 -12.31
N ASP A 250 11.20 6.23 -11.23
CA ASP A 250 10.11 6.67 -10.36
C ASP A 250 9.07 7.46 -11.16
N LEU A 251 9.54 8.15 -12.20
CA LEU A 251 8.65 8.96 -13.05
C LEU A 251 7.92 8.07 -14.06
N GLU A 252 8.62 7.06 -14.56
CA GLU A 252 8.05 6.14 -15.53
C GLU A 252 6.89 5.36 -14.93
N ILE A 253 7.01 5.04 -13.65
CA ILE A 253 5.96 4.29 -12.95
C ILE A 253 4.66 5.09 -12.91
N LEU A 254 4.78 6.39 -12.65
CA LEU A 254 3.61 7.25 -12.59
C LEU A 254 2.91 7.33 -13.95
N GLY A 255 3.69 7.61 -14.99
CA GLY A 255 3.13 7.69 -16.32
C GLY A 255 2.40 6.43 -16.73
N TYR A 256 2.81 5.30 -16.16
CA TYR A 256 2.18 4.02 -16.46
C TYR A 256 0.87 3.87 -15.68
N CYS A 257 0.84 4.43 -14.48
CA CYS A 257 -0.35 4.37 -13.64
C CYS A 257 -1.59 4.85 -14.39
N MET A 258 -1.49 6.03 -14.98
CA MET A 258 -2.62 6.60 -15.73
C MET A 258 -3.05 5.64 -16.85
N ILE A 259 -2.10 4.88 -17.37
CA ILE A 259 -2.39 3.92 -18.43
C ILE A 259 -3.23 2.76 -17.90
N GLN A 260 -2.84 2.26 -16.73
CA GLN A 260 -3.55 1.15 -16.11
C GLN A 260 -4.81 1.63 -15.40
N TRP A 261 -4.80 2.89 -14.96
CA TRP A 261 -5.93 3.47 -14.26
C TRP A 261 -7.01 3.94 -15.23
N LEU A 262 -6.61 4.78 -16.19
CA LEU A 262 -7.55 5.31 -17.18
C LEU A 262 -8.00 4.24 -18.16
N THR A 263 -7.09 3.32 -18.49
CA THR A 263 -7.41 2.24 -19.43
C THR A 263 -7.83 0.96 -18.70
N GLY A 264 -7.57 0.91 -17.39
CA GLY A 264 -7.92 -0.26 -16.62
C GLY A 264 -7.14 -1.50 -17.05
N HIS A 265 -6.06 -1.80 -16.33
CA HIS A 265 -5.22 -2.95 -16.65
C HIS A 265 -4.53 -2.75 -17.99
N LEU A 266 -3.27 -3.17 -18.08
CA LEU A 266 -2.50 -3.03 -19.32
C LEU A 266 -2.12 -4.39 -19.88
N PRO A 267 -1.79 -4.45 -21.19
CA PRO A 267 -1.41 -5.70 -21.85
C PRO A 267 -0.05 -6.22 -21.38
N TRP A 268 0.05 -6.48 -20.07
CA TRP A 268 1.28 -6.98 -19.49
C TRP A 268 1.11 -7.17 -17.99
N GLU A 269 0.40 -6.24 -17.37
CA GLU A 269 0.13 -6.31 -15.94
C GLU A 269 -1.22 -6.97 -15.68
N ASP A 270 -1.66 -7.79 -16.64
CA ASP A 270 -2.95 -8.48 -16.53
C ASP A 270 -2.85 -9.66 -15.58
N ASN A 271 -1.94 -10.58 -15.88
CA ASN A 271 -1.75 -11.75 -15.02
C ASN A 271 -0.30 -11.88 -14.59
N LEU A 272 0.62 -11.41 -15.44
CA LEU A 272 2.04 -11.49 -15.15
C LEU A 272 2.50 -12.94 -15.33
N LYS A 273 1.62 -13.74 -15.93
CA LYS A 273 1.93 -15.15 -16.17
C LYS A 273 2.76 -15.29 -17.44
N ASP A 274 2.77 -14.23 -18.25
CA ASP A 274 3.53 -14.25 -19.51
C ASP A 274 4.36 -12.98 -19.65
N PRO A 275 5.68 -13.07 -19.43
CA PRO A 275 6.59 -11.92 -19.54
C PRO A 275 7.04 -11.66 -20.98
N LYS A 276 6.32 -12.24 -21.95
CA LYS A 276 6.65 -12.06 -23.35
C LYS A 276 6.16 -10.72 -23.87
N TYR A 277 4.88 -10.42 -23.63
CA TYR A 277 4.29 -9.18 -24.08
C TYR A 277 4.71 -8.01 -23.19
N VAL A 278 5.04 -8.31 -21.94
CA VAL A 278 5.46 -7.28 -21.00
C VAL A 278 6.71 -6.57 -21.48
N ARG A 279 7.70 -7.34 -21.94
CA ARG A 279 8.95 -6.78 -22.43
C ARG A 279 8.77 -6.17 -23.81
N ASP A 280 8.13 -6.91 -24.70
CA ASP A 280 7.89 -6.44 -26.07
C ASP A 280 7.07 -5.16 -26.07
N SER A 281 6.08 -5.09 -25.18
CA SER A 281 5.22 -3.92 -25.08
C SER A 281 5.97 -2.75 -24.45
N LYS A 282 6.78 -3.03 -23.45
CA LYS A 282 7.55 -2.01 -22.76
C LYS A 282 8.46 -1.26 -23.73
N ILE A 283 9.22 -2.01 -24.51
CA ILE A 283 10.14 -1.43 -25.48
C ILE A 283 9.39 -0.64 -26.55
N ARG A 284 8.31 -1.23 -27.07
CA ARG A 284 7.50 -0.59 -28.10
C ARG A 284 6.80 0.64 -27.56
N TYR A 285 6.08 0.46 -26.44
CA TYR A 285 5.36 1.56 -25.81
C TYR A 285 6.29 2.69 -25.44
N ARG A 286 7.52 2.34 -25.06
CA ARG A 286 8.52 3.34 -24.68
C ARG A 286 8.79 4.30 -25.82
N GLU A 287 8.66 3.80 -27.04
CA GLU A 287 8.89 4.61 -28.24
C GLU A 287 7.60 4.73 -29.06
N ASN A 288 6.45 4.55 -28.41
CA ASN A 288 5.17 4.64 -29.09
C ASN A 288 4.10 5.19 -28.14
N ILE A 289 4.44 6.24 -27.40
CA ILE A 289 3.50 6.84 -26.47
C ILE A 289 2.20 7.23 -27.16
N ALA A 290 2.32 7.78 -28.36
CA ALA A 290 1.14 8.19 -29.11
C ALA A 290 0.32 6.98 -29.54
N SER A 291 0.98 5.85 -29.71
CA SER A 291 0.32 4.61 -30.12
C SER A 291 -0.48 4.02 -28.97
N LEU A 292 0.10 4.05 -27.77
CA LEU A 292 -0.57 3.51 -26.59
C LEU A 292 -1.73 4.41 -26.18
N MET A 293 -1.54 5.72 -26.30
CA MET A 293 -2.58 6.68 -25.94
C MET A 293 -3.76 6.58 -26.90
N ASP A 294 -3.47 6.25 -28.15
CA ASP A 294 -4.50 6.12 -29.17
C ASP A 294 -5.28 4.82 -28.99
N LYS A 295 -4.57 3.76 -28.61
CA LYS A 295 -5.19 2.45 -28.42
C LYS A 295 -5.82 2.35 -27.04
N CYS A 296 -5.16 2.95 -26.05
CA CYS A 296 -5.66 2.93 -24.67
C CYS A 296 -6.75 3.97 -24.47
N PHE A 297 -6.60 5.11 -25.14
CA PHE A 297 -7.56 6.20 -25.03
C PHE A 297 -8.05 6.65 -26.40
N PRO A 298 -9.00 5.91 -27.00
CA PRO A 298 -9.54 6.23 -28.32
C PRO A 298 -10.46 7.46 -28.28
N GLU A 299 -10.01 8.54 -28.89
CA GLU A 299 -10.79 9.78 -28.94
C GLU A 299 -10.90 10.29 -30.36
N LYS A 300 -9.80 10.32 -31.08
CA LYS A 300 -9.78 10.79 -32.46
C LYS A 300 -8.41 10.57 -33.10
N ASN A 301 -7.39 11.22 -32.55
CA ASN A 301 -6.04 11.09 -33.06
C ASN A 301 -5.05 11.88 -32.21
N LYS A 302 -5.46 13.07 -31.78
CA LYS A 302 -4.62 13.93 -30.96
C LYS A 302 -4.75 13.57 -29.48
N PRO A 303 -3.63 13.32 -28.77
CA PRO A 303 -3.65 12.98 -27.35
C PRO A 303 -4.40 14.01 -26.50
N GLY A 304 -4.26 13.90 -25.19
CA GLY A 304 -4.92 14.83 -24.30
C GLY A 304 -3.94 15.65 -23.49
N GLU A 305 -3.57 15.15 -22.32
CA GLU A 305 -2.63 15.84 -21.45
C GLU A 305 -1.45 14.96 -21.08
N ILE A 306 -1.73 13.68 -20.84
CA ILE A 306 -0.70 12.72 -20.48
C ILE A 306 0.41 12.69 -21.52
N ALA A 307 0.03 12.74 -22.80
CA ALA A 307 0.98 12.72 -23.90
C ALA A 307 2.16 13.64 -23.63
N LYS A 308 1.92 14.72 -22.89
CA LYS A 308 2.96 15.68 -22.55
C LYS A 308 3.83 15.14 -21.42
N TYR A 309 3.19 14.55 -20.43
CA TYR A 309 3.90 13.99 -19.28
C TYR A 309 4.74 12.79 -19.71
N MET A 310 4.20 11.98 -20.61
CA MET A 310 4.89 10.80 -21.11
C MET A 310 6.05 11.20 -22.00
N GLU A 311 5.91 12.34 -22.68
CA GLU A 311 6.96 12.83 -23.56
C GLU A 311 8.21 13.17 -22.77
N THR A 312 8.04 13.94 -21.71
CA THR A 312 9.16 14.33 -20.86
C THR A 312 9.82 13.09 -20.25
N VAL A 313 9.00 12.14 -19.82
CA VAL A 313 9.51 10.91 -19.21
C VAL A 313 10.18 10.02 -20.26
N LYS A 314 9.80 10.21 -21.52
CA LYS A 314 10.36 9.43 -22.62
C LYS A 314 11.70 10.01 -23.04
N LEU A 315 11.86 11.31 -22.87
CA LEU A 315 13.10 11.98 -23.22
C LEU A 315 13.95 12.22 -21.98
N LEU A 316 13.36 12.01 -20.80
CA LEU A 316 14.06 12.19 -19.54
C LEU A 316 15.35 11.36 -19.50
N ASP A 317 16.45 11.98 -19.93
CA ASP A 317 17.73 11.29 -19.95
C ASP A 317 18.70 11.92 -18.93
N TYR A 318 19.99 11.68 -19.12
CA TYR A 318 21.01 12.23 -18.21
C TYR A 318 21.55 13.56 -18.74
N THR A 319 20.71 14.30 -19.46
CA THR A 319 21.12 15.58 -20.00
C THR A 319 20.67 16.72 -19.09
N GLU A 320 19.52 16.54 -18.44
CA GLU A 320 18.99 17.55 -17.53
C GLU A 320 18.89 16.99 -16.11
N LYS A 321 18.11 17.67 -15.27
CA LYS A 321 17.92 17.23 -13.89
C LYS A 321 16.55 17.67 -13.35
N PRO A 322 16.34 18.98 -13.18
CA PRO A 322 15.06 19.51 -12.68
C PRO A 322 13.94 19.39 -13.71
N LEU A 323 13.60 18.16 -14.07
CA LEU A 323 12.54 17.91 -15.04
C LEU A 323 11.19 17.73 -14.36
N TYR A 324 11.22 17.33 -13.09
CA TYR A 324 10.00 17.12 -12.33
C TYR A 324 9.10 18.36 -12.36
N GLU A 325 9.72 19.53 -12.47
CA GLU A 325 8.98 20.78 -12.51
C GLU A 325 8.06 20.83 -13.74
N ASN A 326 8.53 20.27 -14.84
CA ASN A 326 7.76 20.24 -16.08
C ASN A 326 6.60 19.25 -15.98
N LEU A 327 6.86 18.12 -15.32
CA LEU A 327 5.86 17.08 -15.15
C LEU A 327 4.64 17.63 -14.40
N ARG A 328 4.90 18.39 -13.34
CA ARG A 328 3.82 18.97 -12.54
C ARG A 328 2.93 19.87 -13.39
N ASP A 329 3.56 20.73 -14.19
CA ASP A 329 2.83 21.65 -15.05
C ASP A 329 1.92 20.89 -16.00
N ILE A 330 2.41 19.78 -16.54
CA ILE A 330 1.64 18.96 -17.47
C ILE A 330 0.34 18.49 -16.83
N LEU A 331 0.42 17.99 -15.62
CA LEU A 331 -0.76 17.50 -14.90
C LEU A 331 -1.62 18.66 -14.42
N LEU A 332 -1.01 19.61 -13.73
CA LEU A 332 -1.73 20.77 -13.22
C LEU A 332 -2.48 21.49 -14.32
N GLN A 333 -1.80 21.78 -15.42
CA GLN A 333 -2.40 22.46 -16.55
C GLN A 333 -3.60 21.67 -17.10
N GLY A 334 -3.45 20.35 -17.15
CA GLY A 334 -4.52 19.51 -17.64
C GLY A 334 -5.79 19.67 -16.85
N LEU A 335 -5.66 19.94 -15.55
CA LEU A 335 -6.82 20.11 -14.68
C LEU A 335 -7.66 21.30 -15.11
N LYS A 336 -6.99 22.39 -15.48
CA LYS A 336 -7.67 23.60 -15.92
C LYS A 336 -8.46 23.35 -17.20
N ALA A 337 -7.97 22.42 -18.02
CA ALA A 337 -8.62 22.08 -19.28
C ALA A 337 -9.93 21.35 -19.04
N ILE A 338 -9.99 20.60 -17.94
CA ILE A 338 -11.20 19.85 -17.60
C ILE A 338 -12.00 20.56 -16.51
N GLY A 339 -11.86 21.88 -16.44
CA GLY A 339 -12.58 22.65 -15.45
C GLY A 339 -12.30 22.18 -14.04
N SER A 340 -11.12 21.60 -13.82
CA SER A 340 -10.73 21.11 -12.51
C SER A 340 -9.78 22.08 -11.82
N LYS A 341 -9.73 22.01 -10.49
CA LYS A 341 -8.85 22.88 -9.72
C LYS A 341 -8.64 22.33 -8.31
N ASP A 342 -7.96 23.09 -7.47
CA ASP A 342 -7.69 22.68 -6.10
C ASP A 342 -8.84 23.06 -5.18
N ASP A 343 -9.68 22.09 -4.87
CA ASP A 343 -10.83 22.32 -4.00
C ASP A 343 -10.63 21.66 -2.64
N GLY A 344 -9.82 20.60 -2.61
CA GLY A 344 -9.56 19.91 -1.37
C GLY A 344 -10.03 18.47 -1.40
N LYS A 345 -10.02 17.87 -2.58
CA LYS A 345 -10.44 16.48 -2.75
C LYS A 345 -9.68 15.80 -3.88
N LEU A 346 -9.46 14.50 -3.74
CA LEU A 346 -8.74 13.74 -4.76
C LEU A 346 -9.70 13.13 -5.77
N ASP A 347 -10.96 13.58 -5.75
CA ASP A 347 -11.97 13.07 -6.68
C ASP A 347 -12.04 11.55 -6.64
N LEU A 348 -11.65 10.97 -5.50
CA LEU A 348 -11.67 9.53 -5.33
C LEU A 348 -13.10 9.02 -5.18
N SER A 349 -13.89 9.73 -4.39
CA SER A 349 -15.29 9.35 -4.15
C SER A 349 -15.37 8.01 -3.46
N VAL A 350 -14.94 7.97 -2.20
CA VAL A 350 -14.97 6.73 -1.42
C VAL A 350 -16.14 6.72 -0.45
N VAL A 351 -17.22 7.39 -0.84
CA VAL A 351 -18.43 7.46 0.00
C VAL A 351 -19.01 6.07 0.24
N GLU A 352 -18.95 5.22 -0.78
CA GLU A 352 -19.47 3.87 -0.68
C GLU A 352 -18.34 2.84 -0.61
N ASN A 353 -18.53 1.81 0.20
CA ASN A 353 -17.53 0.77 0.36
C ASN A 353 -17.56 -0.20 -0.83
N GLY A 354 -18.76 -0.51 -1.30
CA GLY A 354 -18.90 -1.42 -2.42
C GLY A 354 -19.78 -2.62 -2.09
N GLY A 355 -19.37 -3.79 -2.56
CA GLY A 355 -20.14 -4.99 -2.30
C GLY A 355 -19.55 -6.22 -2.98
N LEU A 356 -18.95 -7.10 -2.18
CA LEU A 356 -18.35 -8.32 -2.71
C LEU A 356 -19.41 -9.32 -3.12
N LYS A 357 -19.89 -9.20 -4.36
CA LYS A 357 -20.92 -10.09 -4.87
C LYS A 357 -20.33 -11.47 -5.16
N ALA A 358 -20.44 -12.36 -4.19
CA ALA A 358 -19.93 -13.72 -4.33
C ALA A 358 -21.02 -14.68 -4.81
N LYS A 359 -20.60 -15.73 -5.51
CA LYS A 359 -21.56 -16.72 -6.02
C LYS A 359 -22.53 -16.07 -6.99
N THR A 360 -22.33 -16.30 -8.28
CA THR A 360 -23.20 -15.75 -9.31
C THR A 360 -23.90 -16.85 -10.09
N ILE A 361 -24.17 -17.96 -9.40
CA ILE A 361 -24.85 -19.09 -10.03
C ILE A 361 -25.83 -19.75 -9.06
N THR A 362 -26.42 -18.93 -8.18
CA THR A 362 -27.37 -19.44 -7.20
C THR A 362 -28.69 -19.81 -7.88
N LYS A 363 -29.05 -19.06 -8.91
CA LYS A 363 -30.29 -19.30 -9.64
C LYS A 363 -30.01 -19.72 -11.08
N LYS A 364 -30.28 -20.97 -11.40
CA LYS A 364 -30.06 -21.49 -12.75
C LYS A 364 -31.32 -21.41 -13.59
N ARG A 365 -31.15 -21.18 -14.88
CA ARG A 365 -32.29 -21.08 -15.79
C ARG A 365 -32.10 -21.99 -17.00
N LYS A 366 -30.89 -22.03 -17.53
CA LYS A 366 -30.58 -22.86 -18.70
C LYS A 366 -29.32 -23.68 -18.45
N LYS A 367 -29.41 -24.98 -18.73
CA LYS A 367 -28.30 -25.88 -18.54
C LYS A 367 -28.03 -26.70 -19.80
N GLU A 368 -26.77 -27.09 -20.01
CA GLU A 368 -26.40 -27.87 -21.19
C GLU A 368 -25.71 -29.16 -20.77
N ILE A 369 -26.06 -29.67 -19.60
CA ILE A 369 -25.48 -30.90 -19.08
C ILE A 369 -26.54 -31.75 -18.37
N GLU A 370 -26.39 -33.06 -18.47
CA GLU A 370 -27.34 -33.98 -17.83
C GLU A 370 -28.75 -33.77 -18.37
N GLU A 371 -29.68 -34.60 -17.90
CA GLU A 371 -31.07 -34.51 -18.33
C GLU A 371 -32.01 -35.04 -17.26
N SER A 372 -32.75 -34.14 -16.62
CA SER A 372 -33.69 -34.53 -15.58
C SER A 372 -34.91 -35.23 -16.16
N LYS A 373 -35.25 -34.89 -17.40
CA LYS A 373 -36.39 -35.49 -18.08
C LYS A 373 -36.25 -37.00 -18.16
N GLU A 374 -35.28 -37.46 -18.95
CA GLU A 374 -35.05 -38.89 -19.12
C GLU A 374 -33.72 -39.29 -18.48
N PRO A 375 -33.74 -39.75 -17.22
CA PRO A 375 -32.53 -40.17 -16.51
C PRO A 375 -31.70 -41.15 -17.31
N GLY A 376 -32.29 -42.29 -17.64
CA GLY A 376 -31.59 -43.30 -18.40
C GLY A 376 -32.54 -44.29 -19.07
N VAL A 377 -32.05 -45.51 -19.29
CA VAL A 377 -32.86 -46.54 -19.93
C VAL A 377 -32.83 -47.84 -19.12
N GLU A 378 -33.94 -48.11 -18.42
CA GLU A 378 -34.03 -49.32 -17.62
C GLU A 378 -32.96 -49.36 -16.54
N ASP A 379 -32.56 -48.17 -16.08
CA ASP A 379 -31.53 -48.07 -15.04
C ASP A 379 -32.15 -47.72 -13.70
N THR A 380 -31.72 -48.43 -12.66
CA THR A 380 -32.23 -48.20 -11.30
C THR A 380 -31.17 -47.55 -10.43
N GLU A 381 -29.95 -48.08 -10.49
CA GLU A 381 -28.85 -47.54 -9.69
C GLU A 381 -27.52 -48.19 -10.11
N TRP A 382 -26.45 -47.80 -9.42
CA TRP A 382 -25.13 -48.35 -9.71
C TRP A 382 -24.75 -49.43 -8.71
N SER A 383 -23.61 -50.06 -8.94
CA SER A 383 -23.12 -51.12 -8.06
C SER A 383 -24.13 -52.27 -8.00
N ASN A 384 -23.66 -53.42 -7.53
CA ASN A 384 -24.51 -54.61 -7.43
C ASN A 384 -25.42 -54.52 -6.21
N THR A 385 -26.62 -55.06 -6.34
CA THR A 385 -27.59 -55.05 -5.25
C THR A 385 -27.18 -56.02 -4.15
N GLN A 386 -27.07 -57.30 -4.50
CA GLN A 386 -26.68 -58.33 -3.55
C GLN A 386 -25.20 -58.21 -3.19
N THR A 387 -24.92 -58.14 -1.89
CA THR A 387 -23.55 -58.03 -1.42
C THR A 387 -23.09 -59.34 -0.79
N GLU A 388 -21.99 -59.89 -1.32
CA GLU A 388 -21.44 -61.14 -0.81
C GLU A 388 -20.05 -60.93 -0.22
N GLU A 389 -19.87 -61.37 1.02
CA GLU A 389 -18.58 -61.23 1.70
C GLU A 389 -18.37 -62.35 2.70
N ALA A 390 -19.37 -62.60 3.54
CA ALA A 390 -19.29 -63.66 4.54
C ALA A 390 -19.72 -65.01 3.96
N ILE A 391 -18.78 -65.94 3.90
CA ILE A 391 -19.07 -67.27 3.36
C ILE A 391 -19.19 -68.30 4.49
N GLN A 392 -20.17 -69.19 4.37
CA GLN A 392 -20.39 -70.21 5.37
C GLN A 392 -20.73 -71.55 4.71
N THR A 393 -19.91 -72.56 4.99
CA THR A 393 -20.13 -73.89 4.42
C THR A 393 -21.00 -74.75 5.35
N ARG A 394 -21.93 -75.48 4.76
CA ARG A 394 -22.83 -76.33 5.54
C ARG A 394 -22.33 -77.78 5.54
N SER A 395 -21.01 -77.93 5.66
CA SER A 395 -20.41 -79.26 5.67
C SER A 395 -18.94 -79.19 6.09
N ARG A 396 -18.37 -80.32 6.47
CA ARG A 396 -16.98 -80.39 6.89
C ARG A 396 -16.73 -79.49 8.11
N THR A 397 -15.55 -79.61 8.69
CA THR A 397 -15.19 -78.82 9.87
C THR A 397 -16.15 -79.10 11.02
N ARG A 398 -16.65 -80.33 11.09
CA ARG A 398 -17.57 -80.72 12.14
C ARG A 398 -16.87 -80.74 13.49
N LYS A 399 -15.83 -81.57 13.60
CA LYS A 399 -15.08 -81.69 14.84
C LYS A 399 -13.83 -82.54 14.64
N ARG A 400 -13.99 -83.65 13.92
CA ARG A 400 -12.88 -84.55 13.65
C ARG A 400 -12.51 -84.54 12.18
N VAL A 401 -11.23 -84.79 11.89
CA VAL A 401 -10.74 -84.80 10.52
C VAL A 401 -9.25 -85.10 10.45
N GLN A 402 -8.51 -84.62 11.45
CA GLN A 402 -7.08 -84.84 11.51
C GLN A 402 -6.49 -84.32 12.83
N LYS A 403 -6.45 -85.20 13.83
CA LYS A 403 -5.93 -84.83 15.14
C LYS A 403 -6.73 -83.68 15.75
N GLY A 1 -6.57 -61.86 -17.36
CA GLY A 1 -7.78 -62.10 -16.52
C GLY A 1 -7.79 -61.25 -15.27
N SER A 2 -8.24 -61.83 -14.16
CA SER A 2 -8.30 -61.12 -12.89
C SER A 2 -6.91 -60.77 -12.39
N SER A 3 -6.74 -59.54 -11.92
CA SER A 3 -5.46 -59.07 -11.41
C SER A 3 -5.63 -58.26 -10.13
N GLY A 4 -5.54 -58.95 -8.99
CA GLY A 4 -5.69 -58.28 -7.71
C GLY A 4 -4.38 -57.72 -7.19
N SER A 5 -4.46 -56.92 -6.13
CA SER A 5 -3.27 -56.33 -5.54
C SER A 5 -3.56 -55.84 -4.11
N SER A 6 -2.95 -56.51 -3.14
CA SER A 6 -3.15 -56.15 -1.74
C SER A 6 -1.84 -55.69 -1.11
N GLY A 7 -1.92 -55.18 0.13
CA GLY A 7 -0.74 -54.72 0.81
C GLY A 7 -1.04 -54.22 2.22
N MET A 8 -1.23 -52.92 2.36
CA MET A 8 -1.53 -52.31 3.65
C MET A 8 -2.72 -51.37 3.54
N PRO A 9 -3.70 -51.49 4.46
CA PRO A 9 -4.90 -50.65 4.46
C PRO A 9 -4.60 -49.23 4.93
N ARG A 10 -5.37 -48.27 4.44
CA ARG A 10 -5.20 -46.87 4.82
C ARG A 10 -6.54 -46.19 5.06
N VAL A 11 -6.50 -44.93 5.47
CA VAL A 11 -7.72 -44.17 5.72
C VAL A 11 -8.07 -43.28 4.54
N LYS A 12 -9.37 -43.17 4.26
CA LYS A 12 -9.84 -42.35 3.15
C LYS A 12 -11.02 -41.49 3.58
N ALA A 13 -10.75 -40.23 3.93
CA ALA A 13 -11.79 -39.31 4.36
C ALA A 13 -12.41 -38.59 3.17
N ALA A 14 -13.74 -38.51 3.15
CA ALA A 14 -14.46 -37.86 2.07
C ALA A 14 -14.50 -36.34 2.28
N GLN A 15 -15.01 -35.63 1.28
CA GLN A 15 -15.10 -34.16 1.36
C GLN A 15 -16.54 -33.72 1.55
N ALA A 16 -16.96 -33.63 2.81
CA ALA A 16 -18.32 -33.21 3.12
C ALA A 16 -18.43 -32.72 4.56
N GLY A 17 -17.34 -32.15 5.07
CA GLY A 17 -17.33 -31.64 6.43
C GLY A 17 -16.53 -30.37 6.56
N ARG A 18 -16.43 -29.86 7.79
CA ARG A 18 -15.69 -28.63 8.05
C ARG A 18 -15.52 -28.41 9.56
N GLN A 19 -16.63 -28.14 10.24
CA GLN A 19 -16.60 -27.91 11.67
C GLN A 19 -16.43 -29.22 12.44
N SER A 20 -15.29 -29.37 13.10
CA SER A 20 -15.00 -30.58 13.86
C SER A 20 -13.89 -30.32 14.88
N SER A 21 -14.26 -30.34 16.16
CA SER A 21 -13.29 -30.12 17.24
C SER A 21 -12.61 -28.76 17.09
N ALA A 22 -13.26 -27.83 16.39
CA ALA A 22 -12.72 -26.50 16.18
C ALA A 22 -11.32 -26.56 15.58
N LYS A 23 -10.62 -25.43 15.58
CA LYS A 23 -9.27 -25.35 15.04
C LYS A 23 -8.31 -24.75 16.05
N ARG A 24 -7.03 -25.07 15.91
CA ARG A 24 -6.01 -24.56 16.83
C ARG A 24 -4.78 -24.09 16.06
N HIS A 25 -5.00 -23.60 14.84
CA HIS A 25 -3.91 -23.11 14.00
C HIS A 25 -3.43 -21.75 14.48
N LEU A 26 -4.27 -20.74 14.33
CA LEU A 26 -3.93 -19.39 14.74
C LEU A 26 -4.77 -18.96 15.94
N ALA A 27 -4.33 -17.91 16.64
CA ALA A 27 -5.04 -17.41 17.80
C ALA A 27 -4.63 -15.97 18.11
N GLU A 28 -5.61 -15.14 18.44
CA GLU A 28 -5.35 -13.74 18.76
C GLU A 28 -4.60 -13.62 20.08
N GLN A 29 -3.88 -12.51 20.25
CA GLN A 29 -3.11 -12.27 21.46
C GLN A 29 -2.43 -10.91 21.41
N PHE A 30 -1.94 -10.53 20.24
CA PHE A 30 -1.26 -9.26 20.06
C PHE A 30 -2.23 -8.18 19.59
N ALA A 31 -3.40 -8.13 20.21
CA ALA A 31 -4.41 -7.14 19.85
C ALA A 31 -5.65 -7.23 20.73
N VAL A 32 -6.26 -6.10 21.01
CA VAL A 32 -7.46 -6.04 21.83
C VAL A 32 -7.17 -6.48 23.27
N GLY A 33 -6.80 -5.52 24.12
CA GLY A 33 -6.51 -5.83 25.51
C GLY A 33 -5.04 -6.07 25.77
N GLU A 34 -4.31 -6.48 24.73
CA GLU A 34 -2.88 -6.76 24.86
C GLU A 34 -2.07 -5.48 24.72
N ILE A 35 -1.08 -5.32 25.60
CA ILE A 35 -0.22 -4.14 25.59
C ILE A 35 1.11 -4.45 24.90
N ILE A 36 1.65 -3.48 24.18
CA ILE A 36 2.91 -3.67 23.49
C ILE A 36 3.97 -2.68 23.97
N THR A 37 5.23 -3.09 23.89
CA THR A 37 6.33 -2.23 24.32
C THR A 37 6.94 -1.48 23.13
N ASP A 38 7.31 -0.23 23.36
CA ASP A 38 7.89 0.59 22.28
C ASP A 38 9.42 0.56 22.35
N MET A 39 10.05 1.52 21.67
CA MET A 39 11.50 1.61 21.65
C MET A 39 12.00 2.23 22.94
N ALA A 40 11.28 3.27 23.39
CA ALA A 40 11.62 3.95 24.64
C ALA A 40 11.19 3.11 25.83
N LYS A 41 10.51 1.99 25.57
CA LYS A 41 10.03 1.09 26.61
C LYS A 41 8.64 1.49 27.09
N LYS A 42 7.87 2.10 26.20
CA LYS A 42 6.52 2.53 26.51
C LYS A 42 5.57 1.33 26.49
N GLU A 43 4.29 1.58 26.71
CA GLU A 43 3.29 0.52 26.73
C GLU A 43 2.08 0.91 25.90
N TRP A 44 2.19 0.75 24.59
CA TRP A 44 1.09 1.09 23.68
C TRP A 44 -0.03 0.05 23.76
N LYS A 45 -1.27 0.52 23.78
CA LYS A 45 -2.42 -0.36 23.85
C LYS A 45 -2.97 -0.66 22.46
N VAL A 46 -2.95 -1.93 22.08
CA VAL A 46 -3.43 -2.35 20.77
C VAL A 46 -4.96 -2.27 20.70
N GLY A 47 -5.48 -1.89 19.54
CA GLY A 47 -6.91 -1.78 19.36
C GLY A 47 -7.56 -3.09 18.95
N LEU A 48 -8.16 -3.10 17.77
CA LEU A 48 -8.83 -4.29 17.26
C LEU A 48 -8.09 -4.84 16.04
N PRO A 49 -8.40 -6.10 15.65
CA PRO A 49 -7.77 -6.75 14.50
C PRO A 49 -8.11 -6.05 13.18
N ILE A 50 -7.12 -5.97 12.29
CA ILE A 50 -7.33 -5.32 10.99
C ILE A 50 -6.38 -5.88 9.94
N GLY A 51 -6.72 -7.05 9.40
CA GLY A 51 -5.89 -7.67 8.40
C GLY A 51 -5.53 -9.10 8.74
N GLN A 52 -6.27 -10.04 8.18
CA GLN A 52 -6.03 -11.46 8.43
C GLN A 52 -6.16 -11.78 9.91
N GLY A 53 -7.33 -12.26 10.32
CA GLY A 53 -7.57 -12.60 11.71
C GLY A 53 -6.86 -13.87 12.12
N GLY A 54 -5.53 -13.83 12.16
CA GLY A 54 -4.76 -15.00 12.54
C GLY A 54 -3.67 -14.67 13.55
N PHE A 55 -2.45 -14.50 13.05
CA PHE A 55 -1.31 -14.18 13.90
C PHE A 55 -1.28 -12.69 14.23
N GLY A 56 -0.97 -11.87 13.22
CA GLY A 56 -0.90 -10.44 13.43
C GLY A 56 -0.77 -9.68 12.12
N CYS A 57 0.44 -9.23 11.82
CA CYS A 57 0.71 -8.47 10.59
C CYS A 57 0.28 -7.03 10.73
N ILE A 58 -1.00 -6.82 11.06
CA ILE A 58 -1.53 -5.48 11.21
C ILE A 58 -2.53 -5.41 12.37
N TYR A 59 -2.34 -4.41 13.24
CA TYR A 59 -3.22 -4.22 14.40
C TYR A 59 -3.37 -2.74 14.72
N LEU A 60 -4.51 -2.36 15.27
CA LEU A 60 -4.76 -0.97 15.63
C LEU A 60 -3.90 -0.57 16.82
N ALA A 61 -3.69 0.73 16.99
CA ALA A 61 -2.87 1.23 18.09
C ALA A 61 -3.55 2.40 18.80
N ASP A 62 -3.20 2.58 20.07
CA ASP A 62 -3.79 3.65 20.87
C ASP A 62 -2.79 4.15 21.91
N MET A 63 -2.62 5.45 22.00
CA MET A 63 -1.70 6.05 22.95
C MET A 63 -2.35 6.20 24.33
N ASN A 64 -2.82 5.08 24.87
CA ASN A 64 -3.46 5.09 26.18
C ASN A 64 -3.22 3.76 26.90
N SER A 65 -3.80 3.63 28.09
CA SER A 65 -3.66 2.41 28.88
C SER A 65 -4.51 2.48 30.14
N SER A 66 -5.70 3.07 30.03
CA SER A 66 -6.61 3.20 31.15
C SER A 66 -7.34 1.88 31.41
N GLU A 67 -8.21 1.51 30.48
CA GLU A 67 -8.98 0.27 30.60
C GLU A 67 -8.77 -0.62 29.38
N SER A 68 -9.31 -0.19 28.24
CA SER A 68 -9.19 -0.96 27.00
C SER A 68 -9.46 -0.08 25.79
N VAL A 69 -9.00 -0.52 24.63
CA VAL A 69 -9.20 0.22 23.39
C VAL A 69 -10.49 -0.20 22.70
N GLY A 70 -11.21 0.77 22.15
CA GLY A 70 -12.45 0.48 21.46
C GLY A 70 -12.36 0.71 19.96
N SER A 71 -13.25 1.56 19.45
CA SER A 71 -13.26 1.88 18.02
C SER A 71 -12.81 3.32 17.78
N ASP A 72 -11.93 3.81 18.64
CA ASP A 72 -11.42 5.17 18.52
C ASP A 72 -9.89 5.18 18.54
N ALA A 73 -9.29 4.23 17.84
CA ALA A 73 -7.83 4.13 17.77
C ALA A 73 -7.32 4.53 16.40
N PRO A 74 -6.97 5.81 16.20
CA PRO A 74 -6.47 6.32 14.92
C PRO A 74 -4.99 6.02 14.71
N CYS A 75 -4.59 4.78 14.93
CA CYS A 75 -3.20 4.38 14.76
C CYS A 75 -3.10 2.91 14.33
N VAL A 76 -2.08 2.60 13.55
CA VAL A 76 -1.88 1.24 13.07
C VAL A 76 -0.49 0.72 13.44
N VAL A 77 -0.40 -0.58 13.74
CA VAL A 77 0.86 -1.20 14.11
C VAL A 77 1.07 -2.49 13.33
N LYS A 78 2.18 -2.56 12.60
CA LYS A 78 2.50 -3.74 11.80
C LYS A 78 3.46 -4.65 12.56
N VAL A 79 3.00 -5.86 12.88
CA VAL A 79 3.83 -6.81 13.61
C VAL A 79 4.18 -8.02 12.74
N GLU A 80 5.45 -8.41 12.77
CA GLU A 80 5.92 -9.55 12.00
C GLU A 80 6.95 -10.36 12.79
N PRO A 81 7.03 -11.67 12.54
CA PRO A 81 7.97 -12.55 13.23
C PRO A 81 9.42 -12.25 12.87
N SER A 82 10.12 -11.54 13.74
CA SER A 82 11.51 -11.19 13.50
C SER A 82 11.65 -10.35 12.23
N ASP A 83 12.86 -9.86 11.98
CA ASP A 83 13.12 -9.04 10.80
C ASP A 83 13.12 -9.90 9.55
N ASN A 84 12.77 -9.29 8.42
CA ASN A 84 12.72 -9.99 7.15
C ASN A 84 13.47 -9.21 6.07
N GLY A 85 13.09 -7.96 5.88
CA GLY A 85 13.74 -7.13 4.87
C GLY A 85 12.92 -5.89 4.52
N PRO A 86 11.77 -6.07 3.86
CA PRO A 86 10.90 -4.95 3.47
C PRO A 86 10.58 -4.03 4.65
N LEU A 87 10.41 -4.63 5.83
CA LEU A 87 10.11 -3.86 7.03
C LEU A 87 11.31 -3.07 7.50
N PHE A 88 12.49 -3.68 7.41
CA PHE A 88 13.73 -3.03 7.82
C PHE A 88 13.97 -1.76 7.01
N THR A 89 13.70 -1.84 5.71
CA THR A 89 13.89 -0.69 4.82
C THR A 89 12.89 0.41 5.15
N GLU A 90 11.71 0.02 5.59
CA GLU A 90 10.66 0.97 5.93
C GLU A 90 10.98 1.68 7.24
N LEU A 91 11.36 0.92 8.26
CA LEU A 91 11.68 1.47 9.57
C LEU A 91 12.83 2.48 9.45
N LYS A 92 13.89 2.09 8.75
CA LYS A 92 15.05 2.95 8.57
C LYS A 92 14.65 4.25 7.88
N PHE A 93 13.85 4.14 6.83
CA PHE A 93 13.40 5.31 6.09
C PHE A 93 12.39 6.12 6.89
N TYR A 94 11.44 5.43 7.50
CA TYR A 94 10.41 6.09 8.30
C TYR A 94 11.02 6.94 9.41
N GLN A 95 12.19 6.52 9.90
CA GLN A 95 12.86 7.24 10.98
C GLN A 95 13.60 8.48 10.47
N ARG A 96 14.35 8.31 9.37
CA ARG A 96 15.12 9.42 8.81
C ARG A 96 14.30 10.26 7.83
N ALA A 97 13.60 9.60 6.92
CA ALA A 97 12.79 10.29 5.92
C ALA A 97 11.43 10.71 6.49
N ALA A 98 10.77 9.78 7.19
CA ALA A 98 9.47 10.06 7.77
C ALA A 98 9.58 10.51 9.22
N LYS A 99 10.66 11.21 9.54
CA LYS A 99 10.88 11.70 10.90
C LYS A 99 9.93 12.85 11.22
N PRO A 100 9.13 12.72 12.30
CA PRO A 100 8.18 13.77 12.70
C PRO A 100 8.87 15.08 13.05
N GLU A 101 10.14 14.99 13.44
CA GLU A 101 10.91 16.17 13.80
C GLU A 101 11.42 16.89 12.56
N GLN A 102 11.78 16.11 11.54
CA GLN A 102 12.29 16.66 10.29
C GLN A 102 11.17 17.17 9.41
N ILE A 103 10.18 16.32 9.14
CA ILE A 103 9.04 16.69 8.31
C ILE A 103 8.33 17.92 8.87
N GLN A 104 7.90 17.83 10.12
CA GLN A 104 7.20 18.93 10.77
C GLN A 104 8.01 20.23 10.67
N LYS A 105 9.33 20.11 10.81
CA LYS A 105 10.21 21.26 10.74
C LYS A 105 10.37 21.75 9.30
N TRP A 106 10.54 20.80 8.38
CA TRP A 106 10.70 21.13 6.97
C TRP A 106 9.46 21.83 6.42
N ILE A 107 8.31 21.20 6.64
CA ILE A 107 7.04 21.75 6.18
C ILE A 107 6.78 23.12 6.80
N ARG A 108 7.16 23.26 8.06
CA ARG A 108 6.98 24.53 8.77
C ARG A 108 7.98 25.58 8.32
N THR A 109 9.14 25.13 7.85
CA THR A 109 10.19 26.03 7.39
C THR A 109 9.96 26.46 5.96
N ARG A 110 9.34 25.58 5.17
CA ARG A 110 9.06 25.88 3.76
C ARG A 110 7.57 26.17 3.56
N LYS A 111 6.78 26.02 4.62
CA LYS A 111 5.35 26.25 4.54
C LYS A 111 4.71 25.36 3.48
N LEU A 112 5.32 24.21 3.24
CA LEU A 112 4.82 23.26 2.25
C LEU A 112 3.32 23.02 2.42
N LYS A 113 2.88 22.92 3.67
CA LYS A 113 1.47 22.69 3.99
C LYS A 113 1.08 21.24 3.74
N TYR A 114 2.01 20.43 3.26
CA TYR A 114 1.76 19.02 2.98
C TYR A 114 2.96 18.38 2.30
N LEU A 115 3.02 17.05 2.31
CA LEU A 115 4.11 16.33 1.69
C LEU A 115 3.65 14.99 1.14
N GLY A 116 3.23 14.09 2.02
CA GLY A 116 2.76 12.79 1.58
C GLY A 116 3.40 11.64 2.36
N VAL A 117 4.49 11.94 3.07
CA VAL A 117 5.19 10.93 3.83
C VAL A 117 4.42 10.56 5.11
N PRO A 118 4.15 9.27 5.32
CA PRO A 118 3.41 8.81 6.51
C PRO A 118 4.00 9.36 7.81
N LYS A 119 3.15 9.58 8.79
CA LYS A 119 3.59 10.10 10.09
C LYS A 119 4.10 8.98 10.99
N TYR A 120 5.39 9.04 11.31
CA TYR A 120 6.00 8.03 12.17
C TYR A 120 6.08 8.53 13.60
N TRP A 121 5.53 7.75 14.53
CA TRP A 121 5.54 8.12 15.93
C TRP A 121 6.63 7.37 16.69
N GLY A 122 6.79 6.09 16.37
CA GLY A 122 7.80 5.28 17.01
C GLY A 122 7.71 3.82 16.62
N SER A 123 8.57 3.00 17.24
CA SER A 123 8.59 1.57 16.95
C SER A 123 8.67 0.78 18.25
N GLY A 124 8.18 -0.47 18.22
CA GLY A 124 8.21 -1.29 19.41
C GLY A 124 8.61 -2.72 19.12
N LEU A 125 8.84 -3.48 20.19
CA LEU A 125 9.25 -4.88 20.07
C LEU A 125 8.58 -5.72 21.16
N HIS A 126 8.47 -7.02 20.92
CA HIS A 126 7.86 -7.93 21.87
C HIS A 126 8.53 -9.30 21.84
N ASP A 127 8.68 -9.90 23.02
CA ASP A 127 9.30 -11.22 23.13
C ASP A 127 8.31 -12.24 23.66
N LYS A 128 8.13 -13.33 22.93
CA LYS A 128 7.20 -14.38 23.32
C LYS A 128 7.81 -15.76 23.07
N ASN A 129 7.82 -16.58 24.12
CA ASN A 129 8.37 -17.93 24.02
C ASN A 129 9.85 -17.90 23.63
N GLY A 130 10.48 -16.74 23.78
CA GLY A 130 11.89 -16.62 23.44
C GLY A 130 12.11 -15.99 22.09
N LYS A 131 11.03 -15.76 21.34
CA LYS A 131 11.12 -15.16 20.02
C LYS A 131 10.89 -13.65 20.08
N SER A 132 11.79 -12.89 19.48
CA SER A 132 11.69 -11.44 19.47
C SER A 132 10.95 -10.95 18.23
N TYR A 133 9.96 -10.08 18.44
CA TYR A 133 9.17 -9.54 17.34
C TYR A 133 9.46 -8.05 17.16
N ARG A 134 9.32 -7.56 15.94
CA ARG A 134 9.55 -6.15 15.63
C ARG A 134 8.38 -5.56 14.87
N PHE A 135 7.81 -4.48 15.38
CA PHE A 135 6.69 -3.83 14.72
C PHE A 135 6.88 -2.32 14.63
N MET A 136 6.09 -1.68 13.78
CA MET A 136 6.14 -0.24 13.59
C MET A 136 4.75 0.36 13.74
N ILE A 137 4.67 1.52 14.37
CA ILE A 137 3.40 2.19 14.59
C ILE A 137 3.36 3.58 13.95
N MET A 138 2.55 3.71 12.90
CA MET A 138 2.42 4.98 12.19
C MET A 138 0.97 5.44 12.16
N ASP A 139 0.73 6.64 11.66
CA ASP A 139 -0.61 7.20 11.58
C ASP A 139 -1.54 6.26 10.81
N ARG A 140 -2.77 6.10 11.32
CA ARG A 140 -3.75 5.23 10.68
C ARG A 140 -4.21 5.81 9.35
N PHE A 141 -4.66 4.94 8.45
CA PHE A 141 -5.13 5.36 7.14
C PHE A 141 -6.60 4.98 6.94
N GLY A 142 -7.24 5.62 5.98
CA GLY A 142 -8.64 5.33 5.70
C GLY A 142 -8.82 4.12 4.80
N SER A 143 -8.52 4.28 3.53
CA SER A 143 -8.65 3.19 2.56
C SER A 143 -7.57 3.29 1.48
N ASP A 144 -7.01 2.15 1.12
CA ASP A 144 -5.97 2.10 0.10
C ASP A 144 -6.49 2.63 -1.23
N LEU A 145 -5.58 3.17 -2.04
CA LEU A 145 -5.95 3.72 -3.34
C LEU A 145 -6.57 2.63 -4.22
N GLN A 146 -6.27 1.37 -3.92
CA GLN A 146 -6.79 0.25 -4.69
C GLN A 146 -8.28 0.08 -4.41
N LYS A 147 -8.66 0.21 -3.14
CA LYS A 147 -10.05 0.08 -2.74
C LYS A 147 -10.90 1.20 -3.34
N ILE A 148 -10.26 2.33 -3.61
CA ILE A 148 -10.93 3.48 -4.19
C ILE A 148 -11.19 3.26 -5.68
N TYR A 149 -10.31 2.50 -6.31
CA TYR A 149 -10.43 2.20 -7.73
C TYR A 149 -11.80 1.62 -8.05
N GLU A 150 -12.22 0.64 -7.26
CA GLU A 150 -13.52 0.01 -7.45
C GLU A 150 -14.65 1.01 -7.26
N ALA A 151 -14.38 2.05 -6.48
CA ALA A 151 -15.38 3.09 -6.21
C ALA A 151 -15.54 4.02 -7.40
N ASN A 152 -14.56 4.03 -8.29
CA ASN A 152 -14.62 4.88 -9.47
C ASN A 152 -15.26 4.15 -10.65
N ALA A 153 -15.76 2.94 -10.40
CA ALA A 153 -16.40 2.10 -11.42
C ALA A 153 -15.37 1.22 -12.10
N LYS A 154 -14.50 0.62 -11.29
CA LYS A 154 -13.46 -0.25 -11.80
C LYS A 154 -12.52 0.52 -12.72
N ARG A 155 -12.54 1.85 -12.60
CA ARG A 155 -11.68 2.70 -13.43
C ARG A 155 -11.62 4.12 -12.88
N PHE A 156 -10.41 4.61 -12.66
CA PHE A 156 -10.21 5.95 -12.14
C PHE A 156 -10.41 7.00 -13.23
N SER A 157 -10.69 8.23 -12.83
CA SER A 157 -10.91 9.32 -13.79
C SER A 157 -9.61 10.08 -14.04
N ARG A 158 -9.57 10.81 -15.15
CA ARG A 158 -8.39 11.59 -15.52
C ARG A 158 -8.07 12.62 -14.44
N LYS A 159 -9.11 13.08 -13.74
CA LYS A 159 -8.94 14.07 -12.69
C LYS A 159 -8.18 13.47 -11.50
N THR A 160 -8.55 12.26 -11.12
CA THR A 160 -7.90 11.58 -10.00
C THR A 160 -6.47 11.22 -10.34
N VAL A 161 -6.27 10.68 -11.54
CA VAL A 161 -4.94 10.28 -12.00
C VAL A 161 -3.97 11.46 -11.96
N LEU A 162 -4.34 12.55 -12.61
CA LEU A 162 -3.50 13.74 -12.65
C LEU A 162 -3.28 14.30 -11.26
N GLN A 163 -4.35 14.39 -10.48
CA GLN A 163 -4.27 14.91 -9.12
C GLN A 163 -3.31 14.08 -8.28
N LEU A 164 -3.41 12.75 -8.41
CA LEU A 164 -2.53 11.86 -7.67
C LEU A 164 -1.12 11.88 -8.24
N SER A 165 -1.02 11.98 -9.55
CA SER A 165 0.27 12.02 -10.23
C SER A 165 1.13 13.17 -9.72
N LEU A 166 0.49 14.32 -9.52
CA LEU A 166 1.19 15.51 -9.03
C LEU A 166 1.58 15.34 -7.57
N ARG A 167 0.65 14.82 -6.77
CA ARG A 167 0.89 14.60 -5.35
C ARG A 167 2.07 13.66 -5.15
N ILE A 168 2.14 12.61 -5.97
CA ILE A 168 3.22 11.65 -5.88
C ILE A 168 4.53 12.25 -6.37
N LEU A 169 4.44 13.14 -7.35
CA LEU A 169 5.61 13.81 -7.90
C LEU A 169 6.28 14.67 -6.84
N ASP A 170 5.47 15.37 -6.05
CA ASP A 170 5.98 16.22 -4.99
C ASP A 170 6.77 15.41 -3.97
N ILE A 171 6.31 14.19 -3.71
CA ILE A 171 6.98 13.32 -2.76
C ILE A 171 8.27 12.77 -3.36
N LEU A 172 8.24 12.42 -4.64
CA LEU A 172 9.40 11.89 -5.32
C LEU A 172 10.58 12.85 -5.22
N GLU A 173 10.27 14.14 -5.20
CA GLU A 173 11.29 15.17 -5.10
C GLU A 173 11.83 15.25 -3.68
N TYR A 174 10.99 14.92 -2.71
CA TYR A 174 11.39 14.96 -1.31
C TYR A 174 12.35 13.81 -0.98
N ILE A 175 11.95 12.60 -1.33
CA ILE A 175 12.78 11.42 -1.09
C ILE A 175 14.06 11.49 -1.91
N HIS A 176 14.00 12.17 -3.04
CA HIS A 176 15.16 12.32 -3.91
C HIS A 176 16.24 13.15 -3.23
N GLU A 177 15.80 14.20 -2.54
CA GLU A 177 16.72 15.09 -1.83
C GLU A 177 17.29 14.39 -0.60
N HIS A 178 16.71 13.27 -0.21
CA HIS A 178 17.18 12.52 0.95
C HIS A 178 17.90 11.23 0.52
N GLU A 179 18.06 11.06 -0.79
CA GLU A 179 18.73 9.87 -1.32
C GLU A 179 17.90 8.62 -1.04
N TYR A 180 16.60 8.69 -1.32
CA TYR A 180 15.71 7.57 -1.10
C TYR A 180 14.77 7.36 -2.29
N VAL A 181 14.85 6.18 -2.90
CA VAL A 181 14.02 5.86 -4.05
C VAL A 181 13.23 4.58 -3.80
N HIS A 182 12.26 4.30 -4.68
CA HIS A 182 11.44 3.10 -4.55
C HIS A 182 10.98 2.61 -5.92
N GLY A 183 10.38 3.50 -6.70
CA GLY A 183 9.90 3.12 -8.01
C GLY A 183 8.72 2.17 -7.96
N ASP A 184 7.83 2.39 -6.98
CA ASP A 184 6.66 1.55 -6.83
C ASP A 184 5.38 2.32 -7.14
N ILE A 185 4.90 3.10 -6.16
CA ILE A 185 3.69 3.89 -6.34
C ILE A 185 2.56 3.06 -6.95
N LYS A 186 1.72 2.48 -6.10
CA LYS A 186 0.61 1.66 -6.56
C LYS A 186 -0.62 1.88 -5.68
N ALA A 187 -1.73 1.26 -6.08
CA ALA A 187 -2.98 1.37 -5.33
C ALA A 187 -2.97 0.48 -4.09
N SER A 188 -1.90 -0.31 -3.94
CA SER A 188 -1.76 -1.20 -2.80
C SER A 188 -0.70 -0.69 -1.83
N ASN A 189 -0.10 0.45 -2.19
CA ASN A 189 0.93 1.06 -1.37
C ASN A 189 0.57 2.51 -1.05
N LEU A 190 -0.48 3.00 -1.71
CA LEU A 190 -0.95 4.36 -1.48
C LEU A 190 -2.27 4.34 -0.72
N LEU A 191 -2.28 4.92 0.48
CA LEU A 191 -3.48 4.93 1.31
C LEU A 191 -3.89 6.35 1.67
N LEU A 192 -5.14 6.51 2.09
CA LEU A 192 -5.67 7.81 2.46
C LEU A 192 -5.52 8.06 3.96
N ASN A 193 -5.37 9.33 4.34
CA ASN A 193 -5.21 9.69 5.74
C ASN A 193 -6.49 9.39 6.52
N TYR A 194 -6.35 8.69 7.64
CA TYR A 194 -7.50 8.35 8.48
C TYR A 194 -8.02 9.58 9.20
N LYS A 195 -7.19 10.17 10.06
CA LYS A 195 -7.56 11.36 10.80
C LYS A 195 -7.86 12.51 9.85
N ASN A 196 -7.35 12.42 8.62
CA ASN A 196 -7.56 13.45 7.62
C ASN A 196 -7.96 12.85 6.28
N PRO A 197 -9.23 12.42 6.14
CA PRO A 197 -9.71 11.81 4.89
C PRO A 197 -9.76 12.82 3.76
N ASP A 198 -8.60 13.09 3.17
CA ASP A 198 -8.50 14.04 2.06
C ASP A 198 -7.06 14.16 1.58
N GLN A 199 -6.35 13.04 1.58
CA GLN A 199 -4.97 13.00 1.14
C GLN A 199 -4.45 11.56 1.11
N VAL A 200 -3.58 11.27 0.15
CA VAL A 200 -3.03 9.93 0.03
C VAL A 200 -1.56 9.91 0.41
N TYR A 201 -1.13 8.79 0.98
CA TYR A 201 0.25 8.62 1.41
C TYR A 201 0.87 7.37 0.81
N LEU A 202 2.19 7.33 0.74
CA LEU A 202 2.90 6.19 0.18
C LEU A 202 3.49 5.33 1.30
N VAL A 203 3.01 4.10 1.42
CA VAL A 203 3.48 3.18 2.44
C VAL A 203 4.31 2.06 1.83
N ASP A 204 5.37 1.67 2.53
CA ASP A 204 6.25 0.61 2.06
C ASP A 204 6.83 0.94 0.68
N TYR A 205 8.11 1.29 0.64
CA TYR A 205 8.77 1.63 -0.60
C TYR A 205 9.07 0.37 -1.42
N GLY A 206 9.17 -0.76 -0.74
CA GLY A 206 9.45 -2.01 -1.42
C GLY A 206 10.93 -2.33 -1.45
N LEU A 207 11.76 -1.31 -1.35
CA LEU A 207 13.21 -1.48 -1.36
C LEU A 207 13.91 -0.40 -0.56
N ALA A 208 13.47 0.85 -0.74
CA ALA A 208 14.06 1.99 -0.04
C ALA A 208 15.59 1.92 -0.08
N TYR A 209 16.18 2.48 -1.13
CA TYR A 209 17.62 2.47 -1.27
C TYR A 209 18.12 3.77 -1.92
N ARG A 210 19.33 4.17 -1.54
CA ARG A 210 19.93 5.39 -2.08
C ARG A 210 20.39 5.18 -3.51
N TYR A 211 19.57 5.61 -4.47
CA TYR A 211 19.89 5.47 -5.88
C TYR A 211 21.29 6.00 -6.19
N CYS A 212 21.76 6.94 -5.37
CA CYS A 212 23.08 7.52 -5.57
C CYS A 212 24.11 6.86 -4.64
N PRO A 213 24.88 5.88 -5.15
CA PRO A 213 25.89 5.17 -4.37
C PRO A 213 27.04 6.09 -3.94
N GLU A 214 27.63 6.77 -4.92
CA GLU A 214 28.75 7.67 -4.65
C GLU A 214 28.69 8.90 -5.57
N GLY A 215 27.47 9.28 -5.95
CA GLY A 215 27.30 10.44 -6.81
C GLY A 215 27.62 10.12 -8.26
N VAL A 216 26.58 9.93 -9.07
CA VAL A 216 26.75 9.63 -10.48
C VAL A 216 27.15 10.87 -11.26
N HIS A 217 28.17 10.73 -12.11
CA HIS A 217 28.67 11.83 -12.91
C HIS A 217 29.11 11.35 -14.29
N LYS A 218 28.44 10.33 -14.81
CA LYS A 218 28.78 9.78 -16.12
C LYS A 218 27.79 8.68 -16.51
N GLU A 219 27.66 8.46 -17.82
CA GLU A 219 26.75 7.43 -18.33
C GLU A 219 27.43 6.07 -18.37
N TYR A 220 26.63 5.01 -18.41
CA TYR A 220 27.17 3.65 -18.44
C TYR A 220 26.25 2.73 -19.23
N LYS A 221 24.94 2.83 -18.98
CA LYS A 221 23.97 2.00 -19.67
C LYS A 221 24.23 0.52 -19.42
N GLU A 222 24.47 0.17 -18.16
CA GLU A 222 24.74 -1.20 -17.78
C GLU A 222 24.53 -1.41 -16.28
N ASP A 223 23.92 -2.53 -15.93
CA ASP A 223 23.65 -2.86 -14.53
C ASP A 223 24.92 -2.74 -13.68
N PRO A 224 25.02 -1.69 -12.85
CA PRO A 224 26.19 -1.48 -11.99
C PRO A 224 26.43 -2.65 -11.04
N LYS A 225 25.34 -3.29 -10.62
CA LYS A 225 25.44 -4.43 -9.72
C LYS A 225 24.14 -5.25 -9.74
N ARG A 226 23.48 -5.25 -10.89
CA ARG A 226 22.24 -6.00 -11.05
C ARG A 226 21.18 -5.50 -10.08
N CYS A 227 20.70 -4.27 -10.31
CA CYS A 227 19.68 -3.67 -9.45
C CYS A 227 18.43 -4.53 -9.41
N HIS A 228 17.67 -4.53 -10.51
CA HIS A 228 16.45 -5.32 -10.61
C HIS A 228 15.48 -4.94 -9.49
N ASP A 229 14.54 -4.05 -9.82
CA ASP A 229 13.55 -3.60 -8.84
C ASP A 229 12.16 -4.08 -9.23
N GLY A 230 11.42 -4.59 -8.24
CA GLY A 230 10.08 -5.09 -8.50
C GLY A 230 10.07 -6.35 -9.35
N THR A 231 9.13 -7.24 -9.06
CA THR A 231 9.02 -8.50 -9.80
C THR A 231 8.81 -8.24 -11.28
N ILE A 232 7.58 -7.93 -11.66
CA ILE A 232 7.24 -7.66 -13.06
C ILE A 232 5.90 -6.95 -13.18
N GLU A 233 5.52 -6.19 -12.14
CA GLU A 233 4.26 -5.46 -12.14
C GLU A 233 4.43 -4.08 -12.79
N PHE A 234 5.58 -3.48 -12.58
CA PHE A 234 5.86 -2.16 -13.13
C PHE A 234 7.37 -1.97 -13.35
N THR A 235 8.05 -3.07 -13.68
CA THR A 235 9.48 -3.03 -13.91
C THR A 235 9.82 -2.21 -15.14
N SER A 236 10.74 -1.26 -14.98
CA SER A 236 11.14 -0.39 -16.09
C SER A 236 12.32 -1.01 -16.84
N ILE A 237 12.35 -0.76 -18.15
CA ILE A 237 13.42 -1.30 -19.00
C ILE A 237 14.79 -0.83 -18.51
N ASP A 238 14.85 0.39 -18.01
CA ASP A 238 16.10 0.96 -17.51
C ASP A 238 16.48 0.33 -16.17
N ALA A 239 15.46 -0.06 -15.40
CA ALA A 239 15.69 -0.68 -14.09
C ALA A 239 16.17 -2.12 -14.24
N HIS A 240 15.59 -2.83 -15.21
CA HIS A 240 15.96 -4.22 -15.45
C HIS A 240 17.43 -4.34 -15.78
N ASN A 241 17.92 -3.45 -16.63
CA ASN A 241 19.33 -3.46 -17.04
C ASN A 241 20.17 -2.54 -16.14
N GLY A 242 19.52 -1.90 -15.17
CA GLY A 242 20.22 -1.01 -14.27
C GLY A 242 20.67 0.28 -14.94
N VAL A 243 20.23 0.49 -16.18
CA VAL A 243 20.59 1.69 -16.92
C VAL A 243 20.07 2.94 -16.22
N ALA A 244 20.97 3.90 -15.98
CA ALA A 244 20.59 5.15 -15.31
C ALA A 244 20.09 4.88 -13.90
N PRO A 245 20.22 5.86 -13.00
CA PRO A 245 19.77 5.72 -11.61
C PRO A 245 18.28 5.41 -11.51
N SER A 246 17.73 5.56 -10.31
CA SER A 246 16.31 5.29 -10.08
C SER A 246 15.50 6.58 -10.13
N ARG A 247 15.98 7.57 -10.89
CA ARG A 247 15.31 8.84 -11.01
C ARG A 247 14.33 8.83 -12.18
N ARG A 248 14.84 8.46 -13.36
CA ARG A 248 14.02 8.39 -14.55
C ARG A 248 13.05 7.22 -14.49
N GLY A 249 13.41 6.19 -13.72
CA GLY A 249 12.55 5.03 -13.59
C GLY A 249 11.24 5.35 -12.91
N ASP A 250 11.28 6.24 -11.92
CA ASP A 250 10.08 6.62 -11.19
C ASP A 250 9.06 7.25 -12.13
N LEU A 251 9.54 8.07 -13.05
CA LEU A 251 8.67 8.73 -14.02
C LEU A 251 8.04 7.72 -14.97
N GLU A 252 8.80 6.69 -15.32
CA GLU A 252 8.32 5.65 -16.22
C GLU A 252 7.15 4.90 -15.61
N ILE A 253 7.25 4.60 -14.32
CA ILE A 253 6.19 3.90 -13.60
C ILE A 253 4.93 4.74 -13.53
N LEU A 254 5.11 6.03 -13.30
CA LEU A 254 3.98 6.96 -13.21
C LEU A 254 3.26 7.06 -14.55
N GLY A 255 4.04 7.10 -15.63
CA GLY A 255 3.46 7.20 -16.96
C GLY A 255 2.53 6.05 -17.27
N TYR A 256 2.97 4.84 -16.94
CA TYR A 256 2.17 3.64 -17.19
C TYR A 256 1.08 3.47 -16.13
N CYS A 257 1.32 4.03 -14.95
CA CYS A 257 0.37 3.95 -13.85
C CYS A 257 -0.99 4.52 -14.25
N MET A 258 -0.97 5.66 -14.92
CA MET A 258 -2.19 6.32 -15.36
C MET A 258 -2.98 5.43 -16.31
N ILE A 259 -2.30 4.92 -17.33
CA ILE A 259 -2.93 4.05 -18.31
C ILE A 259 -3.42 2.76 -17.67
N GLN A 260 -2.78 2.35 -16.58
CA GLN A 260 -3.16 1.14 -15.88
C GLN A 260 -4.49 1.32 -15.15
N TRP A 261 -4.63 2.45 -14.47
CA TRP A 261 -5.85 2.75 -13.74
C TRP A 261 -6.93 3.32 -14.67
N LEU A 262 -6.51 4.19 -15.58
CA LEU A 262 -7.44 4.81 -16.53
C LEU A 262 -8.01 3.77 -17.50
N THR A 263 -7.15 2.85 -17.93
CA THR A 263 -7.57 1.80 -18.86
C THR A 263 -7.84 0.48 -18.14
N GLY A 264 -7.65 0.46 -16.82
CA GLY A 264 -7.88 -0.74 -16.05
C GLY A 264 -7.05 -1.90 -16.54
N HIS A 265 -5.91 -2.12 -15.88
CA HIS A 265 -5.01 -3.21 -16.24
C HIS A 265 -4.47 -3.04 -17.66
N LEU A 266 -3.22 -3.42 -17.87
CA LEU A 266 -2.58 -3.30 -19.17
C LEU A 266 -2.10 -4.68 -19.65
N PRO A 267 -1.77 -4.80 -20.95
CA PRO A 267 -1.30 -6.07 -21.53
C PRO A 267 0.06 -6.48 -20.99
N TRP A 268 0.12 -6.74 -19.68
CA TRP A 268 1.36 -7.15 -19.03
C TRP A 268 1.14 -7.28 -17.53
N GLU A 269 0.35 -6.37 -16.98
CA GLU A 269 0.03 -6.38 -15.56
C GLU A 269 -1.30 -7.10 -15.32
N ASP A 270 -1.73 -7.88 -16.31
CA ASP A 270 -2.97 -8.62 -16.21
C ASP A 270 -2.90 -9.68 -15.11
N ASN A 271 -1.91 -10.56 -15.20
CA ASN A 271 -1.74 -11.61 -14.20
C ASN A 271 -0.34 -11.61 -13.62
N LEU A 272 0.63 -11.14 -14.41
CA LEU A 272 2.02 -11.11 -13.99
C LEU A 272 2.56 -12.53 -13.94
N LYS A 273 1.80 -13.45 -14.52
CA LYS A 273 2.19 -14.85 -14.57
C LYS A 273 3.10 -15.10 -15.77
N ASP A 274 3.11 -14.15 -16.70
CA ASP A 274 3.94 -14.26 -17.89
C ASP A 274 4.72 -12.97 -18.15
N PRO A 275 6.01 -12.94 -17.77
CA PRO A 275 6.86 -11.75 -17.96
C PRO A 275 7.43 -11.65 -19.37
N LYS A 276 6.86 -12.42 -20.30
CA LYS A 276 7.31 -12.41 -21.68
C LYS A 276 6.77 -11.20 -22.43
N TYR A 277 5.47 -10.97 -22.32
CA TYR A 277 4.83 -9.84 -22.98
C TYR A 277 5.09 -8.54 -22.24
N VAL A 278 5.33 -8.65 -20.93
CA VAL A 278 5.59 -7.47 -20.11
C VAL A 278 6.84 -6.74 -20.59
N ARG A 279 7.85 -7.50 -21.00
CA ARG A 279 9.10 -6.93 -21.49
C ARG A 279 8.93 -6.34 -22.89
N ASP A 280 8.27 -7.10 -23.77
CA ASP A 280 8.04 -6.65 -25.14
C ASP A 280 7.11 -5.45 -25.19
N SER A 281 5.97 -5.56 -24.50
CA SER A 281 4.99 -4.49 -24.46
C SER A 281 5.60 -3.20 -23.92
N LYS A 282 6.40 -3.32 -22.87
CA LYS A 282 7.04 -2.17 -22.25
C LYS A 282 7.98 -1.48 -23.23
N ILE A 283 8.73 -2.26 -23.99
CA ILE A 283 9.67 -1.72 -24.96
C ILE A 283 8.94 -1.19 -26.19
N ARG A 284 7.80 -1.78 -26.50
CA ARG A 284 7.01 -1.36 -27.66
C ARG A 284 6.17 -0.12 -27.34
N TYR A 285 5.53 -0.14 -26.18
CA TYR A 285 4.68 0.98 -25.76
C TYR A 285 5.51 2.21 -25.41
N ARG A 286 6.64 1.99 -24.76
CA ARG A 286 7.52 3.10 -24.37
C ARG A 286 7.86 3.97 -25.58
N GLU A 287 7.83 3.37 -26.76
CA GLU A 287 8.12 4.10 -28.00
C GLU A 287 6.86 4.30 -28.84
N ASN A 288 5.70 4.08 -28.23
CA ASN A 288 4.43 4.24 -28.92
C ASN A 288 3.42 4.95 -28.03
N ILE A 289 3.86 6.03 -27.39
CA ILE A 289 2.99 6.81 -26.51
C ILE A 289 1.69 7.19 -27.20
N ALA A 290 1.77 7.49 -28.49
CA ALA A 290 0.61 7.88 -29.26
C ALA A 290 -0.30 6.69 -29.56
N SER A 291 0.30 5.51 -29.72
CA SER A 291 -0.45 4.30 -30.02
C SER A 291 -1.30 3.86 -28.82
N LEU A 292 -0.73 3.98 -27.62
CA LEU A 292 -1.44 3.59 -26.41
C LEU A 292 -2.48 4.65 -26.03
N MET A 293 -2.21 5.90 -26.41
CA MET A 293 -3.12 6.99 -26.11
C MET A 293 -4.42 6.84 -26.90
N ASP A 294 -4.31 6.39 -28.13
CA ASP A 294 -5.48 6.20 -28.99
C ASP A 294 -6.15 4.86 -28.71
N LYS A 295 -5.36 3.88 -28.32
CA LYS A 295 -5.89 2.54 -28.03
C LYS A 295 -6.44 2.48 -26.60
N CYS A 296 -5.63 2.90 -25.64
CA CYS A 296 -6.06 2.88 -24.24
C CYS A 296 -7.09 3.96 -23.96
N PHE A 297 -6.89 5.14 -24.54
CA PHE A 297 -7.80 6.26 -24.35
C PHE A 297 -8.47 6.64 -25.67
N PRO A 298 -9.69 7.21 -25.60
CA PRO A 298 -10.44 7.62 -26.79
C PRO A 298 -9.86 8.88 -27.42
N GLU A 299 -9.66 8.84 -28.75
CA GLU A 299 -9.12 9.98 -29.47
C GLU A 299 -10.23 10.83 -30.07
N LYS A 300 -11.27 11.07 -29.28
CA LYS A 300 -12.41 11.87 -29.74
C LYS A 300 -12.41 13.24 -29.08
N ASN A 301 -12.41 13.24 -27.75
CA ASN A 301 -12.42 14.48 -26.99
C ASN A 301 -11.98 14.26 -25.55
N LYS A 302 -12.02 15.31 -24.75
CA LYS A 302 -11.62 15.22 -23.34
C LYS A 302 -10.16 14.79 -23.22
N PRO A 303 -9.22 15.76 -23.24
CA PRO A 303 -7.79 15.46 -23.13
C PRO A 303 -7.39 15.03 -21.72
N GLY A 304 -6.45 14.11 -21.64
CA GLY A 304 -5.99 13.63 -20.34
C GLY A 304 -4.74 14.33 -19.86
N GLU A 305 -4.03 14.97 -20.78
CA GLU A 305 -2.80 15.69 -20.45
C GLU A 305 -1.66 14.71 -20.12
N ILE A 306 -1.88 13.43 -20.39
CA ILE A 306 -0.88 12.41 -20.12
C ILE A 306 0.19 12.39 -21.21
N ALA A 307 -0.25 12.41 -22.47
CA ALA A 307 0.64 12.40 -23.61
C ALA A 307 1.80 13.38 -23.42
N LYS A 308 1.49 14.58 -22.96
CA LYS A 308 2.51 15.60 -22.73
C LYS A 308 3.53 15.11 -21.71
N TYR A 309 3.04 14.48 -20.64
CA TYR A 309 3.90 13.95 -19.60
C TYR A 309 4.69 12.75 -20.11
N MET A 310 4.05 11.94 -20.95
CA MET A 310 4.70 10.76 -21.51
C MET A 310 5.82 11.17 -22.46
N GLU A 311 5.56 12.18 -23.27
CA GLU A 311 6.54 12.67 -24.24
C GLU A 311 7.81 13.12 -23.52
N THR A 312 7.64 13.93 -22.47
CA THR A 312 8.76 14.43 -21.70
C THR A 312 9.56 13.28 -21.09
N VAL A 313 8.85 12.24 -20.66
CA VAL A 313 9.49 11.07 -20.06
C VAL A 313 10.23 10.26 -21.11
N LYS A 314 9.80 10.37 -22.36
CA LYS A 314 10.42 9.65 -23.46
C LYS A 314 11.64 10.41 -23.96
N LEU A 315 11.50 11.72 -24.09
CA LEU A 315 12.59 12.57 -24.55
C LEU A 315 13.68 12.65 -23.48
N LEU A 316 13.36 12.21 -22.27
CA LEU A 316 14.33 12.23 -21.17
C LEU A 316 15.67 11.64 -21.60
N ASP A 317 16.69 12.49 -21.62
CA ASP A 317 18.02 12.06 -22.01
C ASP A 317 18.64 11.16 -20.95
N TYR A 318 19.41 10.17 -21.40
CA TYR A 318 20.06 9.24 -20.48
C TYR A 318 21.47 9.71 -20.13
N THR A 319 21.59 11.00 -19.81
CA THR A 319 22.88 11.58 -19.46
C THR A 319 22.70 12.84 -18.62
N GLU A 320 21.81 13.71 -19.08
CA GLU A 320 21.54 14.97 -18.37
C GLU A 320 20.43 15.74 -19.06
N LYS A 321 19.32 15.92 -18.35
CA LYS A 321 18.18 16.65 -18.89
C LYS A 321 17.07 16.79 -17.84
N PRO A 322 17.28 17.63 -16.82
CA PRO A 322 16.31 17.84 -15.75
C PRO A 322 15.09 18.63 -16.23
N LEU A 323 13.90 18.14 -15.90
CA LEU A 323 12.66 18.80 -16.29
C LEU A 323 11.52 18.44 -15.35
N TYR A 324 11.85 18.19 -14.09
CA TYR A 324 10.86 17.83 -13.08
C TYR A 324 9.79 18.91 -12.97
N GLU A 325 10.21 20.17 -13.09
CA GLU A 325 9.28 21.29 -13.00
C GLU A 325 8.30 21.27 -14.16
N ASN A 326 8.80 20.95 -15.35
CA ASN A 326 7.95 20.89 -16.54
C ASN A 326 6.88 19.82 -16.39
N LEU A 327 7.26 18.66 -15.86
CA LEU A 327 6.33 17.55 -15.66
C LEU A 327 5.14 18.00 -14.81
N ARG A 328 5.44 18.70 -13.72
CA ARG A 328 4.40 19.19 -12.83
C ARG A 328 3.38 20.03 -13.58
N ASP A 329 3.87 20.95 -14.42
CA ASP A 329 2.99 21.81 -15.19
C ASP A 329 2.09 21.00 -16.10
N ILE A 330 2.66 19.99 -16.75
CA ILE A 330 1.90 19.13 -17.65
C ILE A 330 0.67 18.55 -16.95
N LEU A 331 0.85 18.13 -15.70
CA LEU A 331 -0.24 17.56 -14.93
C LEU A 331 -1.12 18.65 -14.32
N LEU A 332 -0.49 19.61 -13.64
CA LEU A 332 -1.21 20.71 -13.01
C LEU A 332 -2.07 21.46 -14.02
N GLN A 333 -1.46 21.84 -15.14
CA GLN A 333 -2.17 22.58 -16.19
C GLN A 333 -3.43 21.84 -16.61
N GLY A 334 -3.31 20.54 -16.83
CA GLY A 334 -4.45 19.73 -17.25
C GLY A 334 -5.60 19.83 -16.26
N LEU A 335 -5.28 20.07 -14.99
CA LEU A 335 -6.30 20.18 -13.96
C LEU A 335 -7.14 21.44 -14.14
N LYS A 336 -6.56 22.44 -14.80
CA LYS A 336 -7.26 23.70 -15.04
C LYS A 336 -8.40 23.53 -16.03
N ALA A 337 -8.21 22.62 -16.99
CA ALA A 337 -9.23 22.37 -18.01
C ALA A 337 -10.36 21.50 -17.49
N ILE A 338 -10.12 20.79 -16.39
CA ILE A 338 -11.14 19.91 -15.82
C ILE A 338 -11.65 20.42 -14.48
N GLY A 339 -10.78 21.05 -13.70
CA GLY A 339 -11.18 21.56 -12.41
C GLY A 339 -10.95 23.05 -12.25
N SER A 340 -10.02 23.61 -13.03
CA SER A 340 -9.72 25.03 -12.97
C SER A 340 -8.99 25.38 -11.66
N LYS A 341 -7.77 24.85 -11.52
CA LYS A 341 -6.96 25.09 -10.33
C LYS A 341 -7.49 24.30 -9.13
N ASP A 342 -6.80 23.21 -8.80
CA ASP A 342 -7.19 22.36 -7.68
C ASP A 342 -5.99 22.09 -6.77
N ASP A 343 -6.28 21.61 -5.57
CA ASP A 343 -5.22 21.29 -4.61
C ASP A 343 -5.81 20.68 -3.34
N GLY A 344 -6.94 21.22 -2.90
CA GLY A 344 -7.60 20.71 -1.70
C GLY A 344 -8.60 19.62 -2.00
N LYS A 345 -8.20 18.66 -2.84
CA LYS A 345 -9.08 17.55 -3.20
C LYS A 345 -8.36 16.57 -4.12
N LEU A 346 -8.54 15.28 -3.86
CA LEU A 346 -7.91 14.23 -4.66
C LEU A 346 -8.88 13.66 -5.69
N ASP A 347 -10.13 14.10 -5.65
CA ASP A 347 -11.15 13.62 -6.58
C ASP A 347 -11.42 12.12 -6.38
N LEU A 348 -11.00 11.60 -5.22
CA LEU A 348 -11.20 10.19 -4.91
C LEU A 348 -12.66 9.91 -4.59
N SER A 349 -13.15 10.55 -3.53
CA SER A 349 -14.54 10.39 -3.10
C SER A 349 -14.74 9.08 -2.34
N VAL A 350 -14.36 7.97 -2.98
CA VAL A 350 -14.49 6.66 -2.36
C VAL A 350 -15.95 6.37 -1.99
N VAL A 351 -16.76 6.10 -2.99
CA VAL A 351 -18.18 5.81 -2.77
C VAL A 351 -18.36 4.57 -1.91
N GLU A 352 -17.39 3.65 -2.00
CA GLU A 352 -17.44 2.42 -1.23
C GLU A 352 -16.45 2.45 -0.08
N ASN A 353 -16.84 3.09 1.02
CA ASN A 353 -15.98 3.20 2.19
C ASN A 353 -15.98 1.89 2.99
N GLY A 354 -17.16 1.32 3.18
CA GLY A 354 -17.28 0.07 3.91
C GLY A 354 -18.51 0.03 4.79
N GLY A 355 -18.35 0.41 6.06
CA GLY A 355 -19.47 0.41 6.97
C GLY A 355 -19.64 1.74 7.67
N LEU A 356 -20.40 1.74 8.78
CA LEU A 356 -20.64 2.96 9.53
C LEU A 356 -20.29 2.76 11.01
N LYS A 357 -20.06 3.87 11.70
CA LYS A 357 -19.72 3.81 13.12
C LYS A 357 -20.90 3.30 13.95
N ALA A 358 -20.72 2.14 14.56
CA ALA A 358 -21.77 1.54 15.38
C ALA A 358 -22.12 2.44 16.56
N LYS A 359 -23.39 2.43 16.94
CA LYS A 359 -23.86 3.25 18.05
C LYS A 359 -23.99 2.41 19.32
N THR A 360 -23.13 1.40 19.44
CA THR A 360 -23.15 0.51 20.60
C THR A 360 -21.85 0.65 21.40
N ILE A 361 -21.77 -0.09 22.51
CA ILE A 361 -20.59 -0.05 23.36
C ILE A 361 -20.31 1.36 23.87
N THR A 362 -21.11 1.79 24.84
CA THR A 362 -20.96 3.12 25.41
C THR A 362 -21.40 3.14 26.88
N LYS A 363 -20.61 3.79 27.72
CA LYS A 363 -20.91 3.88 29.15
C LYS A 363 -21.30 5.30 29.53
N LYS A 364 -22.57 5.65 29.27
CA LYS A 364 -23.07 6.97 29.60
C LYS A 364 -24.39 6.88 30.36
N ARG A 365 -24.30 6.79 31.69
CA ARG A 365 -25.49 6.69 32.52
C ARG A 365 -25.77 8.03 33.21
N LYS A 366 -25.93 9.08 32.41
CA LYS A 366 -26.21 10.41 32.94
C LYS A 366 -26.69 11.35 31.84
N LYS A 367 -28.01 11.43 31.67
CA LYS A 367 -28.59 12.29 30.64
C LYS A 367 -29.60 13.26 31.25
N GLU A 368 -30.52 12.72 32.05
CA GLU A 368 -31.55 13.54 32.70
C GLU A 368 -30.92 14.48 33.73
N ILE A 369 -31.05 15.77 33.51
CA ILE A 369 -30.50 16.78 34.41
C ILE A 369 -31.56 17.80 34.80
N GLU A 370 -31.87 17.86 36.10
CA GLU A 370 -32.87 18.81 36.60
C GLU A 370 -32.22 20.15 36.93
N GLU A 371 -31.10 20.10 37.63
CA GLU A 371 -30.38 21.32 38.01
C GLU A 371 -29.51 21.81 36.87
N SER A 372 -28.97 23.02 37.02
CA SER A 372 -28.11 23.61 36.00
C SER A 372 -26.79 24.06 36.60
N LYS A 373 -25.69 23.65 35.97
CA LYS A 373 -24.35 24.00 36.43
C LYS A 373 -24.11 23.47 37.85
N GLU A 374 -23.46 22.32 37.94
CA GLU A 374 -23.17 21.71 39.23
C GLU A 374 -21.70 21.88 39.58
N PRO A 375 -21.39 22.44 40.76
CA PRO A 375 -20.01 22.66 41.21
C PRO A 375 -19.18 21.36 41.17
N GLY A 376 -18.07 21.40 40.46
CA GLY A 376 -17.22 20.24 40.35
C GLY A 376 -16.60 19.84 41.68
N VAL A 377 -15.65 20.65 42.15
CA VAL A 377 -14.99 20.38 43.42
C VAL A 377 -15.92 20.67 44.60
N GLU A 378 -15.78 19.87 45.66
CA GLU A 378 -16.60 20.03 46.85
C GLU A 378 -15.75 20.03 48.11
N ASP A 379 -16.25 20.68 49.15
CA ASP A 379 -15.53 20.74 50.43
C ASP A 379 -14.18 21.44 50.25
N THR A 380 -14.19 22.77 50.35
CA THR A 380 -12.96 23.55 50.20
C THR A 380 -12.67 24.35 51.47
N GLU A 381 -11.41 24.36 51.88
CA GLU A 381 -11.01 25.09 53.08
C GLU A 381 -10.76 26.55 52.76
N TRP A 382 -10.32 27.31 53.76
CA TRP A 382 -10.05 28.73 53.59
C TRP A 382 -11.30 29.48 53.16
N SER A 383 -12.07 29.95 54.13
CA SER A 383 -13.30 30.68 53.86
C SER A 383 -13.09 32.18 54.07
N ASN A 384 -13.55 32.98 53.11
CA ASN A 384 -13.42 34.43 53.19
C ASN A 384 -14.71 35.06 53.71
N THR A 385 -14.66 35.55 54.95
CA THR A 385 -15.83 36.17 55.55
C THR A 385 -15.48 37.55 56.11
N GLN A 386 -15.33 38.53 55.21
CA GLN A 386 -14.99 39.89 55.61
C GLN A 386 -15.08 40.83 54.43
N THR A 387 -14.73 42.10 54.65
CA THR A 387 -14.77 43.10 53.60
C THR A 387 -13.39 43.33 53.01
N GLU A 388 -13.31 44.20 52.00
CA GLU A 388 -12.04 44.51 51.35
C GLU A 388 -11.15 45.33 52.27
N GLU A 389 -10.31 44.63 53.04
CA GLU A 389 -9.39 45.29 53.96
C GLU A 389 -8.26 45.98 53.21
N ALA A 390 -7.98 47.22 53.58
CA ALA A 390 -6.92 47.99 52.94
C ALA A 390 -6.04 48.69 53.98
N ILE A 391 -5.03 49.40 53.51
CA ILE A 391 -4.12 50.13 54.40
C ILE A 391 -3.36 49.16 55.29
N GLN A 392 -2.13 49.54 55.64
CA GLN A 392 -1.29 48.71 56.49
C GLN A 392 -1.03 47.36 55.84
N THR A 393 -0.97 47.34 54.52
CA THR A 393 -0.73 46.11 53.77
C THR A 393 0.34 46.33 52.70
N ARG A 394 1.55 45.84 52.96
CA ARG A 394 2.64 45.98 52.01
C ARG A 394 3.72 44.91 52.26
N SER A 395 4.53 44.66 51.25
CA SER A 395 5.60 43.67 51.35
C SER A 395 6.63 43.86 50.25
N ARG A 396 7.64 44.68 50.52
CA ARG A 396 8.70 44.95 49.56
C ARG A 396 10.07 44.91 50.22
N THR A 397 11.12 44.87 49.41
CA THR A 397 12.48 44.83 49.92
C THR A 397 13.44 45.55 48.98
N ARG A 398 13.48 46.88 49.08
CA ARG A 398 14.35 47.68 48.24
C ARG A 398 15.80 47.57 48.69
N LYS A 399 16.68 47.17 47.77
CA LYS A 399 18.10 47.01 48.07
C LYS A 399 18.94 47.27 46.84
N ARG A 400 18.60 46.60 45.74
CA ARG A 400 19.33 46.76 44.49
C ARG A 400 19.06 48.12 43.86
N VAL A 401 19.87 48.49 42.88
CA VAL A 401 19.72 49.76 42.19
C VAL A 401 19.95 49.62 40.69
N GLN A 402 18.91 49.91 39.91
CA GLN A 402 19.00 49.81 38.46
C GLN A 402 19.03 51.19 37.82
N LYS A 403 17.96 51.96 38.02
CA LYS A 403 17.86 53.30 37.47
C LYS A 403 18.48 54.33 38.42
N GLY A 1 -24.07 -26.71 -35.33
CA GLY A 1 -24.85 -26.73 -34.07
C GLY A 1 -24.01 -27.17 -32.88
N SER A 2 -22.87 -26.52 -32.70
CA SER A 2 -21.97 -26.84 -31.60
C SER A 2 -22.33 -26.03 -30.35
N SER A 3 -22.41 -24.71 -30.51
CA SER A 3 -22.73 -23.83 -29.40
C SER A 3 -23.71 -22.74 -29.84
N GLY A 4 -24.89 -22.73 -29.23
CA GLY A 4 -25.89 -21.73 -29.56
C GLY A 4 -26.35 -20.94 -28.36
N SER A 5 -25.44 -20.66 -27.45
CA SER A 5 -25.75 -19.91 -26.24
C SER A 5 -24.70 -18.84 -25.97
N SER A 6 -25.09 -17.79 -25.25
CA SER A 6 -24.19 -16.70 -24.93
C SER A 6 -23.58 -16.88 -23.54
N GLY A 7 -23.25 -18.13 -23.20
CA GLY A 7 -22.67 -18.41 -21.90
C GLY A 7 -22.31 -19.88 -21.74
N MET A 8 -22.87 -20.52 -20.73
CA MET A 8 -22.61 -21.93 -20.46
C MET A 8 -23.57 -22.49 -19.42
N PRO A 9 -24.83 -22.71 -19.81
CA PRO A 9 -25.85 -23.24 -18.90
C PRO A 9 -25.41 -24.53 -18.22
N ARG A 10 -24.49 -25.25 -18.85
CA ARG A 10 -23.98 -26.50 -18.31
C ARG A 10 -23.36 -26.28 -16.93
N VAL A 11 -22.32 -25.45 -16.89
CA VAL A 11 -21.64 -25.15 -15.64
C VAL A 11 -22.52 -24.33 -14.70
N LYS A 12 -22.38 -24.57 -13.41
CA LYS A 12 -23.16 -23.86 -12.41
C LYS A 12 -22.36 -23.64 -11.13
N ALA A 13 -21.72 -24.71 -10.64
CA ALA A 13 -20.92 -24.65 -9.44
C ALA A 13 -19.43 -24.72 -9.75
N ALA A 14 -18.62 -24.88 -8.73
CA ALA A 14 -17.17 -24.97 -8.90
C ALA A 14 -16.49 -25.43 -7.62
N GLN A 15 -16.86 -24.81 -6.49
CA GLN A 15 -16.28 -25.15 -5.20
C GLN A 15 -17.29 -25.93 -4.36
N ALA A 16 -16.85 -27.05 -3.81
CA ALA A 16 -17.71 -27.89 -2.97
C ALA A 16 -17.20 -27.93 -1.53
N GLY A 17 -15.89 -28.09 -1.38
CA GLY A 17 -15.31 -28.14 -0.05
C GLY A 17 -15.37 -29.53 0.56
N ARG A 18 -14.63 -29.73 1.65
CA ARG A 18 -14.60 -31.02 2.34
C ARG A 18 -14.00 -30.88 3.73
N GLN A 19 -14.85 -30.72 4.73
CA GLN A 19 -14.41 -30.58 6.11
C GLN A 19 -15.16 -31.56 7.02
N SER A 20 -14.50 -31.96 8.10
CA SER A 20 -15.09 -32.88 9.06
C SER A 20 -15.50 -32.16 10.34
N SER A 21 -14.50 -31.66 11.07
CA SER A 21 -14.76 -30.95 12.32
C SER A 21 -13.78 -29.79 12.49
N ALA A 22 -13.81 -29.15 13.65
CA ALA A 22 -12.93 -28.04 13.94
C ALA A 22 -11.58 -28.52 14.48
N LYS A 23 -10.65 -27.59 14.66
CA LYS A 23 -9.32 -27.92 15.16
C LYS A 23 -8.68 -26.72 15.85
N ARG A 24 -8.70 -25.58 15.17
CA ARG A 24 -8.12 -24.36 15.70
C ARG A 24 -9.09 -23.19 15.56
N HIS A 25 -9.35 -22.50 16.66
CA HIS A 25 -10.25 -21.36 16.67
C HIS A 25 -9.49 -20.05 16.75
N LEU A 26 -8.27 -20.04 16.21
CA LEU A 26 -7.43 -18.84 16.22
C LEU A 26 -6.83 -18.59 14.85
N ALA A 27 -6.02 -17.54 14.75
CA ALA A 27 -5.38 -17.18 13.49
C ALA A 27 -4.20 -16.24 13.72
N GLU A 28 -4.50 -15.01 14.11
CA GLU A 28 -3.46 -14.02 14.35
C GLU A 28 -3.15 -13.91 15.84
N GLN A 29 -2.18 -13.08 16.19
CA GLN A 29 -1.78 -12.89 17.57
C GLN A 29 -2.25 -11.54 18.11
N PHE A 30 -1.94 -10.48 17.37
CA PHE A 30 -2.33 -9.13 17.77
C PHE A 30 -3.85 -9.00 17.80
N ALA A 31 -4.39 -8.79 19.00
CA ALA A 31 -5.83 -8.65 19.17
C ALA A 31 -6.16 -7.39 19.97
N VAL A 32 -7.43 -7.25 20.33
CA VAL A 32 -7.89 -6.10 21.10
C VAL A 32 -7.64 -6.30 22.59
N GLY A 33 -6.70 -5.53 23.14
CA GLY A 33 -6.38 -5.64 24.55
C GLY A 33 -4.93 -6.01 24.79
N GLU A 34 -4.33 -6.71 23.83
CA GLU A 34 -2.93 -7.11 23.95
C GLU A 34 -2.00 -5.92 23.88
N ILE A 35 -1.02 -5.88 24.77
CA ILE A 35 -0.06 -4.78 24.81
C ILE A 35 1.26 -5.18 24.14
N ILE A 36 1.87 -4.23 23.45
CA ILE A 36 3.14 -4.48 22.76
C ILE A 36 4.23 -3.57 23.29
N THR A 37 5.48 -4.01 23.15
CA THR A 37 6.63 -3.25 23.62
C THR A 37 7.21 -2.40 22.49
N ASP A 38 7.52 -1.14 22.79
CA ASP A 38 8.10 -0.24 21.79
C ASP A 38 9.61 -0.26 21.83
N MET A 39 10.23 0.78 21.28
CA MET A 39 11.68 0.90 21.26
C MET A 39 12.18 1.34 22.63
N ALA A 40 11.42 2.23 23.25
CA ALA A 40 11.74 2.72 24.58
C ALA A 40 11.22 1.75 25.63
N LYS A 41 10.67 0.62 25.17
CA LYS A 41 10.13 -0.41 26.06
C LYS A 41 8.79 0.02 26.64
N LYS A 42 8.03 0.78 25.87
CA LYS A 42 6.72 1.24 26.29
C LYS A 42 5.70 0.12 26.17
N GLU A 43 4.50 0.35 26.68
CA GLU A 43 3.43 -0.66 26.63
C GLU A 43 2.32 -0.20 25.70
N TRP A 44 2.59 -0.24 24.40
CA TRP A 44 1.61 0.17 23.41
C TRP A 44 0.42 -0.78 23.39
N LYS A 45 -0.77 -0.24 23.12
CA LYS A 45 -1.98 -1.03 23.08
C LYS A 45 -2.38 -1.35 21.64
N VAL A 46 -2.69 -2.61 21.37
CA VAL A 46 -3.08 -3.04 20.04
C VAL A 46 -4.59 -2.91 19.85
N GLY A 47 -5.00 -2.17 18.83
CA GLY A 47 -6.41 -1.97 18.56
C GLY A 47 -7.05 -3.19 17.93
N LEU A 48 -7.72 -3.00 16.81
CA LEU A 48 -8.40 -4.10 16.11
C LEU A 48 -8.02 -4.10 14.63
N PRO A 49 -8.19 -5.25 13.96
CA PRO A 49 -7.88 -5.38 12.52
C PRO A 49 -8.81 -4.55 11.66
N ILE A 50 -8.22 -3.74 10.77
CA ILE A 50 -8.99 -2.88 9.88
C ILE A 50 -8.89 -3.37 8.44
N GLY A 51 -7.76 -3.98 8.10
CA GLY A 51 -7.56 -4.48 6.75
C GLY A 51 -6.92 -3.45 5.84
N GLN A 52 -5.93 -2.74 6.35
CA GLN A 52 -5.24 -1.72 5.58
C GLN A 52 -4.14 -2.34 4.72
N GLY A 53 -4.43 -2.53 3.45
CA GLY A 53 -3.47 -3.11 2.54
C GLY A 53 -3.38 -4.63 2.67
N GLY A 54 -2.35 -5.10 3.36
CA GLY A 54 -2.19 -6.52 3.55
C GLY A 54 -0.72 -6.95 3.52
N PHE A 55 -0.01 -6.64 4.60
CA PHE A 55 1.41 -6.98 4.69
C PHE A 55 1.61 -8.21 5.57
N GLY A 56 0.83 -8.30 6.64
CA GLY A 56 0.93 -9.43 7.54
C GLY A 56 0.06 -9.26 8.78
N CYS A 57 0.48 -8.37 9.68
CA CYS A 57 -0.27 -8.12 10.91
C CYS A 57 -0.66 -6.65 11.02
N ILE A 58 -1.64 -6.25 10.23
CA ILE A 58 -2.11 -4.87 10.23
C ILE A 58 -3.20 -4.66 11.29
N TYR A 59 -2.89 -3.84 12.29
CA TYR A 59 -3.85 -3.56 13.36
C TYR A 59 -3.68 -2.13 13.86
N LEU A 60 -4.74 -1.61 14.50
CA LEU A 60 -4.72 -0.26 15.03
C LEU A 60 -3.83 -0.18 16.28
N ALA A 61 -3.46 1.04 16.66
CA ALA A 61 -2.62 1.25 17.83
C ALA A 61 -3.12 2.42 18.67
N ASP A 62 -2.76 2.42 19.94
CA ASP A 62 -3.17 3.48 20.85
C ASP A 62 -2.13 3.72 21.93
N MET A 63 -2.09 4.94 22.46
CA MET A 63 -1.14 5.30 23.50
C MET A 63 -1.75 5.12 24.89
N ASN A 64 -2.46 4.02 25.09
CA ASN A 64 -3.10 3.74 26.37
C ASN A 64 -4.11 4.83 26.73
N SER A 65 -4.68 4.72 27.93
CA SER A 65 -5.66 5.70 28.39
C SER A 65 -6.86 5.75 27.47
N SER A 66 -7.99 6.23 27.98
CA SER A 66 -9.22 6.32 27.20
C SER A 66 -9.66 4.95 26.72
N GLU A 67 -10.09 4.12 27.66
CA GLU A 67 -10.55 2.76 27.33
C GLU A 67 -9.44 1.97 26.66
N SER A 68 -9.78 0.76 26.21
CA SER A 68 -8.80 -0.10 25.55
C SER A 68 -8.72 0.20 24.06
N VAL A 69 -7.90 1.19 23.71
CA VAL A 69 -7.73 1.59 22.33
C VAL A 69 -8.98 2.26 21.77
N GLY A 70 -10.04 1.47 21.63
CA GLY A 70 -11.30 2.00 21.13
C GLY A 70 -11.46 1.76 19.64
N SER A 71 -12.27 2.59 18.98
CA SER A 71 -12.51 2.47 17.55
C SER A 71 -11.87 3.62 16.79
N ASP A 72 -11.78 4.78 17.45
CA ASP A 72 -11.18 5.96 16.83
C ASP A 72 -9.67 6.00 17.08
N ALA A 73 -8.99 4.92 16.75
CA ALA A 73 -7.55 4.83 16.93
C ALA A 73 -6.80 5.61 15.85
N PRO A 74 -6.12 6.71 16.22
CA PRO A 74 -5.38 7.53 15.28
C PRO A 74 -3.96 7.03 15.04
N CYS A 75 -3.74 5.73 15.22
CA CYS A 75 -2.43 5.14 15.02
C CYS A 75 -2.55 3.69 14.57
N VAL A 76 -1.59 3.25 13.76
CA VAL A 76 -1.59 1.87 13.26
C VAL A 76 -0.22 1.21 13.48
N VAL A 77 -0.22 -0.11 13.53
CA VAL A 77 1.01 -0.86 13.74
C VAL A 77 1.05 -2.10 12.85
N LYS A 78 2.10 -2.21 12.04
CA LYS A 78 2.26 -3.36 11.14
C LYS A 78 3.37 -4.27 11.65
N VAL A 79 3.01 -5.53 11.89
CA VAL A 79 3.98 -6.51 12.37
C VAL A 79 4.24 -7.59 11.33
N GLU A 80 5.47 -8.10 11.30
CA GLU A 80 5.85 -9.13 10.35
C GLU A 80 6.78 -10.15 11.01
N PRO A 81 6.56 -11.46 10.77
CA PRO A 81 7.40 -12.52 11.34
C PRO A 81 8.88 -12.30 11.06
N SER A 82 9.54 -11.58 11.96
CA SER A 82 10.97 -11.30 11.80
C SER A 82 11.24 -10.54 10.51
N ASP A 83 12.48 -10.11 10.33
CA ASP A 83 12.87 -9.37 9.13
C ASP A 83 12.72 -10.24 7.89
N ASN A 84 11.49 -10.34 7.37
CA ASN A 84 11.23 -11.14 6.19
C ASN A 84 10.78 -10.27 5.01
N GLY A 85 10.14 -9.15 5.33
CA GLY A 85 9.67 -8.24 4.29
C GLY A 85 10.49 -6.98 4.20
N PRO A 86 10.00 -5.95 3.49
CA PRO A 86 10.70 -4.68 3.32
C PRO A 86 10.42 -3.69 4.46
N LEU A 87 10.15 -4.22 5.65
CA LEU A 87 9.86 -3.38 6.81
C LEU A 87 11.15 -2.81 7.40
N PHE A 88 12.23 -3.58 7.29
CA PHE A 88 13.52 -3.16 7.81
C PHE A 88 14.06 -1.96 7.03
N THR A 89 13.91 -2.00 5.70
CA THR A 89 14.39 -0.92 4.85
C THR A 89 13.54 0.33 5.04
N GLU A 90 12.27 0.14 5.41
CA GLU A 90 11.36 1.25 5.62
C GLU A 90 11.73 2.00 6.90
N LEU A 91 12.08 1.24 7.94
CA LEU A 91 12.45 1.84 9.22
C LEU A 91 13.71 2.69 9.08
N LYS A 92 14.70 2.17 8.36
CA LYS A 92 15.95 2.88 8.14
C LYS A 92 15.70 4.21 7.43
N PHE A 93 14.87 4.17 6.40
CA PHE A 93 14.54 5.37 5.64
C PHE A 93 13.80 6.38 6.50
N TYR A 94 12.85 5.90 7.29
CA TYR A 94 12.07 6.76 8.17
C TYR A 94 12.96 7.49 9.17
N GLN A 95 13.91 6.75 9.75
CA GLN A 95 14.83 7.33 10.72
C GLN A 95 15.97 8.09 10.04
N ARG A 96 16.16 7.83 8.74
CA ARG A 96 17.22 8.49 7.98
C ARG A 96 16.94 9.98 7.86
N ALA A 97 15.72 10.33 7.49
CA ALA A 97 15.34 11.74 7.34
C ALA A 97 13.86 11.87 7.01
N ALA A 98 13.05 10.97 7.55
CA ALA A 98 11.61 11.00 7.33
C ALA A 98 10.84 11.17 8.63
N LYS A 99 11.53 11.06 9.76
CA LYS A 99 10.89 11.21 11.07
C LYS A 99 10.07 12.49 11.13
N PRO A 100 9.17 12.61 12.12
CA PRO A 100 8.32 13.79 12.29
C PRO A 100 9.13 15.07 12.46
N GLU A 101 10.40 14.93 12.83
CA GLU A 101 11.27 16.08 13.03
C GLU A 101 11.72 16.67 11.69
N GLN A 102 12.01 15.79 10.73
CA GLN A 102 12.44 16.22 9.41
C GLN A 102 11.26 16.65 8.56
N ILE A 103 10.17 15.90 8.62
CA ILE A 103 8.97 16.21 7.86
C ILE A 103 8.45 17.61 8.19
N GLN A 104 8.32 17.89 9.48
CA GLN A 104 7.84 19.19 9.94
C GLN A 104 8.85 20.29 9.66
N LYS A 105 10.13 19.95 9.79
CA LYS A 105 11.20 20.92 9.56
C LYS A 105 11.31 21.26 8.07
N TRP A 106 11.37 20.23 7.24
CA TRP A 106 11.48 20.41 5.79
C TRP A 106 10.32 21.24 5.26
N ILE A 107 9.11 20.83 5.58
CA ILE A 107 7.92 21.54 5.13
C ILE A 107 7.90 22.97 5.65
N ARG A 108 8.39 23.16 6.87
CA ARG A 108 8.43 24.49 7.48
C ARG A 108 9.54 25.34 6.88
N THR A 109 10.59 24.69 6.39
CA THR A 109 11.72 25.40 5.79
C THR A 109 11.44 25.77 4.34
N ARG A 110 10.77 24.88 3.61
CA ARG A 110 10.45 25.13 2.21
C ARG A 110 8.98 25.49 2.03
N LYS A 111 8.22 25.51 3.13
CA LYS A 111 6.81 25.85 3.08
C LYS A 111 6.06 24.90 2.16
N LEU A 112 6.54 23.65 2.08
CA LEU A 112 5.92 22.65 1.23
C LEU A 112 4.42 22.55 1.49
N LYS A 113 4.01 22.91 2.70
CA LYS A 113 2.60 22.85 3.08
C LYS A 113 2.03 21.45 2.91
N TYR A 114 2.04 20.69 4.00
CA TYR A 114 1.52 19.32 3.98
C TYR A 114 2.35 18.44 3.05
N LEU A 115 2.72 17.26 3.55
CA LEU A 115 3.52 16.31 2.77
C LEU A 115 2.83 14.95 2.69
N GLY A 116 3.27 14.12 1.76
CA GLY A 116 2.68 12.80 1.60
C GLY A 116 3.47 11.72 2.31
N VAL A 117 4.44 12.12 3.13
CA VAL A 117 5.27 11.17 3.85
C VAL A 117 4.69 10.90 5.25
N PRO A 118 4.41 9.62 5.57
CA PRO A 118 3.86 9.24 6.87
C PRO A 118 4.71 9.76 8.03
N LYS A 119 4.04 10.09 9.13
CA LYS A 119 4.73 10.60 10.32
C LYS A 119 5.14 9.46 11.24
N TYR A 120 6.44 9.33 11.48
CA TYR A 120 6.96 8.28 12.35
C TYR A 120 6.70 8.61 13.81
N TRP A 121 6.02 7.68 14.50
CA TRP A 121 5.70 7.88 15.91
C TRP A 121 6.60 7.02 16.79
N GLY A 122 6.84 5.78 16.36
CA GLY A 122 7.68 4.88 17.12
C GLY A 122 7.71 3.48 16.54
N SER A 123 8.41 2.57 17.23
CA SER A 123 8.51 1.19 16.77
C SER A 123 8.55 0.24 17.97
N GLY A 124 8.31 -1.04 17.71
CA GLY A 124 8.32 -2.02 18.78
C GLY A 124 8.40 -3.44 18.26
N LEU A 125 8.31 -4.40 19.18
CA LEU A 125 8.37 -5.81 18.82
C LEU A 125 7.47 -6.65 19.73
N HIS A 126 7.11 -7.83 19.27
CA HIS A 126 6.24 -8.72 20.05
C HIS A 126 6.79 -10.14 20.07
N ASP A 127 6.68 -10.81 21.22
CA ASP A 127 7.15 -12.17 21.37
C ASP A 127 5.98 -13.15 21.52
N LYS A 128 5.92 -14.14 20.64
CA LYS A 128 4.85 -15.12 20.68
C LYS A 128 5.39 -16.52 20.42
N ASN A 129 5.10 -17.44 21.33
CA ASN A 129 5.56 -18.82 21.20
C ASN A 129 7.07 -18.90 21.12
N GLY A 130 7.75 -17.83 21.55
CA GLY A 130 9.20 -17.81 21.52
C GLY A 130 9.74 -17.23 20.23
N LYS A 131 8.91 -16.45 19.54
CA LYS A 131 9.33 -15.83 18.29
C LYS A 131 9.22 -14.30 18.38
N SER A 132 10.29 -13.61 18.02
CA SER A 132 10.31 -12.16 18.06
C SER A 132 9.89 -11.56 16.73
N TYR A 133 8.96 -10.61 16.77
CA TYR A 133 8.47 -9.95 15.56
C TYR A 133 8.73 -8.45 15.63
N ARG A 134 9.06 -7.86 14.48
CA ARG A 134 9.33 -6.44 14.41
C ARG A 134 8.18 -5.70 13.72
N PHE A 135 7.74 -4.60 14.31
CA PHE A 135 6.65 -3.81 13.75
C PHE A 135 6.93 -2.32 13.85
N MET A 136 6.19 -1.53 13.09
CA MET A 136 6.36 -0.08 13.08
C MET A 136 5.01 0.61 13.28
N ILE A 137 4.99 1.63 14.13
CA ILE A 137 3.76 2.37 14.41
C ILE A 137 3.80 3.77 13.80
N MET A 138 2.87 4.04 12.89
CA MET A 138 2.78 5.34 12.23
C MET A 138 1.34 5.84 12.22
N ASP A 139 1.17 7.09 11.76
CA ASP A 139 -0.16 7.70 11.70
C ASP A 139 -1.15 6.78 11.00
N ARG A 140 -2.40 6.82 11.45
CA ARG A 140 -3.45 5.99 10.86
C ARG A 140 -3.88 6.53 9.50
N PHE A 141 -4.51 5.67 8.71
CA PHE A 141 -4.98 6.07 7.38
C PHE A 141 -6.42 5.62 7.17
N GLY A 142 -7.11 6.32 6.28
CA GLY A 142 -8.50 5.99 6.00
C GLY A 142 -8.63 4.74 5.15
N SER A 143 -8.84 4.93 3.85
CA SER A 143 -8.97 3.80 2.92
C SER A 143 -7.90 3.86 1.85
N ASP A 144 -7.15 2.78 1.71
CA ASP A 144 -6.09 2.70 0.70
C ASP A 144 -6.62 3.05 -0.68
N LEU A 145 -5.72 3.44 -1.57
CA LEU A 145 -6.10 3.79 -2.93
C LEU A 145 -6.67 2.58 -3.66
N GLN A 146 -6.33 1.38 -3.18
CA GLN A 146 -6.84 0.15 -3.78
C GLN A 146 -8.36 0.11 -3.68
N LYS A 147 -8.88 0.54 -2.54
CA LYS A 147 -10.32 0.56 -2.31
C LYS A 147 -10.98 1.54 -3.26
N ILE A 148 -10.27 2.62 -3.58
CA ILE A 148 -10.79 3.64 -4.49
C ILE A 148 -10.80 3.12 -5.93
N TYR A 149 -9.90 2.18 -6.22
CA TYR A 149 -9.80 1.60 -7.55
C TYR A 149 -11.04 0.79 -7.88
N GLU A 150 -11.43 -0.09 -6.96
CA GLU A 150 -12.60 -0.93 -7.14
C GLU A 150 -13.89 -0.13 -6.94
N ALA A 151 -13.80 0.92 -6.10
CA ALA A 151 -14.95 1.76 -5.82
C ALA A 151 -15.45 2.46 -7.08
N ASN A 152 -14.56 2.61 -8.06
CA ASN A 152 -14.92 3.28 -9.32
C ASN A 152 -15.24 2.24 -10.41
N ALA A 153 -15.56 1.03 -9.97
CA ALA A 153 -15.89 -0.06 -10.89
C ALA A 153 -14.62 -0.71 -11.41
N LYS A 154 -13.71 -1.03 -10.50
CA LYS A 154 -12.43 -1.63 -10.85
C LYS A 154 -11.61 -0.67 -11.71
N ARG A 155 -11.96 0.61 -11.67
CA ARG A 155 -11.27 1.62 -12.46
C ARG A 155 -11.08 2.90 -11.66
N PHE A 156 -10.53 3.92 -12.30
CA PHE A 156 -10.30 5.21 -11.66
C PHE A 156 -10.88 6.35 -12.49
N SER A 157 -10.66 7.58 -12.04
CA SER A 157 -11.16 8.75 -12.75
C SER A 157 -10.00 9.63 -13.23
N ARG A 158 -10.09 10.08 -14.48
CA ARG A 158 -9.06 10.93 -15.05
C ARG A 158 -8.84 12.19 -14.23
N LYS A 159 -9.89 12.60 -13.52
CA LYS A 159 -9.82 13.80 -12.68
C LYS A 159 -8.97 13.54 -11.44
N THR A 160 -9.17 12.37 -10.83
CA THR A 160 -8.43 12.00 -9.63
C THR A 160 -7.00 11.61 -9.98
N VAL A 161 -6.82 10.98 -11.13
CA VAL A 161 -5.50 10.56 -11.59
C VAL A 161 -4.56 11.75 -11.70
N LEU A 162 -4.98 12.78 -12.41
CA LEU A 162 -4.17 13.98 -12.59
C LEU A 162 -3.95 14.67 -11.25
N GLN A 163 -5.01 14.80 -10.47
CA GLN A 163 -4.94 15.44 -9.16
C GLN A 163 -3.99 14.68 -8.24
N LEU A 164 -4.13 13.36 -8.22
CA LEU A 164 -3.29 12.51 -7.39
C LEU A 164 -1.86 12.48 -7.92
N SER A 165 -1.72 12.49 -9.24
CA SER A 165 -0.40 12.48 -9.87
C SER A 165 0.44 13.65 -9.39
N LEU A 166 -0.21 14.79 -9.20
CA LEU A 166 0.49 15.99 -8.74
C LEU A 166 0.83 15.87 -7.25
N ARG A 167 -0.14 15.45 -6.46
CA ARG A 167 0.06 15.28 -5.02
C ARG A 167 1.18 14.27 -4.74
N ILE A 168 1.12 13.14 -5.44
CA ILE A 168 2.13 12.10 -5.27
C ILE A 168 3.50 12.58 -5.76
N LEU A 169 3.48 13.40 -6.81
CA LEU A 169 4.71 13.93 -7.37
C LEU A 169 5.47 14.76 -6.32
N ASP A 170 4.72 15.47 -5.49
CA ASP A 170 5.31 16.29 -4.44
C ASP A 170 6.13 15.43 -3.48
N ILE A 171 5.69 14.19 -3.30
CA ILE A 171 6.38 13.25 -2.41
C ILE A 171 7.68 12.79 -3.05
N LEU A 172 7.64 12.53 -4.35
CA LEU A 172 8.82 12.09 -5.09
C LEU A 172 9.96 13.09 -4.95
N GLU A 173 9.61 14.38 -5.04
CA GLU A 173 10.61 15.44 -4.92
C GLU A 173 11.29 15.39 -3.57
N TYR A 174 10.49 15.23 -2.51
CA TYR A 174 11.03 15.17 -1.16
C TYR A 174 12.00 14.00 -1.01
N ILE A 175 11.55 12.81 -1.38
CA ILE A 175 12.38 11.62 -1.28
C ILE A 175 13.56 11.69 -2.25
N HIS A 176 13.37 12.41 -3.35
CA HIS A 176 14.42 12.57 -4.35
C HIS A 176 15.47 13.56 -3.89
N GLU A 177 15.03 14.61 -3.20
CA GLU A 177 15.92 15.63 -2.70
C GLU A 177 16.74 15.10 -1.52
N HIS A 178 16.29 14.00 -0.95
CA HIS A 178 16.99 13.38 0.18
C HIS A 178 17.93 12.28 -0.30
N GLU A 179 17.95 12.05 -1.62
CA GLU A 179 18.80 11.03 -2.21
C GLU A 179 18.24 9.64 -1.97
N TYR A 180 16.91 9.53 -2.03
CA TYR A 180 16.24 8.24 -1.82
C TYR A 180 15.18 8.01 -2.89
N VAL A 181 15.38 6.98 -3.71
CA VAL A 181 14.44 6.66 -4.77
C VAL A 181 13.72 5.34 -4.49
N HIS A 182 12.44 5.29 -4.83
CA HIS A 182 11.63 4.09 -4.61
C HIS A 182 10.20 4.31 -5.10
N GLY A 183 10.05 4.48 -6.42
CA GLY A 183 8.73 4.69 -7.00
C GLY A 183 7.80 3.52 -6.79
N ASP A 184 7.23 3.42 -5.59
CA ASP A 184 6.31 2.33 -5.26
C ASP A 184 4.87 2.82 -5.23
N ILE A 185 4.59 3.89 -5.96
CA ILE A 185 3.25 4.45 -6.01
C ILE A 185 2.24 3.43 -6.51
N LYS A 186 1.46 2.86 -5.60
CA LYS A 186 0.46 1.87 -5.96
C LYS A 186 -0.80 2.02 -5.11
N ALA A 187 -1.85 1.31 -5.50
CA ALA A 187 -3.11 1.36 -4.77
C ALA A 187 -3.04 0.54 -3.47
N SER A 188 -1.91 -0.14 -3.26
CA SER A 188 -1.70 -0.95 -2.07
C SER A 188 -0.62 -0.33 -1.18
N ASN A 189 -0.11 0.81 -1.60
CA ASN A 189 0.92 1.52 -0.84
C ASN A 189 0.49 2.95 -0.58
N LEU A 190 -0.65 3.34 -1.17
CA LEU A 190 -1.17 4.68 -1.00
C LEU A 190 -2.41 4.67 -0.12
N LEU A 191 -2.42 5.50 0.92
CA LEU A 191 -3.54 5.56 1.84
C LEU A 191 -3.88 7.01 2.18
N LEU A 192 -5.16 7.27 2.47
CA LEU A 192 -5.61 8.61 2.81
C LEU A 192 -5.46 8.89 4.29
N ASN A 193 -5.22 10.16 4.63
CA ASN A 193 -5.05 10.55 6.03
C ASN A 193 -6.35 10.39 6.79
N TYR A 194 -6.29 9.69 7.91
CA TYR A 194 -7.48 9.47 8.75
C TYR A 194 -7.67 10.63 9.72
N LYS A 195 -6.58 11.06 10.33
CA LYS A 195 -6.62 12.17 11.28
C LYS A 195 -6.90 13.49 10.55
N ASN A 196 -6.61 13.50 9.25
CA ASN A 196 -6.83 14.70 8.43
C ASN A 196 -7.18 14.30 7.00
N PRO A 197 -8.38 13.75 6.78
CA PRO A 197 -8.83 13.34 5.44
C PRO A 197 -8.75 14.47 4.42
N ASP A 198 -7.61 14.57 3.74
CA ASP A 198 -7.41 15.61 2.74
C ASP A 198 -6.11 15.40 1.98
N GLN A 199 -5.70 14.14 1.83
CA GLN A 199 -4.47 13.81 1.12
C GLN A 199 -4.13 12.34 1.29
N VAL A 200 -3.36 11.80 0.34
CA VAL A 200 -2.94 10.41 0.38
C VAL A 200 -1.44 10.31 0.67
N TYR A 201 -1.07 9.24 1.35
CA TYR A 201 0.33 9.02 1.72
C TYR A 201 0.87 7.73 1.13
N LEU A 202 2.18 7.65 0.98
CA LEU A 202 2.83 6.46 0.43
C LEU A 202 3.54 5.68 1.53
N VAL A 203 3.07 4.47 1.78
CA VAL A 203 3.67 3.62 2.81
C VAL A 203 4.29 2.37 2.23
N ASP A 204 5.43 1.97 2.77
CA ASP A 204 6.14 0.77 2.30
C ASP A 204 6.43 0.87 0.80
N TYR A 205 7.67 1.18 0.47
CA TYR A 205 8.07 1.31 -0.93
C TYR A 205 8.58 -0.03 -1.48
N GLY A 206 8.94 -0.94 -0.58
CA GLY A 206 9.44 -2.24 -0.99
C GLY A 206 10.77 -2.14 -1.70
N LEU A 207 11.51 -1.07 -1.43
CA LEU A 207 12.82 -0.87 -2.05
C LEU A 207 13.68 0.05 -1.20
N ALA A 208 13.30 1.32 -1.13
CA ALA A 208 14.04 2.31 -0.35
C ALA A 208 15.55 2.19 -0.60
N TYR A 209 16.03 2.91 -1.61
CA TYR A 209 17.45 2.88 -1.96
C TYR A 209 17.96 4.27 -2.29
N ARG A 210 19.24 4.51 -2.00
CA ARG A 210 19.85 5.80 -2.26
C ARG A 210 20.64 5.77 -3.57
N TYR A 211 19.92 5.93 -4.68
CA TYR A 211 20.54 5.91 -6.00
C TYR A 211 21.80 6.78 -6.04
N CYS A 212 21.73 7.94 -5.39
CA CYS A 212 22.86 8.86 -5.35
C CYS A 212 24.14 8.15 -4.89
N PRO A 213 25.08 7.91 -5.83
CA PRO A 213 26.35 7.24 -5.51
C PRO A 213 27.10 7.90 -4.37
N GLU A 214 27.90 7.12 -3.65
CA GLU A 214 28.67 7.64 -2.53
C GLU A 214 30.16 7.62 -2.84
N GLY A 215 30.59 6.59 -3.57
CA GLY A 215 31.99 6.46 -3.92
C GLY A 215 32.21 5.55 -5.11
N VAL A 216 31.22 5.48 -6.00
CA VAL A 216 31.32 4.64 -7.18
C VAL A 216 32.22 5.26 -8.24
N HIS A 217 33.00 4.43 -8.91
CA HIS A 217 33.92 4.90 -9.95
C HIS A 217 33.29 4.74 -11.34
N LYS A 218 31.98 4.90 -11.41
CA LYS A 218 31.26 4.78 -12.67
C LYS A 218 29.81 5.25 -12.54
N GLU A 219 29.20 5.61 -13.66
CA GLU A 219 27.82 6.08 -13.66
C GLU A 219 27.00 5.34 -14.71
N TYR A 220 25.80 4.92 -14.33
CA TYR A 220 24.92 4.20 -15.23
C TYR A 220 25.56 2.89 -15.69
N LYS A 221 25.21 1.79 -15.02
CA LYS A 221 25.76 0.49 -15.37
C LYS A 221 24.91 -0.19 -16.44
N GLU A 222 23.64 -0.43 -16.12
CA GLU A 222 22.73 -1.07 -17.06
C GLU A 222 23.24 -2.45 -17.46
N ASP A 223 22.74 -3.48 -16.79
CA ASP A 223 23.15 -4.85 -17.07
C ASP A 223 22.33 -5.85 -16.24
N PRO A 224 21.25 -6.41 -16.82
CA PRO A 224 20.39 -7.36 -16.13
C PRO A 224 21.18 -8.48 -15.46
N LYS A 225 21.48 -8.29 -14.18
CA LYS A 225 22.24 -9.28 -13.41
C LYS A 225 22.02 -9.09 -11.91
N ARG A 226 22.09 -7.84 -11.46
CA ARG A 226 21.92 -7.53 -10.05
C ARG A 226 20.49 -7.04 -9.78
N CYS A 227 19.90 -6.39 -10.77
CA CYS A 227 18.54 -5.87 -10.63
C CYS A 227 18.45 -4.88 -9.48
N HIS A 228 17.24 -4.36 -9.26
CA HIS A 228 17.02 -3.39 -8.19
C HIS A 228 15.70 -3.67 -7.46
N ASP A 229 15.37 -4.96 -7.33
CA ASP A 229 14.14 -5.35 -6.65
C ASP A 229 12.92 -4.79 -7.36
N GLY A 230 11.74 -5.07 -6.81
CA GLY A 230 10.51 -4.57 -7.41
C GLY A 230 9.60 -5.69 -7.88
N THR A 231 10.12 -6.91 -7.88
CA THR A 231 9.34 -8.07 -8.32
C THR A 231 8.94 -7.92 -9.79
N ILE A 232 7.79 -7.32 -10.06
CA ILE A 232 7.31 -7.13 -11.42
C ILE A 232 5.96 -6.41 -11.44
N GLU A 233 5.78 -5.47 -10.50
CA GLU A 233 4.55 -4.70 -10.42
C GLU A 233 4.57 -3.52 -11.38
N PHE A 234 5.68 -2.81 -11.40
CA PHE A 234 5.85 -1.65 -12.28
C PHE A 234 7.32 -1.37 -12.52
N THR A 235 8.12 -2.43 -12.60
CA THR A 235 9.55 -2.29 -12.83
C THR A 235 9.84 -1.80 -14.25
N SER A 236 10.47 -0.64 -14.34
CA SER A 236 10.80 -0.07 -15.64
C SER A 236 12.03 -0.75 -16.25
N ILE A 237 12.38 -0.36 -17.47
CA ILE A 237 13.52 -0.94 -18.15
C ILE A 237 14.81 -0.68 -17.38
N ASP A 238 14.87 0.45 -16.70
CA ASP A 238 16.04 0.81 -15.92
C ASP A 238 16.13 0.00 -14.63
N ALA A 239 14.99 -0.20 -13.99
CA ALA A 239 14.93 -0.97 -12.74
C ALA A 239 15.09 -2.47 -13.02
N HIS A 240 14.62 -2.90 -14.19
CA HIS A 240 14.70 -4.30 -14.57
C HIS A 240 16.15 -4.72 -14.81
N ASN A 241 16.98 -3.75 -15.21
CA ASN A 241 18.39 -4.02 -15.48
C ASN A 241 19.25 -3.72 -14.25
N GLY A 242 18.70 -2.95 -13.31
CA GLY A 242 19.44 -2.61 -12.11
C GLY A 242 20.07 -1.24 -12.19
N VAL A 243 19.49 -0.37 -13.02
CA VAL A 243 20.01 0.99 -13.18
C VAL A 243 19.38 1.94 -12.18
N ALA A 244 20.15 2.91 -11.71
CA ALA A 244 19.67 3.89 -10.74
C ALA A 244 19.73 5.31 -11.30
N PRO A 245 20.94 5.80 -11.65
CA PRO A 245 21.10 7.16 -12.20
C PRO A 245 20.25 7.39 -13.44
N SER A 246 19.20 8.19 -13.28
CA SER A 246 18.29 8.48 -14.39
C SER A 246 17.20 9.45 -13.95
N ARG A 247 16.51 9.09 -12.86
CA ARG A 247 15.42 9.91 -12.33
C ARG A 247 14.14 9.77 -13.15
N ARG A 248 14.20 9.00 -14.22
CA ARG A 248 13.02 8.79 -15.08
C ARG A 248 12.21 7.59 -14.60
N GLY A 249 12.86 6.67 -13.88
CA GLY A 249 12.17 5.50 -13.38
C GLY A 249 10.97 5.85 -12.52
N ASP A 250 11.18 6.73 -11.55
CA ASP A 250 10.11 7.14 -10.65
C ASP A 250 8.97 7.80 -11.43
N LEU A 251 9.33 8.51 -12.49
CA LEU A 251 8.34 9.19 -13.33
C LEU A 251 7.68 8.21 -14.29
N GLU A 252 8.44 7.22 -14.75
CA GLU A 252 7.93 6.22 -15.67
C GLU A 252 6.79 5.42 -15.04
N ILE A 253 6.95 5.11 -13.75
CA ILE A 253 5.94 4.34 -13.03
C ILE A 253 4.63 5.12 -12.96
N LEU A 254 4.72 6.40 -12.67
CA LEU A 254 3.53 7.25 -12.56
C LEU A 254 2.83 7.34 -13.91
N GLY A 255 3.61 7.31 -14.99
CA GLY A 255 3.05 7.38 -16.32
C GLY A 255 2.14 6.20 -16.62
N TYR A 256 2.57 5.02 -16.22
CA TYR A 256 1.79 3.80 -16.47
C TYR A 256 0.65 3.66 -15.47
N CYS A 257 0.81 4.27 -14.29
CA CYS A 257 -0.21 4.22 -13.25
C CYS A 257 -1.56 4.74 -13.76
N MET A 258 -1.51 5.80 -14.55
CA MET A 258 -2.73 6.40 -15.09
C MET A 258 -3.38 5.48 -16.12
N ILE A 259 -2.58 4.99 -17.05
CA ILE A 259 -3.08 4.10 -18.10
C ILE A 259 -3.76 2.87 -17.51
N GLN A 260 -3.24 2.40 -16.37
CA GLN A 260 -3.81 1.23 -15.71
C GLN A 260 -5.05 1.60 -14.91
N TRP A 261 -4.98 2.72 -14.20
CA TRP A 261 -6.09 3.19 -13.39
C TRP A 261 -7.22 3.76 -14.26
N LEU A 262 -6.87 4.21 -15.46
CA LEU A 262 -7.86 4.78 -16.37
C LEU A 262 -8.37 3.75 -17.37
N THR A 263 -7.48 2.86 -17.81
CA THR A 263 -7.85 1.83 -18.77
C THR A 263 -8.20 0.52 -18.08
N GLY A 264 -7.85 0.40 -16.80
CA GLY A 264 -8.14 -0.82 -16.06
C GLY A 264 -7.15 -1.93 -16.34
N HIS A 265 -6.10 -2.01 -15.53
CA HIS A 265 -5.08 -3.03 -15.70
C HIS A 265 -4.38 -2.91 -17.05
N LEU A 266 -3.14 -3.37 -17.11
CA LEU A 266 -2.36 -3.31 -18.34
C LEU A 266 -1.85 -4.70 -18.72
N PRO A 267 -1.43 -4.89 -19.99
CA PRO A 267 -0.92 -6.18 -20.46
C PRO A 267 0.42 -6.55 -19.84
N TRP A 268 0.43 -6.70 -18.52
CA TRP A 268 1.64 -7.05 -17.77
C TRP A 268 1.35 -7.06 -16.28
N GLU A 269 0.53 -6.11 -15.84
CA GLU A 269 0.15 -6.03 -14.44
C GLU A 269 -1.17 -6.76 -14.21
N ASP A 270 -1.52 -7.64 -15.14
CA ASP A 270 -2.76 -8.40 -15.05
C ASP A 270 -2.72 -9.38 -13.88
N ASN A 271 -1.70 -10.24 -13.87
CA ASN A 271 -1.57 -11.23 -12.80
C ASN A 271 -0.18 -11.20 -12.18
N LEU A 272 0.82 -10.83 -12.99
CA LEU A 272 2.20 -10.81 -12.52
C LEU A 272 2.72 -12.22 -12.40
N LYS A 273 1.94 -13.17 -12.94
CA LYS A 273 2.32 -14.57 -12.91
C LYS A 273 3.34 -14.86 -14.01
N ASP A 274 3.45 -13.93 -14.96
CA ASP A 274 4.40 -14.09 -16.06
C ASP A 274 5.14 -12.78 -16.32
N PRO A 275 6.39 -12.67 -15.84
CA PRO A 275 7.21 -11.47 -16.03
C PRO A 275 7.89 -11.42 -17.40
N LYS A 276 7.42 -12.25 -18.33
CA LYS A 276 7.99 -12.28 -19.67
C LYS A 276 7.47 -11.12 -20.51
N TYR A 277 6.16 -10.94 -20.53
CA TYR A 277 5.54 -9.87 -21.30
C TYR A 277 5.73 -8.53 -20.60
N VAL A 278 5.82 -8.57 -19.27
CA VAL A 278 6.00 -7.34 -18.49
C VAL A 278 7.32 -6.66 -18.85
N ARG A 279 8.34 -7.46 -19.11
CA ARG A 279 9.66 -6.92 -19.47
C ARG A 279 9.67 -6.39 -20.90
N ASP A 280 9.19 -7.21 -21.82
CA ASP A 280 9.15 -6.83 -23.23
C ASP A 280 8.15 -5.70 -23.47
N SER A 281 7.04 -5.72 -22.73
CA SER A 281 6.02 -4.70 -22.88
C SER A 281 6.51 -3.33 -22.41
N LYS A 282 7.17 -3.31 -21.25
CA LYS A 282 7.69 -2.07 -20.69
C LYS A 282 8.73 -1.44 -21.61
N ILE A 283 9.59 -2.27 -22.20
CA ILE A 283 10.63 -1.78 -23.10
C ILE A 283 10.03 -1.24 -24.39
N ARG A 284 8.95 -1.86 -24.86
CA ARG A 284 8.29 -1.43 -26.09
C ARG A 284 7.38 -0.23 -25.84
N TYR A 285 6.53 -0.36 -24.83
CA TYR A 285 5.58 0.71 -24.50
C TYR A 285 6.32 2.01 -24.17
N ARG A 286 7.44 1.90 -23.46
CA ARG A 286 8.23 3.07 -23.09
C ARG A 286 8.59 3.88 -24.33
N GLU A 287 8.84 3.19 -25.43
CA GLU A 287 9.20 3.83 -26.69
C GLU A 287 8.02 3.88 -27.65
N ASN A 288 6.82 3.65 -27.12
CA ASN A 288 5.62 3.66 -27.94
C ASN A 288 4.47 4.36 -27.22
N ILE A 289 4.77 5.53 -26.65
CA ILE A 289 3.77 6.31 -25.93
C ILE A 289 2.53 6.56 -26.79
N ALA A 290 2.75 6.74 -28.08
CA ALA A 290 1.64 6.99 -29.00
C ALA A 290 0.85 5.72 -29.27
N SER A 291 1.51 4.57 -29.12
CA SER A 291 0.86 3.29 -29.33
C SER A 291 -0.10 2.97 -28.20
N LEU A 292 0.33 3.23 -26.97
CA LEU A 292 -0.49 2.98 -25.79
C LEU A 292 -1.55 4.07 -25.63
N MET A 293 -1.22 5.28 -26.07
CA MET A 293 -2.14 6.40 -25.98
C MET A 293 -3.35 6.16 -26.88
N ASP A 294 -3.11 5.60 -28.05
CA ASP A 294 -4.18 5.32 -29.01
C ASP A 294 -4.88 4.01 -28.67
N LYS A 295 -4.15 3.08 -28.08
CA LYS A 295 -4.70 1.78 -27.71
C LYS A 295 -5.43 1.85 -26.38
N CYS A 296 -4.75 2.35 -25.35
CA CYS A 296 -5.33 2.44 -24.02
C CYS A 296 -6.34 3.59 -23.94
N PHE A 297 -6.01 4.71 -24.56
CA PHE A 297 -6.90 5.87 -24.56
C PHE A 297 -7.46 6.14 -25.95
N PRO A 298 -8.66 6.73 -26.05
CA PRO A 298 -9.29 7.05 -27.32
C PRO A 298 -8.60 8.19 -28.06
N GLU A 299 -8.30 9.26 -27.32
CA GLU A 299 -7.64 10.43 -27.90
C GLU A 299 -8.40 10.96 -29.10
N LYS A 300 -9.71 10.73 -29.12
CA LYS A 300 -10.56 11.19 -30.22
C LYS A 300 -11.52 12.27 -29.76
N ASN A 301 -11.94 12.18 -28.50
CA ASN A 301 -12.87 13.16 -27.93
C ASN A 301 -12.16 14.10 -26.97
N LYS A 302 -11.86 13.59 -25.78
CA LYS A 302 -11.18 14.39 -24.76
C LYS A 302 -10.08 13.57 -24.08
N PRO A 303 -8.81 13.92 -24.33
CA PRO A 303 -7.67 13.20 -23.73
C PRO A 303 -7.56 13.45 -22.23
N GLY A 304 -6.59 12.80 -21.59
CA GLY A 304 -6.39 12.96 -20.17
C GLY A 304 -5.17 13.79 -19.82
N GLU A 305 -4.50 14.33 -20.85
CA GLU A 305 -3.31 15.13 -20.65
C GLU A 305 -2.12 14.28 -20.23
N ILE A 306 -2.25 12.96 -20.40
CA ILE A 306 -1.18 12.04 -20.05
C ILE A 306 -0.09 12.01 -21.12
N ALA A 307 -0.53 11.97 -22.38
CA ALA A 307 0.40 11.95 -23.51
C ALA A 307 1.46 13.05 -23.38
N LYS A 308 1.01 14.24 -23.01
CA LYS A 308 1.92 15.37 -22.85
C LYS A 308 2.97 15.07 -21.78
N TYR A 309 2.53 14.39 -20.72
CA TYR A 309 3.42 14.04 -19.62
C TYR A 309 4.38 12.93 -20.06
N MET A 310 3.85 11.92 -20.73
CA MET A 310 4.66 10.81 -21.21
C MET A 310 5.71 11.31 -22.19
N GLU A 311 5.30 12.21 -23.07
CA GLU A 311 6.21 12.77 -24.08
C GLU A 311 7.38 13.46 -23.40
N THR A 312 7.09 14.26 -22.37
CA THR A 312 8.14 14.96 -21.64
C THR A 312 9.10 13.98 -20.97
N VAL A 313 8.58 12.81 -20.63
CA VAL A 313 9.40 11.77 -19.99
C VAL A 313 10.24 11.02 -21.01
N LYS A 314 9.80 11.03 -22.26
CA LYS A 314 10.50 10.34 -23.33
C LYS A 314 11.64 11.19 -23.91
N LEU A 315 11.42 12.49 -23.98
CA LEU A 315 12.43 13.40 -24.52
C LEU A 315 13.01 14.28 -23.42
N LEU A 316 12.21 14.58 -22.41
CA LEU A 316 12.66 15.42 -21.30
C LEU A 316 13.25 16.73 -21.81
N ASP A 317 13.65 17.59 -20.87
CA ASP A 317 14.24 18.88 -21.23
C ASP A 317 15.56 18.70 -21.96
N TYR A 318 16.40 19.74 -21.93
CA TYR A 318 17.70 19.70 -22.59
C TYR A 318 18.71 18.95 -21.72
N THR A 319 18.40 17.68 -21.44
CA THR A 319 19.27 16.85 -20.61
C THR A 319 19.35 17.39 -19.18
N GLU A 320 18.20 17.76 -18.64
CA GLU A 320 18.15 18.29 -17.28
C GLU A 320 17.68 17.22 -16.30
N LYS A 321 18.17 17.30 -15.06
CA LYS A 321 17.79 16.32 -14.03
C LYS A 321 16.44 16.67 -13.41
N PRO A 322 16.24 17.94 -13.00
CA PRO A 322 14.98 18.37 -12.38
C PRO A 322 13.89 18.68 -13.42
N LEU A 323 13.28 17.63 -13.96
CA LEU A 323 12.23 17.79 -14.95
C LEU A 323 10.86 17.83 -14.29
N TYR A 324 10.81 17.74 -12.97
CA TYR A 324 9.56 17.78 -12.23
C TYR A 324 8.82 19.09 -12.45
N GLU A 325 9.58 20.15 -12.69
CA GLU A 325 8.99 21.48 -12.92
C GLU A 325 8.05 21.45 -14.11
N ASN A 326 8.42 20.72 -15.15
CA ASN A 326 7.60 20.62 -16.35
C ASN A 326 6.51 19.58 -16.17
N LEU A 327 6.82 18.50 -15.46
CA LEU A 327 5.86 17.43 -15.22
C LEU A 327 4.61 17.96 -14.53
N ARG A 328 4.80 18.70 -13.45
CA ARG A 328 3.70 19.27 -12.69
C ARG A 328 2.80 20.12 -13.59
N ASP A 329 3.42 20.97 -14.40
CA ASP A 329 2.70 21.85 -15.31
C ASP A 329 1.79 21.04 -16.24
N ILE A 330 2.31 19.92 -16.73
CA ILE A 330 1.56 19.05 -17.63
C ILE A 330 0.25 18.58 -16.98
N LEU A 331 0.34 18.12 -15.74
CA LEU A 331 -0.82 17.64 -15.02
C LEU A 331 -1.72 18.79 -14.59
N LEU A 332 -1.12 19.80 -13.95
CA LEU A 332 -1.86 20.96 -13.49
C LEU A 332 -2.67 21.60 -14.62
N GLN A 333 -2.01 21.83 -15.75
CA GLN A 333 -2.67 22.42 -16.91
C GLN A 333 -3.90 21.63 -17.31
N GLY A 334 -3.79 20.30 -17.25
CA GLY A 334 -4.90 19.44 -17.61
C GLY A 334 -6.08 19.59 -16.68
N LEU A 335 -5.82 19.99 -15.44
CA LEU A 335 -6.87 20.18 -14.44
C LEU A 335 -7.78 21.34 -14.83
N LYS A 336 -7.19 22.40 -15.37
CA LYS A 336 -7.95 23.57 -15.77
C LYS A 336 -8.96 23.22 -16.86
N ALA A 337 -8.65 22.18 -17.63
CA ALA A 337 -9.53 21.74 -18.71
C ALA A 337 -10.75 21.01 -18.17
N ILE A 338 -10.57 20.31 -17.04
CA ILE A 338 -11.66 19.57 -16.43
C ILE A 338 -11.97 20.09 -15.03
N GLY A 339 -11.58 21.33 -14.76
CA GLY A 339 -11.83 21.92 -13.45
C GLY A 339 -11.41 21.02 -12.31
N SER A 340 -10.23 20.42 -12.43
CA SER A 340 -9.72 19.53 -11.40
C SER A 340 -8.72 20.26 -10.49
N LYS A 341 -9.00 21.53 -10.24
CA LYS A 341 -8.13 22.34 -9.39
C LYS A 341 -8.30 21.96 -7.92
N ASP A 342 -7.20 22.00 -7.18
CA ASP A 342 -7.22 21.66 -5.76
C ASP A 342 -7.93 22.74 -4.95
N ASP A 343 -9.07 22.38 -4.36
CA ASP A 343 -9.85 23.31 -3.56
C ASP A 343 -10.92 22.58 -2.76
N GLY A 344 -10.56 21.43 -2.19
CA GLY A 344 -11.50 20.66 -1.41
C GLY A 344 -11.80 19.32 -2.03
N LYS A 345 -10.83 18.77 -2.77
CA LYS A 345 -11.00 17.48 -3.42
C LYS A 345 -9.85 16.54 -3.05
N LEU A 346 -10.20 15.29 -2.71
CA LEU A 346 -9.20 14.29 -2.35
C LEU A 346 -9.86 12.97 -1.97
N ASP A 347 -11.10 13.01 -1.51
CA ASP A 347 -11.83 11.80 -1.13
C ASP A 347 -11.81 10.76 -2.25
N LEU A 348 -11.61 11.21 -3.49
CA LEU A 348 -11.58 10.31 -4.64
C LEU A 348 -12.98 9.86 -5.01
N SER A 349 -13.99 10.64 -4.64
CA SER A 349 -15.37 10.31 -4.95
C SER A 349 -15.74 8.93 -4.41
N VAL A 350 -15.14 8.55 -3.28
CA VAL A 350 -15.41 7.25 -2.68
C VAL A 350 -16.71 7.27 -1.89
N VAL A 351 -17.12 8.45 -1.44
CA VAL A 351 -18.35 8.59 -0.67
C VAL A 351 -18.23 7.91 0.69
N GLU A 352 -17.71 8.64 1.67
CA GLU A 352 -17.55 8.10 3.02
C GLU A 352 -18.62 8.65 3.95
N ASN A 353 -19.03 7.83 4.91
CA ASN A 353 -20.05 8.23 5.86
C ASN A 353 -20.26 7.16 6.93
N GLY A 354 -20.64 5.96 6.48
CA GLY A 354 -20.87 4.86 7.40
C GLY A 354 -21.99 3.95 6.95
N GLY A 355 -23.10 4.55 6.51
CA GLY A 355 -24.23 3.77 6.06
C GLY A 355 -25.49 4.60 5.91
N LEU A 356 -26.50 4.27 6.70
CA LEU A 356 -27.77 4.99 6.67
C LEU A 356 -28.57 4.76 7.94
N LYS A 357 -28.84 5.84 8.67
CA LYS A 357 -29.59 5.75 9.92
C LYS A 357 -30.70 6.81 9.96
N ALA A 358 -30.34 8.04 9.62
CA ALA A 358 -31.29 9.14 9.62
C ALA A 358 -32.45 8.87 8.68
N LYS A 359 -33.48 8.19 9.18
CA LYS A 359 -34.65 7.86 8.39
C LYS A 359 -35.69 8.98 8.47
N THR A 360 -35.74 9.66 9.61
CA THR A 360 -36.69 10.74 9.82
C THR A 360 -36.24 12.00 9.08
N ILE A 361 -37.15 12.96 8.95
CA ILE A 361 -36.84 14.21 8.27
C ILE A 361 -36.91 15.39 9.23
N THR A 362 -37.83 15.33 10.17
CA THR A 362 -37.99 16.40 11.16
C THR A 362 -36.97 16.27 12.28
N LYS A 363 -36.30 17.38 12.59
CA LYS A 363 -35.29 17.39 13.64
C LYS A 363 -35.58 18.50 14.66
N LYS A 364 -34.99 18.37 15.85
CA LYS A 364 -35.18 19.35 16.89
C LYS A 364 -34.07 20.40 16.88
N ARG A 365 -32.86 19.99 17.24
CA ARG A 365 -31.72 20.89 17.26
C ARG A 365 -31.95 22.04 18.24
N LYS A 366 -30.96 22.93 18.33
CA LYS A 366 -31.06 24.07 19.22
C LYS A 366 -31.31 25.36 18.44
N LYS A 367 -32.59 25.68 18.22
CA LYS A 367 -32.96 26.88 17.48
C LYS A 367 -33.71 27.86 18.39
N GLU A 368 -34.74 27.36 19.06
CA GLU A 368 -35.54 28.19 19.95
C GLU A 368 -35.03 28.10 21.38
N ILE A 369 -34.77 29.26 21.99
CA ILE A 369 -34.28 29.31 23.36
C ILE A 369 -35.39 29.01 24.36
N GLU A 370 -35.02 28.50 25.52
CA GLU A 370 -35.98 28.17 26.56
C GLU A 370 -35.42 28.49 27.95
N GLU A 371 -35.42 29.76 28.30
CA GLU A 371 -34.92 30.20 29.61
C GLU A 371 -33.44 29.83 29.76
N SER A 372 -32.72 29.81 28.65
CA SER A 372 -31.30 29.47 28.67
C SER A 372 -30.45 30.67 28.29
N LYS A 373 -29.14 30.55 28.49
CA LYS A 373 -28.21 31.63 28.17
C LYS A 373 -26.93 31.09 27.55
N GLU A 374 -26.03 31.99 27.17
CA GLU A 374 -24.76 31.61 26.57
C GLU A 374 -23.60 31.96 27.48
N PRO A 375 -23.21 31.05 28.38
CA PRO A 375 -22.10 31.28 29.31
C PRO A 375 -20.83 31.73 28.60
N GLY A 376 -20.16 32.74 29.16
CA GLY A 376 -18.94 33.24 28.56
C GLY A 376 -17.71 32.58 29.12
N VAL A 377 -16.77 33.38 29.61
CA VAL A 377 -15.53 32.87 30.18
C VAL A 377 -15.75 32.34 31.59
N GLU A 378 -14.99 31.30 31.95
CA GLU A 378 -15.10 30.70 33.27
C GLU A 378 -13.77 30.10 33.70
N ASP A 379 -12.68 30.79 33.38
CA ASP A 379 -11.34 30.33 33.73
C ASP A 379 -11.05 28.97 33.10
N THR A 380 -9.84 28.46 33.34
CA THR A 380 -9.44 27.17 32.78
C THR A 380 -8.42 26.48 33.69
N GLU A 381 -7.27 27.12 33.87
CA GLU A 381 -6.21 26.57 34.72
C GLU A 381 -5.75 25.21 34.19
N TRP A 382 -4.58 25.21 33.56
CA TRP A 382 -4.03 23.98 33.01
C TRP A 382 -2.50 23.97 33.12
N SER A 383 -1.98 23.14 34.02
CA SER A 383 -0.54 23.04 34.22
C SER A 383 -0.18 21.74 34.94
N ASN A 384 -0.69 20.63 34.40
CA ASN A 384 -0.42 19.32 34.99
C ASN A 384 -0.92 19.25 36.43
N THR A 385 -2.03 18.53 36.62
CA THR A 385 -2.61 18.38 37.95
C THR A 385 -1.98 17.22 38.70
N GLN A 386 -2.28 17.12 39.99
CA GLN A 386 -1.73 16.05 40.82
C GLN A 386 -2.44 14.72 40.53
N THR A 387 -1.86 13.93 39.64
CA THR A 387 -2.42 12.64 39.29
C THR A 387 -2.06 11.58 40.32
N GLU A 388 -3.06 10.89 40.85
CA GLU A 388 -2.85 9.85 41.85
C GLU A 388 -3.01 8.47 41.23
N GLU A 389 -2.20 7.52 41.69
CA GLU A 389 -2.27 6.15 41.19
C GLU A 389 -3.12 5.27 42.09
N ALA A 390 -3.46 4.09 41.60
CA ALA A 390 -4.28 3.15 42.36
C ALA A 390 -5.65 3.75 42.70
N ILE A 391 -6.49 2.97 43.36
CA ILE A 391 -7.81 3.43 43.75
C ILE A 391 -7.97 3.45 45.26
N GLN A 392 -8.38 4.60 45.79
CA GLN A 392 -8.57 4.74 47.23
C GLN A 392 -9.78 5.63 47.53
N THR A 393 -10.41 5.39 48.67
CA THR A 393 -11.58 6.16 49.08
C THR A 393 -11.26 7.07 50.26
N ARG A 394 -10.80 8.28 49.95
CA ARG A 394 -10.44 9.25 51.00
C ARG A 394 -11.64 10.13 51.34
N SER A 395 -12.40 9.72 52.35
CA SER A 395 -13.57 10.48 52.78
C SER A 395 -13.41 10.97 54.21
N ARG A 396 -14.44 11.63 54.74
CA ARG A 396 -14.40 12.15 56.09
C ARG A 396 -14.22 11.02 57.11
N THR A 397 -13.48 11.31 58.18
CA THR A 397 -13.23 10.32 59.22
C THR A 397 -13.87 10.73 60.53
N ARG A 398 -13.42 11.86 61.08
CA ARG A 398 -13.96 12.38 62.33
C ARG A 398 -13.72 11.38 63.47
N LYS A 399 -13.67 11.89 64.69
CA LYS A 399 -13.45 11.05 65.86
C LYS A 399 -12.11 10.32 65.76
N ARG A 400 -11.07 10.90 66.34
CA ARG A 400 -9.74 10.30 66.31
C ARG A 400 -9.41 9.68 67.67
N VAL A 401 -9.06 8.40 67.66
CA VAL A 401 -8.70 7.69 68.88
C VAL A 401 -7.22 7.36 68.91
N GLN A 402 -6.40 8.34 69.30
CA GLN A 402 -4.96 8.15 69.39
C GLN A 402 -4.36 9.04 70.47
N LYS A 403 -5.12 9.25 71.54
CA LYS A 403 -4.66 10.08 72.65
C LYS A 403 -5.62 9.99 73.83
N GLY A 1 -19.66 -15.11 -20.55
CA GLY A 1 -19.32 -15.39 -19.12
C GLY A 1 -20.35 -16.28 -18.45
N SER A 2 -20.99 -15.77 -17.42
CA SER A 2 -22.00 -16.53 -16.68
C SER A 2 -21.40 -17.79 -16.08
N SER A 3 -22.27 -18.66 -15.57
CA SER A 3 -21.82 -19.91 -14.95
C SER A 3 -22.49 -21.11 -15.62
N GLY A 4 -21.70 -22.14 -15.92
CA GLY A 4 -22.23 -23.32 -16.56
C GLY A 4 -21.38 -24.55 -16.30
N SER A 5 -20.10 -24.44 -16.63
CA SER A 5 -19.16 -25.56 -16.44
C SER A 5 -18.67 -25.60 -14.99
N SER A 6 -18.49 -26.82 -14.47
CA SER A 6 -18.03 -27.00 -13.11
C SER A 6 -17.49 -28.42 -12.91
N GLY A 7 -16.18 -28.52 -12.73
CA GLY A 7 -15.56 -29.83 -12.53
C GLY A 7 -14.06 -29.73 -12.34
N MET A 8 -13.61 -28.68 -11.67
CA MET A 8 -12.19 -28.48 -11.43
C MET A 8 -11.68 -29.39 -10.31
N PRO A 9 -12.24 -29.25 -9.10
CA PRO A 9 -11.84 -30.07 -7.94
C PRO A 9 -12.33 -31.51 -8.06
N ARG A 10 -11.73 -32.40 -7.28
CA ARG A 10 -12.11 -33.80 -7.29
C ARG A 10 -12.61 -34.24 -5.91
N VAL A 11 -11.72 -34.25 -4.93
CA VAL A 11 -12.07 -34.66 -3.57
C VAL A 11 -11.74 -33.55 -2.57
N LYS A 12 -10.59 -32.91 -2.75
CA LYS A 12 -10.16 -31.85 -1.87
C LYS A 12 -9.89 -32.38 -0.47
N ALA A 13 -8.61 -32.39 -0.08
CA ALA A 13 -8.21 -32.89 1.23
C ALA A 13 -7.59 -31.77 2.06
N ALA A 14 -8.42 -31.00 2.74
CA ALA A 14 -7.95 -29.91 3.59
C ALA A 14 -7.89 -30.31 5.05
N GLN A 15 -7.59 -29.36 5.92
CA GLN A 15 -7.50 -29.62 7.35
C GLN A 15 -8.86 -29.40 8.03
N ALA A 16 -9.48 -30.50 8.44
CA ALA A 16 -10.78 -30.44 9.10
C ALA A 16 -10.62 -30.54 10.61
N GLY A 17 -9.59 -31.26 11.06
CA GLY A 17 -9.35 -31.42 12.49
C GLY A 17 -8.63 -32.70 12.81
N ARG A 18 -8.05 -32.76 14.00
CA ARG A 18 -7.31 -33.95 14.44
C ARG A 18 -7.53 -34.20 15.93
N GLN A 19 -7.84 -35.45 16.27
CA GLN A 19 -8.08 -35.83 17.66
C GLN A 19 -6.77 -36.21 18.35
N SER A 20 -6.17 -35.25 19.04
CA SER A 20 -4.92 -35.49 19.75
C SER A 20 -4.56 -34.29 20.63
N SER A 21 -3.41 -34.38 21.29
CA SER A 21 -2.95 -33.31 22.16
C SER A 21 -1.45 -33.43 22.43
N ALA A 22 -0.77 -32.28 22.42
CA ALA A 22 0.67 -32.25 22.67
C ALA A 22 1.15 -30.84 22.98
N LYS A 23 0.65 -29.87 22.21
CA LYS A 23 1.03 -28.48 22.40
C LYS A 23 0.45 -27.93 23.71
N ARG A 24 1.23 -27.12 24.41
CA ARG A 24 0.79 -26.53 25.67
C ARG A 24 1.30 -25.10 25.81
N HIS A 25 1.43 -24.41 24.68
CA HIS A 25 1.90 -23.04 24.68
C HIS A 25 1.00 -22.15 23.82
N LEU A 26 0.86 -20.89 24.21
CA LEU A 26 0.03 -19.95 23.48
C LEU A 26 0.87 -19.12 22.52
N ALA A 27 0.19 -18.32 21.69
CA ALA A 27 0.87 -17.47 20.72
C ALA A 27 0.72 -15.99 21.08
N GLU A 28 1.35 -15.13 20.29
CA GLU A 28 1.28 -13.69 20.52
C GLU A 28 -0.15 -13.18 20.39
N GLN A 29 -0.67 -13.23 19.16
CA GLN A 29 -2.03 -12.77 18.90
C GLN A 29 -2.18 -11.29 19.22
N PHE A 30 -1.94 -10.45 18.22
CA PHE A 30 -2.06 -9.00 18.41
C PHE A 30 -3.52 -8.56 18.32
N ALA A 31 -4.11 -8.26 19.47
CA ALA A 31 -5.50 -7.82 19.52
C ALA A 31 -5.81 -7.09 20.82
N VAL A 32 -7.04 -6.65 20.98
CA VAL A 32 -7.46 -5.95 22.19
C VAL A 32 -7.26 -6.80 23.43
N GLY A 33 -6.92 -6.16 24.54
CA GLY A 33 -6.71 -6.88 25.78
C GLY A 33 -5.23 -7.07 26.09
N GLU A 34 -4.40 -7.06 25.04
CA GLU A 34 -2.97 -7.24 25.21
C GLU A 34 -2.21 -5.97 24.86
N ILE A 35 -1.27 -5.59 25.73
CA ILE A 35 -0.48 -4.38 25.50
C ILE A 35 0.90 -4.73 24.95
N ILE A 36 1.43 -3.84 24.12
CA ILE A 36 2.74 -4.07 23.51
C ILE A 36 3.76 -3.02 23.97
N THR A 37 5.03 -3.38 23.93
CA THR A 37 6.12 -2.50 24.33
C THR A 37 6.73 -1.83 23.12
N ASP A 38 7.09 -0.55 23.25
CA ASP A 38 7.70 0.19 22.16
C ASP A 38 9.22 0.21 22.28
N MET A 39 9.86 1.14 21.56
CA MET A 39 11.31 1.27 21.59
C MET A 39 11.71 2.06 22.83
N ALA A 40 10.88 3.04 23.18
CA ALA A 40 11.11 3.85 24.37
C ALA A 40 10.54 3.16 25.59
N LYS A 41 10.05 1.93 25.42
CA LYS A 41 9.47 1.15 26.50
C LYS A 41 8.04 1.59 26.80
N LYS A 42 7.35 2.05 25.75
CA LYS A 42 5.97 2.49 25.89
C LYS A 42 5.05 1.28 26.03
N GLU A 43 3.76 1.54 26.21
CA GLU A 43 2.79 0.47 26.35
C GLU A 43 1.59 0.72 25.44
N TRP A 44 1.76 0.38 24.17
CA TRP A 44 0.69 0.56 23.19
C TRP A 44 -0.34 -0.56 23.28
N LYS A 45 -1.61 -0.19 23.20
CA LYS A 45 -2.70 -1.16 23.27
C LYS A 45 -3.12 -1.61 21.88
N VAL A 46 -3.00 -2.91 21.62
CA VAL A 46 -3.37 -3.46 20.32
C VAL A 46 -4.89 -3.46 20.14
N GLY A 47 -5.32 -3.34 18.89
CA GLY A 47 -6.75 -3.32 18.60
C GLY A 47 -7.16 -4.36 17.58
N LEU A 48 -8.15 -4.04 16.76
CA LEU A 48 -8.63 -4.96 15.75
C LEU A 48 -8.02 -4.64 14.39
N PRO A 49 -8.01 -5.62 13.46
CA PRO A 49 -7.45 -5.44 12.12
C PRO A 49 -8.26 -4.45 11.28
N ILE A 50 -7.69 -4.04 10.15
CA ILE A 50 -8.35 -3.09 9.26
C ILE A 50 -8.20 -3.51 7.81
N GLY A 51 -9.01 -4.46 7.37
CA GLY A 51 -8.94 -4.94 6.00
C GLY A 51 -9.15 -6.43 5.89
N GLN A 52 -8.98 -6.97 4.68
CA GLN A 52 -9.15 -8.39 4.45
C GLN A 52 -7.94 -8.97 3.72
N GLY A 53 -7.12 -9.71 4.47
CA GLY A 53 -5.93 -10.31 3.88
C GLY A 53 -4.74 -9.37 3.88
N GLY A 54 -4.36 -8.92 5.05
CA GLY A 54 -3.23 -8.01 5.17
C GLY A 54 -1.93 -8.63 4.71
N PHE A 55 -1.05 -8.93 5.66
CA PHE A 55 0.23 -9.55 5.35
C PHE A 55 0.89 -10.12 6.61
N GLY A 56 0.86 -9.35 7.69
CA GLY A 56 1.44 -9.81 8.94
C GLY A 56 0.52 -9.59 10.13
N CYS A 57 0.71 -8.47 10.82
CA CYS A 57 -0.10 -8.15 11.98
C CYS A 57 -0.61 -6.70 11.91
N ILE A 58 -1.45 -6.43 10.93
CA ILE A 58 -2.00 -5.08 10.75
C ILE A 58 -3.19 -4.85 11.69
N TYR A 59 -2.96 -4.08 12.75
CA TYR A 59 -4.01 -3.77 13.72
C TYR A 59 -3.88 -2.35 14.23
N LEU A 60 -4.95 -1.84 14.84
CA LEU A 60 -4.96 -0.49 15.38
C LEU A 60 -4.23 -0.44 16.72
N ALA A 61 -3.77 0.75 17.10
CA ALA A 61 -3.07 0.93 18.36
C ALA A 61 -3.50 2.21 19.05
N ASP A 62 -3.27 2.28 20.36
CA ASP A 62 -3.63 3.45 21.14
C ASP A 62 -2.66 3.65 22.32
N MET A 63 -2.63 4.87 22.84
CA MET A 63 -1.74 5.20 23.95
C MET A 63 -2.49 5.11 25.28
N ASN A 64 -3.32 4.08 25.42
CA ASN A 64 -4.09 3.88 26.64
C ASN A 64 -5.00 5.07 26.92
N SER A 65 -6.15 5.09 26.26
CA SER A 65 -7.11 6.18 26.44
C SER A 65 -8.39 5.68 27.08
N SER A 66 -8.82 4.48 26.68
CA SER A 66 -10.03 3.88 27.22
C SER A 66 -9.76 2.48 27.74
N GLU A 67 -10.82 1.77 28.11
CA GLU A 67 -10.71 0.41 28.63
C GLU A 67 -10.12 -0.52 27.57
N SER A 68 -10.69 -0.47 26.38
CA SER A 68 -10.23 -1.32 25.27
C SER A 68 -10.25 -0.56 23.96
N VAL A 69 -9.44 -1.01 23.00
CA VAL A 69 -9.38 -0.38 21.69
C VAL A 69 -10.58 -0.75 20.83
N GLY A 70 -11.57 0.15 20.77
CA GLY A 70 -12.75 -0.12 19.98
C GLY A 70 -12.46 -0.31 18.52
N SER A 71 -12.79 0.70 17.71
CA SER A 71 -12.54 0.64 16.27
C SER A 71 -12.40 2.04 15.69
N ASP A 72 -11.49 2.83 16.27
CA ASP A 72 -11.25 4.19 15.80
C ASP A 72 -9.96 4.74 16.38
N ALA A 73 -8.94 3.89 16.47
CA ALA A 73 -7.65 4.29 17.00
C ALA A 73 -6.94 5.26 16.06
N PRO A 74 -6.23 6.27 16.62
CA PRO A 74 -5.53 7.27 15.83
C PRO A 74 -4.14 6.80 15.38
N CYS A 75 -3.84 5.52 15.59
CA CYS A 75 -2.55 4.97 15.21
C CYS A 75 -2.67 3.49 14.85
N VAL A 76 -1.83 3.04 13.92
CA VAL A 76 -1.83 1.64 13.50
C VAL A 76 -0.48 1.00 13.73
N VAL A 77 -0.49 -0.28 14.08
CA VAL A 77 0.74 -1.02 14.34
C VAL A 77 0.81 -2.31 13.52
N LYS A 78 1.90 -2.49 12.79
CA LYS A 78 2.10 -3.68 11.97
C LYS A 78 3.26 -4.51 12.49
N VAL A 79 2.99 -5.76 12.85
CA VAL A 79 4.02 -6.66 13.37
C VAL A 79 4.28 -7.81 12.40
N GLU A 80 5.51 -8.33 12.44
CA GLU A 80 5.89 -9.44 11.58
C GLU A 80 6.69 -10.48 12.37
N PRO A 81 6.26 -11.76 12.34
CA PRO A 81 6.95 -12.83 13.06
C PRO A 81 8.42 -12.92 12.71
N SER A 82 9.25 -12.16 13.42
CA SER A 82 10.69 -12.15 13.19
C SER A 82 11.01 -11.99 11.70
N ASP A 83 10.17 -11.24 10.99
CA ASP A 83 10.36 -11.02 9.56
C ASP A 83 11.21 -9.77 9.32
N ASN A 84 11.77 -9.67 8.12
CA ASN A 84 12.61 -8.54 7.76
C ASN A 84 12.62 -8.32 6.25
N GLY A 85 12.70 -7.06 5.83
CA GLY A 85 12.71 -6.75 4.42
C GLY A 85 11.78 -5.61 4.06
N PRO A 86 10.47 -5.85 4.03
CA PRO A 86 9.48 -4.82 3.70
C PRO A 86 9.36 -3.77 4.79
N LEU A 87 9.30 -4.23 6.04
CA LEU A 87 9.19 -3.33 7.18
C LEU A 87 10.52 -2.69 7.52
N PHE A 88 11.60 -3.46 7.39
CA PHE A 88 12.94 -2.97 7.67
C PHE A 88 13.28 -1.77 6.80
N THR A 89 12.69 -1.73 5.60
CA THR A 89 12.93 -0.63 4.68
C THR A 89 12.18 0.63 5.11
N GLU A 90 11.05 0.44 5.80
CA GLU A 90 10.25 1.56 6.27
C GLU A 90 10.85 2.18 7.52
N LEU A 91 11.30 1.33 8.44
CA LEU A 91 11.90 1.79 9.68
C LEU A 91 13.24 2.47 9.43
N LYS A 92 13.96 1.99 8.41
CA LYS A 92 15.26 2.55 8.06
C LYS A 92 15.12 3.93 7.44
N PHE A 93 14.26 4.04 6.43
CA PHE A 93 14.03 5.31 5.75
C PHE A 93 13.35 6.30 6.68
N TYR A 94 12.38 5.82 7.46
CA TYR A 94 11.64 6.66 8.38
C TYR A 94 12.58 7.36 9.37
N GLN A 95 13.53 6.60 9.91
CA GLN A 95 14.49 7.15 10.87
C GLN A 95 15.61 7.90 10.16
N ARG A 96 15.77 7.66 8.86
CA ARG A 96 16.83 8.31 8.09
C ARG A 96 16.49 9.76 7.75
N ALA A 97 15.27 9.98 7.25
CA ALA A 97 14.84 11.32 6.87
C ALA A 97 13.33 11.53 7.01
N ALA A 98 12.56 10.46 6.84
CA ALA A 98 11.11 10.54 6.93
C ALA A 98 10.63 10.76 8.36
N LYS A 99 11.56 10.92 9.31
CA LYS A 99 11.20 11.14 10.70
C LYS A 99 10.22 12.30 10.84
N PRO A 100 9.48 12.36 11.97
CA PRO A 100 8.51 13.44 12.21
C PRO A 100 9.18 14.78 12.48
N GLU A 101 10.34 14.74 13.11
CA GLU A 101 11.09 15.95 13.44
C GLU A 101 11.85 16.47 12.22
N GLN A 102 12.24 15.56 11.34
CA GLN A 102 12.98 15.93 10.14
C GLN A 102 12.07 16.56 9.08
N ILE A 103 11.00 15.84 8.74
CA ILE A 103 10.06 16.32 7.74
C ILE A 103 9.46 17.66 8.14
N GLN A 104 8.91 17.73 9.35
CA GLN A 104 8.31 18.96 9.85
C GLN A 104 9.26 20.15 9.70
N LYS A 105 10.55 19.89 9.89
CA LYS A 105 11.57 20.93 9.76
C LYS A 105 11.71 21.40 8.33
N TRP A 106 11.57 20.46 7.39
CA TRP A 106 11.67 20.78 5.97
C TRP A 106 10.41 21.45 5.46
N ILE A 107 9.25 20.94 5.88
CA ILE A 107 7.97 21.50 5.48
C ILE A 107 7.79 22.91 6.01
N ARG A 108 8.33 23.16 7.19
CA ARG A 108 8.22 24.48 7.82
C ARG A 108 9.16 25.49 7.14
N THR A 109 10.25 24.97 6.57
CA THR A 109 11.22 25.82 5.89
C THR A 109 10.68 26.34 4.57
N ARG A 110 9.92 25.50 3.88
CA ARG A 110 9.34 25.86 2.59
C ARG A 110 7.84 26.12 2.73
N LYS A 111 7.30 25.87 3.93
CA LYS A 111 5.88 26.06 4.18
C LYS A 111 5.04 25.21 3.23
N LEU A 112 5.59 24.07 2.83
CA LEU A 112 4.90 23.17 1.92
C LEU A 112 3.48 22.86 2.41
N LYS A 113 3.32 22.81 3.73
CA LYS A 113 2.02 22.53 4.33
C LYS A 113 1.69 21.04 4.26
N TYR A 114 1.71 20.50 3.04
CA TYR A 114 1.41 19.09 2.83
C TYR A 114 2.47 18.44 1.96
N LEU A 115 2.86 17.22 2.32
CA LEU A 115 3.88 16.49 1.57
C LEU A 115 3.32 15.16 1.05
N GLY A 116 3.00 14.25 1.97
CA GLY A 116 2.47 12.96 1.57
C GLY A 116 3.16 11.80 2.26
N VAL A 117 4.26 12.08 2.94
CA VAL A 117 5.02 11.04 3.64
C VAL A 117 4.36 10.69 4.98
N PRO A 118 4.15 9.38 5.25
CA PRO A 118 3.53 8.93 6.50
C PRO A 118 4.21 9.52 7.73
N LYS A 119 3.43 9.74 8.77
CA LYS A 119 3.97 10.31 10.02
C LYS A 119 4.48 9.21 10.93
N TYR A 120 5.79 9.22 11.18
CA TYR A 120 6.42 8.22 12.04
C TYR A 120 6.39 8.68 13.50
N TRP A 121 5.86 7.83 14.36
CA TRP A 121 5.78 8.14 15.79
C TRP A 121 6.82 7.36 16.59
N GLY A 122 6.99 6.09 16.23
CA GLY A 122 7.96 5.26 16.92
C GLY A 122 7.91 3.81 16.47
N SER A 123 8.68 2.96 17.14
CA SER A 123 8.73 1.55 16.80
C SER A 123 8.70 0.71 18.08
N GLY A 124 8.39 -0.57 17.94
CA GLY A 124 8.33 -1.44 19.10
C GLY A 124 8.85 -2.84 18.81
N LEU A 125 8.94 -3.66 19.85
CA LEU A 125 9.43 -5.03 19.72
C LEU A 125 8.75 -5.95 20.72
N HIS A 126 8.77 -7.25 20.45
CA HIS A 126 8.16 -8.23 21.33
C HIS A 126 8.96 -9.53 21.34
N ASP A 127 9.40 -9.93 22.53
CA ASP A 127 10.18 -11.17 22.68
C ASP A 127 9.36 -12.23 23.41
N LYS A 128 9.11 -13.34 22.73
CA LYS A 128 8.34 -14.43 23.32
C LYS A 128 8.95 -15.79 22.98
N ASN A 129 9.22 -16.58 24.01
CA ASN A 129 9.80 -17.91 23.83
C ASN A 129 11.11 -17.84 23.05
N GLY A 130 11.73 -16.66 23.01
CA GLY A 130 12.97 -16.50 22.29
C GLY A 130 12.79 -15.92 20.90
N LYS A 131 11.54 -15.67 20.52
CA LYS A 131 11.24 -15.11 19.21
C LYS A 131 11.10 -13.60 19.29
N SER A 132 11.81 -12.89 18.42
CA SER A 132 11.76 -11.43 18.40
C SER A 132 10.77 -10.93 17.36
N TYR A 133 9.80 -10.14 17.80
CA TYR A 133 8.79 -9.57 16.91
C TYR A 133 9.04 -8.09 16.69
N ARG A 134 9.24 -7.69 15.44
CA ARG A 134 9.48 -6.30 15.11
C ARG A 134 8.26 -5.67 14.46
N PHE A 135 7.80 -4.57 15.02
CA PHE A 135 6.63 -3.87 14.49
C PHE A 135 6.83 -2.36 14.55
N MET A 136 6.07 -1.64 13.73
CA MET A 136 6.16 -0.18 13.68
C MET A 136 4.77 0.44 13.83
N ILE A 137 4.73 1.62 14.45
CA ILE A 137 3.46 2.31 14.67
C ILE A 137 3.49 3.70 14.03
N MET A 138 2.67 3.87 12.99
CA MET A 138 2.59 5.15 12.28
C MET A 138 1.19 5.72 12.32
N ASP A 139 1.03 6.94 11.83
CA ASP A 139 -0.27 7.62 11.80
C ASP A 139 -1.34 6.71 11.18
N ARG A 140 -2.57 6.88 11.66
CA ARG A 140 -3.69 6.09 11.16
C ARG A 140 -3.98 6.41 9.68
N PHE A 141 -4.59 5.45 8.99
CA PHE A 141 -4.92 5.64 7.58
C PHE A 141 -6.39 5.32 7.33
N GLY A 142 -6.92 5.82 6.22
CA GLY A 142 -8.31 5.57 5.89
C GLY A 142 -8.48 4.40 4.93
N SER A 143 -8.88 4.70 3.70
CA SER A 143 -9.08 3.68 2.69
C SER A 143 -7.98 3.73 1.63
N ASP A 144 -7.32 2.59 1.42
CA ASP A 144 -6.24 2.51 0.44
C ASP A 144 -6.74 2.89 -0.95
N LEU A 145 -5.82 3.25 -1.83
CA LEU A 145 -6.16 3.63 -3.19
C LEU A 145 -6.75 2.45 -3.95
N GLN A 146 -6.40 1.23 -3.51
CA GLN A 146 -6.91 0.02 -4.15
C GLN A 146 -8.42 -0.06 -3.99
N LYS A 147 -8.90 0.23 -2.79
CA LYS A 147 -10.32 0.20 -2.49
C LYS A 147 -11.07 1.20 -3.38
N ILE A 148 -10.37 2.28 -3.72
CA ILE A 148 -10.95 3.32 -4.57
C ILE A 148 -11.05 2.84 -6.02
N TYR A 149 -10.20 1.88 -6.39
CA TYR A 149 -10.19 1.33 -7.73
C TYR A 149 -11.47 0.53 -7.98
N GLU A 150 -11.81 -0.35 -7.06
CA GLU A 150 -13.00 -1.17 -7.17
C GLU A 150 -14.26 -0.34 -6.88
N ALA A 151 -14.11 0.68 -6.05
CA ALA A 151 -15.22 1.55 -5.69
C ALA A 151 -15.83 2.20 -6.93
N ASN A 152 -14.99 2.44 -7.94
CA ASN A 152 -15.46 3.07 -9.17
C ASN A 152 -15.73 2.01 -10.25
N ALA A 153 -15.48 0.74 -9.92
CA ALA A 153 -15.69 -0.37 -10.84
C ALA A 153 -14.44 -0.62 -11.66
N LYS A 154 -13.30 -0.61 -10.98
CA LYS A 154 -12.01 -0.83 -11.64
C LYS A 154 -11.76 0.28 -12.67
N ARG A 155 -12.45 1.40 -12.50
CA ARG A 155 -12.30 2.53 -13.42
C ARG A 155 -12.18 3.84 -12.64
N PHE A 156 -10.97 4.41 -12.63
CA PHE A 156 -10.73 5.66 -11.95
C PHE A 156 -11.24 6.84 -12.76
N SER A 157 -10.94 8.05 -12.29
CA SER A 157 -11.36 9.26 -12.99
C SER A 157 -10.16 10.07 -13.46
N ARG A 158 -10.33 10.80 -14.57
CA ARG A 158 -9.25 11.61 -15.13
C ARG A 158 -8.78 12.65 -14.12
N LYS A 159 -9.69 13.09 -13.25
CA LYS A 159 -9.37 14.09 -12.25
C LYS A 159 -8.53 13.49 -11.13
N THR A 160 -8.91 12.30 -10.69
CA THR A 160 -8.19 11.61 -9.62
C THR A 160 -6.74 11.33 -10.03
N VAL A 161 -6.58 10.71 -11.19
CA VAL A 161 -5.25 10.37 -11.70
C VAL A 161 -4.36 11.60 -11.76
N LEU A 162 -4.84 12.64 -12.44
CA LEU A 162 -4.09 13.87 -12.58
C LEU A 162 -3.85 14.53 -11.23
N GLN A 163 -4.90 14.64 -10.43
CA GLN A 163 -4.81 15.24 -9.11
C GLN A 163 -3.81 14.47 -8.24
N LEU A 164 -3.88 13.15 -8.31
CA LEU A 164 -2.98 12.30 -7.53
C LEU A 164 -1.55 12.40 -8.05
N SER A 165 -1.42 12.54 -9.37
CA SER A 165 -0.11 12.66 -9.99
C SER A 165 0.67 13.82 -9.41
N LEU A 166 0.00 14.94 -9.21
CA LEU A 166 0.63 16.13 -8.65
C LEU A 166 0.98 15.92 -7.18
N ARG A 167 0.05 15.33 -6.43
CA ARG A 167 0.25 15.06 -5.02
C ARG A 167 1.40 14.07 -4.82
N ILE A 168 1.35 12.97 -5.55
CA ILE A 168 2.39 11.94 -5.46
C ILE A 168 3.73 12.47 -5.96
N LEU A 169 3.67 13.30 -7.00
CA LEU A 169 4.88 13.87 -7.58
C LEU A 169 5.63 14.71 -6.54
N ASP A 170 4.88 15.39 -5.69
CA ASP A 170 5.47 16.22 -4.65
C ASP A 170 6.36 15.39 -3.73
N ILE A 171 5.95 14.15 -3.48
CA ILE A 171 6.71 13.25 -2.62
C ILE A 171 7.91 12.69 -3.37
N LEU A 172 7.73 12.41 -4.66
CA LEU A 172 8.81 11.89 -5.49
C LEU A 172 10.01 12.82 -5.48
N GLU A 173 9.75 14.11 -5.56
CA GLU A 173 10.81 15.11 -5.56
C GLU A 173 11.46 15.20 -4.18
N TYR A 174 10.66 14.94 -3.14
CA TYR A 174 11.16 14.98 -1.77
C TYR A 174 12.10 13.81 -1.50
N ILE A 175 11.62 12.60 -1.78
CA ILE A 175 12.42 11.40 -1.56
C ILE A 175 13.61 11.36 -2.52
N HIS A 176 13.46 12.01 -3.68
CA HIS A 176 14.52 12.06 -4.67
C HIS A 176 15.61 13.03 -4.23
N GLU A 177 15.21 14.08 -3.53
CA GLU A 177 16.14 15.08 -3.04
C GLU A 177 16.97 14.52 -1.90
N HIS A 178 16.51 13.42 -1.32
CA HIS A 178 17.22 12.78 -0.22
C HIS A 178 18.00 11.56 -0.71
N GLU A 179 17.97 11.35 -2.03
CA GLU A 179 18.68 10.22 -2.64
C GLU A 179 18.05 8.89 -2.22
N TYR A 180 16.72 8.85 -2.21
CA TYR A 180 16.00 7.64 -1.85
C TYR A 180 14.91 7.31 -2.86
N VAL A 181 14.93 6.09 -3.36
CA VAL A 181 13.94 5.63 -4.34
C VAL A 181 13.04 4.55 -3.76
N HIS A 182 11.98 4.23 -4.48
CA HIS A 182 11.02 3.22 -4.03
C HIS A 182 10.42 2.46 -5.20
N GLY A 183 9.92 3.21 -6.19
CA GLY A 183 9.32 2.58 -7.35
C GLY A 183 8.24 1.59 -6.99
N ASP A 184 7.27 2.02 -6.18
CA ASP A 184 6.18 1.15 -5.77
C ASP A 184 4.87 1.92 -5.66
N ILE A 185 4.73 2.97 -6.47
CA ILE A 185 3.52 3.79 -6.48
C ILE A 185 2.36 3.02 -7.06
N LYS A 186 1.43 2.60 -6.21
CA LYS A 186 0.26 1.85 -6.66
C LYS A 186 -0.91 2.03 -5.71
N ALA A 187 -2.01 1.35 -6.01
CA ALA A 187 -3.21 1.43 -5.17
C ALA A 187 -3.11 0.51 -3.96
N SER A 188 -1.98 -0.20 -3.85
CA SER A 188 -1.76 -1.11 -2.73
C SER A 188 -0.70 -0.55 -1.79
N ASN A 189 -0.20 0.63 -2.11
CA ASN A 189 0.82 1.29 -1.31
C ASN A 189 0.42 2.73 -1.00
N LEU A 190 -0.68 3.17 -1.60
CA LEU A 190 -1.18 4.53 -1.40
C LEU A 190 -2.46 4.48 -0.58
N LEU A 191 -2.49 5.27 0.50
CA LEU A 191 -3.66 5.30 1.38
C LEU A 191 -4.04 6.74 1.73
N LEU A 192 -5.30 6.95 2.10
CA LEU A 192 -5.78 8.28 2.47
C LEU A 192 -5.64 8.53 3.96
N ASN A 193 -5.43 9.78 4.34
CA ASN A 193 -5.28 10.14 5.75
C ASN A 193 -6.60 9.95 6.50
N TYR A 194 -6.53 9.26 7.64
CA TYR A 194 -7.73 9.01 8.44
C TYR A 194 -8.14 10.26 9.19
N LYS A 195 -7.20 10.83 9.94
CA LYS A 195 -7.46 12.04 10.69
C LYS A 195 -7.68 13.23 9.76
N ASN A 196 -7.18 13.09 8.53
CA ASN A 196 -7.32 14.15 7.53
C ASN A 196 -7.72 13.56 6.18
N PRO A 197 -8.98 13.13 6.04
CA PRO A 197 -9.48 12.53 4.79
C PRO A 197 -9.55 13.56 3.67
N ASP A 198 -8.58 13.51 2.77
CA ASP A 198 -8.53 14.45 1.64
C ASP A 198 -7.36 14.15 0.73
N GLN A 199 -6.24 13.72 1.31
CA GLN A 199 -5.05 13.41 0.53
C GLN A 199 -4.69 11.93 0.64
N VAL A 200 -3.58 11.55 0.02
CA VAL A 200 -3.12 10.18 0.04
C VAL A 200 -1.63 10.11 0.39
N TYR A 201 -1.24 9.04 1.06
CA TYR A 201 0.15 8.84 1.47
C TYR A 201 0.72 7.55 0.88
N LEU A 202 2.04 7.50 0.78
CA LEU A 202 2.71 6.31 0.24
C LEU A 202 3.40 5.54 1.37
N VAL A 203 2.94 4.32 1.61
CA VAL A 203 3.51 3.48 2.66
C VAL A 203 4.36 2.37 2.08
N ASP A 204 5.45 2.04 2.75
CA ASP A 204 6.34 0.98 2.30
C ASP A 204 6.87 1.27 0.90
N TYR A 205 8.12 1.69 0.81
CA TYR A 205 8.74 1.99 -0.47
C TYR A 205 8.91 0.72 -1.31
N GLY A 206 8.88 -0.43 -0.64
CA GLY A 206 9.04 -1.69 -1.34
C GLY A 206 10.48 -2.11 -1.47
N LEU A 207 11.32 -1.20 -1.95
CA LEU A 207 12.75 -1.48 -2.12
C LEU A 207 13.59 -0.55 -1.27
N ALA A 208 13.18 0.72 -1.18
CA ALA A 208 13.91 1.72 -0.40
C ALA A 208 15.41 1.62 -0.65
N TYR A 209 15.88 2.23 -1.73
CA TYR A 209 17.29 2.20 -2.08
C TYR A 209 17.87 3.61 -2.12
N ARG A 210 19.16 3.72 -1.78
CA ARG A 210 19.84 5.00 -1.77
C ARG A 210 20.72 5.14 -3.02
N TYR A 211 20.08 5.31 -4.17
CA TYR A 211 20.79 5.47 -5.43
C TYR A 211 21.87 6.54 -5.34
N CYS A 212 21.50 7.70 -4.80
CA CYS A 212 22.44 8.80 -4.65
C CYS A 212 23.04 9.21 -5.99
N PRO A 213 22.60 10.36 -6.55
CA PRO A 213 23.10 10.84 -7.85
C PRO A 213 24.63 10.91 -7.89
N GLU A 214 25.23 9.98 -8.61
CA GLU A 214 26.68 9.93 -8.74
C GLU A 214 27.10 9.54 -10.15
N GLY A 215 27.14 10.53 -11.04
CA GLY A 215 27.51 10.27 -12.42
C GLY A 215 26.34 10.39 -13.37
N VAL A 216 26.02 11.62 -13.76
CA VAL A 216 24.91 11.87 -14.67
C VAL A 216 25.40 12.54 -15.95
N HIS A 217 26.63 12.23 -16.34
CA HIS A 217 27.21 12.80 -17.55
C HIS A 217 27.24 11.78 -18.67
N LYS A 218 27.48 10.52 -18.32
CA LYS A 218 27.54 9.44 -19.31
C LYS A 218 26.15 8.86 -19.55
N GLU A 219 26.10 7.75 -20.28
CA GLU A 219 24.83 7.10 -20.60
C GLU A 219 24.99 5.59 -20.59
N TYR A 220 23.99 4.90 -20.06
CA TYR A 220 24.02 3.44 -19.98
C TYR A 220 25.20 2.96 -19.15
N LYS A 221 24.99 2.83 -17.85
CA LYS A 221 26.04 2.39 -16.94
C LYS A 221 25.59 1.20 -16.10
N GLU A 222 24.73 0.36 -16.68
CA GLU A 222 24.22 -0.82 -15.98
C GLU A 222 25.36 -1.63 -15.37
N ASP A 223 25.00 -2.66 -14.61
CA ASP A 223 25.98 -3.52 -13.96
C ASP A 223 25.30 -4.63 -13.18
N PRO A 224 24.48 -4.29 -12.16
CA PRO A 224 23.78 -5.28 -11.34
C PRO A 224 22.69 -6.00 -12.13
N LYS A 225 22.02 -6.94 -11.48
CA LYS A 225 20.96 -7.71 -12.12
C LYS A 225 19.63 -7.52 -11.38
N ARG A 226 19.68 -7.51 -10.06
CA ARG A 226 18.49 -7.34 -9.23
C ARG A 226 18.61 -6.11 -8.35
N CYS A 227 19.16 -5.04 -8.92
CA CYS A 227 19.34 -3.80 -8.18
C CYS A 227 18.00 -3.12 -7.94
N HIS A 228 17.12 -3.19 -8.93
CA HIS A 228 15.79 -2.59 -8.82
C HIS A 228 14.84 -3.47 -8.02
N ASP A 229 14.55 -4.65 -8.55
CA ASP A 229 13.66 -5.59 -7.88
C ASP A 229 12.28 -4.97 -7.67
N GLY A 230 11.46 -5.63 -6.87
CA GLY A 230 10.12 -5.13 -6.59
C GLY A 230 9.04 -6.06 -7.10
N THR A 231 8.30 -5.61 -8.11
CA THR A 231 7.23 -6.41 -8.68
C THR A 231 7.09 -6.14 -10.18
N ILE A 232 6.72 -7.17 -10.93
CA ILE A 232 6.53 -7.04 -12.38
C ILE A 232 5.34 -6.16 -12.72
N GLU A 233 4.52 -5.85 -11.71
CA GLU A 233 3.34 -5.00 -11.91
C GLU A 233 3.69 -3.70 -12.62
N PHE A 234 4.85 -3.15 -12.29
CA PHE A 234 5.30 -1.90 -12.90
C PHE A 234 6.82 -1.76 -12.83
N THR A 235 7.53 -2.87 -12.91
CA THR A 235 8.98 -2.87 -12.84
C THR A 235 9.57 -2.17 -14.08
N SER A 236 10.61 -1.38 -13.86
CA SER A 236 11.27 -0.66 -14.95
C SER A 236 12.30 -1.55 -15.65
N ILE A 237 12.23 -1.58 -16.98
CA ILE A 237 13.16 -2.39 -17.76
C ILE A 237 14.61 -1.98 -17.50
N ASP A 238 14.92 -0.71 -17.77
CA ASP A 238 16.26 -0.20 -17.57
C ASP A 238 16.67 -0.27 -16.10
N ALA A 239 15.76 0.12 -15.22
CA ALA A 239 16.03 0.10 -13.78
C ALA A 239 16.43 -1.30 -13.32
N HIS A 240 15.68 -2.31 -13.77
CA HIS A 240 15.95 -3.69 -13.41
C HIS A 240 17.34 -4.12 -13.88
N ASN A 241 17.81 -3.50 -14.96
CA ASN A 241 19.12 -3.83 -15.50
C ASN A 241 20.22 -2.96 -14.89
N GLY A 242 19.83 -2.07 -13.97
CA GLY A 242 20.81 -1.20 -13.33
C GLY A 242 21.18 0.00 -14.18
N VAL A 243 20.60 0.09 -15.38
CA VAL A 243 20.89 1.21 -16.28
C VAL A 243 20.68 2.55 -15.59
N ALA A 244 21.76 3.23 -15.28
CA ALA A 244 21.70 4.53 -14.62
C ALA A 244 21.01 4.41 -13.25
N PRO A 245 21.12 5.44 -12.41
CA PRO A 245 20.51 5.45 -11.08
C PRO A 245 18.99 5.43 -11.15
N SER A 246 18.36 4.80 -10.16
CA SER A 246 16.90 4.72 -10.11
C SER A 246 16.28 6.10 -10.07
N ARG A 247 15.62 6.49 -11.16
CA ARG A 247 14.98 7.80 -11.25
C ARG A 247 13.95 7.82 -12.38
N ARG A 248 14.35 7.32 -13.54
CA ARG A 248 13.46 7.29 -14.70
C ARG A 248 12.31 6.30 -14.46
N GLY A 249 12.58 5.26 -13.69
CA GLY A 249 11.56 4.27 -13.40
C GLY A 249 10.43 4.82 -12.56
N ASP A 250 10.77 5.67 -11.60
CA ASP A 250 9.77 6.27 -10.72
C ASP A 250 8.72 7.03 -11.53
N LEU A 251 9.14 7.60 -12.65
CA LEU A 251 8.23 8.34 -13.52
C LEU A 251 7.42 7.39 -14.41
N GLU A 252 8.07 6.32 -14.85
CA GLU A 252 7.42 5.33 -15.71
C GLU A 252 6.25 4.68 -14.97
N ILE A 253 6.43 4.44 -13.68
CA ILE A 253 5.39 3.83 -12.86
C ILE A 253 4.14 4.70 -12.83
N LEU A 254 4.33 5.98 -12.54
CA LEU A 254 3.22 6.93 -12.48
C LEU A 254 2.58 7.08 -13.85
N GLY A 255 3.41 7.14 -14.89
CA GLY A 255 2.91 7.29 -16.24
C GLY A 255 1.97 6.16 -16.64
N TYR A 256 2.29 4.96 -16.20
CA TYR A 256 1.48 3.78 -16.51
C TYR A 256 0.25 3.71 -15.62
N CYS A 257 0.34 4.31 -14.44
CA CYS A 257 -0.77 4.31 -13.50
C CYS A 257 -2.03 4.91 -14.12
N MET A 258 -1.86 5.97 -14.88
CA MET A 258 -2.99 6.63 -15.53
C MET A 258 -3.67 5.69 -16.52
N ILE A 259 -2.87 5.07 -17.38
CA ILE A 259 -3.40 4.15 -18.38
C ILE A 259 -4.02 2.92 -17.73
N GLN A 260 -3.49 2.53 -16.58
CA GLN A 260 -4.00 1.37 -15.85
C GLN A 260 -5.26 1.72 -15.07
N TRP A 261 -5.27 2.90 -14.46
CA TRP A 261 -6.41 3.35 -13.67
C TRP A 261 -7.51 3.94 -14.56
N LEU A 262 -7.11 4.45 -15.73
CA LEU A 262 -8.06 5.05 -16.67
C LEU A 262 -8.59 4.01 -17.64
N THR A 263 -7.69 3.20 -18.19
CA THR A 263 -8.07 2.17 -19.15
C THR A 263 -8.27 0.81 -18.48
N GLY A 264 -8.08 0.77 -17.16
CA GLY A 264 -8.24 -0.49 -16.44
C GLY A 264 -7.20 -1.51 -16.83
N HIS A 265 -6.17 -1.66 -15.99
CA HIS A 265 -5.10 -2.61 -16.25
C HIS A 265 -4.46 -2.38 -17.62
N LEU A 266 -3.29 -2.97 -17.83
CA LEU A 266 -2.57 -2.83 -19.09
C LEU A 266 -2.03 -4.17 -19.56
N PRO A 267 -1.55 -4.25 -20.82
CA PRO A 267 -1.02 -5.50 -21.37
C PRO A 267 0.28 -5.94 -20.71
N TRP A 268 0.20 -6.22 -19.42
CA TRP A 268 1.36 -6.66 -18.64
C TRP A 268 0.98 -6.81 -17.18
N GLU A 269 0.14 -5.90 -16.70
CA GLU A 269 -0.32 -5.93 -15.32
C GLU A 269 -1.66 -6.66 -15.23
N ASP A 270 -1.96 -7.47 -16.24
CA ASP A 270 -3.21 -8.22 -16.26
C ASP A 270 -3.21 -9.31 -15.21
N ASN A 271 -2.23 -10.21 -15.28
CA ASN A 271 -2.13 -11.31 -14.31
C ASN A 271 -0.75 -11.35 -13.67
N LEU A 272 0.26 -10.84 -14.36
CA LEU A 272 1.62 -10.84 -13.87
C LEU A 272 2.17 -12.27 -13.89
N LYS A 273 1.45 -13.15 -14.58
CA LYS A 273 1.87 -14.53 -14.70
C LYS A 273 2.83 -14.69 -15.88
N ASP A 274 2.91 -13.66 -16.71
CA ASP A 274 3.79 -13.68 -17.87
C ASP A 274 4.75 -12.49 -17.84
N PRO A 275 5.83 -12.58 -17.05
CA PRO A 275 6.82 -11.50 -16.93
C PRO A 275 7.60 -11.28 -18.23
N LYS A 276 7.44 -12.20 -19.18
CA LYS A 276 8.13 -12.11 -20.46
C LYS A 276 7.46 -11.08 -21.37
N TYR A 277 6.14 -11.15 -21.47
CA TYR A 277 5.40 -10.21 -22.30
C TYR A 277 5.30 -8.84 -21.63
N VAL A 278 5.37 -8.82 -20.30
CA VAL A 278 5.32 -7.57 -19.56
C VAL A 278 6.42 -6.62 -20.01
N ARG A 279 7.58 -7.19 -20.34
CA ARG A 279 8.73 -6.40 -20.78
C ARG A 279 8.54 -5.91 -22.21
N ASP A 280 8.04 -6.79 -23.07
CA ASP A 280 7.82 -6.45 -24.47
C ASP A 280 6.88 -5.25 -24.61
N SER A 281 5.85 -5.21 -23.77
CA SER A 281 4.88 -4.12 -23.79
C SER A 281 5.46 -2.86 -23.16
N LYS A 282 6.36 -3.05 -22.20
CA LYS A 282 6.98 -1.94 -21.51
C LYS A 282 8.00 -1.24 -22.39
N ILE A 283 8.84 -2.02 -23.06
CA ILE A 283 9.87 -1.48 -23.93
C ILE A 283 9.25 -0.79 -25.14
N ARG A 284 8.18 -1.37 -25.66
CA ARG A 284 7.49 -0.80 -26.83
C ARG A 284 6.88 0.56 -26.49
N TYR A 285 6.09 0.59 -25.41
CA TYR A 285 5.45 1.82 -24.98
C TYR A 285 6.48 2.88 -24.62
N ARG A 286 7.60 2.44 -24.06
CA ARG A 286 8.67 3.36 -23.67
C ARG A 286 9.15 4.17 -24.86
N GLU A 287 9.04 3.58 -26.06
CA GLU A 287 9.45 4.24 -27.28
C GLU A 287 8.27 4.42 -28.23
N ASN A 288 7.06 4.43 -27.69
CA ASN A 288 5.86 4.59 -28.50
C ASN A 288 4.85 5.49 -27.79
N ILE A 289 5.35 6.58 -27.20
CA ILE A 289 4.49 7.53 -26.49
C ILE A 289 3.27 7.90 -27.32
N ALA A 290 3.49 8.09 -28.62
CA ALA A 290 2.41 8.45 -29.53
C ALA A 290 1.50 7.25 -29.81
N SER A 291 2.11 6.07 -29.96
CA SER A 291 1.37 4.85 -30.22
C SER A 291 0.58 4.41 -29.00
N LEU A 292 1.13 4.69 -27.82
CA LEU A 292 0.47 4.32 -26.57
C LEU A 292 -0.85 5.07 -26.41
N MET A 293 -0.79 6.39 -26.57
CA MET A 293 -1.98 7.22 -26.44
C MET A 293 -3.04 6.81 -27.46
N ASP A 294 -2.59 6.55 -28.69
CA ASP A 294 -3.51 6.15 -29.76
C ASP A 294 -4.02 4.73 -29.53
N LYS A 295 -3.24 3.92 -28.82
CA LYS A 295 -3.61 2.55 -28.54
C LYS A 295 -4.54 2.46 -27.33
N CYS A 296 -4.12 3.06 -26.23
CA CYS A 296 -4.92 3.06 -25.01
C CYS A 296 -6.05 4.08 -25.09
N PHE A 297 -5.75 5.25 -25.63
CA PHE A 297 -6.74 6.31 -25.76
C PHE A 297 -7.08 6.55 -27.23
N PRO A 298 -8.07 5.80 -27.76
CA PRO A 298 -8.49 5.94 -29.17
C PRO A 298 -9.10 7.30 -29.45
N GLU A 299 -8.24 8.31 -29.57
CA GLU A 299 -8.69 9.67 -29.84
C GLU A 299 -7.50 10.59 -30.10
N LYS A 300 -7.09 10.67 -31.37
CA LYS A 300 -5.97 11.52 -31.76
C LYS A 300 -6.21 12.97 -31.36
N ASN A 301 -7.48 13.34 -31.24
CA ASN A 301 -7.84 14.71 -30.87
C ASN A 301 -7.24 15.09 -29.52
N LYS A 302 -7.73 14.44 -28.46
CA LYS A 302 -7.25 14.71 -27.11
C LYS A 302 -7.40 13.49 -26.21
N PRO A 303 -6.32 12.74 -25.98
CA PRO A 303 -6.36 11.55 -25.12
C PRO A 303 -6.80 11.88 -23.69
N GLY A 304 -5.91 12.52 -22.94
CA GLY A 304 -6.24 12.89 -21.57
C GLY A 304 -5.15 13.71 -20.92
N GLU A 305 -4.42 14.47 -21.73
CA GLU A 305 -3.32 15.31 -21.23
C GLU A 305 -2.16 14.47 -20.71
N ILE A 306 -2.23 13.16 -20.91
CA ILE A 306 -1.17 12.26 -20.46
C ILE A 306 0.01 12.27 -21.43
N ALA A 307 -0.31 12.20 -22.73
CA ALA A 307 0.72 12.20 -23.77
C ALA A 307 1.79 13.26 -23.51
N LYS A 308 1.35 14.48 -23.18
CA LYS A 308 2.26 15.57 -22.91
C LYS A 308 3.20 15.22 -21.76
N TYR A 309 2.64 14.62 -20.71
CA TYR A 309 3.42 14.23 -19.54
C TYR A 309 4.33 13.06 -19.87
N MET A 310 3.78 12.04 -20.53
CA MET A 310 4.56 10.86 -20.90
C MET A 310 5.64 11.23 -21.91
N GLU A 311 5.32 12.12 -22.83
CA GLU A 311 6.26 12.56 -23.85
C GLU A 311 7.48 13.21 -23.20
N THR A 312 7.24 14.03 -22.19
CA THR A 312 8.32 14.72 -21.49
C THR A 312 9.16 13.71 -20.70
N VAL A 313 8.53 12.65 -20.23
CA VAL A 313 9.21 11.61 -19.46
C VAL A 313 9.98 10.67 -20.38
N LYS A 314 9.53 10.57 -21.63
CA LYS A 314 10.17 9.70 -22.60
C LYS A 314 11.49 10.28 -23.10
N LEU A 315 11.50 11.58 -23.32
CA LEU A 315 12.69 12.27 -23.80
C LEU A 315 13.38 13.02 -22.67
N LEU A 316 12.60 13.42 -21.66
CA LEU A 316 13.13 14.15 -20.51
C LEU A 316 13.85 15.42 -20.96
N ASP A 317 15.11 15.29 -21.38
CA ASP A 317 15.90 16.43 -21.83
C ASP A 317 17.16 15.97 -22.55
N TYR A 318 17.02 14.91 -23.33
CA TYR A 318 18.15 14.37 -24.08
C TYR A 318 19.26 13.90 -23.14
N THR A 319 18.85 13.28 -22.03
CA THR A 319 19.81 12.78 -21.04
C THR A 319 20.65 13.92 -20.48
N GLU A 320 20.05 15.11 -20.40
CA GLU A 320 20.74 16.27 -19.88
C GLU A 320 19.84 17.05 -18.91
N LYS A 321 20.08 16.87 -17.62
CA LYS A 321 19.30 17.55 -16.59
C LYS A 321 17.84 17.11 -16.63
N PRO A 322 17.21 16.91 -15.47
CA PRO A 322 15.81 16.49 -15.39
C PRO A 322 14.84 17.61 -15.73
N LEU A 323 13.55 17.31 -15.70
CA LEU A 323 12.52 18.29 -16.00
C LEU A 323 11.23 17.99 -15.26
N TYR A 324 11.35 17.59 -13.99
CA TYR A 324 10.20 17.26 -13.17
C TYR A 324 9.26 18.45 -13.04
N GLU A 325 9.83 19.65 -13.09
CA GLU A 325 9.04 20.88 -12.99
C GLU A 325 7.98 20.94 -14.08
N ASN A 326 8.39 20.69 -15.32
CA ASN A 326 7.48 20.72 -16.45
C ASN A 326 6.40 19.66 -16.32
N LEU A 327 6.78 18.51 -15.76
CA LEU A 327 5.84 17.41 -15.56
C LEU A 327 4.66 17.84 -14.70
N ARG A 328 4.96 18.58 -13.63
CA ARG A 328 3.93 19.05 -12.72
C ARG A 328 2.94 19.98 -13.43
N ASP A 329 3.46 20.79 -14.35
CA ASP A 329 2.65 21.72 -15.10
C ASP A 329 1.69 20.99 -16.04
N ILE A 330 2.15 19.85 -16.56
CA ILE A 330 1.34 19.06 -17.49
C ILE A 330 0.12 18.48 -16.79
N LEU A 331 0.33 17.86 -15.64
CA LEU A 331 -0.76 17.26 -14.87
C LEU A 331 -1.58 18.32 -14.15
N LEU A 332 -0.96 19.47 -13.88
CA LEU A 332 -1.65 20.56 -13.20
C LEU A 332 -2.48 21.38 -14.18
N GLN A 333 -1.89 21.69 -15.33
CA GLN A 333 -2.57 22.48 -16.34
C GLN A 333 -3.84 21.78 -16.81
N GLY A 334 -3.79 20.46 -16.90
CA GLY A 334 -4.94 19.70 -17.33
C GLY A 334 -6.13 19.84 -16.38
N LEU A 335 -5.83 20.04 -15.11
CA LEU A 335 -6.87 20.20 -14.09
C LEU A 335 -7.77 21.39 -14.42
N LYS A 336 -7.15 22.47 -14.86
CA LYS A 336 -7.89 23.69 -15.20
C LYS A 336 -8.65 23.50 -16.51
N ALA A 337 -8.13 22.64 -17.38
CA ALA A 337 -8.75 22.37 -18.67
C ALA A 337 -10.03 21.56 -18.50
N ILE A 338 -10.12 20.78 -17.43
CA ILE A 338 -11.28 19.96 -17.16
C ILE A 338 -12.12 20.54 -16.03
N GLY A 339 -11.47 21.25 -15.12
CA GLY A 339 -12.18 21.86 -14.00
C GLY A 339 -11.91 21.13 -12.69
N SER A 340 -10.78 20.43 -12.63
CA SER A 340 -10.42 19.68 -11.42
C SER A 340 -10.13 20.63 -10.27
N LYS A 341 -9.07 21.42 -10.40
CA LYS A 341 -8.69 22.37 -9.36
C LYS A 341 -8.36 21.65 -8.06
N ASP A 342 -7.09 21.62 -7.72
CA ASP A 342 -6.64 20.96 -6.49
C ASP A 342 -7.09 21.74 -5.26
N ASP A 343 -8.28 21.44 -4.77
CA ASP A 343 -8.83 22.11 -3.59
C ASP A 343 -10.17 21.52 -3.21
N GLY A 344 -10.18 20.66 -2.19
CA GLY A 344 -11.41 20.04 -1.73
C GLY A 344 -11.26 18.54 -1.55
N LYS A 345 -10.65 17.88 -2.52
CA LYS A 345 -10.45 16.44 -2.47
C LYS A 345 -9.64 15.95 -3.66
N LEU A 346 -9.48 14.64 -3.77
CA LEU A 346 -8.73 14.04 -4.87
C LEU A 346 -9.65 13.42 -5.91
N ASP A 347 -10.96 13.68 -5.78
CA ASP A 347 -11.94 13.14 -6.71
C ASP A 347 -11.84 11.62 -6.80
N LEU A 348 -11.39 10.99 -5.73
CA LEU A 348 -11.25 9.54 -5.68
C LEU A 348 -12.59 8.85 -5.88
N SER A 349 -13.66 9.49 -5.39
CA SER A 349 -15.00 8.94 -5.52
C SER A 349 -15.10 7.59 -4.82
N VAL A 350 -15.64 7.60 -3.60
CA VAL A 350 -15.80 6.38 -2.83
C VAL A 350 -17.04 6.45 -1.94
N VAL A 351 -18.18 6.07 -2.50
CA VAL A 351 -19.44 6.09 -1.78
C VAL A 351 -19.72 4.75 -1.12
N GLU A 352 -18.71 4.18 -0.46
CA GLU A 352 -18.84 2.89 0.21
C GLU A 352 -19.16 1.79 -0.79
N ASN A 353 -20.42 1.69 -1.18
CA ASN A 353 -20.85 0.67 -2.13
C ASN A 353 -21.93 1.22 -3.07
N GLY A 354 -21.53 1.51 -4.30
CA GLY A 354 -22.46 2.04 -5.28
C GLY A 354 -22.84 1.01 -6.33
N GLY A 355 -23.91 1.29 -7.06
CA GLY A 355 -24.35 0.38 -8.10
C GLY A 355 -25.38 1.00 -9.02
N LEU A 356 -26.35 0.19 -9.48
CA LEU A 356 -27.39 0.67 -10.36
C LEU A 356 -28.39 1.55 -9.61
N LYS A 357 -29.08 2.40 -10.35
CA LYS A 357 -30.07 3.30 -9.75
C LYS A 357 -31.22 3.57 -10.71
N ALA A 358 -32.44 3.39 -10.23
CA ALA A 358 -33.63 3.62 -11.05
C ALA A 358 -34.29 4.94 -10.70
N LYS A 359 -35.39 5.24 -11.40
CA LYS A 359 -36.11 6.49 -11.17
C LYS A 359 -37.55 6.38 -11.66
N THR A 360 -38.46 7.10 -11.01
CA THR A 360 -39.87 7.08 -11.38
C THR A 360 -40.48 8.49 -11.28
N ILE A 361 -41.29 8.84 -12.26
CA ILE A 361 -41.93 10.15 -12.28
C ILE A 361 -43.21 10.14 -11.45
N THR A 362 -43.20 10.92 -10.36
CA THR A 362 -44.35 11.00 -9.48
C THR A 362 -44.52 12.42 -8.94
N LYS A 363 -44.13 13.40 -9.74
CA LYS A 363 -44.23 14.80 -9.34
C LYS A 363 -45.43 15.47 -10.02
N LYS A 364 -45.98 16.48 -9.36
CA LYS A 364 -47.12 17.21 -9.90
C LYS A 364 -46.68 18.29 -10.88
N ARG A 365 -47.63 18.83 -11.63
CA ARG A 365 -47.33 19.87 -12.61
C ARG A 365 -48.61 20.49 -13.14
N LYS A 366 -49.12 21.50 -12.45
CA LYS A 366 -50.34 22.18 -12.85
C LYS A 366 -50.41 23.59 -12.26
N LYS A 367 -50.75 24.56 -13.10
CA LYS A 367 -50.84 25.95 -12.65
C LYS A 367 -51.73 26.75 -13.59
N GLU A 368 -52.14 27.93 -13.15
CA GLU A 368 -53.00 28.80 -13.94
C GLU A 368 -52.26 29.31 -15.18
N ILE A 369 -52.99 29.47 -16.27
CA ILE A 369 -52.39 29.95 -17.52
C ILE A 369 -53.38 30.80 -18.30
N GLU A 370 -52.87 31.83 -18.97
CA GLU A 370 -53.70 32.73 -19.76
C GLU A 370 -53.36 32.64 -21.24
N GLU A 371 -52.22 33.23 -21.61
CA GLU A 371 -51.77 33.21 -23.00
C GLU A 371 -50.96 31.96 -23.30
N SER A 372 -50.57 31.80 -24.56
CA SER A 372 -49.78 30.64 -24.97
C SER A 372 -48.30 30.99 -25.05
N LYS A 373 -47.61 30.88 -23.91
CA LYS A 373 -46.19 31.18 -23.86
C LYS A 373 -45.35 29.90 -23.80
N GLU A 374 -45.08 29.33 -24.97
CA GLU A 374 -44.29 28.11 -25.06
C GLU A 374 -42.91 28.38 -25.64
N PRO A 375 -41.95 27.48 -25.38
CA PRO A 375 -40.57 27.64 -25.89
C PRO A 375 -40.49 27.45 -27.40
N GLY A 376 -39.26 27.47 -27.92
CA GLY A 376 -39.07 27.29 -29.35
C GLY A 376 -39.15 28.60 -30.11
N VAL A 377 -38.26 29.53 -29.79
CA VAL A 377 -38.23 30.83 -30.45
C VAL A 377 -36.79 31.25 -30.76
N GLU A 378 -35.92 31.11 -29.77
CA GLU A 378 -34.52 31.49 -29.94
C GLU A 378 -33.64 30.25 -30.10
N ASP A 379 -33.04 30.10 -31.28
CA ASP A 379 -32.18 28.96 -31.57
C ASP A 379 -30.77 29.21 -31.05
N THR A 380 -30.58 29.06 -29.74
CA THR A 380 -29.28 29.26 -29.12
C THR A 380 -28.84 28.03 -28.35
N GLU A 381 -28.32 27.04 -29.08
CA GLU A 381 -27.86 25.80 -28.48
C GLU A 381 -26.55 25.34 -29.11
N TRP A 382 -25.91 24.36 -28.48
CA TRP A 382 -24.64 23.84 -28.98
C TRP A 382 -23.58 24.93 -29.03
N SER A 383 -22.94 25.18 -27.89
CA SER A 383 -21.90 26.20 -27.81
C SER A 383 -22.46 27.57 -28.17
N ASN A 384 -23.74 27.78 -27.86
CA ASN A 384 -24.40 29.06 -28.15
C ASN A 384 -24.88 29.73 -26.87
N THR A 385 -24.90 31.05 -26.87
CA THR A 385 -25.34 31.81 -25.70
C THR A 385 -26.17 33.02 -26.12
N GLN A 386 -25.68 33.76 -27.10
CA GLN A 386 -26.37 34.94 -27.59
C GLN A 386 -25.63 35.55 -28.79
N THR A 387 -24.31 35.54 -28.72
CA THR A 387 -23.48 36.10 -29.80
C THR A 387 -23.65 37.61 -29.87
N GLU A 388 -23.71 38.25 -28.71
CA GLU A 388 -23.86 39.70 -28.64
C GLU A 388 -22.86 40.31 -27.66
N GLU A 389 -22.78 39.72 -26.46
CA GLU A 389 -21.87 40.20 -25.44
C GLU A 389 -22.15 41.66 -25.09
N ALA A 390 -21.41 42.18 -24.12
CA ALA A 390 -21.58 43.56 -23.68
C ALA A 390 -20.23 44.22 -23.41
N ILE A 391 -19.81 45.11 -24.31
CA ILE A 391 -18.55 45.81 -24.16
C ILE A 391 -18.66 46.93 -23.13
N GLN A 392 -18.95 46.55 -21.89
CA GLN A 392 -19.08 47.53 -20.81
C GLN A 392 -18.12 47.21 -19.67
N THR A 393 -18.01 45.93 -19.34
CA THR A 393 -17.12 45.51 -18.25
C THR A 393 -17.58 46.08 -16.91
N ARG A 394 -18.15 45.21 -16.08
CA ARG A 394 -18.63 45.63 -14.77
C ARG A 394 -17.56 45.47 -13.71
N SER A 395 -17.26 46.55 -13.00
CA SER A 395 -16.24 46.52 -11.95
C SER A 395 -16.47 47.65 -10.94
N ARG A 396 -17.38 47.41 -10.00
CA ARG A 396 -17.69 48.40 -8.97
C ARG A 396 -16.75 48.27 -7.79
N THR A 397 -16.65 49.33 -6.99
CA THR A 397 -15.78 49.34 -5.82
C THR A 397 -16.47 48.68 -4.63
N ARG A 398 -15.75 47.80 -3.94
CA ARG A 398 -16.29 47.11 -2.78
C ARG A 398 -15.29 47.09 -1.64
N LYS A 399 -14.05 46.74 -1.96
CA LYS A 399 -12.98 46.69 -0.95
C LYS A 399 -12.80 48.05 -0.27
N ARG A 400 -12.83 49.11 -1.06
CA ARG A 400 -12.67 50.46 -0.54
C ARG A 400 -11.30 50.62 0.13
N VAL A 401 -10.80 51.85 0.13
CA VAL A 401 -9.50 52.14 0.73
C VAL A 401 -9.50 51.80 2.23
N GLN A 402 -8.31 51.61 2.78
CA GLN A 402 -8.17 51.28 4.20
C GLN A 402 -6.99 52.02 4.82
N LYS A 403 -5.84 51.97 4.13
CA LYS A 403 -4.64 52.63 4.63
C LYS A 403 -4.34 53.89 3.80
N GLY A 1 -40.47 -42.37 11.53
CA GLY A 1 -39.97 -42.94 10.25
C GLY A 1 -40.46 -42.19 9.05
N SER A 2 -41.04 -42.91 8.09
CA SER A 2 -41.56 -42.29 6.88
C SER A 2 -42.95 -41.74 7.11
N SER A 3 -43.89 -42.61 7.45
CA SER A 3 -45.27 -42.21 7.70
C SER A 3 -45.50 -41.94 9.18
N GLY A 4 -45.35 -40.68 9.58
CA GLY A 4 -45.54 -40.31 10.97
C GLY A 4 -45.51 -38.80 11.18
N SER A 5 -46.60 -38.26 11.71
CA SER A 5 -46.69 -36.83 11.96
C SER A 5 -45.73 -36.41 13.08
N SER A 6 -46.02 -36.85 14.29
CA SER A 6 -45.18 -36.52 15.44
C SER A 6 -43.88 -37.31 15.41
N GLY A 7 -42.94 -36.93 16.27
CA GLY A 7 -41.67 -37.62 16.32
C GLY A 7 -40.52 -36.76 15.81
N MET A 8 -40.40 -35.56 16.36
CA MET A 8 -39.34 -34.64 15.97
C MET A 8 -39.40 -33.34 16.78
N PRO A 9 -40.52 -32.60 16.68
CA PRO A 9 -40.69 -31.34 17.40
C PRO A 9 -40.75 -31.55 18.92
N ARG A 10 -39.59 -31.75 19.52
CA ARG A 10 -39.50 -31.96 20.97
C ARG A 10 -39.24 -30.65 21.69
N VAL A 11 -39.26 -30.70 23.02
CA VAL A 11 -39.03 -29.52 23.84
C VAL A 11 -37.90 -29.75 24.83
N LYS A 12 -37.92 -30.92 25.47
CA LYS A 12 -36.91 -31.27 26.46
C LYS A 12 -36.64 -32.77 26.43
N ALA A 13 -35.37 -33.14 26.60
CA ALA A 13 -34.97 -34.54 26.59
C ALA A 13 -33.50 -34.70 26.95
N ALA A 14 -32.63 -34.29 26.03
CA ALA A 14 -31.19 -34.38 26.24
C ALA A 14 -30.52 -33.01 26.10
N GLN A 15 -29.74 -32.62 27.10
CA GLN A 15 -29.05 -31.34 27.08
C GLN A 15 -28.05 -31.25 28.24
N ALA A 16 -27.08 -30.35 28.10
CA ALA A 16 -26.07 -30.16 29.12
C ALA A 16 -25.35 -28.83 28.94
N GLY A 17 -24.87 -28.58 27.73
CA GLY A 17 -24.17 -27.35 27.44
C GLY A 17 -24.57 -26.73 26.12
N ARG A 18 -25.03 -25.48 26.16
CA ARG A 18 -25.46 -24.78 24.96
C ARG A 18 -24.26 -24.44 24.08
N GLN A 19 -23.19 -23.97 24.71
CA GLN A 19 -21.98 -23.60 23.99
C GLN A 19 -20.74 -24.11 24.71
N SER A 20 -20.09 -25.12 24.12
CA SER A 20 -18.89 -25.70 24.71
C SER A 20 -17.75 -25.73 23.70
N SER A 21 -17.06 -24.60 23.56
CA SER A 21 -15.95 -24.49 22.63
C SER A 21 -14.62 -24.74 23.34
N ALA A 22 -14.57 -24.42 24.63
CA ALA A 22 -13.36 -24.61 25.41
C ALA A 22 -12.23 -23.73 24.90
N LYS A 23 -11.22 -23.51 25.73
CA LYS A 23 -10.07 -22.68 25.36
C LYS A 23 -8.77 -23.45 25.57
N ARG A 24 -7.78 -23.12 24.74
CA ARG A 24 -6.47 -23.78 24.82
C ARG A 24 -5.38 -22.76 25.13
N HIS A 25 -5.25 -21.77 24.25
CA HIS A 25 -4.23 -20.73 24.43
C HIS A 25 -4.54 -19.53 23.55
N LEU A 26 -4.61 -19.76 22.25
CA LEU A 26 -4.89 -18.69 21.29
C LEU A 26 -3.82 -17.60 21.36
N ALA A 27 -2.60 -18.00 21.68
CA ALA A 27 -1.48 -17.07 21.78
C ALA A 27 -0.55 -17.18 20.57
N GLU A 28 -0.99 -16.61 19.45
CA GLU A 28 -0.19 -16.65 18.23
C GLU A 28 0.97 -15.65 18.29
N GLN A 29 0.63 -14.37 18.24
CA GLN A 29 1.64 -13.31 18.30
C GLN A 29 1.05 -12.03 18.88
N PHE A 30 0.12 -11.43 18.16
CA PHE A 30 -0.52 -10.20 18.60
C PHE A 30 -2.01 -10.40 18.80
N ALA A 31 -2.60 -9.62 19.70
CA ALA A 31 -4.02 -9.71 19.99
C ALA A 31 -4.61 -8.36 20.35
N VAL A 32 -5.88 -8.35 20.72
CA VAL A 32 -6.57 -7.12 21.09
C VAL A 32 -6.32 -6.77 22.55
N GLY A 33 -6.18 -5.48 22.84
CA GLY A 33 -5.95 -5.04 24.20
C GLY A 33 -4.62 -5.53 24.75
N GLU A 34 -3.67 -5.78 23.86
CA GLU A 34 -2.35 -6.26 24.25
C GLU A 34 -1.39 -5.09 24.46
N ILE A 35 -0.22 -5.38 25.01
CA ILE A 35 0.79 -4.35 25.26
C ILE A 35 2.12 -4.72 24.62
N ILE A 36 2.66 -3.82 23.82
CA ILE A 36 3.94 -4.05 23.16
C ILE A 36 4.98 -3.03 23.61
N THR A 37 6.25 -3.42 23.51
CA THR A 37 7.35 -2.56 23.91
C THR A 37 7.92 -1.79 22.72
N ASP A 38 8.27 -0.54 22.94
CA ASP A 38 8.82 0.30 21.88
C ASP A 38 10.35 0.30 21.92
N MET A 39 10.96 1.29 21.28
CA MET A 39 12.40 1.41 21.24
C MET A 39 12.91 2.04 22.53
N ALA A 40 12.16 3.01 23.02
CA ALA A 40 12.51 3.69 24.27
C ALA A 40 11.97 2.91 25.46
N LYS A 41 11.36 1.75 25.19
CA LYS A 41 10.80 0.90 26.24
C LYS A 41 9.38 1.32 26.59
N LYS A 42 8.68 1.88 25.61
CA LYS A 42 7.30 2.31 25.81
C LYS A 42 6.37 1.11 25.88
N GLU A 43 5.08 1.37 26.10
CA GLU A 43 4.09 0.31 26.18
C GLU A 43 2.90 0.63 25.28
N TRP A 44 3.05 0.36 23.99
CA TRP A 44 1.99 0.62 23.03
C TRP A 44 0.93 -0.47 23.08
N LYS A 45 -0.33 -0.07 22.87
CA LYS A 45 -1.44 -1.02 22.89
C LYS A 45 -1.80 -1.46 21.48
N VAL A 46 -2.28 -2.70 21.36
CA VAL A 46 -2.67 -3.25 20.06
C VAL A 46 -4.18 -3.16 19.87
N GLY A 47 -4.59 -2.58 18.75
CA GLY A 47 -6.00 -2.44 18.46
C GLY A 47 -6.54 -3.60 17.64
N LEU A 48 -7.46 -3.30 16.73
CA LEU A 48 -8.06 -4.32 15.88
C LEU A 48 -7.33 -4.39 14.53
N PRO A 49 -7.35 -5.58 13.90
CA PRO A 49 -6.70 -5.79 12.60
C PRO A 49 -7.17 -4.79 11.54
N ILE A 50 -6.43 -4.71 10.44
CA ILE A 50 -6.78 -3.79 9.36
C ILE A 50 -6.23 -4.30 8.02
N GLY A 51 -6.12 -5.61 7.89
CA GLY A 51 -5.61 -6.19 6.67
C GLY A 51 -5.76 -7.70 6.63
N GLN A 52 -5.04 -8.34 5.72
CA GLN A 52 -5.11 -9.79 5.58
C GLN A 52 -4.06 -10.47 6.47
N GLY A 53 -4.15 -11.79 6.57
CA GLY A 53 -3.21 -12.54 7.39
C GLY A 53 -2.23 -13.36 6.56
N GLY A 54 -1.35 -12.67 5.85
CA GLY A 54 -0.38 -13.35 5.03
C GLY A 54 0.90 -12.54 4.85
N PHE A 55 1.21 -11.71 5.83
CA PHE A 55 2.41 -10.88 5.78
C PHE A 55 3.10 -10.83 7.14
N GLY A 56 2.35 -10.42 8.16
CA GLY A 56 2.90 -10.33 9.50
C GLY A 56 1.85 -10.03 10.55
N CYS A 57 1.81 -8.78 11.01
CA CYS A 57 0.85 -8.37 12.01
C CYS A 57 0.37 -6.94 11.77
N ILE A 58 -0.63 -6.80 10.90
CA ILE A 58 -1.18 -5.49 10.58
C ILE A 58 -2.36 -5.15 11.48
N TYR A 59 -2.07 -4.64 12.67
CA TYR A 59 -3.10 -4.28 13.63
C TYR A 59 -3.03 -2.79 13.97
N LEU A 60 -4.03 -2.31 14.70
CA LEU A 60 -4.08 -0.90 15.09
C LEU A 60 -3.21 -0.66 16.33
N ALA A 61 -2.94 0.61 16.61
CA ALA A 61 -2.13 0.98 17.76
C ALA A 61 -2.80 2.07 18.59
N ASP A 62 -2.53 2.07 19.89
CA ASP A 62 -3.11 3.06 20.78
C ASP A 62 -2.09 3.52 21.82
N MET A 63 -2.32 4.72 22.37
CA MET A 63 -1.41 5.28 23.36
C MET A 63 -1.98 5.11 24.78
N ASN A 64 -2.25 3.87 25.15
CA ASN A 64 -2.80 3.57 26.47
C ASN A 64 -4.14 4.28 26.68
N SER A 65 -5.23 3.57 26.39
CA SER A 65 -6.56 4.13 26.56
C SER A 65 -7.05 3.99 27.99
N SER A 66 -8.31 4.32 28.22
CA SER A 66 -8.90 4.23 29.56
C SER A 66 -9.19 2.77 29.93
N GLU A 67 -9.65 2.01 28.95
CA GLU A 67 -9.97 0.60 29.19
C GLU A 67 -9.23 -0.29 28.18
N SER A 68 -9.64 -0.21 26.92
CA SER A 68 -9.02 -1.01 25.87
C SER A 68 -9.19 -0.34 24.51
N VAL A 69 -8.37 -0.75 23.54
CA VAL A 69 -8.44 -0.19 22.20
C VAL A 69 -9.66 -0.73 21.44
N GLY A 70 -10.59 0.16 21.13
CA GLY A 70 -11.78 -0.24 20.41
C GLY A 70 -12.19 0.76 19.35
N SER A 71 -12.64 1.93 19.77
CA SER A 71 -13.06 2.98 18.85
C SER A 71 -12.20 4.24 19.03
N ASP A 72 -10.94 4.04 19.39
CA ASP A 72 -10.01 5.15 19.60
C ASP A 72 -8.57 4.69 19.45
N ALA A 73 -8.07 4.73 18.22
CA ALA A 73 -6.70 4.31 17.93
C ALA A 73 -6.28 4.72 16.53
N PRO A 74 -5.89 5.99 16.34
CA PRO A 74 -5.46 6.50 15.04
C PRO A 74 -4.01 6.17 14.72
N CYS A 75 -3.64 4.91 14.89
CA CYS A 75 -2.28 4.47 14.61
C CYS A 75 -2.26 3.01 14.15
N VAL A 76 -1.30 2.68 13.28
CA VAL A 76 -1.17 1.32 12.77
C VAL A 76 0.20 0.75 13.07
N VAL A 77 0.26 -0.55 13.34
CA VAL A 77 1.52 -1.22 13.63
C VAL A 77 1.66 -2.51 12.84
N LYS A 78 2.80 -2.67 12.17
CA LYS A 78 3.07 -3.86 11.38
C LYS A 78 4.27 -4.63 11.93
N VAL A 79 4.07 -5.90 12.24
CA VAL A 79 5.14 -6.73 12.79
C VAL A 79 5.54 -7.83 11.81
N GLU A 80 6.83 -8.07 11.69
CA GLU A 80 7.35 -9.09 10.80
C GLU A 80 8.53 -9.84 11.43
N PRO A 81 8.65 -11.15 11.18
CA PRO A 81 9.74 -11.96 11.75
C PRO A 81 11.11 -11.34 11.50
N SER A 82 11.71 -10.83 12.57
CA SER A 82 13.04 -10.21 12.47
C SER A 82 14.06 -11.19 11.89
N ASP A 83 14.18 -11.19 10.56
CA ASP A 83 15.12 -12.07 9.90
C ASP A 83 15.54 -11.49 8.55
N ASN A 84 14.55 -11.10 7.75
CA ASN A 84 14.82 -10.52 6.43
C ASN A 84 13.56 -9.87 5.86
N GLY A 85 13.58 -8.55 5.77
CA GLY A 85 12.43 -7.83 5.25
C GLY A 85 12.76 -6.38 4.89
N PRO A 86 11.86 -5.69 4.18
CA PRO A 86 12.07 -4.29 3.79
C PRO A 86 11.85 -3.31 4.94
N LEU A 87 11.48 -3.84 6.11
CA LEU A 87 11.22 -3.00 7.28
C LEU A 87 12.47 -2.22 7.66
N PHE A 88 13.63 -2.88 7.61
CA PHE A 88 14.89 -2.23 7.95
C PHE A 88 15.11 -0.98 7.11
N THR A 89 14.92 -1.10 5.81
CA THR A 89 15.09 0.02 4.90
C THR A 89 13.91 0.99 5.00
N GLU A 90 12.72 0.44 5.20
CA GLU A 90 11.51 1.25 5.32
C GLU A 90 11.59 2.15 6.54
N LEU A 91 11.84 1.54 7.70
CA LEU A 91 11.95 2.30 8.94
C LEU A 91 13.09 3.29 8.88
N LYS A 92 14.18 2.90 8.21
CA LYS A 92 15.34 3.77 8.08
C LYS A 92 14.94 5.11 7.48
N PHE A 93 14.15 5.06 6.41
CA PHE A 93 13.70 6.28 5.74
C PHE A 93 12.79 7.08 6.66
N TYR A 94 11.96 6.38 7.43
CA TYR A 94 11.03 7.02 8.34
C TYR A 94 11.76 7.94 9.31
N GLN A 95 12.77 7.41 9.99
CA GLN A 95 13.55 8.18 10.95
C GLN A 95 14.60 9.04 10.26
N ARG A 96 14.90 8.72 9.00
CA ARG A 96 15.91 9.47 8.25
C ARG A 96 15.33 10.76 7.64
N ALA A 97 14.18 10.65 6.99
CA ALA A 97 13.56 11.81 6.36
C ALA A 97 12.10 12.01 6.77
N ALA A 98 11.44 10.94 7.19
CA ALA A 98 10.05 11.02 7.60
C ALA A 98 9.91 11.32 9.09
N LYS A 99 10.93 11.91 9.68
CA LYS A 99 10.91 12.24 11.10
C LYS A 99 9.94 13.40 11.36
N PRO A 100 9.04 13.25 12.35
CA PRO A 100 8.07 14.30 12.68
C PRO A 100 8.74 15.60 13.11
N GLU A 101 9.97 15.49 13.60
CA GLU A 101 10.72 16.66 14.05
C GLU A 101 11.32 17.40 12.85
N GLN A 102 11.75 16.64 11.85
CA GLN A 102 12.36 17.23 10.65
C GLN A 102 11.29 17.77 9.71
N ILE A 103 10.29 16.94 9.41
CA ILE A 103 9.22 17.35 8.51
C ILE A 103 8.43 18.51 9.09
N GLN A 104 7.88 18.33 10.28
CA GLN A 104 7.11 19.37 10.94
C GLN A 104 7.86 20.70 10.96
N LYS A 105 9.08 20.68 11.50
CA LYS A 105 9.90 21.89 11.57
C LYS A 105 10.09 22.52 10.19
N TRP A 106 10.12 21.68 9.16
CA TRP A 106 10.31 22.14 7.79
C TRP A 106 9.03 22.75 7.23
N ILE A 107 7.93 22.03 7.36
CA ILE A 107 6.64 22.49 6.85
C ILE A 107 6.04 23.58 7.74
N ARG A 108 6.45 23.63 9.00
CA ARG A 108 5.95 24.62 9.94
C ARG A 108 6.02 26.03 9.36
N THR A 109 6.96 26.25 8.46
CA THR A 109 7.13 27.57 7.84
C THR A 109 6.09 27.81 6.75
N ARG A 110 5.35 26.76 6.38
CA ARG A 110 4.34 26.87 5.35
C ARG A 110 5.00 26.87 3.97
N LYS A 111 6.28 26.50 3.95
CA LYS A 111 7.03 26.44 2.71
C LYS A 111 6.77 25.13 1.98
N LEU A 112 6.20 24.17 2.71
CA LEU A 112 5.90 22.86 2.13
C LEU A 112 4.39 22.65 1.98
N LYS A 113 3.67 22.88 3.08
CA LYS A 113 2.22 22.71 3.08
C LYS A 113 1.83 21.24 3.13
N TYR A 114 2.32 20.48 2.15
CA TYR A 114 2.03 19.05 2.07
C TYR A 114 3.23 18.29 1.51
N LEU A 115 3.43 17.08 2.02
CA LEU A 115 4.55 16.25 1.57
C LEU A 115 4.06 14.89 1.11
N GLY A 116 3.16 14.29 1.88
CA GLY A 116 2.63 12.98 1.53
C GLY A 116 3.35 11.85 2.23
N VAL A 117 4.45 12.18 2.91
CA VAL A 117 5.24 11.17 3.62
C VAL A 117 4.56 10.78 4.93
N PRO A 118 4.52 9.47 5.26
CA PRO A 118 3.91 8.98 6.49
C PRO A 118 4.59 9.55 7.74
N LYS A 119 3.79 9.83 8.77
CA LYS A 119 4.32 10.37 10.01
C LYS A 119 4.82 9.26 10.93
N TYR A 120 6.12 9.25 11.18
CA TYR A 120 6.72 8.22 12.04
C TYR A 120 6.70 8.66 13.50
N TRP A 121 6.16 7.81 14.37
CA TRP A 121 6.08 8.12 15.79
C TRP A 121 7.14 7.34 16.57
N GLY A 122 7.33 6.08 16.20
CA GLY A 122 8.31 5.26 16.87
C GLY A 122 8.29 3.81 16.40
N SER A 123 9.13 2.99 16.99
CA SER A 123 9.21 1.57 16.64
C SER A 123 9.21 0.70 17.89
N GLY A 124 8.89 -0.57 17.72
CA GLY A 124 8.85 -1.48 18.86
C GLY A 124 9.19 -2.90 18.48
N LEU A 125 9.37 -3.75 19.48
CA LEU A 125 9.69 -5.15 19.26
C LEU A 125 8.91 -6.06 20.21
N HIS A 126 8.76 -7.32 19.85
CA HIS A 126 8.04 -8.28 20.68
C HIS A 126 8.67 -9.67 20.59
N ASP A 127 9.01 -10.23 21.73
CA ASP A 127 9.62 -11.56 21.78
C ASP A 127 8.58 -12.61 22.17
N LYS A 128 8.53 -13.69 21.40
CA LYS A 128 7.58 -14.77 21.66
C LYS A 128 8.24 -16.14 21.49
N ASN A 129 8.15 -16.97 22.51
CA ASN A 129 8.74 -18.31 22.46
C ASN A 129 10.25 -18.24 22.26
N GLY A 130 10.84 -17.07 22.50
CA GLY A 130 12.27 -16.91 22.33
C GLY A 130 12.64 -16.18 21.06
N LYS A 131 11.67 -16.00 20.17
CA LYS A 131 11.91 -15.31 18.90
C LYS A 131 11.53 -13.84 19.00
N SER A 132 12.45 -12.97 18.61
CA SER A 132 12.21 -11.53 18.66
C SER A 132 11.67 -11.02 17.32
N TYR A 133 10.60 -10.23 17.39
CA TYR A 133 9.98 -9.67 16.19
C TYR A 133 10.15 -8.17 16.15
N ARG A 134 10.20 -7.60 14.95
CA ARG A 134 10.36 -6.17 14.77
C ARG A 134 9.13 -5.57 14.09
N PHE A 135 8.63 -4.48 14.65
CA PHE A 135 7.45 -3.80 14.09
C PHE A 135 7.60 -2.28 14.18
N MET A 136 6.83 -1.59 13.37
CA MET A 136 6.86 -0.13 13.35
C MET A 136 5.45 0.44 13.49
N ILE A 137 5.34 1.58 14.17
CA ILE A 137 4.05 2.22 14.37
C ILE A 137 4.03 3.63 13.77
N MET A 138 3.25 3.80 12.71
CA MET A 138 3.14 5.09 12.04
C MET A 138 1.68 5.55 11.99
N ASP A 139 1.47 6.78 11.51
CA ASP A 139 0.13 7.35 11.42
C ASP A 139 -0.82 6.39 10.70
N ARG A 140 -2.01 6.21 11.26
CA ARG A 140 -3.01 5.32 10.67
C ARG A 140 -3.57 5.91 9.38
N PHE A 141 -3.87 5.03 8.43
CA PHE A 141 -4.41 5.47 7.14
C PHE A 141 -5.88 5.08 7.02
N GLY A 142 -6.56 5.65 6.02
CA GLY A 142 -7.97 5.36 5.82
C GLY A 142 -8.18 4.18 4.91
N SER A 143 -8.51 4.45 3.64
CA SER A 143 -8.73 3.40 2.65
C SER A 143 -7.84 3.59 1.44
N ASP A 144 -7.12 2.54 1.07
CA ASP A 144 -6.22 2.60 -0.09
C ASP A 144 -6.99 2.99 -1.34
N LEU A 145 -6.27 3.48 -2.34
CA LEU A 145 -6.90 3.89 -3.60
C LEU A 145 -7.49 2.68 -4.32
N GLN A 146 -7.01 1.49 -3.96
CA GLN A 146 -7.51 0.26 -4.56
C GLN A 146 -9.03 0.21 -4.49
N LYS A 147 -9.59 0.80 -3.44
CA LYS A 147 -11.03 0.85 -3.26
C LYS A 147 -11.64 1.93 -4.15
N ILE A 148 -10.87 2.98 -4.39
CA ILE A 148 -11.31 4.08 -5.22
C ILE A 148 -11.25 3.70 -6.71
N TYR A 149 -10.37 2.75 -7.02
CA TYR A 149 -10.22 2.28 -8.40
C TYR A 149 -11.35 1.34 -8.78
N GLU A 150 -11.66 0.40 -7.89
CA GLU A 150 -12.72 -0.56 -8.12
C GLU A 150 -14.08 0.11 -7.97
N ALA A 151 -14.15 1.13 -7.13
CA ALA A 151 -15.39 1.85 -6.89
C ALA A 151 -15.93 2.45 -8.19
N ASN A 152 -15.03 2.73 -9.13
CA ASN A 152 -15.43 3.29 -10.42
C ASN A 152 -15.50 2.21 -11.50
N ALA A 153 -15.38 0.95 -11.08
CA ALA A 153 -15.41 -0.19 -12.00
C ALA A 153 -14.06 -0.34 -12.68
N LYS A 154 -13.01 -0.33 -11.88
CA LYS A 154 -11.65 -0.46 -12.39
C LYS A 154 -11.33 0.73 -13.29
N ARG A 155 -12.07 1.82 -13.12
CA ARG A 155 -11.87 3.02 -13.92
C ARG A 155 -11.53 4.22 -13.03
N PHE A 156 -10.95 5.25 -13.65
CA PHE A 156 -10.58 6.45 -12.91
C PHE A 156 -10.73 7.69 -13.80
N SER A 157 -11.16 8.80 -13.20
CA SER A 157 -11.35 10.04 -13.94
C SER A 157 -10.01 10.73 -14.19
N ARG A 158 -9.88 11.36 -15.36
CA ARG A 158 -8.67 12.06 -15.72
C ARG A 158 -8.30 13.11 -14.67
N LYS A 159 -9.30 13.60 -13.96
CA LYS A 159 -9.08 14.61 -12.92
C LYS A 159 -8.45 14.00 -11.69
N THR A 160 -8.92 12.81 -11.31
CA THR A 160 -8.39 12.11 -10.15
C THR A 160 -6.92 11.77 -10.34
N VAL A 161 -6.60 11.23 -11.52
CA VAL A 161 -5.23 10.85 -11.83
C VAL A 161 -4.30 12.05 -11.82
N LEU A 162 -4.65 13.08 -12.57
CA LEU A 162 -3.84 14.30 -12.65
C LEU A 162 -3.66 14.91 -11.26
N GLN A 163 -4.75 15.05 -10.52
CA GLN A 163 -4.70 15.62 -9.18
C GLN A 163 -3.85 14.75 -8.26
N LEU A 164 -4.14 13.45 -8.25
CA LEU A 164 -3.39 12.51 -7.42
C LEU A 164 -1.91 12.49 -7.81
N SER A 165 -1.67 12.52 -9.13
CA SER A 165 -0.30 12.50 -9.64
C SER A 165 0.52 13.64 -9.05
N LEU A 166 -0.10 14.81 -8.94
CA LEU A 166 0.57 15.98 -8.39
C LEU A 166 0.95 15.73 -6.93
N ARG A 167 -0.01 15.25 -6.15
CA ARG A 167 0.23 14.96 -4.74
C ARG A 167 1.28 13.89 -4.58
N ILE A 168 1.15 12.81 -5.34
CA ILE A 168 2.11 11.71 -5.29
C ILE A 168 3.48 12.16 -5.76
N LEU A 169 3.51 13.02 -6.78
CA LEU A 169 4.76 13.53 -7.33
C LEU A 169 5.57 14.24 -6.25
N ASP A 170 4.87 14.96 -5.37
CA ASP A 170 5.52 15.68 -4.28
C ASP A 170 6.30 14.72 -3.39
N ILE A 171 5.79 13.49 -3.26
CA ILE A 171 6.43 12.48 -2.43
C ILE A 171 7.68 11.94 -3.11
N LEU A 172 7.56 11.63 -4.40
CA LEU A 172 8.68 11.10 -5.17
C LEU A 172 9.85 12.10 -5.18
N GLU A 173 9.53 13.36 -5.41
CA GLU A 173 10.55 14.41 -5.45
C GLU A 173 11.25 14.53 -4.10
N TYR A 174 10.51 14.24 -3.04
CA TYR A 174 11.06 14.31 -1.68
C TYR A 174 11.99 13.14 -1.40
N ILE A 175 11.52 11.93 -1.70
CA ILE A 175 12.32 10.73 -1.47
C ILE A 175 13.44 10.58 -2.49
N HIS A 176 13.13 10.95 -3.73
CA HIS A 176 14.10 10.86 -4.82
C HIS A 176 15.22 11.88 -4.64
N GLU A 177 14.93 12.96 -3.94
CA GLU A 177 15.91 14.01 -3.70
C GLU A 177 16.56 13.86 -2.33
N HIS A 178 16.14 12.85 -1.58
CA HIS A 178 16.70 12.60 -0.26
C HIS A 178 17.64 11.40 -0.29
N GLU A 179 17.10 10.24 -0.69
CA GLU A 179 17.89 9.02 -0.75
C GLU A 179 17.01 7.80 -0.97
N TYR A 180 16.00 7.93 -1.82
CA TYR A 180 15.10 6.82 -2.11
C TYR A 180 14.37 7.04 -3.43
N VAL A 181 14.45 6.05 -4.32
CA VAL A 181 13.80 6.15 -5.62
C VAL A 181 13.02 4.88 -5.95
N HIS A 182 11.92 5.04 -6.68
CA HIS A 182 11.06 3.91 -7.06
C HIS A 182 10.18 3.47 -5.91
N GLY A 183 9.55 4.43 -5.24
CA GLY A 183 8.69 4.12 -4.11
C GLY A 183 7.55 3.19 -4.50
N ASP A 184 7.26 3.09 -5.79
CA ASP A 184 6.19 2.22 -6.27
C ASP A 184 4.82 2.83 -5.98
N ILE A 185 4.25 3.50 -6.98
CA ILE A 185 2.94 4.14 -6.83
C ILE A 185 1.84 3.24 -7.38
N LYS A 186 0.95 2.78 -6.50
CA LYS A 186 -0.15 1.92 -6.90
C LYS A 186 -1.38 2.14 -6.02
N ALA A 187 -2.45 1.41 -6.31
CA ALA A 187 -3.68 1.52 -5.55
C ALA A 187 -3.63 0.67 -4.29
N SER A 188 -2.51 -0.02 -4.08
CA SER A 188 -2.32 -0.86 -2.91
C SER A 188 -1.20 -0.31 -2.02
N ASN A 189 -0.64 0.83 -2.44
CA ASN A 189 0.43 1.47 -1.69
C ASN A 189 0.07 2.92 -1.38
N LEU A 190 -1.04 3.39 -1.95
CA LEU A 190 -1.49 4.75 -1.72
C LEU A 190 -2.74 4.75 -0.83
N LEU A 191 -2.60 5.29 0.37
CA LEU A 191 -3.71 5.33 1.32
C LEU A 191 -4.06 6.77 1.69
N LEU A 192 -5.35 7.00 1.96
CA LEU A 192 -5.82 8.33 2.31
C LEU A 192 -5.68 8.59 3.81
N ASN A 193 -5.45 9.85 4.16
CA ASN A 193 -5.31 10.23 5.56
C ASN A 193 -6.59 9.95 6.34
N TYR A 194 -6.47 9.23 7.44
CA TYR A 194 -7.63 8.89 8.26
C TYR A 194 -7.88 9.98 9.31
N LYS A 195 -6.80 10.46 9.91
CA LYS A 195 -6.90 11.51 10.93
C LYS A 195 -7.14 12.87 10.28
N ASN A 196 -6.75 13.00 9.02
CA ASN A 196 -6.94 14.25 8.28
C ASN A 196 -7.32 13.99 6.83
N PRO A 197 -8.47 13.33 6.61
CA PRO A 197 -8.95 13.00 5.26
C PRO A 197 -8.91 14.21 4.33
N ASP A 198 -8.07 14.13 3.30
CA ASP A 198 -7.92 15.21 2.33
C ASP A 198 -6.94 14.83 1.23
N GLN A 199 -5.87 14.14 1.60
CA GLN A 199 -4.86 13.73 0.64
C GLN A 199 -4.53 12.25 0.81
N VAL A 200 -3.65 11.74 -0.05
CA VAL A 200 -3.25 10.34 0.01
C VAL A 200 -1.74 10.22 0.20
N TYR A 201 -1.32 9.18 0.91
CA TYR A 201 0.09 8.94 1.18
C TYR A 201 0.59 7.68 0.48
N LEU A 202 1.86 7.66 0.13
CA LEU A 202 2.46 6.51 -0.54
C LEU A 202 3.32 5.70 0.42
N VAL A 203 2.93 4.45 0.64
CA VAL A 203 3.67 3.57 1.54
C VAL A 203 4.72 2.76 0.79
N ASP A 204 5.45 1.92 1.52
CA ASP A 204 6.48 1.09 0.92
C ASP A 204 7.60 1.94 0.33
N TYR A 205 8.64 2.17 1.12
CA TYR A 205 9.77 2.98 0.67
C TYR A 205 11.05 2.15 0.67
N GLY A 206 11.31 1.46 1.77
CA GLY A 206 12.50 0.63 1.87
C GLY A 206 12.55 -0.45 0.81
N LEU A 207 11.38 -0.78 0.24
CA LEU A 207 11.31 -1.80 -0.78
C LEU A 207 11.59 -1.21 -2.17
N ALA A 208 11.95 0.07 -2.22
CA ALA A 208 12.25 0.72 -3.48
C ALA A 208 13.75 0.65 -3.78
N TYR A 209 14.46 1.78 -3.69
CA TYR A 209 15.89 1.80 -3.94
C TYR A 209 16.56 2.84 -3.05
N ARG A 210 17.45 2.39 -2.19
CA ARG A 210 18.17 3.27 -1.29
C ARG A 210 19.46 3.75 -1.94
N TYR A 211 19.34 4.71 -2.85
CA TYR A 211 20.50 5.25 -3.56
C TYR A 211 21.38 6.13 -2.66
N CYS A 212 20.99 6.26 -1.38
CA CYS A 212 21.74 7.07 -0.43
C CYS A 212 23.25 6.86 -0.57
N PRO A 213 23.72 5.61 -0.60
CA PRO A 213 25.14 5.28 -0.72
C PRO A 213 25.72 5.74 -2.06
N GLU A 214 27.05 5.89 -2.10
CA GLU A 214 27.74 6.33 -3.30
C GLU A 214 28.07 5.13 -4.20
N GLY A 215 28.43 4.01 -3.57
CA GLY A 215 28.77 2.82 -4.32
C GLY A 215 29.96 3.03 -5.24
N VAL A 216 31.16 2.99 -4.67
CA VAL A 216 32.38 3.17 -5.45
C VAL A 216 32.59 2.01 -6.41
N HIS A 217 32.56 0.79 -5.89
CA HIS A 217 32.75 -0.40 -6.72
C HIS A 217 31.43 -1.17 -6.86
N LYS A 218 31.27 -1.84 -8.00
CA LYS A 218 30.06 -2.61 -8.26
C LYS A 218 28.82 -1.71 -8.26
N GLU A 219 28.48 -1.19 -9.43
CA GLU A 219 27.32 -0.31 -9.56
C GLU A 219 26.20 -1.00 -10.33
N TYR A 220 26.45 -1.29 -11.60
CA TYR A 220 25.46 -1.94 -12.45
C TYR A 220 25.49 -3.46 -12.25
N LYS A 221 24.34 -4.09 -12.39
CA LYS A 221 24.23 -5.53 -12.22
C LYS A 221 23.46 -6.16 -13.38
N GLU A 222 22.17 -5.87 -13.46
CA GLU A 222 21.32 -6.41 -14.51
C GLU A 222 21.29 -7.93 -14.46
N ASP A 223 21.24 -8.47 -13.24
CA ASP A 223 21.21 -9.92 -13.05
C ASP A 223 19.79 -10.40 -12.77
N PRO A 224 19.08 -10.89 -13.80
CA PRO A 224 17.71 -11.37 -13.64
C PRO A 224 17.63 -12.67 -12.84
N LYS A 225 17.65 -12.53 -11.51
CA LYS A 225 17.59 -13.69 -10.63
C LYS A 225 16.75 -13.37 -9.40
N ARG A 226 15.67 -12.62 -9.59
CA ARG A 226 14.78 -12.26 -8.49
C ARG A 226 15.53 -11.43 -7.45
N CYS A 227 16.27 -10.43 -7.91
CA CYS A 227 17.03 -9.56 -7.02
C CYS A 227 16.13 -8.51 -6.37
N HIS A 228 15.37 -7.80 -7.21
CA HIS A 228 14.45 -6.77 -6.73
C HIS A 228 13.41 -6.43 -7.79
N ASP A 229 12.36 -7.22 -7.86
CA ASP A 229 11.29 -7.01 -8.83
C ASP A 229 10.09 -6.35 -8.18
N GLY A 230 9.82 -6.72 -6.93
CA GLY A 230 8.69 -6.16 -6.21
C GLY A 230 7.37 -6.74 -6.67
N THR A 231 6.91 -6.32 -7.83
CA THR A 231 5.64 -6.79 -8.39
C THR A 231 5.59 -6.59 -9.89
N ILE A 232 5.16 -7.63 -10.61
CA ILE A 232 5.07 -7.57 -12.06
C ILE A 232 4.01 -6.56 -12.52
N GLU A 233 3.18 -6.11 -11.58
CA GLU A 233 2.14 -5.14 -11.89
C GLU A 233 2.69 -3.96 -12.70
N PHE A 234 3.77 -3.37 -12.22
CA PHE A 234 4.39 -2.23 -12.89
C PHE A 234 5.90 -2.26 -12.72
N THR A 235 6.48 -3.45 -12.64
CA THR A 235 7.92 -3.59 -12.49
C THR A 235 8.66 -2.90 -13.62
N SER A 236 9.45 -1.87 -13.28
CA SER A 236 10.20 -1.13 -14.27
C SER A 236 11.13 -2.04 -15.06
N ILE A 237 11.61 -1.55 -16.20
CA ILE A 237 12.51 -2.34 -17.04
C ILE A 237 13.80 -2.69 -16.29
N ASP A 238 14.28 -1.76 -15.47
CA ASP A 238 15.50 -1.98 -14.70
C ASP A 238 15.21 -2.80 -13.45
N ALA A 239 14.01 -2.63 -12.91
CA ALA A 239 13.61 -3.36 -11.71
C ALA A 239 13.44 -4.85 -11.99
N HIS A 240 12.94 -5.16 -13.18
CA HIS A 240 12.72 -6.56 -13.58
C HIS A 240 14.05 -7.31 -13.67
N ASN A 241 15.11 -6.58 -14.05
CA ASN A 241 16.42 -7.18 -14.18
C ASN A 241 17.23 -7.05 -12.88
N GLY A 242 16.55 -6.68 -11.80
CA GLY A 242 17.21 -6.52 -10.52
C GLY A 242 18.34 -5.50 -10.57
N VAL A 243 18.25 -4.57 -11.52
CA VAL A 243 19.27 -3.53 -11.68
C VAL A 243 19.24 -2.57 -10.49
N ALA A 244 20.43 -2.23 -9.99
CA ALA A 244 20.54 -1.30 -8.87
C ALA A 244 20.13 0.11 -9.26
N PRO A 245 20.86 0.73 -10.21
CA PRO A 245 20.56 2.10 -10.67
C PRO A 245 19.17 2.21 -11.28
N SER A 246 18.37 3.14 -10.76
CA SER A 246 17.02 3.35 -11.26
C SER A 246 16.47 4.69 -10.77
N ARG A 247 16.11 5.55 -11.71
CA ARG A 247 15.56 6.86 -11.38
C ARG A 247 14.23 7.10 -12.09
N ARG A 248 14.19 6.76 -13.37
CA ARG A 248 12.98 6.94 -14.16
C ARG A 248 11.92 5.91 -13.82
N GLY A 249 12.29 4.92 -13.00
CA GLY A 249 11.35 3.89 -12.61
C GLY A 249 10.10 4.45 -11.93
N ASP A 250 10.31 5.32 -10.94
CA ASP A 250 9.20 5.92 -10.23
C ASP A 250 8.31 6.73 -11.16
N LEU A 251 8.92 7.35 -12.17
CA LEU A 251 8.17 8.15 -13.14
C LEU A 251 7.48 7.26 -14.16
N GLU A 252 8.10 6.13 -14.48
CA GLU A 252 7.53 5.19 -15.45
C GLU A 252 6.24 4.59 -14.92
N ILE A 253 6.20 4.33 -13.62
CA ILE A 253 5.02 3.75 -12.99
C ILE A 253 3.83 4.70 -13.06
N LEU A 254 4.09 5.97 -12.73
CA LEU A 254 3.04 6.99 -12.76
C LEU A 254 2.48 7.16 -14.17
N GLY A 255 3.36 7.07 -15.16
CA GLY A 255 2.95 7.21 -16.55
C GLY A 255 1.91 6.18 -16.94
N TYR A 256 2.15 4.93 -16.54
CA TYR A 256 1.23 3.84 -16.86
C TYR A 256 0.01 3.85 -15.94
N CYS A 257 0.18 4.42 -14.76
CA CYS A 257 -0.91 4.49 -13.77
C CYS A 257 -2.12 5.19 -14.36
N MET A 258 -1.89 6.24 -15.15
CA MET A 258 -2.97 6.99 -15.77
C MET A 258 -3.67 6.17 -16.84
N ILE A 259 -2.88 5.59 -17.73
CA ILE A 259 -3.43 4.78 -18.81
C ILE A 259 -4.25 3.61 -18.26
N GLN A 260 -3.66 2.84 -17.35
CA GLN A 260 -4.34 1.70 -16.75
C GLN A 260 -5.56 2.14 -15.96
N TRP A 261 -5.50 3.36 -15.43
CA TRP A 261 -6.60 3.90 -14.63
C TRP A 261 -7.69 4.48 -15.53
N LEU A 262 -7.31 4.94 -16.71
CA LEU A 262 -8.25 5.53 -17.65
C LEU A 262 -8.90 4.46 -18.54
N THR A 263 -8.09 3.50 -18.99
CA THR A 263 -8.58 2.43 -19.84
C THR A 263 -8.90 1.18 -19.03
N GLY A 264 -8.71 1.24 -17.72
CA GLY A 264 -8.99 0.10 -16.87
C GLY A 264 -8.10 -1.08 -17.18
N HIS A 265 -7.03 -1.24 -16.40
CA HIS A 265 -6.10 -2.34 -16.60
C HIS A 265 -5.40 -2.24 -17.96
N LEU A 266 -4.34 -3.01 -18.12
CA LEU A 266 -3.57 -3.01 -19.36
C LEU A 266 -3.33 -4.44 -19.85
N PRO A 267 -2.97 -4.61 -21.14
CA PRO A 267 -2.70 -5.94 -21.70
C PRO A 267 -1.46 -6.59 -21.11
N TRP A 268 -1.51 -6.87 -19.81
CA TRP A 268 -0.39 -7.50 -19.12
C TRP A 268 -0.71 -7.63 -17.63
N GLU A 269 -1.40 -6.63 -17.10
CA GLU A 269 -1.79 -6.65 -15.69
C GLU A 269 -3.14 -7.35 -15.51
N ASP A 270 -3.60 -8.01 -16.56
CA ASP A 270 -4.86 -8.73 -16.53
C ASP A 270 -4.85 -9.81 -15.45
N ASN A 271 -3.79 -10.61 -15.43
CA ASN A 271 -3.68 -11.67 -14.44
C ASN A 271 -2.33 -11.65 -13.74
N LEU A 272 -1.30 -11.17 -14.45
CA LEU A 272 0.04 -11.13 -13.90
C LEU A 272 0.60 -12.54 -13.83
N LYS A 273 -0.11 -13.47 -14.48
CA LYS A 273 0.30 -14.86 -14.51
C LYS A 273 1.35 -15.08 -15.59
N ASP A 274 1.50 -14.11 -16.48
CA ASP A 274 2.47 -14.20 -17.57
C ASP A 274 3.21 -12.89 -17.75
N PRO A 275 4.31 -12.69 -17.01
CA PRO A 275 5.12 -11.46 -17.11
C PRO A 275 5.74 -11.28 -18.48
N LYS A 276 5.66 -12.32 -19.32
CA LYS A 276 6.23 -12.29 -20.67
C LYS A 276 5.79 -11.03 -21.42
N TYR A 277 4.49 -10.77 -21.42
CA TYR A 277 3.96 -9.60 -22.11
C TYR A 277 4.12 -8.35 -21.25
N VAL A 278 4.16 -8.54 -19.92
CA VAL A 278 4.32 -7.44 -19.00
C VAL A 278 5.65 -6.71 -19.24
N ARG A 279 6.70 -7.47 -19.49
CA ARG A 279 8.02 -6.90 -19.73
C ARG A 279 8.10 -6.30 -21.13
N ASP A 280 7.61 -7.04 -22.11
CA ASP A 280 7.63 -6.58 -23.50
C ASP A 280 6.91 -5.25 -23.65
N SER A 281 5.71 -5.16 -23.07
CA SER A 281 4.91 -3.95 -23.14
C SER A 281 5.67 -2.75 -22.57
N LYS A 282 6.31 -2.97 -21.43
CA LYS A 282 7.07 -1.90 -20.77
C LYS A 282 8.19 -1.39 -21.67
N ILE A 283 8.88 -2.31 -22.34
CA ILE A 283 9.98 -1.96 -23.23
C ILE A 283 9.47 -1.42 -24.56
N ARG A 284 8.28 -1.86 -24.96
CA ARG A 284 7.69 -1.43 -26.22
C ARG A 284 6.98 -0.08 -26.07
N TYR A 285 6.11 0.03 -25.09
CA TYR A 285 5.37 1.26 -24.84
C TYR A 285 6.29 2.42 -24.46
N ARG A 286 7.29 2.12 -23.62
CA ARG A 286 8.23 3.15 -23.19
C ARG A 286 8.82 3.89 -24.38
N GLU A 287 8.87 3.22 -25.53
CA GLU A 287 9.41 3.82 -26.74
C GLU A 287 8.31 4.00 -27.80
N ASN A 288 7.05 3.96 -27.36
CA ASN A 288 5.93 4.13 -28.28
C ASN A 288 4.80 4.91 -27.60
N ILE A 289 5.17 5.87 -26.76
CA ILE A 289 4.19 6.69 -26.06
C ILE A 289 3.12 7.20 -27.01
N ALA A 290 3.55 7.75 -28.14
CA ALA A 290 2.62 8.28 -29.14
C ALA A 290 1.63 7.20 -29.58
N SER A 291 2.15 6.04 -29.94
CA SER A 291 1.31 4.92 -30.36
C SER A 291 0.43 4.46 -29.20
N LEU A 292 0.96 4.61 -27.98
CA LEU A 292 0.22 4.22 -26.78
C LEU A 292 -0.97 5.14 -26.56
N MET A 293 -0.78 6.42 -26.86
CA MET A 293 -1.85 7.40 -26.69
C MET A 293 -3.00 7.12 -27.65
N ASP A 294 -2.66 6.72 -28.87
CA ASP A 294 -3.67 6.42 -29.88
C ASP A 294 -4.25 5.02 -29.68
N LYS A 295 -3.49 4.15 -29.01
CA LYS A 295 -3.93 2.79 -28.76
C LYS A 295 -4.85 2.72 -27.55
N CYS A 296 -4.38 3.24 -26.42
CA CYS A 296 -5.15 3.23 -25.18
C CYS A 296 -6.20 4.34 -25.17
N PHE A 297 -5.82 5.51 -25.65
CA PHE A 297 -6.74 6.65 -25.69
C PHE A 297 -7.19 6.94 -27.12
N PRO A 298 -8.41 7.46 -27.29
CA PRO A 298 -8.96 7.79 -28.61
C PRO A 298 -8.03 8.69 -29.42
N GLU A 299 -7.56 9.76 -28.78
CA GLU A 299 -6.66 10.70 -29.45
C GLU A 299 -7.33 11.32 -30.67
N LYS A 300 -8.64 11.47 -30.61
CA LYS A 300 -9.41 12.05 -31.71
C LYS A 300 -9.42 13.57 -31.62
N ASN A 301 -9.38 14.09 -30.39
CA ASN A 301 -9.39 15.53 -30.17
C ASN A 301 -9.10 15.86 -28.72
N LYS A 302 -8.02 16.61 -28.49
CA LYS A 302 -7.63 17.00 -27.14
C LYS A 302 -7.38 15.77 -26.26
N PRO A 303 -6.11 15.37 -26.11
CA PRO A 303 -5.73 14.20 -25.30
C PRO A 303 -5.97 14.44 -23.81
N GLY A 304 -5.43 13.55 -22.98
CA GLY A 304 -5.59 13.69 -21.54
C GLY A 304 -4.42 14.40 -20.88
N GLU A 305 -3.55 15.00 -21.69
CA GLU A 305 -2.38 15.72 -21.18
C GLU A 305 -1.34 14.76 -20.62
N ILE A 306 -1.54 13.46 -20.86
CA ILE A 306 -0.60 12.44 -20.38
C ILE A 306 0.62 12.36 -21.27
N ALA A 307 0.40 12.34 -22.58
CA ALA A 307 1.48 12.28 -23.56
C ALA A 307 2.61 13.24 -23.20
N LYS A 308 2.25 14.45 -22.80
CA LYS A 308 3.24 15.45 -22.43
C LYS A 308 4.09 14.95 -21.25
N TYR A 309 3.42 14.37 -20.27
CA TYR A 309 4.10 13.84 -19.09
C TYR A 309 4.95 12.63 -19.45
N MET A 310 4.41 11.79 -20.33
CA MET A 310 5.12 10.60 -20.76
C MET A 310 6.34 10.98 -21.61
N GLU A 311 6.17 12.01 -22.42
CA GLU A 311 7.25 12.49 -23.28
C GLU A 311 8.47 12.87 -22.45
N THR A 312 8.26 13.67 -21.42
CA THR A 312 9.33 14.10 -20.53
C THR A 312 10.01 12.89 -19.89
N VAL A 313 9.20 11.91 -19.48
CA VAL A 313 9.71 10.70 -18.86
C VAL A 313 10.54 9.88 -19.84
N LYS A 314 10.28 10.07 -21.13
CA LYS A 314 10.99 9.36 -22.17
C LYS A 314 12.38 9.98 -22.38
N LEU A 315 12.42 11.30 -22.32
CA LEU A 315 13.68 12.03 -22.47
C LEU A 315 14.48 11.97 -21.18
N LEU A 316 13.81 11.63 -20.08
CA LEU A 316 14.45 11.52 -18.78
C LEU A 316 15.40 10.33 -18.75
N ASP A 317 16.69 10.60 -18.60
CA ASP A 317 17.69 9.55 -18.54
C ASP A 317 18.79 9.87 -17.54
N TYR A 318 19.31 11.08 -17.60
CA TYR A 318 20.37 11.51 -16.69
C TYR A 318 20.56 13.02 -16.74
N THR A 319 20.51 13.59 -17.94
CA THR A 319 20.68 15.03 -18.11
C THR A 319 19.37 15.78 -17.90
N GLU A 320 18.34 15.08 -17.43
CA GLU A 320 17.04 15.71 -17.19
C GLU A 320 16.57 15.43 -15.76
N LYS A 321 17.51 15.41 -14.83
CA LYS A 321 17.20 15.17 -13.43
C LYS A 321 16.21 16.21 -12.90
N PRO A 322 16.60 17.50 -12.91
CA PRO A 322 15.76 18.59 -12.43
C PRO A 322 14.63 18.92 -13.41
N LEU A 323 13.78 17.94 -13.68
CA LEU A 323 12.67 18.13 -14.60
C LEU A 323 11.32 17.93 -13.90
N TYR A 324 11.36 17.59 -12.61
CA TYR A 324 10.15 17.37 -11.84
C TYR A 324 9.25 18.60 -11.87
N GLU A 325 9.87 19.78 -11.94
CA GLU A 325 9.13 21.04 -11.98
C GLU A 325 8.26 21.12 -13.23
N ASN A 326 8.78 20.62 -14.34
CA ASN A 326 8.07 20.63 -15.61
C ASN A 326 6.89 19.65 -15.57
N LEU A 327 7.16 18.44 -15.09
CA LEU A 327 6.13 17.41 -15.00
C LEU A 327 4.92 17.90 -14.23
N ARG A 328 5.18 18.55 -13.09
CA ARG A 328 4.10 19.08 -12.25
C ARG A 328 3.22 20.03 -13.04
N ASP A 329 3.81 20.75 -13.99
CA ASP A 329 3.07 21.69 -14.81
C ASP A 329 2.28 20.96 -15.90
N ILE A 330 2.86 19.91 -16.47
CA ILE A 330 2.21 19.14 -17.51
C ILE A 330 0.85 18.64 -17.06
N LEU A 331 0.78 18.13 -15.84
CA LEU A 331 -0.48 17.62 -15.29
C LEU A 331 -1.41 18.76 -14.89
N LEU A 332 -0.87 19.72 -14.12
CA LEU A 332 -1.66 20.85 -13.66
C LEU A 332 -2.32 21.58 -14.83
N GLN A 333 -1.53 21.89 -15.85
CA GLN A 333 -2.02 22.59 -17.03
C GLN A 333 -3.22 21.86 -17.63
N GLY A 334 -3.17 20.54 -17.63
CA GLY A 334 -4.25 19.75 -18.18
C GLY A 334 -5.54 19.91 -17.40
N LEU A 335 -5.41 20.24 -16.11
CA LEU A 335 -6.56 20.43 -15.24
C LEU A 335 -7.40 21.62 -15.70
N LYS A 336 -6.72 22.70 -16.09
CA LYS A 336 -7.40 23.90 -16.55
C LYS A 336 -7.98 23.71 -17.95
N ALA A 337 -7.36 22.82 -18.73
CA ALA A 337 -7.81 22.54 -20.08
C ALA A 337 -9.21 21.91 -20.08
N ILE A 338 -9.54 21.21 -18.99
CA ILE A 338 -10.83 20.56 -18.87
C ILE A 338 -11.77 21.37 -17.97
N GLY A 339 -11.20 22.14 -17.05
CA GLY A 339 -11.99 22.95 -16.15
C GLY A 339 -11.96 22.43 -14.72
N SER A 340 -10.88 21.73 -14.37
CA SER A 340 -10.73 21.19 -13.03
C SER A 340 -10.00 22.18 -12.12
N LYS A 341 -10.28 22.10 -10.82
CA LYS A 341 -9.66 22.98 -9.84
C LYS A 341 -9.77 22.41 -8.44
N ASP A 342 -8.76 21.65 -8.02
CA ASP A 342 -8.75 21.04 -6.70
C ASP A 342 -8.58 22.10 -5.61
N ASP A 343 -9.20 21.88 -4.46
CA ASP A 343 -9.12 22.81 -3.36
C ASP A 343 -9.24 22.09 -2.02
N GLY A 344 -8.75 20.85 -1.99
CA GLY A 344 -8.81 20.06 -0.77
C GLY A 344 -8.94 18.58 -1.04
N LYS A 345 -9.99 18.21 -1.76
CA LYS A 345 -10.23 16.80 -2.10
C LYS A 345 -9.41 16.40 -3.31
N LEU A 346 -9.17 15.09 -3.45
CA LEU A 346 -8.40 14.57 -4.57
C LEU A 346 -9.31 14.07 -5.69
N ASP A 347 -10.58 14.46 -5.63
CA ASP A 347 -11.56 14.05 -6.65
C ASP A 347 -11.64 12.53 -6.74
N LEU A 348 -11.59 11.86 -5.59
CA LEU A 348 -11.66 10.40 -5.56
C LEU A 348 -13.12 9.94 -5.58
N SER A 349 -13.96 10.60 -4.82
CA SER A 349 -15.39 10.26 -4.75
C SER A 349 -15.58 8.81 -4.31
N VAL A 350 -15.83 8.62 -3.02
CA VAL A 350 -16.03 7.29 -2.47
C VAL A 350 -16.99 7.33 -1.28
N VAL A 351 -18.27 7.56 -1.56
CA VAL A 351 -19.28 7.62 -0.52
C VAL A 351 -18.97 8.74 0.48
N GLU A 352 -18.90 9.97 -0.01
CA GLU A 352 -18.62 11.12 0.83
C GLU A 352 -17.25 10.98 1.50
N ASN A 353 -16.76 12.07 2.07
CA ASN A 353 -15.47 12.06 2.75
C ASN A 353 -15.61 12.56 4.18
N GLY A 354 -16.32 13.66 4.36
CA GLY A 354 -16.52 14.23 5.68
C GLY A 354 -17.54 13.46 6.49
N GLY A 355 -17.41 13.52 7.81
CA GLY A 355 -18.34 12.82 8.68
C GLY A 355 -17.70 11.64 9.38
N LEU A 356 -18.52 10.69 9.83
CA LEU A 356 -18.02 9.51 10.51
C LEU A 356 -18.78 8.26 10.06
N LYS A 357 -20.11 8.36 10.04
CA LYS A 357 -20.95 7.24 9.62
C LYS A 357 -22.17 7.73 8.86
N ALA A 358 -22.70 6.87 7.99
CA ALA A 358 -23.86 7.22 7.19
C ALA A 358 -25.16 6.80 7.89
N LYS A 359 -25.19 5.56 8.36
CA LYS A 359 -26.36 5.03 9.04
C LYS A 359 -27.59 5.06 8.13
N THR A 360 -27.35 4.91 6.83
CA THR A 360 -28.44 4.92 5.86
C THR A 360 -27.99 4.29 4.54
N ILE A 361 -27.08 3.32 4.63
CA ILE A 361 -26.56 2.65 3.45
C ILE A 361 -26.33 1.16 3.73
N THR A 362 -27.12 0.31 3.09
CA THR A 362 -26.99 -1.13 3.27
C THR A 362 -26.74 -1.82 1.94
N LYS A 363 -25.47 -1.89 1.54
CA LYS A 363 -25.09 -2.52 0.29
C LYS A 363 -25.68 -1.78 -0.91
N LYS A 364 -26.95 -2.01 -1.17
CA LYS A 364 -27.64 -1.36 -2.29
C LYS A 364 -29.15 -1.39 -2.09
N ARG A 365 -29.66 -2.54 -1.69
CA ARG A 365 -31.09 -2.71 -1.47
C ARG A 365 -31.41 -4.10 -0.92
N LYS A 366 -31.14 -5.12 -1.72
CA LYS A 366 -31.38 -6.50 -1.32
C LYS A 366 -30.18 -7.08 -0.59
N LYS A 367 -30.45 -7.85 0.46
CA LYS A 367 -29.39 -8.47 1.24
C LYS A 367 -29.24 -9.94 0.90
N GLU A 368 -30.37 -10.63 0.79
CA GLU A 368 -30.38 -12.05 0.47
C GLU A 368 -31.26 -12.33 -0.75
N ILE A 369 -30.87 -13.30 -1.55
CA ILE A 369 -31.63 -13.67 -2.74
C ILE A 369 -32.31 -15.03 -2.57
N GLU A 370 -33.52 -15.15 -3.08
CA GLU A 370 -34.27 -16.40 -2.98
C GLU A 370 -34.81 -16.82 -4.35
N GLU A 371 -34.28 -17.91 -4.89
CA GLU A 371 -34.71 -18.42 -6.18
C GLU A 371 -36.10 -19.03 -6.08
N SER A 372 -37.08 -18.36 -6.68
CA SER A 372 -38.46 -18.84 -6.67
C SER A 372 -38.63 -20.03 -7.61
N LYS A 373 -39.56 -20.92 -7.27
CA LYS A 373 -39.82 -22.09 -8.09
C LYS A 373 -40.48 -21.71 -9.41
N GLU A 374 -39.66 -21.50 -10.44
CA GLU A 374 -40.17 -21.14 -11.75
C GLU A 374 -40.46 -22.37 -12.59
N PRO A 375 -41.43 -22.27 -13.53
CA PRO A 375 -41.79 -23.39 -14.40
C PRO A 375 -40.71 -23.72 -15.42
N GLY A 376 -40.45 -25.02 -15.59
CA GLY A 376 -39.43 -25.44 -16.53
C GLY A 376 -39.32 -26.95 -16.61
N VAL A 377 -40.44 -27.61 -16.86
CA VAL A 377 -40.47 -29.07 -16.97
C VAL A 377 -39.84 -29.54 -18.28
N GLU A 378 -39.97 -28.73 -19.31
CA GLU A 378 -39.42 -29.06 -20.62
C GLU A 378 -38.10 -28.33 -20.85
N ASP A 379 -37.32 -28.82 -21.81
CA ASP A 379 -36.03 -28.21 -22.13
C ASP A 379 -35.11 -28.23 -20.92
N THR A 380 -33.90 -27.68 -21.10
CA THR A 380 -32.92 -27.63 -20.02
C THR A 380 -32.38 -26.21 -19.85
N GLU A 381 -32.54 -25.66 -18.66
CA GLU A 381 -32.06 -24.31 -18.37
C GLU A 381 -30.56 -24.31 -18.15
N TRP A 382 -30.09 -25.17 -17.26
CA TRP A 382 -28.65 -25.26 -16.96
C TRP A 382 -28.31 -26.63 -16.39
N SER A 383 -27.12 -27.12 -16.73
CA SER A 383 -26.67 -28.43 -16.25
C SER A 383 -25.15 -28.45 -16.07
N ASN A 384 -24.64 -29.57 -15.60
CA ASN A 384 -23.20 -29.72 -15.38
C ASN A 384 -22.79 -31.18 -15.38
N THR A 385 -22.28 -31.65 -16.52
CA THR A 385 -21.85 -33.04 -16.65
C THR A 385 -23.02 -33.99 -16.40
N GLN A 386 -23.61 -34.50 -17.49
CA GLN A 386 -24.73 -35.43 -17.39
C GLN A 386 -24.86 -36.25 -18.67
N THR A 387 -24.43 -37.51 -18.60
CA THR A 387 -24.51 -38.41 -19.74
C THR A 387 -25.76 -39.27 -19.69
N GLU A 388 -26.22 -39.73 -20.85
CA GLU A 388 -27.41 -40.56 -20.93
C GLU A 388 -27.28 -41.60 -22.04
N GLU A 389 -26.85 -41.14 -23.22
CA GLU A 389 -26.67 -42.02 -24.36
C GLU A 389 -25.21 -42.11 -24.77
N ALA A 390 -24.82 -43.25 -25.35
CA ALA A 390 -23.45 -43.46 -25.79
C ALA A 390 -23.37 -44.53 -26.87
N ILE A 391 -23.09 -44.10 -28.09
CA ILE A 391 -22.99 -45.02 -29.22
C ILE A 391 -22.42 -44.31 -30.45
N GLN A 392 -21.33 -44.87 -30.99
CA GLN A 392 -20.69 -44.29 -32.16
C GLN A 392 -20.70 -45.27 -33.33
N THR A 393 -20.45 -46.55 -33.02
CA THR A 393 -20.45 -47.59 -34.05
C THR A 393 -21.86 -48.06 -34.36
N ARG A 394 -22.24 -47.98 -35.63
CA ARG A 394 -23.56 -48.39 -36.06
C ARG A 394 -23.49 -49.23 -37.34
N SER A 395 -24.62 -49.77 -37.76
CA SER A 395 -24.68 -50.58 -38.96
C SER A 395 -23.79 -51.82 -38.82
N ARG A 396 -24.39 -52.94 -38.43
CA ARG A 396 -23.65 -54.18 -38.26
C ARG A 396 -22.56 -54.02 -37.21
N THR A 397 -21.77 -55.08 -37.04
CA THR A 397 -20.67 -55.06 -36.06
C THR A 397 -21.20 -54.81 -34.66
N ARG A 398 -22.37 -55.37 -34.37
CA ARG A 398 -22.99 -55.22 -33.05
C ARG A 398 -22.38 -56.18 -32.05
N LYS A 399 -21.34 -55.74 -31.36
CA LYS A 399 -20.66 -56.57 -30.37
C LYS A 399 -19.66 -55.75 -29.58
N ARG A 400 -19.79 -55.78 -28.25
CA ARG A 400 -18.89 -55.04 -27.37
C ARG A 400 -17.94 -55.98 -26.66
N VAL A 401 -16.66 -55.64 -26.64
CA VAL A 401 -15.64 -56.46 -25.99
C VAL A 401 -14.51 -55.59 -25.42
N GLN A 402 -13.79 -56.13 -24.45
CA GLN A 402 -12.69 -55.41 -23.83
C GLN A 402 -11.60 -56.38 -23.39
N LYS A 403 -12.00 -57.45 -22.71
CA LYS A 403 -11.05 -58.44 -22.22
C LYS A 403 -10.70 -59.43 -23.33
N GLY A 1 -31.59 -6.47 5.89
CA GLY A 1 -30.80 -5.60 4.97
C GLY A 1 -31.17 -4.13 5.12
N SER A 2 -32.40 -3.86 5.51
CA SER A 2 -32.87 -2.50 5.68
C SER A 2 -32.04 -1.77 6.73
N SER A 3 -32.15 -0.44 6.74
CA SER A 3 -31.41 0.38 7.70
C SER A 3 -32.21 0.60 8.97
N GLY A 4 -31.63 1.35 9.91
CA GLY A 4 -32.31 1.63 11.16
C GLY A 4 -31.58 1.07 12.35
N SER A 5 -32.29 0.91 13.47
CA SER A 5 -31.70 0.38 14.69
C SER A 5 -32.52 -0.79 15.23
N SER A 6 -33.75 -0.50 15.63
CA SER A 6 -34.63 -1.53 16.17
C SER A 6 -35.96 -1.54 15.42
N GLY A 7 -36.45 -2.73 15.10
CA GLY A 7 -37.71 -2.84 14.38
C GLY A 7 -38.20 -4.28 14.33
N MET A 8 -38.43 -4.88 15.49
CA MET A 8 -38.90 -6.26 15.56
C MET A 8 -37.92 -7.22 14.90
N PRO A 9 -36.95 -7.74 15.67
CA PRO A 9 -35.95 -8.67 15.15
C PRO A 9 -36.55 -10.03 14.77
N ARG A 10 -35.78 -10.83 14.05
CA ARG A 10 -36.23 -12.15 13.63
C ARG A 10 -35.33 -13.24 14.20
N VAL A 11 -35.85 -13.98 15.17
CA VAL A 11 -35.09 -15.06 15.80
C VAL A 11 -35.59 -16.43 15.35
N LYS A 12 -34.75 -17.17 14.67
CA LYS A 12 -35.11 -18.50 14.18
C LYS A 12 -36.31 -18.42 13.24
N ALA A 13 -36.03 -18.23 11.95
CA ALA A 13 -37.08 -18.14 10.95
C ALA A 13 -37.31 -19.49 10.28
N ALA A 14 -36.25 -20.09 9.77
CA ALA A 14 -36.34 -21.38 9.10
C ALA A 14 -35.00 -22.11 9.14
N GLN A 15 -34.02 -21.59 8.41
CA GLN A 15 -32.70 -22.19 8.36
C GLN A 15 -31.69 -21.36 9.15
N ALA A 16 -30.58 -21.98 9.52
CA ALA A 16 -29.53 -21.30 10.28
C ALA A 16 -28.60 -20.53 9.36
N GLY A 17 -28.04 -19.44 9.87
CA GLY A 17 -27.13 -18.63 9.07
C GLY A 17 -25.70 -19.10 9.17
N ARG A 18 -24.78 -18.16 9.40
CA ARG A 18 -23.36 -18.48 9.51
C ARG A 18 -23.02 -18.91 10.94
N GLN A 19 -22.52 -20.13 11.08
CA GLN A 19 -22.15 -20.66 12.39
C GLN A 19 -20.63 -20.67 12.56
N SER A 20 -20.12 -19.72 13.33
CA SER A 20 -18.69 -19.62 13.57
C SER A 20 -18.35 -20.12 14.97
N SER A 21 -17.05 -20.27 15.24
CA SER A 21 -16.59 -20.74 16.54
C SER A 21 -16.58 -19.60 17.56
N ALA A 22 -15.68 -18.65 17.37
CA ALA A 22 -15.58 -17.51 18.28
C ALA A 22 -15.27 -17.96 19.71
N LYS A 23 -14.56 -19.07 19.82
CA LYS A 23 -14.22 -19.61 21.13
C LYS A 23 -12.87 -20.33 21.08
N ARG A 24 -12.18 -20.39 22.22
CA ARG A 24 -10.88 -21.04 22.30
C ARG A 24 -9.89 -20.39 21.35
N HIS A 25 -9.50 -19.16 21.66
CA HIS A 25 -8.54 -18.43 20.83
C HIS A 25 -7.60 -17.60 21.69
N LEU A 26 -6.35 -18.03 21.77
CA LEU A 26 -5.35 -17.33 22.57
C LEU A 26 -4.01 -17.28 21.83
N ALA A 27 -3.59 -18.41 21.28
CA ALA A 27 -2.33 -18.48 20.55
C ALA A 27 -2.32 -17.50 19.38
N GLU A 28 -1.87 -16.28 19.65
CA GLU A 28 -1.80 -15.24 18.63
C GLU A 28 -0.62 -14.31 18.87
N GLN A 29 -0.30 -13.50 17.87
CA GLN A 29 0.81 -12.56 17.97
C GLN A 29 0.35 -11.25 18.61
N PHE A 30 -0.32 -10.41 17.83
CA PHE A 30 -0.81 -9.14 18.32
C PHE A 30 -2.33 -9.09 18.31
N ALA A 31 -2.95 -9.78 19.28
CA ALA A 31 -4.40 -9.83 19.38
C ALA A 31 -4.93 -8.63 20.16
N VAL A 32 -6.22 -8.68 20.50
CA VAL A 32 -6.85 -7.59 21.25
C VAL A 32 -6.78 -7.85 22.75
N GLY A 33 -6.21 -6.90 23.47
CA GLY A 33 -6.08 -7.04 24.91
C GLY A 33 -4.64 -7.09 25.38
N GLU A 34 -3.75 -7.56 24.50
CA GLU A 34 -2.34 -7.65 24.83
C GLU A 34 -1.63 -6.31 24.63
N ILE A 35 -0.69 -6.01 25.51
CA ILE A 35 0.06 -4.76 25.43
C ILE A 35 1.43 -4.98 24.80
N ILE A 36 1.87 -4.02 23.99
CA ILE A 36 3.16 -4.11 23.32
C ILE A 36 4.11 -3.04 23.84
N THR A 37 5.41 -3.33 23.73
CA THR A 37 6.44 -2.40 24.19
C THR A 37 6.94 -1.53 23.04
N ASP A 38 7.19 -0.26 23.33
CA ASP A 38 7.67 0.68 22.31
C ASP A 38 9.19 0.82 22.37
N MET A 39 9.70 1.89 21.77
CA MET A 39 11.14 2.15 21.75
C MET A 39 11.57 2.70 23.11
N ALA A 40 10.75 3.61 23.64
CA ALA A 40 11.03 4.21 24.93
C ALA A 40 10.62 3.27 26.05
N LYS A 41 10.10 2.09 25.68
CA LYS A 41 9.67 1.07 26.64
C LYS A 41 8.24 1.34 27.10
N LYS A 42 7.45 1.96 26.24
CA LYS A 42 6.06 2.27 26.56
C LYS A 42 5.23 1.00 26.49
N GLU A 43 3.93 1.12 26.76
CA GLU A 43 3.03 -0.02 26.74
C GLU A 43 1.81 0.27 25.86
N TRP A 44 1.99 0.16 24.55
CA TRP A 44 0.91 0.41 23.61
C TRP A 44 -0.09 -0.74 23.61
N LYS A 45 -1.37 -0.41 23.47
CA LYS A 45 -2.42 -1.42 23.46
C LYS A 45 -2.76 -1.84 22.03
N VAL A 46 -2.73 -3.14 21.78
CA VAL A 46 -3.04 -3.68 20.46
C VAL A 46 -4.54 -3.66 20.20
N GLY A 47 -4.91 -3.46 18.94
CA GLY A 47 -6.32 -3.43 18.59
C GLY A 47 -6.76 -4.67 17.86
N LEU A 48 -7.79 -4.52 17.01
CA LEU A 48 -8.32 -5.65 16.26
C LEU A 48 -7.55 -5.84 14.95
N PRO A 49 -7.59 -7.06 14.38
CA PRO A 49 -6.90 -7.36 13.12
C PRO A 49 -7.43 -6.55 11.95
N ILE A 50 -6.54 -6.17 11.04
CA ILE A 50 -6.94 -5.39 9.87
C ILE A 50 -6.16 -5.83 8.62
N GLY A 51 -4.86 -6.06 8.79
CA GLY A 51 -4.04 -6.48 7.67
C GLY A 51 -4.36 -7.88 7.21
N GLN A 52 -3.49 -8.84 7.54
CA GLN A 52 -3.69 -10.23 7.15
C GLN A 52 -3.55 -11.15 8.35
N GLY A 53 -2.32 -11.32 8.83
CA GLY A 53 -2.07 -12.18 9.96
C GLY A 53 -0.77 -12.93 9.86
N GLY A 54 -0.70 -13.88 8.93
CA GLY A 54 0.50 -14.66 8.74
C GLY A 54 1.65 -13.82 8.22
N PHE A 55 1.52 -13.35 6.98
CA PHE A 55 2.55 -12.52 6.36
C PHE A 55 2.24 -11.04 6.53
N GLY A 56 1.79 -10.67 7.72
CA GLY A 56 1.46 -9.28 7.98
C GLY A 56 0.65 -9.11 9.25
N CYS A 57 1.34 -8.97 10.38
CA CYS A 57 0.68 -8.80 11.67
C CYS A 57 0.33 -7.34 11.92
N ILE A 58 -0.44 -6.77 11.00
CA ILE A 58 -0.84 -5.37 11.11
C ILE A 58 -2.18 -5.23 11.84
N TYR A 59 -2.13 -4.65 13.04
CA TYR A 59 -3.33 -4.45 13.85
C TYR A 59 -3.47 -3.00 14.26
N LEU A 60 -4.62 -2.64 14.81
CA LEU A 60 -4.87 -1.27 15.26
C LEU A 60 -4.10 -0.98 16.53
N ALA A 61 -3.86 0.29 16.81
CA ALA A 61 -3.12 0.71 18.00
C ALA A 61 -3.97 1.63 18.88
N ASP A 62 -3.71 1.59 20.19
CA ASP A 62 -4.43 2.42 21.13
C ASP A 62 -3.49 3.01 22.17
N MET A 63 -3.90 4.11 22.79
CA MET A 63 -3.08 4.78 23.80
C MET A 63 -3.50 4.35 25.20
N ASN A 64 -3.98 3.12 25.33
CA ASN A 64 -4.41 2.60 26.62
C ASN A 64 -5.52 3.46 27.22
N SER A 65 -6.75 2.97 27.16
CA SER A 65 -7.89 3.70 27.70
C SER A 65 -8.83 2.77 28.45
N SER A 66 -9.44 1.83 27.73
CA SER A 66 -10.36 0.87 28.34
C SER A 66 -9.70 -0.49 28.49
N GLU A 67 -10.46 -1.46 29.00
CA GLU A 67 -9.95 -2.82 29.19
C GLU A 67 -9.50 -3.42 27.87
N SER A 68 -10.20 -3.07 26.80
CA SER A 68 -9.87 -3.59 25.47
C SER A 68 -10.10 -2.52 24.40
N VAL A 69 -9.45 -2.69 23.25
CA VAL A 69 -9.58 -1.75 22.15
C VAL A 69 -10.73 -2.13 21.24
N GLY A 70 -11.19 -1.16 20.45
CA GLY A 70 -12.29 -1.42 19.53
C GLY A 70 -13.39 -0.37 19.63
N SER A 71 -12.99 0.90 19.65
CA SER A 71 -13.95 1.99 19.74
C SER A 71 -13.31 3.32 19.34
N ASP A 72 -12.10 3.55 19.84
CA ASP A 72 -11.37 4.78 19.54
C ASP A 72 -9.88 4.51 19.41
N ALA A 73 -9.50 3.77 18.37
CA ALA A 73 -8.10 3.45 18.13
C ALA A 73 -7.62 4.04 16.81
N PRO A 74 -7.28 5.34 16.79
CA PRO A 74 -6.80 6.02 15.59
C PRO A 74 -5.31 5.80 15.34
N CYS A 75 -4.87 4.56 15.42
CA CYS A 75 -3.47 4.23 15.20
C CYS A 75 -3.33 2.82 14.62
N VAL A 76 -2.24 2.61 13.88
CA VAL A 76 -1.99 1.31 13.27
C VAL A 76 -0.57 0.83 13.57
N VAL A 77 -0.42 -0.48 13.74
CA VAL A 77 0.88 -1.06 14.03
C VAL A 77 1.13 -2.32 13.20
N LYS A 78 2.24 -2.32 12.46
CA LYS A 78 2.60 -3.45 11.62
C LYS A 78 3.72 -4.27 12.27
N VAL A 79 3.47 -5.55 12.48
CA VAL A 79 4.46 -6.44 13.09
C VAL A 79 4.96 -7.48 12.11
N GLU A 80 6.28 -7.68 12.09
CA GLU A 80 6.90 -8.65 11.20
C GLU A 80 8.04 -9.37 11.90
N PRO A 81 8.32 -10.63 11.52
CA PRO A 81 9.40 -11.42 12.13
C PRO A 81 10.77 -10.81 11.88
N SER A 82 11.46 -10.45 12.96
CA SER A 82 12.79 -9.84 12.85
C SER A 82 13.73 -10.74 12.05
N ASP A 83 14.99 -10.31 11.93
CA ASP A 83 15.98 -11.08 11.20
C ASP A 83 15.59 -11.22 9.73
N ASN A 84 16.16 -10.38 8.88
CA ASN A 84 15.86 -10.41 7.46
C ASN A 84 14.39 -10.12 7.19
N GLY A 85 14.08 -8.85 6.92
CA GLY A 85 12.71 -8.47 6.66
C GLY A 85 12.60 -7.08 6.02
N PRO A 86 11.56 -6.84 5.22
CA PRO A 86 11.37 -5.55 4.54
C PRO A 86 11.01 -4.44 5.52
N LEU A 87 10.52 -4.81 6.70
CA LEU A 87 10.14 -3.84 7.71
C LEU A 87 11.36 -3.07 8.21
N PHE A 88 12.49 -3.76 8.33
CA PHE A 88 13.72 -3.13 8.79
C PHE A 88 14.11 -1.96 7.89
N THR A 89 13.95 -2.14 6.59
CA THR A 89 14.28 -1.11 5.62
C THR A 89 13.25 0.02 5.67
N GLU A 90 12.00 -0.34 5.96
CA GLU A 90 10.92 0.64 6.04
C GLU A 90 11.06 1.50 7.30
N LEU A 91 11.42 0.85 8.40
CA LEU A 91 11.57 1.56 9.67
C LEU A 91 12.67 2.62 9.57
N LYS A 92 13.84 2.21 9.10
CA LYS A 92 14.97 3.11 8.95
C LYS A 92 14.61 4.29 8.04
N PHE A 93 13.93 4.00 6.95
CA PHE A 93 13.52 5.03 6.00
C PHE A 93 12.54 6.00 6.64
N TYR A 94 11.74 5.49 7.58
CA TYR A 94 10.75 6.31 8.26
C TYR A 94 11.42 7.27 9.24
N GLN A 95 12.14 6.73 10.20
CA GLN A 95 12.83 7.54 11.20
C GLN A 95 13.90 8.42 10.56
N ARG A 96 14.30 8.06 9.34
CA ARG A 96 15.33 8.82 8.63
C ARG A 96 14.81 10.18 8.19
N ALA A 97 13.62 10.19 7.58
CA ALA A 97 13.02 11.43 7.11
C ALA A 97 11.54 11.52 7.47
N ALA A 98 10.84 10.38 7.40
CA ALA A 98 9.41 10.35 7.70
C ALA A 98 9.12 10.92 9.09
N LYS A 99 10.13 10.94 9.95
CA LYS A 99 9.97 11.46 11.31
C LYS A 99 9.25 12.81 11.30
N PRO A 100 8.11 12.91 12.03
CA PRO A 100 7.33 14.15 12.09
C PRO A 100 8.19 15.37 12.42
N GLU A 101 9.31 15.14 13.09
CA GLU A 101 10.22 16.22 13.46
C GLU A 101 11.00 16.70 12.24
N GLN A 102 11.37 15.77 11.36
CA GLN A 102 12.12 16.10 10.16
C GLN A 102 11.21 16.69 9.09
N ILE A 103 10.01 16.13 8.95
CA ILE A 103 9.05 16.58 7.96
C ILE A 103 8.59 18.01 8.26
N GLN A 104 8.03 18.20 9.45
CA GLN A 104 7.54 19.52 9.86
C GLN A 104 8.65 20.57 9.77
N LYS A 105 9.88 20.15 10.00
CA LYS A 105 11.03 21.06 9.94
C LYS A 105 11.40 21.36 8.50
N TRP A 106 11.20 20.39 7.62
CA TRP A 106 11.52 20.56 6.20
C TRP A 106 10.46 21.40 5.49
N ILE A 107 9.20 21.18 5.87
CA ILE A 107 8.08 21.91 5.27
C ILE A 107 8.10 23.37 5.70
N ARG A 108 8.46 23.62 6.94
CA ARG A 108 8.51 24.97 7.48
C ARG A 108 9.72 25.74 6.94
N THR A 109 10.78 25.01 6.61
CA THR A 109 12.00 25.62 6.10
C THR A 109 11.92 25.84 4.59
N ARG A 110 11.23 24.95 3.89
CA ARG A 110 11.08 25.07 2.45
C ARG A 110 9.68 25.54 2.07
N LYS A 111 8.82 25.73 3.08
CA LYS A 111 7.45 26.17 2.83
C LYS A 111 6.72 25.19 1.93
N LEU A 112 7.09 23.93 2.01
CA LEU A 112 6.47 22.88 1.18
C LEU A 112 4.95 22.93 1.28
N LYS A 113 4.45 23.44 2.41
CA LYS A 113 3.01 23.55 2.64
C LYS A 113 2.43 22.21 3.06
N TYR A 114 2.63 21.18 2.25
CA TYR A 114 2.13 19.84 2.55
C TYR A 114 3.00 18.78 1.90
N LEU A 115 2.85 17.53 2.36
CA LEU A 115 3.63 16.42 1.83
C LEU A 115 2.77 15.18 1.70
N GLY A 116 3.41 14.03 1.45
CA GLY A 116 2.69 12.79 1.32
C GLY A 116 3.33 11.64 2.06
N VAL A 117 4.05 11.96 3.14
CA VAL A 117 4.73 10.94 3.93
C VAL A 117 3.94 10.64 5.21
N PRO A 118 3.80 9.35 5.56
CA PRO A 118 3.07 8.93 6.77
C PRO A 118 3.66 9.52 8.04
N LYS A 119 2.81 9.71 9.05
CA LYS A 119 3.25 10.27 10.32
C LYS A 119 3.79 9.18 11.23
N TYR A 120 5.09 9.27 11.55
CA TYR A 120 5.73 8.28 12.41
C TYR A 120 5.71 8.75 13.87
N TRP A 121 4.99 7.99 14.70
CA TRP A 121 4.88 8.33 16.12
C TRP A 121 5.95 7.61 16.93
N GLY A 122 6.20 6.35 16.58
CA GLY A 122 7.19 5.56 17.28
C GLY A 122 7.21 4.12 16.83
N SER A 123 8.04 3.31 17.48
CA SER A 123 8.16 1.89 17.14
C SER A 123 8.25 1.04 18.40
N GLY A 124 8.05 -0.26 18.24
CA GLY A 124 8.11 -1.16 19.38
C GLY A 124 8.58 -2.55 19.00
N LEU A 125 8.72 -3.42 20.01
CA LEU A 125 9.18 -4.78 19.78
C LEU A 125 8.54 -5.74 20.78
N HIS A 126 8.53 -7.02 20.44
CA HIS A 126 7.95 -8.04 21.30
C HIS A 126 8.79 -9.33 21.27
N ASP A 127 8.91 -9.97 22.43
CA ASP A 127 9.68 -11.20 22.53
C ASP A 127 8.76 -12.40 22.82
N LYS A 128 8.93 -13.46 22.03
CA LYS A 128 8.11 -14.66 22.21
C LYS A 128 8.96 -15.91 22.07
N ASN A 129 8.89 -16.78 23.07
CA ASN A 129 9.65 -18.03 23.07
C ASN A 129 11.14 -17.78 22.79
N GLY A 130 11.60 -16.55 23.08
CA GLY A 130 12.99 -16.22 22.85
C GLY A 130 13.23 -15.61 21.47
N LYS A 131 12.15 -15.27 20.78
CA LYS A 131 12.25 -14.67 19.45
C LYS A 131 12.17 -13.15 19.54
N SER A 132 12.67 -12.48 18.51
CA SER A 132 12.65 -11.02 18.46
C SER A 132 11.72 -10.51 17.37
N TYR A 133 10.73 -9.71 17.77
CA TYR A 133 9.78 -9.14 16.81
C TYR A 133 9.93 -7.62 16.74
N ARG A 134 9.80 -7.08 15.53
CA ARG A 134 9.92 -5.64 15.33
C ARG A 134 8.71 -5.10 14.59
N PHE A 135 8.08 -4.07 15.16
CA PHE A 135 6.91 -3.46 14.56
C PHE A 135 6.98 -1.94 14.62
N MET A 136 6.19 -1.28 13.79
CA MET A 136 6.16 0.18 13.75
C MET A 136 4.73 0.70 13.89
N ILE A 137 4.57 1.84 14.53
CA ILE A 137 3.26 2.44 14.74
C ILE A 137 3.19 3.84 14.14
N MET A 138 2.27 4.02 13.19
CA MET A 138 2.11 5.31 12.53
C MET A 138 0.63 5.70 12.47
N ASP A 139 0.35 6.91 12.01
CA ASP A 139 -1.02 7.40 11.91
C ASP A 139 -1.89 6.43 11.13
N ARG A 140 -3.12 6.24 11.59
CA ARG A 140 -4.06 5.33 10.94
C ARG A 140 -4.55 5.92 9.61
N PHE A 141 -4.90 5.05 8.68
CA PHE A 141 -5.38 5.48 7.36
C PHE A 141 -6.83 5.05 7.16
N GLY A 142 -7.46 5.61 6.12
CA GLY A 142 -8.85 5.27 5.83
C GLY A 142 -8.97 4.06 4.92
N SER A 143 -8.47 4.20 3.70
CA SER A 143 -8.53 3.12 2.72
C SER A 143 -7.41 3.25 1.70
N ASP A 144 -7.04 2.14 1.08
CA ASP A 144 -5.99 2.12 0.08
C ASP A 144 -6.49 2.67 -1.26
N LEU A 145 -5.58 3.23 -2.05
CA LEU A 145 -5.93 3.78 -3.34
C LEU A 145 -6.51 2.70 -4.26
N GLN A 146 -6.15 1.45 -3.99
CA GLN A 146 -6.65 0.32 -4.78
C GLN A 146 -8.13 0.09 -4.51
N LYS A 147 -8.49 0.12 -3.22
CA LYS A 147 -9.88 -0.07 -2.82
C LYS A 147 -10.77 1.00 -3.44
N ILE A 148 -10.19 2.17 -3.68
CA ILE A 148 -10.93 3.28 -4.27
C ILE A 148 -11.16 3.04 -5.76
N TYR A 149 -10.27 2.29 -6.38
CA TYR A 149 -10.37 1.99 -7.81
C TYR A 149 -11.69 1.30 -8.13
N GLU A 150 -12.05 0.31 -7.31
CA GLU A 150 -13.30 -0.43 -7.50
C GLU A 150 -14.51 0.48 -7.29
N ALA A 151 -14.33 1.51 -6.49
CA ALA A 151 -15.40 2.46 -6.21
C ALA A 151 -15.63 3.42 -7.37
N ASN A 152 -14.65 3.51 -8.26
CA ASN A 152 -14.75 4.40 -9.42
C ASN A 152 -15.28 3.65 -10.65
N ALA A 153 -15.48 2.34 -10.50
CA ALA A 153 -15.97 1.48 -11.59
C ALA A 153 -14.82 0.75 -12.26
N LYS A 154 -13.91 0.23 -11.44
CA LYS A 154 -12.74 -0.48 -11.94
C LYS A 154 -11.90 0.40 -12.86
N ARG A 155 -12.07 1.72 -12.72
CA ARG A 155 -11.32 2.67 -13.54
C ARG A 155 -11.49 4.09 -13.04
N PHE A 156 -10.38 4.78 -12.82
CA PHE A 156 -10.42 6.16 -12.34
C PHE A 156 -10.67 7.13 -13.49
N SER A 157 -10.62 8.42 -13.18
CA SER A 157 -10.84 9.44 -14.20
C SER A 157 -9.59 10.28 -14.40
N ARG A 158 -9.60 11.11 -15.44
CA ARG A 158 -8.46 11.96 -15.75
C ARG A 158 -8.13 12.89 -14.58
N LYS A 159 -9.16 13.24 -13.81
CA LYS A 159 -8.99 14.11 -12.65
C LYS A 159 -8.25 13.39 -11.53
N THR A 160 -8.66 12.14 -11.26
CA THR A 160 -8.03 11.34 -10.21
C THR A 160 -6.55 11.13 -10.51
N VAL A 161 -6.26 10.58 -11.69
CA VAL A 161 -4.88 10.32 -12.09
C VAL A 161 -4.05 11.59 -12.05
N LEU A 162 -4.54 12.64 -12.71
CA LEU A 162 -3.83 13.91 -12.74
C LEU A 162 -3.63 14.47 -11.33
N GLN A 163 -4.66 14.34 -10.50
CA GLN A 163 -4.60 14.82 -9.13
C GLN A 163 -3.56 14.04 -8.34
N LEU A 164 -3.57 12.72 -8.50
CA LEU A 164 -2.62 11.86 -7.80
C LEU A 164 -1.21 12.04 -8.35
N SER A 165 -1.12 12.32 -9.65
CA SER A 165 0.17 12.52 -10.30
C SER A 165 0.89 13.73 -9.72
N LEU A 166 0.14 14.79 -9.46
CA LEU A 166 0.70 16.01 -8.88
C LEU A 166 1.05 15.81 -7.42
N ARG A 167 0.27 14.98 -6.73
CA ARG A 167 0.49 14.70 -5.33
C ARG A 167 1.73 13.83 -5.14
N ILE A 168 1.82 12.75 -5.91
CA ILE A 168 2.95 11.85 -5.83
C ILE A 168 4.25 12.57 -6.20
N LEU A 169 4.19 13.40 -7.23
CA LEU A 169 5.35 14.15 -7.69
C LEU A 169 5.87 15.06 -6.57
N ASP A 170 4.95 15.69 -5.86
CA ASP A 170 5.31 16.59 -4.77
C ASP A 170 6.10 15.83 -3.70
N ILE A 171 5.78 14.56 -3.52
CA ILE A 171 6.47 13.73 -2.54
C ILE A 171 7.81 13.25 -3.08
N LEU A 172 7.83 12.89 -4.36
CA LEU A 172 9.05 12.42 -5.00
C LEU A 172 10.18 13.44 -4.87
N GLU A 173 9.82 14.71 -4.98
CA GLU A 173 10.80 15.79 -4.86
C GLU A 173 11.39 15.83 -3.45
N TYR A 174 10.58 15.48 -2.47
CA TYR A 174 11.01 15.48 -1.08
C TYR A 174 11.94 14.29 -0.80
N ILE A 175 11.48 13.10 -1.16
CA ILE A 175 12.28 11.89 -0.94
C ILE A 175 13.51 11.88 -1.84
N HIS A 176 13.42 12.55 -2.98
CA HIS A 176 14.54 12.61 -3.92
C HIS A 176 15.56 13.66 -3.47
N GLU A 177 15.07 14.72 -2.82
CA GLU A 177 15.94 15.78 -2.34
C GLU A 177 16.74 15.30 -1.13
N HIS A 178 16.30 14.21 -0.52
CA HIS A 178 17.00 13.65 0.63
C HIS A 178 17.79 12.41 0.25
N GLU A 179 17.84 12.11 -1.05
CA GLU A 179 18.57 10.94 -1.54
C GLU A 179 17.83 9.65 -1.21
N TYR A 180 16.52 9.65 -1.48
CA TYR A 180 15.69 8.47 -1.21
C TYR A 180 14.72 8.23 -2.36
N VAL A 181 14.69 7.00 -2.86
CA VAL A 181 13.81 6.65 -3.97
C VAL A 181 12.72 5.68 -3.51
N HIS A 182 11.70 5.54 -4.35
CA HIS A 182 10.57 4.64 -4.04
C HIS A 182 10.44 3.57 -5.11
N GLY A 183 10.09 3.99 -6.32
CA GLY A 183 9.94 3.07 -7.42
C GLY A 183 8.92 1.98 -7.13
N ASP A 184 7.79 2.36 -6.56
CA ASP A 184 6.73 1.41 -6.23
C ASP A 184 5.40 2.12 -5.99
N ILE A 185 5.15 3.18 -6.77
CA ILE A 185 3.92 3.95 -6.64
C ILE A 185 2.74 3.18 -7.24
N LYS A 186 1.79 2.79 -6.39
CA LYS A 186 0.62 2.05 -6.85
C LYS A 186 -0.56 2.26 -5.91
N ALA A 187 -1.67 1.60 -6.21
CA ALA A 187 -2.87 1.70 -5.38
C ALA A 187 -2.78 0.81 -4.15
N SER A 188 -1.68 0.06 -4.02
CA SER A 188 -1.47 -0.82 -2.88
C SER A 188 -0.42 -0.24 -1.95
N ASN A 189 0.10 0.93 -2.32
CA ASN A 189 1.11 1.62 -1.54
C ASN A 189 0.64 3.03 -1.20
N LEU A 190 -0.45 3.45 -1.85
CA LEU A 190 -1.01 4.77 -1.61
C LEU A 190 -2.32 4.63 -0.85
N LEU A 191 -2.35 5.12 0.38
CA LEU A 191 -3.53 5.04 1.22
C LEU A 191 -4.07 6.42 1.55
N LEU A 192 -5.27 6.47 2.11
CA LEU A 192 -5.88 7.75 2.47
C LEU A 192 -5.88 7.95 3.97
N ASN A 193 -5.80 9.21 4.39
CA ASN A 193 -5.81 9.51 5.82
C ASN A 193 -7.24 9.71 6.30
N TYR A 194 -7.51 9.26 7.51
CA TYR A 194 -8.84 9.38 8.10
C TYR A 194 -8.79 10.19 9.39
N LYS A 195 -7.62 10.16 10.03
CA LYS A 195 -7.42 10.90 11.27
C LYS A 195 -7.74 12.37 11.08
N ASN A 196 -7.62 12.85 9.84
CA ASN A 196 -7.91 14.27 9.56
C ASN A 196 -7.59 14.67 8.12
N PRO A 197 -6.31 14.51 7.69
CA PRO A 197 -5.88 14.89 6.35
C PRO A 197 -6.91 14.61 5.26
N ASP A 198 -7.30 13.35 5.10
CA ASP A 198 -8.28 12.95 4.10
C ASP A 198 -7.63 12.78 2.72
N GLN A 199 -6.35 13.10 2.61
CA GLN A 199 -5.64 12.98 1.34
C GLN A 199 -5.02 11.58 1.23
N VAL A 200 -4.12 11.41 0.27
CA VAL A 200 -3.48 10.12 0.07
C VAL A 200 -2.00 10.19 0.47
N TYR A 201 -1.50 9.09 1.02
CA TYR A 201 -0.12 8.99 1.46
C TYR A 201 0.59 7.82 0.80
N LEU A 202 1.91 7.88 0.72
CA LEU A 202 2.70 6.81 0.13
C LEU A 202 3.41 6.00 1.20
N VAL A 203 3.05 4.73 1.31
CA VAL A 203 3.64 3.84 2.31
C VAL A 203 4.10 2.53 1.68
N ASP A 204 4.84 1.73 2.45
CA ASP A 204 5.34 0.45 1.98
C ASP A 204 6.16 0.62 0.69
N TYR A 205 7.46 0.86 0.86
CA TYR A 205 8.35 1.04 -0.29
C TYR A 205 8.77 -0.31 -0.85
N GLY A 206 8.91 -1.31 0.02
CA GLY A 206 9.31 -2.64 -0.41
C GLY A 206 10.70 -2.66 -1.02
N LEU A 207 11.46 -1.59 -0.81
CA LEU A 207 12.81 -1.51 -1.36
C LEU A 207 13.66 -0.56 -0.52
N ALA A 208 13.14 0.63 -0.25
CA ALA A 208 13.86 1.63 0.54
C ALA A 208 15.31 1.77 0.07
N TYR A 209 15.53 2.63 -0.90
CA TYR A 209 16.87 2.87 -1.43
C TYR A 209 17.31 4.31 -1.20
N ARG A 210 18.56 4.46 -0.76
CA ARG A 210 19.11 5.78 -0.49
C ARG A 210 20.06 6.21 -1.62
N TYR A 211 19.59 6.09 -2.85
CA TYR A 211 20.38 6.46 -4.02
C TYR A 211 21.74 5.77 -4.00
N CYS A 212 21.82 4.62 -3.32
CA CYS A 212 23.06 3.87 -3.23
C CYS A 212 24.21 4.75 -2.75
N PRO A 213 24.41 4.84 -1.42
CA PRO A 213 25.48 5.65 -0.84
C PRO A 213 26.84 5.35 -1.46
N GLU A 214 27.09 4.08 -1.74
CA GLU A 214 28.35 3.66 -2.34
C GLU A 214 28.26 2.24 -2.88
N GLY A 215 27.78 2.11 -4.12
CA GLY A 215 27.66 0.79 -4.73
C GLY A 215 28.64 0.57 -5.85
N VAL A 216 29.92 0.79 -5.56
CA VAL A 216 30.98 0.61 -6.55
C VAL A 216 30.78 1.55 -7.73
N HIS A 217 31.43 2.71 -7.67
CA HIS A 217 31.33 3.70 -8.74
C HIS A 217 32.12 3.26 -9.97
N LYS A 218 31.57 2.33 -10.73
CA LYS A 218 32.22 1.83 -11.93
C LYS A 218 31.24 1.75 -13.09
N GLU A 219 30.93 2.90 -13.69
CA GLU A 219 30.01 2.96 -14.81
C GLU A 219 28.64 2.43 -14.41
N TYR A 220 27.61 2.84 -15.16
CA TYR A 220 26.25 2.41 -14.88
C TYR A 220 26.08 0.92 -15.17
N LYS A 221 24.83 0.47 -15.22
CA LYS A 221 24.54 -0.93 -15.48
C LYS A 221 25.19 -1.84 -14.43
N GLU A 222 24.45 -2.15 -13.38
CA GLU A 222 24.96 -3.00 -12.31
C GLU A 222 25.38 -4.36 -12.86
N ASP A 223 24.41 -5.19 -13.20
CA ASP A 223 24.68 -6.52 -13.73
C ASP A 223 23.38 -7.24 -14.10
N PRO A 224 22.85 -6.98 -15.30
CA PRO A 224 21.61 -7.61 -15.77
C PRO A 224 21.67 -9.13 -15.69
N LYS A 225 20.94 -9.70 -14.74
CA LYS A 225 20.93 -11.15 -14.57
C LYS A 225 19.56 -11.62 -14.08
N ARG A 226 19.15 -11.12 -12.92
CA ARG A 226 17.86 -11.49 -12.33
C ARG A 226 17.02 -10.24 -12.06
N CYS A 227 17.21 -9.22 -12.88
CA CYS A 227 16.46 -7.97 -12.72
C CYS A 227 16.70 -7.36 -11.34
N HIS A 228 16.05 -6.24 -11.07
CA HIS A 228 16.20 -5.55 -9.79
C HIS A 228 14.90 -5.61 -8.99
N ASP A 229 13.84 -5.02 -9.54
CA ASP A 229 12.55 -5.00 -8.88
C ASP A 229 12.04 -6.41 -8.63
N GLY A 230 11.35 -6.60 -7.51
CA GLY A 230 10.83 -7.92 -7.17
C GLY A 230 9.38 -8.08 -7.59
N THR A 231 9.02 -7.50 -8.73
CA THR A 231 7.66 -7.59 -9.24
C THR A 231 7.64 -7.51 -10.76
N ILE A 232 6.45 -7.51 -11.34
CA ILE A 232 6.29 -7.43 -12.79
C ILE A 232 5.00 -6.70 -13.16
N GLU A 233 4.56 -5.81 -12.28
CA GLU A 233 3.35 -5.04 -12.53
C GLU A 233 3.67 -3.62 -12.97
N PHE A 234 4.83 -3.12 -12.53
CA PHE A 234 5.26 -1.77 -12.89
C PHE A 234 6.78 -1.68 -12.97
N THR A 235 7.41 -2.79 -13.35
CA THR A 235 8.86 -2.84 -13.46
C THR A 235 9.35 -1.98 -14.63
N SER A 236 10.22 -1.02 -14.32
CA SER A 236 10.75 -0.13 -15.34
C SER A 236 11.70 -0.87 -16.27
N ILE A 237 12.09 -0.23 -17.36
CA ILE A 237 13.00 -0.83 -18.33
C ILE A 237 14.43 -0.85 -17.80
N ASP A 238 14.77 0.15 -17.00
CA ASP A 238 16.11 0.23 -16.42
C ASP A 238 16.28 -0.75 -15.27
N ALA A 239 15.19 -1.00 -14.54
CA ALA A 239 15.22 -1.93 -13.43
C ALA A 239 15.27 -3.37 -13.91
N HIS A 240 14.66 -3.62 -15.06
CA HIS A 240 14.63 -4.97 -15.63
C HIS A 240 16.05 -5.47 -15.91
N ASN A 241 16.98 -4.54 -16.11
CA ASN A 241 18.37 -4.89 -16.39
C ASN A 241 19.18 -5.00 -15.10
N GLY A 242 18.50 -5.03 -13.97
CA GLY A 242 19.17 -5.13 -12.68
C GLY A 242 19.98 -3.88 -12.35
N VAL A 243 19.68 -2.78 -13.02
CA VAL A 243 20.37 -1.53 -12.79
C VAL A 243 19.69 -0.71 -11.69
N ALA A 244 20.45 0.11 -11.00
CA ALA A 244 19.93 0.94 -9.92
C ALA A 244 19.29 2.22 -10.48
N PRO A 245 17.95 2.33 -10.42
CA PRO A 245 17.24 3.51 -10.92
C PRO A 245 17.51 4.75 -10.07
N SER A 246 16.95 5.88 -10.49
CA SER A 246 17.13 7.13 -9.77
C SER A 246 15.92 8.04 -9.95
N ARG A 247 15.61 8.38 -11.20
CA ARG A 247 14.47 9.25 -11.49
C ARG A 247 13.61 8.64 -12.59
N ARG A 248 14.25 8.18 -13.66
CA ARG A 248 13.52 7.58 -14.79
C ARG A 248 12.73 6.37 -14.32
N GLY A 249 13.22 5.69 -13.29
CA GLY A 249 12.53 4.52 -12.78
C GLY A 249 11.18 4.85 -12.19
N ASP A 250 11.14 5.86 -11.33
CA ASP A 250 9.89 6.27 -10.68
C ASP A 250 8.97 6.94 -11.69
N LEU A 251 9.54 7.80 -12.54
CA LEU A 251 8.77 8.51 -13.54
C LEU A 251 8.10 7.54 -14.50
N GLU A 252 8.75 6.40 -14.74
CA GLU A 252 8.22 5.39 -15.65
C GLU A 252 6.99 4.72 -15.06
N ILE A 253 7.03 4.47 -13.75
CA ILE A 253 5.91 3.83 -13.06
C ILE A 253 4.69 4.74 -13.04
N LEU A 254 4.94 6.04 -12.91
CA LEU A 254 3.86 7.02 -12.87
C LEU A 254 3.19 7.16 -14.24
N GLY A 255 4.02 7.12 -15.29
CA GLY A 255 3.50 7.25 -16.64
C GLY A 255 2.59 6.10 -17.02
N TYR A 256 2.92 4.90 -16.53
CA TYR A 256 2.12 3.72 -16.81
C TYR A 256 0.87 3.67 -15.95
N CYS A 257 0.94 4.32 -14.78
CA CYS A 257 -0.20 4.36 -13.86
C CYS A 257 -1.37 5.12 -14.48
N MET A 258 -1.04 6.11 -15.30
CA MET A 258 -2.06 6.92 -15.97
C MET A 258 -2.93 6.03 -16.84
N ILE A 259 -2.28 5.25 -17.69
CA ILE A 259 -2.98 4.35 -18.60
C ILE A 259 -3.65 3.20 -17.86
N GLN A 260 -3.09 2.84 -16.70
CA GLN A 260 -3.64 1.75 -15.90
C GLN A 260 -4.91 2.18 -15.16
N TRP A 261 -4.87 3.40 -14.62
CA TRP A 261 -6.00 3.92 -13.86
C TRP A 261 -7.07 4.51 -14.79
N LEU A 262 -6.65 4.94 -15.98
CA LEU A 262 -7.58 5.54 -16.94
C LEU A 262 -8.15 4.50 -17.90
N THR A 263 -7.32 3.55 -18.31
CA THR A 263 -7.75 2.52 -19.24
C THR A 263 -8.18 1.24 -18.51
N GLY A 264 -7.86 1.16 -17.22
CA GLY A 264 -8.24 -0.01 -16.45
C GLY A 264 -7.36 -1.21 -16.75
N HIS A 265 -6.24 -1.32 -16.05
CA HIS A 265 -5.31 -2.41 -16.26
C HIS A 265 -4.68 -2.34 -17.65
N LEU A 266 -3.54 -2.98 -17.82
CA LEU A 266 -2.84 -2.99 -19.09
C LEU A 266 -2.40 -4.41 -19.47
N PRO A 267 -2.12 -4.65 -20.76
CA PRO A 267 -1.69 -5.97 -21.24
C PRO A 267 -0.33 -6.40 -20.69
N TRP A 268 -0.27 -6.61 -19.38
CA TRP A 268 0.96 -7.03 -18.72
C TRP A 268 0.74 -7.16 -17.21
N GLU A 269 -0.03 -6.22 -16.66
CA GLU A 269 -0.33 -6.24 -15.23
C GLU A 269 -1.71 -6.87 -15.00
N ASP A 270 -2.16 -7.66 -15.97
CA ASP A 270 -3.46 -8.32 -15.88
C ASP A 270 -3.44 -9.39 -14.79
N ASN A 271 -2.51 -10.33 -14.90
CA ASN A 271 -2.41 -11.40 -13.92
C ASN A 271 -1.01 -11.47 -13.34
N LEU A 272 -0.01 -11.04 -14.11
CA LEU A 272 1.37 -11.10 -13.69
C LEU A 272 1.84 -12.55 -13.65
N LYS A 273 1.03 -13.42 -14.25
CA LYS A 273 1.36 -14.83 -14.30
C LYS A 273 2.24 -15.12 -15.51
N ASP A 274 2.30 -14.16 -16.43
CA ASP A 274 3.12 -14.31 -17.63
C ASP A 274 3.93 -13.04 -17.89
N PRO A 275 5.22 -13.02 -17.49
CA PRO A 275 6.09 -11.87 -17.68
C PRO A 275 6.70 -11.81 -19.09
N LYS A 276 6.11 -12.56 -20.01
CA LYS A 276 6.59 -12.59 -21.38
C LYS A 276 6.10 -11.36 -22.16
N TYR A 277 4.81 -11.06 -22.04
CA TYR A 277 4.23 -9.93 -22.73
C TYR A 277 4.54 -8.62 -22.00
N VAL A 278 4.75 -8.71 -20.69
CA VAL A 278 5.06 -7.53 -19.89
C VAL A 278 6.36 -6.87 -20.36
N ARG A 279 7.33 -7.68 -20.73
CA ARG A 279 8.62 -7.18 -21.19
C ARG A 279 8.53 -6.62 -22.61
N ASP A 280 7.86 -7.36 -23.49
CA ASP A 280 7.71 -6.93 -24.88
C ASP A 280 6.82 -5.70 -24.98
N SER A 281 5.78 -5.65 -24.15
CA SER A 281 4.85 -4.52 -24.15
C SER A 281 5.53 -3.26 -23.64
N LYS A 282 6.30 -3.39 -22.57
CA LYS A 282 6.99 -2.25 -21.98
C LYS A 282 7.97 -1.62 -22.96
N ILE A 283 8.84 -2.44 -23.54
CA ILE A 283 9.84 -1.96 -24.49
C ILE A 283 9.18 -1.32 -25.70
N ARG A 284 8.02 -1.84 -26.10
CA ARG A 284 7.29 -1.32 -27.24
C ARG A 284 6.49 -0.08 -26.88
N TYR A 285 5.72 -0.16 -25.80
CA TYR A 285 4.90 0.95 -25.34
C TYR A 285 5.76 2.15 -24.96
N ARG A 286 6.93 1.87 -24.37
CA ARG A 286 7.84 2.95 -23.96
C ARG A 286 8.15 3.86 -25.13
N GLU A 287 8.13 3.30 -26.34
CA GLU A 287 8.40 4.06 -27.55
C GLU A 287 7.14 4.19 -28.41
N ASN A 288 5.98 3.99 -27.78
CA ASN A 288 4.71 4.08 -28.50
C ASN A 288 3.69 4.85 -27.66
N ILE A 289 4.14 5.94 -27.02
CA ILE A 289 3.26 6.76 -26.20
C ILE A 289 2.02 7.19 -26.98
N ALA A 290 2.21 7.51 -28.24
CA ALA A 290 1.10 7.94 -29.09
C ALA A 290 0.22 6.76 -29.47
N SER A 291 0.84 5.61 -29.71
CA SER A 291 0.11 4.40 -30.08
C SER A 291 -0.74 3.90 -28.92
N LEU A 292 -0.18 3.96 -27.71
CA LEU A 292 -0.91 3.51 -26.52
C LEU A 292 -1.96 4.53 -26.10
N MET A 293 -1.71 5.79 -26.42
CA MET A 293 -2.65 6.86 -26.09
C MET A 293 -3.96 6.65 -26.82
N ASP A 294 -3.87 6.33 -28.11
CA ASP A 294 -5.06 6.11 -28.93
C ASP A 294 -5.61 4.70 -28.75
N LYS A 295 -4.73 3.76 -28.40
CA LYS A 295 -5.13 2.37 -28.20
C LYS A 295 -5.71 2.16 -26.81
N CYS A 296 -5.19 2.89 -25.83
CA CYS A 296 -5.66 2.76 -24.45
C CYS A 296 -6.75 3.78 -24.14
N PHE A 297 -6.59 5.01 -24.62
CA PHE A 297 -7.57 6.06 -24.38
C PHE A 297 -8.42 6.30 -25.62
N PRO A 298 -9.65 6.82 -25.44
CA PRO A 298 -10.57 7.09 -26.54
C PRO A 298 -9.91 7.96 -27.63
N GLU A 299 -10.38 7.78 -28.86
CA GLU A 299 -9.86 8.54 -29.99
C GLU A 299 -10.65 9.82 -30.22
N LYS A 300 -11.96 9.74 -29.98
CA LYS A 300 -12.84 10.89 -30.16
C LYS A 300 -12.61 11.92 -29.07
N ASN A 301 -12.54 11.46 -27.83
CA ASN A 301 -12.33 12.35 -26.69
C ASN A 301 -10.92 12.93 -26.72
N LYS A 302 -10.78 14.14 -26.19
CA LYS A 302 -9.49 14.82 -26.17
C LYS A 302 -8.58 14.19 -25.12
N PRO A 303 -7.25 14.19 -25.37
CA PRO A 303 -6.27 13.61 -24.45
C PRO A 303 -6.41 14.17 -23.04
N GLY A 304 -5.75 13.53 -22.08
CA GLY A 304 -5.82 13.98 -20.71
C GLY A 304 -4.55 14.67 -20.25
N GLU A 305 -3.81 15.23 -21.22
CA GLU A 305 -2.57 15.93 -20.93
C GLU A 305 -1.49 14.96 -20.45
N ILE A 306 -1.72 13.66 -20.64
CA ILE A 306 -0.76 12.65 -20.24
C ILE A 306 0.36 12.54 -21.27
N ALA A 307 -0.02 12.50 -22.54
CA ALA A 307 0.95 12.40 -23.63
C ALA A 307 2.10 13.38 -23.44
N LYS A 308 1.77 14.61 -23.06
CA LYS A 308 2.78 15.64 -22.83
C LYS A 308 3.76 15.19 -21.76
N TYR A 309 3.23 14.58 -20.70
CA TYR A 309 4.05 14.10 -19.60
C TYR A 309 4.85 12.87 -20.03
N MET A 310 4.20 11.97 -20.75
CA MET A 310 4.84 10.76 -21.23
C MET A 310 6.01 11.10 -22.15
N GLU A 311 5.79 12.09 -23.02
CA GLU A 311 6.82 12.52 -23.96
C GLU A 311 8.07 13.01 -23.20
N THR A 312 7.85 13.90 -22.24
CA THR A 312 8.95 14.44 -21.45
C THR A 312 9.71 13.33 -20.74
N VAL A 313 8.99 12.28 -20.35
CA VAL A 313 9.60 11.15 -19.66
C VAL A 313 10.30 10.22 -20.64
N LYS A 314 9.85 10.25 -21.89
CA LYS A 314 10.41 9.40 -22.93
C LYS A 314 11.68 10.01 -23.54
N LEU A 315 11.67 11.33 -23.72
CA LEU A 315 12.81 12.02 -24.31
C LEU A 315 13.57 12.82 -23.27
N LEU A 316 12.87 13.28 -22.24
CA LEU A 316 13.49 14.07 -21.17
C LEU A 316 14.33 15.20 -21.75
N ASP A 317 15.15 15.83 -20.92
CA ASP A 317 16.00 16.94 -21.35
C ASP A 317 17.40 16.44 -21.66
N TYR A 318 18.24 17.35 -22.17
CA TYR A 318 19.62 17.01 -22.51
C TYR A 318 20.56 17.30 -21.35
N THR A 319 20.67 18.58 -20.99
CA THR A 319 21.52 18.99 -19.89
C THR A 319 20.71 19.31 -18.65
N GLU A 320 19.56 18.66 -18.51
CA GLU A 320 18.68 18.89 -17.37
C GLU A 320 17.93 17.61 -17.00
N LYS A 321 18.58 16.77 -16.20
CA LYS A 321 17.97 15.51 -15.77
C LYS A 321 16.65 15.75 -15.02
N PRO A 322 16.69 16.51 -13.92
CA PRO A 322 15.49 16.80 -13.13
C PRO A 322 14.49 17.66 -13.89
N LEU A 323 13.57 17.01 -14.58
CA LEU A 323 12.55 17.72 -15.36
C LEU A 323 11.20 17.70 -14.63
N TYR A 324 11.25 17.68 -13.30
CA TYR A 324 10.05 17.66 -12.50
C TYR A 324 9.29 18.98 -12.61
N GLU A 325 10.02 20.06 -12.83
CA GLU A 325 9.41 21.39 -12.97
C GLU A 325 8.39 21.41 -14.09
N ASN A 326 8.77 20.86 -15.24
CA ASN A 326 7.87 20.81 -16.39
C ASN A 326 6.77 19.77 -16.20
N LEU A 327 7.15 18.61 -15.70
CA LEU A 327 6.20 17.53 -15.46
C LEU A 327 5.07 17.99 -14.55
N ARG A 328 5.42 18.76 -13.52
CA ARG A 328 4.45 19.28 -12.57
C ARG A 328 3.37 20.11 -13.27
N ASP A 329 3.81 20.92 -14.24
CA ASP A 329 2.89 21.77 -14.99
C ASP A 329 1.99 20.94 -15.91
N ILE A 330 2.56 19.90 -16.50
CA ILE A 330 1.81 19.03 -17.39
C ILE A 330 0.57 18.46 -16.71
N LEU A 331 0.75 17.93 -15.50
CA LEU A 331 -0.36 17.35 -14.75
C LEU A 331 -1.18 18.43 -14.05
N LEU A 332 -0.59 19.59 -13.84
CA LEU A 332 -1.28 20.70 -13.18
C LEU A 332 -2.18 21.44 -14.16
N GLN A 333 -1.61 21.82 -15.31
CA GLN A 333 -2.36 22.54 -16.33
C GLN A 333 -3.59 21.74 -16.77
N GLY A 334 -3.43 20.42 -16.85
CA GLY A 334 -4.53 19.57 -17.26
C GLY A 334 -5.75 19.74 -16.37
N LEU A 335 -5.53 20.12 -15.12
CA LEU A 335 -6.62 20.31 -14.17
C LEU A 335 -7.46 21.52 -14.55
N LYS A 336 -6.79 22.59 -15.01
CA LYS A 336 -7.47 23.81 -15.41
C LYS A 336 -8.30 23.58 -16.68
N ALA A 337 -7.85 22.66 -17.52
CA ALA A 337 -8.54 22.34 -18.75
C ALA A 337 -9.94 21.81 -18.48
N ILE A 338 -10.12 21.17 -17.32
CA ILE A 338 -11.42 20.62 -16.95
C ILE A 338 -12.09 21.48 -15.88
N GLY A 339 -11.28 22.13 -15.04
CA GLY A 339 -11.81 22.96 -13.99
C GLY A 339 -11.53 22.42 -12.60
N SER A 340 -10.44 21.67 -12.48
CA SER A 340 -10.05 21.09 -11.20
C SER A 340 -8.73 21.69 -10.71
N LYS A 341 -8.51 22.97 -11.01
CA LYS A 341 -7.30 23.66 -10.60
C LYS A 341 -7.30 23.91 -9.10
N ASP A 342 -6.77 22.96 -8.35
CA ASP A 342 -6.71 23.09 -6.89
C ASP A 342 -8.10 23.23 -6.30
N ASP A 343 -8.73 22.10 -5.97
CA ASP A 343 -10.06 22.09 -5.39
C ASP A 343 -10.02 21.64 -3.94
N GLY A 344 -9.07 20.77 -3.61
CA GLY A 344 -8.95 20.28 -2.25
C GLY A 344 -9.33 18.82 -2.13
N LYS A 345 -9.17 18.07 -3.22
CA LYS A 345 -9.52 16.66 -3.23
C LYS A 345 -8.72 15.92 -4.30
N LEU A 346 -8.57 14.60 -4.12
CA LEU A 346 -7.83 13.78 -5.08
C LEU A 346 -8.78 13.04 -6.01
N ASP A 347 -9.99 13.56 -6.16
CA ASP A 347 -11.00 12.94 -7.02
C ASP A 347 -11.35 11.53 -6.55
N LEU A 348 -11.21 11.29 -5.25
CA LEU A 348 -11.52 9.98 -4.69
C LEU A 348 -12.24 10.12 -3.36
N SER A 349 -13.53 10.46 -3.41
CA SER A 349 -14.34 10.61 -2.21
C SER A 349 -14.58 9.27 -1.53
N VAL A 350 -14.58 8.21 -2.34
CA VAL A 350 -14.80 6.86 -1.82
C VAL A 350 -16.19 6.72 -1.24
N VAL A 351 -17.14 6.30 -2.09
CA VAL A 351 -18.52 6.12 -1.65
C VAL A 351 -19.12 4.86 -2.26
N GLU A 352 -18.28 3.86 -2.48
CA GLU A 352 -18.73 2.59 -3.05
C GLU A 352 -18.13 1.41 -2.30
N ASN A 353 -18.97 0.47 -1.90
CA ASN A 353 -18.53 -0.71 -1.16
C ASN A 353 -17.73 -1.63 -2.08
N GLY A 354 -16.81 -2.39 -1.47
CA GLY A 354 -15.99 -3.31 -2.25
C GLY A 354 -16.48 -4.74 -2.15
N GLY A 355 -15.95 -5.47 -1.18
CA GLY A 355 -16.34 -6.86 -1.00
C GLY A 355 -15.22 -7.72 -0.45
N LEU A 356 -14.70 -8.62 -1.27
CA LEU A 356 -13.62 -9.50 -0.86
C LEU A 356 -12.35 -9.22 -1.66
N LYS A 357 -11.44 -8.47 -1.04
CA LYS A 357 -10.18 -8.12 -1.69
C LYS A 357 -9.08 -7.92 -0.65
N ALA A 358 -8.22 -8.92 -0.51
CA ALA A 358 -7.11 -8.86 0.43
C ALA A 358 -5.79 -9.17 -0.24
N LYS A 359 -5.70 -10.34 -0.86
CA LYS A 359 -4.48 -10.75 -1.54
C LYS A 359 -4.81 -11.35 -2.91
N THR A 360 -4.21 -10.78 -3.95
CA THR A 360 -4.43 -11.26 -5.32
C THR A 360 -3.14 -11.25 -6.11
N ILE A 361 -2.55 -10.07 -6.26
CA ILE A 361 -1.30 -9.91 -7.00
C ILE A 361 -0.13 -10.50 -6.22
N THR A 362 0.00 -11.82 -6.26
CA THR A 362 1.08 -12.50 -5.56
C THR A 362 1.44 -13.81 -6.25
N LYS A 363 2.73 -14.16 -6.23
CA LYS A 363 3.20 -15.38 -6.86
C LYS A 363 2.99 -16.58 -5.94
N LYS A 364 2.76 -17.74 -6.53
CA LYS A 364 2.55 -18.97 -5.76
C LYS A 364 3.89 -19.57 -5.32
N ARG A 365 4.40 -19.08 -4.19
CA ARG A 365 5.66 -19.58 -3.65
C ARG A 365 5.57 -21.06 -3.32
N LYS A 366 6.66 -21.79 -3.60
CA LYS A 366 6.70 -23.22 -3.32
C LYS A 366 8.13 -23.73 -3.36
N LYS A 367 9.07 -22.88 -2.96
CA LYS A 367 10.48 -23.26 -2.97
C LYS A 367 11.07 -23.16 -1.55
N GLU A 368 11.17 -24.31 -0.88
CA GLU A 368 11.70 -24.35 0.47
C GLU A 368 13.23 -24.26 0.46
N ILE A 369 13.80 -23.86 1.59
CA ILE A 369 15.25 -23.75 1.71
C ILE A 369 15.86 -25.01 2.30
N GLU A 370 17.05 -25.36 1.84
CA GLU A 370 17.74 -26.55 2.32
C GLU A 370 18.79 -26.18 3.38
N GLU A 371 18.51 -25.13 4.14
CA GLU A 371 19.42 -24.66 5.18
C GLU A 371 18.69 -24.50 6.50
N SER A 372 17.67 -25.31 6.73
CA SER A 372 16.89 -25.25 7.95
C SER A 372 17.17 -26.46 8.84
N LYS A 373 17.78 -26.22 9.99
CA LYS A 373 18.10 -27.30 10.92
C LYS A 373 18.25 -26.77 12.34
N GLU A 374 17.45 -25.76 12.67
CA GLU A 374 17.49 -25.15 14.00
C GLU A 374 16.80 -26.05 15.02
N PRO A 375 15.55 -26.45 14.74
CA PRO A 375 14.78 -27.31 15.65
C PRO A 375 15.54 -28.57 16.03
N GLY A 376 16.15 -28.56 17.20
CA GLY A 376 16.90 -29.71 17.67
C GLY A 376 16.00 -30.84 18.13
N VAL A 377 16.61 -31.95 18.53
CA VAL A 377 15.86 -33.11 19.01
C VAL A 377 16.55 -33.76 20.20
N GLU A 378 15.76 -34.35 21.09
CA GLU A 378 16.28 -35.00 22.27
C GLU A 378 16.86 -36.38 21.93
N ASP A 379 16.32 -37.00 20.89
CA ASP A 379 16.78 -38.32 20.46
C ASP A 379 18.28 -38.29 20.16
N THR A 380 18.66 -37.52 19.15
CA THR A 380 20.05 -37.40 18.75
C THR A 380 20.41 -35.97 18.38
N GLU A 381 21.69 -35.73 18.13
CA GLU A 381 22.16 -34.39 17.78
C GLU A 381 23.23 -34.45 16.70
N TRP A 382 24.38 -35.02 17.05
CA TRP A 382 25.49 -35.14 16.11
C TRP A 382 26.48 -36.20 16.59
N SER A 383 27.24 -36.76 15.64
CA SER A 383 28.23 -37.79 15.96
C SER A 383 29.63 -37.19 16.00
N ASN A 384 29.88 -36.21 15.14
CA ASN A 384 31.18 -35.56 15.08
C ASN A 384 31.03 -34.04 15.02
N THR A 385 31.89 -33.35 15.76
CA THR A 385 31.85 -31.89 15.81
C THR A 385 33.18 -31.32 16.28
N GLN A 386 33.74 -30.40 15.50
CA GLN A 386 35.01 -29.78 15.83
C GLN A 386 34.91 -28.26 15.76
N THR A 387 35.37 -27.59 16.81
CA THR A 387 35.34 -26.13 16.87
C THR A 387 36.46 -25.59 17.74
N GLU A 388 36.82 -24.33 17.54
CA GLU A 388 37.88 -23.69 18.30
C GLU A 388 37.64 -22.20 18.44
N GLU A 389 38.19 -21.60 19.50
CA GLU A 389 38.03 -20.18 19.74
C GLU A 389 39.06 -19.68 20.75
N ALA A 390 39.01 -20.22 21.96
CA ALA A 390 39.94 -19.83 23.01
C ALA A 390 39.91 -20.83 24.17
N ILE A 391 38.70 -21.22 24.57
CA ILE A 391 38.54 -22.16 25.67
C ILE A 391 37.42 -23.16 25.37
N GLN A 392 37.31 -24.19 26.21
CA GLN A 392 36.28 -25.21 26.04
C GLN A 392 36.23 -26.14 27.25
N THR A 393 37.41 -26.53 27.73
CA THR A 393 37.49 -27.41 28.89
C THR A 393 38.64 -27.00 29.80
N ARG A 394 38.89 -27.81 30.83
CA ARG A 394 39.96 -27.52 31.78
C ARG A 394 41.30 -28.04 31.27
N SER A 395 42.29 -27.16 31.23
CA SER A 395 43.62 -27.52 30.76
C SER A 395 44.50 -28.00 31.92
N ARG A 396 44.71 -29.31 31.98
CA ARG A 396 45.53 -29.90 33.04
C ARG A 396 46.85 -30.42 32.48
N THR A 397 47.91 -30.29 33.27
CA THR A 397 49.23 -30.74 32.85
C THR A 397 49.71 -30.00 31.60
N ARG A 398 50.76 -29.21 31.75
CA ARG A 398 51.31 -28.45 30.64
C ARG A 398 52.80 -28.20 30.83
N LYS A 399 53.16 -27.61 31.96
CA LYS A 399 54.56 -27.32 32.26
C LYS A 399 55.36 -28.61 32.42
N ARG A 400 56.67 -28.51 32.26
CA ARG A 400 57.55 -29.66 32.39
C ARG A 400 58.84 -29.29 33.11
N VAL A 401 59.54 -30.31 33.62
CA VAL A 401 60.79 -30.09 34.33
C VAL A 401 61.99 -30.20 33.40
N GLN A 402 61.86 -31.05 32.38
CA GLN A 402 62.94 -31.24 31.41
C GLN A 402 62.77 -30.31 30.22
N LYS A 403 63.22 -29.07 30.37
CA LYS A 403 63.12 -28.08 29.30
C LYS A 403 64.03 -28.45 28.14
N GLY A 1 -29.71 -9.34 12.15
CA GLY A 1 -30.67 -9.92 13.14
C GLY A 1 -31.99 -9.17 13.16
N SER A 2 -32.07 -8.16 14.03
CA SER A 2 -33.28 -7.36 14.16
C SER A 2 -32.95 -5.95 14.62
N SER A 3 -33.93 -5.05 14.51
CA SER A 3 -33.75 -3.66 14.92
C SER A 3 -34.56 -3.35 16.17
N GLY A 4 -34.14 -2.32 16.89
CA GLY A 4 -34.85 -1.93 18.10
C GLY A 4 -34.71 -2.97 19.20
N SER A 5 -33.85 -2.68 20.18
CA SER A 5 -33.63 -3.59 21.30
C SER A 5 -34.82 -3.56 22.27
N SER A 6 -35.70 -4.54 22.14
CA SER A 6 -36.87 -4.63 23.00
C SER A 6 -37.24 -6.09 23.27
N GLY A 7 -37.34 -6.87 22.20
CA GLY A 7 -37.68 -8.28 22.34
C GLY A 7 -36.56 -9.09 22.95
N MET A 8 -35.33 -8.65 22.71
CA MET A 8 -34.15 -9.35 23.23
C MET A 8 -33.84 -8.89 24.66
N PRO A 9 -33.12 -9.73 25.43
CA PRO A 9 -32.74 -9.40 26.81
C PRO A 9 -31.72 -8.28 26.89
N ARG A 10 -31.65 -7.62 28.03
CA ARG A 10 -30.70 -6.52 28.23
C ARG A 10 -29.70 -6.87 29.33
N VAL A 11 -28.51 -7.33 28.92
CA VAL A 11 -27.47 -7.70 29.87
C VAL A 11 -27.92 -8.84 30.77
N LYS A 12 -27.20 -9.96 30.68
CA LYS A 12 -27.52 -11.13 31.49
C LYS A 12 -27.17 -10.90 32.95
N ALA A 13 -25.91 -10.53 33.20
CA ALA A 13 -25.45 -10.28 34.56
C ALA A 13 -24.74 -8.94 34.65
N ALA A 14 -23.51 -8.88 34.12
CA ALA A 14 -22.73 -7.66 34.15
C ALA A 14 -21.44 -7.81 33.32
N GLN A 15 -20.75 -8.92 33.53
CA GLN A 15 -19.51 -9.19 32.80
C GLN A 15 -19.69 -10.37 31.85
N ALA A 16 -20.88 -10.47 31.26
CA ALA A 16 -21.17 -11.56 30.32
C ALA A 16 -20.23 -11.51 29.12
N GLY A 17 -19.80 -10.30 28.76
CA GLY A 17 -18.90 -10.15 27.63
C GLY A 17 -17.55 -9.59 28.04
N ARG A 18 -17.01 -10.10 29.14
CA ARG A 18 -15.71 -9.65 29.63
C ARG A 18 -15.05 -10.73 30.47
N GLN A 19 -13.80 -10.47 30.88
CA GLN A 19 -13.06 -11.42 31.68
C GLN A 19 -11.82 -10.77 32.29
N SER A 20 -11.08 -11.53 33.09
CA SER A 20 -9.86 -11.03 33.73
C SER A 20 -8.63 -11.73 33.19
N SER A 21 -7.91 -11.06 32.30
CA SER A 21 -6.70 -11.62 31.71
C SER A 21 -5.46 -10.85 32.17
N ALA A 22 -4.33 -11.55 32.24
CA ALA A 22 -3.08 -10.94 32.66
C ALA A 22 -1.89 -11.83 32.33
N LYS A 23 -1.90 -13.05 32.88
CA LYS A 23 -0.82 -14.00 32.64
C LYS A 23 -1.13 -14.89 31.44
N ARG A 24 -2.42 -15.20 31.25
CA ARG A 24 -2.85 -16.04 30.15
C ARG A 24 -2.64 -15.33 28.81
N HIS A 25 -1.76 -15.91 27.98
CA HIS A 25 -1.47 -15.33 26.67
C HIS A 25 -2.28 -16.03 25.58
N LEU A 26 -2.59 -15.30 24.52
CA LEU A 26 -3.36 -15.84 23.41
C LEU A 26 -2.44 -16.31 22.28
N ALA A 27 -1.17 -16.56 22.61
CA ALA A 27 -0.20 -17.02 21.62
C ALA A 27 -0.17 -16.10 20.41
N GLU A 28 0.64 -15.05 20.47
CA GLU A 28 0.75 -14.10 19.37
C GLU A 28 -0.60 -13.43 19.09
N GLN A 29 -0.70 -12.77 17.94
CA GLN A 29 -1.93 -12.09 17.56
C GLN A 29 -2.24 -10.95 18.53
N PHE A 30 -1.90 -9.74 18.14
CA PHE A 30 -2.16 -8.56 18.98
C PHE A 30 -3.64 -8.41 19.26
N ALA A 31 -4.09 -8.97 20.38
CA ALA A 31 -5.49 -8.89 20.78
C ALA A 31 -5.93 -7.44 20.94
N VAL A 32 -7.14 -7.27 21.48
CA VAL A 32 -7.69 -5.93 21.70
C VAL A 32 -7.57 -5.53 23.16
N GLY A 33 -6.77 -4.50 23.43
CA GLY A 33 -6.59 -4.03 24.79
C GLY A 33 -5.19 -4.29 25.31
N GLU A 34 -4.53 -5.30 24.76
CA GLU A 34 -3.16 -5.64 25.18
C GLU A 34 -2.23 -4.45 24.99
N ILE A 35 -1.24 -4.35 25.88
CA ILE A 35 -0.27 -3.27 25.82
C ILE A 35 1.05 -3.74 25.21
N ILE A 36 1.61 -2.93 24.31
CA ILE A 36 2.87 -3.26 23.67
C ILE A 36 3.92 -2.21 23.96
N THR A 37 5.18 -2.63 24.03
CA THR A 37 6.28 -1.72 24.30
C THR A 37 6.94 -1.25 23.01
N ASP A 38 7.32 0.02 22.99
CA ASP A 38 7.97 0.61 21.82
C ASP A 38 9.47 0.28 21.86
N MET A 39 10.31 1.22 21.44
CA MET A 39 11.75 1.01 21.47
C MET A 39 12.26 1.09 22.90
N ALA A 40 11.68 0.26 23.77
CA ALA A 40 12.07 0.24 25.18
C ALA A 40 11.93 1.61 25.79
N LYS A 41 10.91 2.36 25.36
CA LYS A 41 10.70 3.71 25.89
C LYS A 41 9.24 4.15 25.81
N LYS A 42 8.32 3.18 25.65
CA LYS A 42 6.90 3.50 25.57
C LYS A 42 6.04 2.27 25.79
N GLU A 43 4.73 2.48 25.84
CA GLU A 43 3.77 1.39 26.05
C GLU A 43 2.44 1.72 25.37
N TRP A 44 2.31 1.32 24.12
CA TRP A 44 1.09 1.58 23.35
C TRP A 44 0.13 0.39 23.42
N LYS A 45 -1.16 0.68 23.55
CA LYS A 45 -2.17 -0.36 23.63
C LYS A 45 -2.74 -0.67 22.24
N VAL A 46 -2.87 -1.96 21.93
CA VAL A 46 -3.40 -2.38 20.64
C VAL A 46 -4.93 -2.48 20.68
N GLY A 47 -5.56 -2.02 19.61
CA GLY A 47 -7.01 -2.06 19.53
C GLY A 47 -7.52 -3.21 18.68
N LEU A 48 -8.23 -2.88 17.61
CA LEU A 48 -8.77 -3.89 16.71
C LEU A 48 -8.15 -3.79 15.32
N PRO A 49 -8.12 -4.89 14.57
CA PRO A 49 -7.55 -4.92 13.22
C PRO A 49 -8.27 -3.98 12.26
N ILE A 50 -7.69 -3.80 11.08
CA ILE A 50 -8.28 -2.92 10.07
C ILE A 50 -8.08 -3.47 8.67
N GLY A 51 -8.15 -4.79 8.54
CA GLY A 51 -7.96 -5.41 7.24
C GLY A 51 -8.00 -6.93 7.33
N GLN A 52 -8.48 -7.56 6.26
CA GLN A 52 -8.55 -9.02 6.21
C GLN A 52 -7.53 -9.59 5.23
N GLY A 53 -6.83 -10.63 5.66
CA GLY A 53 -5.83 -11.25 4.81
C GLY A 53 -4.98 -12.26 5.56
N GLY A 54 -3.68 -12.04 5.56
CA GLY A 54 -2.78 -12.96 6.25
C GLY A 54 -1.32 -12.64 5.98
N PHE A 55 -0.87 -11.48 6.46
CA PHE A 55 0.52 -11.07 6.27
C PHE A 55 1.32 -11.24 7.55
N GLY A 56 0.80 -10.71 8.65
CA GLY A 56 1.48 -10.80 9.92
C GLY A 56 0.59 -10.43 11.09
N CYS A 57 0.57 -9.15 11.43
CA CYS A 57 -0.25 -8.66 12.54
C CYS A 57 -0.41 -7.15 12.47
N ILE A 58 -1.50 -6.70 11.85
CA ILE A 58 -1.77 -5.27 11.72
C ILE A 58 -3.01 -4.86 12.50
N TYR A 59 -2.83 -3.93 13.44
CA TYR A 59 -3.94 -3.45 14.26
C TYR A 59 -3.76 -1.98 14.61
N LEU A 60 -4.80 -1.39 15.21
CA LEU A 60 -4.76 0.02 15.59
C LEU A 60 -3.92 0.21 16.86
N ALA A 61 -3.41 1.43 17.04
CA ALA A 61 -2.60 1.74 18.20
C ALA A 61 -3.15 2.96 18.94
N ASP A 62 -3.08 2.92 20.28
CA ASP A 62 -3.57 4.01 21.10
C ASP A 62 -2.54 4.40 22.16
N MET A 63 -2.67 5.62 22.69
CA MET A 63 -1.76 6.10 23.72
C MET A 63 -2.37 5.96 25.10
N ASN A 64 -3.08 4.86 25.32
CA ASN A 64 -3.72 4.61 26.60
C ASN A 64 -4.76 5.69 26.93
N SER A 65 -5.98 5.48 26.47
CA SER A 65 -7.06 6.44 26.70
C SER A 65 -7.36 6.55 28.19
N SER A 66 -7.91 5.48 28.77
CA SER A 66 -8.25 5.45 30.18
C SER A 66 -8.74 4.07 30.60
N GLU A 67 -9.71 3.54 29.85
CA GLU A 67 -10.27 2.23 30.15
C GLU A 67 -9.89 1.22 29.06
N SER A 68 -10.03 1.62 27.81
CA SER A 68 -9.70 0.75 26.68
C SER A 68 -9.69 1.53 25.37
N VAL A 69 -9.37 0.85 24.28
CA VAL A 69 -9.32 1.48 22.97
C VAL A 69 -10.64 1.30 22.23
N GLY A 70 -11.26 2.41 21.84
CA GLY A 70 -12.52 2.35 21.12
C GLY A 70 -12.36 1.85 19.70
N SER A 71 -13.25 2.28 18.83
CA SER A 71 -13.22 1.86 17.42
C SER A 71 -12.77 3.01 16.52
N ASP A 72 -11.92 3.88 17.06
CA ASP A 72 -11.42 5.02 16.31
C ASP A 72 -10.09 5.52 16.88
N ALA A 73 -9.01 4.83 16.53
CA ALA A 73 -7.68 5.21 17.01
C ALA A 73 -6.88 5.90 15.92
N PRO A 74 -6.16 6.99 16.25
CA PRO A 74 -5.36 7.74 15.29
C PRO A 74 -3.94 7.20 15.16
N CYS A 75 -3.79 5.89 15.31
CA CYS A 75 -2.47 5.26 15.21
C CYS A 75 -2.59 3.83 14.67
N VAL A 76 -1.57 3.40 13.94
CA VAL A 76 -1.55 2.05 13.38
C VAL A 76 -0.19 1.40 13.60
N VAL A 77 -0.19 0.09 13.82
CA VAL A 77 1.05 -0.64 14.06
C VAL A 77 1.08 -1.95 13.26
N LYS A 78 2.21 -2.19 12.59
CA LYS A 78 2.37 -3.40 11.79
C LYS A 78 3.39 -4.34 12.46
N VAL A 79 2.94 -5.55 12.78
CA VAL A 79 3.81 -6.53 13.43
C VAL A 79 4.09 -7.71 12.51
N GLU A 80 5.27 -8.30 12.66
CA GLU A 80 5.66 -9.46 11.85
C GLU A 80 6.25 -10.56 12.73
N PRO A 81 6.08 -11.83 12.32
CA PRO A 81 6.61 -12.97 13.08
C PRO A 81 8.13 -13.05 13.03
N SER A 82 8.79 -12.25 13.87
CA SER A 82 10.25 -12.24 13.92
C SER A 82 10.84 -11.92 12.56
N ASP A 83 12.15 -12.11 12.42
CA ASP A 83 12.84 -11.85 11.16
C ASP A 83 12.72 -10.38 10.78
N ASN A 84 13.54 -9.95 9.82
CA ASN A 84 13.53 -8.57 9.36
C ASN A 84 13.30 -8.50 7.85
N GLY A 85 12.36 -7.66 7.43
CA GLY A 85 12.06 -7.52 6.02
C GLY A 85 11.29 -6.25 5.71
N PRO A 86 10.01 -6.37 5.31
CA PRO A 86 9.17 -5.22 4.99
C PRO A 86 9.12 -4.21 6.14
N LEU A 87 9.10 -4.72 7.36
CA LEU A 87 9.05 -3.86 8.54
C LEU A 87 10.35 -3.07 8.70
N PHE A 88 11.47 -3.75 8.54
CA PHE A 88 12.78 -3.10 8.65
C PHE A 88 13.01 -2.12 7.51
N THR A 89 12.71 -2.56 6.29
CA THR A 89 12.87 -1.72 5.11
C THR A 89 12.06 -0.44 5.23
N GLU A 90 10.82 -0.57 5.68
CA GLU A 90 9.93 0.57 5.85
C GLU A 90 10.42 1.47 6.99
N LEU A 91 10.90 0.85 8.06
CA LEU A 91 11.39 1.59 9.21
C LEU A 91 12.67 2.36 8.86
N LYS A 92 13.60 1.68 8.20
CA LYS A 92 14.87 2.29 7.80
C LYS A 92 14.63 3.53 6.95
N PHE A 93 13.65 3.45 6.05
CA PHE A 93 13.31 4.57 5.17
C PHE A 93 12.45 5.60 5.91
N TYR A 94 11.67 5.12 6.87
CA TYR A 94 10.80 5.99 7.64
C TYR A 94 11.59 6.95 8.53
N GLN A 95 12.50 6.37 9.33
CA GLN A 95 13.31 7.17 10.23
C GLN A 95 14.43 7.90 9.49
N ARG A 96 14.75 7.43 8.28
CA ARG A 96 15.80 8.05 7.48
C ARG A 96 15.41 9.45 7.05
N ALA A 97 14.19 9.60 6.53
CA ALA A 97 13.72 10.91 6.07
C ALA A 97 12.26 11.14 6.45
N ALA A 98 11.46 10.08 6.41
CA ALA A 98 10.04 10.18 6.73
C ALA A 98 9.82 10.69 8.15
N LYS A 99 10.85 10.64 8.98
CA LYS A 99 10.75 11.10 10.36
C LYS A 99 10.17 12.52 10.42
N PRO A 100 9.08 12.72 11.18
CA PRO A 100 8.44 14.03 11.31
C PRO A 100 9.42 15.13 11.67
N GLU A 101 10.53 14.76 12.30
CA GLU A 101 11.55 15.72 12.70
C GLU A 101 12.19 16.38 11.48
N GLN A 102 12.51 15.59 10.47
CA GLN A 102 13.13 16.09 9.24
C GLN A 102 12.09 16.72 8.32
N ILE A 103 10.95 16.05 8.17
CA ILE A 103 9.89 16.55 7.31
C ILE A 103 9.47 17.97 7.69
N GLN A 104 9.06 18.15 8.94
CA GLN A 104 8.64 19.46 9.43
C GLN A 104 9.69 20.51 9.15
N LYS A 105 10.96 20.16 9.34
CA LYS A 105 12.06 21.09 9.10
C LYS A 105 12.03 21.61 7.68
N TRP A 106 11.72 20.73 6.72
CA TRP A 106 11.67 21.11 5.32
C TRP A 106 10.38 21.88 5.00
N ILE A 107 9.26 21.39 5.51
CA ILE A 107 7.97 22.02 5.29
C ILE A 107 7.94 23.44 5.88
N ARG A 108 8.55 23.60 7.05
CA ARG A 108 8.57 24.89 7.72
C ARG A 108 9.56 25.84 7.05
N THR A 109 10.60 25.29 6.42
CA THR A 109 11.61 26.10 5.75
C THR A 109 11.14 26.56 4.37
N ARG A 110 10.40 25.69 3.68
CA ARG A 110 9.90 26.02 2.35
C ARG A 110 8.41 26.33 2.38
N LYS A 111 7.80 26.19 3.55
CA LYS A 111 6.37 26.44 3.70
C LYS A 111 5.56 25.56 2.76
N LEU A 112 6.09 24.38 2.46
CA LEU A 112 5.42 23.43 1.57
C LEU A 112 3.96 23.26 1.96
N LYS A 113 3.70 23.19 3.27
CA LYS A 113 2.34 23.02 3.78
C LYS A 113 1.79 21.63 3.47
N TYR A 114 2.66 20.75 2.95
CA TYR A 114 2.25 19.39 2.62
C TYR A 114 3.39 18.65 1.91
N LEU A 115 3.31 17.32 1.88
CA LEU A 115 4.34 16.51 1.24
C LEU A 115 3.76 15.18 0.78
N GLY A 116 3.24 14.40 1.72
CA GLY A 116 2.66 13.11 1.37
C GLY A 116 3.42 11.94 1.98
N VAL A 117 4.49 12.23 2.72
CA VAL A 117 5.28 11.18 3.35
C VAL A 117 4.66 10.74 4.68
N PRO A 118 4.59 9.42 4.94
CA PRO A 118 4.02 8.88 6.17
C PRO A 118 4.70 9.42 7.41
N LYS A 119 3.91 9.66 8.46
CA LYS A 119 4.43 10.19 9.71
C LYS A 119 4.87 9.05 10.64
N TYR A 120 6.17 8.99 10.93
CA TYR A 120 6.72 7.97 11.80
C TYR A 120 6.71 8.45 13.26
N TRP A 121 6.27 7.58 14.16
CA TRP A 121 6.22 7.93 15.58
C TRP A 121 7.23 7.11 16.39
N GLY A 122 7.36 5.83 16.06
CA GLY A 122 8.29 4.97 16.76
C GLY A 122 8.18 3.52 16.36
N SER A 123 8.92 2.66 17.04
CA SER A 123 8.91 1.23 16.76
C SER A 123 8.87 0.44 18.07
N GLY A 124 8.32 -0.77 18.02
CA GLY A 124 8.24 -1.58 19.22
C GLY A 124 8.72 -3.00 19.02
N LEU A 125 8.91 -3.71 20.12
CA LEU A 125 9.37 -5.09 20.09
C LEU A 125 8.77 -5.89 21.25
N HIS A 126 8.28 -7.09 20.93
CA HIS A 126 7.69 -7.95 21.94
C HIS A 126 8.10 -9.41 21.74
N ASP A 127 8.46 -10.07 22.84
CA ASP A 127 8.87 -11.47 22.79
C ASP A 127 7.81 -12.38 23.40
N LYS A 128 7.53 -13.48 22.71
CA LYS A 128 6.52 -14.43 23.19
C LYS A 128 7.00 -15.87 23.00
N ASN A 129 6.97 -16.63 24.09
CA ASN A 129 7.40 -18.02 24.05
C ASN A 129 8.86 -18.15 23.59
N GLY A 130 9.60 -17.05 23.66
CA GLY A 130 10.99 -17.07 23.25
C GLY A 130 11.20 -16.49 21.86
N LYS A 131 10.11 -16.19 21.16
CA LYS A 131 10.19 -15.62 19.82
C LYS A 131 10.08 -14.11 19.86
N SER A 132 11.03 -13.44 19.21
CA SER A 132 11.04 -11.98 19.18
C SER A 132 10.27 -11.45 17.98
N TYR A 133 9.36 -10.50 18.23
CA TYR A 133 8.56 -9.91 17.17
C TYR A 133 8.87 -8.43 17.03
N ARG A 134 9.01 -7.98 15.78
CA ARG A 134 9.31 -6.58 15.51
C ARG A 134 8.16 -5.90 14.78
N PHE A 135 7.68 -4.80 15.34
CA PHE A 135 6.58 -4.05 14.73
C PHE A 135 6.87 -2.56 14.74
N MET A 136 6.19 -1.82 13.87
CA MET A 136 6.38 -0.38 13.77
C MET A 136 5.05 0.36 13.85
N ILE A 137 5.05 1.50 14.53
CA ILE A 137 3.84 2.29 14.69
C ILE A 137 3.95 3.61 13.92
N MET A 138 3.15 3.73 12.87
CA MET A 138 3.16 4.93 12.04
C MET A 138 1.78 5.57 11.96
N ASP A 139 1.70 6.74 11.35
CA ASP A 139 0.44 7.46 11.21
C ASP A 139 -0.66 6.56 10.64
N ARG A 140 -1.85 6.65 11.22
CA ARG A 140 -2.98 5.84 10.79
C ARG A 140 -3.27 6.05 9.31
N PHE A 141 -4.20 5.25 8.77
CA PHE A 141 -4.57 5.35 7.37
C PHE A 141 -6.03 4.93 7.17
N GLY A 142 -6.61 5.30 6.04
CA GLY A 142 -7.98 4.96 5.76
C GLY A 142 -8.11 3.68 4.96
N SER A 143 -8.00 3.80 3.65
CA SER A 143 -8.10 2.64 2.76
C SER A 143 -7.25 2.86 1.50
N ASP A 144 -6.38 1.89 1.21
CA ASP A 144 -5.53 1.97 0.04
C ASP A 144 -6.32 2.32 -1.21
N LEU A 145 -5.63 2.83 -2.23
CA LEU A 145 -6.30 3.21 -3.47
C LEU A 145 -6.80 1.97 -4.20
N GLN A 146 -6.22 0.81 -3.90
CA GLN A 146 -6.63 -0.43 -4.55
C GLN A 146 -8.13 -0.62 -4.44
N LYS A 147 -8.70 -0.16 -3.33
CA LYS A 147 -10.14 -0.24 -3.11
C LYS A 147 -10.85 0.81 -3.95
N ILE A 148 -10.15 1.92 -4.19
CA ILE A 148 -10.68 3.03 -4.97
C ILE A 148 -10.69 2.66 -6.46
N TYR A 149 -9.75 1.82 -6.86
CA TYR A 149 -9.64 1.38 -8.24
C TYR A 149 -10.92 0.68 -8.69
N GLU A 150 -11.37 -0.28 -7.89
CA GLU A 150 -12.60 -1.03 -8.18
C GLU A 150 -13.83 -0.17 -7.93
N ALA A 151 -13.70 0.79 -7.02
CA ALA A 151 -14.80 1.68 -6.69
C ALA A 151 -15.17 2.58 -7.86
N ASN A 152 -14.24 2.75 -8.80
CA ASN A 152 -14.48 3.59 -9.97
C ASN A 152 -14.88 2.74 -11.18
N ALA A 153 -15.25 1.49 -10.93
CA ALA A 153 -15.65 0.55 -11.97
C ALA A 153 -14.45 -0.17 -12.55
N LYS A 154 -13.60 -0.67 -11.66
CA LYS A 154 -12.40 -1.38 -12.06
C LYS A 154 -11.49 -0.45 -12.87
N ARG A 155 -11.68 0.85 -12.73
CA ARG A 155 -10.88 1.83 -13.45
C ARG A 155 -11.11 3.24 -12.91
N PHE A 156 -10.03 3.89 -12.50
CA PHE A 156 -10.11 5.25 -11.97
C PHE A 156 -10.70 6.20 -13.00
N SER A 157 -10.70 7.49 -12.67
CA SER A 157 -11.23 8.51 -13.56
C SER A 157 -10.14 9.52 -13.93
N ARG A 158 -10.28 10.14 -15.10
CA ARG A 158 -9.30 11.13 -15.56
C ARG A 158 -9.09 12.23 -14.52
N LYS A 159 -10.12 12.47 -13.71
CA LYS A 159 -10.05 13.50 -12.68
C LYS A 159 -9.19 13.04 -11.51
N THR A 160 -9.37 11.79 -11.11
CA THR A 160 -8.62 11.24 -9.98
C THR A 160 -7.17 10.95 -10.39
N VAL A 161 -6.98 10.35 -11.56
CA VAL A 161 -5.65 10.03 -12.04
C VAL A 161 -4.76 11.27 -12.09
N LEU A 162 -5.24 12.31 -12.77
CA LEU A 162 -4.50 13.55 -12.89
C LEU A 162 -4.19 14.14 -11.51
N GLN A 163 -5.21 14.20 -10.65
CA GLN A 163 -5.04 14.73 -9.31
C GLN A 163 -4.07 13.88 -8.50
N LEU A 164 -4.34 12.58 -8.44
CA LEU A 164 -3.49 11.66 -7.69
C LEU A 164 -2.06 11.68 -8.23
N SER A 165 -1.93 11.75 -9.54
CA SER A 165 -0.62 11.77 -10.17
C SER A 165 0.19 12.98 -9.68
N LEU A 166 -0.50 14.09 -9.47
CA LEU A 166 0.15 15.31 -8.99
C LEU A 166 0.65 15.14 -7.57
N ARG A 167 -0.20 14.55 -6.72
CA ARG A 167 0.15 14.32 -5.32
C ARG A 167 1.39 13.43 -5.22
N ILE A 168 1.43 12.39 -6.04
CA ILE A 168 2.56 11.47 -6.05
C ILE A 168 3.85 12.17 -6.47
N LEU A 169 3.72 13.09 -7.41
CA LEU A 169 4.87 13.84 -7.90
C LEU A 169 5.50 14.65 -6.78
N ASP A 170 4.66 15.21 -5.91
CA ASP A 170 5.13 16.02 -4.79
C ASP A 170 6.01 15.18 -3.87
N ILE A 171 5.60 13.94 -3.64
CA ILE A 171 6.35 13.03 -2.78
C ILE A 171 7.60 12.53 -3.49
N LEU A 172 7.44 12.18 -4.76
CA LEU A 172 8.57 11.68 -5.56
C LEU A 172 9.72 12.67 -5.56
N GLU A 173 9.38 13.96 -5.67
CA GLU A 173 10.39 15.01 -5.68
C GLU A 173 11.13 15.07 -4.35
N TYR A 174 10.38 14.87 -3.27
CA TYR A 174 10.96 14.89 -1.92
C TYR A 174 11.94 13.74 -1.74
N ILE A 175 11.47 12.52 -2.01
CA ILE A 175 12.30 11.33 -1.87
C ILE A 175 13.44 11.34 -2.87
N HIS A 176 13.23 12.02 -4.00
CA HIS A 176 14.26 12.12 -5.04
C HIS A 176 15.33 13.11 -4.64
N GLU A 177 14.90 14.22 -4.03
CA GLU A 177 15.83 15.25 -3.59
C GLU A 177 16.65 14.79 -2.38
N HIS A 178 16.22 13.68 -1.77
CA HIS A 178 16.90 13.13 -0.62
C HIS A 178 17.71 11.89 -1.00
N GLU A 179 17.74 11.58 -2.29
CA GLU A 179 18.48 10.43 -2.80
C GLU A 179 17.79 9.13 -2.39
N TYR A 180 16.48 9.07 -2.58
CA TYR A 180 15.70 7.88 -2.22
C TYR A 180 14.76 7.48 -3.36
N VAL A 181 14.85 6.22 -3.78
CA VAL A 181 14.00 5.71 -4.84
C VAL A 181 13.39 4.37 -4.47
N HIS A 182 12.44 3.92 -5.27
CA HIS A 182 11.77 2.64 -5.02
C HIS A 182 11.05 2.14 -6.27
N GLY A 183 10.29 3.02 -6.91
CA GLY A 183 9.56 2.64 -8.10
C GLY A 183 8.52 1.58 -7.83
N ASP A 184 7.57 1.91 -6.95
CA ASP A 184 6.50 0.96 -6.60
C ASP A 184 5.18 1.69 -6.37
N ILE A 185 5.00 2.82 -7.07
CA ILE A 185 3.78 3.61 -6.94
C ILE A 185 2.57 2.82 -7.44
N LYS A 186 1.76 2.33 -6.51
CA LYS A 186 0.57 1.56 -6.87
C LYS A 186 -0.54 1.75 -5.83
N ALA A 187 -1.74 1.29 -6.17
CA ALA A 187 -2.89 1.40 -5.27
C ALA A 187 -2.75 0.50 -4.05
N SER A 188 -1.65 -0.25 -3.97
CA SER A 188 -1.41 -1.15 -2.85
C SER A 188 -0.38 -0.54 -1.89
N ASN A 189 0.15 0.62 -2.27
CA ASN A 189 1.13 1.32 -1.45
C ASN A 189 0.66 2.75 -1.18
N LEU A 190 -0.45 3.15 -1.80
CA LEU A 190 -1.00 4.48 -1.61
C LEU A 190 -2.28 4.42 -0.80
N LEU A 191 -2.23 4.98 0.41
CA LEU A 191 -3.38 4.98 1.31
C LEU A 191 -3.80 6.40 1.68
N LEU A 192 -5.09 6.58 1.94
CA LEU A 192 -5.62 7.90 2.28
C LEU A 192 -5.59 8.12 3.79
N ASN A 193 -5.43 9.39 4.19
CA ASN A 193 -5.38 9.73 5.60
C ASN A 193 -6.71 9.36 6.28
N TYR A 194 -6.61 8.66 7.41
CA TYR A 194 -7.80 8.25 8.16
C TYR A 194 -8.52 9.46 8.74
N LYS A 195 -7.89 10.11 9.70
CA LYS A 195 -8.48 11.29 10.34
C LYS A 195 -8.51 12.47 9.37
N ASN A 196 -7.66 12.42 8.36
CA ASN A 196 -7.60 13.49 7.37
C ASN A 196 -7.93 12.96 5.98
N PRO A 197 -9.19 12.54 5.76
CA PRO A 197 -9.62 12.00 4.46
C PRO A 197 -9.62 13.07 3.37
N ASP A 198 -8.55 13.11 2.59
CA ASP A 198 -8.42 14.08 1.51
C ASP A 198 -7.20 13.80 0.64
N GLN A 199 -6.11 13.39 1.29
CA GLN A 199 -4.87 13.09 0.57
C GLN A 199 -4.51 11.61 0.70
N VAL A 200 -3.46 11.20 0.00
CA VAL A 200 -3.01 9.82 0.03
C VAL A 200 -1.50 9.74 0.22
N TYR A 201 -1.06 8.85 1.09
CA TYR A 201 0.36 8.68 1.38
C TYR A 201 0.90 7.39 0.77
N LEU A 202 2.21 7.36 0.54
CA LEU A 202 2.85 6.19 -0.04
C LEU A 202 3.60 5.40 1.05
N VAL A 203 3.16 4.18 1.29
CA VAL A 203 3.78 3.33 2.29
C VAL A 203 4.42 2.09 1.66
N ASP A 204 5.40 1.52 2.35
CA ASP A 204 6.09 0.34 1.85
C ASP A 204 6.68 0.59 0.47
N TYR A 205 7.95 1.00 0.44
CA TYR A 205 8.62 1.28 -0.82
C TYR A 205 9.10 -0.01 -1.50
N GLY A 206 9.06 -1.11 -0.75
CA GLY A 206 9.48 -2.39 -1.29
C GLY A 206 10.89 -2.36 -1.82
N LEU A 207 11.71 -1.45 -1.29
CA LEU A 207 13.10 -1.32 -1.72
C LEU A 207 13.83 -0.26 -0.90
N ALA A 208 13.35 0.98 -1.00
CA ALA A 208 13.97 2.09 -0.27
C ALA A 208 15.49 2.04 -0.36
N TYR A 209 16.04 2.56 -1.45
CA TYR A 209 17.49 2.56 -1.65
C TYR A 209 17.94 3.86 -2.32
N ARG A 210 19.16 4.28 -1.99
CA ARG A 210 19.72 5.50 -2.56
C ARG A 210 20.33 5.24 -3.93
N TYR A 211 19.53 5.48 -4.97
CA TYR A 211 19.98 5.27 -6.35
C TYR A 211 21.34 5.92 -6.59
N CYS A 212 21.48 7.16 -6.13
CA CYS A 212 22.74 7.89 -6.30
C CYS A 212 23.00 8.80 -5.10
N PRO A 213 23.65 8.27 -4.05
CA PRO A 213 23.97 9.04 -2.84
C PRO A 213 24.68 10.35 -3.16
N GLU A 214 25.57 10.31 -4.14
CA GLU A 214 26.32 11.50 -4.54
C GLU A 214 27.15 11.23 -5.79
N GLY A 215 27.79 10.06 -5.82
CA GLY A 215 28.60 9.70 -6.97
C GLY A 215 29.37 8.41 -6.75
N VAL A 216 30.16 8.36 -5.67
CA VAL A 216 30.95 7.18 -5.35
C VAL A 216 32.07 6.98 -6.36
N HIS A 217 31.71 6.66 -7.59
CA HIS A 217 32.69 6.43 -8.65
C HIS A 217 32.04 6.56 -10.03
N LYS A 218 30.93 5.85 -10.21
CA LYS A 218 30.21 5.88 -11.49
C LYS A 218 28.75 6.22 -11.28
N GLU A 219 27.99 6.25 -12.37
CA GLU A 219 26.57 6.58 -12.30
C GLU A 219 25.72 5.43 -12.85
N TYR A 220 26.18 4.85 -13.96
CA TYR A 220 25.47 3.75 -14.59
C TYR A 220 26.02 2.40 -14.12
N LYS A 221 25.19 1.37 -14.16
CA LYS A 221 25.58 0.04 -13.74
C LYS A 221 25.37 -0.97 -14.86
N GLU A 222 24.12 -1.12 -15.28
CA GLU A 222 23.76 -2.04 -16.35
C GLU A 222 24.12 -3.48 -15.96
N ASP A 223 23.86 -3.83 -14.70
CA ASP A 223 24.16 -5.17 -14.21
C ASP A 223 22.88 -5.88 -13.76
N PRO A 224 22.19 -6.54 -14.71
CA PRO A 224 20.95 -7.26 -14.41
C PRO A 224 21.19 -8.53 -13.61
N LYS A 225 20.40 -8.72 -12.56
CA LYS A 225 20.54 -9.91 -11.70
C LYS A 225 19.47 -9.90 -10.61
N ARG A 226 19.26 -8.74 -9.99
CA ARG A 226 18.28 -8.61 -8.92
C ARG A 226 16.98 -8.00 -9.45
N CYS A 227 17.07 -7.29 -10.57
CA CYS A 227 15.90 -6.66 -11.18
C CYS A 227 15.29 -5.64 -10.24
N HIS A 228 16.13 -5.01 -9.42
CA HIS A 228 15.68 -4.00 -8.47
C HIS A 228 14.64 -4.58 -7.52
N ASP A 229 14.94 -5.77 -6.98
CA ASP A 229 14.04 -6.44 -6.04
C ASP A 229 12.75 -6.85 -6.72
N GLY A 230 11.93 -5.87 -7.11
CA GLY A 230 10.68 -6.16 -7.77
C GLY A 230 10.83 -7.12 -8.93
N THR A 231 9.79 -7.90 -9.20
CA THR A 231 9.81 -8.87 -10.29
C THR A 231 9.28 -8.25 -11.58
N ILE A 232 8.15 -7.56 -11.48
CA ILE A 232 7.54 -6.92 -12.64
C ILE A 232 6.28 -6.17 -12.22
N GLU A 233 6.34 -5.53 -11.06
CA GLU A 233 5.22 -4.76 -10.53
C GLU A 233 5.37 -3.30 -10.90
N PHE A 234 5.30 -3.03 -12.20
CA PHE A 234 5.44 -1.68 -12.73
C PHE A 234 6.88 -1.22 -12.69
N THR A 235 7.80 -2.17 -12.87
CA THR A 235 9.22 -1.88 -12.85
C THR A 235 9.64 -1.13 -14.12
N SER A 236 10.72 -0.36 -14.02
CA SER A 236 11.22 0.41 -15.15
C SER A 236 12.33 -0.35 -15.86
N ILE A 237 12.55 -0.02 -17.13
CA ILE A 237 13.59 -0.66 -17.93
C ILE A 237 14.97 -0.46 -17.29
N ASP A 238 15.14 0.67 -16.61
CA ASP A 238 16.40 0.98 -15.96
C ASP A 238 16.63 0.07 -14.76
N ALA A 239 15.62 -0.05 -13.91
CA ALA A 239 15.71 -0.90 -12.72
C ALA A 239 15.79 -2.37 -13.10
N HIS A 240 15.12 -2.73 -14.19
CA HIS A 240 15.11 -4.11 -14.65
C HIS A 240 16.46 -4.48 -15.27
N ASN A 241 17.17 -3.48 -15.78
CA ASN A 241 18.47 -3.71 -16.39
C ASN A 241 19.60 -3.59 -15.37
N GLY A 242 19.25 -3.58 -14.09
CA GLY A 242 20.25 -3.47 -13.05
C GLY A 242 20.78 -2.06 -12.89
N VAL A 243 19.95 -1.08 -13.23
CA VAL A 243 20.34 0.32 -13.12
C VAL A 243 19.43 1.07 -12.15
N ALA A 244 20.04 1.70 -11.15
CA ALA A 244 19.29 2.45 -10.15
C ALA A 244 18.47 3.57 -10.80
N PRO A 245 17.13 3.52 -10.65
CA PRO A 245 16.24 4.53 -11.24
C PRO A 245 16.66 5.94 -10.86
N SER A 246 17.32 6.63 -11.80
CA SER A 246 17.76 7.99 -11.57
C SER A 246 16.58 8.92 -11.28
N ARG A 247 15.85 9.28 -12.32
CA ARG A 247 14.70 10.16 -12.19
C ARG A 247 13.54 9.68 -13.07
N ARG A 248 13.83 9.46 -14.35
CA ARG A 248 12.81 9.00 -15.29
C ARG A 248 12.27 7.63 -14.89
N GLY A 249 13.08 6.87 -14.14
CA GLY A 249 12.67 5.55 -13.72
C GLY A 249 11.36 5.57 -12.93
N ASP A 250 11.29 6.45 -11.93
CA ASP A 250 10.10 6.56 -11.10
C ASP A 250 8.97 7.25 -11.86
N LEU A 251 9.33 8.15 -12.77
CA LEU A 251 8.35 8.88 -13.56
C LEU A 251 7.71 7.97 -14.60
N GLU A 252 8.50 7.05 -15.15
CA GLU A 252 8.01 6.12 -16.16
C GLU A 252 6.87 5.27 -15.60
N ILE A 253 6.91 5.02 -14.29
CA ILE A 253 5.88 4.24 -13.63
C ILE A 253 4.57 5.01 -13.54
N LEU A 254 4.67 6.29 -13.20
CA LEU A 254 3.50 7.15 -13.08
C LEU A 254 2.76 7.24 -14.41
N GLY A 255 3.52 7.24 -15.50
CA GLY A 255 2.94 7.34 -16.82
C GLY A 255 2.04 6.16 -17.13
N TYR A 256 2.45 4.97 -16.70
CA TYR A 256 1.68 3.76 -16.94
C TYR A 256 0.51 3.65 -15.95
N CYS A 257 0.67 4.27 -14.79
CA CYS A 257 -0.37 4.24 -13.76
C CYS A 257 -1.69 4.81 -14.28
N MET A 258 -1.59 5.80 -15.16
CA MET A 258 -2.77 6.43 -15.73
C MET A 258 -3.39 5.54 -16.80
N ILE A 259 -2.57 5.06 -17.72
CA ILE A 259 -3.04 4.21 -18.81
C ILE A 259 -3.56 2.88 -18.27
N GLN A 260 -2.98 2.43 -17.15
CA GLN A 260 -3.38 1.16 -16.54
C GLN A 260 -4.66 1.34 -15.71
N TRP A 261 -4.77 2.48 -15.05
CA TRP A 261 -5.93 2.78 -14.23
C TRP A 261 -7.10 3.30 -15.07
N LEU A 262 -6.78 4.14 -16.05
CA LEU A 262 -7.80 4.70 -16.92
C LEU A 262 -8.45 3.64 -17.80
N THR A 263 -7.63 2.77 -18.38
CA THR A 263 -8.12 1.70 -19.23
C THR A 263 -8.27 0.39 -18.46
N GLY A 264 -7.94 0.41 -17.17
CA GLY A 264 -8.06 -0.78 -16.36
C GLY A 264 -7.16 -1.90 -16.85
N HIS A 265 -6.00 -2.04 -16.23
CA HIS A 265 -5.05 -3.08 -16.60
C HIS A 265 -4.52 -2.85 -18.02
N LEU A 266 -3.33 -3.38 -18.29
CA LEU A 266 -2.71 -3.23 -19.61
C LEU A 266 -2.15 -4.56 -20.09
N PRO A 267 -1.69 -4.64 -21.34
CA PRO A 267 -1.13 -5.87 -21.91
C PRO A 267 0.25 -6.21 -21.35
N TRP A 268 0.33 -6.35 -20.03
CA TRP A 268 1.58 -6.68 -19.36
C TRP A 268 1.36 -6.78 -17.86
N GLU A 269 0.57 -5.85 -17.32
CA GLU A 269 0.25 -5.85 -15.90
C GLU A 269 -1.11 -6.49 -15.66
N ASP A 270 -1.55 -7.29 -16.63
CA ASP A 270 -2.83 -7.96 -16.54
C ASP A 270 -2.85 -8.96 -15.38
N ASN A 271 -1.89 -9.88 -15.38
CA ASN A 271 -1.81 -10.88 -14.32
C ASN A 271 -0.43 -10.92 -13.68
N LEU A 272 0.58 -10.50 -14.45
CA LEU A 272 1.96 -10.53 -13.96
C LEU A 272 2.44 -11.96 -13.84
N LYS A 273 1.65 -12.87 -14.42
CA LYS A 273 1.99 -14.29 -14.40
C LYS A 273 2.87 -14.64 -15.58
N ASP A 274 2.92 -13.74 -16.56
CA ASP A 274 3.74 -13.95 -17.75
C ASP A 274 4.51 -12.68 -18.10
N PRO A 275 5.78 -12.61 -17.69
CA PRO A 275 6.63 -11.43 -17.96
C PRO A 275 7.26 -11.47 -19.35
N LYS A 276 6.68 -12.26 -20.25
CA LYS A 276 7.19 -12.37 -21.62
C LYS A 276 6.77 -11.16 -22.46
N TYR A 277 5.50 -10.78 -22.34
CA TYR A 277 4.99 -9.64 -23.09
C TYR A 277 5.29 -8.33 -22.36
N VAL A 278 5.43 -8.40 -21.04
CA VAL A 278 5.72 -7.22 -20.24
C VAL A 278 7.05 -6.60 -20.63
N ARG A 279 8.03 -7.44 -20.96
CA ARG A 279 9.34 -6.97 -21.35
C ARG A 279 9.30 -6.34 -22.75
N ASP A 280 8.62 -7.02 -23.67
CA ASP A 280 8.50 -6.54 -25.03
C ASP A 280 7.64 -5.27 -25.10
N SER A 281 6.59 -5.24 -24.29
CA SER A 281 5.68 -4.10 -24.25
C SER A 281 6.33 -2.89 -23.60
N LYS A 282 7.12 -3.13 -22.55
CA LYS A 282 7.80 -2.06 -21.84
C LYS A 282 8.77 -1.30 -22.76
N ILE A 283 9.57 -2.06 -23.50
CA ILE A 283 10.54 -1.47 -24.41
C ILE A 283 9.85 -0.82 -25.61
N ARG A 284 8.71 -1.35 -26.00
CA ARG A 284 7.95 -0.83 -27.13
C ARG A 284 7.13 0.39 -26.72
N TYR A 285 6.39 0.28 -25.63
CA TYR A 285 5.56 1.37 -25.14
C TYR A 285 6.42 2.54 -24.66
N ARG A 286 7.52 2.23 -23.97
CA ARG A 286 8.41 3.26 -23.47
C ARG A 286 8.80 4.24 -24.56
N GLU A 287 8.78 3.77 -25.81
CA GLU A 287 9.12 4.61 -26.95
C GLU A 287 7.94 4.73 -27.90
N ASN A 288 6.74 4.50 -27.38
CA ASN A 288 5.53 4.58 -28.20
C ASN A 288 4.40 5.30 -27.45
N ILE A 289 4.74 6.40 -26.79
CA ILE A 289 3.76 7.17 -26.04
C ILE A 289 2.56 7.53 -26.91
N ALA A 290 2.84 7.85 -28.17
CA ALA A 290 1.79 8.21 -29.11
C ALA A 290 0.99 6.99 -29.54
N SER A 291 1.68 5.86 -29.68
CA SER A 291 1.04 4.62 -30.10
C SER A 291 0.08 4.11 -29.02
N LEU A 292 0.49 4.22 -27.76
CA LEU A 292 -0.32 3.77 -26.65
C LEU A 292 -1.45 4.76 -26.36
N MET A 293 -1.21 6.03 -26.68
CA MET A 293 -2.20 7.07 -26.46
C MET A 293 -3.40 6.86 -27.38
N ASP A 294 -3.13 6.43 -28.61
CA ASP A 294 -4.19 6.19 -29.59
C ASP A 294 -4.82 4.81 -29.38
N LYS A 295 -4.01 3.86 -28.91
CA LYS A 295 -4.50 2.50 -28.69
C LYS A 295 -5.20 2.39 -27.34
N CYS A 296 -4.56 2.88 -26.29
CA CYS A 296 -5.13 2.84 -24.95
C CYS A 296 -6.29 3.82 -24.82
N PHE A 297 -6.11 5.01 -25.37
CA PHE A 297 -7.14 6.04 -25.31
C PHE A 297 -7.70 6.34 -26.71
N PRO A 298 -9.03 6.44 -26.85
CA PRO A 298 -9.67 6.73 -28.13
C PRO A 298 -9.50 8.18 -28.56
N GLU A 299 -9.78 8.45 -29.83
CA GLU A 299 -9.65 9.81 -30.36
C GLU A 299 -10.93 10.62 -30.08
N LYS A 300 -12.06 9.92 -30.02
CA LYS A 300 -13.34 10.56 -29.77
C LYS A 300 -13.30 11.33 -28.45
N ASN A 301 -12.64 10.76 -27.45
CA ASN A 301 -12.54 11.38 -26.14
C ASN A 301 -11.56 12.54 -26.17
N LYS A 302 -11.33 13.16 -25.01
CA LYS A 302 -10.42 14.29 -24.91
C LYS A 302 -9.16 13.89 -24.13
N PRO A 303 -7.99 14.40 -24.55
CA PRO A 303 -6.72 14.10 -23.88
C PRO A 303 -6.78 14.39 -22.38
N GLY A 304 -6.12 13.53 -21.60
CA GLY A 304 -6.11 13.71 -20.16
C GLY A 304 -4.83 14.37 -19.66
N GLU A 305 -4.18 15.11 -20.54
CA GLU A 305 -2.93 15.79 -20.21
C GLU A 305 -1.83 14.79 -19.87
N ILE A 306 -2.03 13.53 -20.26
CA ILE A 306 -1.05 12.49 -20.01
C ILE A 306 0.10 12.56 -21.02
N ALA A 307 -0.26 12.58 -22.30
CA ALA A 307 0.74 12.66 -23.37
C ALA A 307 1.79 13.72 -23.08
N LYS A 308 1.34 14.87 -22.58
CA LYS A 308 2.26 15.96 -22.25
C LYS A 308 3.26 15.51 -21.19
N TYR A 309 2.76 14.78 -20.19
CA TYR A 309 3.61 14.29 -19.12
C TYR A 309 4.51 13.17 -19.61
N MET A 310 3.95 12.24 -20.38
CA MET A 310 4.70 11.12 -20.91
C MET A 310 5.88 11.61 -21.75
N GLU A 311 5.64 12.67 -22.52
CA GLU A 311 6.68 13.24 -23.37
C GLU A 311 7.79 13.83 -22.52
N THR A 312 7.41 14.56 -21.48
CA THR A 312 8.37 15.18 -20.59
C THR A 312 9.18 14.13 -19.83
N VAL A 313 8.53 13.02 -19.51
CA VAL A 313 9.17 11.93 -18.79
C VAL A 313 10.03 11.08 -19.72
N LYS A 314 9.69 11.11 -21.01
CA LYS A 314 10.42 10.34 -22.01
C LYS A 314 11.78 10.96 -22.29
N LEU A 315 11.81 12.29 -22.41
CA LEU A 315 13.05 13.00 -22.69
C LEU A 315 13.60 13.65 -21.42
N LEU A 316 12.71 13.92 -20.46
CA LEU A 316 13.11 14.54 -19.20
C LEU A 316 13.79 15.88 -19.43
N ASP A 317 15.07 15.86 -19.79
CA ASP A 317 15.82 17.08 -20.05
C ASP A 317 16.84 16.87 -21.17
N TYR A 318 17.45 17.96 -21.61
CA TYR A 318 18.44 17.89 -22.67
C TYR A 318 19.83 17.62 -22.11
N THR A 319 20.10 18.14 -20.92
CA THR A 319 21.39 17.96 -20.27
C THR A 319 21.24 17.13 -18.99
N GLU A 320 20.22 16.27 -18.95
CA GLU A 320 19.98 15.43 -17.79
C GLU A 320 19.81 16.26 -16.53
N LYS A 321 18.57 16.44 -16.09
CA LYS A 321 18.29 17.22 -14.89
C LYS A 321 16.88 16.94 -14.38
N PRO A 322 16.58 17.34 -13.13
CA PRO A 322 15.27 17.12 -12.52
C PRO A 322 14.19 17.98 -13.17
N LEU A 323 13.30 17.34 -13.93
CA LEU A 323 12.22 18.05 -14.60
C LEU A 323 10.92 17.92 -13.81
N TYR A 324 11.03 17.77 -12.50
CA TYR A 324 9.87 17.65 -11.64
C TYR A 324 9.01 18.90 -11.70
N GLU A 325 9.65 20.05 -11.94
CA GLU A 325 8.94 21.31 -12.01
C GLU A 325 8.02 21.34 -13.23
N ASN A 326 8.53 20.91 -14.37
CA ASN A 326 7.76 20.88 -15.61
C ASN A 326 6.71 19.78 -15.57
N LEU A 327 7.12 18.59 -15.12
CA LEU A 327 6.22 17.45 -15.03
C LEU A 327 4.99 17.79 -14.18
N ARG A 328 5.24 18.32 -13.00
CA ARG A 328 4.16 18.69 -12.09
C ARG A 328 3.15 19.61 -12.78
N ASP A 329 3.66 20.68 -13.40
CA ASP A 329 2.81 21.63 -14.09
C ASP A 329 1.93 20.93 -15.12
N ILE A 330 2.50 19.98 -15.85
CA ILE A 330 1.77 19.24 -16.86
C ILE A 330 0.52 18.59 -16.27
N LEU A 331 0.67 17.97 -15.11
CA LEU A 331 -0.45 17.32 -14.44
C LEU A 331 -1.29 18.33 -13.66
N LEU A 332 -0.62 19.31 -13.05
CA LEU A 332 -1.30 20.34 -12.29
C LEU A 332 -2.24 21.16 -13.17
N GLN A 333 -1.70 21.64 -14.30
CA GLN A 333 -2.49 22.45 -15.23
C GLN A 333 -3.76 21.73 -15.65
N GLY A 334 -3.65 20.43 -15.92
CA GLY A 334 -4.80 19.66 -16.33
C GLY A 334 -5.90 19.67 -15.28
N LEU A 335 -5.49 19.75 -14.01
CA LEU A 335 -6.46 19.78 -12.91
C LEU A 335 -7.40 20.96 -13.04
N LYS A 336 -6.96 22.00 -13.74
CA LYS A 336 -7.78 23.20 -13.92
C LYS A 336 -8.87 22.97 -14.97
N ALA A 337 -8.55 22.17 -15.97
CA ALA A 337 -9.51 21.88 -17.04
C ALA A 337 -10.55 20.86 -16.62
N ILE A 338 -10.27 20.11 -15.55
CA ILE A 338 -11.20 19.09 -15.08
C ILE A 338 -11.71 19.39 -13.67
N GLY A 339 -10.85 19.97 -12.84
CA GLY A 339 -11.23 20.28 -11.47
C GLY A 339 -11.24 21.76 -11.16
N SER A 340 -10.45 22.53 -11.91
CA SER A 340 -10.37 23.97 -11.71
C SER A 340 -9.67 24.29 -10.39
N LYS A 341 -8.35 24.08 -10.35
CA LYS A 341 -7.56 24.35 -9.15
C LYS A 341 -7.88 23.34 -8.05
N ASP A 342 -6.85 22.67 -7.55
CA ASP A 342 -7.02 21.68 -6.49
C ASP A 342 -7.50 22.34 -5.20
N ASP A 343 -8.43 21.69 -4.51
CA ASP A 343 -8.98 22.21 -3.27
C ASP A 343 -8.87 21.17 -2.16
N GLY A 344 -7.76 20.43 -2.14
CA GLY A 344 -7.55 19.42 -1.13
C GLY A 344 -8.55 18.28 -1.23
N LYS A 345 -8.63 17.68 -2.41
CA LYS A 345 -9.56 16.57 -2.64
C LYS A 345 -9.35 15.97 -4.02
N LEU A 346 -8.94 14.70 -4.06
CA LEU A 346 -8.72 14.01 -5.33
C LEU A 346 -9.91 13.14 -5.70
N ASP A 347 -11.10 13.57 -5.29
CA ASP A 347 -12.33 12.84 -5.59
C ASP A 347 -12.25 11.42 -5.04
N LEU A 348 -11.46 11.23 -3.98
CA LEU A 348 -11.30 9.92 -3.36
C LEU A 348 -12.21 9.79 -2.14
N SER A 349 -13.39 10.37 -2.22
CA SER A 349 -14.35 10.32 -1.12
C SER A 349 -14.72 8.88 -0.79
N VAL A 350 -15.15 8.14 -1.82
CA VAL A 350 -15.54 6.73 -1.65
C VAL A 350 -16.37 6.52 -0.39
N VAL A 351 -17.50 7.23 -0.31
CA VAL A 351 -18.40 7.13 0.84
C VAL A 351 -17.63 7.07 2.16
N GLU A 352 -17.17 8.24 2.61
CA GLU A 352 -16.42 8.32 3.85
C GLU A 352 -17.35 8.20 5.05
N ASN A 353 -17.66 6.97 5.44
CA ASN A 353 -18.54 6.71 6.57
C ASN A 353 -18.33 5.31 7.12
N GLY A 354 -18.66 5.13 8.40
CA GLY A 354 -18.50 3.82 9.02
C GLY A 354 -19.82 3.18 9.35
N GLY A 355 -19.79 1.89 9.70
CA GLY A 355 -21.00 1.18 10.04
C GLY A 355 -20.77 -0.31 10.25
N LEU A 356 -21.53 -1.13 9.53
CA LEU A 356 -21.40 -2.58 9.64
C LEU A 356 -21.70 -3.04 11.06
N LYS A 357 -22.92 -3.50 11.28
CA LYS A 357 -23.35 -3.97 12.59
C LYS A 357 -23.54 -5.49 12.59
N ALA A 358 -24.25 -5.98 11.57
CA ALA A 358 -24.50 -7.41 11.44
C ALA A 358 -24.27 -7.89 10.02
N LYS A 359 -24.53 -9.17 9.77
CA LYS A 359 -24.35 -9.75 8.45
C LYS A 359 -25.39 -10.84 8.18
N THR A 360 -25.45 -11.82 9.07
CA THR A 360 -26.40 -12.92 8.93
C THR A 360 -26.69 -13.56 10.29
N ILE A 361 -25.66 -14.14 10.89
CA ILE A 361 -25.80 -14.79 12.19
C ILE A 361 -24.69 -14.36 13.14
N THR A 362 -24.76 -14.84 14.38
CA THR A 362 -23.76 -14.51 15.39
C THR A 362 -23.35 -15.75 16.18
N LYS A 363 -22.15 -16.26 15.90
CA LYS A 363 -21.64 -17.44 16.57
C LYS A 363 -22.53 -18.65 16.31
N LYS A 364 -21.99 -19.64 15.61
CA LYS A 364 -22.74 -20.85 15.29
C LYS A 364 -22.83 -21.77 16.51
N ARG A 365 -23.44 -22.93 16.32
CA ARG A 365 -23.60 -23.90 17.40
C ARG A 365 -24.42 -23.31 18.55
N LYS A 366 -24.76 -24.15 19.52
CA LYS A 366 -25.53 -23.71 20.68
C LYS A 366 -24.97 -24.30 21.96
N LYS A 367 -24.71 -25.60 21.95
CA LYS A 367 -24.17 -26.29 23.12
C LYS A 367 -22.66 -26.34 23.08
N GLU A 368 -22.03 -26.38 24.25
CA GLU A 368 -20.58 -26.43 24.35
C GLU A 368 -20.09 -27.88 24.34
N ILE A 369 -18.84 -28.07 23.94
CA ILE A 369 -18.25 -29.41 23.90
C ILE A 369 -18.25 -30.05 25.28
N GLU A 370 -19.33 -30.77 25.59
CA GLU A 370 -19.44 -31.44 26.88
C GLU A 370 -20.51 -32.53 26.82
N GLU A 371 -20.67 -33.14 25.65
CA GLU A 371 -21.66 -34.20 25.46
C GLU A 371 -20.97 -35.55 25.32
N SER A 372 -21.32 -36.49 26.21
CA SER A 372 -20.74 -37.82 26.18
C SER A 372 -21.82 -38.89 26.41
N LYS A 373 -22.66 -38.66 27.42
CA LYS A 373 -23.72 -39.60 27.75
C LYS A 373 -23.15 -40.94 28.18
N GLU A 374 -23.03 -41.12 29.49
CA GLU A 374 -22.50 -42.37 30.03
C GLU A 374 -23.48 -42.98 31.05
N PRO A 375 -23.63 -44.32 31.02
CA PRO A 375 -24.54 -45.02 31.94
C PRO A 375 -23.99 -45.08 33.36
N GLY A 376 -24.22 -44.01 34.13
CA GLY A 376 -23.74 -43.98 35.49
C GLY A 376 -24.73 -43.31 36.44
N VAL A 377 -25.30 -42.19 36.00
CA VAL A 377 -26.25 -41.45 36.82
C VAL A 377 -25.59 -40.88 38.07
N GLU A 378 -25.09 -39.66 37.95
CA GLU A 378 -24.43 -39.00 39.07
C GLU A 378 -25.42 -38.71 40.20
N ASP A 379 -24.90 -38.57 41.42
CA ASP A 379 -25.76 -38.30 42.58
C ASP A 379 -25.73 -36.81 42.92
N THR A 380 -24.53 -36.27 43.12
CA THR A 380 -24.37 -34.86 43.45
C THR A 380 -24.26 -34.01 42.19
N GLU A 381 -24.32 -32.69 42.36
CA GLU A 381 -24.23 -31.78 41.23
C GLU A 381 -23.70 -30.41 41.69
N TRP A 382 -24.49 -29.72 42.50
CA TRP A 382 -24.12 -28.41 43.00
C TRP A 382 -24.02 -28.42 44.52
N SER A 383 -23.98 -27.23 45.13
CA SER A 383 -23.88 -27.11 46.57
C SER A 383 -23.95 -25.64 47.00
N ASN A 384 -24.04 -25.42 48.31
CA ASN A 384 -24.12 -24.06 48.84
C ASN A 384 -22.91 -23.76 49.73
N THR A 385 -22.74 -24.56 50.78
CA THR A 385 -21.64 -24.38 51.70
C THR A 385 -20.49 -25.34 51.37
N GLN A 386 -19.44 -25.29 52.18
CA GLN A 386 -18.28 -26.16 51.97
C GLN A 386 -18.65 -27.63 52.14
N THR A 387 -19.14 -28.23 51.06
CA THR A 387 -19.54 -29.63 51.09
C THR A 387 -18.58 -30.49 50.26
N GLU A 388 -17.98 -31.49 50.90
CA GLU A 388 -17.04 -32.38 50.22
C GLU A 388 -17.31 -33.84 50.59
N GLU A 389 -17.33 -34.70 49.58
CA GLU A 389 -17.56 -36.12 49.79
C GLU A 389 -16.35 -36.95 49.38
N ALA A 390 -15.35 -36.99 50.25
CA ALA A 390 -14.13 -37.75 49.98
C ALA A 390 -13.48 -38.22 51.26
N ILE A 391 -14.13 -39.15 51.95
CA ILE A 391 -13.61 -39.69 53.20
C ILE A 391 -13.70 -41.21 53.22
N GLN A 392 -12.72 -41.85 53.86
CA GLN A 392 -12.70 -43.30 53.95
C GLN A 392 -11.96 -43.75 55.21
N THR A 393 -12.28 -43.13 56.34
CA THR A 393 -11.66 -43.45 57.61
C THR A 393 -12.42 -44.56 58.32
N ARG A 394 -11.72 -45.60 58.73
CA ARG A 394 -12.34 -46.73 59.42
C ARG A 394 -11.63 -47.01 60.75
N SER A 395 -10.29 -47.02 60.70
CA SER A 395 -9.50 -47.27 61.89
C SER A 395 -8.87 -45.99 62.42
N ARG A 396 -8.70 -45.91 63.73
CA ARG A 396 -8.11 -44.74 64.37
C ARG A 396 -8.00 -44.92 65.88
N THR A 397 -8.94 -45.65 66.46
CA THR A 397 -8.93 -45.89 67.90
C THR A 397 -8.26 -47.21 68.23
N ARG A 398 -8.53 -48.23 67.42
CA ARG A 398 -7.95 -49.55 67.62
C ARG A 398 -8.32 -50.49 66.48
N LYS A 399 -7.34 -51.27 66.02
CA LYS A 399 -7.57 -52.21 64.93
C LYS A 399 -8.07 -53.54 65.47
N ARG A 400 -7.34 -54.11 66.42
CA ARG A 400 -7.71 -55.39 67.02
C ARG A 400 -9.00 -55.26 67.82
N VAL A 401 -9.76 -56.34 67.87
CA VAL A 401 -11.03 -56.36 68.59
C VAL A 401 -10.82 -56.73 70.05
N GLN A 402 -11.77 -56.35 70.90
CA GLN A 402 -11.69 -56.64 72.32
C GLN A 402 -10.45 -56.00 72.95
N LYS A 403 -10.07 -54.84 72.43
CA LYS A 403 -8.89 -54.13 72.93
C LYS A 403 -9.19 -52.64 73.09
N GLY A 1 -18.66 -41.79 -17.51
CA GLY A 1 -19.35 -43.08 -17.24
C GLY A 1 -20.64 -43.22 -18.03
N SER A 2 -21.33 -44.35 -17.84
CA SER A 2 -22.58 -44.61 -18.55
C SER A 2 -23.46 -45.57 -17.75
N SER A 3 -22.96 -46.78 -17.54
CA SER A 3 -23.70 -47.78 -16.79
C SER A 3 -23.50 -47.62 -15.29
N GLY A 4 -24.58 -47.26 -14.59
CA GLY A 4 -24.49 -47.07 -13.16
C GLY A 4 -25.86 -47.02 -12.50
N SER A 5 -25.87 -46.94 -11.17
CA SER A 5 -27.13 -46.89 -10.42
C SER A 5 -27.38 -45.49 -9.88
N SER A 6 -28.59 -44.98 -10.12
CA SER A 6 -28.96 -43.65 -9.66
C SER A 6 -29.68 -43.72 -8.32
N GLY A 7 -29.40 -42.75 -7.46
CA GLY A 7 -30.03 -42.72 -6.15
C GLY A 7 -29.05 -42.39 -5.04
N MET A 8 -28.21 -41.39 -5.28
CA MET A 8 -27.21 -40.97 -4.30
C MET A 8 -27.55 -39.59 -3.73
N PRO A 9 -26.90 -39.21 -2.63
CA PRO A 9 -27.13 -37.90 -1.99
C PRO A 9 -26.63 -36.74 -2.84
N ARG A 10 -25.54 -36.98 -3.55
CA ARG A 10 -24.95 -35.96 -4.42
C ARG A 10 -24.01 -36.58 -5.45
N VAL A 11 -24.21 -36.21 -6.71
CA VAL A 11 -23.39 -36.74 -7.79
C VAL A 11 -22.31 -35.72 -8.20
N LYS A 12 -21.86 -34.93 -7.24
CA LYS A 12 -20.84 -33.92 -7.50
C LYS A 12 -19.45 -34.42 -7.07
N ALA A 13 -18.43 -33.99 -7.80
CA ALA A 13 -17.07 -34.40 -7.49
C ALA A 13 -16.46 -33.51 -6.41
N ALA A 14 -15.23 -33.83 -6.01
CA ALA A 14 -14.55 -33.06 -4.97
C ALA A 14 -13.03 -33.26 -5.06
N GLN A 15 -12.31 -32.16 -5.25
CA GLN A 15 -10.85 -32.22 -5.36
C GLN A 15 -10.22 -32.40 -3.97
N ALA A 16 -8.92 -32.68 -3.97
CA ALA A 16 -8.19 -32.88 -2.72
C ALA A 16 -7.42 -31.62 -2.34
N GLY A 17 -6.97 -30.88 -3.34
CA GLY A 17 -6.22 -29.66 -3.09
C GLY A 17 -4.78 -29.77 -3.53
N ARG A 18 -3.93 -28.89 -3.00
CA ARG A 18 -2.51 -28.90 -3.33
C ARG A 18 -1.65 -29.13 -2.10
N GLN A 19 -1.99 -28.44 -1.01
CA GLN A 19 -1.26 -28.57 0.24
C GLN A 19 -2.19 -28.43 1.44
N SER A 20 -1.74 -28.93 2.59
CA SER A 20 -2.54 -28.85 3.81
C SER A 20 -1.64 -28.62 5.02
N SER A 21 -1.99 -27.61 5.81
CA SER A 21 -1.22 -27.28 7.01
C SER A 21 -1.97 -26.27 7.87
N ALA A 22 -1.73 -26.33 9.18
CA ALA A 22 -2.38 -25.43 10.11
C ALA A 22 -1.77 -25.54 11.51
N LYS A 23 -2.07 -24.57 12.36
CA LYS A 23 -1.54 -24.56 13.72
C LYS A 23 -2.58 -25.08 14.71
N ARG A 24 -3.80 -24.58 14.60
CA ARG A 24 -4.88 -24.99 15.47
C ARG A 24 -4.56 -24.68 16.93
N HIS A 25 -5.35 -23.78 17.52
CA HIS A 25 -5.15 -23.38 18.91
C HIS A 25 -3.79 -22.72 19.09
N LEU A 26 -3.81 -21.45 19.49
CA LEU A 26 -2.58 -20.70 19.71
C LEU A 26 -1.77 -20.60 18.42
N ALA A 27 -1.87 -19.45 17.76
CA ALA A 27 -1.14 -19.23 16.51
C ALA A 27 -0.61 -17.80 16.44
N GLU A 28 -1.52 -16.84 16.54
CA GLU A 28 -1.14 -15.43 16.49
C GLU A 28 -0.57 -14.96 17.82
N GLN A 29 -0.20 -13.68 17.88
CA GLN A 29 0.37 -13.12 19.10
C GLN A 29 -0.32 -11.79 19.45
N PHE A 30 -0.33 -10.87 18.50
CA PHE A 30 -0.95 -9.56 18.70
C PHE A 30 -2.47 -9.67 18.63
N ALA A 31 -3.11 -9.76 19.79
CA ALA A 31 -4.56 -9.87 19.85
C ALA A 31 -5.17 -8.60 20.43
N VAL A 32 -6.49 -8.61 20.60
CA VAL A 32 -7.20 -7.45 21.14
C VAL A 32 -7.07 -7.38 22.65
N GLY A 33 -6.37 -6.36 23.14
CA GLY A 33 -6.18 -6.20 24.56
C GLY A 33 -4.76 -6.46 25.00
N GLU A 34 -3.84 -6.51 24.04
CA GLU A 34 -2.43 -6.75 24.33
C GLU A 34 -1.66 -5.44 24.42
N ILE A 35 -0.49 -5.49 25.05
CA ILE A 35 0.35 -4.31 25.20
C ILE A 35 1.63 -4.43 24.39
N ILE A 36 1.95 -3.39 23.64
CA ILE A 36 3.16 -3.38 22.81
C ILE A 36 4.08 -2.24 23.22
N THR A 37 5.32 -2.58 23.53
CA THR A 37 6.31 -1.58 23.95
C THR A 37 7.15 -1.12 22.77
N ASP A 38 7.45 0.17 22.73
CA ASP A 38 8.26 0.75 21.68
C ASP A 38 9.74 0.70 22.07
N MET A 39 10.55 1.52 21.41
CA MET A 39 11.98 1.56 21.72
C MET A 39 12.18 2.29 23.04
N ALA A 40 11.64 1.71 24.12
CA ALA A 40 11.75 2.31 25.44
C ALA A 40 11.06 3.66 25.46
N LYS A 41 10.01 3.81 24.64
CA LYS A 41 9.28 5.06 24.56
C LYS A 41 7.94 4.97 25.28
N LYS A 42 7.32 3.79 25.26
CA LYS A 42 6.03 3.61 25.91
C LYS A 42 5.51 2.18 25.76
N GLU A 43 4.20 2.00 25.90
CA GLU A 43 3.55 0.71 25.77
C GLU A 43 2.13 0.88 25.26
N TRP A 44 1.98 0.79 23.94
CA TRP A 44 0.67 0.96 23.30
C TRP A 44 -0.18 -0.31 23.44
N LYS A 45 -1.49 -0.13 23.38
CA LYS A 45 -2.41 -1.26 23.49
C LYS A 45 -2.91 -1.69 22.11
N VAL A 46 -2.60 -2.93 21.74
CA VAL A 46 -3.01 -3.46 20.45
C VAL A 46 -4.51 -3.76 20.42
N GLY A 47 -5.14 -3.51 19.28
CA GLY A 47 -6.56 -3.76 19.14
C GLY A 47 -6.88 -4.81 18.10
N LEU A 48 -7.48 -4.38 17.00
CA LEU A 48 -7.85 -5.29 15.91
C LEU A 48 -6.78 -5.29 14.83
N PRO A 49 -6.68 -6.40 14.07
CA PRO A 49 -5.69 -6.53 12.99
C PRO A 49 -5.96 -5.54 11.85
N ILE A 50 -7.23 -5.17 11.68
CA ILE A 50 -7.62 -4.23 10.62
C ILE A 50 -6.93 -4.54 9.31
N GLY A 51 -6.65 -5.82 9.07
CA GLY A 51 -5.99 -6.22 7.84
C GLY A 51 -5.78 -7.72 7.76
N GLN A 52 -6.49 -8.37 6.85
CA GLN A 52 -6.38 -9.81 6.66
C GLN A 52 -5.07 -10.17 5.97
N GLY A 53 -4.41 -11.22 6.48
CA GLY A 53 -3.16 -11.65 5.90
C GLY A 53 -2.72 -13.01 6.42
N GLY A 54 -2.42 -13.09 7.71
CA GLY A 54 -1.99 -14.34 8.30
C GLY A 54 -1.74 -14.22 9.78
N PHE A 55 -0.46 -14.17 10.17
CA PHE A 55 -0.08 -14.05 11.57
C PHE A 55 -0.45 -12.68 12.12
N GLY A 56 -0.43 -11.67 11.26
CA GLY A 56 -0.78 -10.33 11.67
C GLY A 56 -0.49 -9.30 10.61
N CYS A 57 0.75 -8.82 10.57
CA CYS A 57 1.18 -7.82 9.59
C CYS A 57 0.71 -6.43 9.98
N ILE A 58 -0.60 -6.28 10.19
CA ILE A 58 -1.17 -5.00 10.56
C ILE A 58 -2.07 -5.12 11.79
N TYR A 59 -1.94 -4.16 12.71
CA TYR A 59 -2.74 -4.16 13.93
C TYR A 59 -3.07 -2.73 14.36
N LEU A 60 -3.99 -2.60 15.31
CA LEU A 60 -4.39 -1.30 15.81
C LEU A 60 -3.51 -0.87 16.98
N ALA A 61 -3.32 0.43 17.13
CA ALA A 61 -2.49 0.96 18.21
C ALA A 61 -3.29 1.89 19.11
N ASP A 62 -2.95 1.89 20.40
CA ASP A 62 -3.64 2.74 21.37
C ASP A 62 -2.65 3.39 22.32
N MET A 63 -3.01 4.56 22.85
CA MET A 63 -2.15 5.28 23.78
C MET A 63 -2.55 4.99 25.23
N ASN A 64 -2.92 3.75 25.49
CA ASN A 64 -3.32 3.34 26.83
C ASN A 64 -4.53 4.15 27.31
N SER A 65 -5.37 4.56 26.36
CA SER A 65 -6.56 5.34 26.68
C SER A 65 -7.66 4.45 27.26
N SER A 66 -8.79 5.06 27.60
CA SER A 66 -9.92 4.32 28.15
C SER A 66 -10.62 3.51 27.07
N GLU A 67 -11.56 2.67 27.49
CA GLU A 67 -12.31 1.84 26.55
C GLU A 67 -11.38 0.90 25.79
N SER A 68 -11.95 0.02 24.99
CA SER A 68 -11.18 -0.94 24.21
C SER A 68 -10.64 -0.30 22.93
N VAL A 69 -9.58 -0.86 22.39
CA VAL A 69 -8.97 -0.34 21.17
C VAL A 69 -9.87 -0.60 19.95
N GLY A 70 -10.10 0.43 19.16
CA GLY A 70 -10.93 0.28 17.98
C GLY A 70 -11.36 1.62 17.40
N SER A 71 -12.50 2.12 17.85
CA SER A 71 -13.02 3.39 17.37
C SER A 71 -12.70 4.52 18.36
N ASP A 72 -11.58 4.37 19.06
CA ASP A 72 -11.17 5.38 20.04
C ASP A 72 -9.73 5.81 19.79
N ALA A 73 -8.85 4.84 19.54
CA ALA A 73 -7.44 5.13 19.30
C ALA A 73 -7.10 4.97 17.82
N PRO A 74 -7.26 6.04 17.03
CA PRO A 74 -6.96 6.01 15.58
C PRO A 74 -5.47 5.92 15.30
N CYS A 75 -4.93 4.71 15.38
CA CYS A 75 -3.51 4.49 15.13
C CYS A 75 -3.28 3.09 14.55
N VAL A 76 -2.26 2.96 13.71
CA VAL A 76 -1.93 1.68 13.09
C VAL A 76 -0.52 1.24 13.46
N VAL A 77 -0.29 -0.06 13.42
CA VAL A 77 1.03 -0.62 13.74
C VAL A 77 1.31 -1.87 12.92
N LYS A 78 2.45 -1.90 12.24
CA LYS A 78 2.83 -3.04 11.42
C LYS A 78 3.73 -3.98 12.21
N VAL A 79 3.25 -5.21 12.44
CA VAL A 79 4.01 -6.20 13.18
C VAL A 79 4.23 -7.46 12.36
N GLU A 80 5.43 -8.00 12.41
CA GLU A 80 5.77 -9.21 11.66
C GLU A 80 6.41 -10.26 12.59
N PRO A 81 6.16 -11.55 12.32
CA PRO A 81 6.71 -12.64 13.12
C PRO A 81 8.20 -12.86 12.86
N SER A 82 9.03 -12.07 13.54
CA SER A 82 10.48 -12.18 13.40
C SER A 82 10.94 -11.69 12.02
N ASP A 83 10.50 -12.39 10.97
CA ASP A 83 10.86 -12.02 9.60
C ASP A 83 10.71 -10.53 9.36
N ASN A 84 11.74 -9.91 8.79
CA ASN A 84 11.74 -8.49 8.50
C ASN A 84 12.38 -8.20 7.15
N GLY A 85 11.62 -8.41 6.07
CA GLY A 85 12.13 -8.16 4.75
C GLY A 85 11.68 -6.83 4.18
N PRO A 86 10.42 -6.74 3.73
CA PRO A 86 9.87 -5.51 3.15
C PRO A 86 9.70 -4.41 4.19
N LEU A 87 9.50 -4.82 5.45
CA LEU A 87 9.33 -3.86 6.54
C LEU A 87 10.65 -3.20 6.89
N PHE A 88 11.74 -3.95 6.76
CA PHE A 88 13.07 -3.43 7.07
C PHE A 88 13.41 -2.25 6.18
N THR A 89 12.88 -2.24 4.96
CA THR A 89 13.12 -1.17 4.02
C THR A 89 12.31 0.07 4.39
N GLU A 90 11.09 -0.14 4.84
CA GLU A 90 10.21 0.95 5.23
C GLU A 90 10.65 1.55 6.56
N LEU A 91 11.06 0.69 7.49
CA LEU A 91 11.51 1.13 8.80
C LEU A 91 12.74 2.04 8.68
N LYS A 92 13.76 1.55 7.98
CA LYS A 92 14.99 2.30 7.80
C LYS A 92 14.72 3.63 7.08
N PHE A 93 13.83 3.59 6.09
CA PHE A 93 13.48 4.79 5.33
C PHE A 93 12.66 5.75 6.18
N TYR A 94 11.66 5.21 6.88
CA TYR A 94 10.78 6.03 7.72
C TYR A 94 11.57 6.70 8.85
N GLN A 95 12.64 6.05 9.29
CA GLN A 95 13.46 6.59 10.37
C GLN A 95 14.30 7.77 9.91
N ARG A 96 14.98 7.61 8.78
CA ARG A 96 15.83 8.67 8.23
C ARG A 96 15.04 9.63 7.34
N ALA A 97 14.25 9.07 6.43
CA ALA A 97 13.46 9.87 5.51
C ALA A 97 12.22 10.44 6.17
N ALA A 98 11.46 9.59 6.84
CA ALA A 98 10.23 10.03 7.52
C ALA A 98 10.49 10.41 8.97
N LYS A 99 11.69 10.93 9.25
CA LYS A 99 12.04 11.34 10.60
C LYS A 99 11.14 12.49 11.07
N PRO A 100 10.47 12.33 12.22
CA PRO A 100 9.58 13.37 12.76
C PRO A 100 10.29 14.69 12.99
N GLU A 101 11.59 14.62 13.25
CA GLU A 101 12.38 15.82 13.49
C GLU A 101 12.75 16.52 12.18
N GLN A 102 12.93 15.72 11.13
CA GLN A 102 13.29 16.26 9.82
C GLN A 102 12.06 16.81 9.10
N ILE A 103 11.02 15.99 8.99
CA ILE A 103 9.79 16.41 8.32
C ILE A 103 9.22 17.67 8.95
N GLN A 104 9.03 17.65 10.27
CA GLN A 104 8.49 18.79 10.98
C GLN A 104 9.27 20.07 10.67
N LYS A 105 10.59 19.99 10.78
CA LYS A 105 11.45 21.14 10.51
C LYS A 105 11.37 21.54 9.04
N TRP A 106 11.37 20.55 8.15
CA TRP A 106 11.31 20.81 6.72
C TRP A 106 10.05 21.57 6.36
N ILE A 107 8.90 21.04 6.76
CA ILE A 107 7.61 21.68 6.48
C ILE A 107 7.53 23.06 7.13
N ARG A 108 8.11 23.18 8.31
CA ARG A 108 8.10 24.45 9.04
C ARG A 108 9.08 25.45 8.42
N THR A 109 10.13 24.93 7.81
CA THR A 109 11.16 25.78 7.19
C THR A 109 10.70 26.32 5.85
N ARG A 110 10.00 25.48 5.07
CA ARG A 110 9.52 25.90 3.76
C ARG A 110 8.01 26.12 3.78
N LYS A 111 7.37 25.87 4.92
CA LYS A 111 5.93 26.06 5.05
C LYS A 111 5.19 25.21 4.01
N LEU A 112 5.79 24.07 3.65
CA LEU A 112 5.20 23.17 2.67
C LEU A 112 3.74 22.86 3.01
N LYS A 113 3.43 22.85 4.31
CA LYS A 113 2.07 22.58 4.77
C LYS A 113 1.77 21.09 4.71
N TYR A 114 1.92 20.51 3.53
CA TYR A 114 1.67 19.08 3.33
C TYR A 114 2.76 18.46 2.47
N LEU A 115 3.01 17.17 2.68
CA LEU A 115 4.03 16.46 1.93
C LEU A 115 3.47 15.17 1.33
N GLY A 116 3.12 14.22 2.19
CA GLY A 116 2.58 12.96 1.72
C GLY A 116 3.14 11.76 2.47
N VAL A 117 4.22 11.97 3.21
CA VAL A 117 4.85 10.90 3.97
C VAL A 117 4.12 10.68 5.30
N PRO A 118 3.68 9.44 5.58
CA PRO A 118 2.97 9.13 6.82
C PRO A 118 3.72 9.62 8.05
N LYS A 119 2.97 9.89 9.12
CA LYS A 119 3.57 10.38 10.35
C LYS A 119 4.16 9.24 11.16
N TYR A 120 5.48 9.27 11.33
CA TYR A 120 6.19 8.24 12.09
C TYR A 120 6.34 8.67 13.55
N TRP A 121 5.72 7.93 14.45
CA TRP A 121 5.79 8.24 15.87
C TRP A 121 6.94 7.51 16.54
N GLY A 122 7.13 6.24 16.18
CA GLY A 122 8.20 5.45 16.76
C GLY A 122 8.16 4.00 16.33
N SER A 123 9.05 3.20 16.91
CA SER A 123 9.11 1.77 16.59
C SER A 123 9.13 0.95 17.87
N GLY A 124 8.75 -0.32 17.78
CA GLY A 124 8.74 -1.16 18.96
C GLY A 124 9.15 -2.59 18.68
N LEU A 125 9.16 -3.40 19.73
CA LEU A 125 9.55 -4.80 19.60
C LEU A 125 8.81 -5.68 20.61
N HIS A 126 8.74 -6.97 20.30
CA HIS A 126 8.06 -7.92 21.18
C HIS A 126 8.88 -9.20 21.32
N ASP A 127 9.36 -9.45 22.54
CA ASP A 127 10.17 -10.63 22.81
C ASP A 127 9.30 -11.81 23.25
N LYS A 128 9.65 -13.01 22.81
CA LYS A 128 8.93 -14.21 23.16
C LYS A 128 9.91 -15.26 23.64
N ASN A 129 9.43 -16.22 24.42
CA ASN A 129 10.31 -17.27 24.94
C ASN A 129 10.88 -18.14 23.82
N GLY A 130 11.46 -17.51 22.80
CA GLY A 130 12.04 -18.26 21.71
C GLY A 130 11.87 -17.57 20.37
N LYS A 131 10.94 -16.61 20.29
CA LYS A 131 10.68 -15.88 19.05
C LYS A 131 10.77 -14.38 19.27
N SER A 132 11.31 -13.68 18.28
CA SER A 132 11.43 -12.23 18.36
C SER A 132 10.46 -11.55 17.38
N TYR A 133 9.83 -10.48 17.83
CA TYR A 133 8.87 -9.75 16.99
C TYR A 133 9.23 -8.27 16.90
N ARG A 134 9.18 -7.74 15.68
CA ARG A 134 9.49 -6.34 15.44
C ARG A 134 8.32 -5.64 14.74
N PHE A 135 8.01 -4.43 15.17
CA PHE A 135 6.92 -3.67 14.58
C PHE A 135 7.21 -2.17 14.58
N MET A 136 6.38 -1.42 13.86
CA MET A 136 6.53 0.03 13.77
C MET A 136 5.19 0.73 13.90
N ILE A 137 5.19 1.91 14.51
CA ILE A 137 3.97 2.68 14.69
C ILE A 137 3.80 3.71 13.59
N MET A 138 2.58 3.82 13.06
CA MET A 138 2.30 4.77 11.98
C MET A 138 0.90 5.36 12.15
N ASP A 139 0.63 6.45 11.41
CA ASP A 139 -0.66 7.11 11.48
C ASP A 139 -1.73 6.25 10.82
N ARG A 140 -2.84 6.05 11.53
CA ARG A 140 -3.94 5.25 11.01
C ARG A 140 -4.45 5.80 9.69
N PHE A 141 -4.83 4.90 8.78
CA PHE A 141 -5.34 5.29 7.48
C PHE A 141 -6.81 4.93 7.33
N GLY A 142 -7.45 5.47 6.29
CA GLY A 142 -8.86 5.20 6.07
C GLY A 142 -9.07 4.08 5.07
N SER A 143 -9.02 4.42 3.79
CA SER A 143 -9.21 3.43 2.73
C SER A 143 -8.15 3.58 1.65
N ASP A 144 -7.47 2.49 1.33
CA ASP A 144 -6.42 2.51 0.31
C ASP A 144 -6.96 3.04 -1.01
N LEU A 145 -6.07 3.57 -1.85
CA LEU A 145 -6.47 4.09 -3.14
C LEU A 145 -7.11 3.00 -3.99
N GLN A 146 -6.77 1.75 -3.69
CA GLN A 146 -7.33 0.62 -4.42
C GLN A 146 -8.83 0.52 -4.17
N LYS A 147 -9.24 0.71 -2.92
CA LYS A 147 -10.64 0.66 -2.55
C LYS A 147 -11.41 1.75 -3.29
N ILE A 148 -10.73 2.85 -3.59
CA ILE A 148 -11.34 3.97 -4.30
C ILE A 148 -11.49 3.64 -5.78
N TYR A 149 -10.60 2.78 -6.28
CA TYR A 149 -10.63 2.38 -7.68
C TYR A 149 -11.96 1.71 -8.02
N GLU A 150 -12.36 0.75 -7.19
CA GLU A 150 -13.61 0.03 -7.41
C GLU A 150 -14.80 0.96 -7.19
N ALA A 151 -14.62 1.97 -6.35
CA ALA A 151 -15.68 2.93 -6.06
C ALA A 151 -16.01 3.77 -7.28
N ASN A 152 -15.06 3.89 -8.20
CA ASN A 152 -15.26 4.67 -9.41
C ASN A 152 -15.70 3.79 -10.59
N ALA A 153 -16.13 2.57 -10.26
CA ALA A 153 -16.57 1.59 -11.27
C ALA A 153 -15.40 0.76 -11.77
N LYS A 154 -14.60 0.29 -10.83
CA LYS A 154 -13.43 -0.52 -11.16
C LYS A 154 -12.45 0.29 -12.01
N ARG A 155 -12.59 1.61 -11.97
CA ARG A 155 -11.72 2.49 -12.75
C ARG A 155 -11.47 3.80 -12.03
N PHE A 156 -10.70 4.69 -12.65
CA PHE A 156 -10.39 5.98 -12.06
C PHE A 156 -10.59 7.11 -13.08
N SER A 157 -11.05 8.25 -12.61
CA SER A 157 -11.29 9.40 -13.48
C SER A 157 -9.99 10.17 -13.74
N ARG A 158 -9.96 10.88 -14.85
CA ARG A 158 -8.77 11.66 -15.22
C ARG A 158 -8.49 12.74 -14.19
N LYS A 159 -9.54 13.19 -13.51
CA LYS A 159 -9.41 14.24 -12.49
C LYS A 159 -8.72 13.70 -11.25
N THR A 160 -9.00 12.44 -10.91
CA THR A 160 -8.40 11.82 -9.74
C THR A 160 -6.93 11.50 -9.97
N VAL A 161 -6.63 10.99 -11.17
CA VAL A 161 -5.25 10.63 -11.51
C VAL A 161 -4.37 11.88 -11.59
N LEU A 162 -4.79 12.86 -12.39
CA LEU A 162 -4.03 14.10 -12.54
C LEU A 162 -3.77 14.75 -11.19
N GLN A 163 -4.81 14.85 -10.38
CA GLN A 163 -4.69 15.46 -9.05
C GLN A 163 -3.76 14.64 -8.17
N LEU A 164 -3.93 13.31 -8.21
CA LEU A 164 -3.09 12.42 -7.42
C LEU A 164 -1.65 12.45 -7.90
N SER A 165 -1.47 12.49 -9.22
CA SER A 165 -0.13 12.53 -9.80
C SER A 165 0.66 13.69 -9.24
N LEU A 166 0.01 14.85 -9.11
CA LEU A 166 0.66 16.04 -8.57
C LEU A 166 1.02 15.83 -7.11
N ARG A 167 0.12 15.18 -6.37
CA ARG A 167 0.33 14.92 -4.96
C ARG A 167 1.52 13.98 -4.76
N ILE A 168 1.55 12.91 -5.55
CA ILE A 168 2.62 11.93 -5.46
C ILE A 168 3.93 12.53 -5.95
N LEU A 169 3.84 13.41 -6.94
CA LEU A 169 5.03 14.06 -7.48
C LEU A 169 5.73 14.90 -6.42
N ASP A 170 4.93 15.52 -5.55
CA ASP A 170 5.47 16.34 -4.48
C ASP A 170 6.38 15.52 -3.57
N ILE A 171 5.95 14.30 -3.25
CA ILE A 171 6.71 13.41 -2.39
C ILE A 171 7.95 12.89 -3.13
N LEU A 172 7.81 12.68 -4.43
CA LEU A 172 8.91 12.19 -5.25
C LEU A 172 10.10 13.14 -5.18
N GLU A 173 9.82 14.44 -5.17
CA GLU A 173 10.86 15.45 -5.12
C GLU A 173 11.54 15.44 -3.75
N TYR A 174 10.77 15.19 -2.70
CA TYR A 174 11.29 15.16 -1.35
C TYR A 174 12.23 13.95 -1.18
N ILE A 175 11.72 12.77 -1.48
CA ILE A 175 12.50 11.55 -1.36
C ILE A 175 13.70 11.57 -2.30
N HIS A 176 13.57 12.30 -3.41
CA HIS A 176 14.65 12.41 -4.38
C HIS A 176 15.71 13.38 -3.90
N GLU A 177 15.27 14.46 -3.26
CA GLU A 177 16.18 15.46 -2.73
C GLU A 177 16.93 14.94 -1.51
N HIS A 178 16.49 13.79 -0.98
CA HIS A 178 17.12 13.19 0.17
C HIS A 178 17.91 11.95 -0.23
N GLU A 179 17.98 11.68 -1.53
CA GLU A 179 18.71 10.52 -2.04
C GLU A 179 17.97 9.23 -1.72
N TYR A 180 16.67 9.21 -2.01
CA TYR A 180 15.84 8.03 -1.76
C TYR A 180 14.87 7.79 -2.90
N VAL A 181 14.70 6.53 -3.27
CA VAL A 181 13.79 6.16 -4.35
C VAL A 181 12.99 4.91 -3.99
N HIS A 182 11.98 4.60 -4.80
CA HIS A 182 11.13 3.44 -4.56
C HIS A 182 10.65 2.82 -5.87
N GLY A 183 10.00 3.64 -6.69
CA GLY A 183 9.50 3.16 -7.96
C GLY A 183 8.31 2.22 -7.79
N ASP A 184 7.53 2.46 -6.75
CA ASP A 184 6.35 1.63 -6.48
C ASP A 184 5.15 2.50 -6.10
N ILE A 185 4.48 3.04 -7.11
CA ILE A 185 3.31 3.89 -6.89
C ILE A 185 2.05 3.25 -7.47
N LYS A 186 1.09 2.95 -6.60
CA LYS A 186 -0.15 2.32 -7.05
C LYS A 186 -1.26 2.54 -6.02
N ALA A 187 -2.43 1.96 -6.29
CA ALA A 187 -3.58 2.07 -5.40
C ALA A 187 -3.47 1.10 -4.23
N SER A 188 -2.38 0.35 -4.17
CA SER A 188 -2.15 -0.62 -3.10
C SER A 188 -1.04 -0.13 -2.18
N ASN A 189 -0.50 1.05 -2.49
CA ASN A 189 0.56 1.65 -1.71
C ASN A 189 0.16 3.05 -1.24
N LEU A 190 -0.91 3.57 -1.82
CA LEU A 190 -1.41 4.90 -1.47
C LEU A 190 -2.71 4.77 -0.69
N LEU A 191 -2.73 5.34 0.51
CA LEU A 191 -3.92 5.27 1.36
C LEU A 191 -4.34 6.65 1.84
N LEU A 192 -5.58 6.79 2.28
CA LEU A 192 -6.10 8.07 2.74
C LEU A 192 -5.98 8.17 4.26
N ASN A 193 -5.80 9.40 4.75
CA ASN A 193 -5.67 9.63 6.19
C ASN A 193 -6.99 9.33 6.90
N TYR A 194 -6.91 8.58 7.99
CA TYR A 194 -8.09 8.24 8.76
C TYR A 194 -8.66 9.47 9.46
N LYS A 195 -7.85 10.06 10.34
CA LYS A 195 -8.27 11.26 11.06
C LYS A 195 -8.50 12.41 10.09
N ASN A 196 -7.96 12.29 8.88
CA ASN A 196 -8.11 13.33 7.87
C ASN A 196 -8.51 12.73 6.53
N PRO A 197 -9.79 12.33 6.40
CA PRO A 197 -10.30 11.73 5.16
C PRO A 197 -10.35 12.75 4.02
N ASP A 198 -9.26 12.83 3.26
CA ASP A 198 -9.17 13.76 2.14
C ASP A 198 -7.80 13.69 1.47
N GLN A 199 -6.77 13.46 2.28
CA GLN A 199 -5.40 13.39 1.77
C GLN A 199 -4.94 11.93 1.66
N VAL A 200 -4.07 11.66 0.70
CA VAL A 200 -3.54 10.32 0.50
C VAL A 200 -2.06 10.27 0.84
N TYR A 201 -1.62 9.12 1.34
CA TYR A 201 -0.23 8.93 1.73
C TYR A 201 0.36 7.69 1.05
N LEU A 202 1.68 7.66 0.93
CA LEU A 202 2.36 6.53 0.31
C LEU A 202 2.99 5.63 1.36
N VAL A 203 2.51 4.39 1.45
CA VAL A 203 3.01 3.42 2.42
C VAL A 203 3.92 2.40 1.75
N ASP A 204 5.03 2.09 2.41
CA ASP A 204 5.99 1.14 1.88
C ASP A 204 6.59 1.63 0.57
N TYR A 205 7.91 1.59 0.47
CA TYR A 205 8.60 2.04 -0.73
C TYR A 205 9.07 0.85 -1.57
N GLY A 206 8.66 -0.35 -1.19
CA GLY A 206 9.03 -1.53 -1.93
C GLY A 206 10.43 -2.03 -1.55
N LEU A 207 11.41 -1.14 -1.68
CA LEU A 207 12.79 -1.48 -1.35
C LEU A 207 13.52 -0.31 -0.69
N ALA A 208 13.17 0.91 -1.09
CA ALA A 208 13.80 2.10 -0.54
C ALA A 208 15.31 2.05 -0.73
N TYR A 209 15.79 2.65 -1.82
CA TYR A 209 17.22 2.66 -2.12
C TYR A 209 17.72 4.09 -2.33
N ARG A 210 18.98 4.31 -1.99
CA ARG A 210 19.59 5.63 -2.13
C ARG A 210 20.42 5.69 -3.42
N TYR A 211 19.74 5.84 -4.55
CA TYR A 211 20.41 5.92 -5.84
C TYR A 211 21.62 6.87 -5.80
N CYS A 212 21.41 8.04 -5.21
CA CYS A 212 22.48 9.03 -5.10
C CYS A 212 23.49 8.64 -4.03
N PRO A 213 24.79 8.59 -4.39
CA PRO A 213 25.85 8.22 -3.45
C PRO A 213 26.14 9.32 -2.43
N GLU A 214 27.20 9.13 -1.66
CA GLU A 214 27.58 10.11 -0.64
C GLU A 214 28.39 11.25 -1.27
N GLY A 215 29.31 10.91 -2.15
CA GLY A 215 30.13 11.90 -2.80
C GLY A 215 30.88 11.36 -4.00
N VAL A 216 31.94 10.60 -3.73
CA VAL A 216 32.74 10.02 -4.80
C VAL A 216 33.17 8.60 -4.45
N HIS A 217 32.67 7.63 -5.20
CA HIS A 217 33.00 6.22 -4.96
C HIS A 217 32.84 5.41 -6.24
N LYS A 218 31.59 5.23 -6.66
CA LYS A 218 31.28 4.46 -7.87
C LYS A 218 29.79 4.46 -8.16
N GLU A 219 29.44 4.73 -9.41
CA GLU A 219 28.03 4.75 -9.81
C GLU A 219 27.49 3.35 -10.03
N TYR A 220 26.26 3.25 -10.49
CA TYR A 220 25.63 1.96 -10.74
C TYR A 220 25.50 1.69 -12.24
N LYS A 221 24.51 2.32 -12.87
CA LYS A 221 24.29 2.15 -14.30
C LYS A 221 24.40 0.69 -14.72
N GLU A 222 23.25 -0.01 -14.74
CA GLU A 222 23.22 -1.41 -15.12
C GLU A 222 24.08 -2.26 -14.18
N ASP A 223 23.43 -3.20 -13.50
CA ASP A 223 24.13 -4.08 -12.57
C ASP A 223 23.22 -5.21 -12.11
N PRO A 224 23.11 -6.28 -12.91
CA PRO A 224 22.26 -7.43 -12.58
C PRO A 224 22.82 -8.24 -11.43
N LYS A 225 22.50 -7.82 -10.20
CA LYS A 225 22.97 -8.51 -9.01
C LYS A 225 21.83 -8.74 -8.02
N ARG A 226 20.60 -8.75 -8.54
CA ARG A 226 19.42 -8.96 -7.69
C ARG A 226 19.39 -7.95 -6.55
N CYS A 227 19.41 -6.67 -6.89
CA CYS A 227 19.38 -5.60 -5.89
C CYS A 227 18.05 -4.86 -5.92
N HIS A 228 17.80 -4.16 -7.01
CA HIS A 228 16.56 -3.40 -7.16
C HIS A 228 15.54 -4.18 -7.99
N ASP A 229 15.54 -5.50 -7.84
CA ASP A 229 14.61 -6.35 -8.57
C ASP A 229 13.17 -6.06 -8.16
N GLY A 230 12.84 -6.38 -6.91
CA GLY A 230 11.49 -6.14 -6.41
C GLY A 230 10.43 -6.86 -7.22
N THR A 231 9.37 -6.14 -7.57
CA THR A 231 8.28 -6.72 -8.34
C THR A 231 8.26 -6.14 -9.76
N ILE A 232 7.18 -6.43 -10.49
CA ILE A 232 7.02 -5.94 -11.86
C ILE A 232 5.59 -5.50 -12.12
N GLU A 233 4.93 -5.00 -11.07
CA GLU A 233 3.55 -4.54 -11.19
C GLU A 233 3.52 -3.03 -11.45
N PHE A 234 4.62 -2.50 -11.96
CA PHE A 234 4.73 -1.07 -12.25
C PHE A 234 6.17 -0.69 -12.56
N THR A 235 7.12 -1.42 -11.96
CA THR A 235 8.54 -1.15 -12.18
C THR A 235 8.90 -1.29 -13.65
N SER A 236 9.90 -0.53 -14.08
CA SER A 236 10.35 -0.55 -15.46
C SER A 236 11.32 -1.71 -15.70
N ILE A 237 11.83 -1.80 -16.92
CA ILE A 237 12.77 -2.87 -17.28
C ILE A 237 14.08 -2.71 -16.52
N ASP A 238 14.49 -1.47 -16.30
CA ASP A 238 15.72 -1.19 -15.59
C ASP A 238 15.72 -1.81 -14.18
N ALA A 239 14.53 -1.94 -13.61
CA ALA A 239 14.38 -2.52 -12.28
C ALA A 239 14.80 -3.99 -12.28
N HIS A 240 14.55 -4.67 -13.39
CA HIS A 240 14.89 -6.09 -13.51
C HIS A 240 16.41 -6.27 -13.50
N ASN A 241 17.13 -5.31 -14.06
CA ASN A 241 18.58 -5.36 -14.11
C ASN A 241 19.21 -4.81 -12.84
N GLY A 242 18.38 -4.44 -11.86
CA GLY A 242 18.88 -3.91 -10.61
C GLY A 242 19.20 -2.42 -10.71
N VAL A 243 19.04 -1.84 -11.88
CA VAL A 243 19.32 -0.43 -12.09
C VAL A 243 18.39 0.44 -11.25
N ALA A 244 18.96 1.43 -10.58
CA ALA A 244 18.18 2.33 -9.74
C ALA A 244 17.36 3.31 -10.59
N PRO A 245 16.21 3.75 -10.08
CA PRO A 245 15.33 4.68 -10.81
C PRO A 245 15.97 6.05 -10.98
N SER A 246 16.75 6.47 -9.97
CA SER A 246 17.43 7.76 -10.01
C SER A 246 16.42 8.91 -9.94
N ARG A 247 15.66 9.08 -11.02
CA ARG A 247 14.66 10.15 -11.07
C ARG A 247 13.71 9.93 -12.24
N ARG A 248 14.26 9.57 -13.39
CA ARG A 248 13.45 9.33 -14.58
C ARG A 248 12.65 8.03 -14.44
N GLY A 249 13.22 7.05 -13.75
CA GLY A 249 12.56 5.79 -13.56
C GLY A 249 11.25 5.92 -12.79
N ASP A 250 11.25 6.80 -11.79
CA ASP A 250 10.06 7.03 -10.98
C ASP A 250 8.94 7.63 -11.82
N LEU A 251 9.29 8.60 -12.65
CA LEU A 251 8.31 9.27 -13.52
C LEU A 251 7.71 8.29 -14.51
N GLU A 252 8.54 7.40 -15.04
CA GLU A 252 8.10 6.40 -16.01
C GLU A 252 7.01 5.52 -15.42
N ILE A 253 7.07 5.30 -14.11
CA ILE A 253 6.09 4.46 -13.42
C ILE A 253 4.77 5.21 -13.24
N LEU A 254 4.86 6.49 -12.87
CA LEU A 254 3.66 7.31 -12.67
C LEU A 254 2.84 7.37 -13.95
N GLY A 255 3.51 7.61 -15.07
CA GLY A 255 2.83 7.70 -16.34
C GLY A 255 2.01 6.45 -16.65
N TYR A 256 2.42 5.32 -16.07
CA TYR A 256 1.73 4.06 -16.28
C TYR A 256 0.46 3.98 -15.43
N CYS A 257 0.50 4.62 -14.27
CA CYS A 257 -0.65 4.62 -13.35
C CYS A 257 -1.91 5.10 -14.05
N MET A 258 -1.80 6.23 -14.76
CA MET A 258 -2.94 6.79 -15.47
C MET A 258 -3.44 5.84 -16.55
N ILE A 259 -2.51 5.06 -17.11
CA ILE A 259 -2.84 4.10 -18.16
C ILE A 259 -3.73 2.99 -17.62
N GLN A 260 -3.39 2.46 -16.45
CA GLN A 260 -4.15 1.38 -15.84
C GLN A 260 -5.39 1.92 -15.13
N TRP A 261 -5.32 3.15 -14.67
CA TRP A 261 -6.44 3.77 -13.96
C TRP A 261 -7.54 4.21 -14.92
N LEU A 262 -7.15 4.61 -16.13
CA LEU A 262 -8.11 5.05 -17.13
C LEU A 262 -8.46 3.93 -18.10
N THR A 263 -7.47 3.09 -18.42
CA THR A 263 -7.67 1.98 -19.34
C THR A 263 -7.97 0.68 -18.59
N GLY A 264 -8.01 0.74 -17.27
CA GLY A 264 -8.29 -0.46 -16.48
C GLY A 264 -7.28 -1.56 -16.74
N HIS A 265 -6.26 -1.65 -15.89
CA HIS A 265 -5.23 -2.67 -16.03
C HIS A 265 -4.49 -2.49 -17.36
N LEU A 266 -3.25 -2.97 -17.40
CA LEU A 266 -2.42 -2.86 -18.59
C LEU A 266 -1.99 -4.24 -19.08
N PRO A 267 -1.51 -4.33 -20.34
CA PRO A 267 -1.06 -5.61 -20.92
C PRO A 267 0.26 -6.08 -20.33
N TRP A 268 0.30 -6.25 -19.01
CA TRP A 268 1.50 -6.71 -18.33
C TRP A 268 1.25 -6.78 -16.82
N GLU A 269 0.52 -5.80 -16.30
CA GLU A 269 0.19 -5.77 -14.88
C GLU A 269 -1.15 -6.46 -14.63
N ASP A 270 -1.64 -7.19 -15.64
CA ASP A 270 -2.91 -7.88 -15.52
C ASP A 270 -2.87 -8.93 -14.42
N ASN A 271 -1.95 -9.89 -14.55
CA ASN A 271 -1.81 -10.94 -13.55
C ASN A 271 -0.36 -11.10 -13.10
N LEU A 272 0.57 -10.72 -13.96
CA LEU A 272 2.00 -10.85 -13.65
C LEU A 272 2.40 -12.31 -13.71
N LYS A 273 1.50 -13.14 -14.23
CA LYS A 273 1.75 -14.57 -14.36
C LYS A 273 2.57 -14.85 -15.62
N ASP A 274 2.61 -13.86 -16.52
CA ASP A 274 3.35 -14.01 -17.76
C ASP A 274 4.22 -12.77 -18.01
N PRO A 275 5.53 -12.86 -17.70
CA PRO A 275 6.46 -11.75 -17.89
C PRO A 275 6.95 -11.63 -19.34
N LYS A 276 6.30 -12.35 -20.25
CA LYS A 276 6.68 -12.31 -21.66
C LYS A 276 6.27 -10.99 -22.30
N TYR A 277 5.02 -10.60 -22.11
CA TYR A 277 4.51 -9.35 -22.67
C TYR A 277 4.94 -8.15 -21.83
N VAL A 278 5.17 -8.38 -20.54
CA VAL A 278 5.59 -7.32 -19.64
C VAL A 278 6.90 -6.69 -20.07
N ARG A 279 7.88 -7.53 -20.42
CA ARG A 279 9.18 -7.04 -20.86
C ARG A 279 9.11 -6.47 -22.26
N ASP A 280 8.22 -7.03 -23.09
CA ASP A 280 8.06 -6.58 -24.46
C ASP A 280 7.34 -5.25 -24.52
N SER A 281 6.23 -5.15 -23.80
CA SER A 281 5.43 -3.92 -23.77
C SER A 281 6.18 -2.79 -23.11
N LYS A 282 6.96 -3.11 -22.08
CA LYS A 282 7.74 -2.11 -21.35
C LYS A 282 8.80 -1.48 -22.25
N ILE A 283 9.57 -2.32 -22.93
CA ILE A 283 10.63 -1.84 -23.82
C ILE A 283 10.04 -1.10 -25.02
N ARG A 284 8.85 -1.50 -25.44
CA ARG A 284 8.19 -0.88 -26.58
C ARG A 284 7.51 0.42 -26.17
N TYR A 285 6.69 0.34 -25.12
CA TYR A 285 5.97 1.53 -24.63
C TYR A 285 6.94 2.64 -24.27
N ARG A 286 8.13 2.26 -23.82
CA ARG A 286 9.16 3.23 -23.46
C ARG A 286 9.51 4.12 -24.64
N GLU A 287 9.34 3.58 -25.84
CA GLU A 287 9.63 4.32 -27.07
C GLU A 287 8.47 4.24 -28.05
N ASN A 288 7.25 4.12 -27.52
CA ASN A 288 6.06 4.05 -28.35
C ASN A 288 4.85 4.64 -27.63
N ILE A 289 5.08 5.73 -26.91
CA ILE A 289 4.01 6.40 -26.17
C ILE A 289 2.83 6.72 -27.09
N ALA A 290 3.12 7.32 -28.23
CA ALA A 290 2.09 7.69 -29.19
C ALA A 290 1.20 6.49 -29.52
N SER A 291 1.84 5.37 -29.86
CA SER A 291 1.10 4.15 -30.19
C SER A 291 0.35 3.64 -28.97
N LEU A 292 0.93 3.88 -27.79
CA LEU A 292 0.31 3.46 -26.53
C LEU A 292 -0.96 4.26 -26.26
N MET A 293 -0.91 5.54 -26.59
CA MET A 293 -2.06 6.42 -26.38
C MET A 293 -3.23 6.00 -27.27
N ASP A 294 -2.91 5.59 -28.49
CA ASP A 294 -3.95 5.17 -29.44
C ASP A 294 -4.37 3.73 -29.19
N LYS A 295 -3.46 2.94 -28.60
CA LYS A 295 -3.75 1.54 -28.33
C LYS A 295 -4.52 1.38 -27.02
N CYS A 296 -3.99 1.92 -25.94
CA CYS A 296 -4.63 1.82 -24.63
C CYS A 296 -5.92 2.65 -24.58
N PHE A 297 -5.88 3.84 -25.16
CA PHE A 297 -7.06 4.71 -25.18
C PHE A 297 -7.75 4.66 -26.54
N PRO A 298 -9.07 4.93 -26.57
CA PRO A 298 -9.85 4.92 -27.81
C PRO A 298 -9.22 5.76 -28.91
N GLU A 299 -9.10 7.07 -28.64
CA GLU A 299 -8.52 7.99 -29.61
C GLU A 299 -7.77 9.11 -28.90
N LYS A 300 -8.38 9.68 -27.87
CA LYS A 300 -7.77 10.76 -27.12
C LYS A 300 -7.56 11.99 -28.00
N ASN A 301 -8.65 12.48 -28.59
CA ASN A 301 -8.58 13.65 -29.45
C ASN A 301 -8.58 14.93 -28.63
N LYS A 302 -9.69 15.19 -27.93
CA LYS A 302 -9.81 16.38 -27.10
C LYS A 302 -8.78 16.38 -25.97
N PRO A 303 -8.76 15.32 -25.14
CA PRO A 303 -7.81 15.21 -24.02
C PRO A 303 -6.36 15.22 -24.50
N GLY A 304 -5.45 14.82 -23.62
CA GLY A 304 -4.04 14.80 -23.97
C GLY A 304 -3.16 15.38 -22.88
N GLU A 305 -3.53 15.12 -21.63
CA GLU A 305 -2.76 15.62 -20.49
C GLU A 305 -1.65 14.65 -20.13
N ILE A 306 -1.91 13.36 -20.30
CA ILE A 306 -0.93 12.33 -20.00
C ILE A 306 0.15 12.29 -21.07
N ALA A 307 -0.27 12.31 -22.34
CA ALA A 307 0.67 12.29 -23.45
C ALA A 307 1.81 13.27 -23.25
N LYS A 308 1.48 14.49 -22.83
CA LYS A 308 2.49 15.51 -22.59
C LYS A 308 3.45 15.06 -21.50
N TYR A 309 2.91 14.40 -20.48
CA TYR A 309 3.71 13.91 -19.36
C TYR A 309 4.60 12.75 -19.79
N MET A 310 4.03 11.84 -20.57
CA MET A 310 4.77 10.68 -21.05
C MET A 310 5.89 11.13 -22.00
N GLU A 311 5.59 12.14 -22.81
CA GLU A 311 6.57 12.66 -23.76
C GLU A 311 7.82 13.15 -23.03
N THR A 312 7.63 13.98 -22.02
CA THR A 312 8.74 14.51 -21.25
C THR A 312 9.51 13.38 -20.57
N VAL A 313 8.78 12.35 -20.16
CA VAL A 313 9.38 11.19 -19.51
C VAL A 313 10.16 10.33 -20.50
N LYS A 314 9.77 10.41 -21.78
CA LYS A 314 10.42 9.65 -22.82
C LYS A 314 11.77 10.26 -23.20
N LEU A 315 11.85 11.58 -23.08
CA LEU A 315 13.08 12.30 -23.40
C LEU A 315 13.80 12.74 -22.12
N LEU A 316 13.11 12.61 -20.99
CA LEU A 316 13.68 12.99 -19.70
C LEU A 316 15.02 12.31 -19.47
N ASP A 317 15.99 13.08 -18.98
CA ASP A 317 17.33 12.55 -18.71
C ASP A 317 17.95 12.00 -20.00
N TYR A 318 19.27 11.83 -19.97
CA TYR A 318 20.00 11.30 -21.12
C TYR A 318 19.80 12.19 -22.35
N THR A 319 19.42 13.44 -22.11
CA THR A 319 19.21 14.39 -23.20
C THR A 319 19.14 15.81 -22.67
N GLU A 320 18.32 16.02 -21.65
CA GLU A 320 18.16 17.35 -21.05
C GLU A 320 18.32 17.27 -19.53
N LYS A 321 18.00 18.37 -18.86
CA LYS A 321 18.10 18.45 -17.41
C LYS A 321 16.73 18.28 -16.75
N PRO A 322 16.70 18.01 -15.43
CA PRO A 322 15.46 17.83 -14.69
C PRO A 322 14.46 18.96 -14.94
N LEU A 323 13.17 18.62 -15.03
CA LEU A 323 12.14 19.60 -15.27
C LEU A 323 10.86 19.24 -14.52
N TYR A 324 10.99 19.03 -13.22
CA TYR A 324 9.85 18.67 -12.38
C TYR A 324 8.74 19.72 -12.49
N GLU A 325 9.14 20.98 -12.68
CA GLU A 325 8.19 22.07 -12.82
C GLU A 325 7.31 21.88 -14.05
N ASN A 326 7.89 21.31 -15.10
CA ASN A 326 7.16 21.09 -16.34
C ASN A 326 6.14 19.97 -16.16
N LEU A 327 6.55 18.89 -15.51
CA LEU A 327 5.66 17.75 -15.27
C LEU A 327 4.41 18.19 -14.53
N ARG A 328 4.59 19.01 -13.50
CA ARG A 328 3.46 19.50 -12.72
C ARG A 328 2.48 20.26 -13.60
N ASP A 329 3.01 21.16 -14.42
CA ASP A 329 2.18 21.97 -15.33
C ASP A 329 1.39 21.07 -16.26
N ILE A 330 2.02 20.00 -16.74
CA ILE A 330 1.37 19.07 -17.65
C ILE A 330 0.10 18.49 -17.02
N LEU A 331 0.19 18.10 -15.76
CA LEU A 331 -0.96 17.53 -15.06
C LEU A 331 -1.92 18.63 -14.61
N LEU A 332 -1.38 19.68 -13.99
CA LEU A 332 -2.18 20.79 -13.51
C LEU A 332 -2.92 21.47 -14.66
N GLN A 333 -2.18 21.78 -15.72
CA GLN A 333 -2.77 22.44 -16.89
C GLN A 333 -3.88 21.57 -17.49
N GLY A 334 -3.66 20.27 -17.52
CA GLY A 334 -4.65 19.36 -18.06
C GLY A 334 -5.98 19.47 -17.35
N LEU A 335 -5.94 19.85 -16.08
CA LEU A 335 -7.16 19.98 -15.29
C LEU A 335 -8.03 21.12 -15.83
N LYS A 336 -7.38 22.21 -16.24
CA LYS A 336 -8.08 23.36 -16.78
C LYS A 336 -8.88 22.98 -18.02
N ALA A 337 -8.37 22.01 -18.76
CA ALA A 337 -9.04 21.55 -19.98
C ALA A 337 -10.38 20.91 -19.67
N ILE A 338 -10.52 20.36 -18.47
CA ILE A 338 -11.75 19.71 -18.06
C ILE A 338 -12.52 20.55 -17.04
N GLY A 339 -12.31 21.87 -17.10
CA GLY A 339 -12.98 22.77 -16.18
C GLY A 339 -12.15 23.08 -14.95
N SER A 340 -11.19 22.22 -14.64
CA SER A 340 -10.33 22.41 -13.48
C SER A 340 -11.13 22.29 -12.19
N LYS A 341 -10.41 22.13 -11.08
CA LYS A 341 -11.05 22.01 -9.76
C LYS A 341 -10.00 21.90 -8.66
N ASP A 342 -8.90 22.65 -8.82
CA ASP A 342 -7.83 22.65 -7.84
C ASP A 342 -8.19 23.50 -6.63
N ASP A 343 -8.90 22.90 -5.68
CA ASP A 343 -9.31 23.61 -4.47
C ASP A 343 -8.54 23.10 -3.25
N GLY A 344 -8.14 21.83 -3.30
CA GLY A 344 -7.41 21.24 -2.20
C GLY A 344 -7.89 19.85 -1.86
N LYS A 345 -8.13 19.04 -2.88
CA LYS A 345 -8.59 17.67 -2.68
C LYS A 345 -7.93 16.72 -3.69
N LEU A 346 -8.33 15.46 -3.64
CA LEU A 346 -7.78 14.45 -4.54
C LEU A 346 -8.83 13.93 -5.52
N ASP A 347 -10.08 14.30 -5.28
CA ASP A 347 -11.19 13.87 -6.15
C ASP A 347 -11.56 12.41 -5.89
N LEU A 348 -11.36 11.96 -4.66
CA LEU A 348 -11.69 10.59 -4.29
C LEU A 348 -12.34 10.53 -2.91
N SER A 349 -13.54 11.08 -2.82
CA SER A 349 -14.28 11.09 -1.55
C SER A 349 -14.58 9.67 -1.08
N VAL A 350 -14.76 8.76 -2.03
CA VAL A 350 -15.06 7.37 -1.72
C VAL A 350 -16.42 7.24 -1.06
N VAL A 351 -17.43 6.89 -1.85
CA VAL A 351 -18.79 6.74 -1.35
C VAL A 351 -19.56 5.68 -2.15
N GLU A 352 -19.37 4.41 -1.79
CA GLU A 352 -20.04 3.31 -2.47
C GLU A 352 -21.50 3.21 -2.03
N ASN A 353 -22.24 2.31 -2.67
CA ASN A 353 -23.64 2.11 -2.33
C ASN A 353 -24.00 0.63 -2.30
N GLY A 354 -23.63 -0.09 -3.36
CA GLY A 354 -23.90 -1.51 -3.44
C GLY A 354 -25.36 -1.80 -3.75
N GLY A 355 -25.67 -3.05 -4.05
CA GLY A 355 -27.03 -3.43 -4.37
C GLY A 355 -27.32 -4.89 -4.04
N LEU A 356 -28.52 -5.34 -4.38
CA LEU A 356 -28.92 -6.72 -4.12
C LEU A 356 -29.88 -7.22 -5.20
N LYS A 357 -29.71 -6.71 -6.42
CA LYS A 357 -30.55 -7.10 -7.54
C LYS A 357 -29.81 -8.06 -8.47
N ALA A 358 -30.17 -9.33 -8.43
CA ALA A 358 -29.54 -10.34 -9.27
C ALA A 358 -30.46 -11.52 -9.50
N LYS A 359 -31.25 -11.45 -10.56
CA LYS A 359 -32.19 -12.52 -10.89
C LYS A 359 -32.58 -12.47 -12.37
N THR A 360 -32.06 -13.41 -13.14
CA THR A 360 -32.36 -13.47 -14.57
C THR A 360 -32.27 -14.90 -15.09
N ILE A 361 -32.68 -15.85 -14.25
CA ILE A 361 -32.67 -17.25 -14.62
C ILE A 361 -31.24 -17.71 -14.94
N THR A 362 -30.65 -18.47 -14.02
CA THR A 362 -29.29 -18.98 -14.21
C THR A 362 -29.31 -20.38 -14.80
N LYS A 363 -30.31 -21.16 -14.42
CA LYS A 363 -30.43 -22.53 -14.90
C LYS A 363 -31.80 -23.12 -14.56
N LYS A 364 -32.35 -23.93 -15.46
CA LYS A 364 -33.65 -24.55 -15.24
C LYS A 364 -33.63 -26.01 -15.67
N ARG A 365 -33.35 -26.23 -16.96
CA ARG A 365 -33.30 -27.59 -17.50
C ARG A 365 -32.02 -28.30 -17.08
N LYS A 366 -32.16 -29.53 -16.60
CA LYS A 366 -31.01 -30.32 -16.18
C LYS A 366 -30.55 -31.26 -17.27
N LYS A 367 -29.37 -31.86 -17.08
CA LYS A 367 -28.81 -32.78 -18.07
C LYS A 367 -27.62 -33.54 -17.50
N GLU A 368 -26.69 -32.78 -16.90
CA GLU A 368 -25.50 -33.38 -16.31
C GLU A 368 -24.67 -34.11 -17.38
N ILE A 369 -23.70 -33.41 -17.94
CA ILE A 369 -22.83 -33.99 -18.96
C ILE A 369 -21.43 -33.38 -18.92
N GLU A 370 -20.42 -34.22 -19.08
CA GLU A 370 -19.03 -33.77 -19.05
C GLU A 370 -18.16 -34.64 -19.95
N GLU A 371 -18.30 -35.95 -19.81
CA GLU A 371 -17.53 -36.89 -20.60
C GLU A 371 -18.39 -37.53 -21.69
N SER A 372 -17.80 -37.74 -22.86
CA SER A 372 -18.51 -38.33 -23.99
C SER A 372 -17.57 -38.63 -25.14
N LYS A 373 -16.88 -37.60 -25.62
CA LYS A 373 -15.94 -37.75 -26.72
C LYS A 373 -14.52 -37.90 -26.20
N GLU A 374 -14.23 -37.25 -25.08
CA GLU A 374 -12.90 -37.31 -24.48
C GLU A 374 -12.55 -38.74 -24.08
N PRO A 375 -11.40 -39.26 -24.58
CA PRO A 375 -10.97 -40.63 -24.27
C PRO A 375 -10.46 -40.76 -22.83
N GLY A 376 -9.84 -41.89 -22.53
CA GLY A 376 -9.32 -42.12 -21.20
C GLY A 376 -8.15 -43.09 -21.19
N VAL A 377 -7.37 -43.05 -20.11
CA VAL A 377 -6.21 -43.93 -19.98
C VAL A 377 -5.99 -44.35 -18.54
N GLU A 378 -6.59 -45.49 -18.16
CA GLU A 378 -6.46 -46.00 -16.81
C GLU A 378 -5.55 -47.23 -16.77
N ASP A 379 -4.41 -47.09 -16.10
CA ASP A 379 -3.45 -48.19 -15.99
C ASP A 379 -3.52 -48.84 -14.62
N THR A 380 -3.83 -48.03 -13.60
CA THR A 380 -3.93 -48.54 -12.24
C THR A 380 -5.19 -49.38 -12.07
N GLU A 381 -5.39 -49.90 -10.85
CA GLU A 381 -6.54 -50.73 -10.55
C GLU A 381 -6.52 -52.02 -11.38
N TRP A 382 -6.94 -51.91 -12.64
CA TRP A 382 -6.98 -53.07 -13.53
C TRP A 382 -7.92 -54.14 -13.00
N SER A 383 -8.96 -54.43 -13.79
CA SER A 383 -9.94 -55.44 -13.40
C SER A 383 -9.59 -56.81 -13.99
N ASN A 384 -8.33 -57.19 -13.84
CA ASN A 384 -7.85 -58.47 -14.36
C ASN A 384 -6.60 -58.92 -13.62
N THR A 385 -6.76 -59.87 -12.72
CA THR A 385 -5.63 -60.39 -11.94
C THR A 385 -4.99 -59.29 -11.11
N GLN A 386 -4.18 -59.69 -10.12
CA GLN A 386 -3.51 -58.73 -9.25
C GLN A 386 -2.23 -58.23 -9.89
N THR A 387 -1.96 -56.94 -9.75
CA THR A 387 -0.76 -56.33 -10.32
C THR A 387 -0.21 -55.24 -9.39
N GLU A 388 0.45 -55.67 -8.32
CA GLU A 388 1.03 -54.73 -7.36
C GLU A 388 2.51 -55.01 -7.15
N GLU A 389 2.85 -56.28 -7.00
CA GLU A 389 4.24 -56.69 -6.78
C GLU A 389 4.92 -57.01 -8.11
N ALA A 390 6.13 -56.50 -8.29
CA ALA A 390 6.89 -56.73 -9.52
C ALA A 390 8.21 -57.43 -9.22
N ILE A 391 8.67 -58.24 -10.17
CA ILE A 391 9.92 -58.97 -10.01
C ILE A 391 11.12 -58.07 -10.30
N GLN A 392 11.07 -57.36 -11.43
CA GLN A 392 12.15 -56.46 -11.81
C GLN A 392 13.46 -57.24 -11.99
N THR A 393 13.34 -58.50 -12.39
CA THR A 393 14.52 -59.34 -12.60
C THR A 393 14.16 -60.60 -13.36
N ARG A 394 14.32 -60.56 -14.68
CA ARG A 394 14.02 -61.70 -15.53
C ARG A 394 15.30 -62.36 -16.04
N SER A 395 15.34 -63.69 -15.95
CA SER A 395 16.50 -64.45 -16.40
C SER A 395 16.07 -65.72 -17.13
N ARG A 396 15.99 -65.64 -18.45
CA ARG A 396 15.59 -66.77 -19.26
C ARG A 396 16.69 -67.17 -20.23
N THR A 397 17.40 -68.25 -19.91
CA THR A 397 18.49 -68.73 -20.75
C THR A 397 18.74 -70.22 -20.51
N ARG A 398 18.78 -70.62 -19.25
CA ARG A 398 19.00 -72.02 -18.90
C ARG A 398 17.73 -72.65 -18.34
N LYS A 399 17.69 -73.98 -18.32
CA LYS A 399 16.53 -74.70 -17.82
C LYS A 399 16.92 -76.09 -17.34
N ARG A 400 16.46 -76.44 -16.15
CA ARG A 400 16.76 -77.75 -15.56
C ARG A 400 15.49 -78.60 -15.47
N VAL A 401 15.65 -79.82 -14.95
CA VAL A 401 14.52 -80.73 -14.80
C VAL A 401 14.60 -81.49 -13.47
N GLN A 402 13.54 -81.36 -12.67
CA GLN A 402 13.49 -82.03 -11.38
C GLN A 402 12.80 -83.38 -11.50
N LYS A 403 13.56 -84.40 -11.88
CA LYS A 403 13.02 -85.75 -12.03
C LYS A 403 12.80 -86.40 -10.68
N GLY A 1 -50.50 -1.92 6.10
CA GLY A 1 -51.82 -2.56 5.90
C GLY A 1 -51.86 -3.98 6.43
N SER A 2 -50.70 -4.64 6.44
CA SER A 2 -50.62 -6.01 6.92
C SER A 2 -51.02 -6.10 8.39
N SER A 3 -51.79 -7.14 8.72
CA SER A 3 -52.24 -7.35 10.09
C SER A 3 -51.21 -8.11 10.91
N GLY A 4 -50.92 -7.62 12.10
CA GLY A 4 -49.94 -8.27 12.96
C GLY A 4 -49.99 -7.75 14.38
N SER A 5 -49.21 -8.36 15.26
CA SER A 5 -49.17 -7.96 16.67
C SER A 5 -47.87 -7.24 16.98
N SER A 6 -47.84 -6.54 18.11
CA SER A 6 -46.65 -5.80 18.53
C SER A 6 -46.13 -6.32 19.85
N GLY A 7 -45.16 -7.23 19.78
CA GLY A 7 -44.57 -7.80 20.98
C GLY A 7 -44.11 -9.23 20.78
N MET A 8 -43.13 -9.43 19.92
CA MET A 8 -42.60 -10.76 19.64
C MET A 8 -41.75 -11.26 20.80
N PRO A 9 -42.23 -12.30 21.52
CA PRO A 9 -41.51 -12.86 22.66
C PRO A 9 -40.29 -13.67 22.23
N ARG A 10 -39.10 -13.06 22.36
CA ARG A 10 -37.86 -13.72 21.98
C ARG A 10 -37.32 -14.57 23.12
N VAL A 11 -36.24 -15.29 22.87
CA VAL A 11 -35.63 -16.15 23.88
C VAL A 11 -34.11 -16.03 23.85
N LYS A 12 -33.60 -14.83 24.06
CA LYS A 12 -32.16 -14.58 24.05
C LYS A 12 -31.61 -14.50 25.47
N ALA A 13 -31.96 -13.42 26.17
CA ALA A 13 -31.51 -13.22 27.54
C ALA A 13 -29.98 -13.18 27.62
N ALA A 14 -29.46 -12.71 28.75
CA ALA A 14 -28.02 -12.63 28.95
C ALA A 14 -27.59 -13.44 30.18
N GLN A 15 -28.31 -14.52 30.45
CA GLN A 15 -28.00 -15.36 31.59
C GLN A 15 -27.20 -16.59 31.16
N ALA A 16 -26.41 -16.43 30.10
CA ALA A 16 -25.59 -17.52 29.58
C ALA A 16 -24.69 -17.03 28.45
N GLY A 17 -24.20 -15.81 28.56
CA GLY A 17 -23.33 -15.26 27.54
C GLY A 17 -21.99 -15.95 27.49
N ARG A 18 -20.92 -15.19 27.77
CA ARG A 18 -19.58 -15.73 27.76
C ARG A 18 -19.23 -16.36 29.11
N GLN A 19 -18.66 -17.56 29.06
CA GLN A 19 -18.28 -18.28 30.27
C GLN A 19 -16.84 -18.77 30.19
N SER A 20 -16.20 -18.92 31.34
CA SER A 20 -14.82 -19.38 31.40
C SER A 20 -14.53 -20.07 32.74
N SER A 21 -14.00 -21.28 32.67
CA SER A 21 -13.67 -22.05 33.86
C SER A 21 -12.49 -22.98 33.61
N ALA A 22 -11.28 -22.44 33.75
CA ALA A 22 -10.07 -23.23 33.55
C ALA A 22 -10.01 -23.77 32.13
N LYS A 23 -9.42 -23.00 31.22
CA LYS A 23 -9.30 -23.42 29.82
C LYS A 23 -8.29 -22.53 29.09
N ARG A 24 -7.48 -23.16 28.24
CA ARG A 24 -6.47 -22.45 27.48
C ARG A 24 -7.06 -21.92 26.17
N HIS A 25 -6.43 -20.88 25.62
CA HIS A 25 -6.88 -20.30 24.37
C HIS A 25 -5.71 -19.80 23.53
N LEU A 26 -5.61 -20.29 22.30
CA LEU A 26 -4.53 -19.90 21.41
C LEU A 26 -5.05 -19.63 20.00
N ALA A 27 -4.68 -18.49 19.44
CA ALA A 27 -5.12 -18.12 18.10
C ALA A 27 -4.18 -17.08 17.49
N GLU A 28 -3.96 -15.99 18.21
CA GLU A 28 -3.08 -14.93 17.74
C GLU A 28 -2.10 -14.50 18.82
N GLN A 29 -1.06 -13.78 18.43
CA GLN A 29 -0.05 -13.31 19.36
C GLN A 29 -0.65 -12.31 20.35
N PHE A 30 -0.95 -11.12 19.87
CA PHE A 30 -1.52 -10.08 20.71
C PHE A 30 -2.33 -9.09 19.88
N ALA A 31 -3.62 -8.98 20.18
CA ALA A 31 -4.51 -8.08 19.47
C ALA A 31 -5.88 -7.99 20.13
N VAL A 32 -6.42 -6.77 20.20
CA VAL A 32 -7.72 -6.56 20.82
C VAL A 32 -7.68 -6.88 22.32
N GLY A 33 -7.73 -5.83 23.13
CA GLY A 33 -7.70 -6.02 24.58
C GLY A 33 -6.32 -6.41 25.08
N GLU A 34 -5.29 -6.02 24.34
CA GLU A 34 -3.92 -6.33 24.72
C GLU A 34 -3.02 -5.12 24.54
N ILE A 35 -2.14 -4.89 25.51
CA ILE A 35 -1.21 -3.76 25.46
C ILE A 35 0.19 -4.22 25.12
N ILE A 36 0.90 -3.43 24.32
CA ILE A 36 2.26 -3.77 23.92
C ILE A 36 3.23 -2.69 24.35
N THR A 37 4.50 -3.07 24.53
CA THR A 37 5.53 -2.14 24.94
C THR A 37 6.29 -1.61 23.73
N ASP A 38 6.61 -0.32 23.75
CA ASP A 38 7.32 0.30 22.63
C ASP A 38 8.82 0.40 22.94
N MET A 39 9.48 1.42 22.39
CA MET A 39 10.90 1.63 22.61
C MET A 39 11.13 2.43 23.88
N ALA A 40 10.26 3.40 24.12
CA ALA A 40 10.35 4.23 25.31
C ALA A 40 9.75 3.51 26.52
N LYS A 41 9.27 2.29 26.30
CA LYS A 41 8.66 1.48 27.35
C LYS A 41 7.18 1.81 27.54
N LYS A 42 6.61 2.50 26.55
CA LYS A 42 5.20 2.86 26.62
C LYS A 42 4.34 1.61 26.55
N GLU A 43 3.03 1.78 26.72
CA GLU A 43 2.09 0.67 26.67
C GLU A 43 1.03 0.91 25.62
N TRP A 44 1.40 0.69 24.36
CA TRP A 44 0.47 0.88 23.25
C TRP A 44 -0.64 -0.15 23.27
N LYS A 45 -1.88 0.32 23.20
CA LYS A 45 -3.04 -0.57 23.21
C LYS A 45 -3.39 -1.02 21.80
N VAL A 46 -3.44 -2.34 21.60
CA VAL A 46 -3.76 -2.90 20.29
C VAL A 46 -5.26 -2.92 20.06
N GLY A 47 -5.71 -2.28 18.98
CA GLY A 47 -7.12 -2.24 18.67
C GLY A 47 -7.62 -3.55 18.08
N LEU A 48 -8.17 -3.47 16.88
CA LEU A 48 -8.69 -4.66 16.20
C LEU A 48 -7.91 -4.94 14.92
N PRO A 49 -8.06 -6.17 14.36
CA PRO A 49 -7.37 -6.56 13.14
C PRO A 49 -7.93 -5.84 11.90
N ILE A 50 -7.08 -5.07 11.24
CA ILE A 50 -7.49 -4.34 10.05
C ILE A 50 -6.90 -4.96 8.79
N GLY A 51 -6.70 -6.27 8.83
CA GLY A 51 -6.13 -6.97 7.67
C GLY A 51 -5.89 -8.44 7.95
N GLN A 52 -6.23 -9.28 6.99
CA GLN A 52 -6.04 -10.72 7.12
C GLN A 52 -4.63 -11.13 6.72
N GLY A 53 -4.26 -10.84 5.47
CA GLY A 53 -2.94 -11.19 4.99
C GLY A 53 -2.25 -10.02 4.30
N GLY A 54 -1.25 -9.47 4.95
CA GLY A 54 -0.52 -8.34 4.38
C GLY A 54 0.99 -8.50 4.51
N PHE A 55 1.44 -8.85 5.71
CA PHE A 55 2.88 -9.02 5.96
C PHE A 55 3.10 -10.02 7.09
N GLY A 56 2.68 -9.64 8.29
CA GLY A 56 2.84 -10.51 9.44
C GLY A 56 1.71 -10.36 10.44
N CYS A 57 1.76 -9.26 11.21
CA CYS A 57 0.73 -9.00 12.22
C CYS A 57 0.30 -7.54 12.18
N ILE A 58 -0.57 -7.20 11.25
CA ILE A 58 -1.06 -5.84 11.11
C ILE A 58 -2.29 -5.60 11.97
N TYR A 59 -2.10 -4.89 13.09
CA TYR A 59 -3.20 -4.60 14.00
C TYR A 59 -3.25 -3.11 14.33
N LEU A 60 -4.38 -2.66 14.87
CA LEU A 60 -4.55 -1.26 15.22
C LEU A 60 -3.74 -0.92 16.48
N ALA A 61 -3.58 0.38 16.74
CA ALA A 61 -2.83 0.83 17.90
C ALA A 61 -3.53 2.01 18.58
N ASP A 62 -3.30 2.15 19.89
CA ASP A 62 -3.90 3.24 20.65
C ASP A 62 -2.89 3.86 21.60
N MET A 63 -3.16 5.08 22.04
CA MET A 63 -2.27 5.79 22.94
C MET A 63 -2.71 5.63 24.39
N ASN A 64 -3.34 4.50 24.69
CA ASN A 64 -3.81 4.23 26.04
C ASN A 64 -4.79 5.29 26.51
N SER A 65 -5.12 5.28 27.79
CA SER A 65 -6.05 6.25 28.36
C SER A 65 -7.43 6.13 27.71
N SER A 66 -7.90 4.89 27.57
CA SER A 66 -9.20 4.65 26.96
C SER A 66 -9.62 3.20 27.15
N GLU A 67 -10.82 3.01 27.70
CA GLU A 67 -11.34 1.65 27.95
C GLU A 67 -11.76 1.00 26.64
N SER A 68 -11.09 -0.09 26.27
CA SER A 68 -11.40 -0.80 25.05
C SER A 68 -11.21 0.09 23.83
N VAL A 69 -10.13 -0.15 23.09
CA VAL A 69 -9.83 0.63 21.90
C VAL A 69 -10.97 0.54 20.88
N GLY A 70 -11.29 -0.68 20.47
CA GLY A 70 -12.36 -0.89 19.51
C GLY A 70 -11.90 -0.62 18.08
N SER A 71 -12.84 -0.22 17.23
CA SER A 71 -12.53 0.06 15.83
C SER A 71 -12.39 1.56 15.60
N ASP A 72 -11.80 2.25 16.57
CA ASP A 72 -11.60 3.70 16.47
C ASP A 72 -10.15 4.07 16.78
N ALA A 73 -9.24 3.15 16.47
CA ALA A 73 -7.81 3.39 16.71
C ALA A 73 -7.18 4.16 15.54
N PRO A 74 -6.63 5.35 15.81
CA PRO A 74 -5.99 6.18 14.78
C PRO A 74 -4.51 5.84 14.58
N CYS A 75 -4.15 4.59 14.81
CA CYS A 75 -2.77 4.16 14.64
C CYS A 75 -2.70 2.69 14.24
N VAL A 76 -1.67 2.35 13.45
CA VAL A 76 -1.48 0.97 12.99
C VAL A 76 -0.16 0.41 13.48
N VAL A 77 -0.09 -0.91 13.61
CA VAL A 77 1.12 -1.56 14.07
C VAL A 77 1.41 -2.82 13.26
N LYS A 78 2.68 -2.98 12.84
CA LYS A 78 3.08 -4.14 12.06
C LYS A 78 4.19 -4.91 12.78
N VAL A 79 3.89 -6.16 13.14
CA VAL A 79 4.86 -7.00 13.84
C VAL A 79 5.30 -8.17 12.97
N GLU A 80 6.53 -8.62 13.17
CA GLU A 80 7.06 -9.74 12.39
C GLU A 80 7.86 -10.69 13.30
N PRO A 81 7.66 -12.01 13.14
CA PRO A 81 8.35 -13.02 13.95
C PRO A 81 9.87 -12.91 13.83
N SER A 82 10.46 -12.01 14.60
CA SER A 82 11.90 -11.79 14.59
C SER A 82 12.40 -11.53 13.17
N ASP A 83 11.55 -10.94 12.34
CA ASP A 83 11.91 -10.65 10.96
C ASP A 83 12.47 -9.22 10.84
N ASN A 84 13.70 -9.12 10.37
CA ASN A 84 14.34 -7.82 10.21
C ASN A 84 14.82 -7.62 8.77
N GLY A 85 13.99 -8.03 7.82
CA GLY A 85 14.34 -7.89 6.42
C GLY A 85 13.71 -6.67 5.77
N PRO A 86 12.41 -6.76 5.40
CA PRO A 86 11.70 -5.64 4.77
C PRO A 86 11.44 -4.50 5.75
N LEU A 87 11.02 -4.85 6.96
CA LEU A 87 10.73 -3.84 7.98
C LEU A 87 11.98 -3.02 8.30
N PHE A 88 13.15 -3.63 8.15
CA PHE A 88 14.42 -2.94 8.42
C PHE A 88 14.60 -1.77 7.49
N THR A 89 14.09 -1.89 6.26
CA THR A 89 14.21 -0.82 5.27
C THR A 89 13.20 0.30 5.55
N GLU A 90 12.05 -0.08 6.11
CA GLU A 90 11.01 0.90 6.42
C GLU A 90 11.46 1.82 7.55
N LEU A 91 12.00 1.23 8.61
CA LEU A 91 12.47 2.00 9.76
C LEU A 91 13.65 2.89 9.38
N LYS A 92 14.62 2.31 8.66
CA LYS A 92 15.79 3.06 8.23
C LYS A 92 15.39 4.28 7.40
N PHE A 93 14.57 4.05 6.38
CA PHE A 93 14.11 5.12 5.51
C PHE A 93 13.35 6.18 6.31
N TYR A 94 12.70 5.74 7.39
CA TYR A 94 11.92 6.64 8.22
C TYR A 94 12.81 7.66 8.93
N GLN A 95 13.74 7.18 9.74
CA GLN A 95 14.64 8.05 10.49
C GLN A 95 15.61 8.78 9.55
N ARG A 96 15.76 8.29 8.33
CA ARG A 96 16.67 8.90 7.36
C ARG A 96 16.10 10.21 6.81
N ALA A 97 14.79 10.41 6.94
CA ALA A 97 14.16 11.62 6.45
C ALA A 97 12.69 11.72 6.86
N ALA A 98 12.00 10.59 6.85
CA ALA A 98 10.59 10.56 7.23
C ALA A 98 10.38 11.00 8.67
N LYS A 99 11.45 11.03 9.46
CA LYS A 99 11.36 11.43 10.86
C LYS A 99 10.56 12.72 11.01
N PRO A 100 9.58 12.74 11.92
CA PRO A 100 8.73 13.93 12.16
C PRO A 100 9.56 15.18 12.40
N GLU A 101 10.79 15.00 12.86
CA GLU A 101 11.68 16.12 13.15
C GLU A 101 12.31 16.65 11.86
N GLN A 102 12.56 15.74 10.92
CA GLN A 102 13.16 16.12 9.64
C GLN A 102 12.12 16.72 8.70
N ILE A 103 10.94 16.11 8.66
CA ILE A 103 9.86 16.58 7.80
C ILE A 103 9.37 17.95 8.24
N GLN A 104 8.98 18.07 9.51
CA GLN A 104 8.48 19.33 10.05
C GLN A 104 9.45 20.48 9.75
N LYS A 105 10.74 20.15 9.69
CA LYS A 105 11.76 21.16 9.41
C LYS A 105 11.79 21.51 7.92
N TRP A 106 11.51 20.51 7.08
CA TRP A 106 11.51 20.71 5.64
C TRP A 106 10.23 21.41 5.18
N ILE A 107 9.09 20.93 5.69
CA ILE A 107 7.80 21.51 5.33
C ILE A 107 7.69 22.95 5.82
N ARG A 108 8.25 23.23 6.98
CA ARG A 108 8.21 24.57 7.56
C ARG A 108 9.18 25.51 6.84
N THR A 109 10.24 24.95 6.29
CA THR A 109 11.25 25.74 5.57
C THR A 109 10.75 26.14 4.19
N ARG A 110 10.05 25.23 3.52
CA ARG A 110 9.53 25.52 2.18
C ARG A 110 8.02 25.75 2.22
N LYS A 111 7.42 25.61 3.40
CA LYS A 111 5.98 25.82 3.55
C LYS A 111 5.21 24.86 2.66
N LEU A 112 5.78 23.67 2.44
CA LEU A 112 5.14 22.65 1.61
C LEU A 112 3.69 22.42 2.03
N LYS A 113 3.42 22.57 3.32
CA LYS A 113 2.07 22.38 3.86
C LYS A 113 1.75 20.90 3.98
N TYR A 114 1.86 20.18 2.88
CA TYR A 114 1.57 18.75 2.87
C TYR A 114 2.54 18.00 1.96
N LEU A 115 3.00 16.85 2.41
CA LEU A 115 3.95 16.05 1.63
C LEU A 115 3.32 14.72 1.20
N GLY A 116 3.03 13.86 2.18
CA GLY A 116 2.44 12.57 1.88
C GLY A 116 3.13 11.42 2.59
N VAL A 117 4.26 11.71 3.23
CA VAL A 117 5.01 10.68 3.94
C VAL A 117 4.28 10.25 5.22
N PRO A 118 4.22 8.93 5.47
CA PRO A 118 3.54 8.39 6.66
C PRO A 118 4.07 8.98 7.95
N LYS A 119 3.17 9.22 8.91
CA LYS A 119 3.55 9.79 10.19
C LYS A 119 4.10 8.72 11.13
N TYR A 120 5.33 8.92 11.58
CA TYR A 120 5.98 7.98 12.49
C TYR A 120 5.87 8.45 13.93
N TRP A 121 5.45 7.56 14.82
CA TRP A 121 5.31 7.90 16.23
C TRP A 121 6.37 7.19 17.08
N GLY A 122 6.62 5.93 16.76
CA GLY A 122 7.61 5.17 17.51
C GLY A 122 7.65 3.71 17.09
N SER A 123 8.45 2.92 17.80
CA SER A 123 8.58 1.49 17.52
C SER A 123 8.48 0.69 18.81
N GLY A 124 8.25 -0.61 18.68
CA GLY A 124 8.13 -1.45 19.85
C GLY A 124 8.60 -2.87 19.61
N LEU A 125 8.62 -3.66 20.68
CA LEU A 125 9.06 -5.05 20.61
C LEU A 125 8.25 -5.92 21.57
N HIS A 126 7.99 -7.16 21.16
CA HIS A 126 7.23 -8.08 21.99
C HIS A 126 8.04 -9.34 22.29
N ASP A 127 8.00 -9.79 23.54
CA ASP A 127 8.72 -10.98 23.96
C ASP A 127 7.76 -12.09 24.36
N LYS A 128 7.85 -13.24 23.68
CA LYS A 128 6.98 -14.36 23.97
C LYS A 128 7.77 -15.67 23.95
N ASN A 129 7.66 -16.43 25.03
CA ASN A 129 8.36 -17.71 25.13
C ASN A 129 9.87 -17.54 24.92
N GLY A 130 10.36 -16.32 25.09
CA GLY A 130 11.78 -16.07 24.91
C GLY A 130 12.10 -15.49 23.55
N LYS A 131 11.10 -15.40 22.68
CA LYS A 131 11.29 -14.87 21.33
C LYS A 131 10.93 -13.38 21.28
N SER A 132 11.84 -12.58 20.75
CA SER A 132 11.63 -11.13 20.65
C SER A 132 11.19 -10.75 19.24
N TYR A 133 10.04 -10.11 19.13
CA TYR A 133 9.51 -9.68 17.84
C TYR A 133 9.66 -8.17 17.68
N ARG A 134 9.94 -7.74 16.45
CA ARG A 134 10.11 -6.32 16.17
C ARG A 134 8.92 -5.79 15.36
N PHE A 135 8.34 -4.69 15.84
CA PHE A 135 7.20 -4.09 15.17
C PHE A 135 7.28 -2.57 15.19
N MET A 136 6.56 -1.92 14.28
CA MET A 136 6.54 -0.47 14.19
C MET A 136 5.10 0.04 14.18
N ILE A 137 4.89 1.22 14.75
CA ILE A 137 3.55 1.80 14.81
C ILE A 137 3.52 3.18 14.17
N MET A 138 2.81 3.28 13.04
CA MET A 138 2.69 4.54 12.31
C MET A 138 1.24 4.95 12.17
N ASP A 139 1.01 6.16 11.65
CA ASP A 139 -0.34 6.67 11.46
C ASP A 139 -1.22 5.66 10.74
N ARG A 140 -2.52 5.68 11.04
CA ARG A 140 -3.47 4.77 10.43
C ARG A 140 -4.01 5.33 9.12
N PHE A 141 -4.69 4.48 8.35
CA PHE A 141 -5.25 4.90 7.08
C PHE A 141 -6.63 4.26 6.85
N GLY A 142 -7.40 4.84 5.95
CA GLY A 142 -8.73 4.32 5.67
C GLY A 142 -8.70 3.19 4.65
N SER A 143 -8.92 3.54 3.39
CA SER A 143 -8.92 2.56 2.31
C SER A 143 -7.82 2.85 1.30
N ASP A 144 -7.04 1.82 0.97
CA ASP A 144 -5.95 1.98 0.01
C ASP A 144 -6.47 2.49 -1.33
N LEU A 145 -5.57 3.06 -2.13
CA LEU A 145 -5.95 3.59 -3.44
C LEU A 145 -6.53 2.48 -4.31
N GLN A 146 -6.06 1.25 -4.10
CA GLN A 146 -6.55 0.11 -4.86
C GLN A 146 -8.06 -0.06 -4.65
N LYS A 147 -8.49 0.05 -3.40
CA LYS A 147 -9.91 -0.09 -3.07
C LYS A 147 -10.71 1.03 -3.73
N ILE A 148 -10.06 2.17 -3.94
CA ILE A 148 -10.71 3.31 -4.58
C ILE A 148 -10.74 3.14 -6.09
N TYR A 149 -9.77 2.40 -6.60
CA TYR A 149 -9.67 2.13 -8.03
C TYR A 149 -10.83 1.29 -8.51
N GLU A 150 -11.07 0.17 -7.82
CA GLU A 150 -12.17 -0.72 -8.17
C GLU A 150 -13.51 -0.05 -7.90
N ALA A 151 -13.53 0.84 -6.91
CA ALA A 151 -14.76 1.56 -6.55
C ALA A 151 -15.26 2.39 -7.72
N ASN A 152 -14.36 2.77 -8.63
CA ASN A 152 -14.72 3.57 -9.79
C ASN A 152 -15.01 2.69 -11.01
N ALA A 153 -15.21 1.39 -10.75
CA ALA A 153 -15.48 0.42 -11.81
C ALA A 153 -14.18 -0.11 -12.39
N LYS A 154 -13.25 -0.46 -11.51
CA LYS A 154 -11.95 -0.97 -11.94
C LYS A 154 -11.20 0.09 -12.75
N ARG A 155 -11.62 1.34 -12.60
CA ARG A 155 -10.99 2.45 -13.32
C ARG A 155 -10.95 3.71 -12.47
N PHE A 156 -10.49 4.80 -13.07
CA PHE A 156 -10.39 6.08 -12.38
C PHE A 156 -10.76 7.22 -13.31
N SER A 157 -10.89 8.43 -12.75
CA SER A 157 -11.23 9.60 -13.54
C SER A 157 -9.97 10.40 -13.89
N ARG A 158 -10.07 11.20 -14.96
CA ARG A 158 -8.95 12.00 -15.41
C ARG A 158 -8.50 12.96 -14.32
N LYS A 159 -9.45 13.42 -13.51
CA LYS A 159 -9.15 14.35 -12.42
C LYS A 159 -8.43 13.63 -11.28
N THR A 160 -8.91 12.43 -10.96
CA THR A 160 -8.31 11.64 -9.89
C THR A 160 -6.85 11.32 -10.20
N VAL A 161 -6.58 10.94 -11.45
CA VAL A 161 -5.23 10.61 -11.86
C VAL A 161 -4.32 11.84 -11.83
N LEU A 162 -4.80 12.93 -12.42
CA LEU A 162 -4.03 14.17 -12.46
C LEU A 162 -3.76 14.68 -11.05
N GLN A 163 -4.80 14.71 -10.22
CA GLN A 163 -4.67 15.18 -8.84
C GLN A 163 -3.65 14.33 -8.08
N LEU A 164 -3.78 13.01 -8.20
CA LEU A 164 -2.87 12.09 -7.51
C LEU A 164 -1.47 12.16 -8.12
N SER A 165 -1.40 12.18 -9.44
CA SER A 165 -0.13 12.24 -10.14
C SER A 165 0.71 13.43 -9.65
N LEU A 166 0.03 14.52 -9.31
CA LEU A 166 0.69 15.72 -8.83
C LEU A 166 1.16 15.52 -7.39
N ARG A 167 0.32 14.89 -6.58
CA ARG A 167 0.64 14.64 -5.18
C ARG A 167 1.79 13.65 -5.07
N ILE A 168 1.71 12.57 -5.84
CA ILE A 168 2.74 11.54 -5.83
C ILE A 168 4.07 12.11 -6.32
N LEU A 169 4.00 13.04 -7.27
CA LEU A 169 5.20 13.67 -7.82
C LEU A 169 5.93 14.47 -6.74
N ASP A 170 5.16 15.16 -5.91
CA ASP A 170 5.72 15.97 -4.83
C ASP A 170 6.51 15.09 -3.87
N ILE A 171 6.00 13.89 -3.61
CA ILE A 171 6.67 12.96 -2.72
C ILE A 171 7.91 12.35 -3.37
N LEU A 172 7.78 12.06 -4.67
CA LEU A 172 8.90 11.48 -5.42
C LEU A 172 10.10 12.41 -5.39
N GLU A 173 9.86 13.70 -5.61
CA GLU A 173 10.92 14.69 -5.60
C GLU A 173 11.51 14.84 -4.20
N TYR A 174 10.66 14.68 -3.19
CA TYR A 174 11.10 14.80 -1.80
C TYR A 174 12.07 13.66 -1.45
N ILE A 175 11.66 12.43 -1.74
CA ILE A 175 12.50 11.27 -1.46
C ILE A 175 13.67 11.20 -2.43
N HIS A 176 13.48 11.76 -3.62
CA HIS A 176 14.52 11.76 -4.64
C HIS A 176 15.58 12.81 -4.31
N GLU A 177 15.15 13.90 -3.69
CA GLU A 177 16.06 14.97 -3.31
C GLU A 177 16.94 14.53 -2.14
N HIS A 178 16.53 13.47 -1.45
CA HIS A 178 17.29 12.95 -0.32
C HIS A 178 18.09 11.72 -0.73
N GLU A 179 18.04 11.38 -2.02
CA GLU A 179 18.77 10.22 -2.56
C GLU A 179 18.05 8.92 -2.23
N TYR A 180 16.73 8.92 -2.44
CA TYR A 180 15.92 7.73 -2.16
C TYR A 180 14.96 7.47 -3.32
N VAL A 181 14.75 6.20 -3.65
CA VAL A 181 13.85 5.84 -4.74
C VAL A 181 13.05 4.58 -4.40
N HIS A 182 11.77 4.59 -4.75
CA HIS A 182 10.91 3.45 -4.48
C HIS A 182 10.61 2.68 -5.77
N GLY A 183 9.85 3.30 -6.67
CA GLY A 183 9.52 2.67 -7.93
C GLY A 183 8.35 1.71 -7.79
N ASP A 184 7.37 2.07 -6.95
CA ASP A 184 6.20 1.23 -6.75
C ASP A 184 4.95 1.88 -7.36
N ILE A 185 4.26 2.69 -6.56
CA ILE A 185 3.05 3.37 -7.03
C ILE A 185 2.17 2.46 -7.88
N LYS A 186 1.23 1.77 -7.22
CA LYS A 186 0.33 0.86 -7.92
C LYS A 186 -1.00 0.72 -7.18
N ALA A 187 -1.35 1.73 -6.39
CA ALA A 187 -2.59 1.72 -5.64
C ALA A 187 -2.59 0.64 -4.55
N SER A 188 -1.43 0.02 -4.33
CA SER A 188 -1.28 -1.03 -3.33
C SER A 188 -0.37 -0.56 -2.20
N ASN A 189 0.10 0.67 -2.29
CA ASN A 189 0.97 1.26 -1.29
C ASN A 189 0.51 2.68 -0.96
N LEU A 190 -0.63 3.08 -1.54
CA LEU A 190 -1.19 4.39 -1.31
C LEU A 190 -2.45 4.28 -0.46
N LEU A 191 -2.42 4.87 0.73
CA LEU A 191 -3.55 4.81 1.63
C LEU A 191 -3.99 6.20 2.08
N LEU A 192 -5.30 6.35 2.30
CA LEU A 192 -5.86 7.63 2.72
C LEU A 192 -5.89 7.75 4.24
N ASN A 193 -5.76 8.97 4.75
CA ASN A 193 -5.77 9.21 6.19
C ASN A 193 -7.08 8.72 6.81
N TYR A 194 -6.97 7.91 7.85
CA TYR A 194 -8.15 7.38 8.54
C TYR A 194 -8.84 8.48 9.33
N LYS A 195 -8.12 9.09 10.25
CA LYS A 195 -8.66 10.16 11.08
C LYS A 195 -8.89 11.41 10.24
N ASN A 196 -8.18 11.50 9.11
CA ASN A 196 -8.31 12.65 8.22
C ASN A 196 -8.56 12.19 6.78
N PRO A 197 -9.76 11.66 6.50
CA PRO A 197 -10.12 11.19 5.16
C PRO A 197 -10.20 12.32 4.15
N ASP A 198 -9.04 12.66 3.56
CA ASP A 198 -8.98 13.73 2.58
C ASP A 198 -7.56 13.87 2.03
N GLN A 199 -6.90 12.74 1.83
CA GLN A 199 -5.55 12.73 1.32
C GLN A 199 -5.05 11.29 1.18
N VAL A 200 -3.88 11.13 0.56
CA VAL A 200 -3.31 9.81 0.37
C VAL A 200 -1.83 9.80 0.77
N TYR A 201 -1.37 8.66 1.28
CA TYR A 201 0.01 8.52 1.72
C TYR A 201 0.67 7.30 1.07
N LEU A 202 1.99 7.32 1.00
CA LEU A 202 2.74 6.21 0.40
C LEU A 202 3.38 5.36 1.49
N VAL A 203 2.95 4.11 1.58
CA VAL A 203 3.49 3.18 2.58
C VAL A 203 4.39 2.14 1.93
N ASP A 204 4.93 1.25 2.75
CA ASP A 204 5.81 0.20 2.26
C ASP A 204 7.02 0.79 1.54
N TYR A 205 8.19 0.71 2.18
CA TYR A 205 9.41 1.24 1.61
C TYR A 205 10.41 0.12 1.36
N GLY A 206 9.91 -1.09 1.12
CA GLY A 206 10.79 -2.22 0.85
C GLY A 206 11.75 -1.93 -0.28
N LEU A 207 11.33 -1.07 -1.20
CA LEU A 207 12.16 -0.69 -2.33
C LEU A 207 12.52 0.79 -2.29
N ALA A 208 12.24 1.43 -1.14
CA ALA A 208 12.54 2.85 -0.97
C ALA A 208 13.83 3.01 -0.17
N TYR A 209 14.94 2.63 -0.80
CA TYR A 209 16.25 2.73 -0.16
C TYR A 209 17.23 3.52 -1.02
N ARG A 210 18.17 4.19 -0.36
CA ARG A 210 19.17 4.99 -1.07
C ARG A 210 19.91 4.14 -2.11
N TYR A 211 19.45 4.22 -3.36
CA TYR A 211 20.07 3.46 -4.44
C TYR A 211 21.54 3.85 -4.61
N CYS A 212 21.79 5.16 -4.65
CA CYS A 212 23.15 5.66 -4.81
C CYS A 212 23.78 5.14 -6.10
N PRO A 213 23.94 6.01 -7.12
CA PRO A 213 24.53 5.62 -8.40
C PRO A 213 26.04 5.53 -8.35
N GLU A 214 26.66 6.57 -7.79
CA GLU A 214 28.12 6.61 -7.66
C GLU A 214 28.57 7.93 -7.05
N GLY A 215 27.90 9.01 -7.43
CA GLY A 215 28.23 10.32 -6.90
C GLY A 215 29.02 11.15 -7.89
N VAL A 216 28.88 10.83 -9.18
CA VAL A 216 29.59 11.55 -10.23
C VAL A 216 28.78 11.56 -11.52
N HIS A 217 28.05 12.64 -11.75
CA HIS A 217 27.23 12.78 -12.95
C HIS A 217 26.15 11.70 -13.01
N LYS A 218 26.53 10.50 -13.45
CA LYS A 218 25.59 9.40 -13.53
C LYS A 218 26.32 8.07 -13.79
N GLU A 219 25.68 6.97 -13.42
CA GLU A 219 26.27 5.65 -13.60
C GLU A 219 25.18 4.61 -13.85
N TYR A 220 25.37 3.79 -14.88
CA TYR A 220 24.41 2.75 -15.22
C TYR A 220 24.82 1.41 -14.61
N LYS A 221 23.92 0.44 -14.70
CA LYS A 221 24.19 -0.89 -14.16
C LYS A 221 24.36 -0.83 -12.65
N GLU A 222 23.28 -0.50 -11.95
CA GLU A 222 23.31 -0.40 -10.49
C GLU A 222 23.59 -1.76 -9.86
N ASP A 223 22.92 -2.79 -10.37
CA ASP A 223 23.09 -4.15 -9.86
C ASP A 223 23.95 -4.98 -10.81
N PRO A 224 25.09 -5.53 -10.31
CA PRO A 224 26.00 -6.34 -11.13
C PRO A 224 25.36 -7.64 -11.61
N LYS A 225 24.19 -7.98 -11.07
CA LYS A 225 23.49 -9.20 -11.45
C LYS A 225 22.48 -8.93 -12.57
N ARG A 226 22.48 -7.71 -13.09
CA ARG A 226 21.56 -7.34 -14.16
C ARG A 226 20.12 -7.65 -13.77
N CYS A 227 19.85 -7.72 -12.48
CA CYS A 227 18.50 -8.01 -11.99
C CYS A 227 18.36 -7.63 -10.52
N HIS A 228 17.32 -6.87 -10.21
CA HIS A 228 17.06 -6.44 -8.84
C HIS A 228 15.70 -5.76 -8.72
N ASP A 229 14.66 -6.55 -8.51
CA ASP A 229 13.31 -6.03 -8.39
C ASP A 229 12.46 -6.91 -7.47
N GLY A 230 11.20 -6.52 -7.28
CA GLY A 230 10.31 -7.29 -6.44
C GLY A 230 9.07 -7.75 -7.16
N THR A 231 8.53 -6.86 -8.02
CA THR A 231 7.32 -7.18 -8.78
C THR A 231 7.43 -6.64 -10.20
N ILE A 232 6.37 -6.83 -10.98
CA ILE A 232 6.33 -6.37 -12.36
C ILE A 232 5.02 -5.65 -12.67
N GLU A 233 4.23 -5.39 -11.63
CA GLU A 233 2.94 -4.72 -11.81
C GLU A 233 3.13 -3.27 -12.26
N PHE A 234 4.35 -2.77 -12.15
CA PHE A 234 4.65 -1.40 -12.55
C PHE A 234 6.16 -1.18 -12.67
N THR A 235 6.88 -2.24 -13.02
CA THR A 235 8.34 -2.16 -13.17
C THR A 235 8.85 -3.28 -14.08
N SER A 236 9.66 -2.91 -15.06
CA SER A 236 10.22 -3.89 -16.00
C SER A 236 11.48 -3.36 -16.67
N ILE A 237 11.41 -2.12 -17.16
CA ILE A 237 12.55 -1.52 -17.84
C ILE A 237 13.77 -1.49 -16.91
N ASP A 238 13.63 -0.82 -15.77
CA ASP A 238 14.72 -0.72 -14.81
C ASP A 238 14.83 -1.98 -13.96
N ALA A 239 13.71 -2.66 -13.77
CA ALA A 239 13.68 -3.88 -12.97
C ALA A 239 14.37 -5.04 -13.70
N HIS A 240 14.01 -5.25 -14.96
CA HIS A 240 14.60 -6.33 -15.75
C HIS A 240 16.11 -6.21 -15.81
N ASN A 241 16.61 -4.98 -15.70
CA ASN A 241 18.05 -4.75 -15.75
C ASN A 241 18.63 -4.53 -14.36
N GLY A 242 17.78 -4.63 -13.34
CA GLY A 242 18.24 -4.44 -11.98
C GLY A 242 18.89 -3.10 -11.76
N VAL A 243 18.58 -2.14 -12.62
CA VAL A 243 19.15 -0.80 -12.52
C VAL A 243 18.40 0.03 -11.48
N ALA A 244 19.05 1.07 -10.98
CA ALA A 244 18.44 1.94 -9.98
C ALA A 244 17.52 2.96 -10.63
N PRO A 245 16.28 3.11 -10.12
CA PRO A 245 15.31 4.06 -10.67
C PRO A 245 15.64 5.49 -10.30
N SER A 246 16.65 6.05 -10.94
CA SER A 246 17.07 7.42 -10.67
C SER A 246 16.12 8.41 -11.34
N ARG A 247 14.92 8.56 -10.78
CA ARG A 247 13.92 9.49 -11.32
C ARG A 247 13.31 8.96 -12.62
N ARG A 248 14.16 8.70 -13.61
CA ARG A 248 13.70 8.19 -14.89
C ARG A 248 12.96 6.87 -14.73
N GLY A 249 13.33 6.11 -13.70
CA GLY A 249 12.69 4.84 -13.44
C GLY A 249 11.35 4.99 -12.75
N ASP A 250 11.24 5.98 -11.88
CA ASP A 250 10.00 6.22 -11.15
C ASP A 250 8.97 6.94 -12.03
N LEU A 251 9.43 7.96 -12.74
CA LEU A 251 8.54 8.73 -13.62
C LEU A 251 7.88 7.83 -14.66
N GLU A 252 8.66 6.95 -15.26
CA GLU A 252 8.13 6.04 -16.28
C GLU A 252 6.95 5.21 -15.73
N ILE A 253 6.97 4.97 -14.42
CA ILE A 253 5.91 4.20 -13.78
C ILE A 253 4.64 5.04 -13.61
N LEU A 254 4.83 6.33 -13.32
CA LEU A 254 3.70 7.23 -13.13
C LEU A 254 2.94 7.43 -14.45
N GLY A 255 3.69 7.46 -15.55
CA GLY A 255 3.07 7.65 -16.85
C GLY A 255 2.16 6.50 -17.23
N TYR A 256 2.46 5.32 -16.71
CA TYR A 256 1.65 4.13 -16.99
C TYR A 256 0.36 4.13 -16.17
N CYS A 257 0.40 4.80 -15.02
CA CYS A 257 -0.77 4.87 -14.15
C CYS A 257 -1.89 5.66 -14.81
N MET A 258 -1.51 6.65 -15.61
CA MET A 258 -2.48 7.48 -16.32
C MET A 258 -3.34 6.62 -17.24
N ILE A 259 -2.66 5.84 -18.08
CA ILE A 259 -3.34 4.97 -19.03
C ILE A 259 -3.96 3.75 -18.34
N GLN A 260 -3.25 3.21 -17.36
CA GLN A 260 -3.72 2.04 -16.62
C GLN A 260 -4.99 2.36 -15.85
N TRP A 261 -5.03 3.55 -15.25
CA TRP A 261 -6.18 3.97 -14.46
C TRP A 261 -7.30 4.53 -15.34
N LEU A 262 -6.91 5.16 -16.45
CA LEU A 262 -7.88 5.74 -17.37
C LEU A 262 -8.43 4.70 -18.34
N THR A 263 -7.57 3.79 -18.78
CA THR A 263 -7.98 2.75 -19.72
C THR A 263 -8.33 1.45 -18.99
N GLY A 264 -8.05 1.40 -17.69
CA GLY A 264 -8.35 0.20 -16.93
C GLY A 264 -7.41 -0.95 -17.24
N HIS A 265 -6.35 -1.07 -16.44
CA HIS A 265 -5.37 -2.13 -16.63
C HIS A 265 -4.68 -2.00 -17.99
N LEU A 266 -3.43 -2.44 -18.07
CA LEU A 266 -2.67 -2.36 -19.31
C LEU A 266 -2.43 -3.76 -19.89
N PRO A 267 -2.16 -3.85 -21.19
CA PRO A 267 -1.91 -5.13 -21.87
C PRO A 267 -0.61 -5.79 -21.40
N TRP A 268 -0.53 -6.11 -20.11
CA TRP A 268 0.64 -6.74 -19.54
C TRP A 268 0.47 -6.88 -18.03
N GLU A 269 -0.14 -5.88 -17.42
CA GLU A 269 -0.38 -5.88 -15.99
C GLU A 269 -1.73 -6.55 -15.68
N ASP A 270 -2.31 -7.20 -16.69
CA ASP A 270 -3.58 -7.88 -16.55
C ASP A 270 -3.51 -8.92 -15.44
N ASN A 271 -2.47 -9.75 -15.47
CA ASN A 271 -2.33 -10.79 -14.46
C ASN A 271 -0.93 -10.80 -13.87
N LEU A 272 0.06 -10.37 -14.66
CA LEU A 272 1.45 -10.37 -14.21
C LEU A 272 1.95 -11.81 -14.15
N LYS A 273 1.17 -12.71 -14.72
CA LYS A 273 1.53 -14.13 -14.74
C LYS A 273 2.46 -14.40 -15.91
N ASP A 274 2.51 -13.47 -16.86
CA ASP A 274 3.36 -13.61 -18.03
C ASP A 274 4.18 -12.35 -18.26
N PRO A 275 5.47 -12.35 -17.87
CA PRO A 275 6.35 -11.18 -18.03
C PRO A 275 6.93 -11.09 -19.44
N LYS A 276 6.37 -11.85 -20.38
CA LYS A 276 6.84 -11.83 -21.76
C LYS A 276 6.41 -10.56 -22.47
N TYR A 277 5.13 -10.20 -22.31
CA TYR A 277 4.60 -9.00 -22.94
C TYR A 277 4.89 -7.77 -22.09
N VAL A 278 5.04 -7.96 -20.79
CA VAL A 278 5.32 -6.86 -19.87
C VAL A 278 6.66 -6.22 -20.19
N ARG A 279 7.65 -7.05 -20.53
CA ARG A 279 8.98 -6.55 -20.86
C ARG A 279 9.01 -5.93 -22.25
N ASP A 280 8.53 -6.68 -23.25
CA ASP A 280 8.51 -6.20 -24.62
C ASP A 280 7.67 -4.93 -24.76
N SER A 281 6.45 -4.98 -24.24
CA SER A 281 5.55 -3.83 -24.31
C SER A 281 6.18 -2.59 -23.69
N LYS A 282 6.88 -2.78 -22.58
CA LYS A 282 7.53 -1.67 -21.89
C LYS A 282 8.55 -0.97 -22.78
N ILE A 283 9.35 -1.75 -23.50
CA ILE A 283 10.37 -1.20 -24.38
C ILE A 283 9.75 -0.55 -25.62
N ARG A 284 8.63 -1.11 -26.09
CA ARG A 284 7.95 -0.59 -27.26
C ARG A 284 7.09 0.62 -26.91
N TYR A 285 6.22 0.45 -25.91
CA TYR A 285 5.33 1.53 -25.48
C TYR A 285 6.12 2.72 -24.99
N ARG A 286 7.25 2.45 -24.33
CA ARG A 286 8.10 3.52 -23.80
C ARG A 286 8.49 4.50 -24.90
N GLU A 287 8.51 4.01 -26.14
CA GLU A 287 8.87 4.84 -27.28
C GLU A 287 7.71 4.94 -28.27
N ASN A 288 6.49 4.67 -27.80
CA ASN A 288 5.32 4.73 -28.65
C ASN A 288 4.12 5.28 -27.88
N ILE A 289 4.35 6.36 -27.13
CA ILE A 289 3.30 6.98 -26.35
C ILE A 289 2.06 7.26 -27.20
N ALA A 290 2.28 7.69 -28.43
CA ALA A 290 1.19 7.97 -29.35
C ALA A 290 0.46 6.70 -29.76
N SER A 291 1.19 5.59 -29.77
CA SER A 291 0.61 4.31 -30.15
C SER A 291 -0.13 3.68 -28.98
N LEU A 292 0.43 3.82 -27.78
CA LEU A 292 -0.18 3.28 -26.57
C LEU A 292 -1.40 4.10 -26.17
N MET A 293 -1.29 5.41 -26.29
CA MET A 293 -2.39 6.31 -25.94
C MET A 293 -3.54 6.16 -26.91
N ASP A 294 -3.23 6.10 -28.20
CA ASP A 294 -4.24 5.96 -29.24
C ASP A 294 -5.00 4.65 -29.09
N LYS A 295 -4.29 3.59 -28.74
CA LYS A 295 -4.91 2.28 -28.58
C LYS A 295 -5.55 2.11 -27.20
N CYS A 296 -5.07 2.86 -26.23
CA CYS A 296 -5.60 2.77 -24.86
C CYS A 296 -6.72 3.78 -24.63
N PHE A 297 -6.54 5.00 -25.13
CA PHE A 297 -7.54 6.04 -24.96
C PHE A 297 -8.61 5.95 -26.06
N PRO A 298 -9.82 6.47 -25.79
CA PRO A 298 -10.92 6.44 -26.76
C PRO A 298 -10.52 7.05 -28.10
N GLU A 299 -11.47 7.05 -29.04
CA GLU A 299 -11.22 7.61 -30.37
C GLU A 299 -12.01 8.89 -30.59
N LYS A 300 -11.66 9.93 -29.84
CA LYS A 300 -12.34 11.22 -29.94
C LYS A 300 -11.41 12.36 -29.53
N ASN A 301 -10.65 12.88 -30.49
CA ASN A 301 -9.72 13.96 -30.22
C ASN A 301 -8.67 13.56 -29.21
N LYS A 302 -7.50 14.18 -29.28
CA LYS A 302 -6.41 13.88 -28.37
C LYS A 302 -6.44 14.81 -27.15
N PRO A 303 -6.54 14.24 -25.93
CA PRO A 303 -6.58 15.04 -24.69
C PRO A 303 -5.41 16.03 -24.60
N GLY A 304 -4.20 15.49 -24.58
CA GLY A 304 -3.03 16.34 -24.50
C GLY A 304 -2.52 16.50 -23.08
N GLU A 305 -3.41 16.31 -22.11
CA GLU A 305 -3.03 16.42 -20.70
C GLU A 305 -1.89 15.48 -20.36
N ILE A 306 -2.16 14.17 -20.46
CA ILE A 306 -1.15 13.16 -20.16
C ILE A 306 -0.09 13.10 -21.25
N ALA A 307 -0.54 13.16 -22.50
CA ALA A 307 0.37 13.11 -23.65
C ALA A 307 1.57 14.03 -23.45
N LYS A 308 1.32 15.23 -22.93
CA LYS A 308 2.37 16.19 -22.69
C LYS A 308 3.34 15.69 -21.62
N TYR A 309 2.79 15.04 -20.59
CA TYR A 309 3.60 14.50 -19.51
C TYR A 309 4.43 13.32 -19.98
N MET A 310 3.83 12.48 -20.81
CA MET A 310 4.51 11.31 -21.34
C MET A 310 5.62 11.72 -22.30
N GLU A 311 5.35 12.76 -23.09
CA GLU A 311 6.33 13.25 -24.05
C GLU A 311 7.60 13.70 -23.33
N THR A 312 7.42 14.44 -22.25
CA THR A 312 8.55 14.93 -21.45
C THR A 312 9.30 13.77 -20.84
N VAL A 313 8.57 12.71 -20.48
CA VAL A 313 9.16 11.53 -19.89
C VAL A 313 9.87 10.67 -20.94
N LYS A 314 9.43 10.80 -22.19
CA LYS A 314 10.02 10.05 -23.29
C LYS A 314 11.33 10.69 -23.72
N LEU A 315 11.36 12.02 -23.70
CA LEU A 315 12.55 12.77 -24.07
C LEU A 315 13.49 12.90 -22.87
N LEU A 316 12.96 12.60 -21.68
CA LEU A 316 13.75 12.68 -20.45
C LEU A 316 15.05 11.90 -20.59
N ASP A 317 16.13 12.62 -20.93
CA ASP A 317 17.44 12.00 -21.09
C ASP A 317 18.51 13.04 -21.40
N TYR A 318 19.10 13.59 -20.34
CA TYR A 318 20.15 14.61 -20.49
C TYR A 318 19.61 15.82 -21.25
N THR A 319 18.32 16.09 -21.11
CA THR A 319 17.69 17.22 -21.77
C THR A 319 17.28 18.29 -20.75
N GLU A 320 16.92 17.87 -19.55
CA GLU A 320 16.51 18.79 -18.50
C GLU A 320 16.32 18.05 -17.18
N LYS A 321 17.29 18.22 -16.28
CA LYS A 321 17.23 17.57 -14.97
C LYS A 321 15.97 17.98 -14.21
N PRO A 322 15.82 19.28 -13.93
CA PRO A 322 14.65 19.79 -13.21
C PRO A 322 13.38 19.76 -14.05
N LEU A 323 12.97 18.56 -14.45
CA LEU A 323 11.77 18.38 -15.26
C LEU A 323 10.51 18.44 -14.40
N TYR A 324 10.66 18.17 -13.11
CA TYR A 324 9.53 18.19 -12.18
C TYR A 324 8.78 19.51 -12.27
N GLU A 325 9.51 20.60 -12.42
CA GLU A 325 8.90 21.92 -12.51
C GLU A 325 7.99 22.01 -13.73
N ASN A 326 8.38 21.35 -14.80
CA ASN A 326 7.58 21.35 -16.03
C ASN A 326 6.46 20.32 -15.95
N LEU A 327 6.81 19.12 -15.50
CA LEU A 327 5.83 18.04 -15.38
C LEU A 327 4.65 18.46 -14.51
N ARG A 328 4.95 19.21 -13.45
CA ARG A 328 3.92 19.68 -12.53
C ARG A 328 2.87 20.52 -13.27
N ASP A 329 3.34 21.39 -14.14
CA ASP A 329 2.45 22.25 -14.92
C ASP A 329 1.59 21.43 -15.87
N ILE A 330 2.17 20.36 -16.41
CA ILE A 330 1.46 19.49 -17.34
C ILE A 330 0.20 18.92 -16.68
N LEU A 331 0.35 18.41 -15.47
CA LEU A 331 -0.78 17.83 -14.75
C LEU A 331 -1.72 18.91 -14.25
N LEU A 332 -1.17 19.91 -13.56
CA LEU A 332 -1.96 21.01 -13.03
C LEU A 332 -2.76 21.71 -14.14
N GLN A 333 -2.06 22.06 -15.22
CA GLN A 333 -2.69 22.73 -16.35
C GLN A 333 -3.86 21.90 -16.88
N GLY A 334 -3.68 20.59 -16.94
CA GLY A 334 -4.72 19.71 -17.43
C GLY A 334 -5.96 19.73 -16.56
N LEU A 335 -5.78 20.02 -15.28
CA LEU A 335 -6.89 20.06 -14.33
C LEU A 335 -7.90 21.12 -14.75
N LYS A 336 -7.41 22.20 -15.37
CA LYS A 336 -8.27 23.29 -15.81
C LYS A 336 -9.18 22.83 -16.94
N ALA A 337 -8.70 21.87 -17.73
CA ALA A 337 -9.48 21.34 -18.85
C ALA A 337 -10.55 20.36 -18.37
N ILE A 338 -10.38 19.84 -17.16
CA ILE A 338 -11.34 18.89 -16.61
C ILE A 338 -11.52 19.09 -15.11
N GLY A 339 -12.39 20.03 -14.75
CA GLY A 339 -12.64 20.29 -13.34
C GLY A 339 -12.49 21.76 -12.99
N SER A 340 -11.56 22.43 -13.66
CA SER A 340 -11.31 23.85 -13.41
C SER A 340 -10.83 24.06 -11.97
N LYS A 341 -9.53 24.24 -11.81
CA LYS A 341 -8.96 24.47 -10.49
C LYS A 341 -9.20 23.27 -9.58
N ASP A 342 -8.14 22.53 -9.28
CA ASP A 342 -8.23 21.36 -8.43
C ASP A 342 -7.20 21.41 -7.30
N ASP A 343 -7.68 21.49 -6.07
CA ASP A 343 -6.80 21.55 -4.90
C ASP A 343 -7.59 21.40 -3.62
N GLY A 344 -8.61 20.54 -3.65
CA GLY A 344 -9.43 20.32 -2.47
C GLY A 344 -10.06 18.94 -2.45
N LYS A 345 -10.58 18.52 -3.59
CA LYS A 345 -11.21 17.21 -3.70
C LYS A 345 -10.33 16.23 -4.48
N LEU A 346 -10.15 15.04 -3.94
CA LEU A 346 -9.33 14.02 -4.58
C LEU A 346 -10.18 13.04 -5.38
N ASP A 347 -11.50 13.20 -5.30
CA ASP A 347 -12.43 12.32 -6.01
C ASP A 347 -12.28 10.87 -5.52
N LEU A 348 -11.70 10.71 -4.33
CA LEU A 348 -11.51 9.38 -3.77
C LEU A 348 -12.68 9.01 -2.85
N SER A 349 -13.89 9.20 -3.35
CA SER A 349 -15.10 8.89 -2.60
C SER A 349 -15.13 7.42 -2.20
N VAL A 350 -14.73 6.56 -3.12
CA VAL A 350 -14.70 5.12 -2.88
C VAL A 350 -16.12 4.57 -2.74
N VAL A 351 -17.06 5.22 -3.42
CA VAL A 351 -18.46 4.78 -3.38
C VAL A 351 -18.99 4.77 -1.95
N GLU A 352 -19.26 5.96 -1.41
CA GLU A 352 -19.77 6.07 -0.05
C GLU A 352 -21.26 5.75 0.00
N ASN A 353 -21.58 4.46 0.08
CA ASN A 353 -22.96 4.01 0.13
C ASN A 353 -23.07 2.67 0.84
N GLY A 354 -23.22 2.70 2.16
CA GLY A 354 -23.34 1.47 2.92
C GLY A 354 -24.44 1.54 3.97
N GLY A 355 -25.62 1.99 3.55
CA GLY A 355 -26.73 2.09 4.48
C GLY A 355 -27.45 0.77 4.68
N LEU A 356 -27.64 0.38 5.93
CA LEU A 356 -28.31 -0.87 6.25
C LEU A 356 -28.86 -0.84 7.67
N LYS A 357 -29.59 -1.89 8.04
CA LYS A 357 -30.17 -1.98 9.38
C LYS A 357 -29.43 -3.03 10.21
N ALA A 358 -29.00 -2.62 11.41
CA ALA A 358 -28.29 -3.52 12.31
C ALA A 358 -28.37 -3.04 13.75
N LYS A 359 -28.12 -1.76 13.96
CA LYS A 359 -28.17 -1.17 15.29
C LYS A 359 -27.16 -1.83 16.21
N THR A 360 -26.95 -1.25 17.39
CA THR A 360 -26.01 -1.78 18.37
C THR A 360 -26.75 -2.53 19.47
N ILE A 361 -26.02 -3.38 20.19
CA ILE A 361 -26.60 -4.15 21.28
C ILE A 361 -27.01 -3.24 22.43
N THR A 362 -28.01 -3.68 23.20
CA THR A 362 -28.50 -2.91 24.33
C THR A 362 -29.32 -3.80 25.28
N LYS A 363 -29.36 -3.42 26.55
CA LYS A 363 -30.10 -4.17 27.55
C LYS A 363 -30.39 -3.31 28.78
N LYS A 364 -31.64 -2.88 28.91
CA LYS A 364 -32.05 -2.05 30.03
C LYS A 364 -33.30 -2.61 30.69
N ARG A 365 -33.41 -3.93 30.74
CA ARG A 365 -34.55 -4.59 31.34
C ARG A 365 -35.84 -4.22 30.61
N LYS A 366 -36.37 -5.15 29.82
CA LYS A 366 -37.59 -4.93 29.06
C LYS A 366 -38.68 -5.90 29.49
N LYS A 367 -39.62 -5.41 30.29
CA LYS A 367 -40.72 -6.24 30.77
C LYS A 367 -41.95 -6.08 29.89
N GLU A 368 -43.02 -6.78 30.23
CA GLU A 368 -44.26 -6.71 29.47
C GLU A 368 -45.46 -6.45 30.39
N ILE A 369 -46.66 -6.52 29.82
CA ILE A 369 -47.88 -6.29 30.59
C ILE A 369 -48.35 -7.58 31.26
N GLU A 370 -48.10 -7.69 32.56
CA GLU A 370 -48.50 -8.87 33.32
C GLU A 370 -49.00 -8.48 34.71
N GLU A 371 -49.67 -9.41 35.37
CA GLU A 371 -50.20 -9.17 36.70
C GLU A 371 -49.07 -9.02 37.71
N SER A 372 -48.60 -7.78 37.88
CA SER A 372 -47.52 -7.50 38.82
C SER A 372 -47.96 -6.49 39.87
N LYS A 373 -48.68 -5.46 39.44
CA LYS A 373 -49.17 -4.43 40.35
C LYS A 373 -50.53 -4.81 40.93
N GLU A 374 -50.61 -6.00 41.50
CA GLU A 374 -51.86 -6.48 42.09
C GLU A 374 -51.76 -6.55 43.62
N PRO A 375 -52.76 -6.04 44.34
CA PRO A 375 -52.77 -6.04 45.81
C PRO A 375 -53.03 -7.43 46.38
N GLY A 376 -53.22 -7.50 47.69
CA GLY A 376 -53.47 -8.78 48.33
C GLY A 376 -53.43 -8.68 49.85
N VAL A 377 -52.90 -9.71 50.49
CA VAL A 377 -52.79 -9.75 51.94
C VAL A 377 -51.36 -9.99 52.39
N GLU A 378 -51.15 -10.02 53.70
CA GLU A 378 -49.82 -10.24 54.26
C GLU A 378 -49.39 -11.70 54.09
N ASP A 379 -49.20 -12.11 52.83
CA ASP A 379 -48.80 -13.48 52.54
C ASP A 379 -48.21 -13.58 51.14
N THR A 380 -46.88 -13.70 51.08
CA THR A 380 -46.18 -13.79 49.80
C THR A 380 -44.83 -14.48 49.98
N GLU A 381 -44.19 -14.81 48.86
CA GLU A 381 -42.89 -15.45 48.90
C GLU A 381 -42.18 -15.33 47.55
N TRP A 382 -40.86 -15.11 47.59
CA TRP A 382 -40.08 -14.97 46.37
C TRP A 382 -38.75 -15.73 46.49
N SER A 383 -38.07 -15.52 47.61
CA SER A 383 -36.79 -16.19 47.85
C SER A 383 -36.98 -17.69 48.02
N ASN A 384 -35.88 -18.44 47.91
CA ASN A 384 -35.92 -19.88 48.06
C ASN A 384 -35.27 -20.33 49.36
N THR A 385 -34.33 -19.52 49.86
CA THR A 385 -33.63 -19.83 51.09
C THR A 385 -32.80 -21.10 50.95
N GLN A 386 -31.61 -20.97 50.39
CA GLN A 386 -30.72 -22.10 50.20
C GLN A 386 -29.26 -21.65 50.14
N THR A 387 -28.61 -21.61 51.29
CA THR A 387 -27.21 -21.19 51.36
C THR A 387 -26.36 -22.27 52.06
N GLU A 388 -26.65 -22.52 53.32
CA GLU A 388 -25.92 -23.52 54.09
C GLU A 388 -26.42 -24.93 53.76
N GLU A 389 -25.71 -25.93 54.29
CA GLU A 389 -26.07 -27.32 54.05
C GLU A 389 -27.44 -27.63 54.64
N ALA A 390 -28.31 -28.20 53.81
CA ALA A 390 -29.67 -28.55 54.25
C ALA A 390 -29.70 -29.94 54.87
N ILE A 391 -29.01 -30.88 54.24
CA ILE A 391 -28.97 -32.25 54.73
C ILE A 391 -27.54 -32.76 54.81
N GLN A 392 -27.03 -32.90 56.04
CA GLN A 392 -25.68 -33.37 56.25
C GLN A 392 -25.49 -34.78 55.71
N THR A 393 -24.36 -35.03 55.05
CA THR A 393 -24.07 -36.34 54.48
C THR A 393 -22.68 -36.80 54.88
N ARG A 394 -22.58 -37.47 56.02
CA ARG A 394 -21.31 -37.98 56.52
C ARG A 394 -21.33 -39.50 56.63
N SER A 395 -22.15 -40.01 57.54
CA SER A 395 -22.26 -41.45 57.74
C SER A 395 -23.58 -41.98 57.20
N ARG A 396 -23.86 -43.25 57.43
CA ARG A 396 -25.09 -43.87 56.97
C ARG A 396 -25.32 -45.22 57.65
N THR A 397 -24.38 -46.14 57.47
CA THR A 397 -24.49 -47.46 58.07
C THR A 397 -23.18 -47.86 58.75
N ARG A 398 -23.26 -48.20 60.03
CA ARG A 398 -22.08 -48.60 60.79
C ARG A 398 -22.46 -49.02 62.20
N LYS A 399 -23.39 -48.29 62.81
CA LYS A 399 -23.85 -48.60 64.16
C LYS A 399 -25.15 -49.38 64.14
N ARG A 400 -26.02 -49.04 63.19
CA ARG A 400 -27.31 -49.72 63.05
C ARG A 400 -27.14 -51.06 62.35
N VAL A 401 -27.30 -52.14 63.12
CA VAL A 401 -27.17 -53.49 62.57
C VAL A 401 -28.53 -54.07 62.22
N GLN A 402 -28.59 -54.83 61.13
CA GLN A 402 -29.83 -55.44 60.68
C GLN A 402 -30.33 -56.46 61.69
N LYS A 403 -31.22 -56.02 62.57
CA LYS A 403 -31.78 -56.90 63.59
C LYS A 403 -30.68 -57.45 64.50
N GLY A 1 -29.37 -41.84 -6.37
CA GLY A 1 -30.35 -42.04 -7.48
C GLY A 1 -30.07 -43.31 -8.27
N SER A 2 -31.14 -44.00 -8.66
CA SER A 2 -31.00 -45.24 -9.42
C SER A 2 -32.06 -45.33 -10.51
N SER A 3 -33.33 -45.31 -10.10
CA SER A 3 -34.44 -45.39 -11.06
C SER A 3 -35.14 -44.04 -11.17
N GLY A 4 -34.64 -43.17 -12.03
CA GLY A 4 -35.23 -41.86 -12.21
C GLY A 4 -34.22 -40.74 -12.10
N SER A 5 -34.70 -39.50 -12.10
CA SER A 5 -33.83 -38.34 -12.00
C SER A 5 -34.30 -37.41 -10.88
N SER A 6 -33.63 -37.47 -9.74
CA SER A 6 -33.97 -36.64 -8.60
C SER A 6 -32.88 -35.61 -8.32
N GLY A 7 -33.26 -34.49 -7.71
CA GLY A 7 -32.30 -33.45 -7.40
C GLY A 7 -32.95 -32.22 -6.79
N MET A 8 -33.40 -31.30 -7.63
CA MET A 8 -34.06 -30.08 -7.17
C MET A 8 -33.10 -29.26 -6.29
N PRO A 9 -32.55 -28.16 -6.84
CA PRO A 9 -31.62 -27.30 -6.10
C PRO A 9 -32.31 -26.56 -4.96
N ARG A 10 -31.52 -26.00 -4.05
CA ARG A 10 -32.05 -25.27 -2.92
C ARG A 10 -31.57 -23.82 -2.92
N VAL A 11 -30.27 -23.63 -2.71
CA VAL A 11 -29.69 -22.29 -2.69
C VAL A 11 -29.47 -21.77 -4.12
N LYS A 12 -29.58 -20.46 -4.28
CA LYS A 12 -29.39 -19.84 -5.59
C LYS A 12 -28.21 -18.89 -5.57
N ALA A 13 -28.06 -18.16 -4.46
CA ALA A 13 -26.97 -17.19 -4.32
C ALA A 13 -25.82 -17.81 -3.52
N ALA A 14 -25.61 -19.11 -3.67
CA ALA A 14 -24.55 -19.81 -2.96
C ALA A 14 -23.79 -20.74 -3.90
N GLN A 15 -22.53 -21.00 -3.58
CA GLN A 15 -21.70 -21.89 -4.39
C GLN A 15 -20.85 -22.80 -3.52
N ALA A 16 -21.28 -23.00 -2.28
CA ALA A 16 -20.56 -23.86 -1.34
C ALA A 16 -19.10 -23.42 -1.21
N GLY A 17 -18.81 -22.70 -0.13
CA GLY A 17 -17.47 -22.22 0.11
C GLY A 17 -17.42 -21.04 1.04
N ARG A 18 -17.23 -21.32 2.33
CA ARG A 18 -17.16 -20.26 3.34
C ARG A 18 -16.58 -20.79 4.65
N GLN A 19 -15.51 -20.17 5.11
CA GLN A 19 -14.86 -20.58 6.34
C GLN A 19 -15.35 -19.75 7.52
N SER A 20 -16.39 -20.24 8.18
CA SER A 20 -16.97 -19.54 9.33
C SER A 20 -15.95 -19.43 10.47
N SER A 21 -15.23 -18.31 10.50
CA SER A 21 -14.22 -18.09 11.53
C SER A 21 -14.82 -17.35 12.72
N ALA A 22 -14.35 -17.68 13.91
CA ALA A 22 -14.84 -17.04 15.14
C ALA A 22 -13.71 -16.90 16.17
N LYS A 23 -13.67 -15.76 16.83
CA LYS A 23 -12.65 -15.51 17.85
C LYS A 23 -13.18 -14.58 18.94
N ARG A 24 -13.05 -15.00 20.18
CA ARG A 24 -13.51 -14.21 21.31
C ARG A 24 -12.57 -13.04 21.58
N HIS A 25 -12.88 -12.27 22.62
CA HIS A 25 -12.07 -11.11 22.98
C HIS A 25 -10.83 -11.54 23.74
N LEU A 26 -9.96 -10.58 24.05
CA LEU A 26 -8.73 -10.86 24.78
C LEU A 26 -7.82 -11.79 23.98
N ALA A 27 -7.14 -11.24 22.98
CA ALA A 27 -6.24 -12.01 22.15
C ALA A 27 -5.08 -12.58 22.96
N GLU A 28 -4.06 -13.08 22.27
CA GLU A 28 -2.90 -13.66 22.92
C GLU A 28 -1.69 -12.72 22.81
N GLN A 29 -1.38 -12.33 21.58
CA GLN A 29 -0.25 -11.44 21.33
C GLN A 29 -0.63 -9.99 21.56
N PHE A 30 -1.42 -9.44 20.63
CA PHE A 30 -1.87 -8.05 20.72
C PHE A 30 -3.39 -7.99 20.81
N ALA A 31 -3.89 -7.64 22.00
CA ALA A 31 -5.34 -7.55 22.21
C ALA A 31 -5.76 -6.09 22.40
N VAL A 32 -7.05 -5.89 22.63
CA VAL A 32 -7.59 -4.55 22.83
C VAL A 32 -7.44 -4.11 24.28
N GLY A 33 -6.55 -3.13 24.50
CA GLY A 33 -6.33 -2.63 25.83
C GLY A 33 -4.96 -3.01 26.38
N GLU A 34 -4.36 -4.05 25.80
CA GLU A 34 -3.04 -4.50 26.21
C GLU A 34 -2.02 -3.37 26.16
N ILE A 35 -0.79 -3.66 26.58
CA ILE A 35 0.27 -2.67 26.59
C ILE A 35 1.53 -3.22 25.92
N ILE A 36 2.10 -2.44 25.01
CA ILE A 36 3.31 -2.84 24.31
C ILE A 36 4.45 -1.87 24.59
N THR A 37 5.68 -2.37 24.46
CA THR A 37 6.86 -1.55 24.71
C THR A 37 7.40 -0.97 23.40
N ASP A 38 7.81 0.29 23.45
CA ASP A 38 8.35 0.97 22.28
C ASP A 38 9.87 0.90 22.25
N MET A 39 10.49 1.78 21.47
CA MET A 39 11.95 1.83 21.37
C MET A 39 12.54 2.49 22.60
N ALA A 40 11.92 3.60 23.01
CA ALA A 40 12.36 4.33 24.18
C ALA A 40 11.90 3.63 25.46
N LYS A 41 11.16 2.53 25.30
CA LYS A 41 10.65 1.76 26.43
C LYS A 41 9.30 2.29 26.90
N LYS A 42 8.56 2.91 25.98
CA LYS A 42 7.25 3.46 26.32
C LYS A 42 6.23 2.33 26.47
N GLU A 43 5.00 2.70 26.81
CA GLU A 43 3.94 1.72 26.99
C GLU A 43 2.76 2.04 26.10
N TRP A 44 2.89 1.69 24.81
CA TRP A 44 1.82 1.94 23.85
C TRP A 44 0.66 0.98 24.06
N LYS A 45 -0.55 1.48 23.89
CA LYS A 45 -1.75 0.67 24.06
C LYS A 45 -2.29 0.20 22.72
N VAL A 46 -2.51 -1.10 22.59
CA VAL A 46 -3.04 -1.68 21.36
C VAL A 46 -4.56 -1.78 21.39
N GLY A 47 -5.17 -1.86 20.22
CA GLY A 47 -6.62 -1.96 20.15
C GLY A 47 -7.08 -3.19 19.38
N LEU A 48 -7.90 -2.97 18.36
CA LEU A 48 -8.42 -4.07 17.54
C LEU A 48 -8.15 -3.81 16.06
N PRO A 49 -8.27 -4.86 15.22
CA PRO A 49 -8.04 -4.74 13.78
C PRO A 49 -8.83 -3.60 13.15
N ILE A 50 -8.67 -3.43 11.85
CA ILE A 50 -9.38 -2.37 11.12
C ILE A 50 -9.50 -2.70 9.64
N GLY A 51 -8.41 -3.19 9.06
CA GLY A 51 -8.42 -3.53 7.65
C GLY A 51 -7.55 -4.74 7.34
N GLN A 52 -7.55 -5.15 6.08
CA GLN A 52 -6.75 -6.30 5.65
C GLN A 52 -5.56 -5.84 4.81
N GLY A 53 -4.87 -4.80 5.26
CA GLY A 53 -3.73 -4.29 4.55
C GLY A 53 -2.64 -5.33 4.39
N GLY A 54 -1.95 -5.64 5.48
CA GLY A 54 -0.88 -6.62 5.43
C GLY A 54 -1.37 -8.02 5.75
N PHE A 55 -0.48 -8.86 6.29
CA PHE A 55 -0.83 -10.23 6.64
C PHE A 55 -0.17 -10.64 7.94
N GLY A 56 0.01 -9.67 8.84
CA GLY A 56 0.63 -9.95 10.13
C GLY A 56 -0.30 -9.68 11.29
N CYS A 57 -0.07 -8.57 11.98
CA CYS A 57 -0.90 -8.19 13.12
C CYS A 57 -1.12 -6.67 13.16
N ILE A 58 -1.93 -6.18 12.23
CA ILE A 58 -2.23 -4.76 12.16
C ILE A 58 -3.40 -4.40 13.06
N TYR A 59 -3.14 -3.57 14.06
CA TYR A 59 -4.17 -3.15 15.01
C TYR A 59 -4.01 -1.67 15.36
N LEU A 60 -5.05 -1.10 15.96
CA LEU A 60 -5.02 0.31 16.35
C LEU A 60 -4.09 0.52 17.53
N ALA A 61 -3.60 1.75 17.68
CA ALA A 61 -2.69 2.09 18.78
C ALA A 61 -3.23 3.26 19.59
N ASP A 62 -2.75 3.39 20.83
CA ASP A 62 -3.18 4.47 21.69
C ASP A 62 -2.06 4.88 22.65
N MET A 63 -2.12 6.13 23.13
CA MET A 63 -1.11 6.64 24.05
C MET A 63 -1.62 6.62 25.48
N ASN A 64 -2.35 5.56 25.83
CA ASN A 64 -2.91 5.42 27.17
C ASN A 64 -3.86 6.56 27.49
N SER A 65 -5.14 6.24 27.60
CA SER A 65 -6.16 7.24 27.91
C SER A 65 -7.15 6.72 28.94
N SER A 66 -8.18 7.51 29.22
CA SER A 66 -9.19 7.12 30.20
C SER A 66 -9.97 5.90 29.72
N GLU A 67 -10.37 5.92 28.45
CA GLU A 67 -11.13 4.81 27.87
C GLU A 67 -10.19 3.81 27.20
N SER A 68 -10.76 2.77 26.62
CA SER A 68 -9.98 1.74 25.94
C SER A 68 -9.69 2.15 24.50
N VAL A 69 -9.05 1.25 23.75
CA VAL A 69 -8.71 1.52 22.36
C VAL A 69 -9.84 1.09 21.43
N GLY A 70 -10.02 1.82 20.33
CA GLY A 70 -11.05 1.51 19.37
C GLY A 70 -11.25 2.60 18.34
N SER A 71 -12.12 3.55 18.65
CA SER A 71 -12.38 4.66 17.73
C SER A 71 -11.43 5.82 17.97
N ASP A 72 -11.00 5.97 19.22
CA ASP A 72 -10.09 7.04 19.60
C ASP A 72 -8.64 6.60 19.43
N ALA A 73 -8.31 6.10 18.25
CA ALA A 73 -6.95 5.64 17.96
C ALA A 73 -6.38 6.35 16.73
N PRO A 74 -5.60 7.42 16.93
CA PRO A 74 -4.99 8.19 15.85
C PRO A 74 -3.69 7.59 15.34
N CYS A 75 -3.43 6.33 15.70
CA CYS A 75 -2.21 5.65 15.27
C CYS A 75 -2.44 4.15 15.14
N VAL A 76 -1.73 3.53 14.21
CA VAL A 76 -1.85 2.10 13.97
C VAL A 76 -0.51 1.41 14.20
N VAL A 77 -0.55 0.10 14.47
CA VAL A 77 0.66 -0.66 14.70
C VAL A 77 0.58 -2.05 14.07
N LYS A 78 1.61 -2.39 13.31
CA LYS A 78 1.68 -3.69 12.64
C LYS A 78 2.76 -4.56 13.27
N VAL A 79 2.37 -5.75 13.73
CA VAL A 79 3.31 -6.67 14.35
C VAL A 79 3.52 -7.93 13.51
N GLU A 80 4.76 -8.40 13.46
CA GLU A 80 5.09 -9.60 12.70
C GLU A 80 5.70 -10.66 13.61
N PRO A 81 5.26 -11.92 13.50
CA PRO A 81 5.78 -13.02 14.32
C PRO A 81 7.25 -13.33 14.02
N SER A 82 8.14 -12.63 14.71
CA SER A 82 9.58 -12.83 14.52
C SER A 82 9.96 -12.66 13.06
N ASP A 83 11.21 -12.98 12.73
CA ASP A 83 11.70 -12.87 11.37
C ASP A 83 11.61 -11.43 10.87
N ASN A 84 12.41 -11.11 9.86
CA ASN A 84 12.43 -9.76 9.30
C ASN A 84 12.44 -9.82 7.77
N GLY A 85 12.48 -8.65 7.14
CA GLY A 85 12.49 -8.59 5.69
C GLY A 85 11.77 -7.36 5.16
N PRO A 86 10.43 -7.42 5.06
CA PRO A 86 9.62 -6.31 4.55
C PRO A 86 9.62 -5.12 5.51
N LEU A 87 9.51 -5.42 6.81
CA LEU A 87 9.49 -4.36 7.83
C LEU A 87 10.83 -3.65 7.88
N PHE A 88 11.90 -4.36 7.56
CA PHE A 88 13.24 -3.79 7.56
C PHE A 88 13.35 -2.63 6.58
N THR A 89 12.61 -2.72 5.48
CA THR A 89 12.61 -1.69 4.46
C THR A 89 11.76 -0.50 4.88
N GLU A 90 10.58 -0.79 5.43
CA GLU A 90 9.66 0.25 5.88
C GLU A 90 10.28 1.06 7.02
N LEU A 91 10.85 0.35 8.00
CA LEU A 91 11.48 0.99 9.14
C LEU A 91 12.64 1.88 8.70
N LYS A 92 13.54 1.32 7.92
CA LYS A 92 14.70 2.06 7.42
C LYS A 92 14.27 3.32 6.67
N PHE A 93 13.38 3.14 5.72
CA PHE A 93 12.88 4.26 4.92
C PHE A 93 12.12 5.25 5.80
N TYR A 94 11.44 4.73 6.81
CA TYR A 94 10.66 5.57 7.72
C TYR A 94 11.56 6.37 8.64
N GLN A 95 12.56 5.70 9.22
CA GLN A 95 13.49 6.36 10.14
C GLN A 95 14.38 7.35 9.39
N ARG A 96 14.61 7.10 8.11
CA ARG A 96 15.47 7.95 7.30
C ARG A 96 14.69 9.10 6.67
N ALA A 97 13.55 8.80 6.06
CA ALA A 97 12.74 9.82 5.41
C ALA A 97 11.52 10.21 6.24
N ALA A 98 10.96 9.26 6.98
CA ALA A 98 9.78 9.53 7.80
C ALA A 98 10.16 9.94 9.22
N LYS A 99 11.34 10.52 9.37
CA LYS A 99 11.80 10.95 10.69
C LYS A 99 11.14 12.27 11.08
N PRO A 100 10.64 12.37 12.32
CA PRO A 100 9.97 13.58 12.82
C PRO A 100 10.90 14.80 12.81
N GLU A 101 12.18 14.55 13.05
CA GLU A 101 13.17 15.63 13.09
C GLU A 101 13.58 16.04 11.67
N GLN A 102 13.68 15.06 10.78
CA GLN A 102 14.07 15.31 9.40
C GLN A 102 12.97 16.03 8.63
N ILE A 103 11.79 15.41 8.58
CA ILE A 103 10.65 15.99 7.87
C ILE A 103 10.36 17.42 8.35
N GLN A 104 10.29 17.60 9.66
CA GLN A 104 10.02 18.92 10.24
C GLN A 104 10.92 19.98 9.62
N LYS A 105 12.19 19.65 9.46
CA LYS A 105 13.16 20.58 8.86
C LYS A 105 12.90 20.75 7.38
N TRP A 106 12.34 19.73 6.75
CA TRP A 106 12.05 19.77 5.32
C TRP A 106 10.78 20.60 5.05
N ILE A 107 9.71 20.28 5.75
CA ILE A 107 8.45 20.99 5.59
C ILE A 107 8.61 22.48 5.82
N ARG A 108 9.44 22.84 6.80
CA ARG A 108 9.69 24.24 7.12
C ARG A 108 10.59 24.90 6.09
N THR A 109 11.43 24.11 5.44
CA THR A 109 12.36 24.64 4.43
C THR A 109 11.67 24.79 3.08
N ARG A 110 10.81 23.84 2.73
CA ARG A 110 10.11 23.89 1.45
C ARG A 110 8.64 24.29 1.64
N LYS A 111 8.23 24.50 2.89
CA LYS A 111 6.87 24.90 3.18
C LYS A 111 5.89 23.82 2.72
N LEU A 112 6.32 22.57 2.79
CA LEU A 112 5.49 21.44 2.38
C LEU A 112 4.55 21.04 3.51
N LYS A 113 3.71 21.99 3.95
CA LYS A 113 2.76 21.75 5.03
C LYS A 113 2.15 20.35 4.94
N TYR A 114 1.98 19.85 3.72
CA TYR A 114 1.40 18.53 3.52
C TYR A 114 2.27 17.69 2.59
N LEU A 115 2.71 16.54 3.09
CA LEU A 115 3.56 15.64 2.30
C LEU A 115 2.90 14.27 2.19
N GLY A 116 3.32 13.50 1.18
CA GLY A 116 2.76 12.18 0.98
C GLY A 116 3.52 11.09 1.71
N VAL A 117 4.35 11.48 2.68
CA VAL A 117 5.13 10.53 3.44
C VAL A 117 4.43 10.15 4.74
N PRO A 118 4.25 8.85 5.00
CA PRO A 118 3.59 8.38 6.23
C PRO A 118 4.19 8.97 7.48
N LYS A 119 3.34 9.31 8.45
CA LYS A 119 3.80 9.90 9.71
C LYS A 119 4.26 8.81 10.67
N TYR A 120 5.55 8.82 11.00
CA TYR A 120 6.11 7.83 11.92
C TYR A 120 6.20 8.41 13.33
N TRP A 121 5.65 7.68 14.30
CA TRP A 121 5.67 8.11 15.69
C TRP A 121 6.72 7.36 16.48
N GLY A 122 6.84 6.06 16.23
CA GLY A 122 7.81 5.25 16.93
C GLY A 122 7.68 3.77 16.61
N SER A 123 8.52 2.96 17.25
CA SER A 123 8.49 1.52 17.03
C SER A 123 8.58 0.78 18.37
N GLY A 124 8.19 -0.50 18.36
CA GLY A 124 8.23 -1.29 19.58
C GLY A 124 8.39 -2.77 19.32
N LEU A 125 8.42 -3.55 20.38
CA LEU A 125 8.57 -5.01 20.25
C LEU A 125 7.78 -5.73 21.34
N HIS A 126 7.50 -7.00 21.10
CA HIS A 126 6.75 -7.82 22.05
C HIS A 126 7.45 -9.16 22.28
N ASP A 127 7.42 -9.62 23.52
CA ASP A 127 8.05 -10.89 23.88
C ASP A 127 7.02 -11.86 24.45
N LYS A 128 6.93 -13.04 23.87
CA LYS A 128 5.99 -14.06 24.33
C LYS A 128 6.63 -15.44 24.34
N ASN A 129 6.57 -16.11 25.48
CA ASN A 129 7.15 -17.45 25.62
C ASN A 129 8.60 -17.48 25.15
N GLY A 130 9.25 -16.32 25.18
CA GLY A 130 10.64 -16.25 24.74
C GLY A 130 10.76 -15.95 23.26
N LYS A 131 9.72 -15.39 22.68
CA LYS A 131 9.71 -15.07 21.25
C LYS A 131 9.96 -13.57 21.04
N SER A 132 10.40 -13.22 19.84
CA SER A 132 10.68 -11.82 19.52
C SER A 132 9.69 -11.29 18.48
N TYR A 133 8.95 -10.25 18.84
CA TYR A 133 7.97 -9.65 17.95
C TYR A 133 8.34 -8.19 17.66
N ARG A 134 8.53 -7.87 16.38
CA ARG A 134 8.88 -6.52 15.97
C ARG A 134 7.69 -5.85 15.27
N PHE A 135 7.35 -4.66 15.72
CA PHE A 135 6.24 -3.92 15.13
C PHE A 135 6.55 -2.43 15.00
N MET A 136 5.80 -1.76 14.13
CA MET A 136 6.00 -0.33 13.90
C MET A 136 4.67 0.42 14.05
N ILE A 137 4.72 1.59 14.66
CA ILE A 137 3.52 2.39 14.86
C ILE A 137 3.53 3.65 14.01
N MET A 138 2.64 3.70 13.02
CA MET A 138 2.55 4.84 12.13
C MET A 138 1.12 5.37 12.06
N ASP A 139 0.94 6.50 11.38
CA ASP A 139 -0.37 7.12 11.24
C ASP A 139 -1.36 6.14 10.61
N ARG A 140 -2.60 6.17 11.09
CA ARG A 140 -3.64 5.30 10.57
C ARG A 140 -4.11 5.76 9.19
N PHE A 141 -4.77 4.87 8.47
CA PHE A 141 -5.28 5.19 7.13
C PHE A 141 -6.74 4.78 7.00
N GLY A 142 -7.37 5.19 5.90
CA GLY A 142 -8.77 4.86 5.67
C GLY A 142 -8.92 3.68 4.72
N SER A 143 -8.28 3.75 3.57
CA SER A 143 -8.36 2.70 2.57
C SER A 143 -7.18 2.74 1.62
N ASP A 144 -7.05 1.73 0.78
CA ASP A 144 -5.96 1.66 -0.19
C ASP A 144 -6.42 2.13 -1.57
N LEU A 145 -5.47 2.63 -2.36
CA LEU A 145 -5.78 3.10 -3.70
C LEU A 145 -6.37 1.98 -4.55
N GLN A 146 -5.93 0.75 -4.32
CA GLN A 146 -6.43 -0.39 -5.07
C GLN A 146 -7.92 -0.57 -4.83
N LYS A 147 -8.32 -0.50 -3.57
CA LYS A 147 -9.73 -0.65 -3.21
C LYS A 147 -10.57 0.42 -3.90
N ILE A 148 -9.95 1.56 -4.18
CA ILE A 148 -10.63 2.66 -4.86
C ILE A 148 -10.79 2.36 -6.35
N TYR A 149 -9.89 1.54 -6.88
CA TYR A 149 -9.94 1.16 -8.29
C TYR A 149 -11.26 0.50 -8.63
N GLU A 150 -11.68 -0.45 -7.79
CA GLU A 150 -12.93 -1.15 -7.98
C GLU A 150 -14.12 -0.20 -7.89
N ALA A 151 -13.93 0.89 -7.14
CA ALA A 151 -14.98 1.88 -6.97
C ALA A 151 -15.18 2.71 -8.23
N ASN A 152 -14.16 2.74 -9.09
CA ASN A 152 -14.23 3.49 -10.34
C ASN A 152 -14.70 2.61 -11.50
N ALA A 153 -15.03 1.35 -11.19
CA ALA A 153 -15.47 0.38 -12.19
C ALA A 153 -14.27 -0.29 -12.83
N LYS A 154 -13.33 -0.70 -12.00
CA LYS A 154 -12.11 -1.35 -12.47
C LYS A 154 -11.32 -0.39 -13.36
N ARG A 155 -11.59 0.91 -13.22
CA ARG A 155 -10.91 1.92 -14.00
C ARG A 155 -11.08 3.30 -13.39
N PHE A 156 -9.97 3.91 -12.98
CA PHE A 156 -10.00 5.24 -12.37
C PHE A 156 -10.51 6.27 -13.37
N SER A 157 -10.43 7.55 -12.98
CA SER A 157 -10.87 8.64 -13.84
C SER A 157 -9.73 9.60 -14.12
N ARG A 158 -9.85 10.36 -15.21
CA ARG A 158 -8.83 11.33 -15.59
C ARG A 158 -8.65 12.38 -14.49
N LYS A 159 -9.74 12.71 -13.81
CA LYS A 159 -9.70 13.71 -12.74
C LYS A 159 -9.06 13.13 -11.49
N THR A 160 -9.35 11.86 -11.21
CA THR A 160 -8.81 11.17 -10.05
C THR A 160 -7.34 10.85 -10.24
N VAL A 161 -6.97 10.42 -11.44
CA VAL A 161 -5.59 10.07 -11.75
C VAL A 161 -4.71 11.32 -11.75
N LEU A 162 -5.19 12.39 -12.37
CA LEU A 162 -4.45 13.64 -12.45
C LEU A 162 -4.12 14.16 -11.05
N GLN A 163 -5.15 14.32 -10.22
CA GLN A 163 -4.98 14.81 -8.86
C GLN A 163 -4.00 13.92 -8.09
N LEU A 164 -4.19 12.61 -8.18
CA LEU A 164 -3.33 11.67 -7.49
C LEU A 164 -1.92 11.71 -8.05
N SER A 165 -1.81 11.87 -9.37
CA SER A 165 -0.51 11.93 -10.04
C SER A 165 0.34 13.06 -9.45
N LEU A 166 -0.32 14.14 -9.05
CA LEU A 166 0.37 15.28 -8.47
C LEU A 166 0.83 14.96 -7.05
N ARG A 167 -0.06 14.36 -6.26
CA ARG A 167 0.27 14.01 -4.89
C ARG A 167 1.41 13.00 -4.84
N ILE A 168 1.35 12.00 -5.71
CA ILE A 168 2.39 10.98 -5.77
C ILE A 168 3.72 11.57 -6.24
N LEU A 169 3.62 12.56 -7.11
CA LEU A 169 4.81 13.23 -7.63
C LEU A 169 5.54 14.00 -6.53
N ASP A 170 4.76 14.56 -5.61
CA ASP A 170 5.33 15.32 -4.50
C ASP A 170 6.25 14.45 -3.66
N ILE A 171 5.83 13.21 -3.43
CA ILE A 171 6.63 12.27 -2.64
C ILE A 171 7.92 11.90 -3.37
N LEU A 172 7.80 11.65 -4.67
CA LEU A 172 8.95 11.29 -5.50
C LEU A 172 10.05 12.33 -5.37
N GLU A 173 9.67 13.60 -5.42
CA GLU A 173 10.63 14.69 -5.31
C GLU A 173 11.27 14.72 -3.92
N TYR A 174 10.48 14.41 -2.91
CA TYR A 174 10.98 14.40 -1.53
C TYR A 174 11.91 13.21 -1.31
N ILE A 175 11.44 12.01 -1.61
CA ILE A 175 12.23 10.81 -1.44
C ILE A 175 13.52 10.88 -2.26
N HIS A 176 13.48 11.63 -3.36
CA HIS A 176 14.64 11.77 -4.23
C HIS A 176 15.72 12.59 -3.53
N GLU A 177 15.31 13.67 -2.89
CA GLU A 177 16.24 14.53 -2.17
C GLU A 177 16.74 13.86 -0.89
N HIS A 178 16.06 12.79 -0.49
CA HIS A 178 16.44 12.05 0.71
C HIS A 178 17.25 10.81 0.35
N GLU A 179 17.53 10.63 -0.94
CA GLU A 179 18.29 9.48 -1.41
C GLU A 179 17.45 8.20 -1.34
N TYR A 180 16.19 8.31 -1.75
CA TYR A 180 15.28 7.17 -1.74
C TYR A 180 14.39 7.18 -2.98
N VAL A 181 14.61 6.23 -3.87
CA VAL A 181 13.83 6.14 -5.09
C VAL A 181 13.31 4.72 -5.33
N HIS A 182 12.07 4.63 -5.79
CA HIS A 182 11.44 3.33 -6.07
C HIS A 182 10.06 3.52 -6.68
N GLY A 183 9.57 2.49 -7.34
CA GLY A 183 8.26 2.56 -7.96
C GLY A 183 7.23 1.71 -7.25
N ASP A 184 6.82 2.14 -6.06
CA ASP A 184 5.83 1.42 -5.29
C ASP A 184 4.43 1.98 -5.50
N ILE A 185 4.20 2.53 -6.70
CA ILE A 185 2.90 3.10 -7.04
C ILE A 185 2.07 2.14 -7.88
N LYS A 186 1.22 1.36 -7.21
CA LYS A 186 0.37 0.39 -7.91
C LYS A 186 -0.91 0.13 -7.14
N ALA A 187 -1.32 1.11 -6.32
CA ALA A 187 -2.54 0.98 -5.53
C ALA A 187 -2.41 -0.09 -4.45
N SER A 188 -1.20 -0.62 -4.26
CA SER A 188 -0.95 -1.64 -3.26
C SER A 188 -0.10 -1.10 -2.12
N ASN A 189 0.26 0.18 -2.22
CA ASN A 189 1.08 0.85 -1.21
C ASN A 189 0.60 2.28 -1.01
N LEU A 190 -0.52 2.63 -1.63
CA LEU A 190 -1.08 3.96 -1.52
C LEU A 190 -2.35 3.92 -0.67
N LEU A 191 -2.30 4.56 0.48
CA LEU A 191 -3.45 4.58 1.39
C LEU A 191 -3.85 6.02 1.74
N LEU A 192 -5.14 6.24 1.96
CA LEU A 192 -5.64 7.56 2.29
C LEU A 192 -5.74 7.75 3.79
N ASN A 193 -5.56 8.98 4.25
CA ASN A 193 -5.66 9.27 5.67
C ASN A 193 -7.10 9.61 6.05
N TYR A 194 -7.61 9.00 7.11
CA TYR A 194 -8.97 9.24 7.55
C TYR A 194 -9.01 9.73 8.99
N LYS A 195 -8.03 9.30 9.78
CA LYS A 195 -7.95 9.70 11.18
C LYS A 195 -8.02 11.22 11.30
N ASN A 196 -7.64 11.92 10.23
CA ASN A 196 -7.67 13.38 10.23
C ASN A 196 -7.53 13.95 8.82
N PRO A 197 -6.44 13.63 8.12
CA PRO A 197 -6.19 14.14 6.76
C PRO A 197 -7.29 13.70 5.77
N ASP A 198 -6.89 13.22 4.59
CA ASP A 198 -7.85 12.79 3.57
C ASP A 198 -7.17 12.47 2.24
N GLN A 199 -5.88 12.78 2.13
CA GLN A 199 -5.12 12.53 0.91
C GLN A 199 -4.58 11.10 0.90
N VAL A 200 -3.70 10.81 -0.04
CA VAL A 200 -3.10 9.48 -0.15
C VAL A 200 -1.63 9.51 0.24
N TYR A 201 -1.17 8.40 0.81
CA TYR A 201 0.21 8.26 1.25
C TYR A 201 0.84 6.99 0.71
N LEU A 202 2.16 7.02 0.53
CA LEU A 202 2.88 5.86 0.03
C LEU A 202 3.64 5.17 1.16
N VAL A 203 3.26 3.93 1.46
CA VAL A 203 3.91 3.17 2.53
C VAL A 203 4.73 2.02 1.97
N ASP A 204 5.97 1.90 2.44
CA ASP A 204 6.85 0.84 1.99
C ASP A 204 7.15 0.98 0.50
N TYR A 205 8.43 1.04 0.16
CA TYR A 205 8.84 1.17 -1.23
C TYR A 205 9.41 -0.15 -1.77
N GLY A 206 9.17 -1.23 -1.03
CA GLY A 206 9.66 -2.53 -1.45
C GLY A 206 11.10 -2.76 -1.05
N LEU A 207 11.98 -1.85 -1.45
CA LEU A 207 13.40 -1.96 -1.12
C LEU A 207 13.99 -0.60 -0.75
N ALA A 208 13.62 0.43 -1.49
CA ALA A 208 14.12 1.77 -1.23
C ALA A 208 15.63 1.84 -1.45
N TYR A 209 16.03 2.37 -2.60
CA TYR A 209 17.44 2.48 -2.93
C TYR A 209 17.86 3.94 -3.05
N ARG A 210 19.12 4.21 -2.72
CA ARG A 210 19.66 5.57 -2.78
C ARG A 210 20.38 5.80 -4.10
N TYR A 211 19.61 6.03 -5.16
CA TYR A 211 20.17 6.25 -6.49
C TYR A 211 21.36 7.22 -6.44
N CYS A 212 21.30 8.18 -5.53
CA CYS A 212 22.37 9.16 -5.38
C CYS A 212 23.62 8.52 -4.78
N PRO A 213 24.80 8.83 -5.31
CA PRO A 213 26.06 8.28 -4.81
C PRO A 213 26.49 8.91 -3.49
N GLU A 214 27.52 8.34 -2.88
CA GLU A 214 28.03 8.85 -1.61
C GLU A 214 29.45 9.36 -1.76
N GLY A 215 30.26 8.63 -2.52
CA GLY A 215 31.64 9.03 -2.74
C GLY A 215 32.53 7.86 -3.09
N VAL A 216 32.05 7.00 -3.98
CA VAL A 216 32.81 5.82 -4.39
C VAL A 216 32.79 5.67 -5.91
N HIS A 217 31.60 5.48 -6.47
CA HIS A 217 31.44 5.31 -7.90
C HIS A 217 30.69 6.50 -8.51
N LYS A 218 31.18 7.00 -9.63
CA LYS A 218 30.57 8.13 -10.31
C LYS A 218 29.76 7.67 -11.52
N GLU A 219 29.10 6.52 -11.38
CA GLU A 219 28.29 5.97 -12.46
C GLU A 219 27.38 4.85 -11.94
N TYR A 220 26.79 4.11 -12.87
CA TYR A 220 25.90 3.01 -12.52
C TYR A 220 26.64 1.68 -12.60
N LYS A 221 25.92 0.59 -12.33
CA LYS A 221 26.50 -0.75 -12.37
C LYS A 221 26.49 -1.30 -13.79
N GLU A 222 25.31 -1.32 -14.41
CA GLU A 222 25.17 -1.82 -15.77
C GLU A 222 25.52 -3.30 -15.85
N ASP A 223 24.49 -4.14 -15.90
CA ASP A 223 24.69 -5.59 -15.98
C ASP A 223 25.49 -6.10 -14.78
N PRO A 224 24.96 -5.95 -13.57
CA PRO A 224 25.64 -6.40 -12.35
C PRO A 224 25.95 -7.90 -12.38
N LYS A 225 24.90 -8.71 -12.51
CA LYS A 225 25.06 -10.15 -12.55
C LYS A 225 23.77 -10.82 -13.02
N ARG A 226 22.65 -10.40 -12.46
CA ARG A 226 21.35 -10.96 -12.82
C ARG A 226 20.21 -10.12 -12.22
N CYS A 227 20.04 -8.91 -12.73
CA CYS A 227 18.99 -8.02 -12.24
C CYS A 227 19.17 -7.73 -10.75
N HIS A 228 18.48 -6.71 -10.26
CA HIS A 228 18.56 -6.32 -8.86
C HIS A 228 17.18 -6.09 -8.27
N ASP A 229 16.41 -5.21 -8.91
CA ASP A 229 15.06 -4.90 -8.45
C ASP A 229 14.02 -5.68 -9.24
N GLY A 230 12.96 -6.10 -8.56
CA GLY A 230 11.91 -6.85 -9.21
C GLY A 230 10.70 -6.00 -9.56
N THR A 231 9.50 -6.51 -9.25
CA THR A 231 8.27 -5.78 -9.53
C THR A 231 8.13 -5.52 -11.03
N ILE A 232 7.96 -6.59 -11.80
CA ILE A 232 7.80 -6.48 -13.24
C ILE A 232 6.57 -5.65 -13.61
N GLU A 233 5.65 -5.50 -12.65
CA GLU A 233 4.43 -4.73 -12.88
C GLU A 233 4.74 -3.29 -13.24
N PHE A 234 5.86 -2.77 -12.72
CA PHE A 234 6.25 -1.40 -13.00
C PHE A 234 7.77 -1.25 -12.97
N THR A 235 8.48 -2.27 -13.43
CA THR A 235 9.93 -2.25 -13.46
C THR A 235 10.43 -1.49 -14.70
N SER A 236 11.12 -0.38 -14.47
CA SER A 236 11.65 0.44 -15.56
C SER A 236 12.71 -0.34 -16.35
N ILE A 237 12.86 0.02 -17.61
CA ILE A 237 13.84 -0.64 -18.47
C ILE A 237 15.25 -0.51 -17.91
N ASP A 238 15.50 0.58 -17.19
CA ASP A 238 16.81 0.82 -16.59
C ASP A 238 17.06 -0.14 -15.44
N ALA A 239 16.02 -0.38 -14.64
CA ALA A 239 16.12 -1.29 -13.50
C ALA A 239 16.30 -2.74 -13.96
N HIS A 240 15.63 -3.09 -15.04
CA HIS A 240 15.71 -4.44 -15.59
C HIS A 240 17.14 -4.80 -15.96
N ASN A 241 17.95 -3.77 -16.25
CA ASN A 241 19.35 -3.98 -16.62
C ASN A 241 20.25 -4.06 -15.39
N GLY A 242 19.64 -4.09 -14.21
CA GLY A 242 20.42 -4.16 -12.98
C GLY A 242 21.00 -2.82 -12.57
N VAL A 243 20.39 -1.74 -13.05
CA VAL A 243 20.87 -0.40 -12.72
C VAL A 243 20.28 0.08 -11.40
N ALA A 244 21.15 0.54 -10.51
CA ALA A 244 20.73 1.03 -9.21
C ALA A 244 20.26 2.49 -9.29
N PRO A 245 21.10 3.37 -9.84
CA PRO A 245 20.76 4.80 -9.98
C PRO A 245 19.48 5.01 -10.78
N SER A 246 18.36 5.12 -10.06
CA SER A 246 17.07 5.33 -10.71
C SER A 246 16.59 6.76 -10.52
N ARG A 247 16.39 7.46 -11.63
CA ARG A 247 15.92 8.85 -11.58
C ARG A 247 14.66 9.02 -12.43
N ARG A 248 14.70 8.51 -13.65
CA ARG A 248 13.57 8.61 -14.56
C ARG A 248 12.58 7.45 -14.36
N GLY A 249 13.03 6.42 -13.64
CA GLY A 249 12.18 5.27 -13.40
C GLY A 249 10.88 5.65 -12.70
N ASP A 250 10.99 6.41 -11.62
CA ASP A 250 9.81 6.83 -10.87
C ASP A 250 8.80 7.53 -11.78
N LEU A 251 9.30 8.34 -12.71
CA LEU A 251 8.44 9.06 -13.63
C LEU A 251 7.87 8.12 -14.68
N GLU A 252 8.71 7.24 -15.21
CA GLU A 252 8.29 6.28 -16.22
C GLU A 252 7.15 5.41 -15.71
N ILE A 253 7.18 5.09 -14.42
CA ILE A 253 6.15 4.26 -13.81
C ILE A 253 4.83 5.03 -13.71
N LEU A 254 4.91 6.28 -13.29
CA LEU A 254 3.72 7.12 -13.15
C LEU A 254 3.00 7.25 -14.49
N GLY A 255 3.78 7.43 -15.55
CA GLY A 255 3.20 7.58 -16.88
C GLY A 255 2.40 6.36 -17.29
N TYR A 256 2.83 5.19 -16.81
CA TYR A 256 2.15 3.94 -17.12
C TYR A 256 0.89 3.78 -16.28
N CYS A 257 0.87 4.42 -15.11
CA CYS A 257 -0.28 4.35 -14.21
C CYS A 257 -1.47 5.07 -14.83
N MET A 258 -1.19 6.12 -15.59
CA MET A 258 -2.23 6.89 -16.25
C MET A 258 -3.05 6.01 -17.17
N ILE A 259 -2.35 5.30 -18.06
CA ILE A 259 -2.98 4.41 -19.01
C ILE A 259 -3.41 3.10 -18.35
N GLN A 260 -2.56 2.59 -17.46
CA GLN A 260 -2.83 1.35 -16.75
C GLN A 260 -4.12 1.46 -15.95
N TRP A 261 -4.33 2.61 -15.32
CA TRP A 261 -5.53 2.84 -14.51
C TRP A 261 -6.71 3.25 -15.36
N LEU A 262 -6.50 4.18 -16.28
CA LEU A 262 -7.56 4.68 -17.15
C LEU A 262 -7.96 3.65 -18.21
N THR A 263 -7.03 2.77 -18.56
CA THR A 263 -7.29 1.75 -19.57
C THR A 263 -7.52 0.37 -18.95
N GLY A 264 -7.45 0.29 -17.63
CA GLY A 264 -7.64 -0.98 -16.95
C GLY A 264 -6.57 -1.99 -17.32
N HIS A 265 -5.48 -1.99 -16.56
CA HIS A 265 -4.38 -2.91 -16.82
C HIS A 265 -3.76 -2.67 -18.19
N LEU A 266 -2.56 -3.20 -18.40
CA LEU A 266 -1.87 -3.03 -19.67
C LEU A 266 -1.35 -4.39 -20.18
N PRO A 267 -0.97 -4.46 -21.46
CA PRO A 267 -0.46 -5.70 -22.06
C PRO A 267 0.91 -6.09 -21.52
N TRP A 268 0.97 -6.36 -20.21
CA TRP A 268 2.20 -6.74 -19.55
C TRP A 268 1.98 -6.91 -18.05
N GLU A 269 1.14 -6.04 -17.49
CA GLU A 269 0.81 -6.10 -16.08
C GLU A 269 -0.43 -6.95 -15.86
N ASP A 270 -0.83 -7.69 -16.90
CA ASP A 270 -2.01 -8.55 -16.82
C ASP A 270 -1.84 -9.60 -15.74
N ASN A 271 -0.75 -10.35 -15.78
CA ASN A 271 -0.51 -11.39 -14.79
C ASN A 271 0.90 -11.29 -14.22
N LEU A 272 1.83 -10.80 -15.03
CA LEU A 272 3.22 -10.70 -14.61
C LEU A 272 3.85 -12.09 -14.61
N LYS A 273 3.12 -13.04 -15.16
CA LYS A 273 3.60 -14.42 -15.25
C LYS A 273 4.62 -14.55 -16.36
N ASP A 274 4.65 -13.55 -17.26
CA ASP A 274 5.58 -13.56 -18.37
C ASP A 274 6.22 -12.18 -18.55
N PRO A 275 7.46 -11.99 -18.06
CA PRO A 275 8.16 -10.71 -18.16
C PRO A 275 8.83 -10.52 -19.52
N LYS A 276 8.41 -11.31 -20.50
CA LYS A 276 8.97 -11.22 -21.85
C LYS A 276 8.34 -10.07 -22.62
N TYR A 277 7.02 -9.94 -22.52
CA TYR A 277 6.30 -8.88 -23.21
C TYR A 277 6.39 -7.57 -22.42
N VAL A 278 6.57 -7.68 -21.11
CA VAL A 278 6.67 -6.50 -20.26
C VAL A 278 7.89 -5.66 -20.62
N ARG A 279 8.99 -6.32 -20.95
CA ARG A 279 10.22 -5.63 -21.32
C ARG A 279 10.13 -5.05 -22.72
N ASP A 280 9.67 -5.85 -23.66
CA ASP A 280 9.53 -5.42 -25.05
C ASP A 280 8.53 -4.28 -25.19
N SER A 281 7.34 -4.49 -24.64
CA SER A 281 6.28 -3.48 -24.71
C SER A 281 6.74 -2.15 -24.13
N LYS A 282 7.50 -2.22 -23.04
CA LYS A 282 8.01 -1.02 -22.38
C LYS A 282 8.92 -0.21 -23.32
N ILE A 283 9.82 -0.91 -24.00
CA ILE A 283 10.75 -0.26 -24.92
C ILE A 283 10.03 0.27 -26.16
N ARG A 284 8.98 -0.43 -26.58
CA ARG A 284 8.22 -0.03 -27.76
C ARG A 284 7.22 1.07 -27.44
N TYR A 285 6.50 0.92 -26.34
CA TYR A 285 5.52 1.91 -25.93
C TYR A 285 6.19 3.19 -25.44
N ARG A 286 7.34 3.04 -24.81
CA ARG A 286 8.08 4.20 -24.29
C ARG A 286 8.34 5.20 -25.41
N GLU A 287 8.51 4.69 -26.63
CA GLU A 287 8.75 5.54 -27.79
C GLU A 287 7.52 5.62 -28.69
N ASN A 288 6.37 5.23 -28.14
CA ASN A 288 5.13 5.26 -28.90
C ASN A 288 3.97 5.76 -28.03
N ILE A 289 4.22 6.82 -27.27
CA ILE A 289 3.21 7.39 -26.39
C ILE A 289 1.91 7.65 -27.15
N ALA A 290 2.03 8.10 -28.39
CA ALA A 290 0.87 8.38 -29.21
C ALA A 290 0.21 7.08 -29.69
N SER A 291 1.01 6.03 -29.82
CA SER A 291 0.51 4.74 -30.26
C SER A 291 -0.14 3.98 -29.10
N LEU A 292 0.46 4.09 -27.92
CA LEU A 292 -0.07 3.42 -26.74
C LEU A 292 -1.33 4.10 -26.25
N MET A 293 -1.34 5.43 -26.30
CA MET A 293 -2.49 6.21 -25.85
C MET A 293 -3.65 6.06 -26.82
N ASP A 294 -3.33 6.02 -28.11
CA ASP A 294 -4.36 5.87 -29.14
C ASP A 294 -5.07 4.54 -29.02
N LYS A 295 -4.31 3.48 -28.75
CA LYS A 295 -4.88 2.14 -28.62
C LYS A 295 -5.46 1.91 -27.23
N CYS A 296 -4.95 2.64 -26.24
CA CYS A 296 -5.42 2.49 -24.87
C CYS A 296 -6.60 3.42 -24.57
N PHE A 297 -6.51 4.65 -25.06
CA PHE A 297 -7.57 5.63 -24.83
C PHE A 297 -8.53 5.68 -26.02
N PRO A 298 -9.81 6.02 -25.76
CA PRO A 298 -10.83 6.11 -26.81
C PRO A 298 -10.60 7.28 -27.76
N GLU A 299 -11.47 7.41 -28.75
CA GLU A 299 -11.37 8.49 -29.72
C GLU A 299 -12.36 9.61 -29.42
N LYS A 300 -12.67 9.77 -28.14
CA LYS A 300 -13.61 10.80 -27.71
C LYS A 300 -12.89 12.12 -27.45
N ASN A 301 -11.64 12.04 -26.99
CA ASN A 301 -10.85 13.22 -26.72
C ASN A 301 -9.44 13.07 -27.27
N LYS A 302 -8.68 14.17 -27.27
CA LYS A 302 -7.32 14.15 -27.77
C LYS A 302 -6.30 14.23 -26.62
N PRO A 303 -5.22 13.45 -26.71
CA PRO A 303 -4.17 13.43 -25.67
C PRO A 303 -3.65 14.83 -25.36
N GLY A 304 -3.78 15.23 -24.10
CA GLY A 304 -3.31 16.55 -23.69
C GLY A 304 -2.82 16.57 -22.26
N GLU A 305 -3.68 16.14 -21.34
CA GLU A 305 -3.33 16.11 -19.92
C GLU A 305 -2.16 15.17 -19.67
N ILE A 306 -2.35 13.89 -19.97
CA ILE A 306 -1.31 12.89 -19.77
C ILE A 306 -0.25 12.99 -20.86
N ALA A 307 -0.70 13.16 -22.10
CA ALA A 307 0.22 13.26 -23.23
C ALA A 307 1.38 14.21 -22.94
N LYS A 308 1.06 15.39 -22.41
CA LYS A 308 2.07 16.38 -22.09
C LYS A 308 3.07 15.82 -21.07
N TYR A 309 2.56 15.03 -20.13
CA TYR A 309 3.39 14.43 -19.10
C TYR A 309 4.26 13.33 -19.69
N MET A 310 3.66 12.53 -20.58
CA MET A 310 4.38 11.43 -21.21
C MET A 310 5.45 11.97 -22.15
N GLU A 311 5.11 13.02 -22.89
CA GLU A 311 6.05 13.62 -23.83
C GLU A 311 7.30 14.09 -23.11
N THR A 312 7.11 14.79 -21.99
CA THR A 312 8.23 15.28 -21.20
C THR A 312 9.09 14.13 -20.71
N VAL A 313 8.43 13.01 -20.38
CA VAL A 313 9.12 11.82 -19.89
C VAL A 313 9.82 11.10 -21.03
N LYS A 314 9.31 11.30 -22.26
CA LYS A 314 9.89 10.66 -23.43
C LYS A 314 11.17 11.39 -23.87
N LEU A 315 11.21 12.69 -23.61
CA LEU A 315 12.37 13.49 -23.97
C LEU A 315 13.19 13.82 -22.73
N LEU A 316 12.64 13.50 -21.55
CA LEU A 316 13.33 13.77 -20.29
C LEU A 316 14.78 13.30 -20.34
N ASP A 317 15.62 13.87 -19.48
CA ASP A 317 17.03 13.52 -19.43
C ASP A 317 17.72 13.85 -20.74
N TYR A 318 19.03 13.62 -20.80
CA TYR A 318 19.82 13.90 -22.00
C TYR A 318 20.12 15.38 -22.12
N THR A 319 19.07 16.21 -22.12
CA THR A 319 19.22 17.65 -22.23
C THR A 319 18.90 18.32 -20.89
N GLU A 320 17.88 17.83 -20.21
CA GLU A 320 17.46 18.38 -18.93
C GLU A 320 16.95 17.28 -18.00
N LYS A 321 17.69 17.02 -16.93
CA LYS A 321 17.31 16.00 -15.97
C LYS A 321 16.12 16.46 -15.12
N PRO A 322 16.29 17.56 -14.36
CA PRO A 322 15.23 18.10 -13.50
C PRO A 322 14.11 18.75 -14.31
N LEU A 323 12.94 18.12 -14.29
CA LEU A 323 11.79 18.64 -15.02
C LEU A 323 10.50 18.48 -14.21
N TYR A 324 10.65 18.44 -12.88
CA TYR A 324 9.50 18.28 -11.99
C TYR A 324 8.58 19.50 -12.08
N GLU A 325 9.17 20.66 -12.30
CA GLU A 325 8.40 21.91 -12.40
C GLU A 325 7.42 21.83 -13.56
N ASN A 326 7.79 21.09 -14.60
CA ASN A 326 6.94 20.95 -15.78
C ASN A 326 5.89 19.88 -15.56
N LEU A 327 6.30 18.74 -15.01
CA LEU A 327 5.39 17.64 -14.76
C LEU A 327 4.25 18.08 -13.83
N ARG A 328 4.61 18.73 -12.72
CA ARG A 328 3.62 19.20 -11.76
C ARG A 328 2.61 20.14 -12.42
N ASP A 329 3.06 20.86 -13.45
CA ASP A 329 2.20 21.79 -14.16
C ASP A 329 1.29 21.05 -15.13
N ILE A 330 1.84 20.05 -15.83
CA ILE A 330 1.08 19.26 -16.78
C ILE A 330 -0.18 18.68 -16.15
N LEU A 331 -0.03 18.19 -14.92
CA LEU A 331 -1.15 17.59 -14.20
C LEU A 331 -2.11 18.66 -13.68
N LEU A 332 -1.55 19.66 -13.00
CA LEU A 332 -2.35 20.75 -12.45
C LEU A 332 -3.15 21.46 -13.53
N GLN A 333 -2.46 21.84 -14.61
CA GLN A 333 -3.10 22.53 -15.72
C GLN A 333 -4.24 21.68 -16.30
N GLY A 334 -3.98 20.38 -16.44
CA GLY A 334 -4.99 19.48 -16.98
C GLY A 334 -6.28 19.51 -16.18
N LEU A 335 -6.18 19.84 -14.91
CA LEU A 335 -7.34 19.91 -14.04
C LEU A 335 -8.31 20.97 -14.52
N LYS A 336 -7.79 22.01 -15.17
CA LYS A 336 -8.62 23.09 -15.67
C LYS A 336 -9.52 22.60 -16.81
N ALA A 337 -9.05 21.59 -17.53
CA ALA A 337 -9.79 21.03 -18.64
C ALA A 337 -10.92 20.11 -18.16
N ILE A 338 -10.82 19.65 -16.92
CA ILE A 338 -11.84 18.76 -16.36
C ILE A 338 -12.61 19.42 -15.21
N GLY A 339 -12.53 20.74 -15.12
CA GLY A 339 -13.24 21.45 -14.07
C GLY A 339 -12.32 22.00 -12.99
N SER A 340 -11.20 22.58 -13.40
CA SER A 340 -10.25 23.15 -12.45
C SER A 340 -9.74 22.09 -11.47
N LYS A 341 -8.82 22.49 -10.60
CA LYS A 341 -8.26 21.59 -9.61
C LYS A 341 -9.21 21.42 -8.42
N ASP A 342 -9.22 20.22 -7.85
CA ASP A 342 -10.08 19.92 -6.71
C ASP A 342 -9.69 20.79 -5.51
N ASP A 343 -10.61 20.88 -4.54
CA ASP A 343 -10.36 21.67 -3.34
C ASP A 343 -9.46 20.92 -2.36
N GLY A 344 -9.97 19.81 -1.84
CA GLY A 344 -9.19 19.02 -0.90
C GLY A 344 -9.51 17.54 -0.99
N LYS A 345 -9.93 17.09 -2.17
CA LYS A 345 -10.26 15.69 -2.39
C LYS A 345 -9.81 15.23 -3.77
N LEU A 346 -9.30 14.01 -3.84
CA LEU A 346 -8.83 13.45 -5.09
C LEU A 346 -9.87 12.53 -5.71
N ASP A 347 -11.14 12.81 -5.43
CA ASP A 347 -12.24 12.01 -5.96
C ASP A 347 -12.17 10.57 -5.47
N LEU A 348 -11.60 10.38 -4.28
CA LEU A 348 -11.47 9.05 -3.69
C LEU A 348 -12.57 8.81 -2.65
N SER A 349 -13.77 9.27 -2.96
CA SER A 349 -14.91 9.10 -2.06
C SER A 349 -15.20 7.63 -1.81
N VAL A 350 -15.08 6.82 -2.86
CA VAL A 350 -15.33 5.38 -2.77
C VAL A 350 -16.57 5.08 -1.93
N VAL A 351 -17.74 5.29 -2.52
CA VAL A 351 -19.00 5.04 -1.83
C VAL A 351 -19.99 4.30 -2.72
N GLU A 352 -20.13 4.78 -3.96
CA GLU A 352 -21.04 4.17 -4.92
C GLU A 352 -20.43 2.91 -5.53
N ASN A 353 -21.27 2.03 -6.03
CA ASN A 353 -20.81 0.79 -6.65
C ASN A 353 -21.83 0.26 -7.65
N GLY A 354 -21.35 -0.25 -8.77
CA GLY A 354 -22.23 -0.79 -9.80
C GLY A 354 -21.57 -0.89 -11.15
N GLY A 355 -21.75 0.13 -11.98
CA GLY A 355 -21.16 0.13 -13.30
C GLY A 355 -22.09 -0.43 -14.36
N LEU A 356 -21.52 -0.89 -15.47
CA LEU A 356 -22.32 -1.45 -16.56
C LEU A 356 -22.07 -2.94 -16.69
N LYS A 357 -23.12 -3.68 -17.02
CA LYS A 357 -23.03 -5.14 -17.18
C LYS A 357 -24.02 -5.64 -18.22
N ALA A 358 -23.56 -5.73 -19.47
CA ALA A 358 -24.41 -6.20 -20.56
C ALA A 358 -24.77 -7.67 -20.37
N LYS A 359 -25.24 -8.31 -21.44
CA LYS A 359 -25.61 -9.71 -21.40
C LYS A 359 -24.45 -10.61 -21.83
N THR A 360 -23.24 -10.07 -21.80
CA THR A 360 -22.06 -10.84 -22.19
C THR A 360 -22.20 -11.38 -23.61
N ILE A 361 -21.54 -10.72 -24.56
CA ILE A 361 -21.60 -11.14 -25.95
C ILE A 361 -20.74 -10.25 -26.84
N THR A 362 -20.82 -8.94 -26.60
CA THR A 362 -20.05 -7.97 -27.37
C THR A 362 -19.33 -6.99 -26.44
N LYS A 363 -18.32 -7.49 -25.73
CA LYS A 363 -17.55 -6.66 -24.81
C LYS A 363 -16.19 -7.28 -24.53
N LYS A 364 -15.16 -6.43 -24.48
CA LYS A 364 -13.80 -6.90 -24.22
C LYS A 364 -13.34 -7.87 -25.31
N ARG A 365 -12.03 -8.00 -25.47
CA ARG A 365 -11.46 -8.89 -26.47
C ARG A 365 -10.15 -9.49 -25.98
N LYS A 366 -10.20 -10.74 -25.55
CA LYS A 366 -9.02 -11.44 -25.06
C LYS A 366 -8.60 -12.55 -26.01
N LYS A 367 -7.31 -12.63 -26.30
CA LYS A 367 -6.78 -13.65 -27.20
C LYS A 367 -5.28 -13.84 -26.98
N GLU A 368 -4.86 -15.10 -26.89
CA GLU A 368 -3.45 -15.42 -26.69
C GLU A 368 -3.13 -16.82 -27.18
N ILE A 369 -1.89 -17.02 -27.61
CA ILE A 369 -1.46 -18.32 -28.11
C ILE A 369 -0.07 -18.68 -27.59
N GLU A 370 -0.02 -19.46 -26.52
CA GLU A 370 1.25 -19.87 -25.92
C GLU A 370 1.31 -21.39 -25.77
N GLU A 371 2.46 -21.89 -25.31
CA GLU A 371 2.65 -23.32 -25.12
C GLU A 371 2.46 -23.70 -23.66
N SER A 372 2.04 -24.94 -23.44
CA SER A 372 1.81 -25.44 -22.08
C SER A 372 2.84 -26.52 -21.72
N LYS A 373 3.30 -27.25 -22.72
CA LYS A 373 4.28 -28.31 -22.50
C LYS A 373 5.53 -27.78 -21.81
N GLU A 374 6.36 -28.69 -21.33
CA GLU A 374 7.60 -28.32 -20.64
C GLU A 374 8.82 -28.60 -21.51
N PRO A 375 9.19 -27.62 -22.37
CA PRO A 375 10.35 -27.77 -23.27
C PRO A 375 11.68 -27.69 -22.51
N GLY A 376 11.89 -28.64 -21.60
CA GLY A 376 13.12 -28.66 -20.83
C GLY A 376 13.70 -30.05 -20.70
N VAL A 377 12.87 -31.00 -20.27
CA VAL A 377 13.31 -32.38 -20.11
C VAL A 377 12.56 -33.31 -21.05
N GLU A 378 12.60 -33.01 -22.34
CA GLU A 378 11.91 -33.81 -23.34
C GLU A 378 12.91 -34.68 -24.11
N ASP A 379 12.56 -35.96 -24.28
CA ASP A 379 13.42 -36.88 -24.99
C ASP A 379 12.71 -38.21 -25.23
N THR A 380 12.43 -38.92 -24.14
CA THR A 380 11.75 -40.21 -24.22
C THR A 380 10.35 -40.13 -23.61
N GLU A 381 9.40 -40.83 -24.23
CA GLU A 381 8.02 -40.83 -23.75
C GLU A 381 7.81 -41.94 -22.73
N TRP A 382 6.84 -41.75 -21.85
CA TRP A 382 6.52 -42.74 -20.81
C TRP A 382 5.20 -43.44 -21.12
N SER A 383 5.24 -44.77 -21.15
CA SER A 383 4.04 -45.56 -21.42
C SER A 383 3.47 -45.22 -22.80
N ASN A 384 2.33 -45.82 -23.11
CA ASN A 384 1.69 -45.59 -24.41
C ASN A 384 0.17 -45.54 -24.25
N THR A 385 -0.45 -44.56 -24.88
CA THR A 385 -1.90 -44.41 -24.82
C THR A 385 -2.50 -44.21 -26.21
N GLN A 386 -3.80 -44.46 -26.34
CA GLN A 386 -4.48 -44.31 -27.62
C GLN A 386 -5.19 -42.97 -27.69
N THR A 387 -5.77 -42.68 -28.85
CA THR A 387 -6.49 -41.42 -29.07
C THR A 387 -7.86 -41.67 -29.67
N GLU A 388 -8.87 -40.97 -29.15
CA GLU A 388 -10.24 -41.12 -29.64
C GLU A 388 -10.99 -39.80 -29.53
N GLU A 389 -11.90 -39.57 -30.48
CA GLU A 389 -12.69 -38.35 -30.49
C GLU A 389 -14.13 -38.63 -30.03
N ALA A 390 -14.39 -38.37 -28.75
CA ALA A 390 -15.72 -38.60 -28.19
C ALA A 390 -16.43 -37.27 -27.92
N ILE A 391 -17.55 -37.35 -27.22
CA ILE A 391 -18.32 -36.15 -26.89
C ILE A 391 -18.20 -35.81 -25.41
N GLN A 392 -18.00 -36.84 -24.59
CA GLN A 392 -17.86 -36.64 -23.16
C GLN A 392 -17.15 -37.83 -22.51
N THR A 393 -15.88 -37.63 -22.16
CA THR A 393 -15.09 -38.68 -21.53
C THR A 393 -15.00 -38.47 -20.03
N ARG A 394 -14.33 -37.40 -19.62
CA ARG A 394 -14.17 -37.08 -18.20
C ARG A 394 -15.00 -35.87 -17.83
N SER A 395 -14.62 -34.71 -18.32
CA SER A 395 -15.34 -33.46 -18.04
C SER A 395 -15.33 -33.18 -16.53
N ARG A 396 -14.47 -32.24 -16.12
CA ARG A 396 -14.36 -31.87 -14.72
C ARG A 396 -15.64 -31.18 -14.25
N THR A 397 -16.31 -31.79 -13.27
CA THR A 397 -17.54 -31.24 -12.73
C THR A 397 -17.37 -30.86 -11.25
N ARG A 398 -16.63 -31.69 -10.52
CA ARG A 398 -16.39 -31.43 -9.10
C ARG A 398 -14.94 -30.98 -8.87
N LYS A 399 -14.78 -29.89 -8.13
CA LYS A 399 -13.46 -29.36 -7.83
C LYS A 399 -12.81 -30.12 -6.68
N ARG A 400 -11.61 -29.70 -6.30
CA ARG A 400 -10.88 -30.34 -5.21
C ARG A 400 -10.47 -29.31 -4.16
N VAL A 401 -11.02 -29.46 -2.96
CA VAL A 401 -10.71 -28.55 -1.86
C VAL A 401 -9.41 -28.94 -1.17
N GLN A 402 -8.59 -27.94 -0.86
CA GLN A 402 -7.31 -28.18 -0.21
C GLN A 402 -7.36 -27.73 1.26
N LYS A 403 -6.70 -28.49 2.13
CA LYS A 403 -6.67 -28.17 3.55
C LYS A 403 -5.64 -27.08 3.84
N GLY A 1 16.36 -29.94 27.43
CA GLY A 1 15.66 -29.53 26.18
C GLY A 1 16.10 -30.34 24.97
N SER A 2 17.10 -29.82 24.26
CA SER A 2 17.61 -30.49 23.07
C SER A 2 19.10 -30.80 23.23
N SER A 3 19.40 -31.84 24.00
CA SER A 3 20.79 -32.25 24.23
C SER A 3 20.89 -33.76 24.35
N GLY A 4 22.13 -34.26 24.47
CA GLY A 4 22.36 -35.68 24.60
C GLY A 4 23.16 -36.24 23.44
N SER A 5 23.92 -37.31 23.72
CA SER A 5 24.74 -37.94 22.69
C SER A 5 23.92 -38.91 21.85
N SER A 6 22.96 -39.58 22.50
CA SER A 6 22.11 -40.54 21.81
C SER A 6 20.70 -40.52 22.39
N GLY A 7 20.60 -40.71 23.70
CA GLY A 7 19.30 -40.70 24.36
C GLY A 7 19.37 -40.13 25.76
N MET A 8 18.28 -40.27 26.50
CA MET A 8 18.20 -39.76 27.86
C MET A 8 17.97 -40.89 28.86
N PRO A 9 18.69 -40.89 30.00
CA PRO A 9 18.56 -41.94 31.02
C PRO A 9 17.11 -42.12 31.46
N ARG A 10 16.42 -41.01 31.71
CA ARG A 10 15.03 -41.05 32.14
C ARG A 10 14.09 -40.88 30.96
N VAL A 11 12.80 -40.75 31.24
CA VAL A 11 11.79 -40.57 30.20
C VAL A 11 10.43 -40.26 30.80
N LYS A 12 10.09 -40.95 31.88
CA LYS A 12 8.80 -40.75 32.54
C LYS A 12 8.78 -39.42 33.29
N ALA A 13 8.73 -38.32 32.52
CA ALA A 13 8.71 -36.99 33.10
C ALA A 13 7.92 -36.03 32.23
N ALA A 14 7.36 -34.99 32.84
CA ALA A 14 6.58 -34.00 32.12
C ALA A 14 6.73 -32.62 32.75
N GLN A 15 6.48 -32.53 34.05
CA GLN A 15 6.59 -31.27 34.77
C GLN A 15 7.64 -31.36 35.88
N ALA A 16 8.64 -30.47 35.82
CA ALA A 16 9.69 -30.46 36.82
C ALA A 16 9.54 -29.27 37.76
N GLY A 17 9.24 -28.10 37.19
CA GLY A 17 9.08 -26.91 37.99
C GLY A 17 8.50 -25.75 37.20
N ARG A 18 7.39 -26.01 36.51
CA ARG A 18 6.74 -24.98 35.70
C ARG A 18 5.24 -24.98 35.95
N GLN A 19 4.68 -23.80 36.21
CA GLN A 19 3.25 -23.66 36.45
C GLN A 19 2.46 -23.78 35.15
N SER A 20 1.20 -24.21 35.27
CA SER A 20 0.34 -24.36 34.10
C SER A 20 -1.12 -24.19 34.49
N SER A 21 -1.96 -23.90 33.49
CA SER A 21 -3.39 -23.71 33.72
C SER A 21 -4.21 -24.34 32.61
N ALA A 22 -3.73 -25.46 32.08
CA ALA A 22 -4.42 -26.17 31.01
C ALA A 22 -4.56 -25.29 29.78
N LYS A 23 -3.57 -24.43 29.55
CA LYS A 23 -3.58 -23.53 28.41
C LYS A 23 -2.82 -24.13 27.23
N ARG A 24 -3.53 -24.41 26.15
CA ARG A 24 -2.92 -24.99 24.96
C ARG A 24 -3.30 -24.20 23.72
N HIS A 25 -2.48 -23.22 23.37
CA HIS A 25 -2.73 -22.39 22.20
C HIS A 25 -1.44 -21.75 21.70
N LEU A 26 -1.49 -21.19 20.49
CA LEU A 26 -0.33 -20.55 19.89
C LEU A 26 -0.67 -19.15 19.39
N ALA A 27 -1.57 -19.08 18.42
CA ALA A 27 -1.99 -17.80 17.86
C ALA A 27 -2.73 -16.96 18.89
N GLU A 28 -1.97 -16.30 19.75
CA GLU A 28 -2.55 -15.46 20.79
C GLU A 28 -1.48 -14.61 21.47
N GLN A 29 -1.19 -13.46 20.87
CA GLN A 29 -0.18 -12.55 21.41
C GLN A 29 -0.77 -11.16 21.66
N PHE A 30 -1.00 -10.42 20.60
CA PHE A 30 -1.57 -9.08 20.70
C PHE A 30 -3.08 -9.14 20.82
N ALA A 31 -3.61 -8.74 21.97
CA ALA A 31 -5.04 -8.74 22.21
C ALA A 31 -5.52 -7.39 22.75
N VAL A 32 -6.83 -7.28 22.95
CA VAL A 32 -7.41 -6.05 23.48
C VAL A 32 -7.00 -5.82 24.92
N GLY A 33 -6.35 -4.68 25.17
CA GLY A 33 -5.91 -4.36 26.51
C GLY A 33 -4.42 -4.59 26.71
N GLU A 34 -3.85 -5.47 25.91
CA GLU A 34 -2.43 -5.79 26.00
C GLU A 34 -1.57 -4.53 25.81
N ILE A 35 -0.39 -4.54 26.38
CA ILE A 35 0.53 -3.40 26.26
C ILE A 35 1.87 -3.84 25.67
N ILE A 36 2.41 -2.99 24.80
CA ILE A 36 3.68 -3.28 24.15
C ILE A 36 4.73 -2.22 24.49
N THR A 37 6.00 -2.61 24.42
CA THR A 37 7.10 -1.69 24.72
C THR A 37 7.64 -1.06 23.44
N ASP A 38 7.99 0.22 23.52
CA ASP A 38 8.51 0.93 22.36
C ASP A 38 10.05 0.99 22.39
N MET A 39 10.62 1.91 21.62
CA MET A 39 12.05 2.10 21.57
C MET A 39 12.52 2.88 22.78
N ALA A 40 11.70 3.85 23.17
CA ALA A 40 11.98 4.67 24.33
C ALA A 40 11.52 3.97 25.60
N LYS A 41 11.05 2.72 25.45
CA LYS A 41 10.58 1.91 26.57
C LYS A 41 9.19 2.36 27.01
N LYS A 42 8.41 2.87 26.06
CA LYS A 42 7.05 3.31 26.35
C LYS A 42 6.13 2.10 26.49
N GLU A 43 4.88 2.37 26.84
CA GLU A 43 3.90 1.30 27.00
C GLU A 43 2.70 1.53 26.09
N TRP A 44 2.88 1.20 24.81
CA TRP A 44 1.81 1.37 23.83
C TRP A 44 0.72 0.32 24.03
N LYS A 45 -0.53 0.79 24.12
CA LYS A 45 -1.66 -0.10 24.32
C LYS A 45 -2.17 -0.63 22.99
N VAL A 46 -2.30 -1.96 22.89
CA VAL A 46 -2.78 -2.58 21.66
C VAL A 46 -4.31 -2.59 21.62
N GLY A 47 -4.87 -2.06 20.54
CA GLY A 47 -6.31 -2.01 20.40
C GLY A 47 -6.89 -3.32 19.91
N LEU A 48 -7.65 -3.27 18.82
CA LEU A 48 -8.26 -4.46 18.26
C LEU A 48 -7.75 -4.72 16.85
N PRO A 49 -7.83 -5.99 16.38
CA PRO A 49 -7.37 -6.37 15.04
C PRO A 49 -8.28 -5.81 13.95
N ILE A 50 -7.67 -5.20 12.93
CA ILE A 50 -8.42 -4.63 11.82
C ILE A 50 -8.30 -5.50 10.57
N GLY A 51 -7.11 -6.07 10.38
CA GLY A 51 -6.88 -6.93 9.22
C GLY A 51 -7.11 -6.20 7.92
N GLN A 52 -6.03 -5.79 7.27
CA GLN A 52 -6.12 -5.08 6.00
C GLN A 52 -5.72 -6.00 4.84
N GLY A 53 -4.63 -6.74 5.02
CA GLY A 53 -4.16 -7.64 3.99
C GLY A 53 -3.85 -9.02 4.52
N GLY A 54 -3.20 -9.07 5.68
CA GLY A 54 -2.85 -10.34 6.29
C GLY A 54 -1.44 -10.78 5.94
N PHE A 55 -0.49 -10.45 6.81
CA PHE A 55 0.91 -10.81 6.59
C PHE A 55 1.53 -11.37 7.87
N GLY A 56 1.63 -10.53 8.89
CA GLY A 56 2.22 -10.97 10.14
C GLY A 56 1.28 -10.77 11.31
N CYS A 57 1.29 -9.57 11.88
CA CYS A 57 0.43 -9.25 13.02
C CYS A 57 0.05 -7.77 13.01
N ILE A 58 -1.04 -7.46 12.32
CA ILE A 58 -1.52 -6.08 12.23
C ILE A 58 -2.62 -5.82 13.24
N TYR A 59 -2.42 -4.82 14.10
CA TYR A 59 -3.39 -4.47 15.12
C TYR A 59 -3.40 -2.97 15.38
N LEU A 60 -4.41 -2.50 16.10
CA LEU A 60 -4.52 -1.09 16.43
C LEU A 60 -3.65 -0.73 17.62
N ALA A 61 -3.25 0.54 17.71
CA ALA A 61 -2.40 1.00 18.81
C ALA A 61 -3.04 2.17 19.53
N ASP A 62 -2.64 2.39 20.78
CA ASP A 62 -3.18 3.48 21.59
C ASP A 62 -2.06 4.16 22.37
N MET A 63 -2.27 5.43 22.72
CA MET A 63 -1.29 6.19 23.47
C MET A 63 -1.66 6.24 24.95
N ASN A 64 -1.91 5.07 25.54
CA ASN A 64 -2.27 4.98 26.94
C ASN A 64 -3.55 5.75 27.24
N SER A 65 -4.65 5.02 27.35
CA SER A 65 -5.95 5.63 27.63
C SER A 65 -6.56 5.07 28.91
N SER A 66 -7.74 5.57 29.27
CA SER A 66 -8.42 5.11 30.47
C SER A 66 -9.15 3.79 30.23
N GLU A 67 -9.17 2.94 31.24
CA GLU A 67 -9.84 1.64 31.14
C GLU A 67 -9.10 0.74 30.16
N SER A 68 -9.22 1.05 28.87
CA SER A 68 -8.57 0.25 27.83
C SER A 68 -8.81 0.87 26.45
N VAL A 69 -8.46 0.12 25.41
CA VAL A 69 -8.64 0.58 24.04
C VAL A 69 -9.91 0.01 23.43
N GLY A 70 -11.00 0.78 23.50
CA GLY A 70 -12.25 0.33 22.96
C GLY A 70 -12.30 0.45 21.45
N SER A 71 -12.78 1.59 20.94
CA SER A 71 -12.87 1.82 19.51
C SER A 71 -12.32 3.19 19.15
N ASP A 72 -11.34 3.66 19.93
CA ASP A 72 -10.73 4.95 19.68
C ASP A 72 -9.21 4.83 19.57
N ALA A 73 -8.75 4.12 18.53
CA ALA A 73 -7.32 3.93 18.31
C ALA A 73 -6.89 4.48 16.96
N PRO A 74 -6.40 5.74 16.93
CA PRO A 74 -5.95 6.39 15.70
C PRO A 74 -4.51 6.05 15.35
N CYS A 75 -4.11 4.80 15.62
CA CYS A 75 -2.76 4.36 15.32
C CYS A 75 -2.73 2.87 14.99
N VAL A 76 -1.82 2.47 14.12
CA VAL A 76 -1.69 1.07 13.73
C VAL A 76 -0.29 0.54 14.01
N VAL A 77 -0.21 -0.73 14.39
CA VAL A 77 1.08 -1.35 14.70
C VAL A 77 1.19 -2.73 14.05
N LYS A 78 2.23 -2.90 13.25
CA LYS A 78 2.45 -4.18 12.56
C LYS A 78 3.60 -4.94 13.22
N VAL A 79 3.31 -6.18 13.64
CA VAL A 79 4.32 -7.01 14.29
C VAL A 79 4.67 -8.22 13.43
N GLU A 80 5.96 -8.57 13.42
CA GLU A 80 6.43 -9.72 12.64
C GLU A 80 7.50 -10.49 13.41
N PRO A 81 7.60 -11.82 13.18
CA PRO A 81 8.58 -12.66 13.85
C PRO A 81 10.01 -12.27 13.52
N SER A 82 10.55 -11.30 14.26
CA SER A 82 11.91 -10.83 14.05
C SER A 82 12.04 -10.11 12.70
N ASP A 83 11.97 -10.87 11.62
CA ASP A 83 12.06 -10.30 10.28
C ASP A 83 11.51 -11.26 9.24
N ASN A 84 10.27 -11.03 8.82
CA ASN A 84 9.63 -11.89 7.82
C ASN A 84 9.44 -11.15 6.51
N GLY A 85 9.36 -9.82 6.57
CA GLY A 85 9.18 -9.03 5.37
C GLY A 85 10.15 -7.86 5.29
N PRO A 86 9.79 -6.79 4.56
CA PRO A 86 10.63 -5.62 4.40
C PRO A 86 10.42 -4.59 5.51
N LEU A 87 9.96 -5.05 6.68
CA LEU A 87 9.72 -4.17 7.81
C LEU A 87 11.00 -3.45 8.22
N PHE A 88 12.10 -4.20 8.24
CA PHE A 88 13.40 -3.65 8.62
C PHE A 88 13.80 -2.51 7.68
N THR A 89 13.60 -2.73 6.38
CA THR A 89 13.94 -1.72 5.39
C THR A 89 13.04 -0.51 5.50
N GLU A 90 11.78 -0.74 5.87
CA GLU A 90 10.81 0.34 6.03
C GLU A 90 11.15 1.20 7.23
N LEU A 91 11.52 0.56 8.34
CA LEU A 91 11.87 1.28 9.56
C LEU A 91 13.01 2.25 9.31
N LYS A 92 14.10 1.76 8.72
CA LYS A 92 15.26 2.59 8.42
C LYS A 92 14.87 3.79 7.57
N PHE A 93 14.08 3.54 6.53
CA PHE A 93 13.64 4.61 5.64
C PHE A 93 12.63 5.52 6.34
N TYR A 94 11.87 4.96 7.26
CA TYR A 94 10.86 5.73 8.00
C TYR A 94 11.53 6.75 8.91
N GLN A 95 12.54 6.31 9.65
CA GLN A 95 13.24 7.19 10.58
C GLN A 95 14.27 8.05 9.85
N ARG A 96 14.63 7.65 8.63
CA ARG A 96 15.61 8.39 7.84
C ARG A 96 15.06 9.73 7.36
N ALA A 97 13.85 9.72 6.81
CA ALA A 97 13.24 10.95 6.30
C ALA A 97 11.75 11.03 6.63
N ALA A 98 11.07 9.89 6.63
CA ALA A 98 9.64 9.85 6.92
C ALA A 98 9.32 10.53 8.24
N LYS A 99 10.32 10.65 9.11
CA LYS A 99 10.14 11.28 10.42
C LYS A 99 9.37 12.61 10.29
N PRO A 100 8.43 12.87 11.20
CA PRO A 100 7.64 14.12 11.17
C PRO A 100 8.49 15.35 11.48
N GLU A 101 9.65 15.13 12.08
CA GLU A 101 10.55 16.22 12.43
C GLU A 101 11.34 16.69 11.21
N GLN A 102 11.70 15.74 10.35
CA GLN A 102 12.46 16.06 9.14
C GLN A 102 11.55 16.62 8.05
N ILE A 103 10.41 15.97 7.85
CA ILE A 103 9.45 16.41 6.84
C ILE A 103 8.94 17.81 7.14
N GLN A 104 8.58 18.06 8.40
CA GLN A 104 8.08 19.36 8.80
C GLN A 104 9.08 20.47 8.46
N LYS A 105 10.36 20.14 8.53
CA LYS A 105 11.42 21.10 8.22
C LYS A 105 11.51 21.34 6.72
N TRP A 106 11.35 20.27 5.94
CA TRP A 106 11.42 20.37 4.48
C TRP A 106 10.23 21.15 3.93
N ILE A 107 9.04 20.88 4.47
CA ILE A 107 7.82 21.55 4.04
C ILE A 107 7.87 23.03 4.37
N ARG A 108 8.44 23.36 5.52
CA ARG A 108 8.56 24.74 5.95
C ARG A 108 9.64 25.49 5.18
N THR A 109 10.64 24.74 4.72
CA THR A 109 11.75 25.33 3.98
C THR A 109 11.39 25.55 2.51
N ARG A 110 10.63 24.62 1.94
CA ARG A 110 10.23 24.73 0.54
C ARG A 110 8.75 25.10 0.42
N LYS A 111 8.07 25.20 1.54
CA LYS A 111 6.65 25.54 1.55
C LYS A 111 5.84 24.52 0.75
N LEU A 112 6.30 23.26 0.78
CA LEU A 112 5.63 22.18 0.07
C LEU A 112 4.15 22.12 0.43
N LYS A 113 3.82 22.57 1.64
CA LYS A 113 2.43 22.55 2.12
C LYS A 113 2.00 21.15 2.52
N TYR A 114 2.12 20.21 1.58
CA TYR A 114 1.73 18.82 1.83
C TYR A 114 2.65 17.87 1.07
N LEU A 115 2.78 16.65 1.58
CA LEU A 115 3.62 15.65 0.96
C LEU A 115 2.85 14.34 0.73
N GLY A 116 2.59 13.62 1.81
CA GLY A 116 1.85 12.37 1.70
C GLY A 116 2.57 11.20 2.36
N VAL A 117 3.73 11.47 2.95
CA VAL A 117 4.52 10.43 3.62
C VAL A 117 3.91 10.08 4.97
N PRO A 118 3.66 8.77 5.23
CA PRO A 118 3.08 8.32 6.49
C PRO A 118 3.75 8.95 7.71
N LYS A 119 2.95 9.25 8.72
CA LYS A 119 3.46 9.86 9.95
C LYS A 119 4.01 8.81 10.90
N TYR A 120 5.31 8.88 11.17
CA TYR A 120 5.96 7.92 12.07
C TYR A 120 6.07 8.51 13.47
N TRP A 121 5.73 7.70 14.47
CA TRP A 121 5.80 8.14 15.86
C TRP A 121 6.90 7.39 16.61
N GLY A 122 7.00 6.08 16.35
CA GLY A 122 8.00 5.27 17.02
C GLY A 122 7.87 3.80 16.69
N SER A 123 8.70 2.98 17.33
CA SER A 123 8.67 1.54 17.12
C SER A 123 8.84 0.79 18.43
N GLY A 124 8.47 -0.49 18.45
CA GLY A 124 8.60 -1.28 19.65
C GLY A 124 8.83 -2.75 19.37
N LEU A 125 8.85 -3.56 20.42
CA LEU A 125 9.08 -4.99 20.27
C LEU A 125 8.27 -5.77 21.31
N HIS A 126 8.05 -7.05 21.03
CA HIS A 126 7.29 -7.91 21.94
C HIS A 126 8.00 -9.23 22.17
N ASP A 127 8.09 -9.64 23.43
CA ASP A 127 8.76 -10.88 23.78
C ASP A 127 7.73 -11.94 24.20
N LYS A 128 7.75 -13.08 23.51
CA LYS A 128 6.82 -14.17 23.81
C LYS A 128 7.54 -15.52 23.74
N ASN A 129 7.43 -16.29 24.82
CA ASN A 129 8.06 -17.59 24.90
C ASN A 129 9.58 -17.49 24.69
N GLY A 130 10.12 -16.29 24.88
CA GLY A 130 11.55 -16.09 24.71
C GLY A 130 11.91 -15.55 23.33
N LYS A 131 10.91 -15.34 22.49
CA LYS A 131 11.13 -14.83 21.15
C LYS A 131 10.81 -13.34 21.07
N SER A 132 11.74 -12.56 20.53
CA SER A 132 11.56 -11.12 20.41
C SER A 132 11.06 -10.76 19.01
N TYR A 133 10.02 -9.93 18.96
CA TYR A 133 9.44 -9.51 17.70
C TYR A 133 9.60 -8.00 17.50
N ARG A 134 9.74 -7.58 16.25
CA ARG A 134 9.90 -6.17 15.93
C ARG A 134 8.67 -5.62 15.21
N PHE A 135 8.09 -4.55 15.75
CA PHE A 135 6.92 -3.94 15.16
C PHE A 135 7.08 -2.43 15.06
N MET A 136 6.28 -1.81 14.19
CA MET A 136 6.34 -0.37 14.00
C MET A 136 4.95 0.25 14.13
N ILE A 137 4.88 1.44 14.72
CA ILE A 137 3.62 2.13 14.92
C ILE A 137 3.58 3.44 14.14
N MET A 138 2.66 3.53 13.19
CA MET A 138 2.52 4.73 12.36
C MET A 138 1.06 5.20 12.35
N ASP A 139 0.83 6.36 11.75
CA ASP A 139 -0.51 6.93 11.67
C ASP A 139 -1.48 5.94 11.04
N ARG A 140 -2.73 5.95 11.52
CA ARG A 140 -3.75 5.05 11.01
C ARG A 140 -3.97 5.26 9.51
N PHE A 141 -4.89 4.49 8.94
CA PHE A 141 -5.20 4.59 7.52
C PHE A 141 -6.65 4.18 7.25
N GLY A 142 -7.27 4.83 6.28
CA GLY A 142 -8.64 4.53 5.95
C GLY A 142 -8.76 3.40 4.93
N SER A 143 -9.12 3.74 3.71
CA SER A 143 -9.27 2.73 2.66
C SER A 143 -8.22 2.93 1.57
N ASP A 144 -7.54 1.85 1.21
CA ASP A 144 -6.50 1.90 0.18
C ASP A 144 -7.08 2.42 -1.14
N LEU A 145 -6.21 2.99 -1.97
CA LEU A 145 -6.63 3.51 -3.26
C LEU A 145 -7.23 2.41 -4.12
N GLN A 146 -6.87 1.16 -3.84
CA GLN A 146 -7.39 0.02 -4.59
C GLN A 146 -8.87 -0.16 -4.31
N LYS A 147 -9.25 -0.03 -3.04
CA LYS A 147 -10.65 -0.17 -2.63
C LYS A 147 -11.49 0.89 -3.30
N ILE A 148 -10.92 2.08 -3.47
CA ILE A 148 -11.59 3.20 -4.11
C ILE A 148 -11.59 3.03 -5.62
N TYR A 149 -10.56 2.35 -6.13
CA TYR A 149 -10.44 2.10 -7.55
C TYR A 149 -11.62 1.29 -8.07
N GLU A 150 -11.88 0.17 -7.43
CA GLU A 150 -12.99 -0.70 -7.83
C GLU A 150 -14.30 0.08 -7.87
N ALA A 151 -14.41 1.10 -7.01
CA ALA A 151 -15.60 1.92 -6.96
C ALA A 151 -15.71 2.84 -8.17
N ASN A 152 -14.60 2.99 -8.89
CA ASN A 152 -14.57 3.84 -10.09
C ASN A 152 -14.98 3.04 -11.33
N ALA A 153 -15.22 1.73 -11.15
CA ALA A 153 -15.61 0.84 -12.22
C ALA A 153 -14.39 0.12 -12.78
N LYS A 154 -13.51 -0.30 -11.89
CA LYS A 154 -12.30 -0.99 -12.27
C LYS A 154 -11.42 -0.10 -13.15
N ARG A 155 -11.67 1.21 -13.09
CA ARG A 155 -10.91 2.16 -13.88
C ARG A 155 -11.15 3.59 -13.41
N PHE A 156 -10.08 4.31 -13.09
CA PHE A 156 -10.18 5.69 -12.63
C PHE A 156 -10.33 6.64 -13.81
N SER A 157 -10.37 7.94 -13.50
CA SER A 157 -10.51 8.96 -14.53
C SER A 157 -9.26 9.82 -14.63
N ARG A 158 -9.29 10.83 -15.49
CA ARG A 158 -8.15 11.71 -15.68
C ARG A 158 -7.99 12.64 -14.47
N LYS A 159 -9.09 13.02 -13.85
CA LYS A 159 -9.07 13.89 -12.70
C LYS A 159 -8.40 13.20 -11.51
N THR A 160 -8.82 11.97 -11.24
CA THR A 160 -8.27 11.20 -10.13
C THR A 160 -6.78 10.93 -10.34
N VAL A 161 -6.41 10.62 -11.58
CA VAL A 161 -5.02 10.34 -11.91
C VAL A 161 -4.18 11.60 -11.86
N LEU A 162 -4.60 12.63 -12.58
CA LEU A 162 -3.88 13.90 -12.62
C LEU A 162 -3.71 14.48 -11.20
N GLN A 163 -4.80 14.48 -10.45
CA GLN A 163 -4.77 15.01 -9.08
C GLN A 163 -3.84 14.18 -8.22
N LEU A 164 -4.04 12.87 -8.21
CA LEU A 164 -3.21 11.96 -7.43
C LEU A 164 -1.76 12.02 -7.89
N SER A 165 -1.57 12.16 -9.20
CA SER A 165 -0.24 12.23 -9.78
C SER A 165 0.55 13.38 -9.18
N LEU A 166 -0.15 14.50 -8.94
CA LEU A 166 0.49 15.68 -8.37
C LEU A 166 0.90 15.42 -6.92
N ARG A 167 -0.01 14.86 -6.15
CA ARG A 167 0.27 14.55 -4.74
C ARG A 167 1.42 13.56 -4.63
N ILE A 168 1.36 12.49 -5.42
CA ILE A 168 2.40 11.47 -5.40
C ILE A 168 3.74 12.06 -5.83
N LEU A 169 3.69 13.03 -6.74
CA LEU A 169 4.91 13.68 -7.22
C LEU A 169 5.59 14.44 -6.11
N ASP A 170 4.79 15.01 -5.22
CA ASP A 170 5.33 15.78 -4.09
C ASP A 170 6.15 14.88 -3.18
N ILE A 171 5.69 13.65 -2.99
CA ILE A 171 6.40 12.69 -2.15
C ILE A 171 7.65 12.17 -2.85
N LEU A 172 7.51 11.86 -4.13
CA LEU A 172 8.63 11.34 -4.92
C LEU A 172 9.82 12.31 -4.87
N GLU A 173 9.53 13.60 -5.00
CA GLU A 173 10.56 14.63 -4.98
C GLU A 173 11.20 14.72 -3.59
N TYR A 174 10.41 14.46 -2.57
CA TYR A 174 10.90 14.51 -1.19
C TYR A 174 11.89 13.38 -0.92
N ILE A 175 11.50 12.16 -1.27
CA ILE A 175 12.36 11.00 -1.06
C ILE A 175 13.51 10.99 -2.07
N HIS A 176 13.28 11.58 -3.23
CA HIS A 176 14.30 11.65 -4.28
C HIS A 176 15.44 12.57 -3.85
N GLU A 177 15.10 13.59 -3.06
CA GLU A 177 16.10 14.52 -2.57
C GLU A 177 16.96 13.87 -1.50
N HIS A 178 16.48 12.74 -0.95
CA HIS A 178 17.20 12.01 0.06
C HIS A 178 17.87 10.76 -0.54
N GLU A 179 17.76 10.62 -1.86
CA GLU A 179 18.35 9.49 -2.56
C GLU A 179 17.51 8.22 -2.39
N TYR A 180 16.35 8.36 -1.75
CA TYR A 180 15.46 7.22 -1.53
C TYR A 180 14.41 7.14 -2.63
N VAL A 181 14.22 5.94 -3.18
CA VAL A 181 13.25 5.73 -4.24
C VAL A 181 12.54 4.39 -4.09
N HIS A 182 11.23 4.37 -4.33
CA HIS A 182 10.46 3.14 -4.21
C HIS A 182 9.88 2.72 -5.56
N GLY A 183 9.39 3.70 -6.32
CA GLY A 183 8.82 3.41 -7.62
C GLY A 183 7.64 2.45 -7.54
N ASP A 184 7.05 2.34 -6.35
CA ASP A 184 5.91 1.45 -6.14
C ASP A 184 4.64 2.26 -5.85
N ILE A 185 4.24 3.08 -6.82
CA ILE A 185 3.04 3.90 -6.68
C ILE A 185 1.84 3.21 -7.29
N LYS A 186 0.99 2.63 -6.46
CA LYS A 186 -0.20 1.93 -6.94
C LYS A 186 -1.34 2.08 -5.94
N ALA A 187 -2.46 1.41 -6.23
CA ALA A 187 -3.62 1.46 -5.37
C ALA A 187 -3.51 0.44 -4.23
N SER A 188 -2.39 -0.25 -4.16
CA SER A 188 -2.16 -1.26 -3.12
C SER A 188 -1.16 -0.74 -2.09
N ASN A 189 -0.63 0.46 -2.32
CA ASN A 189 0.33 1.07 -1.40
C ASN A 189 -0.09 2.49 -1.07
N LEU A 190 -1.18 2.95 -1.69
CA LEU A 190 -1.69 4.29 -1.45
C LEU A 190 -2.99 4.19 -0.65
N LEU A 191 -3.02 4.85 0.51
CA LEU A 191 -4.19 4.80 1.37
C LEU A 191 -4.59 6.21 1.83
N LEU A 192 -5.83 6.36 2.27
CA LEU A 192 -6.31 7.65 2.73
C LEU A 192 -6.16 7.81 4.23
N ASN A 193 -5.91 9.03 4.68
CA ASN A 193 -5.75 9.31 6.10
C ASN A 193 -7.03 8.95 6.87
N TYR A 194 -6.87 8.21 7.96
CA TYR A 194 -8.00 7.81 8.79
C TYR A 194 -8.46 8.95 9.67
N LYS A 195 -7.53 9.52 10.42
CA LYS A 195 -7.84 10.64 11.31
C LYS A 195 -8.23 11.87 10.50
N ASN A 196 -7.86 11.90 9.23
CA ASN A 196 -8.18 13.01 8.35
C ASN A 196 -8.51 12.54 6.95
N PRO A 197 -9.67 11.89 6.76
CA PRO A 197 -10.10 11.39 5.44
C PRO A 197 -10.20 12.50 4.41
N ASP A 198 -9.20 12.59 3.54
CA ASP A 198 -9.19 13.61 2.50
C ASP A 198 -7.96 13.48 1.61
N GLN A 199 -6.83 13.13 2.21
CA GLN A 199 -5.58 12.97 1.48
C GLN A 199 -5.13 11.51 1.47
N VAL A 200 -4.28 11.17 0.50
CA VAL A 200 -3.76 9.82 0.38
C VAL A 200 -2.27 9.76 0.74
N TYR A 201 -1.86 8.63 1.28
CA TYR A 201 -0.46 8.44 1.68
C TYR A 201 0.11 7.17 1.06
N LEU A 202 1.43 7.12 0.96
CA LEU A 202 2.10 5.96 0.37
C LEU A 202 2.72 5.08 1.45
N VAL A 203 2.21 3.85 1.56
CA VAL A 203 2.70 2.90 2.55
C VAL A 203 3.29 1.66 1.88
N ASP A 204 4.15 0.96 2.60
CA ASP A 204 4.78 -0.26 2.08
C ASP A 204 5.49 0.04 0.76
N TYR A 205 6.82 0.15 0.81
CA TYR A 205 7.60 0.42 -0.39
C TYR A 205 8.20 -0.86 -0.96
N GLY A 206 9.07 -1.49 -0.19
CA GLY A 206 9.70 -2.72 -0.65
C GLY A 206 11.05 -2.47 -1.28
N LEU A 207 11.15 -1.37 -2.02
CA LEU A 207 12.39 -1.00 -2.69
C LEU A 207 12.77 0.45 -2.37
N ALA A 208 12.25 0.96 -1.26
CA ALA A 208 12.54 2.32 -0.82
C ALA A 208 13.91 2.41 -0.17
N TYR A 209 14.93 2.08 -0.95
CA TYR A 209 16.30 2.10 -0.47
C TYR A 209 17.18 2.99 -1.35
N ARG A 210 18.19 3.59 -0.73
CA ARG A 210 19.11 4.47 -1.45
C ARG A 210 19.75 3.75 -2.63
N TYR A 211 19.20 3.96 -3.81
CA TYR A 211 19.71 3.32 -5.03
C TYR A 211 21.18 3.68 -5.24
N CYS A 212 21.58 4.86 -4.79
CA CYS A 212 22.95 5.31 -4.93
C CYS A 212 23.53 5.75 -3.58
N PRO A 213 23.87 4.78 -2.71
CA PRO A 213 24.43 5.08 -1.38
C PRO A 213 25.69 5.92 -1.46
N GLU A 214 26.73 5.38 -2.09
CA GLU A 214 27.99 6.09 -2.23
C GLU A 214 28.84 5.47 -3.34
N GLY A 215 28.66 5.98 -4.56
CA GLY A 215 29.41 5.47 -5.69
C GLY A 215 29.79 6.57 -6.67
N VAL A 216 28.85 7.44 -6.98
CA VAL A 216 29.09 8.54 -7.90
C VAL A 216 29.44 8.02 -9.30
N HIS A 217 28.40 7.70 -10.07
CA HIS A 217 28.60 7.19 -11.43
C HIS A 217 28.44 8.30 -12.46
N LYS A 218 28.85 8.02 -13.70
CA LYS A 218 28.76 9.00 -14.77
C LYS A 218 27.54 8.72 -15.65
N GLU A 219 27.17 7.45 -15.76
CA GLU A 219 26.03 7.05 -16.58
C GLU A 219 25.10 6.14 -15.80
N TYR A 220 25.53 4.90 -15.59
CA TYR A 220 24.72 3.93 -14.85
C TYR A 220 25.50 2.63 -14.64
N LYS A 221 24.86 1.65 -14.00
CA LYS A 221 25.49 0.37 -13.74
C LYS A 221 25.06 -0.67 -14.78
N GLU A 222 23.78 -1.03 -14.76
CA GLU A 222 23.25 -2.01 -15.70
C GLU A 222 23.93 -3.37 -15.50
N ASP A 223 23.92 -3.86 -14.27
CA ASP A 223 24.52 -5.15 -13.95
C ASP A 223 23.74 -5.88 -12.87
N PRO A 224 23.83 -7.22 -12.84
CA PRO A 224 23.12 -8.05 -11.85
C PRO A 224 23.36 -7.57 -10.42
N LYS A 225 22.63 -8.15 -9.48
CA LYS A 225 22.76 -7.79 -8.05
C LYS A 225 22.01 -6.49 -7.76
N ARG A 226 22.36 -5.43 -8.49
CA ARG A 226 21.72 -4.14 -8.30
C ARG A 226 20.28 -4.14 -8.80
N CYS A 227 19.90 -5.20 -9.51
CA CYS A 227 18.54 -5.31 -10.03
C CYS A 227 17.50 -5.10 -8.93
N HIS A 228 16.48 -4.30 -9.22
CA HIS A 228 15.42 -4.01 -8.27
C HIS A 228 14.12 -3.71 -8.98
N ASP A 229 13.34 -4.76 -9.26
CA ASP A 229 12.06 -4.61 -9.94
C ASP A 229 10.92 -5.04 -9.04
N GLY A 230 9.70 -4.63 -9.40
CA GLY A 230 8.54 -5.00 -8.62
C GLY A 230 7.92 -6.32 -9.05
N THR A 231 6.95 -6.25 -9.95
CA THR A 231 6.28 -7.44 -10.45
C THR A 231 7.04 -8.04 -11.63
N ILE A 232 7.12 -7.28 -12.72
CA ILE A 232 7.82 -7.73 -13.91
C ILE A 232 8.18 -6.55 -14.82
N GLU A 233 7.22 -5.65 -15.01
CA GLU A 233 7.42 -4.48 -15.84
C GLU A 233 6.40 -3.39 -15.51
N PHE A 234 5.93 -3.39 -14.27
CA PHE A 234 4.96 -2.41 -13.81
C PHE A 234 5.67 -1.23 -13.13
N THR A 235 6.94 -1.04 -13.48
CA THR A 235 7.73 0.05 -12.91
C THR A 235 8.65 0.67 -13.95
N SER A 236 9.70 -0.06 -14.32
CA SER A 236 10.66 0.43 -15.31
C SER A 236 11.59 -0.68 -15.77
N ILE A 237 12.05 -0.59 -17.02
CA ILE A 237 12.94 -1.59 -17.58
C ILE A 237 14.38 -1.40 -17.06
N ASP A 238 14.74 -0.15 -16.78
CA ASP A 238 16.06 0.16 -16.28
C ASP A 238 16.29 -0.44 -14.90
N ALA A 239 15.21 -0.53 -14.12
CA ALA A 239 15.28 -1.09 -12.78
C ALA A 239 15.47 -2.60 -12.81
N HIS A 240 14.93 -3.23 -13.85
CA HIS A 240 15.04 -4.68 -14.00
C HIS A 240 16.44 -5.08 -14.46
N ASN A 241 17.10 -4.20 -15.19
CA ASN A 241 18.45 -4.46 -15.68
C ASN A 241 19.50 -3.96 -14.71
N GLY A 242 19.09 -3.63 -13.49
CA GLY A 242 20.02 -3.15 -12.49
C GLY A 242 20.57 -1.77 -12.83
N VAL A 243 19.82 -1.00 -13.59
CA VAL A 243 20.23 0.33 -13.99
C VAL A 243 19.66 1.39 -13.05
N ALA A 244 20.44 2.43 -12.80
CA ALA A 244 20.00 3.52 -11.92
C ALA A 244 18.71 4.15 -12.43
N PRO A 245 17.82 4.59 -11.51
CA PRO A 245 16.55 5.21 -11.87
C PRO A 245 16.76 6.57 -12.53
N SER A 246 17.75 7.31 -12.07
CA SER A 246 18.05 8.63 -12.60
C SER A 246 16.85 9.57 -12.45
N ARG A 247 16.09 9.38 -11.37
CA ARG A 247 14.92 10.21 -11.09
C ARG A 247 13.75 9.84 -12.00
N ARG A 248 13.98 9.90 -13.31
CA ARG A 248 12.94 9.58 -14.28
C ARG A 248 12.43 8.16 -14.08
N GLY A 249 13.24 7.31 -13.45
CA GLY A 249 12.85 5.94 -13.21
C GLY A 249 11.57 5.83 -12.39
N ASP A 250 11.36 6.79 -11.51
CA ASP A 250 10.16 6.81 -10.66
C ASP A 250 8.95 7.33 -11.43
N LEU A 251 9.20 8.19 -12.41
CA LEU A 251 8.14 8.76 -13.22
C LEU A 251 7.59 7.74 -14.20
N GLU A 252 8.44 6.81 -14.63
CA GLU A 252 8.04 5.77 -15.57
C GLU A 252 6.84 5.00 -15.05
N ILE A 253 6.75 4.88 -13.73
CA ILE A 253 5.65 4.16 -13.11
C ILE A 253 4.38 5.01 -13.11
N LEU A 254 4.54 6.30 -12.89
CA LEU A 254 3.40 7.21 -12.87
C LEU A 254 2.89 7.46 -14.28
N GLY A 255 3.78 7.42 -15.25
CA GLY A 255 3.40 7.64 -16.63
C GLY A 255 2.45 6.57 -17.15
N TYR A 256 2.81 5.31 -16.91
CA TYR A 256 2.00 4.18 -17.36
C TYR A 256 0.79 3.97 -16.44
N CYS A 257 0.93 4.39 -15.19
CA CYS A 257 -0.15 4.24 -14.22
C CYS A 257 -1.45 4.86 -14.72
N MET A 258 -1.33 6.03 -15.34
CA MET A 258 -2.50 6.72 -15.88
C MET A 258 -3.21 5.87 -16.92
N ILE A 259 -2.44 5.33 -17.86
CA ILE A 259 -2.99 4.50 -18.92
C ILE A 259 -3.54 3.19 -18.36
N GLN A 260 -2.97 2.74 -17.24
CA GLN A 260 -3.41 1.52 -16.59
C GLN A 260 -4.66 1.76 -15.76
N TRP A 261 -4.72 2.93 -15.13
CA TRP A 261 -5.87 3.29 -14.29
C TRP A 261 -7.02 3.83 -15.12
N LEU A 262 -6.69 4.46 -16.25
CA LEU A 262 -7.70 5.03 -17.13
C LEU A 262 -8.56 3.94 -17.77
N THR A 263 -7.91 2.91 -18.30
CA THR A 263 -8.63 1.82 -18.95
C THR A 263 -8.78 0.63 -18.02
N GLY A 264 -7.90 0.53 -17.02
CA GLY A 264 -7.98 -0.57 -16.08
C GLY A 264 -6.95 -1.65 -16.35
N HIS A 265 -5.95 -1.32 -17.18
CA HIS A 265 -4.90 -2.28 -17.53
C HIS A 265 -4.09 -1.78 -18.73
N LEU A 266 -2.98 -2.45 -19.01
CA LEU A 266 -2.13 -2.08 -20.14
C LEU A 266 -1.76 -3.31 -20.95
N PRO A 267 -1.34 -3.12 -22.22
CA PRO A 267 -0.95 -4.21 -23.11
C PRO A 267 0.34 -4.89 -22.65
N TRP A 268 0.32 -5.43 -21.43
CA TRP A 268 1.47 -6.12 -20.87
C TRP A 268 1.17 -6.57 -19.45
N GLU A 269 0.53 -5.70 -18.69
CA GLU A 269 0.16 -6.01 -17.32
C GLU A 269 -1.28 -6.51 -17.25
N ASP A 270 -1.81 -6.92 -18.40
CA ASP A 270 -3.18 -7.43 -18.48
C ASP A 270 -3.37 -8.62 -17.56
N ASN A 271 -2.48 -9.61 -17.68
CA ASN A 271 -2.58 -10.81 -16.85
C ASN A 271 -1.24 -11.14 -16.21
N LEU A 272 -0.14 -10.72 -16.85
CA LEU A 272 1.19 -11.00 -16.34
C LEU A 272 1.49 -12.48 -16.50
N LYS A 273 0.66 -13.15 -17.29
CA LYS A 273 0.83 -14.57 -17.56
C LYS A 273 1.72 -14.78 -18.78
N ASP A 274 1.92 -13.71 -19.55
CA ASP A 274 2.75 -13.78 -20.74
C ASP A 274 3.70 -12.59 -20.82
N PRO A 275 4.89 -12.70 -20.21
CA PRO A 275 5.88 -11.63 -20.21
C PRO A 275 6.50 -11.39 -21.58
N LYS A 276 6.20 -12.27 -22.54
CA LYS A 276 6.72 -12.17 -23.89
C LYS A 276 6.42 -10.79 -24.49
N TYR A 277 5.16 -10.39 -24.41
CA TYR A 277 4.74 -9.10 -24.95
C TYR A 277 5.06 -7.97 -23.97
N VAL A 278 5.11 -8.31 -22.68
CA VAL A 278 5.40 -7.33 -21.65
C VAL A 278 6.75 -6.68 -21.86
N ARG A 279 7.77 -7.49 -22.18
CA ARG A 279 9.11 -6.98 -22.40
C ARG A 279 9.17 -6.15 -23.67
N ASP A 280 8.52 -6.63 -24.72
CA ASP A 280 8.51 -5.94 -26.01
C ASP A 280 7.64 -4.69 -25.93
N SER A 281 6.55 -4.76 -25.18
CA SER A 281 5.64 -3.63 -25.03
C SER A 281 6.31 -2.48 -24.30
N LYS A 282 7.04 -2.80 -23.24
CA LYS A 282 7.73 -1.79 -22.45
C LYS A 282 8.80 -1.08 -23.29
N ILE A 283 9.56 -1.86 -24.04
CA ILE A 283 10.61 -1.31 -24.88
C ILE A 283 10.03 -0.60 -26.10
N ARG A 284 8.89 -1.06 -26.57
CA ARG A 284 8.23 -0.48 -27.73
C ARG A 284 7.45 0.77 -27.36
N TYR A 285 6.62 0.67 -26.32
CA TYR A 285 5.80 1.79 -25.87
C TYR A 285 6.67 2.93 -25.35
N ARG A 286 7.73 2.60 -24.64
CA ARG A 286 8.63 3.62 -24.09
C ARG A 286 9.10 4.57 -25.19
N GLU A 287 9.10 4.08 -26.43
CA GLU A 287 9.52 4.89 -27.57
C GLU A 287 8.36 5.11 -28.54
N ASN A 288 7.14 4.91 -28.06
CA ASN A 288 5.95 5.09 -28.88
C ASN A 288 4.80 5.68 -28.06
N ILE A 289 5.09 6.75 -27.34
CA ILE A 289 4.10 7.42 -26.50
C ILE A 289 2.85 7.80 -27.32
N ALA A 290 3.07 8.17 -28.57
CA ALA A 290 1.97 8.55 -29.45
C ALA A 290 1.17 7.33 -29.88
N SER A 291 1.84 6.19 -29.98
CA SER A 291 1.19 4.95 -30.39
C SER A 291 0.27 4.43 -29.28
N LEU A 292 0.74 4.50 -28.03
CA LEU A 292 -0.05 4.04 -26.90
C LEU A 292 -1.18 5.01 -26.59
N MET A 293 -0.95 6.28 -26.88
CA MET A 293 -1.95 7.32 -26.63
C MET A 293 -3.18 7.10 -27.50
N ASP A 294 -2.96 6.85 -28.79
CA ASP A 294 -4.06 6.64 -29.73
C ASP A 294 -4.59 5.20 -29.64
N LYS A 295 -3.77 4.30 -29.10
CA LYS A 295 -4.17 2.90 -28.97
C LYS A 295 -5.01 2.68 -27.71
N CYS A 296 -4.51 3.16 -26.57
CA CYS A 296 -5.22 2.99 -25.31
C CYS A 296 -6.35 4.02 -25.18
N PHE A 297 -6.08 5.25 -25.58
CA PHE A 297 -7.08 6.31 -25.50
C PHE A 297 -7.68 6.62 -26.87
N PRO A 298 -8.87 6.07 -27.18
CA PRO A 298 -9.53 6.30 -28.46
C PRO A 298 -10.02 7.74 -28.60
N GLU A 299 -9.12 8.63 -29.05
CA GLU A 299 -9.46 10.03 -29.22
C GLU A 299 -8.37 10.75 -30.00
N LYS A 300 -8.57 10.90 -31.30
CA LYS A 300 -7.60 11.58 -32.15
C LYS A 300 -7.75 13.10 -32.06
N ASN A 301 -7.64 13.62 -30.84
CA ASN A 301 -7.77 15.05 -30.61
C ASN A 301 -7.19 15.44 -29.25
N LYS A 302 -7.62 14.74 -28.21
CA LYS A 302 -7.15 15.02 -26.86
C LYS A 302 -7.18 13.75 -25.99
N PRO A 303 -6.02 13.14 -25.73
CA PRO A 303 -5.93 11.92 -24.92
C PRO A 303 -6.30 12.18 -23.47
N GLY A 304 -5.71 13.21 -22.88
CA GLY A 304 -5.98 13.54 -21.49
C GLY A 304 -4.86 14.32 -20.83
N GLU A 305 -4.12 15.10 -21.61
CA GLU A 305 -3.01 15.89 -21.08
C GLU A 305 -1.85 15.00 -20.62
N ILE A 306 -1.93 13.71 -20.92
CA ILE A 306 -0.88 12.77 -20.53
C ILE A 306 0.29 12.86 -21.50
N ALA A 307 -0.02 12.84 -22.80
CA ALA A 307 1.00 12.90 -23.84
C ALA A 307 2.06 13.96 -23.53
N LYS A 308 1.63 15.06 -22.92
CA LYS A 308 2.56 16.13 -22.57
C LYS A 308 3.49 15.66 -21.46
N TYR A 309 2.93 14.96 -20.49
CA TYR A 309 3.70 14.45 -19.36
C TYR A 309 4.60 13.29 -19.80
N MET A 310 4.12 12.50 -20.76
CA MET A 310 4.87 11.37 -21.27
C MET A 310 6.04 11.84 -22.12
N GLU A 311 5.77 12.76 -23.05
CA GLU A 311 6.80 13.28 -23.93
C GLU A 311 7.94 13.88 -23.12
N THR A 312 7.60 14.59 -22.05
CA THR A 312 8.60 15.21 -21.18
C THR A 312 9.45 14.14 -20.50
N VAL A 313 8.78 13.08 -20.04
CA VAL A 313 9.46 11.97 -19.37
C VAL A 313 10.31 11.18 -20.36
N LYS A 314 9.94 11.23 -21.64
CA LYS A 314 10.66 10.51 -22.68
C LYS A 314 12.02 11.15 -22.94
N LEU A 315 12.06 12.47 -22.88
CA LEU A 315 13.31 13.20 -23.10
C LEU A 315 13.96 13.56 -21.77
N LEU A 316 13.22 13.42 -20.69
CA LEU A 316 13.72 13.72 -19.35
C LEU A 316 14.89 12.80 -19.00
N ASP A 317 16.04 13.39 -18.73
CA ASP A 317 17.23 12.62 -18.36
C ASP A 317 18.15 13.45 -17.46
N TYR A 318 19.31 12.88 -17.14
CA TYR A 318 20.27 13.55 -16.28
C TYR A 318 20.73 14.88 -16.89
N THR A 319 20.54 15.02 -18.20
CA THR A 319 20.93 16.24 -18.91
C THR A 319 19.75 17.20 -19.04
N GLU A 320 18.84 17.15 -18.08
CA GLU A 320 17.68 18.03 -18.08
C GLU A 320 17.35 18.52 -16.68
N LYS A 321 17.51 19.83 -16.47
CA LYS A 321 17.24 20.43 -15.17
C LYS A 321 15.76 20.32 -14.81
N PRO A 322 14.86 20.84 -15.68
CA PRO A 322 13.42 20.80 -15.42
C PRO A 322 12.85 19.38 -15.46
N LEU A 323 12.40 18.90 -14.31
CA LEU A 323 11.83 17.56 -14.20
C LEU A 323 10.46 17.60 -13.54
N TYR A 324 10.45 17.81 -12.23
CA TYR A 324 9.20 17.87 -11.48
C TYR A 324 8.43 19.15 -11.80
N GLU A 325 9.17 20.25 -11.96
CA GLU A 325 8.56 21.54 -12.27
C GLU A 325 7.73 21.46 -13.55
N ASN A 326 8.30 20.86 -14.59
CA ASN A 326 7.61 20.72 -15.87
C ASN A 326 6.52 19.67 -15.79
N LEU A 327 6.84 18.52 -15.19
CA LEU A 327 5.88 17.43 -15.05
C LEU A 327 4.65 17.88 -14.27
N ARG A 328 4.89 18.48 -13.09
CA ARG A 328 3.80 18.95 -12.25
C ARG A 328 2.88 19.90 -13.01
N ASP A 329 3.48 20.79 -13.79
CA ASP A 329 2.73 21.75 -14.58
C ASP A 329 1.83 21.05 -15.59
N ILE A 330 2.39 20.08 -16.31
CA ILE A 330 1.65 19.34 -17.32
C ILE A 330 0.33 18.79 -16.75
N LEU A 331 0.42 18.18 -15.56
CA LEU A 331 -0.76 17.61 -14.93
C LEU A 331 -1.69 18.71 -14.41
N LEU A 332 -1.10 19.68 -13.69
CA LEU A 332 -1.86 20.78 -13.13
C LEU A 332 -2.63 21.54 -14.21
N GLN A 333 -1.92 21.91 -15.28
CA GLN A 333 -2.54 22.62 -16.39
C GLN A 333 -3.69 21.82 -16.98
N GLY A 334 -3.50 20.51 -17.08
CA GLY A 334 -4.53 19.66 -17.64
C GLY A 334 -5.84 19.76 -16.88
N LEU A 335 -5.74 19.98 -15.56
CA LEU A 335 -6.94 20.10 -14.73
C LEU A 335 -7.71 21.37 -15.06
N LYS A 336 -6.98 22.45 -15.33
CA LYS A 336 -7.60 23.72 -15.67
C LYS A 336 -8.48 23.60 -16.91
N ALA A 337 -8.10 22.69 -17.81
CA ALA A 337 -8.86 22.47 -19.04
C ALA A 337 -10.23 21.87 -18.73
N ILE A 338 -10.31 21.10 -17.67
CA ILE A 338 -11.56 20.46 -17.27
C ILE A 338 -12.11 21.08 -15.99
N GLY A 339 -11.76 22.33 -15.74
CA GLY A 339 -12.22 23.01 -14.54
C GLY A 339 -11.91 22.25 -13.27
N SER A 340 -10.86 21.43 -13.32
CA SER A 340 -10.46 20.64 -12.16
C SER A 340 -9.43 21.39 -11.32
N LYS A 341 -9.31 21.00 -10.06
CA LYS A 341 -8.36 21.64 -9.15
C LYS A 341 -8.29 20.90 -7.82
N ASP A 342 -7.45 21.37 -6.92
CA ASP A 342 -7.29 20.75 -5.61
C ASP A 342 -8.00 21.57 -4.53
N ASP A 343 -9.17 21.11 -4.11
CA ASP A 343 -9.95 21.80 -3.10
C ASP A 343 -9.79 21.12 -1.74
N GLY A 344 -9.54 19.82 -1.76
CA GLY A 344 -9.36 19.08 -0.52
C GLY A 344 -9.47 17.58 -0.73
N LYS A 345 -10.24 17.17 -1.73
CA LYS A 345 -10.42 15.76 -2.04
C LYS A 345 -9.47 15.31 -3.14
N LEU A 346 -9.19 14.01 -3.18
CA LEU A 346 -8.30 13.44 -4.18
C LEU A 346 -9.09 12.83 -5.33
N ASP A 347 -10.24 13.43 -5.63
CA ASP A 347 -11.10 12.93 -6.71
C ASP A 347 -11.59 11.52 -6.43
N LEU A 348 -11.61 11.16 -5.14
CA LEU A 348 -12.06 9.84 -4.74
C LEU A 348 -12.90 9.90 -3.46
N SER A 349 -14.15 10.33 -3.60
CA SER A 349 -15.05 10.44 -2.46
C SER A 349 -15.39 9.06 -1.90
N VAL A 350 -15.31 8.04 -2.74
CA VAL A 350 -15.61 6.67 -2.32
C VAL A 350 -17.10 6.49 -2.10
N VAL A 351 -17.79 5.99 -3.12
CA VAL A 351 -19.23 5.76 -3.04
C VAL A 351 -19.53 4.38 -2.47
N GLU A 352 -18.68 3.41 -2.80
CA GLU A 352 -18.86 2.05 -2.32
C GLU A 352 -17.72 1.15 -2.79
N ASN A 353 -17.14 0.39 -1.87
CA ASN A 353 -16.05 -0.51 -2.20
C ASN A 353 -16.35 -1.94 -1.74
N GLY A 354 -15.48 -2.86 -2.10
CA GLY A 354 -15.68 -4.25 -1.73
C GLY A 354 -14.94 -5.22 -2.64
N GLY A 355 -15.23 -6.50 -2.51
CA GLY A 355 -14.58 -7.50 -3.33
C GLY A 355 -14.72 -8.90 -2.77
N LEU A 356 -13.84 -9.80 -3.19
CA LEU A 356 -13.86 -11.18 -2.72
C LEU A 356 -12.49 -11.60 -2.19
N LYS A 357 -12.48 -12.32 -1.07
CA LYS A 357 -11.24 -12.77 -0.46
C LYS A 357 -10.92 -14.20 -0.89
N ALA A 358 -9.70 -14.42 -1.36
CA ALA A 358 -9.28 -15.75 -1.80
C ALA A 358 -7.85 -16.04 -1.33
N LYS A 359 -7.67 -17.20 -0.70
CA LYS A 359 -6.35 -17.61 -0.21
C LYS A 359 -5.39 -17.83 -1.36
N THR A 360 -4.15 -18.19 -1.03
CA THR A 360 -3.13 -18.44 -2.04
C THR A 360 -2.58 -19.86 -1.91
N ILE A 361 -2.29 -20.27 -0.68
CA ILE A 361 -1.76 -21.59 -0.43
C ILE A 361 -2.65 -22.37 0.54
N THR A 362 -2.70 -23.69 0.36
CA THR A 362 -3.53 -24.54 1.21
C THR A 362 -2.69 -25.67 1.81
N LYS A 363 -2.30 -26.62 0.98
CA LYS A 363 -1.49 -27.75 1.43
C LYS A 363 -0.76 -28.40 0.27
N LYS A 364 0.54 -28.60 0.43
CA LYS A 364 1.36 -29.22 -0.61
C LYS A 364 2.44 -30.11 -0.01
N ARG A 365 3.40 -29.48 0.68
CA ARG A 365 4.49 -30.21 1.32
C ARG A 365 5.25 -31.05 0.29
N LYS A 366 6.32 -30.48 -0.25
CA LYS A 366 7.14 -31.18 -1.23
C LYS A 366 8.28 -31.94 -0.56
N LYS A 367 9.06 -32.65 -1.36
CA LYS A 367 10.19 -33.42 -0.85
C LYS A 367 11.48 -33.07 -1.58
N GLU A 368 12.57 -33.70 -1.17
CA GLU A 368 13.87 -33.45 -1.79
C GLU A 368 14.29 -34.62 -2.67
N ILE A 369 14.47 -34.34 -3.96
CA ILE A 369 14.87 -35.37 -4.91
C ILE A 369 16.39 -35.57 -4.90
N GLU A 370 16.83 -36.67 -4.29
CA GLU A 370 18.25 -36.99 -4.21
C GLU A 370 18.72 -37.73 -5.46
N GLU A 371 19.58 -37.09 -6.24
CA GLU A 371 20.11 -37.69 -7.45
C GLU A 371 21.63 -37.56 -7.52
N SER A 372 22.27 -37.56 -6.35
CA SER A 372 23.72 -37.45 -6.26
C SER A 372 24.26 -38.17 -5.05
N LYS A 373 25.21 -39.08 -5.27
CA LYS A 373 25.81 -39.85 -4.18
C LYS A 373 26.86 -39.03 -3.46
N GLU A 374 26.49 -38.47 -2.31
CA GLU A 374 27.40 -37.65 -1.52
C GLU A 374 27.75 -38.36 -0.21
N PRO A 375 28.91 -38.03 0.38
CA PRO A 375 29.37 -38.63 1.64
C PRO A 375 28.31 -38.54 2.74
N GLY A 376 28.38 -39.45 3.70
CA GLY A 376 27.42 -39.45 4.79
C GLY A 376 28.05 -39.85 6.11
N VAL A 377 28.86 -40.90 6.09
CA VAL A 377 29.52 -41.38 7.29
C VAL A 377 31.02 -41.09 7.25
N GLU A 378 31.56 -40.66 8.38
CA GLU A 378 32.99 -40.34 8.47
C GLU A 378 33.80 -41.59 8.82
N ASP A 379 34.33 -42.24 7.79
CA ASP A 379 35.13 -43.45 7.98
C ASP A 379 36.61 -43.10 8.11
N THR A 380 37.22 -42.72 7.00
CA THR A 380 38.64 -42.36 6.98
C THR A 380 38.92 -41.28 5.95
N GLU A 381 39.32 -40.10 6.42
CA GLU A 381 39.63 -38.99 5.54
C GLU A 381 41.03 -38.45 5.80
N TRP A 382 41.46 -37.49 4.97
CA TRP A 382 42.77 -36.90 5.12
C TRP A 382 43.87 -37.95 4.96
N SER A 383 45.11 -37.49 4.83
CA SER A 383 46.24 -38.40 4.66
C SER A 383 46.98 -38.59 5.99
N ASN A 384 46.82 -39.78 6.57
CA ASN A 384 47.47 -40.09 7.83
C ASN A 384 47.54 -41.60 8.04
N THR A 385 48.37 -42.02 9.00
CA THR A 385 48.54 -43.43 9.30
C THR A 385 49.13 -43.63 10.69
N GLN A 386 48.44 -43.13 11.70
CA GLN A 386 48.90 -43.24 13.08
C GLN A 386 47.73 -43.12 14.06
N THR A 387 47.69 -44.02 15.04
CA THR A 387 46.63 -44.02 16.03
C THR A 387 47.14 -43.53 17.39
N GLU A 388 46.32 -42.74 18.07
CA GLU A 388 46.69 -42.20 19.38
C GLU A 388 46.56 -43.26 20.47
N GLU A 389 47.57 -43.37 21.31
CA GLU A 389 47.57 -44.34 22.40
C GLU A 389 48.68 -44.04 23.40
N ALA A 390 48.91 -42.76 23.64
CA ALA A 390 49.95 -42.33 24.58
C ALA A 390 49.39 -42.22 25.99
N ILE A 391 48.51 -41.24 26.19
CA ILE A 391 47.90 -41.03 27.50
C ILE A 391 48.96 -40.73 28.55
N GLN A 392 49.21 -39.44 28.78
CA GLN A 392 50.20 -39.02 29.77
C GLN A 392 49.75 -39.39 31.18
N THR A 393 50.46 -40.33 31.80
CA THR A 393 50.14 -40.78 33.15
C THR A 393 51.40 -41.18 33.91
N ARG A 394 52.11 -42.16 33.38
CA ARG A 394 53.33 -42.65 34.00
C ARG A 394 53.06 -43.17 35.41
N SER A 395 53.06 -44.50 35.54
CA SER A 395 52.80 -45.13 36.83
C SER A 395 53.94 -46.09 37.19
N ARG A 396 55.16 -45.69 36.89
CA ARG A 396 56.33 -46.50 37.18
C ARG A 396 57.20 -45.85 38.25
N THR A 397 57.81 -46.68 39.10
CA THR A 397 58.65 -46.18 40.18
C THR A 397 60.07 -45.92 39.67
N ARG A 398 60.93 -45.41 40.55
CA ARG A 398 62.30 -45.11 40.19
C ARG A 398 62.36 -44.08 39.08
N LYS A 399 63.55 -43.93 38.48
CA LYS A 399 63.74 -42.97 37.40
C LYS A 399 63.47 -41.55 37.86
N ARG A 400 63.87 -41.25 39.10
CA ARG A 400 63.66 -39.92 39.67
C ARG A 400 62.18 -39.58 39.74
N VAL A 401 61.37 -40.55 40.17
CA VAL A 401 59.93 -40.35 40.28
C VAL A 401 59.47 -40.54 41.72
N GLN A 402 58.82 -39.53 42.26
CA GLN A 402 58.31 -39.59 43.64
C GLN A 402 59.46 -39.80 44.62
N LYS A 403 60.61 -39.20 44.34
CA LYS A 403 61.78 -39.32 45.20
C LYS A 403 62.25 -37.95 45.68
N GLY A 1 -21.97 -33.57 50.60
CA GLY A 1 -21.27 -34.84 50.28
C GLY A 1 -20.05 -35.07 51.15
N SER A 2 -20.19 -35.92 52.17
CA SER A 2 -19.09 -36.21 53.08
C SER A 2 -17.96 -36.93 52.34
N SER A 3 -16.77 -36.91 52.95
CA SER A 3 -15.60 -37.55 52.36
C SER A 3 -15.29 -38.87 53.06
N GLY A 4 -14.29 -39.58 52.55
CA GLY A 4 -13.91 -40.84 53.14
C GLY A 4 -13.10 -40.68 54.42
N SER A 5 -12.26 -39.64 54.45
CA SER A 5 -11.43 -39.37 55.62
C SER A 5 -10.49 -40.54 55.89
N SER A 6 -9.27 -40.44 55.37
CA SER A 6 -8.27 -41.49 55.55
C SER A 6 -6.94 -40.90 56.02
N GLY A 7 -6.49 -39.85 55.34
CA GLY A 7 -5.24 -39.20 55.69
C GLY A 7 -5.40 -37.71 55.87
N MET A 8 -6.08 -37.06 54.93
CA MET A 8 -6.29 -35.62 54.99
C MET A 8 -7.55 -35.23 54.21
N PRO A 9 -8.28 -34.20 54.68
CA PRO A 9 -9.51 -33.74 54.02
C PRO A 9 -9.29 -33.43 52.55
N ARG A 10 -10.36 -33.47 51.77
CA ARG A 10 -10.29 -33.18 50.34
C ARG A 10 -9.37 -34.17 49.64
N VAL A 11 -9.95 -35.04 48.82
CA VAL A 11 -9.18 -36.03 48.09
C VAL A 11 -8.85 -35.55 46.68
N LYS A 12 -7.66 -34.96 46.53
CA LYS A 12 -7.23 -34.45 45.24
C LYS A 12 -6.66 -35.57 44.37
N ALA A 13 -6.87 -35.48 43.06
CA ALA A 13 -6.38 -36.48 42.13
C ALA A 13 -6.45 -35.98 40.70
N ALA A 14 -7.62 -35.50 40.30
CA ALA A 14 -7.82 -34.99 38.95
C ALA A 14 -8.64 -33.71 38.97
N GLN A 15 -9.91 -33.83 39.32
CA GLN A 15 -10.80 -32.67 39.37
C GLN A 15 -10.93 -32.01 38.01
N ALA A 16 -12.00 -32.33 37.29
CA ALA A 16 -12.23 -31.77 35.96
C ALA A 16 -13.64 -31.19 35.85
N GLY A 17 -13.72 -29.88 35.67
CA GLY A 17 -15.01 -29.23 35.56
C GLY A 17 -15.10 -27.97 36.40
N ARG A 18 -16.31 -27.46 36.57
CA ARG A 18 -16.54 -26.25 37.35
C ARG A 18 -15.78 -25.07 36.76
N GLN A 19 -16.50 -24.23 36.00
CA GLN A 19 -15.89 -23.06 35.37
C GLN A 19 -15.86 -21.88 36.34
N SER A 20 -14.67 -21.34 36.56
CA SER A 20 -14.51 -20.20 37.46
C SER A 20 -13.34 -19.33 37.02
N SER A 21 -12.18 -19.95 36.83
CA SER A 21 -10.98 -19.24 36.42
C SER A 21 -10.85 -19.22 34.90
N ALA A 22 -11.47 -18.22 34.27
CA ALA A 22 -11.42 -18.10 32.82
C ALA A 22 -10.23 -17.27 32.37
N LYS A 23 -9.05 -17.90 32.34
CA LYS A 23 -7.83 -17.21 31.94
C LYS A 23 -6.76 -18.21 31.53
N ARG A 24 -6.04 -17.89 30.45
CA ARG A 24 -4.99 -18.76 29.95
C ARG A 24 -4.01 -17.99 29.08
N HIS A 25 -3.05 -18.70 28.49
CA HIS A 25 -2.06 -18.08 27.63
C HIS A 25 -2.31 -18.42 26.16
N LEU A 26 -2.57 -17.38 25.36
CA LEU A 26 -2.84 -17.58 23.94
C LEU A 26 -1.57 -17.41 23.12
N ALA A 27 -1.64 -17.75 21.84
CA ALA A 27 -0.49 -17.63 20.94
C ALA A 27 -0.12 -16.18 20.72
N GLU A 28 -0.96 -15.46 19.98
CA GLU A 28 -0.72 -14.05 19.69
C GLU A 28 -0.86 -13.20 20.95
N GLN A 29 0.26 -12.66 21.42
CA GLN A 29 0.26 -11.82 22.62
C GLN A 29 -0.35 -10.45 22.33
N PHE A 30 -0.18 -9.99 21.09
CA PHE A 30 -0.71 -8.69 20.69
C PHE A 30 -2.23 -8.77 20.46
N ALA A 31 -2.96 -9.06 21.53
CA ALA A 31 -4.40 -9.17 21.45
C ALA A 31 -5.08 -7.95 22.07
N VAL A 32 -6.41 -7.97 22.12
CA VAL A 32 -7.18 -6.87 22.68
C VAL A 32 -6.99 -6.79 24.19
N GLY A 33 -6.74 -5.58 24.69
CA GLY A 33 -6.55 -5.39 26.11
C GLY A 33 -5.08 -5.34 26.49
N GLU A 34 -4.24 -6.03 25.72
CA GLU A 34 -2.81 -6.07 25.99
C GLU A 34 -2.18 -4.70 25.72
N ILE A 35 -1.11 -4.40 26.46
CA ILE A 35 -0.42 -3.13 26.32
C ILE A 35 1.02 -3.34 25.86
N ILE A 36 1.46 -2.52 24.92
CA ILE A 36 2.81 -2.61 24.40
C ILE A 36 3.64 -1.39 24.80
N THR A 37 4.95 -1.57 24.86
CA THR A 37 5.86 -0.49 25.23
C THR A 37 6.41 0.23 24.01
N ASP A 38 6.54 1.54 24.11
CA ASP A 38 7.05 2.34 23.00
C ASP A 38 8.55 2.59 23.14
N MET A 39 9.05 3.61 22.45
CA MET A 39 10.47 3.95 22.50
C MET A 39 10.77 4.71 23.79
N ALA A 40 9.89 5.64 24.14
CA ALA A 40 10.04 6.42 25.35
C ALA A 40 9.52 5.64 26.56
N LYS A 41 9.08 4.41 26.32
CA LYS A 41 8.54 3.55 27.38
C LYS A 41 7.06 3.78 27.59
N LYS A 42 6.37 4.20 26.52
CA LYS A 42 4.95 4.46 26.59
C LYS A 42 4.19 3.14 26.74
N GLU A 43 2.87 3.23 26.89
CA GLU A 43 2.04 2.05 27.05
C GLU A 43 0.90 2.05 26.04
N TRP A 44 1.20 1.69 24.81
CA TRP A 44 0.20 1.66 23.75
C TRP A 44 -0.71 0.43 23.88
N LYS A 45 -2.01 0.66 23.81
CA LYS A 45 -2.98 -0.42 23.93
C LYS A 45 -3.34 -0.98 22.55
N VAL A 46 -3.17 -2.28 22.38
CA VAL A 46 -3.48 -2.93 21.12
C VAL A 46 -4.98 -3.10 20.94
N GLY A 47 -5.45 -2.93 19.71
CA GLY A 47 -6.87 -3.05 19.42
C GLY A 47 -7.20 -4.35 18.70
N LEU A 48 -8.02 -4.26 17.67
CA LEU A 48 -8.42 -5.43 16.90
C LEU A 48 -7.65 -5.50 15.58
N PRO A 49 -7.62 -6.68 14.94
CA PRO A 49 -6.92 -6.88 13.67
C PRO A 49 -7.37 -5.88 12.60
N ILE A 50 -6.69 -5.91 11.45
CA ILE A 50 -7.03 -5.01 10.36
C ILE A 50 -6.48 -5.53 9.04
N GLY A 51 -7.20 -6.45 8.42
CA GLY A 51 -6.76 -7.02 7.16
C GLY A 51 -7.34 -8.41 6.91
N GLN A 52 -6.47 -9.34 6.53
CA GLN A 52 -6.89 -10.71 6.25
C GLN A 52 -5.71 -11.67 6.35
N GLY A 53 -5.74 -12.55 7.35
CA GLY A 53 -4.67 -13.50 7.52
C GLY A 53 -3.54 -12.96 8.37
N GLY A 54 -2.81 -11.99 7.83
CA GLY A 54 -1.71 -11.41 8.57
C GLY A 54 -0.45 -12.26 8.53
N PHE A 55 0.70 -11.62 8.41
CA PHE A 55 1.97 -12.33 8.37
C PHE A 55 2.62 -12.38 9.74
N GLY A 56 2.70 -11.22 10.38
CA GLY A 56 3.30 -11.14 11.70
C GLY A 56 2.29 -10.81 12.79
N CYS A 57 2.21 -9.54 13.15
CA CYS A 57 1.27 -9.10 14.17
C CYS A 57 0.78 -7.68 13.90
N ILE A 58 -0.17 -7.55 12.99
CA ILE A 58 -0.72 -6.25 12.64
C ILE A 58 -2.05 -6.01 13.34
N TYR A 59 -2.09 -4.96 14.16
CA TYR A 59 -3.30 -4.62 14.91
C TYR A 59 -3.41 -3.11 15.08
N LEU A 60 -4.56 -2.66 15.59
CA LEU A 60 -4.80 -1.24 15.81
C LEU A 60 -4.07 -0.74 17.05
N ALA A 61 -3.81 0.56 17.10
CA ALA A 61 -3.12 1.16 18.24
C ALA A 61 -4.02 2.14 18.97
N ASP A 62 -3.83 2.24 20.29
CA ASP A 62 -4.64 3.14 21.11
C ASP A 62 -3.77 3.86 22.14
N MET A 63 -4.27 4.98 22.65
CA MET A 63 -3.55 5.76 23.64
C MET A 63 -4.34 5.84 24.95
N ASN A 64 -4.40 4.73 25.67
CA ASN A 64 -5.12 4.65 26.93
C ASN A 64 -6.62 4.87 26.72
N SER A 65 -7.01 6.11 26.52
CA SER A 65 -8.42 6.46 26.30
C SER A 65 -9.27 6.02 27.49
N SER A 66 -10.58 6.01 27.30
CA SER A 66 -11.51 5.62 28.36
C SER A 66 -11.60 4.09 28.45
N GLU A 67 -10.48 3.45 28.74
CA GLU A 67 -10.43 2.00 28.86
C GLU A 67 -10.79 1.33 27.54
N SER A 68 -10.19 0.17 27.28
CA SER A 68 -10.47 -0.57 26.06
C SER A 68 -10.11 0.26 24.82
N VAL A 69 -10.11 -0.38 23.66
CA VAL A 69 -9.79 0.29 22.41
C VAL A 69 -10.98 0.27 21.45
N GLY A 70 -11.50 -0.92 21.20
CA GLY A 70 -12.64 -1.05 20.31
C GLY A 70 -12.22 -1.34 18.88
N SER A 71 -13.17 -1.28 17.96
CA SER A 71 -12.90 -1.54 16.55
C SER A 71 -12.84 -0.24 15.76
N ASP A 72 -12.24 0.78 16.35
CA ASP A 72 -12.12 2.08 15.71
C ASP A 72 -10.94 2.87 16.28
N ALA A 73 -9.75 2.59 15.78
CA ALA A 73 -8.54 3.27 16.25
C ALA A 73 -7.85 3.99 15.08
N PRO A 74 -7.37 5.23 15.32
CA PRO A 74 -6.69 6.02 14.29
C PRO A 74 -5.18 5.75 14.24
N CYS A 75 -4.77 4.55 14.62
CA CYS A 75 -3.37 4.19 14.61
C CYS A 75 -3.18 2.69 14.35
N VAL A 76 -2.08 2.35 13.69
CA VAL A 76 -1.78 0.96 13.37
C VAL A 76 -0.37 0.59 13.82
N VAL A 77 -0.20 -0.66 14.27
CA VAL A 77 1.10 -1.12 14.73
C VAL A 77 1.45 -2.48 14.10
N LYS A 78 2.60 -2.54 13.44
CA LYS A 78 3.04 -3.77 12.80
C LYS A 78 4.24 -4.36 13.55
N VAL A 79 4.06 -5.57 14.07
CA VAL A 79 5.13 -6.25 14.82
C VAL A 79 5.62 -7.49 14.08
N GLU A 80 6.93 -7.74 14.17
CA GLU A 80 7.52 -8.89 13.51
C GLU A 80 8.59 -9.53 14.41
N PRO A 81 8.66 -10.87 14.44
CA PRO A 81 9.65 -11.59 15.25
C PRO A 81 11.07 -11.10 15.01
N SER A 82 11.63 -10.41 16.01
CA SER A 82 12.99 -9.88 15.90
C SER A 82 13.10 -8.86 14.77
N ASP A 83 14.29 -8.28 14.61
CA ASP A 83 14.51 -7.30 13.57
C ASP A 83 14.92 -7.97 12.26
N ASN A 84 15.34 -7.17 11.28
CA ASN A 84 15.75 -7.68 9.99
C ASN A 84 14.57 -8.31 9.25
N GLY A 85 14.18 -7.69 8.13
CA GLY A 85 13.07 -8.20 7.36
C GLY A 85 12.34 -7.10 6.60
N PRO A 86 11.15 -7.41 6.05
CA PRO A 86 10.36 -6.42 5.29
C PRO A 86 10.13 -5.14 6.09
N LEU A 87 9.79 -5.29 7.37
CA LEU A 87 9.54 -4.14 8.23
C LEU A 87 10.84 -3.40 8.54
N PHE A 88 11.95 -4.13 8.56
CA PHE A 88 13.25 -3.54 8.84
C PHE A 88 13.60 -2.48 7.80
N THR A 89 13.22 -2.74 6.55
CA THR A 89 13.50 -1.82 5.46
C THR A 89 12.66 -0.55 5.58
N GLU A 90 11.42 -0.72 6.04
CA GLU A 90 10.50 0.40 6.20
C GLU A 90 10.93 1.27 7.37
N LEU A 91 11.22 0.65 8.51
CA LEU A 91 11.64 1.38 9.70
C LEU A 91 12.90 2.19 9.43
N LYS A 92 13.85 1.58 8.72
CA LYS A 92 15.10 2.24 8.39
C LYS A 92 14.85 3.52 7.59
N PHE A 93 14.04 3.39 6.54
CA PHE A 93 13.71 4.54 5.70
C PHE A 93 12.81 5.52 6.44
N TYR A 94 11.86 4.99 7.21
CA TYR A 94 10.93 5.81 7.96
C TYR A 94 11.68 6.79 8.86
N GLN A 95 12.72 6.31 9.52
CA GLN A 95 13.53 7.14 10.41
C GLN A 95 14.47 8.05 9.63
N ARG A 96 14.70 7.72 8.36
CA ARG A 96 15.59 8.51 7.52
C ARG A 96 14.87 9.72 6.92
N ALA A 97 13.55 9.61 6.77
CA ALA A 97 12.77 10.70 6.20
C ALA A 97 11.43 10.86 6.93
N ALA A 98 10.75 9.75 7.18
CA ALA A 98 9.46 9.78 7.86
C ALA A 98 9.59 10.26 9.30
N LYS A 99 10.83 10.36 9.81
CA LYS A 99 11.08 10.81 11.17
C LYS A 99 10.28 12.08 11.48
N PRO A 100 9.60 12.14 12.64
CA PRO A 100 8.80 13.29 13.04
C PRO A 100 9.56 14.61 12.91
N GLU A 101 10.88 14.55 13.10
CA GLU A 101 11.73 15.72 13.01
C GLU A 101 12.02 16.08 11.55
N GLN A 102 12.08 15.07 10.69
CA GLN A 102 12.35 15.28 9.28
C GLN A 102 11.14 15.90 8.58
N ILE A 103 9.94 15.44 8.93
CA ILE A 103 8.72 15.95 8.33
C ILE A 103 8.48 17.40 8.74
N GLN A 104 8.41 17.64 10.05
CA GLN A 104 8.18 18.99 10.56
C GLN A 104 9.19 19.97 10.00
N LYS A 105 10.37 19.48 9.64
CA LYS A 105 11.42 20.33 9.09
C LYS A 105 11.11 20.74 7.65
N TRP A 106 10.89 19.75 6.79
CA TRP A 106 10.58 20.01 5.40
C TRP A 106 9.24 20.74 5.25
N ILE A 107 8.23 20.23 5.95
CA ILE A 107 6.90 20.83 5.90
C ILE A 107 6.93 22.30 6.30
N ARG A 108 7.67 22.60 7.37
CA ARG A 108 7.78 23.97 7.85
C ARG A 108 8.69 24.81 6.96
N THR A 109 9.64 24.15 6.30
CA THR A 109 10.58 24.85 5.43
C THR A 109 9.96 25.19 4.08
N ARG A 110 9.14 24.26 3.55
CA ARG A 110 8.50 24.47 2.26
C ARG A 110 7.01 24.74 2.42
N LYS A 111 6.51 24.66 3.66
CA LYS A 111 5.10 24.89 3.93
C LYS A 111 4.23 23.92 3.15
N LEU A 112 4.78 22.75 2.85
CA LEU A 112 4.06 21.72 2.11
C LEU A 112 2.72 21.40 2.79
N LYS A 113 2.78 21.19 4.11
CA LYS A 113 1.59 20.88 4.88
C LYS A 113 0.92 19.60 4.37
N TYR A 114 1.74 18.64 3.95
CA TYR A 114 1.24 17.37 3.44
C TYR A 114 2.38 16.43 3.10
N LEU A 115 3.12 16.75 2.05
CA LEU A 115 4.25 15.93 1.61
C LEU A 115 3.76 14.63 0.97
N GLY A 116 3.09 13.80 1.77
CA GLY A 116 2.57 12.54 1.26
C GLY A 116 3.17 11.33 1.97
N VAL A 117 4.23 11.56 2.74
CA VAL A 117 4.90 10.48 3.46
C VAL A 117 4.14 10.15 4.76
N PRO A 118 4.01 8.86 5.10
CA PRO A 118 3.31 8.42 6.31
C PRO A 118 3.74 9.21 7.53
N LYS A 119 2.79 9.43 8.45
CA LYS A 119 3.07 10.19 9.67
C LYS A 119 3.64 9.28 10.76
N TYR A 120 4.89 9.54 11.14
CA TYR A 120 5.55 8.77 12.18
C TYR A 120 5.27 9.35 13.55
N TRP A 121 4.80 8.52 14.48
CA TRP A 121 4.48 8.97 15.83
C TRP A 121 5.45 8.37 16.85
N GLY A 122 5.77 7.08 16.66
CA GLY A 122 6.68 6.42 17.58
C GLY A 122 6.80 4.94 17.30
N SER A 123 7.70 4.27 18.02
CA SER A 123 7.91 2.84 17.85
C SER A 123 7.92 2.14 19.21
N GLY A 124 7.96 0.81 19.19
CA GLY A 124 7.97 0.06 20.42
C GLY A 124 8.56 -1.33 20.27
N LEU A 125 8.64 -2.06 21.37
CA LEU A 125 9.19 -3.41 21.36
C LEU A 125 8.50 -4.28 22.41
N HIS A 126 8.61 -5.60 22.23
CA HIS A 126 7.99 -6.54 23.16
C HIS A 126 8.88 -7.77 23.36
N ASP A 127 9.35 -7.96 24.59
CA ASP A 127 10.21 -9.09 24.91
C ASP A 127 9.38 -10.27 25.42
N LYS A 128 9.54 -11.42 24.76
CA LYS A 128 8.80 -12.62 25.15
C LYS A 128 9.70 -13.85 25.11
N ASN A 129 9.75 -14.58 26.21
CA ASN A 129 10.57 -15.79 26.30
C ASN A 129 12.05 -15.47 26.06
N GLY A 130 12.42 -14.20 26.17
CA GLY A 130 13.80 -13.82 25.96
C GLY A 130 14.05 -13.20 24.59
N LYS A 131 13.05 -13.27 23.71
CA LYS A 131 13.16 -12.71 22.38
C LYS A 131 12.58 -11.31 22.32
N SER A 132 13.35 -10.36 21.80
CA SER A 132 12.91 -8.97 21.70
C SER A 132 12.22 -8.72 20.35
N TYR A 133 10.99 -8.23 20.42
CA TYR A 133 10.22 -7.94 19.21
C TYR A 133 10.32 -6.46 18.86
N ARG A 134 10.28 -6.15 17.57
CA ARG A 134 10.36 -4.76 17.11
C ARG A 134 9.17 -4.43 16.22
N PHE A 135 8.45 -3.38 16.57
CA PHE A 135 7.29 -2.95 15.79
C PHE A 135 7.25 -1.43 15.66
N MET A 136 6.45 -0.95 14.70
CA MET A 136 6.32 0.48 14.46
C MET A 136 4.86 0.89 14.45
N ILE A 137 4.59 2.12 14.88
CA ILE A 137 3.22 2.63 14.92
C ILE A 137 3.09 3.91 14.11
N MET A 138 2.33 3.84 13.01
CA MET A 138 2.12 4.99 12.15
C MET A 138 0.63 5.29 12.00
N ASP A 139 0.32 6.41 11.35
CA ASP A 139 -1.07 6.80 11.12
C ASP A 139 -1.86 5.69 10.45
N ARG A 140 -3.12 5.54 10.85
CA ARG A 140 -3.99 4.51 10.30
C ARG A 140 -4.55 4.96 8.95
N PHE A 141 -4.94 3.99 8.13
CA PHE A 141 -5.49 4.28 6.81
C PHE A 141 -6.90 3.72 6.67
N GLY A 142 -7.69 4.32 5.79
CA GLY A 142 -9.05 3.86 5.58
C GLY A 142 -9.13 2.73 4.57
N SER A 143 -9.09 3.07 3.29
CA SER A 143 -9.16 2.08 2.23
C SER A 143 -8.07 2.30 1.19
N ASP A 144 -7.35 1.24 0.85
CA ASP A 144 -6.27 1.32 -0.12
C ASP A 144 -6.78 1.83 -1.47
N LEU A 145 -5.87 2.34 -2.29
CA LEU A 145 -6.23 2.85 -3.59
C LEU A 145 -6.82 1.74 -4.47
N GLN A 146 -6.48 0.49 -4.16
CA GLN A 146 -6.98 -0.64 -4.91
C GLN A 146 -8.49 -0.75 -4.75
N LYS A 147 -8.96 -0.54 -3.53
CA LYS A 147 -10.39 -0.61 -3.23
C LYS A 147 -11.14 0.49 -3.99
N ILE A 148 -10.44 1.60 -4.22
CA ILE A 148 -11.01 2.73 -4.94
C ILE A 148 -10.96 2.50 -6.45
N TYR A 149 -9.94 1.74 -6.87
CA TYR A 149 -9.76 1.44 -8.29
C TYR A 149 -10.83 0.47 -8.77
N GLU A 150 -11.02 -0.62 -8.01
CA GLU A 150 -12.02 -1.62 -8.35
C GLU A 150 -13.43 -1.08 -8.15
N ALA A 151 -13.57 -0.18 -7.19
CA ALA A 151 -14.87 0.41 -6.88
C ALA A 151 -15.43 1.17 -8.08
N ASN A 152 -14.54 1.61 -8.97
CA ASN A 152 -14.96 2.35 -10.15
C ASN A 152 -15.09 1.42 -11.37
N ALA A 153 -15.14 0.12 -11.09
CA ALA A 153 -15.27 -0.90 -12.14
C ALA A 153 -13.89 -1.24 -12.69
N LYS A 154 -12.94 -1.47 -11.79
CA LYS A 154 -11.58 -1.78 -12.19
C LYS A 154 -10.97 -0.62 -12.99
N ARG A 155 -11.56 0.57 -12.83
CA ARG A 155 -11.09 1.74 -13.55
C ARG A 155 -11.06 2.96 -12.62
N PHE A 156 -10.57 4.08 -13.15
CA PHE A 156 -10.50 5.32 -12.38
C PHE A 156 -10.98 6.51 -13.21
N SER A 157 -10.75 7.71 -12.69
CA SER A 157 -11.15 8.93 -13.39
C SER A 157 -9.94 9.78 -13.76
N ARG A 158 -10.02 10.44 -14.91
CA ARG A 158 -8.92 11.28 -15.38
C ARG A 158 -8.58 12.36 -14.35
N LYS A 159 -9.58 12.79 -13.59
CA LYS A 159 -9.39 13.82 -12.58
C LYS A 159 -8.60 13.26 -11.40
N THR A 160 -8.84 12.01 -11.06
CA THR A 160 -8.14 11.36 -9.95
C THR A 160 -6.70 11.05 -10.32
N VAL A 161 -6.49 10.59 -11.54
CA VAL A 161 -5.15 10.25 -12.02
C VAL A 161 -4.20 11.44 -11.90
N LEU A 162 -4.59 12.57 -12.47
CA LEU A 162 -3.78 13.78 -12.42
C LEU A 162 -3.62 14.28 -10.99
N GLN A 163 -4.68 14.15 -10.20
CA GLN A 163 -4.66 14.58 -8.80
C GLN A 163 -3.73 13.70 -7.98
N LEU A 164 -3.84 12.38 -8.18
CA LEU A 164 -3.01 11.43 -7.45
C LEU A 164 -1.56 11.49 -7.93
N SER A 165 -1.38 11.47 -9.25
CA SER A 165 -0.04 11.52 -9.83
C SER A 165 0.74 12.72 -9.29
N LEU A 166 0.05 13.84 -9.10
CA LEU A 166 0.68 15.04 -8.58
C LEU A 166 1.12 14.85 -7.13
N ARG A 167 0.20 14.33 -6.32
CA ARG A 167 0.47 14.09 -4.90
C ARG A 167 1.64 13.12 -4.75
N ILE A 168 1.69 12.11 -5.61
CA ILE A 168 2.76 11.12 -5.57
C ILE A 168 4.09 11.75 -5.97
N LEU A 169 4.06 12.66 -6.94
CA LEU A 169 5.26 13.33 -7.40
C LEU A 169 5.91 14.11 -6.26
N ASP A 170 5.08 14.70 -5.41
CA ASP A 170 5.57 15.47 -4.27
C ASP A 170 6.41 14.59 -3.36
N ILE A 171 5.99 13.34 -3.19
CA ILE A 171 6.72 12.40 -2.35
C ILE A 171 7.98 11.91 -3.04
N LEU A 172 7.88 11.69 -4.35
CA LEU A 172 9.02 11.22 -5.14
C LEU A 172 10.18 12.22 -5.05
N GLU A 173 9.84 13.50 -5.15
CA GLU A 173 10.85 14.55 -5.07
C GLU A 173 11.48 14.59 -3.68
N TYR A 174 10.67 14.31 -2.67
CA TYR A 174 11.14 14.31 -1.28
C TYR A 174 12.12 13.17 -1.05
N ILE A 175 11.70 11.96 -1.41
CA ILE A 175 12.55 10.79 -1.24
C ILE A 175 13.76 10.84 -2.17
N HIS A 176 13.58 11.49 -3.31
CA HIS A 176 14.67 11.63 -4.28
C HIS A 176 15.69 12.66 -3.80
N GLU A 177 15.21 13.68 -3.11
CA GLU A 177 16.08 14.73 -2.59
C GLU A 177 16.90 14.19 -1.41
N HIS A 178 16.47 13.08 -0.84
CA HIS A 178 17.16 12.45 0.28
C HIS A 178 18.02 11.27 -0.18
N GLU A 179 18.05 11.04 -1.49
CA GLU A 179 18.83 9.95 -2.06
C GLU A 179 18.12 8.60 -1.88
N TYR A 180 16.80 8.60 -2.13
CA TYR A 180 16.00 7.39 -2.00
C TYR A 180 15.12 7.20 -3.22
N VAL A 181 14.97 5.96 -3.67
CA VAL A 181 14.14 5.65 -4.83
C VAL A 181 13.12 4.58 -4.50
N HIS A 182 11.90 4.76 -5.00
CA HIS A 182 10.83 3.81 -4.75
C HIS A 182 9.72 3.95 -5.80
N GLY A 183 9.83 3.17 -6.87
CA GLY A 183 8.82 3.23 -7.92
C GLY A 183 7.73 2.19 -7.73
N ASP A 184 7.33 1.99 -6.48
CA ASP A 184 6.29 1.01 -6.16
C ASP A 184 4.93 1.69 -6.01
N ILE A 185 4.71 2.74 -6.81
CA ILE A 185 3.45 3.47 -6.76
C ILE A 185 2.33 2.67 -7.42
N LYS A 186 1.34 2.27 -6.61
CA LYS A 186 0.21 1.50 -7.11
C LYS A 186 -0.97 1.58 -6.17
N ALA A 187 -2.05 0.89 -6.52
CA ALA A 187 -3.25 0.88 -5.70
C ALA A 187 -3.13 -0.10 -4.53
N SER A 188 -1.99 -0.80 -4.47
CA SER A 188 -1.74 -1.76 -3.41
C SER A 188 -0.70 -1.23 -2.42
N ASN A 189 -0.21 -0.02 -2.70
CA ASN A 189 0.78 0.63 -1.85
C ASN A 189 0.33 2.03 -1.48
N LEU A 190 -0.80 2.44 -2.05
CA LEU A 190 -1.36 3.77 -1.78
C LEU A 190 -2.62 3.64 -0.94
N LEU A 191 -2.60 4.21 0.26
CA LEU A 191 -3.74 4.13 1.16
C LEU A 191 -4.18 5.53 1.62
N LEU A 192 -5.44 5.64 2.02
CA LEU A 192 -5.98 6.92 2.47
C LEU A 192 -5.99 7.01 3.99
N ASN A 193 -5.85 8.22 4.52
CA ASN A 193 -5.85 8.40 5.97
C ASN A 193 -7.25 8.24 6.54
N TYR A 194 -7.37 7.50 7.64
CA TYR A 194 -8.66 7.27 8.28
C TYR A 194 -9.19 8.53 8.95
N LYS A 195 -8.54 8.95 10.03
CA LYS A 195 -8.96 10.14 10.76
C LYS A 195 -8.19 11.39 10.32
N ASN A 196 -7.09 11.18 9.61
CA ASN A 196 -6.27 12.30 9.14
C ASN A 196 -6.94 12.96 7.93
N PRO A 197 -6.24 13.87 7.21
CA PRO A 197 -6.81 14.57 6.04
C PRO A 197 -7.68 13.68 5.16
N ASP A 198 -7.42 12.36 5.14
CA ASP A 198 -8.18 11.42 4.34
C ASP A 198 -7.60 11.31 2.93
N GLN A 199 -6.47 11.96 2.70
CA GLN A 199 -5.81 11.89 1.41
C GLN A 199 -5.17 10.53 1.24
N VAL A 200 -4.31 10.38 0.24
CA VAL A 200 -3.65 9.11 -0.01
C VAL A 200 -2.16 9.20 0.31
N TYR A 201 -1.61 8.08 0.78
CA TYR A 201 -0.20 8.01 1.14
C TYR A 201 0.45 6.79 0.51
N LEU A 202 1.77 6.83 0.36
CA LEU A 202 2.50 5.72 -0.22
C LEU A 202 3.22 4.92 0.86
N VAL A 203 2.82 3.67 1.02
CA VAL A 203 3.43 2.79 2.02
C VAL A 203 4.35 1.77 1.36
N ASP A 204 4.88 0.86 2.17
CA ASP A 204 5.79 -0.17 1.67
C ASP A 204 7.02 0.45 1.03
N TYR A 205 8.11 0.50 1.79
CA TYR A 205 9.35 1.08 1.30
C TYR A 205 10.40 -0.01 1.09
N GLY A 206 9.95 -1.21 0.75
CA GLY A 206 10.87 -2.31 0.52
C GLY A 206 11.93 -1.96 -0.50
N LEU A 207 11.62 -1.00 -1.37
CA LEU A 207 12.56 -0.57 -2.40
C LEU A 207 13.00 0.87 -2.17
N ALA A 208 12.42 1.52 -1.16
CA ALA A 208 12.76 2.90 -0.83
C ALA A 208 14.08 2.97 -0.09
N TYR A 209 15.13 2.48 -0.75
CA TYR A 209 16.47 2.47 -0.15
C TYR A 209 17.50 3.05 -1.12
N ARG A 210 18.53 3.67 -0.56
CA ARG A 210 19.60 4.27 -1.36
C ARG A 210 20.19 3.25 -2.35
N TYR A 211 19.66 3.25 -3.56
CA TYR A 211 20.12 2.32 -4.59
C TYR A 211 21.60 2.54 -4.88
N CYS A 212 22.03 3.79 -4.83
CA CYS A 212 23.43 4.13 -5.08
C CYS A 212 23.82 3.80 -6.51
N PRO A 213 24.36 4.77 -7.27
CA PRO A 213 24.78 4.55 -8.66
C PRO A 213 26.03 3.71 -8.76
N GLU A 214 26.37 3.30 -9.98
CA GLU A 214 27.56 2.49 -10.21
C GLU A 214 28.43 3.08 -11.32
N GLY A 215 27.81 3.29 -12.49
CA GLY A 215 28.54 3.85 -13.61
C GLY A 215 28.67 5.36 -13.51
N VAL A 216 27.54 6.04 -13.30
CA VAL A 216 27.53 7.50 -13.20
C VAL A 216 27.84 8.15 -14.54
N HIS A 217 29.08 7.97 -15.01
CA HIS A 217 29.51 8.54 -16.28
C HIS A 217 29.75 7.45 -17.31
N LYS A 218 29.01 6.35 -17.20
CA LYS A 218 29.15 5.23 -18.12
C LYS A 218 27.83 4.94 -18.84
N GLU A 219 27.92 4.51 -20.08
CA GLU A 219 26.74 4.20 -20.87
C GLU A 219 26.35 2.73 -20.71
N TYR A 220 25.05 2.45 -20.79
CA TYR A 220 24.55 1.09 -20.65
C TYR A 220 24.92 0.51 -19.28
N LYS A 221 24.20 -0.54 -18.88
CA LYS A 221 24.45 -1.18 -17.59
C LYS A 221 23.63 -2.46 -17.46
N GLU A 222 23.44 -3.17 -18.57
CA GLU A 222 22.67 -4.40 -18.58
C GLU A 222 23.47 -5.54 -17.96
N ASP A 223 23.48 -5.60 -16.63
CA ASP A 223 24.21 -6.65 -15.92
C ASP A 223 23.29 -7.81 -15.52
N PRO A 224 22.21 -7.51 -14.78
CA PRO A 224 21.26 -8.53 -14.33
C PRO A 224 20.74 -9.37 -15.49
N LYS A 225 19.78 -10.24 -15.20
CA LYS A 225 19.19 -11.12 -16.22
C LYS A 225 17.70 -10.84 -16.37
N ARG A 226 17.36 -9.68 -16.93
CA ARG A 226 15.97 -9.31 -17.14
C ARG A 226 15.20 -9.33 -15.83
N CYS A 227 15.77 -8.72 -14.79
CA CYS A 227 15.13 -8.67 -13.49
C CYS A 227 15.87 -7.71 -12.56
N HIS A 228 15.45 -6.44 -12.58
CA HIS A 228 16.07 -5.42 -11.74
C HIS A 228 15.74 -5.65 -10.27
N ASP A 229 14.44 -5.72 -9.96
CA ASP A 229 14.00 -5.95 -8.59
C ASP A 229 12.48 -6.04 -8.51
N GLY A 230 11.82 -4.90 -8.71
CA GLY A 230 10.36 -4.88 -8.67
C GLY A 230 9.73 -5.81 -9.68
N THR A 231 8.41 -5.97 -9.59
CA THR A 231 7.68 -6.84 -10.51
C THR A 231 7.85 -6.37 -11.94
N ILE A 232 7.16 -7.05 -12.86
CA ILE A 232 7.24 -6.71 -14.28
C ILE A 232 6.02 -5.92 -14.72
N GLU A 233 4.93 -6.03 -13.97
CA GLU A 233 3.70 -5.33 -14.28
C GLU A 233 3.93 -3.83 -14.46
N PHE A 234 5.02 -3.33 -13.87
CA PHE A 234 5.35 -1.91 -13.97
C PHE A 234 6.86 -1.70 -14.10
N THR A 235 7.55 -2.66 -14.69
CA THR A 235 9.00 -2.56 -14.87
C THR A 235 9.33 -1.79 -16.14
N SER A 236 10.44 -1.06 -16.10
CA SER A 236 10.88 -0.27 -17.24
C SER A 236 11.72 -1.13 -18.19
N ILE A 237 11.82 -0.69 -19.45
CA ILE A 237 12.59 -1.41 -20.45
C ILE A 237 14.06 -1.50 -20.05
N ASP A 238 14.69 -0.34 -19.87
CA ASP A 238 16.10 -0.28 -19.50
C ASP A 238 16.31 -0.82 -18.08
N ALA A 239 15.42 -0.44 -17.17
CA ALA A 239 15.51 -0.88 -15.78
C ALA A 239 15.44 -2.41 -15.68
N HIS A 240 14.42 -2.99 -16.29
CA HIS A 240 14.23 -4.43 -16.27
C HIS A 240 15.43 -5.15 -16.87
N ASN A 241 16.14 -4.47 -17.75
CA ASN A 241 17.32 -5.05 -18.41
C ASN A 241 18.61 -4.67 -17.68
N GLY A 242 18.48 -3.88 -16.62
CA GLY A 242 19.64 -3.45 -15.87
C GLY A 242 20.23 -2.16 -16.39
N VAL A 243 19.83 -1.77 -17.60
CA VAL A 243 20.34 -0.54 -18.21
C VAL A 243 19.95 0.68 -17.38
N ALA A 244 20.96 1.44 -16.97
CA ALA A 244 20.73 2.64 -16.16
C ALA A 244 20.05 2.29 -14.84
N PRO A 245 20.17 3.17 -13.84
CA PRO A 245 19.56 2.95 -12.51
C PRO A 245 18.04 3.07 -12.56
N SER A 246 17.43 3.06 -11.38
CA SER A 246 15.97 3.17 -11.28
C SER A 246 15.55 4.60 -10.97
N ARG A 247 16.34 5.56 -11.45
CA ARG A 247 16.04 6.97 -11.22
C ARG A 247 14.88 7.43 -12.08
N ARG A 248 14.99 7.21 -13.39
CA ARG A 248 13.93 7.60 -14.32
C ARG A 248 12.84 6.54 -14.39
N GLY A 249 13.14 5.34 -13.90
CA GLY A 249 12.16 4.27 -13.92
C GLY A 249 10.88 4.63 -13.18
N ASP A 250 11.02 5.31 -12.04
CA ASP A 250 9.87 5.71 -11.24
C ASP A 250 8.94 6.61 -12.06
N LEU A 251 9.50 7.34 -13.00
CA LEU A 251 8.71 8.23 -13.86
C LEU A 251 7.95 7.44 -14.91
N GLU A 252 8.55 6.36 -15.39
CA GLU A 252 7.93 5.52 -16.41
C GLU A 252 6.74 4.76 -15.83
N ILE A 253 6.83 4.42 -14.55
CA ILE A 253 5.76 3.69 -13.87
C ILE A 253 4.51 4.55 -13.76
N LEU A 254 4.68 5.81 -13.37
CA LEU A 254 3.57 6.73 -13.22
C LEU A 254 2.93 7.03 -14.57
N GLY A 255 3.76 7.11 -15.61
CA GLY A 255 3.25 7.39 -16.94
C GLY A 255 2.26 6.34 -17.41
N TYR A 256 2.61 5.07 -17.24
CA TYR A 256 1.74 3.97 -17.64
C TYR A 256 0.62 3.75 -16.64
N CYS A 257 0.87 4.14 -15.38
CA CYS A 257 -0.12 3.97 -14.33
C CYS A 257 -1.44 4.66 -14.68
N MET A 258 -1.33 5.83 -15.31
CA MET A 258 -2.51 6.58 -15.71
C MET A 258 -3.31 5.82 -16.75
N ILE A 259 -2.63 5.35 -17.79
CA ILE A 259 -3.27 4.61 -18.86
C ILE A 259 -3.81 3.28 -18.35
N GLN A 260 -3.15 2.73 -17.33
CA GLN A 260 -3.56 1.46 -16.76
C GLN A 260 -4.89 1.60 -16.01
N TRP A 261 -5.00 2.63 -15.19
CA TRP A 261 -6.22 2.88 -14.42
C TRP A 261 -7.27 3.61 -15.26
N LEU A 262 -6.81 4.37 -16.26
CA LEU A 262 -7.71 5.13 -17.12
C LEU A 262 -8.55 4.19 -17.99
N THR A 263 -7.90 3.24 -18.64
CA THR A 263 -8.59 2.29 -19.51
C THR A 263 -8.79 0.95 -18.83
N GLY A 264 -8.11 0.75 -17.70
CA GLY A 264 -8.23 -0.51 -16.99
C GLY A 264 -7.16 -1.51 -17.39
N HIS A 265 -6.20 -1.74 -16.49
CA HIS A 265 -5.10 -2.67 -16.74
C HIS A 265 -4.47 -2.40 -18.11
N LEU A 266 -3.52 -3.26 -18.49
CA LEU A 266 -2.84 -3.12 -19.76
C LEU A 266 -2.73 -4.46 -20.46
N PRO A 267 -2.61 -4.47 -21.80
CA PRO A 267 -2.51 -5.71 -22.57
C PRO A 267 -1.17 -6.42 -22.35
N TRP A 268 -0.93 -6.81 -21.10
CA TRP A 268 0.30 -7.50 -20.74
C TRP A 268 0.35 -7.78 -19.25
N GLU A 269 -0.18 -6.84 -18.46
CA GLU A 269 -0.22 -7.00 -17.02
C GLU A 269 -1.51 -7.70 -16.59
N ASP A 270 -2.20 -8.31 -17.56
CA ASP A 270 -3.44 -9.00 -17.29
C ASP A 270 -3.20 -10.22 -16.39
N ASN A 271 -2.12 -10.95 -16.65
CA ASN A 271 -1.81 -12.12 -15.83
C ASN A 271 -0.37 -12.09 -15.35
N LEU A 272 0.50 -11.46 -16.13
CA LEU A 272 1.91 -11.40 -15.78
C LEU A 272 2.52 -12.79 -15.93
N LYS A 273 1.77 -13.67 -16.58
CA LYS A 273 2.22 -15.03 -16.81
C LYS A 273 3.02 -15.13 -18.10
N ASP A 274 2.92 -14.09 -18.93
CA ASP A 274 3.65 -14.05 -20.19
C ASP A 274 4.28 -12.68 -20.42
N PRO A 275 5.56 -12.53 -20.05
CA PRO A 275 6.29 -11.26 -20.21
C PRO A 275 6.63 -10.97 -21.68
N LYS A 276 6.31 -11.92 -22.56
CA LYS A 276 6.59 -11.76 -23.98
C LYS A 276 6.00 -10.46 -24.51
N TYR A 277 4.72 -10.22 -24.22
CA TYR A 277 4.05 -9.01 -24.66
C TYR A 277 4.33 -7.84 -23.72
N VAL A 278 4.63 -8.16 -22.47
CA VAL A 278 4.92 -7.14 -21.46
C VAL A 278 6.12 -6.30 -21.86
N ARG A 279 7.17 -6.97 -22.34
CA ARG A 279 8.39 -6.28 -22.76
C ARG A 279 8.21 -5.59 -24.10
N ASP A 280 7.46 -6.24 -24.99
CA ASP A 280 7.21 -5.69 -26.32
C ASP A 280 6.35 -4.43 -26.25
N SER A 281 5.30 -4.48 -25.43
CA SER A 281 4.40 -3.34 -25.27
C SER A 281 5.12 -2.14 -24.66
N LYS A 282 6.03 -2.41 -23.73
CA LYS A 282 6.78 -1.35 -23.06
C LYS A 282 7.70 -0.63 -24.03
N ILE A 283 8.49 -1.41 -24.78
CA ILE A 283 9.43 -0.85 -25.74
C ILE A 283 8.70 -0.06 -26.83
N ARG A 284 7.46 -0.46 -27.12
CA ARG A 284 6.67 0.21 -28.14
C ARG A 284 6.20 1.58 -27.66
N TYR A 285 5.59 1.62 -26.49
CA TYR A 285 5.09 2.88 -25.94
C TYR A 285 6.23 3.88 -25.78
N ARG A 286 7.41 3.39 -25.42
CA ARG A 286 8.57 4.25 -25.24
C ARG A 286 8.85 5.04 -26.51
N GLU A 287 8.43 4.49 -27.64
CA GLU A 287 8.62 5.15 -28.93
C GLU A 287 7.30 5.27 -29.68
N ASN A 288 6.20 5.35 -28.92
CA ASN A 288 4.87 5.47 -29.52
C ASN A 288 3.96 6.31 -28.64
N ILE A 289 4.52 7.40 -28.10
CA ILE A 289 3.76 8.31 -27.25
C ILE A 289 2.47 8.77 -27.93
N ALA A 290 2.59 9.15 -29.19
CA ALA A 290 1.43 9.62 -29.95
C ALA A 290 0.47 8.48 -30.25
N SER A 291 1.02 7.31 -30.57
CA SER A 291 0.20 6.15 -30.88
C SER A 291 -0.48 5.62 -29.62
N LEU A 292 0.17 5.82 -28.48
CA LEU A 292 -0.37 5.36 -27.20
C LEU A 292 -1.63 6.14 -26.83
N MET A 293 -1.52 7.46 -26.88
CA MET A 293 -2.65 8.32 -26.56
C MET A 293 -3.81 8.09 -27.52
N ASP A 294 -3.50 7.84 -28.77
CA ASP A 294 -4.51 7.60 -29.79
C ASP A 294 -5.17 6.23 -29.60
N LYS A 295 -4.49 5.35 -28.88
CA LYS A 295 -5.00 4.01 -28.64
C LYS A 295 -5.99 3.99 -27.47
N CYS A 296 -5.61 4.64 -26.38
CA CYS A 296 -6.47 4.69 -25.19
C CYS A 296 -7.33 5.95 -25.19
N PHE A 297 -6.75 7.07 -25.59
CA PHE A 297 -7.49 8.34 -25.62
C PHE A 297 -7.96 8.65 -27.04
N PRO A 298 -9.28 8.52 -27.30
CA PRO A 298 -9.85 8.79 -28.63
C PRO A 298 -9.43 10.16 -29.16
N GLU A 299 -9.96 10.51 -30.34
CA GLU A 299 -9.64 11.78 -30.97
C GLU A 299 -10.49 12.91 -30.37
N LYS A 300 -11.64 12.55 -29.83
CA LYS A 300 -12.54 13.53 -29.23
C LYS A 300 -11.83 14.35 -28.16
N ASN A 301 -11.15 13.65 -27.25
CA ASN A 301 -10.42 14.31 -26.17
C ASN A 301 -8.98 14.60 -26.58
N LYS A 302 -8.70 15.85 -26.87
CA LYS A 302 -7.35 16.25 -27.28
C LYS A 302 -6.36 16.08 -26.13
N PRO A 303 -5.15 15.60 -26.42
CA PRO A 303 -4.11 15.39 -25.40
C PRO A 303 -3.70 16.69 -24.72
N GLY A 304 -2.69 16.61 -23.87
CA GLY A 304 -2.20 17.78 -23.17
C GLY A 304 -1.87 17.50 -21.72
N GLU A 305 -2.74 16.75 -21.06
CA GLU A 305 -2.53 16.40 -19.66
C GLU A 305 -1.45 15.33 -19.53
N ILE A 306 -1.74 14.11 -19.96
CA ILE A 306 -0.79 13.02 -19.89
C ILE A 306 0.22 13.10 -21.02
N ALA A 307 -0.28 13.26 -22.25
CA ALA A 307 0.57 13.34 -23.43
C ALA A 307 1.77 14.26 -23.20
N LYS A 308 1.58 15.28 -22.36
CA LYS A 308 2.66 16.22 -22.05
C LYS A 308 3.64 15.59 -21.06
N TYR A 309 3.12 14.80 -20.14
CA TYR A 309 3.95 14.14 -19.14
C TYR A 309 4.69 12.94 -19.74
N MET A 310 4.05 12.26 -20.68
CA MET A 310 4.66 11.10 -21.33
C MET A 310 5.74 11.54 -22.31
N GLU A 311 5.45 12.59 -23.07
CA GLU A 311 6.41 13.10 -24.04
C GLU A 311 7.67 13.62 -23.34
N THR A 312 7.47 14.31 -22.22
CA THR A 312 8.57 14.85 -21.45
C THR A 312 9.42 13.74 -20.86
N VAL A 313 8.76 12.66 -20.45
CA VAL A 313 9.44 11.51 -19.87
C VAL A 313 10.06 10.63 -20.95
N LYS A 314 9.52 10.70 -22.15
CA LYS A 314 10.02 9.91 -23.27
C LYS A 314 11.27 10.52 -23.88
N LEU A 315 11.34 11.85 -23.86
CA LEU A 315 12.50 12.56 -24.41
C LEU A 315 13.34 13.17 -23.29
N LEU A 316 12.71 13.45 -22.15
CA LEU A 316 13.40 14.03 -21.02
C LEU A 316 14.24 15.23 -21.45
N ASP A 317 15.15 15.67 -20.57
CA ASP A 317 16.01 16.81 -20.86
C ASP A 317 17.36 16.35 -21.39
N TYR A 318 17.35 15.32 -22.22
CA TYR A 318 18.57 14.78 -22.79
C TYR A 318 19.51 14.27 -21.70
N THR A 319 18.92 13.82 -20.59
CA THR A 319 19.71 13.30 -19.47
C THR A 319 20.67 14.37 -18.95
N GLU A 320 20.28 15.63 -19.07
CA GLU A 320 21.11 16.74 -18.60
C GLU A 320 20.82 17.05 -17.13
N LYS A 321 19.55 17.00 -16.75
CA LYS A 321 19.15 17.27 -15.38
C LYS A 321 17.78 16.67 -15.08
N PRO A 322 17.41 16.58 -13.79
CA PRO A 322 16.13 16.02 -13.38
C PRO A 322 14.94 16.86 -13.86
N LEU A 323 13.98 16.21 -14.50
CA LEU A 323 12.80 16.89 -15.01
C LEU A 323 11.64 16.80 -14.03
N TYR A 324 11.95 16.58 -12.75
CA TYR A 324 10.93 16.46 -11.73
C TYR A 324 10.21 17.79 -11.53
N GLU A 325 10.94 18.89 -11.65
CA GLU A 325 10.38 20.23 -11.49
C GLU A 325 9.38 20.53 -12.59
N ASN A 326 9.68 20.06 -13.80
CA ASN A 326 8.80 20.29 -14.95
C ASN A 326 7.60 19.37 -14.91
N LEU A 327 7.85 18.09 -14.62
CA LEU A 327 6.78 17.09 -14.56
C LEU A 327 5.64 17.56 -13.66
N ARG A 328 6.00 18.12 -12.51
CA ARG A 328 5.01 18.61 -11.56
C ARG A 328 4.10 19.65 -12.21
N ASP A 329 4.67 20.45 -13.10
CA ASP A 329 3.91 21.49 -13.80
C ASP A 329 3.02 20.87 -14.86
N ILE A 330 3.51 19.82 -15.51
CA ILE A 330 2.76 19.14 -16.56
C ILE A 330 1.39 18.69 -16.05
N LEU A 331 1.39 17.98 -14.93
CA LEU A 331 0.15 17.49 -14.34
C LEU A 331 -0.71 18.64 -13.85
N LEU A 332 -0.12 19.56 -13.10
CA LEU A 332 -0.83 20.72 -12.57
C LEU A 332 -1.53 21.50 -13.68
N GLN A 333 -0.79 21.82 -14.74
CA GLN A 333 -1.34 22.56 -15.86
C GLN A 333 -2.51 21.81 -16.49
N GLY A 334 -2.36 20.49 -16.61
CA GLY A 334 -3.41 19.68 -17.19
C GLY A 334 -4.73 19.79 -16.43
N LEU A 335 -4.63 20.05 -15.13
CA LEU A 335 -5.82 20.18 -14.29
C LEU A 335 -6.70 21.33 -14.77
N LYS A 336 -6.06 22.39 -15.26
CA LYS A 336 -6.79 23.56 -15.75
C LYS A 336 -7.72 23.17 -16.90
N ALA A 337 -7.31 22.18 -17.67
CA ALA A 337 -8.11 21.71 -18.80
C ALA A 337 -9.27 20.84 -18.35
N ILE A 338 -9.13 20.22 -17.17
CA ILE A 338 -10.18 19.35 -16.63
C ILE A 338 -10.28 19.48 -15.12
N GLY A 339 -11.02 20.49 -14.66
CA GLY A 339 -11.19 20.69 -13.24
C GLY A 339 -10.96 22.13 -12.82
N SER A 340 -9.93 22.76 -13.38
CA SER A 340 -9.61 24.15 -13.06
C SER A 340 -9.19 24.28 -11.60
N LYS A 341 -7.90 24.09 -11.34
CA LYS A 341 -7.37 24.19 -9.98
C LYS A 341 -8.01 23.15 -9.07
N ASP A 342 -7.33 22.82 -7.99
CA ASP A 342 -7.82 21.84 -7.04
C ASP A 342 -8.92 22.44 -6.16
N ASP A 343 -9.82 21.59 -5.66
CA ASP A 343 -10.91 22.04 -4.82
C ASP A 343 -10.68 21.63 -3.36
N GLY A 344 -9.97 20.52 -3.18
CA GLY A 344 -9.69 20.04 -1.84
C GLY A 344 -10.03 18.57 -1.67
N LYS A 345 -9.68 17.77 -2.67
CA LYS A 345 -9.95 16.34 -2.63
C LYS A 345 -9.22 15.62 -3.76
N LEU A 346 -9.05 14.31 -3.60
CA LEU A 346 -8.36 13.50 -4.62
C LEU A 346 -9.35 12.94 -5.63
N ASP A 347 -10.60 13.42 -5.59
CA ASP A 347 -11.62 12.95 -6.51
C ASP A 347 -11.82 11.44 -6.40
N LEU A 348 -11.42 10.87 -5.26
CA LEU A 348 -11.57 9.44 -5.04
C LEU A 348 -13.04 9.07 -4.83
N SER A 349 -13.57 9.42 -3.66
CA SER A 349 -14.97 9.14 -3.32
C SER A 349 -15.15 7.68 -2.95
N VAL A 350 -14.74 6.78 -3.83
CA VAL A 350 -14.86 5.34 -3.59
C VAL A 350 -16.33 4.91 -3.65
N VAL A 351 -17.11 5.61 -4.47
CA VAL A 351 -18.53 5.30 -4.61
C VAL A 351 -19.26 5.41 -3.29
N GLU A 352 -18.86 6.38 -2.47
CA GLU A 352 -19.47 6.60 -1.16
C GLU A 352 -19.28 5.38 -0.26
N ASN A 353 -19.19 5.63 1.05
CA ASN A 353 -19.01 4.56 2.01
C ASN A 353 -19.54 4.97 3.39
N GLY A 354 -19.22 4.17 4.39
CA GLY A 354 -19.69 4.47 5.74
C GLY A 354 -20.74 3.50 6.22
N GLY A 355 -20.31 2.31 6.64
CA GLY A 355 -21.24 1.30 7.12
C GLY A 355 -21.90 0.54 5.99
N LEU A 356 -21.12 -0.32 5.33
CA LEU A 356 -21.65 -1.12 4.22
C LEU A 356 -21.47 -2.61 4.50
N LYS A 357 -22.57 -3.28 4.82
CA LYS A 357 -22.54 -4.71 5.11
C LYS A 357 -22.13 -5.51 3.88
N ALA A 358 -20.83 -5.80 3.76
CA ALA A 358 -20.31 -6.55 2.63
C ALA A 358 -19.92 -7.97 3.05
N LYS A 359 -19.50 -8.13 4.30
CA LYS A 359 -19.10 -9.42 4.82
C LYS A 359 -20.33 -10.32 5.03
N THR A 360 -20.08 -11.58 5.37
CA THR A 360 -21.16 -12.54 5.60
C THR A 360 -20.67 -13.71 6.44
N ILE A 361 -20.65 -13.52 7.76
CA ILE A 361 -20.21 -14.57 8.67
C ILE A 361 -21.39 -15.15 9.46
N THR A 362 -22.41 -14.33 9.68
CA THR A 362 -23.61 -14.74 10.42
C THR A 362 -23.25 -15.39 11.75
N LYS A 363 -24.26 -15.73 12.54
CA LYS A 363 -24.05 -16.34 13.84
C LYS A 363 -23.26 -17.65 13.70
N LYS A 364 -22.66 -18.08 14.81
CA LYS A 364 -21.87 -19.31 14.80
C LYS A 364 -21.86 -19.95 16.18
N ARG A 365 -21.28 -21.14 16.28
CA ARG A 365 -21.20 -21.86 17.55
C ARG A 365 -19.80 -22.45 17.76
N LYS A 366 -19.46 -22.70 19.02
CA LYS A 366 -18.16 -23.27 19.34
C LYS A 366 -18.30 -24.50 20.24
N LYS A 367 -19.04 -24.34 21.34
CA LYS A 367 -19.25 -25.44 22.28
C LYS A 367 -20.59 -26.13 22.01
N GLU A 368 -20.57 -27.46 21.98
CA GLU A 368 -21.78 -28.24 21.73
C GLU A 368 -22.14 -29.08 22.97
N ILE A 369 -23.18 -28.66 23.67
CA ILE A 369 -23.64 -29.37 24.86
C ILE A 369 -24.87 -28.70 25.47
N GLU A 370 -24.90 -27.37 25.41
CA GLU A 370 -26.02 -26.61 25.95
C GLU A 370 -27.37 -27.20 25.53
N GLU A 371 -27.58 -27.29 24.22
CA GLU A 371 -28.82 -27.84 23.68
C GLU A 371 -28.72 -29.35 23.53
N SER A 372 -29.83 -30.04 23.79
CA SER A 372 -29.86 -31.49 23.69
C SER A 372 -30.44 -31.93 22.34
N LYS A 373 -30.28 -33.21 22.01
CA LYS A 373 -30.79 -33.74 20.75
C LYS A 373 -30.16 -33.03 19.57
N GLU A 374 -30.36 -33.59 18.37
CA GLU A 374 -29.81 -33.02 17.15
C GLU A 374 -30.87 -32.23 16.40
N PRO A 375 -30.45 -31.26 15.57
CA PRO A 375 -31.37 -30.42 14.80
C PRO A 375 -32.11 -31.23 13.74
N GLY A 376 -33.43 -31.07 13.69
CA GLY A 376 -34.24 -31.78 12.72
C GLY A 376 -35.55 -32.26 13.30
N VAL A 377 -36.40 -32.83 12.44
CA VAL A 377 -37.69 -33.33 12.87
C VAL A 377 -37.95 -34.74 12.36
N GLU A 378 -38.73 -35.51 13.11
CA GLU A 378 -39.05 -36.88 12.72
C GLU A 378 -40.48 -37.24 13.08
N ASP A 379 -41.37 -37.17 12.10
CA ASP A 379 -42.79 -37.47 12.32
C ASP A 379 -43.39 -36.54 13.35
N THR A 380 -43.90 -35.39 12.89
CA THR A 380 -44.51 -34.42 13.78
C THR A 380 -45.97 -34.76 14.05
N GLU A 381 -46.66 -35.25 13.03
CA GLU A 381 -48.06 -35.61 13.15
C GLU A 381 -48.27 -37.10 12.83
N TRP A 382 -48.36 -37.91 13.88
CA TRP A 382 -48.56 -39.35 13.71
C TRP A 382 -49.90 -39.63 13.06
N SER A 383 -50.11 -40.89 12.67
CA SER A 383 -51.35 -41.30 12.03
C SER A 383 -51.53 -42.82 12.09
N ASN A 384 -52.76 -43.28 11.88
CA ASN A 384 -53.05 -44.70 11.91
C ASN A 384 -53.29 -45.24 10.50
N THR A 385 -53.57 -46.54 10.40
CA THR A 385 -53.83 -47.16 9.12
C THR A 385 -54.88 -48.28 9.25
N GLN A 386 -54.69 -49.12 10.25
CA GLN A 386 -55.62 -50.23 10.49
C GLN A 386 -56.37 -50.05 11.80
N THR A 387 -55.62 -49.96 12.90
CA THR A 387 -56.21 -49.78 14.21
C THR A 387 -56.47 -48.30 14.50
N GLU A 388 -57.49 -48.03 15.31
CA GLU A 388 -57.84 -46.67 15.66
C GLU A 388 -58.26 -46.56 17.12
N GLU A 389 -57.48 -45.84 17.91
CA GLU A 389 -57.78 -45.67 19.33
C GLU A 389 -58.86 -44.61 19.53
N ALA A 390 -60.08 -45.07 19.76
CA ALA A 390 -61.21 -44.17 19.98
C ALA A 390 -61.77 -44.32 21.40
N ILE A 391 -62.49 -43.30 21.85
CA ILE A 391 -63.09 -43.32 23.18
C ILE A 391 -64.56 -42.94 23.13
N GLN A 392 -65.39 -43.70 23.83
CA GLN A 392 -66.83 -43.45 23.86
C GLN A 392 -67.41 -43.80 25.23
N THR A 393 -68.72 -43.66 25.36
CA THR A 393 -69.40 -43.97 26.61
C THR A 393 -69.70 -45.46 26.72
N ARG A 394 -69.65 -45.98 27.94
CA ARG A 394 -69.92 -47.39 28.18
C ARG A 394 -70.28 -47.64 29.64
N SER A 395 -71.44 -48.27 29.86
CA SER A 395 -71.91 -48.57 31.21
C SER A 395 -72.09 -47.29 32.01
N ARG A 396 -73.28 -46.71 31.93
CA ARG A 396 -73.59 -45.48 32.66
C ARG A 396 -74.78 -45.68 33.58
N THR A 397 -74.65 -45.20 34.82
CA THR A 397 -75.70 -45.33 35.81
C THR A 397 -76.96 -44.58 35.37
N ARG A 398 -78.03 -45.33 35.11
CA ARG A 398 -79.29 -44.73 34.67
C ARG A 398 -80.22 -44.53 35.86
N LYS A 399 -81.11 -43.53 35.74
CA LYS A 399 -82.06 -43.22 36.81
C LYS A 399 -83.03 -44.38 37.01
N ARG A 400 -83.00 -44.97 38.20
CA ARG A 400 -83.88 -46.10 38.52
C ARG A 400 -84.47 -45.93 39.92
N VAL A 401 -85.69 -46.42 40.10
CA VAL A 401 -86.36 -46.34 41.39
C VAL A 401 -86.54 -47.72 42.01
N GLN A 402 -86.10 -47.85 43.25
CA GLN A 402 -86.21 -49.13 43.96
C GLN A 402 -87.43 -49.14 44.88
N LYS A 403 -88.45 -48.38 44.52
CA LYS A 403 -89.67 -48.29 45.32
C LYS A 403 -89.37 -47.83 46.74
N GLY A 1 -17.32 -59.26 15.68
CA GLY A 1 -16.32 -58.16 15.67
C GLY A 1 -15.29 -58.34 14.58
N SER A 2 -14.12 -58.85 14.96
CA SER A 2 -13.03 -59.07 14.02
C SER A 2 -12.62 -57.77 13.35
N SER A 3 -12.74 -56.66 14.08
CA SER A 3 -12.38 -55.35 13.56
C SER A 3 -10.88 -55.12 13.67
N GLY A 4 -10.14 -55.52 12.64
CA GLY A 4 -8.70 -55.33 12.65
C GLY A 4 -8.17 -54.88 11.31
N SER A 5 -7.86 -55.85 10.44
CA SER A 5 -7.33 -55.54 9.12
C SER A 5 -6.02 -54.76 9.22
N SER A 6 -5.41 -54.49 8.07
CA SER A 6 -4.14 -53.76 8.03
C SER A 6 -4.36 -52.35 7.49
N GLY A 7 -3.53 -51.42 7.94
CA GLY A 7 -3.64 -50.04 7.50
C GLY A 7 -2.54 -49.17 8.05
N MET A 8 -2.91 -47.98 8.52
CA MET A 8 -1.95 -47.04 9.08
C MET A 8 -2.58 -46.23 10.21
N PRO A 9 -1.82 -46.00 11.30
CA PRO A 9 -2.31 -45.24 12.46
C PRO A 9 -2.68 -43.80 12.09
N ARG A 10 -3.85 -43.35 12.55
CA ARG A 10 -4.32 -42.01 12.27
C ARG A 10 -3.42 -40.97 12.94
N VAL A 11 -2.90 -40.04 12.15
CA VAL A 11 -2.03 -38.99 12.66
C VAL A 11 -2.83 -37.73 12.98
N LYS A 12 -2.29 -36.91 13.88
CA LYS A 12 -2.95 -35.67 14.27
C LYS A 12 -1.93 -34.59 14.62
N ALA A 13 -0.76 -34.66 13.97
CA ALA A 13 0.30 -33.70 14.22
C ALA A 13 0.21 -32.53 13.24
N ALA A 14 0.73 -31.37 13.64
CA ALA A 14 0.72 -30.19 12.80
C ALA A 14 -0.71 -29.78 12.45
N GLN A 15 -0.84 -28.78 11.58
CA GLN A 15 -2.15 -28.30 11.16
C GLN A 15 -2.09 -27.73 9.75
N ALA A 16 -2.75 -28.41 8.82
CA ALA A 16 -2.77 -27.97 7.42
C ALA A 16 -4.20 -27.82 6.92
N GLY A 17 -4.56 -26.60 6.54
CA GLY A 17 -5.90 -26.34 6.04
C GLY A 17 -6.28 -24.88 6.13
N ARG A 18 -6.45 -24.39 7.36
CA ARG A 18 -6.82 -23.00 7.58
C ARG A 18 -5.71 -22.25 8.30
N GLN A 19 -6.00 -21.03 8.75
CA GLN A 19 -5.03 -20.21 9.46
C GLN A 19 -5.70 -19.39 10.54
N SER A 20 -5.12 -19.40 11.73
CA SER A 20 -5.67 -18.64 12.86
C SER A 20 -7.07 -19.10 13.19
N SER A 21 -7.34 -20.39 12.98
CA SER A 21 -8.65 -20.97 13.25
C SER A 21 -8.74 -21.44 14.70
N ALA A 22 -7.98 -22.47 15.03
CA ALA A 22 -7.97 -23.02 16.37
C ALA A 22 -7.05 -22.21 17.29
N LYS A 23 -7.63 -21.23 17.97
CA LYS A 23 -6.86 -20.38 18.88
C LYS A 23 -7.78 -19.73 19.91
N ARG A 24 -8.00 -20.42 21.02
CA ARG A 24 -8.86 -19.90 22.08
C ARG A 24 -8.03 -19.45 23.28
N HIS A 25 -6.92 -20.13 23.52
CA HIS A 25 -6.03 -19.80 24.64
C HIS A 25 -5.24 -18.53 24.33
N LEU A 26 -4.35 -18.16 25.25
CA LEU A 26 -3.52 -16.97 25.09
C LEU A 26 -2.05 -17.30 25.26
N ALA A 27 -1.40 -17.69 24.17
CA ALA A 27 0.02 -18.03 24.20
C ALA A 27 0.86 -16.93 23.55
N GLU A 28 0.63 -16.69 22.27
CA GLU A 28 1.36 -15.67 21.54
C GLU A 28 0.47 -14.97 20.52
N GLN A 29 1.07 -14.15 19.67
CA GLN A 29 0.33 -13.41 18.65
C GLN A 29 -0.68 -12.47 19.30
N PHE A 30 -0.18 -11.35 19.83
CA PHE A 30 -1.04 -10.37 20.47
C PHE A 30 -1.98 -9.72 19.46
N ALA A 31 -3.27 -9.73 19.77
CA ALA A 31 -4.28 -9.15 18.89
C ALA A 31 -5.61 -8.98 19.61
N VAL A 32 -6.12 -7.75 19.65
CA VAL A 32 -7.38 -7.47 20.32
C VAL A 32 -7.29 -7.70 21.82
N GLY A 33 -7.21 -6.62 22.58
CA GLY A 33 -7.11 -6.72 24.02
C GLY A 33 -5.72 -7.10 24.49
N GLU A 34 -4.71 -6.57 23.81
CA GLU A 34 -3.32 -6.85 24.16
C GLU A 34 -2.47 -5.59 24.12
N ILE A 35 -1.42 -5.56 24.93
CA ILE A 35 -0.53 -4.41 24.99
C ILE A 35 0.88 -4.78 24.53
N ILE A 36 1.50 -3.89 23.77
CA ILE A 36 2.85 -4.13 23.27
C ILE A 36 3.82 -3.05 23.77
N THR A 37 5.09 -3.40 23.85
CA THR A 37 6.12 -2.48 24.31
C THR A 37 6.80 -1.78 23.14
N ASP A 38 7.09 -0.50 23.31
CA ASP A 38 7.75 0.27 22.26
C ASP A 38 9.27 0.28 22.44
N MET A 39 9.93 1.25 21.82
CA MET A 39 11.38 1.37 21.92
C MET A 39 11.77 1.99 23.25
N ALA A 40 11.00 3.00 23.65
CA ALA A 40 11.25 3.67 24.92
C ALA A 40 10.63 2.87 26.07
N LYS A 41 10.02 1.73 25.74
CA LYS A 41 9.38 0.86 26.73
C LYS A 41 7.94 1.30 26.99
N LYS A 42 7.33 1.93 25.99
CA LYS A 42 5.96 2.38 26.12
C LYS A 42 5.01 1.18 26.13
N GLU A 43 3.71 1.46 26.25
CA GLU A 43 2.70 0.39 26.28
C GLU A 43 1.62 0.68 25.26
N TRP A 44 1.90 0.38 24.00
CA TRP A 44 0.94 0.59 22.92
C TRP A 44 -0.19 -0.42 22.97
N LYS A 45 -1.42 0.04 22.76
CA LYS A 45 -2.58 -0.83 22.79
C LYS A 45 -2.89 -1.37 21.40
N VAL A 46 -3.16 -2.67 21.32
CA VAL A 46 -3.48 -3.31 20.05
C VAL A 46 -4.99 -3.39 19.85
N GLY A 47 -5.42 -3.22 18.60
CA GLY A 47 -6.84 -3.26 18.30
C GLY A 47 -7.25 -4.57 17.67
N LEU A 48 -7.98 -4.48 16.56
CA LEU A 48 -8.45 -5.66 15.84
C LEU A 48 -7.60 -5.93 14.60
N PRO A 49 -7.61 -7.16 14.08
CA PRO A 49 -6.83 -7.53 12.89
C PRO A 49 -7.36 -6.86 11.64
N ILE A 50 -6.58 -5.93 11.10
CA ILE A 50 -6.97 -5.20 9.90
C ILE A 50 -6.17 -5.68 8.68
N GLY A 51 -4.89 -5.96 8.90
CA GLY A 51 -4.05 -6.43 7.82
C GLY A 51 -4.51 -7.75 7.24
N GLN A 52 -3.79 -8.24 6.23
CA GLN A 52 -4.13 -9.50 5.59
C GLN A 52 -3.05 -9.92 4.60
N GLY A 53 -2.56 -8.96 3.83
CA GLY A 53 -1.53 -9.25 2.86
C GLY A 53 -0.14 -8.86 3.34
N GLY A 54 0.59 -9.84 3.87
CA GLY A 54 1.93 -9.58 4.37
C GLY A 54 2.71 -10.84 4.65
N PHE A 55 3.65 -10.76 5.58
CA PHE A 55 4.46 -11.93 5.93
C PHE A 55 4.76 -11.93 7.43
N GLY A 56 3.83 -11.43 8.22
CA GLY A 56 4.01 -11.39 9.66
C GLY A 56 2.70 -11.38 10.42
N CYS A 57 2.26 -10.20 10.82
CA CYS A 57 1.01 -10.06 11.57
C CYS A 57 0.74 -8.60 11.89
N ILE A 58 -0.16 -7.98 11.12
CA ILE A 58 -0.51 -6.58 11.33
C ILE A 58 -1.82 -6.44 12.11
N TYR A 59 -1.82 -5.52 13.07
CA TYR A 59 -3.00 -5.28 13.89
C TYR A 59 -3.18 -3.79 14.15
N LEU A 60 -4.33 -3.42 14.72
CA LEU A 60 -4.62 -2.02 15.02
C LEU A 60 -3.77 -1.54 16.19
N ALA A 61 -3.50 -0.24 16.22
CA ALA A 61 -2.69 0.35 17.28
C ALA A 61 -3.42 1.54 17.93
N ASP A 62 -3.08 1.80 19.19
CA ASP A 62 -3.69 2.91 19.92
C ASP A 62 -2.68 3.56 20.85
N MET A 63 -2.86 4.85 21.10
CA MET A 63 -1.95 5.60 21.96
C MET A 63 -2.53 5.75 23.36
N ASN A 64 -3.07 4.66 23.89
CA ASN A 64 -3.66 4.67 25.23
C ASN A 64 -4.83 5.66 25.31
N SER A 65 -5.40 5.81 26.49
CA SER A 65 -6.52 6.72 26.69
C SER A 65 -7.71 6.33 25.83
N SER A 66 -8.02 5.04 25.80
CA SER A 66 -9.13 4.53 25.02
C SER A 66 -9.53 3.13 25.47
N GLU A 67 -8.53 2.29 25.71
CA GLU A 67 -8.77 0.91 26.16
C GLU A 67 -9.38 0.08 25.03
N SER A 68 -10.60 0.42 24.63
CA SER A 68 -11.29 -0.30 23.57
C SER A 68 -10.93 0.29 22.20
N VAL A 69 -9.84 -0.20 21.62
CA VAL A 69 -9.39 0.27 20.31
C VAL A 69 -10.39 -0.11 19.22
N GLY A 70 -11.37 0.75 19.00
CA GLY A 70 -12.37 0.48 17.98
C GLY A 70 -13.39 1.60 17.86
N SER A 71 -12.94 2.84 18.03
CA SER A 71 -13.81 4.00 17.94
C SER A 71 -13.07 5.20 17.37
N ASP A 72 -11.88 5.46 17.90
CA ASP A 72 -11.07 6.58 17.47
C ASP A 72 -9.59 6.34 17.74
N ALA A 73 -8.94 5.56 16.88
CA ALA A 73 -7.53 5.25 17.04
C ALA A 73 -6.92 4.79 15.72
N PRO A 74 -6.74 5.72 14.77
CA PRO A 74 -6.17 5.41 13.45
C PRO A 74 -4.67 5.13 13.53
N CYS A 75 -4.33 3.87 13.81
CA CYS A 75 -2.92 3.48 13.91
C CYS A 75 -2.74 2.02 13.47
N VAL A 76 -1.58 1.73 12.90
CA VAL A 76 -1.28 0.38 12.44
C VAL A 76 0.05 -0.11 12.98
N VAL A 77 0.19 -1.43 13.11
CA VAL A 77 1.43 -2.01 13.63
C VAL A 77 1.75 -3.32 12.90
N LYS A 78 2.91 -3.34 12.24
CA LYS A 78 3.35 -4.53 11.52
C LYS A 78 4.43 -5.27 12.30
N VAL A 79 4.14 -6.50 12.68
CA VAL A 79 5.09 -7.31 13.44
C VAL A 79 5.47 -8.58 12.69
N GLU A 80 6.67 -9.08 12.96
CA GLU A 80 7.17 -10.28 12.32
C GLU A 80 7.91 -11.17 13.32
N PRO A 81 7.64 -12.49 13.31
CA PRO A 81 8.30 -13.43 14.22
C PRO A 81 9.79 -13.58 13.93
N SER A 82 10.59 -12.66 14.46
CA SER A 82 12.04 -12.71 14.26
C SER A 82 12.38 -12.64 12.77
N ASP A 83 13.66 -12.83 12.46
CA ASP A 83 14.11 -12.79 11.07
C ASP A 83 13.85 -11.41 10.46
N ASN A 84 14.62 -11.08 9.42
CA ASN A 84 14.47 -9.80 8.74
C ASN A 84 13.28 -9.83 7.78
N GLY A 85 13.02 -8.69 7.14
CA GLY A 85 11.90 -8.61 6.21
C GLY A 85 11.76 -7.23 5.59
N PRO A 86 10.60 -6.93 5.00
CA PRO A 86 10.35 -5.62 4.38
C PRO A 86 10.24 -4.49 5.39
N LEU A 87 9.93 -4.85 6.64
CA LEU A 87 9.79 -3.87 7.70
C LEU A 87 11.10 -3.12 7.93
N PHE A 88 12.21 -3.80 7.67
CA PHE A 88 13.53 -3.20 7.84
C PHE A 88 13.72 -2.02 6.89
N THR A 89 13.19 -2.16 5.67
CA THR A 89 13.30 -1.11 4.67
C THR A 89 12.29 0.00 4.93
N GLU A 90 11.13 -0.37 5.46
CA GLU A 90 10.07 0.60 5.75
C GLU A 90 10.47 1.50 6.92
N LEU A 91 11.08 0.90 7.94
CA LEU A 91 11.51 1.65 9.11
C LEU A 91 12.78 2.44 8.82
N LYS A 92 13.68 1.85 8.04
CA LYS A 92 14.93 2.50 7.69
C LYS A 92 14.68 3.81 6.96
N PHE A 93 13.69 3.82 6.07
CA PHE A 93 13.35 5.00 5.31
C PHE A 93 12.45 5.93 6.11
N TYR A 94 11.64 5.35 6.99
CA TYR A 94 10.72 6.13 7.82
C TYR A 94 11.48 7.06 8.76
N GLN A 95 12.42 6.49 9.51
CA GLN A 95 13.22 7.28 10.46
C GLN A 95 14.24 8.15 9.74
N ARG A 96 14.52 7.84 8.47
CA ARG A 96 15.49 8.60 7.70
C ARG A 96 14.86 9.85 7.07
N ALA A 97 13.71 9.68 6.43
CA ALA A 97 13.04 10.81 5.77
C ALA A 97 11.65 11.06 6.35
N ALA A 98 11.06 10.04 6.97
CA ALA A 98 9.72 10.19 7.54
C ALA A 98 9.77 10.59 9.01
N LYS A 99 10.88 11.22 9.41
CA LYS A 99 11.04 11.66 10.79
C LYS A 99 10.17 12.88 11.08
N PRO A 100 9.14 12.73 11.94
CA PRO A 100 8.23 13.83 12.27
C PRO A 100 8.97 15.10 12.68
N GLU A 101 10.12 14.93 13.32
CA GLU A 101 10.92 16.07 13.75
C GLU A 101 11.54 16.81 12.57
N GLN A 102 11.98 16.05 11.57
CA GLN A 102 12.59 16.64 10.38
C GLN A 102 11.53 17.17 9.41
N ILE A 103 10.51 16.36 9.16
CA ILE A 103 9.43 16.75 8.26
C ILE A 103 8.76 18.04 8.72
N GLN A 104 8.24 18.03 9.94
CA GLN A 104 7.57 19.20 10.49
C GLN A 104 8.43 20.45 10.36
N LYS A 105 9.70 20.33 10.72
CA LYS A 105 10.63 21.46 10.65
C LYS A 105 10.83 21.92 9.20
N TRP A 106 11.08 20.95 8.31
CA TRP A 106 11.29 21.26 6.90
C TRP A 106 10.07 21.96 6.30
N ILE A 107 8.91 21.32 6.41
CA ILE A 107 7.68 21.87 5.87
C ILE A 107 7.41 23.28 6.43
N ARG A 108 7.74 23.46 7.70
CA ARG A 108 7.54 24.75 8.35
C ARG A 108 8.58 25.78 7.89
N THR A 109 9.75 25.28 7.51
CA THR A 109 10.83 26.15 7.05
C THR A 109 10.65 26.54 5.59
N ARG A 110 10.14 25.62 4.79
CA ARG A 110 9.93 25.89 3.37
C ARG A 110 8.44 26.12 3.07
N LYS A 111 7.60 26.00 4.10
CA LYS A 111 6.17 26.20 3.94
C LYS A 111 5.60 25.21 2.93
N LEU A 112 6.20 24.03 2.85
CA LEU A 112 5.76 22.99 1.93
C LEU A 112 4.26 22.76 2.03
N LYS A 113 3.71 22.97 3.23
CA LYS A 113 2.28 22.79 3.48
C LYS A 113 1.93 21.30 3.59
N TYR A 114 2.27 20.53 2.56
CA TYR A 114 1.99 19.10 2.55
C TYR A 114 3.05 18.34 1.77
N LEU A 115 3.61 17.30 2.38
CA LEU A 115 4.64 16.49 1.74
C LEU A 115 4.03 15.21 1.15
N GLY A 116 3.55 14.33 2.02
CA GLY A 116 2.96 13.09 1.56
C GLY A 116 3.64 11.86 2.13
N VAL A 117 4.54 12.06 3.09
CA VAL A 117 5.26 10.95 3.71
C VAL A 117 4.50 10.41 4.92
N PRO A 118 4.46 9.07 5.08
CA PRO A 118 3.76 8.44 6.21
C PRO A 118 4.16 9.04 7.55
N LYS A 119 3.25 8.99 8.51
CA LYS A 119 3.51 9.52 9.84
C LYS A 119 4.10 8.45 10.75
N TYR A 120 5.34 8.67 11.17
CA TYR A 120 6.03 7.73 12.05
C TYR A 120 5.98 8.21 13.50
N TRP A 121 5.51 7.35 14.39
CA TRP A 121 5.41 7.70 15.80
C TRP A 121 6.49 7.00 16.62
N GLY A 122 6.74 5.74 16.31
CA GLY A 122 7.76 4.98 17.02
C GLY A 122 7.79 3.53 16.61
N SER A 123 8.63 2.75 17.31
CA SER A 123 8.76 1.33 17.02
C SER A 123 8.76 0.53 18.33
N GLY A 124 8.45 -0.76 18.23
CA GLY A 124 8.41 -1.58 19.42
C GLY A 124 9.03 -2.95 19.20
N LEU A 125 9.15 -3.71 20.27
CA LEU A 125 9.72 -5.05 20.21
C LEU A 125 9.09 -5.98 21.24
N HIS A 126 9.17 -7.28 21.01
CA HIS A 126 8.61 -8.26 21.94
C HIS A 126 9.47 -9.52 21.98
N ASP A 127 9.65 -10.06 23.18
CA ASP A 127 10.44 -11.27 23.37
C ASP A 127 9.57 -12.41 23.92
N LYS A 128 9.54 -13.53 23.21
CA LYS A 128 8.75 -14.67 23.63
C LYS A 128 9.50 -15.98 23.43
N ASN A 129 9.62 -16.77 24.50
CA ASN A 129 10.33 -18.04 24.44
C ASN A 129 11.73 -17.88 23.88
N GLY A 130 12.27 -16.67 23.97
CA GLY A 130 13.60 -16.41 23.46
C GLY A 130 13.61 -15.88 22.05
N LYS A 131 12.42 -15.65 21.49
CA LYS A 131 12.30 -15.14 20.13
C LYS A 131 12.12 -13.62 20.14
N SER A 132 12.94 -12.94 19.36
CA SER A 132 12.88 -11.49 19.28
C SER A 132 11.91 -11.04 18.20
N TYR A 133 10.96 -10.18 18.58
CA TYR A 133 9.96 -9.67 17.64
C TYR A 133 10.16 -8.18 17.41
N ARG A 134 10.28 -7.80 16.15
CA ARG A 134 10.48 -6.40 15.79
C ARG A 134 9.30 -5.89 14.95
N PHE A 135 8.68 -4.80 15.41
CA PHE A 135 7.55 -4.23 14.69
C PHE A 135 7.60 -2.71 14.70
N MET A 136 6.78 -2.11 13.85
CA MET A 136 6.72 -0.64 13.74
C MET A 136 5.26 -0.19 13.75
N ILE A 137 5.02 0.98 14.32
CA ILE A 137 3.67 1.52 14.40
C ILE A 137 3.57 2.90 13.74
N MET A 138 2.86 2.95 12.62
CA MET A 138 2.67 4.20 11.88
C MET A 138 1.20 4.48 11.64
N ASP A 139 0.91 5.66 11.09
CA ASP A 139 -0.48 6.07 10.82
C ASP A 139 -1.24 4.97 10.09
N ARG A 140 -2.53 4.84 10.40
CA ARG A 140 -3.38 3.84 9.78
C ARG A 140 -4.01 4.35 8.49
N PHE A 141 -4.15 5.66 8.39
CA PHE A 141 -4.73 6.28 7.20
C PHE A 141 -6.21 5.88 7.06
N GLY A 142 -6.86 6.41 6.04
CA GLY A 142 -8.27 6.09 5.82
C GLY A 142 -8.46 4.92 4.88
N SER A 143 -8.92 5.21 3.67
CA SER A 143 -9.16 4.18 2.67
C SER A 143 -8.10 4.24 1.57
N ASP A 144 -7.47 3.10 1.30
CA ASP A 144 -6.44 3.02 0.28
C ASP A 144 -6.98 3.44 -1.08
N LEU A 145 -6.08 3.86 -1.97
CA LEU A 145 -6.48 4.28 -3.30
C LEU A 145 -7.16 3.14 -4.05
N GLN A 146 -6.87 1.91 -3.65
CA GLN A 146 -7.48 0.75 -4.27
C GLN A 146 -9.00 0.78 -4.09
N LYS A 147 -9.43 1.17 -2.90
CA LYS A 147 -10.85 1.26 -2.59
C LYS A 147 -11.51 2.33 -3.45
N ILE A 148 -10.78 3.40 -3.72
CA ILE A 148 -11.28 4.49 -4.55
C ILE A 148 -11.17 4.16 -6.02
N TYR A 149 -10.22 3.28 -6.35
CA TYR A 149 -10.00 2.86 -7.73
C TYR A 149 -11.18 2.04 -8.24
N GLU A 150 -11.54 1.00 -7.50
CA GLU A 150 -12.66 0.14 -7.87
C GLU A 150 -13.98 0.87 -7.69
N ALA A 151 -14.01 1.80 -6.74
CA ALA A 151 -15.22 2.58 -6.46
C ALA A 151 -15.64 3.40 -7.68
N ASN A 152 -14.70 3.63 -8.59
CA ASN A 152 -14.99 4.40 -9.80
C ASN A 152 -15.24 3.48 -10.99
N ALA A 153 -15.54 2.21 -10.70
CA ALA A 153 -15.82 1.21 -11.74
C ALA A 153 -14.53 0.58 -12.22
N LYS A 154 -13.69 0.17 -11.27
CA LYS A 154 -12.41 -0.45 -11.61
C LYS A 154 -11.52 0.54 -12.36
N ARG A 155 -11.84 1.83 -12.23
CA ARG A 155 -11.07 2.87 -12.91
C ARG A 155 -11.04 4.15 -12.08
N PHE A 156 -10.47 5.21 -12.65
CA PHE A 156 -10.39 6.49 -11.96
C PHE A 156 -10.87 7.63 -12.87
N SER A 157 -10.63 8.86 -12.44
CA SER A 157 -11.04 10.02 -13.21
C SER A 157 -9.82 10.79 -13.72
N ARG A 158 -9.98 11.45 -14.87
CA ARG A 158 -8.90 12.22 -15.46
C ARG A 158 -8.42 13.31 -14.51
N LYS A 159 -9.34 13.83 -13.71
CA LYS A 159 -9.01 14.88 -12.75
C LYS A 159 -8.24 14.32 -11.56
N THR A 160 -8.66 13.15 -11.09
CA THR A 160 -8.00 12.50 -9.96
C THR A 160 -6.58 12.10 -10.30
N VAL A 161 -6.41 11.54 -11.50
CA VAL A 161 -5.09 11.11 -11.96
C VAL A 161 -4.11 12.28 -12.00
N LEU A 162 -4.52 13.35 -12.69
CA LEU A 162 -3.69 14.55 -12.80
C LEU A 162 -3.44 15.17 -11.44
N GLN A 163 -4.50 15.34 -10.67
CA GLN A 163 -4.41 15.93 -9.33
C GLN A 163 -3.49 15.09 -8.44
N LEU A 164 -3.75 13.79 -8.40
CA LEU A 164 -2.94 12.88 -7.59
C LEU A 164 -1.49 12.91 -8.02
N SER A 165 -1.26 12.97 -9.33
CA SER A 165 0.10 13.02 -9.87
C SER A 165 0.88 14.18 -9.29
N LEU A 166 0.22 15.32 -9.15
CA LEU A 166 0.86 16.51 -8.60
C LEU A 166 1.27 16.28 -7.15
N ARG A 167 0.34 15.75 -6.35
CA ARG A 167 0.60 15.47 -4.94
C ARG A 167 1.73 14.46 -4.79
N ILE A 168 1.65 13.38 -5.55
CA ILE A 168 2.66 12.34 -5.51
C ILE A 168 4.00 12.85 -6.04
N LEU A 169 3.94 13.72 -7.04
CA LEU A 169 5.14 14.29 -7.62
C LEU A 169 5.97 15.02 -6.58
N ASP A 170 5.28 15.74 -5.69
CA ASP A 170 5.95 16.48 -4.63
C ASP A 170 6.73 15.54 -3.72
N ILE A 171 6.22 14.32 -3.55
CA ILE A 171 6.87 13.33 -2.71
C ILE A 171 8.07 12.71 -3.43
N LEU A 172 7.89 12.40 -4.71
CA LEU A 172 8.96 11.80 -5.51
C LEU A 172 10.18 12.72 -5.54
N GLU A 173 9.95 14.01 -5.63
CA GLU A 173 11.03 14.99 -5.67
C GLU A 173 11.69 15.11 -4.31
N TYR A 174 10.91 14.90 -3.25
CA TYR A 174 11.44 14.97 -1.89
C TYR A 174 12.28 13.75 -1.57
N ILE A 175 11.71 12.57 -1.74
CA ILE A 175 12.42 11.33 -1.48
C ILE A 175 13.67 11.20 -2.34
N HIS A 176 13.62 11.80 -3.52
CA HIS A 176 14.75 11.77 -4.45
C HIS A 176 15.89 12.63 -3.92
N GLU A 177 15.52 13.76 -3.31
CA GLU A 177 16.51 14.67 -2.75
C GLU A 177 17.14 14.08 -1.49
N HIS A 178 16.48 13.06 -0.93
CA HIS A 178 16.98 12.40 0.27
C HIS A 178 17.65 11.07 -0.09
N GLU A 179 17.80 10.81 -1.38
CA GLU A 179 18.42 9.58 -1.86
C GLU A 179 17.46 8.39 -1.76
N TYR A 180 16.23 8.60 -2.21
CA TYR A 180 15.22 7.54 -2.18
C TYR A 180 14.36 7.59 -3.44
N VAL A 181 14.38 6.50 -4.20
CA VAL A 181 13.60 6.43 -5.44
C VAL A 181 12.80 5.13 -5.53
N HIS A 182 11.83 5.11 -6.44
CA HIS A 182 10.99 3.94 -6.64
C HIS A 182 10.03 3.74 -5.48
N GLY A 183 9.33 4.80 -5.11
CA GLY A 183 8.38 4.72 -4.01
C GLY A 183 7.28 3.71 -4.25
N ASP A 184 7.09 3.33 -5.50
CA ASP A 184 6.06 2.36 -5.86
C ASP A 184 4.67 2.96 -5.68
N ILE A 185 4.24 3.76 -6.66
CA ILE A 185 2.93 4.39 -6.61
C ILE A 185 1.84 3.48 -7.17
N LYS A 186 0.91 3.09 -6.32
CA LYS A 186 -0.18 2.21 -6.74
C LYS A 186 -1.39 2.37 -5.81
N ALA A 187 -2.49 1.74 -6.18
CA ALA A 187 -3.71 1.81 -5.38
C ALA A 187 -3.63 0.92 -4.14
N SER A 188 -2.53 0.18 -4.01
CA SER A 188 -2.33 -0.70 -2.86
C SER A 188 -1.20 -0.19 -1.97
N ASN A 189 -0.65 0.96 -2.34
CA ASN A 189 0.43 1.58 -1.58
C ASN A 189 0.11 3.03 -1.26
N LEU A 190 -0.99 3.51 -1.83
CA LEU A 190 -1.43 4.88 -1.61
C LEU A 190 -2.68 4.89 -0.74
N LEU A 191 -2.64 5.67 0.34
CA LEU A 191 -3.77 5.75 1.26
C LEU A 191 -4.08 7.20 1.63
N LEU A 192 -5.34 7.47 1.96
CA LEU A 192 -5.77 8.82 2.32
C LEU A 192 -5.58 9.07 3.81
N ASN A 193 -5.32 10.32 4.18
CA ASN A 193 -5.12 10.67 5.58
C ASN A 193 -6.42 10.55 6.36
N TYR A 194 -6.37 9.86 7.50
CA TYR A 194 -7.54 9.67 8.34
C TYR A 194 -7.75 10.89 9.24
N LYS A 195 -6.70 11.29 9.93
CA LYS A 195 -6.77 12.44 10.82
C LYS A 195 -7.06 13.71 10.03
N ASN A 196 -6.79 13.67 8.73
CA ASN A 196 -7.03 14.81 7.85
C ASN A 196 -7.39 14.36 6.44
N PRO A 197 -8.64 13.91 6.23
CA PRO A 197 -9.11 13.44 4.93
C PRO A 197 -9.03 14.53 3.86
N ASP A 198 -7.88 14.62 3.19
CA ASP A 198 -7.67 15.62 2.15
C ASP A 198 -6.29 15.49 1.53
N GLN A 199 -5.81 14.25 1.42
CA GLN A 199 -4.51 13.98 0.84
C GLN A 199 -4.17 12.49 0.94
N VAL A 200 -3.38 12.00 -0.02
CA VAL A 200 -2.98 10.60 -0.02
C VAL A 200 -1.50 10.45 0.29
N TYR A 201 -1.16 9.34 0.95
CA TYR A 201 0.21 9.06 1.34
C TYR A 201 0.74 7.82 0.64
N LEU A 202 2.06 7.71 0.53
CA LEU A 202 2.68 6.56 -0.10
C LEU A 202 3.32 5.66 0.95
N VAL A 203 2.81 4.43 1.07
CA VAL A 203 3.32 3.47 2.04
C VAL A 203 3.74 2.18 1.36
N ASP A 204 4.55 1.38 2.06
CA ASP A 204 5.02 0.12 1.51
C ASP A 204 5.67 0.31 0.15
N TYR A 205 6.84 0.94 0.13
CA TYR A 205 7.55 1.20 -1.11
C TYR A 205 8.15 -0.09 -1.66
N GLY A 206 9.03 -0.71 -0.89
CA GLY A 206 9.67 -1.94 -1.33
C GLY A 206 10.99 -1.69 -2.03
N LEU A 207 11.07 -0.56 -2.75
CA LEU A 207 12.29 -0.21 -3.46
C LEU A 207 12.65 1.25 -3.21
N ALA A 208 12.15 1.81 -2.12
CA ALA A 208 12.44 3.20 -1.76
C ALA A 208 13.77 3.30 -1.02
N TYR A 209 14.83 2.86 -1.69
CA TYR A 209 16.17 2.89 -1.11
C TYR A 209 17.16 3.56 -2.04
N ARG A 210 18.17 4.19 -1.47
CA ARG A 210 19.20 4.88 -2.25
C ARG A 210 19.90 3.90 -3.18
N TYR A 211 19.50 3.91 -4.45
CA TYR A 211 20.08 3.02 -5.46
C TYR A 211 21.59 3.17 -5.52
N CYS A 212 22.07 4.41 -5.59
CA CYS A 212 23.49 4.69 -5.67
C CYS A 212 24.21 4.29 -4.38
N PRO A 213 25.36 3.60 -4.49
CA PRO A 213 26.14 3.16 -3.32
C PRO A 213 26.62 4.34 -2.48
N GLU A 214 27.59 5.07 -2.99
CA GLU A 214 28.14 6.23 -2.28
C GLU A 214 28.49 7.36 -3.26
N GLY A 215 29.54 7.15 -4.04
CA GLY A 215 29.95 8.15 -5.00
C GLY A 215 29.63 7.75 -6.42
N VAL A 216 30.56 7.05 -7.07
CA VAL A 216 30.37 6.61 -8.45
C VAL A 216 30.17 7.80 -9.38
N HIS A 217 30.41 7.58 -10.67
CA HIS A 217 30.25 8.64 -11.66
C HIS A 217 29.92 8.05 -13.03
N LYS A 218 30.72 7.09 -13.47
CA LYS A 218 30.52 6.45 -14.77
C LYS A 218 30.51 4.92 -14.62
N GLU A 219 29.96 4.43 -13.52
CA GLU A 219 29.89 3.00 -13.27
C GLU A 219 28.45 2.53 -13.20
N TYR A 220 27.63 3.24 -12.44
CA TYR A 220 26.22 2.89 -12.30
C TYR A 220 25.45 3.21 -13.58
N LYS A 221 24.15 3.49 -13.45
CA LYS A 221 23.29 3.80 -14.60
C LYS A 221 23.54 2.83 -15.75
N GLU A 222 22.80 1.73 -15.76
CA GLU A 222 22.93 0.71 -16.81
C GLU A 222 24.18 -0.14 -16.58
N ASP A 223 24.02 -1.20 -15.79
CA ASP A 223 25.13 -2.10 -15.49
C ASP A 223 24.66 -3.29 -14.66
N PRO A 224 24.24 -4.37 -15.33
CA PRO A 224 23.77 -5.58 -14.64
C PRO A 224 24.73 -6.07 -13.57
N LYS A 225 24.18 -6.55 -12.46
CA LYS A 225 25.00 -7.04 -11.35
C LYS A 225 24.49 -8.40 -10.87
N ARG A 226 23.33 -8.40 -10.22
CA ARG A 226 22.74 -9.63 -9.71
C ARG A 226 21.28 -9.41 -9.31
N CYS A 227 20.61 -8.50 -10.00
CA CYS A 227 19.21 -8.20 -9.72
C CYS A 227 19.02 -7.79 -8.26
N HIS A 228 18.86 -6.49 -8.03
CA HIS A 228 18.67 -5.98 -6.68
C HIS A 228 17.26 -6.25 -6.18
N ASP A 229 16.30 -5.52 -6.73
CA ASP A 229 14.89 -5.68 -6.33
C ASP A 229 13.96 -5.28 -7.46
N GLY A 230 12.70 -5.69 -7.35
CA GLY A 230 11.72 -5.36 -8.38
C GLY A 230 11.31 -6.57 -9.19
N THR A 231 10.06 -7.01 -9.02
CA THR A 231 9.55 -8.16 -9.73
C THR A 231 8.84 -7.73 -11.02
N ILE A 232 7.67 -7.12 -10.88
CA ILE A 232 6.90 -6.66 -12.02
C ILE A 232 5.63 -5.93 -11.56
N GLU A 233 5.71 -5.29 -10.39
CA GLU A 233 4.60 -4.55 -9.84
C GLU A 233 4.79 -3.06 -10.04
N PHE A 234 4.74 -2.64 -11.30
CA PHE A 234 4.93 -1.24 -11.67
C PHE A 234 6.38 -0.82 -11.51
N THR A 235 7.29 -1.70 -11.91
CA THR A 235 8.72 -1.43 -11.81
C THR A 235 9.29 -1.05 -13.17
N SER A 236 10.39 -0.29 -13.15
CA SER A 236 11.03 0.14 -14.38
C SER A 236 11.89 -0.96 -14.97
N ILE A 237 11.95 -1.01 -16.30
CA ILE A 237 12.74 -2.02 -16.99
C ILE A 237 14.20 -1.95 -16.57
N ASP A 238 14.66 -0.75 -16.24
CA ASP A 238 16.04 -0.55 -15.83
C ASP A 238 16.28 -1.12 -14.43
N ALA A 239 15.25 -1.10 -13.60
CA ALA A 239 15.34 -1.63 -12.24
C ALA A 239 15.71 -3.11 -12.26
N HIS A 240 15.17 -3.83 -13.22
CA HIS A 240 15.43 -5.27 -13.35
C HIS A 240 16.92 -5.52 -13.59
N ASN A 241 17.61 -4.54 -14.16
CA ASN A 241 19.03 -4.67 -14.45
C ASN A 241 19.88 -4.30 -13.23
N GLY A 242 19.23 -4.05 -12.09
CA GLY A 242 19.95 -3.70 -10.89
C GLY A 242 20.33 -2.22 -10.83
N VAL A 243 19.99 -1.48 -11.89
CA VAL A 243 20.29 -0.06 -11.95
C VAL A 243 19.02 0.78 -11.88
N ALA A 244 19.18 2.10 -11.90
CA ALA A 244 18.05 3.02 -11.86
C ALA A 244 18.31 4.26 -12.70
N PRO A 245 17.34 4.65 -13.55
CA PRO A 245 17.48 5.84 -14.40
C PRO A 245 17.84 7.09 -13.61
N SER A 246 17.48 7.09 -12.33
CA SER A 246 17.76 8.23 -11.45
C SER A 246 17.05 9.48 -11.95
N ARG A 247 15.84 9.30 -12.50
CA ARG A 247 15.05 10.42 -13.01
C ARG A 247 13.72 9.92 -13.56
N ARG A 248 13.76 9.34 -14.75
CA ARG A 248 12.55 8.83 -15.40
C ARG A 248 12.04 7.57 -14.71
N GLY A 249 12.89 6.96 -13.89
CA GLY A 249 12.49 5.75 -13.18
C GLY A 249 11.26 5.94 -12.33
N ASP A 250 11.23 7.04 -11.58
CA ASP A 250 10.10 7.36 -10.71
C ASP A 250 8.93 7.93 -11.51
N LEU A 251 9.25 8.56 -12.64
CA LEU A 251 8.23 9.16 -13.49
C LEU A 251 7.53 8.10 -14.34
N GLU A 252 8.28 7.08 -14.74
CA GLU A 252 7.73 6.00 -15.55
C GLU A 252 6.57 5.31 -14.83
N ILE A 253 6.73 5.11 -13.53
CA ILE A 253 5.71 4.46 -12.73
C ILE A 253 4.43 5.30 -12.68
N LEU A 254 4.60 6.61 -12.67
CA LEU A 254 3.46 7.53 -12.63
C LEU A 254 2.81 7.65 -14.00
N GLY A 255 3.64 7.62 -15.05
CA GLY A 255 3.12 7.73 -16.40
C GLY A 255 2.23 6.56 -16.78
N TYR A 256 2.50 5.41 -16.18
CA TYR A 256 1.71 4.21 -16.46
C TYR A 256 0.39 4.23 -15.71
N CYS A 257 0.37 4.93 -14.58
CA CYS A 257 -0.84 5.04 -13.77
C CYS A 257 -1.97 5.70 -14.56
N MET A 258 -1.63 6.79 -15.25
CA MET A 258 -2.62 7.52 -16.06
C MET A 258 -3.39 6.55 -16.96
N ILE A 259 -2.66 5.73 -17.69
CA ILE A 259 -3.26 4.76 -18.59
C ILE A 259 -3.94 3.63 -17.83
N GLN A 260 -3.20 3.01 -16.92
CA GLN A 260 -3.74 1.91 -16.13
C GLN A 260 -5.01 2.31 -15.39
N TRP A 261 -5.05 3.57 -14.93
CA TRP A 261 -6.20 4.07 -14.20
C TRP A 261 -7.30 4.54 -15.15
N LEU A 262 -6.93 5.35 -16.13
CA LEU A 262 -7.89 5.86 -17.10
C LEU A 262 -8.46 4.75 -17.98
N THR A 263 -7.60 3.79 -18.32
CA THR A 263 -8.02 2.68 -19.17
C THR A 263 -8.41 1.45 -18.34
N GLY A 264 -8.03 1.46 -17.06
CA GLY A 264 -8.35 0.35 -16.20
C GLY A 264 -7.59 -0.92 -16.56
N HIS A 265 -6.46 -1.13 -15.90
CA HIS A 265 -5.63 -2.30 -16.17
C HIS A 265 -5.11 -2.29 -17.60
N LEU A 266 -3.86 -2.70 -17.77
CA LEU A 266 -3.23 -2.73 -19.08
C LEU A 266 -2.73 -4.14 -19.39
N PRO A 267 -2.34 -4.41 -20.65
CA PRO A 267 -1.85 -5.72 -21.08
C PRO A 267 -0.48 -6.06 -20.48
N TRP A 268 -0.41 -6.09 -19.15
CA TRP A 268 0.82 -6.41 -18.45
C TRP A 268 0.60 -6.33 -16.95
N GLU A 269 -0.12 -5.30 -16.52
CA GLU A 269 -0.43 -5.11 -15.12
C GLU A 269 -1.79 -5.71 -14.78
N ASP A 270 -2.27 -6.59 -15.65
CA ASP A 270 -3.56 -7.24 -15.45
C ASP A 270 -3.55 -8.09 -14.19
N ASN A 271 -2.62 -9.03 -14.12
CA ASN A 271 -2.52 -9.90 -12.95
C ASN A 271 -1.10 -9.94 -12.40
N LEU A 272 -0.12 -9.69 -13.27
CA LEU A 272 1.28 -9.74 -12.86
C LEU A 272 1.69 -11.18 -12.60
N LYS A 273 0.84 -12.10 -13.02
CA LYS A 273 1.11 -13.52 -12.85
C LYS A 273 1.94 -14.04 -14.01
N ASP A 274 1.98 -13.25 -15.09
CA ASP A 274 2.76 -13.63 -16.27
C ASP A 274 3.60 -12.45 -16.76
N PRO A 275 4.90 -12.44 -16.43
CA PRO A 275 5.81 -11.36 -16.83
C PRO A 275 6.36 -11.56 -18.25
N LYS A 276 5.68 -12.37 -19.05
CA LYS A 276 6.10 -12.63 -20.42
C LYS A 276 5.71 -11.48 -21.34
N TYR A 277 4.47 -11.02 -21.20
CA TYR A 277 3.98 -9.92 -22.02
C TYR A 277 4.38 -8.57 -21.41
N VAL A 278 4.57 -8.55 -20.09
CA VAL A 278 4.95 -7.33 -19.40
C VAL A 278 6.34 -6.87 -19.84
N ARG A 279 7.28 -7.81 -19.89
CA ARG A 279 8.65 -7.50 -20.28
C ARG A 279 8.70 -6.96 -21.71
N ASP A 280 7.98 -7.63 -22.61
CA ASP A 280 7.94 -7.23 -24.01
C ASP A 280 7.10 -5.97 -24.20
N SER A 281 5.98 -5.90 -23.47
CA SER A 281 5.09 -4.75 -23.56
C SER A 281 5.76 -3.49 -23.01
N LYS A 282 6.53 -3.65 -21.94
CA LYS A 282 7.22 -2.52 -21.33
C LYS A 282 8.27 -1.94 -22.26
N ILE A 283 9.13 -2.81 -22.79
CA ILE A 283 10.18 -2.37 -23.70
C ILE A 283 9.60 -1.63 -24.90
N ARG A 284 8.45 -2.09 -25.38
CA ARG A 284 7.80 -1.47 -26.52
C ARG A 284 7.00 -0.23 -26.10
N TYR A 285 6.18 -0.38 -25.08
CA TYR A 285 5.36 0.72 -24.57
C TYR A 285 6.23 1.89 -24.11
N ARG A 286 7.34 1.58 -23.45
CA ARG A 286 8.25 2.60 -22.96
C ARG A 286 8.65 3.56 -24.08
N GLU A 287 8.65 3.06 -25.31
CA GLU A 287 8.99 3.86 -26.47
C GLU A 287 7.85 3.90 -27.46
N ASN A 288 6.63 3.72 -26.96
CA ASN A 288 5.44 3.73 -27.81
C ASN A 288 4.31 4.50 -27.14
N ILE A 289 4.65 5.63 -26.51
CA ILE A 289 3.67 6.47 -25.83
C ILE A 289 2.46 6.74 -26.73
N ALA A 290 2.73 6.97 -28.01
CA ALA A 290 1.67 7.24 -28.97
C ALA A 290 0.90 5.98 -29.31
N SER A 291 1.61 4.85 -29.34
CA SER A 291 0.99 3.57 -29.66
C SER A 291 0.12 3.09 -28.49
N LEU A 292 0.63 3.23 -27.28
CA LEU A 292 -0.10 2.81 -26.08
C LEU A 292 -1.27 3.75 -25.82
N MET A 293 -1.09 5.02 -26.14
CA MET A 293 -2.12 6.02 -25.94
C MET A 293 -3.37 5.69 -26.77
N ASP A 294 -3.17 5.44 -28.05
CA ASP A 294 -4.27 5.12 -28.95
C ASP A 294 -4.82 3.73 -28.67
N LYS A 295 -3.97 2.84 -28.16
CA LYS A 295 -4.39 1.47 -27.85
C LYS A 295 -5.14 1.41 -26.52
N CYS A 296 -4.76 2.27 -25.59
CA CYS A 296 -5.39 2.29 -24.27
C CYS A 296 -6.53 3.31 -24.21
N PHE A 297 -6.30 4.49 -24.82
CA PHE A 297 -7.32 5.53 -24.84
C PHE A 297 -8.15 5.46 -26.11
N PRO A 298 -9.46 5.77 -26.01
CA PRO A 298 -10.36 5.72 -27.16
C PRO A 298 -10.07 6.84 -28.17
N GLU A 299 -10.80 6.82 -29.28
CA GLU A 299 -10.62 7.83 -30.32
C GLU A 299 -11.66 8.93 -30.20
N LYS A 300 -12.11 9.19 -28.98
CA LYS A 300 -13.11 10.23 -28.73
C LYS A 300 -12.45 11.61 -28.62
N ASN A 301 -11.30 11.65 -27.95
CA ASN A 301 -10.57 12.91 -27.78
C ASN A 301 -9.09 12.72 -28.12
N LYS A 302 -8.47 13.79 -28.60
CA LYS A 302 -7.06 13.75 -28.97
C LYS A 302 -6.18 13.78 -27.73
N PRO A 303 -5.04 13.04 -27.75
CA PRO A 303 -4.11 12.98 -26.62
C PRO A 303 -3.30 14.26 -26.48
N GLY A 304 -3.15 14.72 -25.25
CA GLY A 304 -2.38 15.93 -24.99
C GLY A 304 -2.08 16.13 -23.52
N GLU A 305 -3.05 15.85 -22.67
CA GLU A 305 -2.88 16.01 -21.23
C GLU A 305 -1.75 15.12 -20.72
N ILE A 306 -1.98 13.81 -20.77
CA ILE A 306 -0.98 12.84 -20.31
C ILE A 306 0.16 12.69 -21.32
N ALA A 307 -0.21 12.66 -22.61
CA ALA A 307 0.78 12.53 -23.68
C ALA A 307 1.95 13.48 -23.48
N LYS A 308 1.64 14.74 -23.16
CA LYS A 308 2.67 15.74 -22.94
C LYS A 308 3.56 15.35 -21.76
N TYR A 309 2.95 14.73 -20.76
CA TYR A 309 3.68 14.30 -19.57
C TYR A 309 4.53 13.07 -19.88
N MET A 310 4.01 12.20 -20.74
CA MET A 310 4.73 10.99 -21.12
C MET A 310 5.93 11.33 -21.99
N GLU A 311 5.72 12.20 -22.97
CA GLU A 311 6.79 12.62 -23.88
C GLU A 311 7.96 13.22 -23.10
N THR A 312 7.65 14.16 -22.20
CA THR A 312 8.67 14.80 -21.40
C THR A 312 9.39 13.80 -20.51
N VAL A 313 8.65 12.79 -20.06
CA VAL A 313 9.23 11.75 -19.20
C VAL A 313 10.00 10.72 -20.01
N LYS A 314 9.67 10.61 -21.30
CA LYS A 314 10.33 9.65 -22.18
C LYS A 314 11.63 10.20 -22.74
N LEU A 315 11.67 11.51 -22.98
CA LEU A 315 12.86 12.13 -23.53
C LEU A 315 13.48 13.09 -22.52
N LEU A 316 12.65 13.68 -21.67
CA LEU A 316 13.14 14.62 -20.65
C LEU A 316 14.14 15.62 -21.23
N ASP A 317 14.86 16.31 -20.37
CA ASP A 317 15.85 17.28 -20.79
C ASP A 317 17.10 16.59 -21.32
N TYR A 318 17.90 17.32 -22.09
CA TYR A 318 19.13 16.78 -22.65
C TYR A 318 20.07 16.32 -21.54
N THR A 319 20.27 17.18 -20.55
CA THR A 319 21.14 16.85 -19.43
C THR A 319 20.82 17.74 -18.22
N GLU A 320 19.71 17.44 -17.57
CA GLU A 320 19.28 18.20 -16.40
C GLU A 320 18.45 17.34 -15.46
N LYS A 321 17.89 17.96 -14.42
CA LYS A 321 17.08 17.25 -13.44
C LYS A 321 15.87 16.60 -14.11
N PRO A 322 15.09 15.80 -13.36
CA PRO A 322 13.90 15.13 -13.88
C PRO A 322 12.93 16.09 -14.56
N LEU A 323 13.03 17.37 -14.20
CA LEU A 323 12.15 18.39 -14.77
C LEU A 323 10.75 18.30 -14.19
N TYR A 324 10.66 18.41 -12.87
CA TYR A 324 9.37 18.35 -12.18
C TYR A 324 8.54 19.59 -12.47
N GLU A 325 9.22 20.72 -12.68
CA GLU A 325 8.54 21.98 -12.96
C GLU A 325 7.66 21.87 -14.21
N ASN A 326 8.23 21.30 -15.27
CA ASN A 326 7.51 21.14 -16.52
C ASN A 326 6.38 20.13 -16.37
N LEU A 327 6.69 18.99 -15.76
CA LEU A 327 5.70 17.94 -15.53
C LEU A 327 4.48 18.47 -14.79
N ARG A 328 4.73 19.31 -13.79
CA ARG A 328 3.66 19.89 -12.99
C ARG A 328 2.69 20.67 -13.87
N ASP A 329 3.23 21.51 -14.76
CA ASP A 329 2.41 22.31 -15.66
C ASP A 329 1.55 21.42 -16.56
N ILE A 330 2.14 20.32 -17.03
CA ILE A 330 1.42 19.39 -17.90
C ILE A 330 0.15 18.86 -17.23
N LEU A 331 0.28 18.53 -15.95
CA LEU A 331 -0.86 18.01 -15.20
C LEU A 331 -1.80 19.14 -14.77
N LEU A 332 -1.23 20.16 -14.14
CA LEU A 332 -2.01 21.30 -13.67
C LEU A 332 -2.75 21.97 -14.83
N GLN A 333 -2.03 22.25 -15.90
CA GLN A 333 -2.62 22.89 -17.07
C GLN A 333 -3.72 22.02 -17.67
N GLY A 334 -3.49 20.71 -17.68
CA GLY A 334 -4.48 19.80 -18.23
C GLY A 334 -5.81 19.88 -17.50
N LEU A 335 -5.77 20.26 -16.23
CA LEU A 335 -6.98 20.38 -15.42
C LEU A 335 -7.92 21.43 -16.00
N LYS A 336 -7.34 22.52 -16.49
CA LYS A 336 -8.12 23.60 -17.08
C LYS A 336 -8.90 23.12 -18.29
N ALA A 337 -8.35 22.13 -18.98
CA ALA A 337 -9.00 21.58 -20.17
C ALA A 337 -10.27 20.82 -19.80
N ILE A 338 -10.24 20.15 -18.65
CA ILE A 338 -11.40 19.38 -18.18
C ILE A 338 -12.20 20.17 -17.14
N GLY A 339 -12.08 21.50 -17.19
CA GLY A 339 -12.81 22.33 -16.24
C GLY A 339 -12.54 21.95 -14.80
N SER A 340 -11.37 21.36 -14.54
CA SER A 340 -11.01 20.94 -13.19
C SER A 340 -10.54 22.14 -12.37
N LYS A 341 -10.48 21.95 -11.06
CA LYS A 341 -10.05 23.00 -10.15
C LYS A 341 -9.02 22.48 -9.14
N ASP A 342 -8.08 23.34 -8.77
CA ASP A 342 -7.04 22.96 -7.81
C ASP A 342 -6.96 23.97 -6.68
N ASP A 343 -6.99 23.47 -5.44
CA ASP A 343 -6.92 24.33 -4.27
C ASP A 343 -6.76 23.50 -2.99
N GLY A 344 -7.68 22.57 -2.79
CA GLY A 344 -7.62 21.72 -1.61
C GLY A 344 -8.42 20.44 -1.78
N LYS A 345 -8.56 19.99 -3.02
CA LYS A 345 -9.31 18.77 -3.32
C LYS A 345 -8.38 17.57 -3.37
N LEU A 346 -8.88 16.41 -2.95
CA LEU A 346 -8.09 15.18 -2.96
C LEU A 346 -8.90 13.97 -2.51
N ASP A 347 -10.18 14.17 -2.20
CA ASP A 347 -11.05 13.08 -1.77
C ASP A 347 -11.20 12.05 -2.88
N LEU A 348 -10.94 12.47 -4.12
CA LEU A 348 -11.05 11.58 -5.28
C LEU A 348 -12.52 11.26 -5.59
N SER A 349 -13.44 11.94 -4.92
CA SER A 349 -14.87 11.73 -5.13
C SER A 349 -15.31 10.41 -4.51
N VAL A 350 -14.66 9.33 -4.92
CA VAL A 350 -14.97 7.99 -4.41
C VAL A 350 -16.26 7.45 -5.03
N VAL A 351 -17.34 8.22 -4.92
CA VAL A 351 -18.62 7.81 -5.47
C VAL A 351 -19.48 9.01 -5.85
N GLU A 352 -18.81 10.10 -6.25
CA GLU A 352 -19.51 11.33 -6.64
C GLU A 352 -19.88 11.30 -8.11
N ASN A 353 -18.99 10.74 -8.93
CA ASN A 353 -19.23 10.66 -10.37
C ASN A 353 -20.00 9.39 -10.72
N GLY A 354 -20.85 9.49 -11.74
CA GLY A 354 -21.63 8.34 -12.16
C GLY A 354 -22.92 8.76 -12.88
N GLY A 355 -23.96 9.03 -12.11
CA GLY A 355 -25.23 9.42 -12.68
C GLY A 355 -25.56 10.87 -12.43
N LEU A 356 -26.31 11.49 -13.34
CA LEU A 356 -26.69 12.88 -13.21
C LEU A 356 -28.21 13.04 -13.29
N LYS A 357 -28.76 12.84 -14.49
CA LYS A 357 -30.20 12.97 -14.70
C LYS A 357 -30.72 11.83 -15.57
N ALA A 358 -31.29 10.81 -14.92
CA ALA A 358 -31.82 9.66 -15.64
C ALA A 358 -33.34 9.64 -15.60
N LYS A 359 -33.94 8.82 -16.44
CA LYS A 359 -35.40 8.71 -16.49
C LYS A 359 -35.82 7.48 -17.28
N THR A 360 -35.47 7.44 -18.56
CA THR A 360 -35.82 6.32 -19.42
C THR A 360 -34.71 6.04 -20.43
N ILE A 361 -34.13 4.86 -20.36
CA ILE A 361 -33.06 4.46 -21.26
C ILE A 361 -33.59 4.23 -22.67
N THR A 362 -34.74 3.58 -22.77
CA THR A 362 -35.36 3.29 -24.06
C THR A 362 -36.85 3.00 -23.89
N LYS A 363 -37.69 3.95 -24.29
CA LYS A 363 -39.13 3.79 -24.18
C LYS A 363 -39.70 3.16 -25.45
N LYS A 364 -40.90 2.60 -25.34
CA LYS A 364 -41.55 1.95 -26.48
C LYS A 364 -43.06 2.16 -26.42
N ARG A 365 -43.63 2.70 -27.49
CA ARG A 365 -45.06 2.94 -27.56
C ARG A 365 -45.63 2.45 -28.88
N LYS A 366 -46.02 1.18 -28.92
CA LYS A 366 -46.59 0.59 -30.12
C LYS A 366 -47.54 -0.55 -29.77
N LYS A 367 -48.19 -0.44 -28.61
CA LYS A 367 -49.13 -1.46 -28.15
C LYS A 367 -48.43 -2.80 -27.95
N GLU A 368 -48.19 -3.53 -29.02
CA GLU A 368 -47.53 -4.83 -28.96
C GLU A 368 -46.07 -4.66 -28.58
N ILE A 369 -45.72 -5.12 -27.38
CA ILE A 369 -44.34 -5.04 -26.90
C ILE A 369 -43.53 -6.27 -27.31
N GLU A 370 -43.25 -6.38 -28.60
CA GLU A 370 -42.47 -7.51 -29.11
C GLU A 370 -41.05 -7.50 -28.55
N GLU A 371 -40.27 -8.50 -28.92
CA GLU A 371 -38.89 -8.62 -28.46
C GLU A 371 -38.84 -8.71 -26.94
N SER A 372 -38.85 -9.95 -26.43
CA SER A 372 -38.80 -10.18 -24.99
C SER A 372 -37.61 -11.06 -24.63
N LYS A 373 -37.21 -11.01 -23.36
CA LYS A 373 -36.09 -11.82 -22.89
C LYS A 373 -36.41 -12.44 -21.52
N GLU A 374 -35.64 -13.44 -21.14
CA GLU A 374 -35.83 -14.13 -19.87
C GLU A 374 -34.52 -14.28 -19.11
N PRO A 375 -34.52 -14.02 -17.79
CA PRO A 375 -33.31 -14.13 -16.97
C PRO A 375 -32.94 -15.58 -16.68
N GLY A 376 -32.09 -16.15 -17.53
CA GLY A 376 -31.67 -17.52 -17.34
C GLY A 376 -30.96 -17.74 -16.03
N VAL A 377 -31.30 -18.82 -15.34
CA VAL A 377 -30.69 -19.15 -14.05
C VAL A 377 -30.20 -20.59 -14.02
N GLU A 378 -29.84 -21.12 -15.18
CA GLU A 378 -29.35 -22.48 -15.29
C GLU A 378 -30.42 -23.48 -14.89
N ASP A 379 -30.44 -24.63 -15.54
CA ASP A 379 -31.43 -25.67 -15.24
C ASP A 379 -31.00 -27.01 -15.83
N THR A 380 -31.42 -28.09 -15.19
CA THR A 380 -31.08 -29.44 -15.65
C THR A 380 -32.20 -30.01 -16.51
N GLU A 381 -31.92 -31.14 -17.15
CA GLU A 381 -32.91 -31.80 -18.01
C GLU A 381 -33.21 -33.20 -17.51
N TRP A 382 -32.17 -33.92 -17.10
CA TRP A 382 -32.32 -35.29 -16.60
C TRP A 382 -32.91 -36.20 -17.68
N SER A 383 -32.58 -35.90 -18.93
CA SER A 383 -33.07 -36.69 -20.05
C SER A 383 -32.20 -37.93 -20.27
N ASN A 384 -32.83 -39.02 -20.71
CA ASN A 384 -32.12 -40.27 -20.95
C ASN A 384 -31.73 -40.40 -22.42
N THR A 385 -30.95 -41.43 -22.73
CA THR A 385 -30.50 -41.65 -24.10
C THR A 385 -31.44 -42.63 -24.82
N GLN A 386 -31.30 -42.71 -26.14
CA GLN A 386 -32.12 -43.60 -26.94
C GLN A 386 -31.32 -44.79 -27.46
N THR A 387 -31.40 -45.91 -26.73
CA THR A 387 -30.67 -47.11 -27.12
C THR A 387 -31.32 -47.78 -28.33
N GLU A 388 -30.53 -47.96 -29.38
CA GLU A 388 -31.02 -48.59 -30.61
C GLU A 388 -30.88 -50.10 -30.54
N GLU A 389 -29.76 -50.56 -29.99
CA GLU A 389 -29.51 -52.00 -29.86
C GLU A 389 -29.49 -52.67 -31.23
N ALA A 390 -28.29 -52.91 -31.74
CA ALA A 390 -28.12 -53.55 -33.04
C ALA A 390 -26.91 -54.47 -33.06
N ILE A 391 -26.81 -55.30 -34.09
CA ILE A 391 -25.70 -56.23 -34.22
C ILE A 391 -25.12 -56.20 -35.63
N GLN A 392 -23.84 -56.55 -35.75
CA GLN A 392 -23.17 -56.56 -37.04
C GLN A 392 -23.35 -57.91 -37.74
N THR A 393 -23.08 -58.98 -37.01
CA THR A 393 -23.22 -60.33 -37.55
C THR A 393 -24.69 -60.75 -37.61
N ARG A 394 -25.14 -61.16 -38.79
CA ARG A 394 -26.51 -61.59 -38.98
C ARG A 394 -26.61 -62.72 -39.99
N SER A 395 -26.10 -62.47 -41.19
CA SER A 395 -26.12 -63.47 -42.26
C SER A 395 -24.79 -64.20 -42.34
N ARG A 396 -24.85 -65.51 -42.63
CA ARG A 396 -23.65 -66.32 -42.73
C ARG A 396 -23.96 -67.66 -43.38
N THR A 397 -23.41 -67.89 -44.57
CA THR A 397 -23.63 -69.13 -45.30
C THR A 397 -22.40 -69.51 -46.12
N ARG A 398 -22.39 -70.74 -46.62
CA ARG A 398 -21.27 -71.23 -47.42
C ARG A 398 -21.57 -71.10 -48.91
N LYS A 399 -22.73 -71.61 -49.32
CA LYS A 399 -23.14 -71.57 -50.72
C LYS A 399 -23.74 -70.21 -51.06
N ARG A 400 -23.90 -69.94 -52.35
CA ARG A 400 -24.47 -68.67 -52.81
C ARG A 400 -25.66 -68.91 -53.74
N VAL A 401 -26.77 -68.23 -53.45
CA VAL A 401 -27.97 -68.37 -54.26
C VAL A 401 -28.54 -69.79 -54.17
N GLN A 402 -29.64 -69.93 -53.43
CA GLN A 402 -30.27 -71.24 -53.26
C GLN A 402 -31.78 -71.12 -53.45
N LYS A 403 -32.29 -71.77 -54.50
CA LYS A 403 -33.72 -71.74 -54.79
C LYS A 403 -34.48 -72.66 -53.83
N GLY A 1 -18.33 -15.98 -27.51
CA GLY A 1 -19.78 -16.01 -27.79
C GLY A 1 -20.60 -15.34 -26.70
N SER A 2 -20.07 -15.36 -25.47
CA SER A 2 -20.76 -14.76 -24.33
C SER A 2 -22.11 -15.42 -24.10
N SER A 3 -22.18 -16.72 -24.41
CA SER A 3 -23.42 -17.47 -24.23
C SER A 3 -23.23 -18.60 -23.22
N GLY A 4 -22.19 -19.40 -23.45
CA GLY A 4 -21.91 -20.52 -22.56
C GLY A 4 -21.01 -21.56 -23.19
N SER A 5 -19.79 -21.67 -22.67
CA SER A 5 -18.82 -22.64 -23.18
C SER A 5 -17.82 -23.04 -22.11
N SER A 6 -17.21 -22.05 -21.48
CA SER A 6 -16.23 -22.29 -20.43
C SER A 6 -16.92 -22.61 -19.11
N GLY A 7 -16.14 -22.69 -18.04
CA GLY A 7 -16.69 -22.98 -16.73
C GLY A 7 -15.66 -23.55 -15.78
N MET A 8 -16.12 -24.11 -14.67
CA MET A 8 -15.23 -24.69 -13.67
C MET A 8 -15.87 -25.90 -13.00
N PRO A 9 -15.82 -27.07 -13.65
CA PRO A 9 -16.40 -28.30 -13.10
C PRO A 9 -15.52 -28.95 -12.05
N ARG A 10 -15.18 -28.18 -11.02
CA ARG A 10 -14.34 -28.68 -9.94
C ARG A 10 -14.01 -27.57 -8.94
N VAL A 11 -14.35 -27.80 -7.68
CA VAL A 11 -14.10 -26.81 -6.63
C VAL A 11 -14.89 -25.53 -6.87
N LYS A 12 -15.43 -24.96 -5.81
CA LYS A 12 -16.22 -23.74 -5.91
C LYS A 12 -15.31 -22.51 -5.93
N ALA A 13 -14.79 -22.19 -7.11
CA ALA A 13 -13.90 -21.04 -7.25
C ALA A 13 -14.69 -19.78 -7.59
N ALA A 14 -15.77 -19.94 -8.35
CA ALA A 14 -16.61 -18.81 -8.74
C ALA A 14 -17.88 -18.76 -7.89
N GLN A 15 -17.74 -18.26 -6.67
CA GLN A 15 -18.88 -18.16 -5.77
C GLN A 15 -18.54 -17.27 -4.57
N ALA A 16 -19.28 -16.17 -4.42
CA ALA A 16 -19.06 -15.24 -3.32
C ALA A 16 -20.37 -14.85 -2.66
N GLY A 17 -20.80 -15.66 -1.69
CA GLY A 17 -22.04 -15.38 -0.99
C GLY A 17 -21.94 -15.65 0.50
N ARG A 18 -21.37 -16.79 0.86
CA ARG A 18 -21.22 -17.17 2.26
C ARG A 18 -19.94 -16.56 2.84
N GLN A 19 -20.08 -15.37 3.42
CA GLN A 19 -18.95 -14.68 4.02
C GLN A 19 -19.24 -14.30 5.47
N SER A 20 -18.81 -15.17 6.40
CA SER A 20 -19.03 -14.92 7.82
C SER A 20 -17.75 -15.18 8.62
N SER A 21 -17.59 -14.46 9.72
CA SER A 21 -16.42 -14.61 10.56
C SER A 21 -16.60 -15.77 11.55
N ALA A 22 -15.64 -15.94 12.44
CA ALA A 22 -15.69 -17.00 13.43
C ALA A 22 -15.04 -16.57 14.75
N LYS A 23 -15.50 -17.16 15.84
CA LYS A 23 -14.96 -16.83 17.16
C LYS A 23 -13.80 -17.76 17.52
N ARG A 24 -12.58 -17.29 17.30
CA ARG A 24 -11.39 -18.09 17.60
C ARG A 24 -10.17 -17.19 17.75
N HIS A 25 -9.24 -17.61 18.59
CA HIS A 25 -8.01 -16.86 18.82
C HIS A 25 -6.95 -17.19 17.77
N LEU A 26 -6.81 -16.32 16.77
CA LEU A 26 -5.84 -16.53 15.70
C LEU A 26 -4.58 -15.71 15.94
N ALA A 27 -4.25 -15.49 17.21
CA ALA A 27 -3.07 -14.72 17.57
C ALA A 27 -2.84 -14.72 19.08
N GLU A 28 -1.64 -15.10 19.49
CA GLU A 28 -1.30 -15.14 20.92
C GLU A 28 -0.41 -13.96 21.28
N GLN A 29 0.55 -13.65 20.41
CA GLN A 29 1.48 -12.55 20.64
C GLN A 29 0.72 -11.21 20.71
N PHE A 30 -0.09 -10.96 19.69
CA PHE A 30 -0.86 -9.71 19.63
C PHE A 30 -2.35 -10.01 19.56
N ALA A 31 -3.08 -9.63 20.61
CA ALA A 31 -4.52 -9.86 20.67
C ALA A 31 -5.26 -8.59 21.05
N VAL A 32 -6.58 -8.69 21.17
CA VAL A 32 -7.41 -7.54 21.52
C VAL A 32 -7.31 -7.25 23.02
N GLY A 33 -7.02 -5.99 23.34
CA GLY A 33 -6.90 -5.60 24.73
C GLY A 33 -5.53 -5.90 25.31
N GLU A 34 -4.54 -6.04 24.44
CA GLU A 34 -3.17 -6.33 24.87
C GLU A 34 -2.30 -5.09 24.78
N ILE A 35 -1.26 -5.04 25.61
CA ILE A 35 -0.34 -3.90 25.62
C ILE A 35 1.06 -4.31 25.18
N ILE A 36 1.67 -3.49 24.35
CA ILE A 36 3.01 -3.76 23.85
C ILE A 36 3.99 -2.64 24.25
N THR A 37 5.26 -3.00 24.33
CA THR A 37 6.30 -2.04 24.70
C THR A 37 6.96 -1.46 23.45
N ASP A 38 7.27 -0.16 23.51
CA ASP A 38 7.90 0.52 22.39
C ASP A 38 9.41 0.62 22.57
N MET A 39 10.04 1.52 21.81
CA MET A 39 11.48 1.72 21.90
C MET A 39 11.79 2.64 23.07
N ALA A 40 10.92 3.62 23.27
CA ALA A 40 11.08 4.56 24.36
C ALA A 40 10.56 3.97 25.66
N LYS A 41 10.04 2.73 25.58
CA LYS A 41 9.50 2.02 26.75
C LYS A 41 8.05 2.38 26.99
N LYS A 42 7.34 2.73 25.91
CA LYS A 42 5.93 3.09 26.01
C LYS A 42 5.08 1.84 26.14
N GLU A 43 3.77 2.02 26.29
CA GLU A 43 2.85 0.91 26.43
C GLU A 43 1.69 1.05 25.45
N TRP A 44 1.93 0.68 24.20
CA TRP A 44 0.91 0.77 23.16
C TRP A 44 -0.10 -0.37 23.29
N LYS A 45 -1.38 -0.02 23.25
CA LYS A 45 -2.46 -1.00 23.36
C LYS A 45 -2.84 -1.53 21.98
N VAL A 46 -2.66 -2.83 21.77
CA VAL A 46 -3.00 -3.46 20.50
C VAL A 46 -4.44 -3.94 20.49
N GLY A 47 -5.11 -3.77 19.34
CA GLY A 47 -6.49 -4.21 19.21
C GLY A 47 -6.63 -5.48 18.41
N LEU A 48 -7.13 -5.35 17.19
CA LEU A 48 -7.32 -6.50 16.31
C LEU A 48 -6.67 -6.26 14.94
N PRO A 49 -6.50 -7.33 14.14
CA PRO A 49 -5.89 -7.24 12.81
C PRO A 49 -6.65 -6.28 11.89
N ILE A 50 -6.14 -6.11 10.68
CA ILE A 50 -6.77 -5.24 9.70
C ILE A 50 -6.39 -5.63 8.28
N GLY A 51 -6.14 -6.92 8.07
CA GLY A 51 -5.76 -7.41 6.76
C GLY A 51 -4.92 -8.67 6.83
N GLN A 52 -5.58 -9.82 6.73
CA GLN A 52 -4.88 -11.10 6.79
C GLN A 52 -4.16 -11.27 8.12
N GLY A 53 -4.70 -12.13 8.98
CA GLY A 53 -4.10 -12.37 10.27
C GLY A 53 -3.68 -13.83 10.46
N GLY A 54 -2.70 -14.05 11.34
CA GLY A 54 -2.24 -15.39 11.59
C GLY A 54 -1.19 -15.44 12.69
N PHE A 55 0.07 -15.23 12.32
CA PHE A 55 1.16 -15.26 13.28
C PHE A 55 2.24 -14.23 12.92
N GLY A 56 1.85 -12.96 12.91
CA GLY A 56 2.79 -11.91 12.57
C GLY A 56 2.47 -11.25 11.24
N CYS A 57 2.08 -9.99 11.27
CA CYS A 57 1.75 -9.25 10.06
C CYS A 57 1.38 -7.81 10.38
N ILE A 58 0.10 -7.55 10.64
CA ILE A 58 -0.35 -6.20 10.96
C ILE A 58 -1.44 -6.23 12.04
N TYR A 59 -1.32 -5.32 13.01
CA TYR A 59 -2.29 -5.23 14.10
C TYR A 59 -2.50 -3.77 14.48
N LEU A 60 -3.66 -3.49 15.09
CA LEU A 60 -3.98 -2.13 15.51
C LEU A 60 -3.20 -1.75 16.76
N ALA A 61 -3.03 -0.46 16.99
CA ALA A 61 -2.30 0.04 18.15
C ALA A 61 -2.94 1.31 18.71
N ASP A 62 -2.64 1.61 19.97
CA ASP A 62 -3.19 2.79 20.63
C ASP A 62 -2.14 3.45 21.52
N MET A 63 -2.35 4.72 21.83
CA MET A 63 -1.42 5.46 22.68
C MET A 63 -1.95 5.57 24.11
N ASN A 64 -2.58 4.50 24.58
CA ASN A 64 -3.14 4.47 25.93
C ASN A 64 -4.18 5.57 26.12
N SER A 65 -4.87 5.92 25.03
CA SER A 65 -5.89 6.95 25.08
C SER A 65 -7.23 6.38 25.52
N SER A 66 -7.86 5.60 24.63
CA SER A 66 -9.15 4.99 24.93
C SER A 66 -9.05 3.48 24.93
N GLU A 67 -9.81 2.83 25.82
CA GLU A 67 -9.79 1.37 25.91
C GLU A 67 -10.56 0.75 24.74
N SER A 68 -10.31 -0.52 24.49
CA SER A 68 -10.97 -1.24 23.40
C SER A 68 -10.66 -0.59 22.06
N VAL A 69 -9.66 -1.12 21.36
CA VAL A 69 -9.26 -0.59 20.06
C VAL A 69 -9.97 -1.32 18.93
N GLY A 70 -11.29 -1.48 19.07
CA GLY A 70 -12.07 -2.17 18.05
C GLY A 70 -13.03 -1.24 17.34
N SER A 71 -13.46 -0.18 18.02
CA SER A 71 -14.38 0.77 17.44
C SER A 71 -13.77 2.17 17.40
N ASP A 72 -12.48 2.24 17.11
CA ASP A 72 -11.77 3.52 17.04
C ASP A 72 -10.51 3.40 16.19
N ALA A 73 -9.60 2.51 16.59
CA ALA A 73 -8.35 2.31 15.86
C ALA A 73 -7.63 3.64 15.63
N PRO A 74 -7.01 4.19 16.68
CA PRO A 74 -6.28 5.47 16.60
C PRO A 74 -4.95 5.34 15.86
N CYS A 75 -4.36 4.14 15.91
CA CYS A 75 -3.09 3.90 15.24
C CYS A 75 -2.98 2.45 14.78
N VAL A 76 -2.01 2.18 13.91
CA VAL A 76 -1.78 0.84 13.39
C VAL A 76 -0.33 0.43 13.58
N VAL A 77 -0.10 -0.87 13.70
CA VAL A 77 1.26 -1.38 13.88
C VAL A 77 1.46 -2.69 13.14
N LYS A 78 2.66 -2.83 12.57
CA LYS A 78 3.01 -4.04 11.83
C LYS A 78 4.06 -4.84 12.58
N VAL A 79 3.76 -6.11 12.86
CA VAL A 79 4.68 -6.97 13.59
C VAL A 79 5.07 -8.19 12.76
N GLU A 80 6.36 -8.52 12.78
CA GLU A 80 6.87 -9.67 12.04
C GLU A 80 7.94 -10.40 12.84
N PRO A 81 7.72 -11.70 13.14
CA PRO A 81 8.68 -12.50 13.91
C PRO A 81 10.09 -12.41 13.35
N SER A 82 10.88 -11.46 13.86
CA SER A 82 12.26 -11.27 13.40
C SER A 82 12.33 -11.20 11.89
N ASP A 83 12.09 -10.01 11.33
CA ASP A 83 12.13 -9.81 9.89
C ASP A 83 13.13 -8.73 9.52
N ASN A 84 14.15 -9.11 8.75
CA ASN A 84 15.17 -8.16 8.32
C ASN A 84 15.29 -8.14 6.80
N GLY A 85 14.80 -7.07 6.19
CA GLY A 85 14.86 -6.95 4.75
C GLY A 85 13.83 -5.98 4.20
N PRO A 86 12.59 -6.44 3.96
CA PRO A 86 11.52 -5.59 3.42
C PRO A 86 11.08 -4.53 4.43
N LEU A 87 10.82 -4.96 5.66
CA LEU A 87 10.39 -4.04 6.71
C LEU A 87 11.57 -3.23 7.24
N PHE A 88 12.76 -3.83 7.21
CA PHE A 88 13.96 -3.15 7.68
C PHE A 88 14.34 -2.00 6.75
N THR A 89 14.02 -2.16 5.47
CA THR A 89 14.34 -1.13 4.49
C THR A 89 13.44 0.09 4.67
N GLU A 90 12.15 -0.16 4.86
CA GLU A 90 11.17 0.91 5.05
C GLU A 90 11.38 1.59 6.39
N LEU A 91 11.62 0.78 7.43
CA LEU A 91 11.84 1.30 8.77
C LEU A 91 12.96 2.34 8.78
N LYS A 92 14.09 1.99 8.16
CA LYS A 92 15.23 2.88 8.09
C LYS A 92 14.85 4.18 7.38
N PHE A 93 14.18 4.05 6.25
CA PHE A 93 13.74 5.21 5.47
C PHE A 93 12.79 6.08 6.30
N TYR A 94 11.91 5.44 7.05
CA TYR A 94 10.95 6.16 7.88
C TYR A 94 11.65 7.09 8.86
N GLN A 95 12.59 6.54 9.64
CA GLN A 95 13.33 7.32 10.61
C GLN A 95 14.38 8.20 9.94
N ARG A 96 14.72 7.87 8.70
CA ARG A 96 15.73 8.62 7.96
C ARG A 96 15.15 9.87 7.31
N ALA A 97 14.02 9.72 6.64
CA ALA A 97 13.38 10.85 5.96
C ALA A 97 11.98 11.13 6.50
N ALA A 98 11.35 10.12 7.09
CA ALA A 98 10.01 10.29 7.65
C ALA A 98 10.05 10.64 9.13
N LYS A 99 11.15 11.23 9.57
CA LYS A 99 11.30 11.62 10.97
C LYS A 99 10.43 12.84 11.29
N PRO A 100 9.64 12.78 12.38
CA PRO A 100 8.76 13.88 12.79
C PRO A 100 9.54 15.17 13.04
N GLU A 101 10.79 15.03 13.46
CA GLU A 101 11.63 16.18 13.75
C GLU A 101 12.20 16.78 12.46
N GLN A 102 12.44 15.93 11.47
CA GLN A 102 12.97 16.37 10.19
C GLN A 102 11.89 16.99 9.31
N ILE A 103 10.77 16.28 9.16
CA ILE A 103 9.66 16.75 8.36
C ILE A 103 9.13 18.08 8.88
N GLN A 104 8.92 18.15 10.19
CA GLN A 104 8.41 19.37 10.82
C GLN A 104 9.22 20.59 10.41
N LYS A 105 10.55 20.47 10.50
CA LYS A 105 11.43 21.57 10.14
C LYS A 105 11.30 21.92 8.65
N TRP A 106 11.15 20.90 7.82
CA TRP A 106 11.01 21.10 6.38
C TRP A 106 9.69 21.80 6.05
N ILE A 107 8.59 21.24 6.55
CA ILE A 107 7.27 21.81 6.30
C ILE A 107 7.13 23.19 6.94
N ARG A 108 7.90 23.42 8.00
CA ARG A 108 7.86 24.70 8.70
C ARG A 108 8.60 25.78 7.90
N THR A 109 9.56 25.36 7.10
CA THR A 109 10.36 26.30 6.30
C THR A 109 9.62 26.75 5.05
N ARG A 110 8.90 25.83 4.40
CA ARG A 110 8.17 26.18 3.17
C ARG A 110 6.93 25.30 2.97
N LYS A 111 6.55 24.54 4.00
CA LYS A 111 5.37 23.67 3.91
C LYS A 111 5.62 22.48 2.99
N LEU A 112 6.83 22.37 2.44
CA LEU A 112 7.18 21.27 1.53
C LEU A 112 6.07 21.02 0.52
N LYS A 113 5.32 22.07 0.18
CA LYS A 113 4.23 21.95 -0.78
C LYS A 113 3.34 20.76 -0.43
N TYR A 114 3.15 20.52 0.87
CA TYR A 114 2.33 19.42 1.35
C TYR A 114 3.03 18.09 1.11
N LEU A 115 3.40 17.41 2.20
CA LEU A 115 4.08 16.13 2.11
C LEU A 115 3.10 14.98 2.38
N GLY A 116 3.04 14.04 1.44
CA GLY A 116 2.15 12.91 1.59
C GLY A 116 2.82 11.71 2.24
N VAL A 117 3.92 11.97 2.95
CA VAL A 117 4.65 10.90 3.63
C VAL A 117 3.94 10.49 4.92
N PRO A 118 3.78 9.18 5.16
CA PRO A 118 3.12 8.67 6.36
C PRO A 118 3.69 9.26 7.64
N LYS A 119 2.83 9.47 8.63
CA LYS A 119 3.26 10.04 9.91
C LYS A 119 3.83 8.97 10.83
N TYR A 120 5.05 9.21 11.31
CA TYR A 120 5.71 8.26 12.21
C TYR A 120 5.58 8.72 13.65
N TRP A 121 5.23 7.79 14.53
CA TRP A 121 5.08 8.09 15.95
C TRP A 121 6.17 7.42 16.78
N GLY A 122 6.49 6.18 16.44
CA GLY A 122 7.52 5.45 17.15
C GLY A 122 7.63 4.01 16.71
N SER A 123 8.50 3.25 17.38
CA SER A 123 8.71 1.84 17.06
C SER A 123 8.82 1.02 18.35
N GLY A 124 8.50 -0.26 18.26
CA GLY A 124 8.57 -1.12 19.43
C GLY A 124 9.25 -2.45 19.17
N LEU A 125 9.43 -3.22 20.22
CA LEU A 125 10.06 -4.53 20.11
C LEU A 125 9.49 -5.51 21.13
N HIS A 126 9.57 -6.80 20.83
CA HIS A 126 9.05 -7.83 21.72
C HIS A 126 9.90 -9.09 21.67
N ASP A 127 10.10 -9.72 22.81
CA ASP A 127 10.90 -10.94 22.90
C ASP A 127 10.06 -12.10 23.46
N LYS A 128 10.03 -13.21 22.74
CA LYS A 128 9.26 -14.37 23.18
C LYS A 128 10.04 -15.66 22.94
N ASN A 129 10.19 -16.46 23.99
CA ASN A 129 10.91 -17.73 23.91
C ASN A 129 12.33 -17.53 23.37
N GLY A 130 12.83 -16.31 23.47
CA GLY A 130 14.18 -16.03 23.00
C GLY A 130 14.20 -15.48 21.58
N LYS A 131 13.03 -15.16 21.05
CA LYS A 131 12.92 -14.62 19.69
C LYS A 131 12.87 -13.10 19.73
N SER A 132 13.19 -12.47 18.60
CA SER A 132 13.18 -11.01 18.51
C SER A 132 12.08 -10.53 17.57
N TYR A 133 11.15 -9.76 18.11
CA TYR A 133 10.04 -9.23 17.32
C TYR A 133 10.18 -7.72 17.16
N ARG A 134 10.10 -7.26 15.90
CA ARG A 134 10.21 -5.83 15.61
C ARG A 134 8.98 -5.33 14.88
N PHE A 135 8.34 -4.30 15.42
CA PHE A 135 7.15 -3.74 14.80
C PHE A 135 7.22 -2.22 14.77
N MET A 136 6.44 -1.60 13.89
CA MET A 136 6.42 -0.15 13.76
C MET A 136 5.00 0.38 13.80
N ILE A 137 4.81 1.52 14.45
CA ILE A 137 3.49 2.14 14.55
C ILE A 137 3.42 3.42 13.72
N MET A 138 2.43 3.48 12.82
CA MET A 138 2.25 4.64 11.97
C MET A 138 0.76 4.91 11.74
N ASP A 139 0.47 6.04 11.08
CA ASP A 139 -0.92 6.41 10.80
C ASP A 139 -1.66 5.28 10.09
N ARG A 140 -2.90 5.04 10.51
CA ARG A 140 -3.72 3.98 9.91
C ARG A 140 -4.43 4.49 8.66
N PHE A 141 -4.66 5.80 8.61
CA PHE A 141 -5.34 6.41 7.47
C PHE A 141 -6.78 5.92 7.37
N GLY A 142 -7.44 6.25 6.26
CA GLY A 142 -8.83 5.84 6.07
C GLY A 142 -8.96 4.74 5.04
N SER A 143 -9.43 5.10 3.85
CA SER A 143 -9.61 4.13 2.77
C SER A 143 -8.43 4.16 1.82
N ASP A 144 -8.25 3.06 1.09
CA ASP A 144 -7.15 2.94 0.14
C ASP A 144 -7.58 3.38 -1.26
N LEU A 145 -6.62 3.78 -2.08
CA LEU A 145 -6.91 4.20 -3.43
C LEU A 145 -7.50 3.06 -4.26
N GLN A 146 -7.11 1.83 -3.94
CA GLN A 146 -7.62 0.66 -4.64
C GLN A 146 -9.14 0.61 -4.58
N LYS A 147 -9.68 0.89 -3.40
CA LYS A 147 -11.13 0.88 -3.20
C LYS A 147 -11.78 1.96 -4.04
N ILE A 148 -11.03 3.01 -4.34
CA ILE A 148 -11.52 4.11 -5.14
C ILE A 148 -11.67 3.72 -6.60
N TYR A 149 -10.84 2.78 -7.04
CA TYR A 149 -10.87 2.30 -8.41
C TYR A 149 -12.25 1.74 -8.76
N GLU A 150 -12.79 0.92 -7.86
CA GLU A 150 -14.11 0.32 -8.07
C GLU A 150 -15.21 1.37 -7.92
N ALA A 151 -14.97 2.35 -7.05
CA ALA A 151 -15.94 3.40 -6.81
C ALA A 151 -16.12 4.30 -8.04
N ASN A 152 -15.12 4.30 -8.92
CA ASN A 152 -15.17 5.11 -10.13
C ASN A 152 -15.72 4.31 -11.31
N ALA A 153 -16.05 3.03 -11.07
CA ALA A 153 -16.57 2.14 -12.10
C ALA A 153 -15.43 1.39 -12.78
N LYS A 154 -14.50 0.91 -11.96
CA LYS A 154 -13.35 0.19 -12.49
C LYS A 154 -12.52 1.09 -13.40
N ARG A 155 -12.70 2.39 -13.26
CA ARG A 155 -11.97 3.36 -14.08
C ARG A 155 -12.01 4.75 -13.46
N PHE A 156 -10.87 5.18 -12.93
CA PHE A 156 -10.77 6.49 -12.30
C PHE A 156 -11.13 7.59 -13.29
N SER A 157 -11.00 8.84 -12.85
CA SER A 157 -11.32 9.98 -13.70
C SER A 157 -10.06 10.76 -14.05
N ARG A 158 -10.14 11.58 -15.09
CA ARG A 158 -9.00 12.38 -15.52
C ARG A 158 -8.63 13.43 -14.46
N LYS A 159 -9.64 13.89 -13.73
CA LYS A 159 -9.43 14.89 -12.70
C LYS A 159 -8.70 14.28 -11.50
N THR A 160 -9.22 13.15 -11.01
CA THR A 160 -8.62 12.47 -9.87
C THR A 160 -7.18 12.09 -10.15
N VAL A 161 -6.96 11.43 -11.29
CA VAL A 161 -5.62 11.00 -11.68
C VAL A 161 -4.64 12.18 -11.71
N LEU A 162 -5.02 13.22 -12.44
CA LEU A 162 -4.18 14.41 -12.57
C LEU A 162 -3.92 15.05 -11.21
N GLN A 163 -4.97 15.24 -10.43
CA GLN A 163 -4.84 15.84 -9.10
C GLN A 163 -3.92 15.00 -8.22
N LEU A 164 -4.14 13.69 -8.23
CA LEU A 164 -3.32 12.78 -7.44
C LEU A 164 -1.90 12.70 -7.98
N SER A 165 -1.77 12.79 -9.29
CA SER A 165 -0.46 12.73 -9.93
C SER A 165 0.44 13.83 -9.40
N LEU A 166 -0.16 14.99 -9.14
CA LEU A 166 0.59 16.14 -8.62
C LEU A 166 0.98 15.91 -7.17
N ARG A 167 0.01 15.47 -6.37
CA ARG A 167 0.25 15.20 -4.95
C ARG A 167 1.30 14.11 -4.78
N ILE A 168 1.11 13.00 -5.48
CA ILE A 168 2.05 11.89 -5.41
C ILE A 168 3.43 12.29 -5.93
N LEU A 169 3.43 13.11 -6.98
CA LEU A 169 4.68 13.58 -7.58
C LEU A 169 5.52 14.32 -6.55
N ASP A 170 4.85 15.07 -5.68
CA ASP A 170 5.54 15.83 -4.64
C ASP A 170 6.33 14.90 -3.72
N ILE A 171 5.74 13.74 -3.43
CA ILE A 171 6.38 12.75 -2.57
C ILE A 171 7.51 12.04 -3.31
N LEU A 172 7.28 11.76 -4.59
CA LEU A 172 8.28 11.10 -5.41
C LEU A 172 9.58 11.89 -5.45
N GLU A 173 9.47 13.18 -5.70
CA GLU A 173 10.64 14.05 -5.75
C GLU A 173 11.28 14.21 -4.38
N TYR A 174 10.44 14.31 -3.35
CA TYR A 174 10.93 14.46 -1.99
C TYR A 174 11.80 13.27 -1.59
N ILE A 175 11.39 12.08 -1.97
CA ILE A 175 12.13 10.87 -1.65
C ILE A 175 13.28 10.66 -2.64
N HIS A 176 13.13 11.17 -3.85
CA HIS A 176 14.16 11.05 -4.87
C HIS A 176 15.30 12.01 -4.59
N GLU A 177 14.98 13.14 -3.97
CA GLU A 177 15.99 14.14 -3.63
C GLU A 177 16.87 13.65 -2.50
N HIS A 178 16.42 12.62 -1.78
CA HIS A 178 17.17 12.05 -0.68
C HIS A 178 17.76 10.70 -1.07
N GLU A 179 17.62 10.33 -2.35
CA GLU A 179 18.13 9.06 -2.84
C GLU A 179 17.30 7.89 -2.32
N TYR A 180 15.99 8.01 -2.41
CA TYR A 180 15.09 6.96 -1.94
C TYR A 180 14.02 6.65 -2.98
N VAL A 181 13.81 5.37 -3.24
CA VAL A 181 12.82 4.94 -4.22
C VAL A 181 11.90 3.88 -3.63
N HIS A 182 10.82 3.56 -4.34
CA HIS A 182 9.87 2.57 -3.86
C HIS A 182 9.16 1.87 -5.02
N GLY A 183 8.60 2.66 -5.93
CA GLY A 183 7.91 2.10 -7.07
C GLY A 183 6.80 1.15 -6.66
N ASP A 184 5.90 1.62 -5.80
CA ASP A 184 4.79 0.80 -5.33
C ASP A 184 3.47 1.53 -5.48
N ILE A 185 3.39 2.39 -6.50
CA ILE A 185 2.17 3.15 -6.76
C ILE A 185 1.22 2.36 -7.65
N LYS A 186 0.14 1.84 -7.05
CA LYS A 186 -0.85 1.07 -7.80
C LYS A 186 -2.17 1.00 -7.05
N ALA A 187 -2.46 2.04 -6.26
CA ALA A 187 -3.69 2.10 -5.48
C ALA A 187 -3.73 1.05 -4.38
N SER A 188 -2.60 0.39 -4.14
CA SER A 188 -2.51 -0.63 -3.11
C SER A 188 -1.52 -0.21 -2.02
N ASN A 189 -1.03 1.01 -2.13
CA ASN A 189 -0.09 1.56 -1.17
C ASN A 189 -0.42 3.01 -0.84
N LEU A 190 -1.52 3.50 -1.43
CA LEU A 190 -1.96 4.87 -1.20
C LEU A 190 -3.23 4.88 -0.35
N LEU A 191 -3.24 5.69 0.70
CA LEU A 191 -4.39 5.77 1.60
C LEU A 191 -4.70 7.21 1.97
N LEU A 192 -5.98 7.51 2.18
CA LEU A 192 -6.39 8.87 2.53
C LEU A 192 -6.33 9.11 4.04
N ASN A 193 -5.99 10.33 4.43
CA ASN A 193 -5.89 10.68 5.84
C ASN A 193 -7.25 10.55 6.52
N TYR A 194 -7.29 9.78 7.59
CA TYR A 194 -8.54 9.58 8.33
C TYR A 194 -8.64 10.55 9.50
N LYS A 195 -7.58 10.64 10.30
CA LYS A 195 -7.56 11.54 11.44
C LYS A 195 -7.80 12.98 10.99
N ASN A 196 -7.49 13.27 9.74
CA ASN A 196 -7.68 14.60 9.18
C ASN A 196 -7.76 14.54 7.65
N PRO A 197 -8.94 14.21 7.11
CA PRO A 197 -9.14 14.10 5.66
C PRO A 197 -8.63 15.33 4.93
N ASP A 198 -7.54 15.15 4.18
CA ASP A 198 -6.95 16.25 3.43
C ASP A 198 -6.38 15.76 2.10
N GLN A 199 -5.66 14.65 2.14
CA GLN A 199 -5.05 14.10 0.93
C GLN A 199 -4.75 12.60 1.12
N VAL A 200 -3.99 12.05 0.19
CA VAL A 200 -3.62 10.64 0.23
C VAL A 200 -2.14 10.47 0.56
N TYR A 201 -1.82 9.38 1.25
CA TYR A 201 -0.45 9.10 1.67
C TYR A 201 0.05 7.80 1.07
N LEU A 202 1.37 7.66 0.97
CA LEU A 202 1.99 6.46 0.42
C LEU A 202 2.62 5.64 1.55
N VAL A 203 2.10 4.44 1.77
CA VAL A 203 2.62 3.56 2.81
C VAL A 203 2.96 2.18 2.26
N ASP A 204 3.69 1.40 3.04
CA ASP A 204 4.09 0.05 2.63
C ASP A 204 4.81 0.10 1.29
N TYR A 205 5.88 0.86 1.22
CA TYR A 205 6.65 1.00 0.00
C TYR A 205 7.19 -0.35 -0.47
N GLY A 206 7.84 -1.07 0.44
CA GLY A 206 8.41 -2.36 0.09
C GLY A 206 9.86 -2.26 -0.33
N LEU A 207 10.18 -1.17 -1.03
CA LEU A 207 11.54 -0.94 -1.50
C LEU A 207 11.99 0.48 -1.15
N ALA A 208 11.48 0.99 -0.03
CA ALA A 208 11.81 2.34 0.42
C ALA A 208 13.24 2.39 0.94
N TYR A 209 14.18 2.06 0.07
CA TYR A 209 15.59 2.05 0.43
C TYR A 209 16.45 2.65 -0.69
N ARG A 210 17.55 3.27 -0.31
CA ARG A 210 18.47 3.88 -1.28
C ARG A 210 18.95 2.85 -2.29
N TYR A 211 18.36 2.88 -3.49
CA TYR A 211 18.73 1.95 -4.55
C TYR A 211 20.21 2.07 -4.89
N CYS A 212 20.80 3.22 -4.60
CA CYS A 212 22.22 3.46 -4.88
C CYS A 212 23.05 3.38 -3.59
N PRO A 213 23.77 2.27 -3.38
CA PRO A 213 24.60 2.09 -2.19
C PRO A 213 25.56 3.25 -1.97
N GLU A 214 26.30 3.21 -0.87
CA GLU A 214 27.26 4.26 -0.54
C GLU A 214 28.66 3.69 -0.36
N GLY A 215 28.75 2.47 0.18
CA GLY A 215 30.04 1.85 0.40
C GLY A 215 30.53 1.07 -0.81
N VAL A 216 29.91 1.29 -1.97
CA VAL A 216 30.30 0.60 -3.19
C VAL A 216 31.46 1.31 -3.87
N HIS A 217 32.00 0.67 -4.91
CA HIS A 217 33.12 1.25 -5.65
C HIS A 217 32.94 1.04 -7.15
N LYS A 218 32.66 -0.19 -7.54
CA LYS A 218 32.46 -0.52 -8.95
C LYS A 218 31.20 0.15 -9.50
N GLU A 219 31.29 0.65 -10.73
CA GLU A 219 30.16 1.31 -11.36
C GLU A 219 29.18 0.29 -11.93
N TYR A 220 27.92 0.70 -12.08
CA TYR A 220 26.90 -0.17 -12.62
C TYR A 220 26.49 0.26 -14.03
N LYS A 221 26.12 -0.71 -14.87
CA LYS A 221 25.71 -0.43 -16.23
C LYS A 221 25.22 -1.70 -16.93
N GLU A 222 23.91 -1.91 -16.90
CA GLU A 222 23.33 -3.09 -17.53
C GLU A 222 23.85 -4.37 -16.89
N ASP A 223 23.00 -5.02 -16.09
CA ASP A 223 23.38 -6.26 -15.42
C ASP A 223 22.17 -6.89 -14.74
N PRO A 224 21.38 -7.68 -15.50
CA PRO A 224 20.19 -8.36 -14.97
C PRO A 224 20.54 -9.46 -13.98
N LYS A 225 20.55 -9.13 -12.69
CA LYS A 225 20.87 -10.11 -11.66
C LYS A 225 19.83 -10.08 -10.54
N ARG A 226 18.64 -9.56 -10.84
CA ARG A 226 17.56 -9.49 -9.87
C ARG A 226 18.02 -8.77 -8.60
N CYS A 227 18.68 -7.64 -8.77
CA CYS A 227 19.18 -6.86 -7.63
C CYS A 227 18.15 -5.82 -7.19
N HIS A 228 17.48 -5.21 -8.17
CA HIS A 228 16.47 -4.20 -7.88
C HIS A 228 15.29 -4.80 -7.12
N ASP A 229 14.82 -5.95 -7.60
CA ASP A 229 13.69 -6.64 -6.97
C ASP A 229 12.44 -5.76 -7.01
N GLY A 230 11.31 -6.33 -6.60
CA GLY A 230 10.07 -5.59 -6.59
C GLY A 230 8.98 -6.26 -7.43
N THR A 231 7.94 -5.51 -7.75
CA THR A 231 6.84 -6.03 -8.55
C THR A 231 7.11 -5.85 -10.04
N ILE A 232 6.19 -6.32 -10.87
CA ILE A 232 6.34 -6.22 -12.32
C ILE A 232 5.25 -5.35 -12.93
N GLU A 233 4.10 -5.29 -12.26
CA GLU A 233 2.97 -4.50 -12.74
C GLU A 233 3.39 -3.07 -13.06
N PHE A 234 4.46 -2.61 -12.43
CA PHE A 234 4.96 -1.25 -12.65
C PHE A 234 6.48 -1.21 -12.59
N THR A 235 7.11 -2.24 -13.13
CA THR A 235 8.57 -2.31 -13.15
C THR A 235 9.16 -1.54 -14.32
N SER A 236 10.24 -0.82 -14.07
CA SER A 236 10.89 -0.05 -15.12
C SER A 236 11.99 -0.87 -15.80
N ILE A 237 12.20 -0.60 -17.10
CA ILE A 237 13.22 -1.32 -17.86
C ILE A 237 14.59 -1.17 -17.22
N ASP A 238 14.97 0.07 -16.94
CA ASP A 238 16.27 0.35 -16.33
C ASP A 238 16.41 -0.37 -14.99
N ALA A 239 15.36 -0.33 -14.19
CA ALA A 239 15.37 -0.99 -12.88
C ALA A 239 15.30 -2.51 -13.03
N HIS A 240 14.69 -2.97 -14.11
CA HIS A 240 14.55 -4.40 -14.36
C HIS A 240 15.91 -5.03 -14.67
N ASN A 241 16.82 -4.24 -15.23
CA ASN A 241 18.15 -4.73 -15.56
C ASN A 241 19.14 -4.52 -14.41
N GLY A 242 18.62 -4.19 -13.24
CA GLY A 242 19.47 -3.97 -12.08
C GLY A 242 20.43 -2.81 -12.28
N VAL A 243 20.08 -1.89 -13.18
CA VAL A 243 20.92 -0.73 -13.45
C VAL A 243 20.76 0.32 -12.35
N ALA A 244 21.87 0.63 -11.68
CA ALA A 244 21.86 1.63 -10.61
C ALA A 244 21.34 2.98 -11.11
N PRO A 245 22.00 3.55 -12.14
CA PRO A 245 21.59 4.84 -12.71
C PRO A 245 20.12 4.87 -13.09
N SER A 246 19.27 5.25 -12.13
CA SER A 246 17.83 5.32 -12.37
C SER A 246 17.23 6.58 -11.76
N ARG A 247 16.04 6.95 -12.22
CA ARG A 247 15.36 8.14 -11.72
C ARG A 247 14.00 8.30 -12.41
N ARG A 248 13.97 8.03 -13.70
CA ARG A 248 12.74 8.14 -14.49
C ARG A 248 11.76 7.03 -14.12
N GLY A 249 12.24 6.00 -13.44
CA GLY A 249 11.38 4.89 -13.07
C GLY A 249 10.21 5.33 -12.23
N ASP A 250 10.45 6.23 -11.28
CA ASP A 250 9.40 6.73 -10.41
C ASP A 250 8.30 7.40 -11.23
N LEU A 251 8.69 8.06 -12.30
CA LEU A 251 7.75 8.74 -13.18
C LEU A 251 7.07 7.76 -14.13
N GLU A 252 7.83 6.75 -14.55
CA GLU A 252 7.32 5.73 -15.46
C GLU A 252 6.13 4.99 -14.82
N ILE A 253 6.25 4.72 -13.53
CA ILE A 253 5.19 4.02 -12.79
C ILE A 253 3.91 4.84 -12.80
N LEU A 254 4.03 6.13 -12.47
CA LEU A 254 2.88 7.02 -12.43
C LEU A 254 2.30 7.18 -13.83
N GLY A 255 3.17 7.16 -14.83
CA GLY A 255 2.72 7.30 -16.21
C GLY A 255 1.72 6.24 -16.60
N TYR A 256 1.99 5.00 -16.22
CA TYR A 256 1.11 3.88 -16.53
C TYR A 256 -0.10 3.85 -15.59
N CYS A 257 0.06 4.42 -14.40
CA CYS A 257 -1.01 4.45 -13.41
C CYS A 257 -2.27 5.12 -13.98
N MET A 258 -2.09 6.11 -14.84
CA MET A 258 -3.22 6.82 -15.43
C MET A 258 -3.86 6.00 -16.54
N ILE A 259 -3.03 5.43 -17.41
CA ILE A 259 -3.52 4.63 -18.52
C ILE A 259 -4.22 3.37 -18.01
N GLN A 260 -3.69 2.77 -16.96
CA GLN A 260 -4.26 1.57 -16.38
C GLN A 260 -5.52 1.90 -15.58
N TRP A 261 -5.56 3.10 -15.00
CA TRP A 261 -6.70 3.53 -14.21
C TRP A 261 -7.81 4.08 -15.11
N LEU A 262 -7.41 4.84 -16.13
CA LEU A 262 -8.37 5.43 -17.06
C LEU A 262 -8.88 4.39 -18.05
N THR A 263 -8.03 3.42 -18.38
CA THR A 263 -8.41 2.36 -19.31
C THR A 263 -8.73 1.06 -18.58
N GLY A 264 -8.64 1.08 -17.26
CA GLY A 264 -8.93 -0.11 -16.48
C GLY A 264 -8.04 -1.27 -16.86
N HIS A 265 -6.97 -1.45 -16.10
CA HIS A 265 -6.03 -2.54 -16.36
C HIS A 265 -5.41 -2.40 -17.75
N LEU A 266 -4.29 -3.08 -17.96
CA LEU A 266 -3.60 -3.03 -19.24
C LEU A 266 -3.22 -4.43 -19.72
N PRO A 267 -2.79 -4.56 -20.98
CA PRO A 267 -2.41 -5.85 -21.57
C PRO A 267 -1.12 -6.41 -20.95
N TRP A 268 -1.14 -6.62 -19.64
CA TRP A 268 0.01 -7.16 -18.92
C TRP A 268 -0.30 -7.28 -17.43
N GLU A 269 -1.00 -6.28 -16.90
CA GLU A 269 -1.38 -6.27 -15.50
C GLU A 269 -2.66 -7.08 -15.28
N ASP A 270 -3.14 -7.73 -16.35
CA ASP A 270 -4.35 -8.53 -16.28
C ASP A 270 -4.24 -9.59 -15.20
N ASN A 271 -3.20 -10.41 -15.25
CA ASN A 271 -3.01 -11.47 -14.28
C ASN A 271 -1.61 -11.45 -13.69
N LEU A 272 -0.65 -10.94 -14.46
CA LEU A 272 0.74 -10.90 -14.02
C LEU A 272 1.31 -12.31 -14.00
N LYS A 273 0.57 -13.23 -14.61
CA LYS A 273 1.00 -14.62 -14.69
C LYS A 273 1.88 -14.84 -15.90
N ASP A 274 1.87 -13.89 -16.83
CA ASP A 274 2.68 -13.99 -18.04
C ASP A 274 3.48 -12.70 -18.27
N PRO A 275 4.72 -12.66 -17.75
CA PRO A 275 5.60 -11.48 -17.90
C PRO A 275 6.09 -11.29 -19.33
N LYS A 276 5.74 -12.23 -20.21
CA LYS A 276 6.16 -12.16 -21.61
C LYS A 276 5.74 -10.83 -22.24
N TYR A 277 4.46 -10.49 -22.09
CA TYR A 277 3.95 -9.25 -22.64
C TYR A 277 4.22 -8.07 -21.71
N VAL A 278 4.34 -8.37 -20.42
CA VAL A 278 4.60 -7.33 -19.42
C VAL A 278 5.94 -6.64 -19.68
N ARG A 279 6.96 -7.43 -20.00
CA ARG A 279 8.29 -6.90 -20.25
C ARG A 279 8.35 -6.24 -21.62
N ASP A 280 7.73 -6.86 -22.62
CA ASP A 280 7.72 -6.33 -23.97
C ASP A 280 7.00 -4.99 -24.04
N SER A 281 5.81 -4.93 -23.44
CA SER A 281 5.01 -3.71 -23.45
C SER A 281 5.79 -2.53 -22.85
N LYS A 282 6.45 -2.78 -21.72
CA LYS A 282 7.23 -1.75 -21.05
C LYS A 282 8.31 -1.20 -21.96
N ILE A 283 8.99 -2.08 -22.68
CA ILE A 283 10.06 -1.68 -23.58
C ILE A 283 9.50 -0.99 -24.83
N ARG A 284 8.29 -1.36 -25.21
CA ARG A 284 7.66 -0.78 -26.39
C ARG A 284 7.15 0.64 -26.11
N TYR A 285 6.38 0.78 -25.05
CA TYR A 285 5.83 2.08 -24.68
C TYR A 285 6.95 3.08 -24.40
N ARG A 286 8.00 2.62 -23.75
CA ARG A 286 9.13 3.48 -23.42
C ARG A 286 9.76 4.07 -24.67
N GLU A 287 9.61 3.36 -25.79
CA GLU A 287 10.17 3.81 -27.06
C GLU A 287 9.08 4.00 -28.11
N ASN A 288 7.85 4.23 -27.65
CA ASN A 288 6.72 4.43 -28.55
C ASN A 288 5.57 5.13 -27.83
N ILE A 289 5.87 6.26 -27.21
CA ILE A 289 4.87 7.03 -26.48
C ILE A 289 3.61 7.24 -27.32
N ALA A 290 3.79 7.53 -28.60
CA ALA A 290 2.68 7.76 -29.51
C ALA A 290 1.82 6.51 -29.68
N SER A 291 2.47 5.35 -29.65
CA SER A 291 1.76 4.09 -29.81
C SER A 291 0.90 3.79 -28.57
N LEU A 292 1.38 4.24 -27.42
CA LEU A 292 0.66 4.02 -26.16
C LEU A 292 -0.66 4.78 -26.15
N MET A 293 -0.59 6.08 -26.45
CA MET A 293 -1.78 6.93 -26.47
C MET A 293 -2.77 6.45 -27.52
N ASP A 294 -2.26 5.94 -28.64
CA ASP A 294 -3.10 5.45 -29.72
C ASP A 294 -3.58 4.02 -29.45
N LYS A 295 -2.75 3.23 -28.80
CA LYS A 295 -3.09 1.85 -28.49
C LYS A 295 -3.94 1.75 -27.23
N CYS A 296 -3.44 2.31 -26.14
CA CYS A 296 -4.16 2.27 -24.86
C CYS A 296 -5.49 3.02 -24.95
N PHE A 297 -5.47 4.16 -25.63
CA PHE A 297 -6.69 4.97 -25.78
C PHE A 297 -7.20 4.91 -27.21
N PRO A 298 -8.54 4.96 -27.40
CA PRO A 298 -9.15 4.90 -28.73
C PRO A 298 -8.92 6.19 -29.52
N GLU A 299 -9.57 6.29 -30.67
CA GLU A 299 -9.44 7.45 -31.53
C GLU A 299 -10.61 8.41 -31.33
N LYS A 300 -11.16 8.43 -30.13
CA LYS A 300 -12.29 9.31 -29.81
C LYS A 300 -11.83 10.54 -29.06
N ASN A 301 -10.81 10.37 -28.21
CA ASN A 301 -10.27 11.47 -27.43
C ASN A 301 -8.74 11.42 -27.40
N LYS A 302 -8.12 12.11 -28.35
CA LYS A 302 -6.67 12.15 -28.44
C LYS A 302 -6.05 12.64 -27.14
N PRO A 303 -5.41 11.74 -26.37
CA PRO A 303 -4.77 12.10 -25.09
C PRO A 303 -3.72 13.18 -25.25
N GLY A 304 -3.84 14.25 -24.47
CA GLY A 304 -2.89 15.35 -24.54
C GLY A 304 -2.25 15.64 -23.20
N GLU A 305 -3.05 15.60 -22.14
CA GLU A 305 -2.55 15.87 -20.79
C GLU A 305 -1.47 14.86 -20.40
N ILE A 306 -1.75 13.57 -20.63
CA ILE A 306 -0.81 12.51 -20.30
C ILE A 306 0.32 12.45 -21.32
N ALA A 307 -0.05 12.44 -22.60
CA ALA A 307 0.92 12.37 -23.69
C ALA A 307 2.10 13.31 -23.46
N LYS A 308 1.80 14.53 -23.04
CA LYS A 308 2.84 15.51 -22.77
C LYS A 308 3.74 15.06 -21.62
N TYR A 309 3.12 14.54 -20.57
CA TYR A 309 3.86 14.06 -19.40
C TYR A 309 4.66 12.81 -19.73
N MET A 310 4.03 11.88 -20.46
CA MET A 310 4.69 10.64 -20.83
C MET A 310 5.83 10.90 -21.79
N GLU A 311 5.63 11.84 -22.71
CA GLU A 311 6.66 12.19 -23.68
C GLU A 311 7.89 12.71 -22.97
N THR A 312 7.68 13.51 -21.93
CA THR A 312 8.79 14.07 -21.17
C THR A 312 9.53 12.97 -20.41
N VAL A 313 8.78 11.94 -20.00
CA VAL A 313 9.36 10.82 -19.27
C VAL A 313 10.21 9.95 -20.18
N LYS A 314 9.91 9.99 -21.47
CA LYS A 314 10.66 9.21 -22.46
C LYS A 314 12.02 9.83 -22.73
N LEU A 315 12.05 11.17 -22.75
CA LEU A 315 13.29 11.90 -23.00
C LEU A 315 13.92 12.36 -21.68
N LEU A 316 13.16 12.26 -20.59
CA LEU A 316 13.64 12.66 -19.28
C LEU A 316 14.98 11.99 -18.95
N ASP A 317 15.88 12.73 -18.32
CA ASP A 317 17.19 12.20 -17.95
C ASP A 317 18.11 12.07 -19.17
N TYR A 318 17.66 11.29 -20.15
CA TYR A 318 18.43 11.08 -21.38
C TYR A 318 18.98 12.39 -21.93
N THR A 319 18.12 13.40 -22.03
CA THR A 319 18.52 14.70 -22.55
C THR A 319 19.70 15.27 -21.75
N GLU A 320 19.52 15.43 -20.45
CA GLU A 320 20.57 15.96 -19.59
C GLU A 320 20.09 16.05 -18.14
N LYS A 321 19.14 16.93 -17.89
CA LYS A 321 18.60 17.12 -16.55
C LYS A 321 17.11 16.78 -16.50
N PRO A 322 16.59 16.42 -15.31
CA PRO A 322 15.17 16.08 -15.15
C PRO A 322 14.25 17.23 -15.53
N LEU A 323 12.95 17.00 -15.37
CA LEU A 323 11.95 18.02 -15.70
C LEU A 323 10.80 18.00 -14.71
N TYR A 324 11.13 17.88 -13.43
CA TYR A 324 10.12 17.84 -12.37
C TYR A 324 9.25 19.09 -12.41
N GLU A 325 9.86 20.23 -12.74
CA GLU A 325 9.15 21.49 -12.82
C GLU A 325 8.18 21.50 -14.00
N ASN A 326 8.57 20.84 -15.08
CA ASN A 326 7.73 20.78 -16.28
C ASN A 326 6.60 19.77 -16.10
N LEU A 327 6.94 18.58 -15.61
CA LEU A 327 5.95 17.53 -15.38
C LEU A 327 4.79 18.03 -14.53
N ARG A 328 5.12 18.76 -13.47
CA ARG A 328 4.10 19.30 -12.57
C ARG A 328 3.14 20.21 -13.33
N ASP A 329 3.66 20.90 -14.34
CA ASP A 329 2.85 21.82 -15.13
C ASP A 329 1.97 21.05 -16.12
N ILE A 330 2.45 19.91 -16.57
CA ILE A 330 1.71 19.09 -17.52
C ILE A 330 0.41 18.57 -16.92
N LEU A 331 0.50 17.99 -15.73
CA LEU A 331 -0.68 17.45 -15.04
C LEU A 331 -1.49 18.55 -14.36
N LEU A 332 -0.81 19.64 -14.00
CA LEU A 332 -1.47 20.76 -13.33
C LEU A 332 -2.14 21.68 -14.34
N GLN A 333 -1.41 22.06 -15.38
CA GLN A 333 -1.95 22.94 -16.41
C GLN A 333 -3.00 22.22 -17.24
N GLY A 334 -2.80 20.92 -17.45
CA GLY A 334 -3.73 20.13 -18.23
C GLY A 334 -5.15 20.19 -17.66
N LEU A 335 -5.26 20.42 -16.35
CA LEU A 335 -6.55 20.49 -15.70
C LEU A 335 -7.43 21.56 -16.35
N LYS A 336 -6.80 22.62 -16.82
CA LYS A 336 -7.52 23.72 -17.47
C LYS A 336 -8.09 23.28 -18.82
N ALA A 337 -7.41 22.34 -19.46
CA ALA A 337 -7.84 21.83 -20.76
C ALA A 337 -9.11 20.99 -20.63
N ILE A 338 -9.31 20.42 -19.45
CA ILE A 338 -10.49 19.59 -19.19
C ILE A 338 -11.58 20.38 -18.47
N GLY A 339 -11.16 21.37 -17.69
CA GLY A 339 -12.10 22.18 -16.95
C GLY A 339 -12.00 21.97 -15.44
N SER A 340 -10.84 21.50 -14.99
CA SER A 340 -10.62 21.25 -13.58
C SER A 340 -9.88 22.41 -12.93
N LYS A 341 -9.91 22.46 -11.60
CA LYS A 341 -9.24 23.53 -10.86
C LYS A 341 -8.52 22.97 -9.64
N ASP A 342 -7.19 23.01 -9.66
CA ASP A 342 -6.38 22.52 -8.56
C ASP A 342 -6.52 23.42 -7.34
N ASP A 343 -7.46 23.09 -6.46
CA ASP A 343 -7.70 23.88 -5.26
C ASP A 343 -7.80 22.98 -4.03
N GLY A 344 -8.92 22.29 -3.90
CA GLY A 344 -9.11 21.40 -2.76
C GLY A 344 -9.68 20.06 -3.16
N LYS A 345 -9.48 19.67 -4.42
CA LYS A 345 -9.97 18.40 -4.92
C LYS A 345 -9.11 17.26 -4.41
N LEU A 346 -9.76 16.18 -3.95
CA LEU A 346 -9.05 15.01 -3.43
C LEU A 346 -10.01 13.93 -2.93
N ASP A 347 -11.28 14.27 -2.73
CA ASP A 347 -12.27 13.33 -2.24
C ASP A 347 -12.30 12.05 -3.10
N LEU A 348 -11.85 12.16 -4.35
CA LEU A 348 -11.82 11.03 -5.27
C LEU A 348 -13.23 10.56 -5.63
N SER A 349 -14.24 11.38 -5.30
CA SER A 349 -15.63 11.05 -5.60
C SER A 349 -15.96 9.64 -5.09
N VAL A 350 -16.30 9.55 -3.81
CA VAL A 350 -16.65 8.27 -3.20
C VAL A 350 -17.60 8.45 -2.04
N VAL A 351 -18.90 8.44 -2.34
CA VAL A 351 -19.93 8.61 -1.32
C VAL A 351 -20.24 7.29 -0.64
N GLU A 352 -19.22 6.66 -0.07
CA GLU A 352 -19.38 5.39 0.62
C GLU A 352 -19.18 5.55 2.13
N ASN A 353 -19.55 6.73 2.63
CA ASN A 353 -19.41 7.01 4.06
C ASN A 353 -20.58 7.86 4.56
N GLY A 354 -21.67 7.20 4.92
CA GLY A 354 -22.85 7.92 5.40
C GLY A 354 -22.84 8.07 6.91
N GLY A 355 -21.99 8.94 7.42
CA GLY A 355 -21.92 9.15 8.86
C GLY A 355 -20.48 9.26 9.34
N LEU A 356 -20.04 10.50 9.60
CA LEU A 356 -18.68 10.74 10.08
C LEU A 356 -18.69 11.19 11.54
N LYS A 357 -19.75 11.87 11.93
CA LYS A 357 -19.89 12.36 13.31
C LYS A 357 -20.64 11.36 14.17
N ALA A 358 -20.10 11.08 15.35
CA ALA A 358 -20.73 10.14 16.27
C ALA A 358 -20.43 10.52 17.72
N LYS A 359 -21.01 9.76 18.65
CA LYS A 359 -20.80 10.01 20.08
C LYS A 359 -19.81 9.03 20.67
N THR A 360 -19.57 9.13 21.97
CA THR A 360 -18.65 8.25 22.66
C THR A 360 -19.05 8.05 24.12
N ILE A 361 -20.01 7.17 24.34
CA ILE A 361 -20.50 6.89 25.69
C ILE A 361 -19.79 5.66 26.28
N THR A 362 -19.68 5.64 27.60
CA THR A 362 -19.03 4.53 28.29
C THR A 362 -19.99 3.85 29.26
N LYS A 363 -20.77 4.67 29.97
CA LYS A 363 -21.74 4.15 30.94
C LYS A 363 -23.16 4.24 30.39
N LYS A 364 -23.80 3.09 30.20
CA LYS A 364 -25.16 3.05 29.69
C LYS A 364 -26.18 3.07 30.82
N ARG A 365 -25.80 2.49 31.95
CA ARG A 365 -26.68 2.43 33.11
C ARG A 365 -26.70 3.77 33.85
N LYS A 366 -27.51 3.87 34.89
CA LYS A 366 -27.63 5.08 35.67
C LYS A 366 -26.84 4.97 36.98
N LYS A 367 -25.60 5.43 36.96
CA LYS A 367 -24.74 5.38 38.14
C LYS A 367 -23.86 6.63 38.23
N GLU A 368 -23.60 7.07 39.45
CA GLU A 368 -22.77 8.26 39.67
C GLU A 368 -21.33 7.86 39.96
N ILE A 369 -20.49 7.88 38.94
CA ILE A 369 -19.09 7.52 39.08
C ILE A 369 -18.19 8.54 38.38
N GLU A 370 -17.16 8.99 39.09
CA GLU A 370 -16.22 9.97 38.55
C GLU A 370 -14.79 9.49 38.69
N GLU A 371 -14.59 8.17 38.64
CA GLU A 371 -13.27 7.58 38.77
C GLU A 371 -12.76 7.10 37.41
N SER A 372 -12.36 8.03 36.56
CA SER A 372 -11.85 7.69 35.24
C SER A 372 -10.35 7.97 35.14
N LYS A 373 -9.89 8.95 35.92
CA LYS A 373 -8.47 9.31 35.92
C LYS A 373 -8.04 9.84 34.55
N GLU A 374 -7.63 11.10 34.52
CA GLU A 374 -7.20 11.73 33.28
C GLU A 374 -5.69 11.92 33.26
N PRO A 375 -4.95 11.03 32.57
CA PRO A 375 -3.49 11.11 32.48
C PRO A 375 -3.01 12.48 32.05
N GLY A 376 -3.60 13.00 30.98
CA GLY A 376 -3.23 14.31 30.48
C GLY A 376 -2.30 14.23 29.29
N VAL A 377 -1.59 15.33 29.02
CA VAL A 377 -0.66 15.37 27.90
C VAL A 377 0.47 16.37 28.16
N GLU A 378 1.64 16.08 27.60
CA GLU A 378 2.81 16.94 27.77
C GLU A 378 2.98 17.37 29.23
N ASP A 379 2.72 16.45 30.15
CA ASP A 379 2.85 16.73 31.57
C ASP A 379 4.15 16.15 32.13
N THR A 380 5.02 17.03 32.61
CA THR A 380 6.30 16.62 33.17
C THR A 380 7.13 15.86 32.13
N GLU A 381 7.85 16.62 31.30
CA GLU A 381 8.68 16.02 30.26
C GLU A 381 10.15 16.27 30.54
N TRP A 382 10.97 15.23 30.37
CA TRP A 382 12.40 15.34 30.61
C TRP A 382 13.19 14.48 29.62
N SER A 383 14.49 14.72 29.54
CA SER A 383 15.35 13.97 28.63
C SER A 383 16.08 12.85 29.37
N ASN A 384 16.90 13.24 30.36
CA ASN A 384 17.65 12.28 31.14
C ASN A 384 16.81 11.74 32.30
N THR A 385 16.21 12.65 33.04
CA THR A 385 15.37 12.27 34.19
C THR A 385 16.20 11.52 35.23
N GLN A 386 16.67 12.24 36.23
CA GLN A 386 17.47 11.64 37.30
C GLN A 386 17.65 12.61 38.45
N THR A 387 18.04 12.08 39.61
CA THR A 387 18.25 12.90 40.80
C THR A 387 19.58 13.64 40.72
N GLU A 388 19.52 14.96 40.81
CA GLU A 388 20.72 15.79 40.75
C GLU A 388 21.41 15.84 42.10
N GLU A 389 22.37 14.95 42.30
CA GLU A 389 23.12 14.89 43.56
C GLU A 389 24.61 14.66 43.30
N ALA A 390 25.37 15.75 43.27
CA ALA A 390 26.80 15.67 43.03
C ALA A 390 27.51 16.93 43.51
N ILE A 391 28.84 16.93 43.44
CA ILE A 391 29.62 18.08 43.86
C ILE A 391 30.46 18.63 42.70
N GLN A 392 30.15 19.85 42.28
CA GLN A 392 30.87 20.49 41.19
C GLN A 392 30.65 22.00 41.21
N THR A 393 31.69 22.74 40.83
CA THR A 393 31.62 24.19 40.80
C THR A 393 32.39 24.76 39.62
N ARG A 394 31.68 25.01 38.52
CA ARG A 394 32.31 25.55 37.32
C ARG A 394 32.15 27.07 37.26
N SER A 395 33.01 27.77 37.98
CA SER A 395 32.97 29.24 38.02
C SER A 395 31.63 29.73 38.56
N ARG A 396 31.48 31.04 38.64
CA ARG A 396 30.24 31.64 39.14
C ARG A 396 30.10 33.08 38.68
N THR A 397 31.17 33.85 38.82
CA THR A 397 31.17 35.26 38.41
C THR A 397 32.59 35.77 38.23
N ARG A 398 33.46 35.46 39.19
CA ARG A 398 34.85 35.89 39.14
C ARG A 398 35.60 35.16 38.04
N LYS A 399 36.07 35.90 37.05
CA LYS A 399 36.82 35.33 35.93
C LYS A 399 38.21 34.93 36.37
N ARG A 400 38.79 35.71 37.28
CA ARG A 400 40.14 35.43 37.77
C ARG A 400 40.15 35.40 39.30
N VAL A 401 40.24 34.19 39.86
CA VAL A 401 40.26 34.02 41.31
C VAL A 401 41.68 34.18 41.86
N GLN A 402 41.84 35.06 42.83
CA GLN A 402 43.14 35.30 43.43
C GLN A 402 43.00 35.67 44.91
N LYS A 403 42.11 36.62 45.18
CA LYS A 403 41.88 37.07 46.56
C LYS A 403 40.65 36.40 47.15
#